data_4RKM
#
_entry.id   4RKM
#
_cell.length_a   211.121
_cell.length_b   103.042
_cell.length_c   233.070
_cell.angle_alpha   90.00
_cell.angle_beta   98.46
_cell.angle_gamma   90.00
#
_symmetry.space_group_name_H-M   'P 1 21 1'
#
loop_
_entity.id
_entity.type
_entity.pdbx_description
1 polymer MccA
2 non-polymer 'COPPER (I) ION'
3 non-polymer 'SULFUR OXIDE'
4 non-polymer (R,R)-2,3-BUTANEDIOL
5 non-polymer 'ACETATE ION'
6 non-polymer 'PROTOPORPHYRIN IX CONTAINING FE'
7 non-polymer 'SULFUR DIOXIDE'
8 water water
#
_entity_poly.entity_id   1
_entity_poly.type   'polypeptide(L)'
_entity_poly.pdbx_seq_one_letter_code
;MLSGWSVLKGGNMKYWDKALLSLFMCVSTLSIAATHAVAMEGMQMTKEAREIIAHPKGTKESRGVISLQDYIVEEQAMYD
WLFKNHPIFTKYGGKTVGKLVVKDRGEEWIEEGRGNDFSKASKRSGGEGFSSMMYRVARNSTLQYPNKFIGPEKCGECHP
AQYETWSRSRHATTIRFPGEHPEVNNKLNDPVFDKDTASILPQGITPDVVYCTVGHIRTKFGFFDAWLLRGTYHVEGGLL
KNGTGQIVAGGNQWQRTWALNLSPEVAKKIKKWVPDFPVTLEEYGDNGGYVRGLASYAAKYKKSMSFQASTSYCEVCHPW
KFDFKNESEFYAALGNAKELQKHTISKGVSCEECHGAGGHLEGGSGLLISNCERCHQRFSYSPDLMRNNPLNAGKPDLAL
SSKFKSMGPGCGSEGSQTYFTAHYEKGMRCATCHDPHDVTGNVTGEKGIKGVSYNSEQGYLSSLYSKPKLKKECTDCHKE
QAYIQSKADTHSKNSCASCHMPFMMSCENFYAIQFQDQAGFDTQRRAHIWKIDVDPARKSLVAGSTSKDPRDGKDWHFER
NEEGRNFVDLMWACARTTWADKDQAEAKGCHSPVVSELKETLHFKDQKQVYNEVMGWQTPVKDKFTQVKVGIQGLYSLLE
VKKLAPSDKTRVYELIEKAQDTVDLIEKDGSWGMHGFKYTKQRLDAAVEYINEAQRIMKKSLSAWSHPQFEKGGGSGGGS
GGSAWSHPQFEK
;
_entity_poly.pdbx_strand_id   A,B,C,D,E,F,H,I,J,K,L,G
#
loop_
_chem_comp.id
_chem_comp.type
_chem_comp.name
_chem_comp.formula
ACT non-polymer 'ACETATE ION' 'C2 H3 O2 -1'
BU3 non-polymer (R,R)-2,3-BUTANEDIOL 'C4 H10 O2'
CU1 non-polymer 'COPPER (I) ION' 'Cu 1'
HEM non-polymer 'PROTOPORPHYRIN IX CONTAINING FE' 'C34 H32 Fe N4 O4'
SO2 non-polymer 'SULFUR DIOXIDE' 'O2 S'
SX non-polymer 'SULFUR OXIDE' 'O S'
#
# COMPACT_ATOMS: atom_id res chain seq x y z
N MET A 43 79.92 -52.26 16.56
CA MET A 43 78.63 -51.84 15.91
C MET A 43 77.43 -52.52 16.57
N GLN A 44 76.47 -51.72 17.01
CA GLN A 44 75.23 -52.27 17.54
C GLN A 44 74.06 -51.32 17.37
N MET A 45 72.87 -51.83 17.65
CA MET A 45 71.67 -51.03 17.65
C MET A 45 71.68 -50.06 18.81
N THR A 46 70.77 -49.10 18.79
CA THR A 46 70.70 -48.09 19.83
C THR A 46 70.32 -48.77 21.14
N LYS A 47 70.69 -48.14 22.25
CA LYS A 47 70.38 -48.69 23.55
C LYS A 47 68.88 -48.82 23.71
N GLU A 48 68.15 -47.80 23.29
CA GLU A 48 66.70 -47.80 23.39
C GLU A 48 66.11 -49.02 22.67
N ALA A 49 66.63 -49.35 21.47
CA ALA A 49 66.16 -50.53 20.74
C ALA A 49 66.53 -51.82 21.47
N ARG A 50 67.74 -51.87 22.00
CA ARG A 50 68.21 -53.05 22.71
C ARG A 50 67.44 -53.32 24.00
N GLU A 51 67.04 -52.27 24.72
CA GLU A 51 66.24 -52.44 25.94
C GLU A 51 64.86 -52.99 25.62
N ILE A 52 64.25 -52.52 24.53
CA ILE A 52 62.96 -53.05 24.11
C ILE A 52 63.10 -54.48 23.61
N ILE A 53 64.14 -54.76 22.83
CA ILE A 53 64.37 -56.12 22.35
C ILE A 53 64.55 -57.08 23.54
N ALA A 54 65.30 -56.64 24.55
CA ALA A 54 65.52 -57.45 25.75
C ALA A 54 64.26 -57.73 26.57
N HIS A 55 63.35 -56.75 26.65
CA HIS A 55 62.12 -56.87 27.45
C HIS A 55 60.90 -56.28 26.74
N PRO A 56 60.46 -56.93 25.65
CA PRO A 56 59.41 -56.37 24.80
C PRO A 56 58.02 -56.59 25.35
N LYS A 57 57.12 -55.62 25.18
CA LYS A 57 55.72 -55.76 25.61
C LYS A 57 54.78 -55.43 24.45
N GLY A 58 55.10 -55.96 23.28
CA GLY A 58 54.25 -55.82 22.11
C GLY A 58 53.04 -56.71 22.21
N THR A 59 52.24 -56.76 21.16
CA THR A 59 50.97 -57.50 21.21
C THR A 59 50.81 -58.55 20.12
N LYS A 60 51.81 -58.70 19.26
CA LYS A 60 51.72 -59.58 18.11
C LYS A 60 51.58 -61.03 18.55
N GLU A 61 52.40 -61.44 19.50
CA GLU A 61 52.39 -62.83 19.96
C GLU A 61 51.24 -63.08 20.93
N SER A 62 51.00 -62.14 21.84
CA SER A 62 50.00 -62.29 22.89
C SER A 62 48.57 -62.03 22.42
N ARG A 63 48.38 -61.07 21.53
CA ARG A 63 47.05 -60.71 21.05
C ARG A 63 46.82 -60.99 19.57
N GLY A 64 47.90 -61.22 18.81
CA GLY A 64 47.78 -61.39 17.37
C GLY A 64 47.51 -60.08 16.64
N VAL A 65 47.91 -58.97 17.25
CA VAL A 65 47.76 -57.65 16.66
C VAL A 65 49.09 -56.97 16.84
N ILE A 66 49.62 -56.41 15.75
CA ILE A 66 50.91 -55.76 15.82
C ILE A 66 50.75 -54.38 16.47
N SER A 67 51.68 -53.97 17.30
CA SER A 67 51.65 -52.63 17.90
C SER A 67 53.08 -52.08 18.01
N LEU A 68 53.23 -50.89 18.56
CA LEU A 68 54.51 -50.15 18.46
C LEU A 68 55.75 -50.99 18.74
N GLN A 69 55.79 -51.65 19.89
CA GLN A 69 57.00 -52.35 20.30
C GLN A 69 57.37 -53.53 19.41
N ASP A 70 56.36 -54.15 18.79
CA ASP A 70 56.62 -55.19 17.82
C ASP A 70 57.45 -54.65 16.64
N TYR A 71 57.18 -53.42 16.22
CA TYR A 71 57.95 -52.81 15.12
C TYR A 71 59.40 -52.58 15.49
N ILE A 72 59.65 -52.25 16.74
CA ILE A 72 61.01 -52.03 17.21
C ILE A 72 61.77 -53.36 17.20
N VAL A 73 61.11 -54.39 17.66
CA VAL A 73 61.73 -55.72 17.78
C VAL A 73 62.08 -56.31 16.42
N GLU A 74 61.17 -56.20 15.46
CA GLU A 74 61.35 -56.83 14.14
C GLU A 74 62.56 -56.33 13.35
N GLU A 75 63.11 -55.17 13.73
CA GLU A 75 64.21 -54.56 12.98
C GLU A 75 65.59 -55.16 13.27
N GLN A 76 65.69 -56.00 14.30
CA GLN A 76 66.98 -56.56 14.70
C GLN A 76 67.75 -57.24 13.56
N ALA A 77 67.08 -58.10 12.82
CA ALA A 77 67.71 -58.85 11.74
C ALA A 77 68.28 -57.95 10.65
N MET A 78 67.61 -56.84 10.36
CA MET A 78 68.08 -55.92 9.33
C MET A 78 69.43 -55.34 9.73
N TYR A 79 69.52 -54.87 10.97
CA TYR A 79 70.78 -54.29 11.43
C TYR A 79 71.88 -55.35 11.56
N ASP A 80 71.57 -56.54 12.05
CA ASP A 80 72.54 -57.65 12.01
C ASP A 80 73.07 -57.84 10.59
N TRP A 81 72.15 -57.87 9.62
CA TRP A 81 72.56 -58.11 8.24
C TRP A 81 73.45 -56.98 7.74
N LEU A 82 73.03 -55.74 7.95
CA LEU A 82 73.81 -54.60 7.47
C LEU A 82 75.21 -54.57 8.07
N PHE A 83 75.34 -54.88 9.36
CA PHE A 83 76.65 -54.87 10.02
C PHE A 83 77.63 -55.87 9.38
N LYS A 84 77.11 -56.97 8.84
CA LYS A 84 77.94 -57.97 8.19
C LYS A 84 78.15 -57.72 6.70
N ASN A 85 77.17 -57.11 6.05
CA ASN A 85 77.12 -57.09 4.59
C ASN A 85 77.26 -55.73 3.90
N HIS A 86 77.06 -54.62 4.62
CA HIS A 86 77.20 -53.33 3.95
C HIS A 86 78.65 -53.10 3.51
N PRO A 87 78.86 -52.45 2.34
CA PRO A 87 80.24 -52.29 1.87
C PRO A 87 81.14 -51.42 2.74
N ILE A 88 80.57 -50.53 3.54
CA ILE A 88 81.35 -49.83 4.56
C ILE A 88 82.18 -50.85 5.35
N PHE A 89 81.62 -52.02 5.60
CA PHE A 89 82.34 -53.08 6.32
C PHE A 89 83.02 -54.10 5.40
N THR A 90 82.32 -54.59 4.38
CA THR A 90 82.91 -55.63 3.51
C THR A 90 84.04 -55.10 2.63
N LYS A 91 83.94 -53.86 2.16
CA LYS A 91 84.93 -53.28 1.26
C LYS A 91 85.85 -52.24 1.90
N TYR A 92 85.36 -51.50 2.89
CA TYR A 92 86.14 -50.39 3.46
C TYR A 92 86.65 -50.65 4.88
N GLY A 93 86.51 -51.90 5.34
CA GLY A 93 87.02 -52.32 6.65
C GLY A 93 86.41 -51.62 7.84
N GLY A 94 85.22 -51.06 7.68
CA GLY A 94 84.57 -50.29 8.73
C GLY A 94 85.19 -48.92 8.96
N LYS A 95 86.08 -48.50 8.07
CA LYS A 95 86.74 -47.21 8.20
C LYS A 95 85.99 -46.16 7.40
N THR A 96 85.66 -45.07 8.07
CA THR A 96 85.01 -43.94 7.41
C THR A 96 85.69 -42.68 7.91
N VAL A 97 85.68 -41.63 7.09
CA VAL A 97 86.12 -40.32 7.54
C VAL A 97 84.92 -39.66 8.24
N GLY A 98 84.91 -39.77 9.56
CA GLY A 98 83.75 -39.41 10.40
C GLY A 98 83.16 -40.65 11.07
N LYS A 99 82.68 -40.50 12.29
CA LYS A 99 82.17 -41.67 13.01
C LYS A 99 80.78 -42.11 12.55
N LEU A 100 80.54 -43.41 12.60
CA LEU A 100 79.23 -43.98 12.29
C LEU A 100 78.34 -43.93 13.51
N VAL A 101 77.15 -43.36 13.36
CA VAL A 101 76.20 -43.28 14.45
C VAL A 101 74.92 -43.98 14.03
N VAL A 102 74.67 -45.14 14.62
CA VAL A 102 73.51 -45.94 14.29
C VAL A 102 72.26 -45.25 14.80
N LYS A 103 71.22 -45.23 13.97
CA LYS A 103 69.96 -44.58 14.28
C LYS A 103 68.82 -45.46 13.79
N ASP A 104 68.33 -46.34 14.67
CA ASP A 104 67.30 -47.31 14.29
C ASP A 104 65.94 -46.85 14.82
N ARG A 105 64.91 -47.69 14.67
CA ARG A 105 63.57 -47.36 15.18
C ARG A 105 63.51 -47.10 16.68
N GLY A 106 64.41 -47.73 17.43
CA GLY A 106 64.46 -47.51 18.87
C GLY A 106 64.67 -46.04 19.21
N GLU A 107 65.43 -45.34 18.39
CA GLU A 107 65.59 -43.91 18.62
C GLU A 107 64.56 -43.09 17.85
N GLU A 108 64.31 -43.42 16.59
CA GLU A 108 63.42 -42.61 15.76
C GLU A 108 61.94 -42.69 16.17
N TRP A 109 61.44 -43.89 16.44
CA TRP A 109 60.01 -44.08 16.70
C TRP A 109 59.66 -43.95 18.18
N ILE A 110 60.65 -43.90 19.05
CA ILE A 110 60.43 -43.86 20.51
C ILE A 110 60.94 -42.57 21.16
N GLU A 111 62.14 -42.16 20.78
CA GLU A 111 62.88 -41.11 21.48
C GLU A 111 62.66 -39.71 20.89
N GLU A 112 62.38 -39.63 19.59
CA GLU A 112 62.21 -38.35 18.92
C GLU A 112 61.03 -37.55 19.47
N GLY A 113 61.13 -36.23 19.38
CA GLY A 113 60.09 -35.35 19.91
C GLY A 113 59.98 -35.43 21.42
N ARG A 114 61.09 -35.77 22.07
CA ARG A 114 61.13 -36.02 23.51
C ARG A 114 59.97 -36.92 23.94
N GLY A 115 59.79 -38.02 23.21
CA GLY A 115 58.76 -38.99 23.54
C GLY A 115 58.88 -39.52 24.95
N ASN A 116 60.10 -39.71 25.42
CA ASN A 116 60.31 -40.25 26.78
C ASN A 116 59.93 -39.25 27.86
N ASP A 117 60.10 -37.96 27.59
CA ASP A 117 59.70 -36.92 28.55
C ASP A 117 58.19 -36.77 28.55
N PHE A 118 57.58 -36.87 27.37
CA PHE A 118 56.12 -36.88 27.25
C PHE A 118 55.51 -38.04 28.04
N SER A 119 56.11 -39.21 27.86
CA SER A 119 55.65 -40.42 28.53
C SER A 119 55.67 -40.25 30.04
N LYS A 120 56.73 -39.65 30.55
CA LYS A 120 56.87 -39.37 31.98
C LYS A 120 55.87 -38.36 32.49
N ALA A 121 55.49 -37.39 31.65
CA ALA A 121 54.50 -36.37 32.02
C ALA A 121 53.05 -36.86 31.92
N SER A 122 52.85 -38.06 31.38
CA SER A 122 51.50 -38.62 31.20
C SER A 122 51.13 -39.61 32.30
N LYS A 123 49.83 -39.74 32.54
CA LYS A 123 49.35 -40.79 33.44
C LYS A 123 49.28 -42.17 32.77
N ARG A 124 49.33 -42.21 31.44
CA ARG A 124 49.30 -43.47 30.70
C ARG A 124 50.39 -44.43 31.19
N SER A 125 49.99 -45.66 31.48
CA SER A 125 50.91 -46.70 31.94
C SER A 125 51.77 -46.20 33.11
N GLY A 126 51.16 -45.43 33.99
CA GLY A 126 51.82 -44.93 35.20
C GLY A 126 53.05 -44.08 34.95
N GLY A 127 53.10 -43.42 33.78
CA GLY A 127 54.27 -42.63 33.40
C GLY A 127 55.47 -43.44 32.94
N GLU A 128 55.31 -44.75 32.79
CA GLU A 128 56.43 -45.65 32.47
C GLU A 128 56.35 -46.19 31.03
N GLY A 129 55.55 -45.55 30.19
CA GLY A 129 55.27 -46.07 28.86
C GLY A 129 56.13 -45.44 27.80
N PHE A 130 55.80 -45.72 26.55
CA PHE A 130 56.51 -45.14 25.41
C PHE A 130 55.53 -44.27 24.65
N SER A 131 56.06 -43.26 23.94
CA SER A 131 55.24 -42.40 23.11
C SER A 131 55.93 -42.16 21.79
N SER A 132 55.29 -42.58 20.70
CA SER A 132 55.83 -42.34 19.37
C SER A 132 55.24 -41.02 18.89
N MET A 133 56.05 -39.97 18.97
CA MET A 133 55.60 -38.61 18.71
C MET A 133 55.49 -38.28 17.23
N MET A 134 56.44 -38.76 16.43
CA MET A 134 56.59 -38.34 15.03
C MET A 134 56.54 -39.47 14.03
N TYR A 135 57.25 -40.56 14.33
CA TYR A 135 57.57 -41.56 13.33
C TYR A 135 57.05 -42.94 13.69
N ARG A 136 56.07 -43.40 12.89
CA ARG A 136 55.44 -44.70 13.10
C ARG A 136 54.53 -45.01 11.91
N VAL A 137 54.25 -46.28 11.71
CA VAL A 137 53.36 -46.72 10.63
C VAL A 137 52.04 -47.21 11.20
N ALA A 138 51.02 -47.28 10.34
CA ALA A 138 49.69 -47.75 10.71
C ALA A 138 49.46 -49.21 10.35
N ARG A 139 50.23 -49.70 9.38
CA ARG A 139 50.08 -51.06 8.85
C ARG A 139 51.45 -51.73 8.86
N ASN A 140 51.60 -52.90 8.22
CA ASN A 140 52.88 -53.62 8.24
C ASN A 140 54.02 -52.81 7.63
N SER A 141 55.21 -53.00 8.19
CA SER A 141 56.40 -52.38 7.66
C SER A 141 56.93 -53.19 6.49
N THR A 142 57.97 -52.64 5.84
CA THR A 142 58.60 -53.28 4.72
C THR A 142 59.41 -54.53 5.13
N LEU A 143 59.44 -54.85 6.42
CA LEU A 143 60.11 -56.06 6.88
C LEU A 143 59.22 -57.30 6.86
N GLN A 144 57.92 -57.13 6.60
CA GLN A 144 56.99 -58.27 6.56
C GLN A 144 56.73 -58.72 5.14
N TYR A 145 56.95 -60.02 4.90
CA TYR A 145 56.66 -60.65 3.62
C TYR A 145 55.86 -61.93 3.84
N PRO A 146 54.86 -62.20 2.98
CA PRO A 146 54.45 -61.35 1.87
C PRO A 146 53.52 -60.24 2.34
N ASN A 147 53.37 -59.21 1.54
CA ASN A 147 52.36 -58.18 1.78
C ASN A 147 51.29 -58.30 0.71
N LYS A 148 50.22 -57.52 0.89
CA LYS A 148 49.05 -57.56 0.00
C LYS A 148 48.98 -56.38 -0.96
N PHE A 149 50.08 -55.64 -1.14
CA PHE A 149 50.10 -54.56 -2.11
C PHE A 149 49.96 -55.12 -3.51
N ILE A 150 49.15 -54.46 -4.33
CA ILE A 150 49.00 -54.80 -5.75
C ILE A 150 49.57 -53.74 -6.66
N GLY A 151 49.88 -52.56 -6.12
CA GLY A 151 50.44 -51.46 -6.89
C GLY A 151 49.39 -50.47 -7.36
N PRO A 152 49.79 -49.21 -7.55
CA PRO A 152 48.84 -48.17 -7.98
C PRO A 152 48.22 -48.37 -9.37
N GLU A 153 48.97 -48.97 -10.30
CA GLU A 153 48.44 -49.21 -11.65
C GLU A 153 47.21 -50.13 -11.63
N LYS A 154 47.11 -50.98 -10.61
CA LYS A 154 45.97 -51.88 -10.47
C LYS A 154 44.75 -51.19 -9.88
N CYS A 155 44.95 -50.29 -8.92
CA CYS A 155 43.86 -49.41 -8.47
C CYS A 155 43.41 -48.55 -9.62
N GLY A 156 44.36 -48.17 -10.47
CA GLY A 156 44.10 -47.32 -11.62
C GLY A 156 43.28 -47.94 -12.74
N GLU A 157 43.29 -49.27 -12.84
CA GLU A 157 42.44 -49.96 -13.81
C GLU A 157 40.97 -49.60 -13.58
N CYS A 158 40.52 -49.56 -12.33
CA CYS A 158 39.14 -49.23 -11.99
C CYS A 158 38.91 -47.77 -11.62
N HIS A 159 39.97 -47.07 -11.20
CA HIS A 159 39.88 -45.66 -10.83
C HIS A 159 40.83 -44.82 -11.69
N PRO A 160 40.62 -44.83 -13.01
CA PRO A 160 41.53 -44.12 -13.90
C PRO A 160 41.59 -42.62 -13.62
N ALA A 161 40.50 -42.04 -13.15
CA ALA A 161 40.43 -40.60 -12.94
C ALA A 161 41.37 -40.17 -11.81
N GLN A 162 41.28 -40.83 -10.66
CA GLN A 162 42.16 -40.52 -9.53
C GLN A 162 43.61 -40.91 -9.81
N TYR A 163 43.81 -42.03 -10.52
CA TYR A 163 45.16 -42.39 -10.92
C TYR A 163 45.80 -41.26 -11.68
N GLU A 164 45.07 -40.66 -12.63
CA GLU A 164 45.63 -39.58 -13.44
C GLU A 164 46.08 -38.39 -12.57
N THR A 165 45.24 -37.93 -11.65
CA THR A 165 45.60 -36.74 -10.87
C THR A 165 46.71 -37.07 -9.90
N TRP A 166 46.58 -38.21 -9.23
CA TRP A 166 47.62 -38.68 -8.32
C TRP A 166 48.96 -38.81 -9.04
N SER A 167 48.93 -39.35 -10.25
CA SER A 167 50.17 -39.67 -10.99
C SER A 167 50.96 -38.44 -11.41
N ARG A 168 50.30 -37.29 -11.50
CA ARG A 168 51.02 -36.04 -11.75
C ARG A 168 51.21 -35.24 -10.46
N SER A 169 51.56 -35.94 -9.39
CA SER A 169 51.86 -35.27 -8.10
C SER A 169 53.15 -35.78 -7.52
N ARG A 170 53.79 -34.97 -6.69
CA ARG A 170 55.03 -35.35 -6.04
C ARG A 170 54.89 -36.50 -5.04
N HIS A 171 53.67 -36.78 -4.59
CA HIS A 171 53.41 -38.01 -3.86
C HIS A 171 53.84 -39.21 -4.70
N ALA A 172 53.50 -39.17 -5.98
CA ALA A 172 53.73 -40.29 -6.90
C ALA A 172 55.18 -40.51 -7.27
N THR A 173 55.98 -39.44 -7.26
CA THR A 173 57.35 -39.51 -7.76
C THR A 173 58.41 -39.17 -6.71
N THR A 174 58.02 -39.11 -5.43
CA THR A 174 59.01 -38.82 -4.40
C THR A 174 60.08 -39.90 -4.35
N ILE A 175 59.71 -41.14 -4.68
CA ILE A 175 60.69 -42.22 -4.84
C ILE A 175 60.82 -42.53 -6.34
N ARG A 176 62.05 -42.42 -6.86
CA ARG A 176 62.32 -42.72 -8.25
C ARG A 176 63.65 -43.43 -8.44
N PHE A 177 63.71 -44.24 -9.49
CA PHE A 177 64.90 -44.99 -9.85
C PHE A 177 65.75 -44.27 -10.89
N PRO A 178 67.05 -44.54 -10.90
CA PRO A 178 67.89 -44.06 -12.01
C PRO A 178 67.23 -44.34 -13.36
N GLY A 179 67.14 -43.31 -14.20
CA GLY A 179 66.45 -43.39 -15.48
C GLY A 179 65.10 -42.72 -15.47
N GLU A 180 64.69 -42.20 -14.31
CA GLU A 180 63.36 -41.57 -14.15
C GLU A 180 63.49 -40.09 -13.75
N HIS A 181 64.52 -39.45 -14.26
CA HIS A 181 64.79 -38.03 -13.98
C HIS A 181 64.96 -37.21 -15.25
N PRO A 182 63.91 -37.14 -16.08
CA PRO A 182 64.04 -36.33 -17.30
C PRO A 182 64.30 -34.84 -17.02
N GLU A 183 63.96 -34.37 -15.83
CA GLU A 183 64.17 -32.97 -15.47
C GLU A 183 65.64 -32.58 -15.34
N VAL A 184 66.53 -33.57 -15.28
CA VAL A 184 67.97 -33.32 -15.41
C VAL A 184 68.55 -34.17 -16.55
N ASN A 185 67.75 -34.40 -17.59
CA ASN A 185 68.16 -35.22 -18.73
C ASN A 185 68.84 -36.53 -18.31
N ASN A 186 68.40 -37.07 -17.17
CA ASN A 186 68.94 -38.31 -16.62
C ASN A 186 70.45 -38.34 -16.39
N LYS A 187 71.00 -37.20 -16.02
CA LYS A 187 72.39 -37.05 -15.69
C LYS A 187 72.49 -36.77 -14.19
N LEU A 188 72.59 -37.83 -13.41
CA LEU A 188 72.61 -37.72 -11.96
C LEU A 188 73.98 -37.35 -11.41
N ASN A 189 75.01 -37.37 -12.24
CA ASN A 189 76.36 -37.05 -11.79
C ASN A 189 76.99 -35.84 -12.44
N ASP A 190 76.20 -35.08 -13.20
CA ASP A 190 76.67 -33.81 -13.75
C ASP A 190 76.00 -32.66 -13.00
N PRO A 191 76.63 -31.49 -12.99
CA PRO A 191 75.99 -30.32 -12.37
C PRO A 191 74.58 -30.09 -12.91
N VAL A 192 73.65 -29.77 -12.02
CA VAL A 192 72.29 -29.48 -12.46
C VAL A 192 72.19 -28.11 -13.11
N PHE A 193 72.68 -27.10 -12.38
CA PHE A 193 72.60 -25.73 -12.83
C PHE A 193 73.99 -25.28 -13.29
N ASP A 194 74.61 -24.30 -12.64
CA ASP A 194 75.93 -23.84 -13.07
C ASP A 194 76.98 -24.92 -12.92
N LYS A 195 78.00 -24.85 -13.77
CA LYS A 195 79.01 -25.90 -13.86
C LYS A 195 79.91 -26.01 -12.64
N ASP A 196 79.96 -24.96 -11.82
CA ASP A 196 80.66 -25.04 -10.53
C ASP A 196 79.72 -25.38 -9.37
N THR A 197 78.56 -25.98 -9.65
CA THR A 197 77.63 -26.41 -8.60
C THR A 197 77.37 -27.91 -8.69
N ALA A 198 76.62 -28.43 -7.73
CA ALA A 198 76.55 -29.86 -7.50
C ALA A 198 75.64 -30.63 -8.45
N SER A 199 75.97 -31.91 -8.58
CA SER A 199 75.11 -32.91 -9.18
C SER A 199 74.24 -33.53 -8.10
N ILE A 200 73.18 -34.21 -8.53
CA ILE A 200 72.21 -34.79 -7.63
C ILE A 200 72.87 -35.85 -6.76
N LEU A 201 73.69 -36.69 -7.37
CA LEU A 201 74.40 -37.72 -6.60
C LEU A 201 75.72 -37.17 -6.12
N PRO A 202 76.15 -37.61 -4.93
CA PRO A 202 77.45 -37.19 -4.44
C PRO A 202 78.61 -37.81 -5.19
N GLN A 203 79.77 -37.20 -5.00
CA GLN A 203 81.05 -37.72 -5.42
C GLN A 203 81.19 -39.21 -5.07
N GLY A 204 81.63 -40.01 -6.04
CA GLY A 204 81.86 -41.44 -5.85
C GLY A 204 80.65 -42.34 -5.87
N ILE A 205 79.47 -41.76 -5.99
CA ILE A 205 78.23 -42.50 -5.98
C ILE A 205 77.67 -42.48 -7.41
N THR A 206 77.57 -43.67 -8.00
CA THR A 206 77.08 -43.81 -9.35
C THR A 206 75.73 -44.55 -9.33
N PRO A 207 74.91 -44.34 -10.37
CA PRO A 207 73.57 -44.91 -10.39
C PRO A 207 73.49 -46.41 -10.18
N ASP A 208 74.51 -47.15 -10.60
CA ASP A 208 74.48 -48.60 -10.48
C ASP A 208 74.53 -49.11 -9.04
N VAL A 209 74.93 -48.27 -8.08
CA VAL A 209 74.88 -48.65 -6.66
C VAL A 209 73.81 -47.88 -5.87
N VAL A 210 72.90 -47.24 -6.59
CA VAL A 210 71.80 -46.48 -5.99
C VAL A 210 70.47 -47.19 -6.26
N TYR A 211 69.72 -47.53 -5.21
CA TYR A 211 68.37 -48.06 -5.37
C TYR A 211 67.40 -47.00 -5.89
N CYS A 212 67.42 -45.84 -5.25
CA CYS A 212 66.50 -44.77 -5.60
C CYS A 212 67.00 -43.43 -5.12
N THR A 213 66.51 -42.40 -5.78
CA THR A 213 66.59 -41.07 -5.24
C THR A 213 65.29 -40.82 -4.51
N VAL A 214 65.36 -39.86 -3.59
CA VAL A 214 64.20 -39.35 -2.91
C VAL A 214 64.13 -37.88 -3.24
N GLY A 215 62.94 -37.35 -3.44
CA GLY A 215 62.75 -35.92 -3.64
C GLY A 215 62.61 -35.45 -5.08
N HIS A 216 62.89 -34.16 -5.26
CA HIS A 216 62.58 -33.43 -6.49
C HIS A 216 63.44 -32.18 -6.60
N ILE A 217 63.42 -31.58 -7.79
CA ILE A 217 64.05 -30.29 -8.02
C ILE A 217 63.41 -29.25 -7.09
N ARG A 218 62.11 -29.41 -6.81
CA ARG A 218 61.37 -28.57 -5.90
C ARG A 218 62.18 -28.05 -4.72
N THR A 219 62.78 -28.96 -3.96
CA THR A 219 63.61 -28.57 -2.81
C THR A 219 64.95 -29.26 -2.75
N LYS A 220 64.94 -30.58 -2.71
CA LYS A 220 66.18 -31.33 -2.51
C LYS A 220 66.04 -32.78 -2.95
N PHE A 221 67.18 -33.45 -3.02
CA PHE A 221 67.23 -34.89 -3.27
C PHE A 221 68.04 -35.57 -2.17
N GLY A 222 67.79 -36.87 -2.04
CA GLY A 222 68.61 -37.76 -1.25
C GLY A 222 68.76 -39.04 -2.05
N PHE A 223 69.54 -39.99 -1.55
CA PHE A 223 69.62 -41.30 -2.20
C PHE A 223 69.69 -42.42 -1.18
N PHE A 224 69.29 -43.61 -1.63
CA PHE A 224 69.51 -44.85 -0.90
C PHE A 224 70.41 -45.75 -1.71
N ASP A 225 71.41 -46.34 -1.08
CA ASP A 225 72.31 -47.21 -1.81
C ASP A 225 71.62 -48.56 -2.04
N ALA A 226 72.28 -49.44 -2.78
CA ALA A 226 71.69 -50.73 -3.14
C ALA A 226 71.46 -51.62 -1.93
N TRP A 227 72.02 -51.27 -0.77
CA TRP A 227 71.81 -52.04 0.46
C TRP A 227 70.68 -51.44 1.30
N LEU A 228 69.94 -50.52 0.67
CA LEU A 228 68.87 -49.71 1.27
C LEU A 228 69.32 -48.98 2.52
N LEU A 229 70.58 -48.54 2.50
CA LEU A 229 71.08 -47.68 3.54
C LEU A 229 70.93 -46.25 3.06
N ARG A 230 70.39 -45.43 3.96
CA ARG A 230 70.27 -44.01 3.75
C ARG A 230 71.61 -43.43 3.35
N GLY A 231 71.63 -42.65 2.29
CA GLY A 231 72.87 -42.08 1.78
C GLY A 231 73.32 -40.84 2.53
N THR A 232 74.12 -41.05 3.58
CA THR A 232 74.64 -39.96 4.41
C THR A 232 76.13 -39.73 4.18
N TYR A 233 76.63 -40.20 3.06
CA TYR A 233 78.07 -40.22 2.83
C TYR A 233 78.38 -40.04 1.35
N HIS A 234 79.64 -39.76 1.05
CA HIS A 234 80.14 -39.83 -0.32
C HIS A 234 81.45 -40.61 -0.34
N VAL A 235 82.06 -40.75 -1.52
CA VAL A 235 83.35 -41.42 -1.62
C VAL A 235 84.36 -40.49 -2.26
N GLU A 236 85.52 -40.35 -1.62
CA GLU A 236 86.62 -39.53 -2.12
C GLU A 236 87.71 -40.40 -2.71
N GLY A 237 88.23 -40.01 -3.87
CA GLY A 237 89.35 -40.70 -4.49
C GLY A 237 89.00 -42.11 -4.93
N GLY A 238 87.77 -42.30 -5.40
CA GLY A 238 87.31 -43.62 -5.81
C GLY A 238 85.82 -43.69 -6.04
N LEU A 239 85.33 -44.92 -6.15
CA LEU A 239 83.93 -45.17 -6.43
C LEU A 239 83.43 -46.25 -5.49
N LEU A 240 82.23 -46.05 -4.95
CA LEU A 240 81.60 -47.06 -4.11
C LEU A 240 81.46 -48.37 -4.88
N LYS A 241 81.11 -48.26 -6.16
CA LYS A 241 80.99 -49.40 -7.08
C LYS A 241 82.18 -50.36 -7.05
N ASN A 242 83.39 -49.83 -6.92
CA ASN A 242 84.62 -50.64 -6.93
C ASN A 242 85.24 -50.85 -5.57
N GLY A 243 84.68 -50.27 -4.52
CA GLY A 243 85.30 -50.34 -3.20
C GLY A 243 86.57 -49.51 -3.08
N THR A 244 86.75 -48.54 -3.96
CA THR A 244 87.95 -47.72 -3.92
C THR A 244 87.71 -46.44 -3.15
N GLY A 245 88.80 -45.72 -2.91
CA GLY A 245 88.74 -44.46 -2.21
C GLY A 245 88.37 -44.63 -0.75
N GLN A 246 87.76 -43.60 -0.20
CA GLN A 246 87.41 -43.54 1.22
C GLN A 246 85.96 -43.12 1.38
N ILE A 247 85.27 -43.74 2.34
CA ILE A 247 83.94 -43.30 2.75
C ILE A 247 84.09 -42.02 3.61
N VAL A 248 83.39 -40.96 3.21
CA VAL A 248 83.48 -39.67 3.90
C VAL A 248 82.08 -39.23 4.27
N ALA A 249 81.91 -38.85 5.53
CA ALA A 249 80.62 -38.43 6.03
C ALA A 249 80.17 -37.12 5.39
N GLY A 250 78.88 -37.02 5.12
CA GLY A 250 78.29 -35.77 4.65
C GLY A 250 78.40 -35.54 3.16
N GLY A 251 78.22 -34.29 2.76
CA GLY A 251 78.21 -33.89 1.35
C GLY A 251 77.31 -34.79 0.53
N ASN A 252 76.14 -35.09 1.08
CA ASN A 252 75.28 -36.16 0.60
C ASN A 252 73.89 -35.71 0.09
N GLN A 253 73.51 -34.47 0.35
CA GLN A 253 72.17 -34.00 0.08
C GLN A 253 72.19 -32.85 -0.89
N TRP A 254 71.58 -33.06 -2.06
CA TRP A 254 71.50 -32.02 -3.09
C TRP A 254 70.41 -31.00 -2.72
N GLN A 255 70.76 -29.73 -2.78
CA GLN A 255 69.87 -28.69 -2.34
C GLN A 255 69.68 -27.69 -3.45
N ARG A 256 68.45 -27.59 -3.93
CA ARG A 256 68.15 -26.73 -5.06
C ARG A 256 68.50 -25.27 -4.80
N THR A 257 68.06 -24.75 -3.66
CA THR A 257 68.21 -23.32 -3.38
C THR A 257 69.67 -22.94 -3.24
N TRP A 258 70.46 -23.79 -2.62
CA TRP A 258 71.89 -23.52 -2.52
C TRP A 258 72.56 -23.62 -3.90
N ALA A 259 72.17 -24.61 -4.70
CA ALA A 259 72.77 -24.84 -6.02
C ALA A 259 72.41 -23.76 -7.04
N LEU A 260 71.17 -23.29 -6.97
CA LEU A 260 70.61 -22.35 -7.95
C LEU A 260 70.57 -20.90 -7.45
N ASN A 261 69.91 -20.68 -6.32
CA ASN A 261 69.59 -19.34 -5.86
C ASN A 261 70.68 -18.69 -5.01
N LEU A 262 71.31 -19.47 -4.14
CA LEU A 262 72.19 -18.94 -3.10
C LEU A 262 73.66 -18.96 -3.54
N SER A 263 73.96 -18.13 -4.54
CA SER A 263 75.33 -17.97 -5.03
C SER A 263 76.16 -17.19 -4.01
N PRO A 264 77.50 -17.21 -4.16
CA PRO A 264 78.33 -16.37 -3.29
C PRO A 264 77.93 -14.89 -3.40
N GLU A 265 77.59 -14.43 -4.59
CA GLU A 265 77.16 -13.06 -4.77
C GLU A 265 75.91 -12.75 -3.93
N VAL A 266 74.91 -13.63 -3.99
CA VAL A 266 73.72 -13.45 -3.18
C VAL A 266 74.09 -13.53 -1.70
N ALA A 267 74.98 -14.45 -1.37
CA ALA A 267 75.43 -14.60 0.00
C ALA A 267 76.15 -13.35 0.52
N LYS A 268 76.96 -12.70 -0.31
CA LYS A 268 77.61 -11.44 0.09
C LYS A 268 76.56 -10.37 0.36
N LYS A 269 75.52 -10.31 -0.47
CA LYS A 269 74.42 -9.37 -0.29
C LYS A 269 73.72 -9.60 1.06
N ILE A 270 73.48 -10.85 1.40
CA ILE A 270 72.87 -11.16 2.70
C ILE A 270 73.82 -10.72 3.82
N LYS A 271 75.12 -10.93 3.63
CA LYS A 271 76.11 -10.61 4.65
C LYS A 271 76.16 -9.13 5.03
N LYS A 272 75.80 -8.25 4.10
CA LYS A 272 75.68 -6.83 4.40
C LYS A 272 74.68 -6.58 5.54
N TRP A 273 73.61 -7.38 5.56
CA TRP A 273 72.53 -7.28 6.55
C TRP A 273 72.81 -8.19 7.73
N VAL A 274 73.25 -9.42 7.46
CA VAL A 274 73.52 -10.43 8.49
C VAL A 274 75.03 -10.70 8.51
N PRO A 275 75.77 -10.00 9.39
CA PRO A 275 77.25 -9.96 9.33
C PRO A 275 77.95 -11.32 9.35
N ASP A 276 77.34 -12.32 9.97
CA ASP A 276 77.95 -13.64 10.06
C ASP A 276 77.41 -14.66 9.01
N PHE A 277 76.76 -14.19 7.95
CA PHE A 277 76.26 -15.10 6.93
C PHE A 277 77.43 -15.75 6.19
N PRO A 278 77.39 -17.09 6.00
CA PRO A 278 78.52 -17.76 5.36
C PRO A 278 78.54 -17.55 3.85
N VAL A 279 79.73 -17.30 3.31
CA VAL A 279 79.91 -16.96 1.91
C VAL A 279 80.76 -17.99 1.18
N THR A 280 81.94 -18.28 1.72
CA THR A 280 82.78 -19.33 1.18
C THR A 280 82.35 -20.70 1.70
N LEU A 281 82.71 -21.72 0.95
CA LEU A 281 82.31 -23.10 1.24
C LEU A 281 82.71 -23.54 2.65
N GLU A 282 83.92 -23.18 3.04
CA GLU A 282 84.45 -23.51 4.37
C GLU A 282 83.60 -22.89 5.48
N GLU A 283 83.02 -21.72 5.22
CA GLU A 283 82.19 -21.04 6.20
C GLU A 283 80.84 -21.74 6.42
N TYR A 284 80.48 -22.66 5.52
CA TYR A 284 79.29 -23.49 5.70
C TYR A 284 79.58 -24.65 6.66
N GLY A 285 80.87 -24.84 6.97
CA GLY A 285 81.30 -25.76 8.04
C GLY A 285 80.81 -27.18 7.90
N ASP A 286 80.40 -27.76 9.02
CA ASP A 286 79.90 -29.13 9.10
C ASP A 286 78.66 -29.35 8.24
N ASN A 287 77.94 -28.27 7.95
CA ASN A 287 76.71 -28.34 7.17
C ASN A 287 77.00 -28.44 5.68
N GLY A 288 78.20 -28.07 5.27
CA GLY A 288 78.55 -27.98 3.86
C GLY A 288 79.22 -29.22 3.31
N GLY A 289 80.30 -29.01 2.56
CA GLY A 289 80.95 -30.09 1.85
C GLY A 289 82.03 -29.65 0.88
N TYR A 290 82.10 -30.31 -0.27
CA TYR A 290 83.17 -30.12 -1.27
C TYR A 290 82.72 -29.27 -2.44
N VAL A 291 81.41 -29.10 -2.59
CA VAL A 291 80.88 -28.28 -3.67
C VAL A 291 79.53 -27.68 -3.27
N ARG A 292 79.26 -26.47 -3.74
CA ARG A 292 77.97 -25.83 -3.49
C ARG A 292 76.82 -26.59 -4.15
N GLY A 293 75.84 -26.94 -3.34
CA GLY A 293 74.67 -27.68 -3.78
C GLY A 293 74.55 -29.04 -3.08
N LEU A 294 75.66 -29.56 -2.57
CA LEU A 294 75.69 -30.84 -1.89
C LEU A 294 76.07 -30.60 -0.45
N ALA A 295 75.03 -30.55 0.40
CA ALA A 295 75.18 -30.25 1.79
C ALA A 295 75.17 -31.55 2.61
N SER A 296 75.57 -31.44 3.88
CA SER A 296 75.64 -32.58 4.76
C SER A 296 74.34 -32.67 5.55
N TYR A 297 73.71 -33.83 5.51
CA TYR A 297 72.41 -34.01 6.14
C TYR A 297 72.34 -35.40 6.78
N ALA A 298 71.92 -35.42 8.05
CA ALA A 298 72.08 -36.59 8.92
C ALA A 298 73.54 -36.99 8.93
N ALA A 299 74.39 -35.97 8.91
CA ALA A 299 75.80 -36.14 8.82
C ALA A 299 76.43 -34.77 8.97
N LYS A 300 77.61 -34.75 9.55
CA LYS A 300 78.43 -33.55 9.62
C LYS A 300 79.68 -33.82 8.78
N TYR A 301 79.96 -32.94 7.84
CA TYR A 301 80.99 -33.15 6.83
C TYR A 301 82.29 -33.62 7.45
N LYS A 302 82.71 -34.83 7.07
CA LYS A 302 83.94 -35.46 7.55
C LYS A 302 84.00 -35.76 9.05
N LYS A 303 82.88 -35.66 9.77
CA LYS A 303 82.91 -35.82 11.23
C LYS A 303 81.98 -36.91 11.76
N SER A 304 80.79 -37.01 11.20
CA SER A 304 79.87 -38.07 11.61
C SER A 304 78.82 -38.26 10.57
N MET A 305 78.23 -39.45 10.56
CA MET A 305 77.20 -39.82 9.61
C MET A 305 76.28 -40.83 10.25
N SER A 306 74.98 -40.68 10.05
CA SER A 306 74.03 -41.68 10.52
C SER A 306 74.20 -42.92 9.69
N PHE A 307 74.14 -44.06 10.37
CA PHE A 307 74.06 -45.36 9.73
C PHE A 307 72.64 -45.84 9.94
N GLN A 308 71.83 -45.79 8.88
CA GLN A 308 70.40 -46.01 9.01
C GLN A 308 69.76 -46.73 7.80
N ALA A 309 69.11 -47.86 8.08
CA ALA A 309 68.26 -48.54 7.13
C ALA A 309 67.01 -47.73 6.81
N SER A 310 66.57 -47.84 5.56
CA SER A 310 65.28 -47.28 5.12
C SER A 310 64.15 -47.68 6.07
N THR A 311 64.28 -48.88 6.65
CA THR A 311 63.28 -49.40 7.57
C THR A 311 63.06 -48.54 8.80
N SER A 312 64.09 -47.82 9.23
CA SER A 312 64.08 -47.13 10.52
C SER A 312 63.28 -45.83 10.51
N TYR A 313 63.04 -45.28 9.33
CA TYR A 313 62.68 -43.88 9.27
C TYR A 313 61.98 -43.54 7.94
N CYS A 314 62.69 -43.72 6.84
CA CYS A 314 62.21 -43.28 5.54
C CYS A 314 60.95 -44.03 5.08
N GLU A 315 60.78 -45.27 5.52
CA GLU A 315 59.60 -46.03 5.11
C GLU A 315 58.30 -45.51 5.75
N VAL A 316 58.43 -44.65 6.76
CA VAL A 316 57.25 -44.01 7.31
C VAL A 316 56.65 -43.06 6.25
N CYS A 317 57.46 -42.22 5.62
CA CYS A 317 56.91 -41.14 4.76
C CYS A 317 57.29 -41.11 3.29
N HIS A 318 58.42 -41.70 2.90
CA HIS A 318 58.76 -41.85 1.50
C HIS A 318 58.89 -43.33 1.22
N PRO A 319 57.79 -44.07 1.31
CA PRO A 319 57.97 -45.51 1.33
C PRO A 319 58.10 -46.19 -0.03
N TRP A 320 58.37 -47.49 0.05
CA TRP A 320 58.21 -48.40 -1.07
C TRP A 320 57.78 -49.75 -0.54
N LYS A 321 57.28 -50.61 -1.42
CA LYS A 321 56.98 -51.99 -1.06
C LYS A 321 57.49 -52.94 -2.13
N PHE A 322 58.00 -54.09 -1.72
CA PHE A 322 58.51 -55.12 -2.64
C PHE A 322 57.52 -56.27 -2.71
N ASP A 323 57.55 -57.01 -3.81
CA ASP A 323 56.60 -58.12 -4.02
C ASP A 323 57.06 -59.49 -3.52
N PHE A 324 58.15 -59.55 -2.75
CA PHE A 324 58.71 -60.84 -2.34
C PHE A 324 57.74 -61.70 -1.57
N LYS A 325 57.84 -63.01 -1.77
CA LYS A 325 56.96 -63.98 -1.12
C LYS A 325 57.36 -64.21 0.32
N ASN A 326 58.64 -63.99 0.62
CA ASN A 326 59.19 -64.20 1.95
C ASN A 326 60.48 -63.40 2.12
N GLU A 327 61.00 -63.38 3.35
CA GLU A 327 62.16 -62.55 3.67
C GLU A 327 63.49 -63.10 3.13
N SER A 328 63.55 -64.39 2.85
CA SER A 328 64.75 -64.95 2.24
C SER A 328 64.97 -64.32 0.87
N GLU A 329 63.92 -64.27 0.06
CA GLU A 329 63.99 -63.61 -1.25
C GLU A 329 64.42 -62.15 -1.11
N PHE A 330 63.89 -61.49 -0.10
CA PHE A 330 64.21 -60.09 0.15
C PHE A 330 65.69 -59.86 0.42
N TYR A 331 66.24 -60.62 1.36
CA TYR A 331 67.63 -60.45 1.76
C TYR A 331 68.62 -60.92 0.67
N ALA A 332 68.21 -61.88 -0.15
CA ALA A 332 69.01 -62.31 -1.28
C ALA A 332 69.17 -61.18 -2.29
N ALA A 333 68.10 -60.43 -2.55
CA ALA A 333 68.17 -59.28 -3.45
C ALA A 333 68.87 -58.09 -2.83
N LEU A 334 68.76 -57.95 -1.51
CA LEU A 334 69.29 -56.78 -0.81
C LEU A 334 70.76 -56.65 -1.13
N GLY A 335 71.15 -55.49 -1.65
CA GLY A 335 72.53 -55.26 -2.10
C GLY A 335 72.66 -55.20 -3.61
N ASN A 336 71.60 -55.49 -4.34
CA ASN A 336 71.59 -55.28 -5.77
C ASN A 336 70.43 -54.40 -6.17
N ALA A 337 70.75 -53.18 -6.59
CA ALA A 337 69.74 -52.18 -6.93
C ALA A 337 68.74 -52.70 -7.98
N LYS A 338 69.25 -53.28 -9.06
CA LYS A 338 68.41 -53.77 -10.16
C LYS A 338 67.38 -54.83 -9.72
N GLU A 339 67.78 -55.77 -8.87
CA GLU A 339 66.85 -56.79 -8.39
C GLU A 339 65.79 -56.19 -7.49
N LEU A 340 66.21 -55.27 -6.64
CA LEU A 340 65.26 -54.58 -5.78
C LEU A 340 64.29 -53.75 -6.60
N GLN A 341 64.80 -53.05 -7.60
CA GLN A 341 63.92 -52.25 -8.44
C GLN A 341 62.88 -53.12 -9.17
N LYS A 342 63.32 -54.23 -9.75
CA LYS A 342 62.41 -55.10 -10.51
C LYS A 342 61.31 -55.66 -9.61
N HIS A 343 61.61 -55.86 -8.33
CA HIS A 343 60.64 -56.42 -7.42
C HIS A 343 59.88 -55.36 -6.65
N THR A 344 59.99 -54.11 -7.07
CA THR A 344 59.26 -53.02 -6.41
C THR A 344 57.84 -52.90 -6.96
N ILE A 345 56.86 -53.17 -6.10
CA ILE A 345 55.46 -53.13 -6.47
C ILE A 345 54.79 -51.80 -6.13
N SER A 346 55.39 -51.01 -5.25
CA SER A 346 54.86 -49.69 -4.91
C SER A 346 55.99 -48.75 -4.60
N LYS A 347 55.97 -47.57 -5.21
CA LYS A 347 56.99 -46.54 -4.97
C LYS A 347 56.29 -45.30 -4.45
N GLY A 348 56.87 -44.69 -3.43
CA GLY A 348 56.37 -43.42 -2.91
C GLY A 348 55.01 -43.51 -2.26
N VAL A 349 54.32 -42.38 -2.22
CA VAL A 349 53.05 -42.28 -1.53
C VAL A 349 51.95 -42.62 -2.53
N SER A 350 51.80 -43.94 -2.75
CA SER A 350 50.84 -44.47 -3.70
C SER A 350 49.48 -44.67 -3.05
N CYS A 351 48.49 -45.02 -3.87
CA CYS A 351 47.13 -45.33 -3.41
C CYS A 351 47.08 -46.12 -2.13
N GLU A 352 47.80 -47.23 -2.10
CA GLU A 352 47.74 -48.17 -1.00
C GLU A 352 48.50 -47.72 0.24
N GLU A 353 49.45 -46.79 0.10
CA GLU A 353 50.06 -46.20 1.29
C GLU A 353 49.01 -45.43 2.11
N CYS A 354 48.09 -44.75 1.43
CA CYS A 354 47.02 -44.00 2.09
C CYS A 354 45.78 -44.84 2.37
N HIS A 355 45.41 -45.68 1.41
CA HIS A 355 44.15 -46.44 1.45
C HIS A 355 44.30 -47.89 1.92
N GLY A 356 45.53 -48.34 2.15
CA GLY A 356 45.78 -49.71 2.56
C GLY A 356 46.05 -50.67 1.41
N ALA A 357 46.81 -51.71 1.70
CA ALA A 357 47.14 -52.75 0.74
C ALA A 357 45.90 -53.45 0.20
N GLY A 358 45.69 -53.37 -1.11
CA GLY A 358 44.53 -53.98 -1.73
C GLY A 358 43.25 -53.20 -1.47
N GLY A 359 43.37 -52.05 -0.81
CA GLY A 359 42.21 -51.21 -0.53
C GLY A 359 41.04 -52.01 -0.01
N HIS A 360 39.91 -51.88 -0.68
CA HIS A 360 38.64 -52.56 -0.33
C HIS A 360 38.45 -53.93 -1.02
N LEU A 361 39.44 -54.35 -1.79
CA LEU A 361 39.28 -55.54 -2.61
C LEU A 361 39.28 -56.81 -1.78
N GLU A 362 38.60 -57.82 -2.29
CA GLU A 362 38.56 -59.11 -1.61
C GLU A 362 39.97 -59.66 -1.54
N GLY A 363 40.38 -60.08 -0.34
CA GLY A 363 41.75 -60.51 -0.10
C GLY A 363 42.69 -59.42 0.38
N GLY A 364 42.30 -58.15 0.19
CA GLY A 364 43.09 -57.01 0.67
C GLY A 364 43.07 -56.89 2.18
N SER A 365 43.71 -55.85 2.70
CA SER A 365 43.85 -55.67 4.15
C SER A 365 42.80 -54.75 4.78
N GLY A 366 41.91 -54.18 3.96
CA GLY A 366 40.83 -53.35 4.47
C GLY A 366 41.07 -51.89 4.17
N LEU A 367 40.03 -51.24 3.66
CA LEU A 367 40.16 -49.88 3.15
C LEU A 367 40.40 -48.85 4.26
N LEU A 368 41.33 -47.94 4.00
CA LEU A 368 41.55 -46.81 4.88
C LEU A 368 41.34 -45.53 4.11
N ILE A 369 41.03 -44.47 4.87
CA ILE A 369 41.03 -43.11 4.37
C ILE A 369 42.02 -42.33 5.24
N SER A 370 43.18 -41.98 4.67
CA SER A 370 44.25 -41.37 5.45
C SER A 370 43.82 -40.04 6.04
N ASN A 371 44.22 -39.78 7.28
CA ASN A 371 44.12 -38.44 7.86
C ASN A 371 45.42 -37.66 7.79
N CYS A 372 46.41 -38.22 7.10
CA CYS A 372 47.64 -37.52 6.74
C CYS A 372 48.66 -37.43 7.88
N GLU A 373 48.34 -37.93 9.08
CA GLU A 373 49.19 -37.70 10.24
C GLU A 373 50.40 -38.63 10.30
N ARG A 374 50.39 -39.68 9.48
CA ARG A 374 51.54 -40.57 9.37
C ARG A 374 52.75 -39.79 8.91
N CYS A 375 52.53 -38.86 7.97
CA CYS A 375 53.62 -38.17 7.32
C CYS A 375 53.61 -36.65 7.43
N HIS A 376 52.48 -36.06 7.81
CA HIS A 376 52.40 -34.61 7.88
C HIS A 376 52.18 -34.01 9.28
N GLN A 377 52.24 -34.82 10.33
CA GLN A 377 51.93 -34.35 11.67
C GLN A 377 53.18 -33.87 12.42
N ARG A 378 54.05 -34.81 12.81
CA ARG A 378 55.34 -34.53 13.44
C ARG A 378 55.25 -33.75 14.75
N PHE A 379 54.48 -34.30 15.68
CA PHE A 379 54.42 -33.74 17.03
C PHE A 379 55.80 -33.81 17.70
N SER A 380 56.08 -32.79 18.51
CA SER A 380 57.30 -32.74 19.28
C SER A 380 56.95 -32.13 20.63
N TYR A 381 57.17 -32.87 21.71
CA TYR A 381 56.82 -32.40 23.05
C TYR A 381 57.82 -31.34 23.53
N SER A 382 57.31 -30.22 24.03
CA SER A 382 58.17 -29.12 24.50
C SER A 382 58.03 -28.94 26.01
N PRO A 383 59.07 -29.29 26.79
CA PRO A 383 59.01 -29.02 28.23
C PRO A 383 58.79 -27.54 28.57
N ASP A 384 59.32 -26.64 27.73
CA ASP A 384 59.13 -25.20 27.96
C ASP A 384 57.68 -24.78 27.89
N LEU A 385 56.93 -25.29 26.92
CA LEU A 385 55.50 -25.00 26.84
C LEU A 385 54.75 -25.60 28.02
N MET A 386 55.19 -26.77 28.47
CA MET A 386 54.58 -27.44 29.62
C MET A 386 54.67 -26.57 30.88
N ARG A 387 55.82 -25.96 31.11
CA ARG A 387 56.02 -25.10 32.28
C ARG A 387 55.32 -23.73 32.24
N ASN A 388 54.63 -23.39 31.15
CA ASN A 388 53.87 -22.13 31.09
C ASN A 388 52.69 -22.03 32.03
N ASN A 389 52.18 -23.17 32.51
CA ASN A 389 50.99 -23.17 33.34
C ASN A 389 50.94 -24.37 34.26
N PRO A 390 50.74 -24.14 35.57
CA PRO A 390 50.63 -25.28 36.51
C PRO A 390 49.40 -26.18 36.23
N LEU A 391 48.36 -25.63 35.60
CA LEU A 391 47.15 -26.43 35.30
C LEU A 391 47.35 -27.40 34.14
N ASN A 392 48.52 -27.33 33.50
CA ASN A 392 48.93 -28.33 32.52
C ASN A 392 49.27 -29.68 33.13
N ALA A 393 49.41 -29.74 34.45
CA ALA A 393 49.74 -31.01 35.13
C ALA A 393 48.89 -32.15 34.58
N GLY A 394 49.54 -33.23 34.17
CA GLY A 394 48.86 -34.38 33.57
C GLY A 394 48.29 -34.17 32.17
N LYS A 395 48.57 -33.01 31.55
CA LYS A 395 48.07 -32.70 30.19
C LYS A 395 49.20 -32.31 29.22
N PRO A 396 50.17 -33.20 29.02
CA PRO A 396 51.31 -32.88 28.16
C PRO A 396 50.96 -32.68 26.68
N ASP A 397 49.80 -33.15 26.25
CA ASP A 397 49.31 -32.84 24.91
C ASP A 397 49.22 -31.34 24.66
N LEU A 398 48.96 -30.57 25.72
CA LEU A 398 48.90 -29.11 25.62
C LEU A 398 50.26 -28.47 25.38
N ALA A 399 51.34 -29.21 25.62
CA ALA A 399 52.68 -28.70 25.39
C ALA A 399 53.29 -29.28 24.13
N LEU A 400 52.48 -29.82 23.23
CA LEU A 400 53.00 -30.27 21.95
C LEU A 400 53.30 -29.10 21.03
N SER A 401 54.40 -29.23 20.31
CA SER A 401 54.83 -28.30 19.31
C SER A 401 55.05 -29.15 18.06
N SER A 402 55.87 -28.63 17.15
CA SER A 402 56.19 -29.32 15.92
C SER A 402 57.66 -29.72 15.93
N LYS A 403 57.97 -30.80 15.24
CA LYS A 403 59.36 -31.12 14.90
C LYS A 403 60.08 -29.87 14.40
N PHE A 404 61.26 -29.56 14.93
CA PHE A 404 62.08 -28.50 14.34
C PHE A 404 63.35 -29.11 13.77
N LYS A 405 63.70 -28.69 12.55
CA LYS A 405 65.03 -28.97 12.02
C LYS A 405 65.89 -27.79 12.44
N SER A 406 66.65 -28.02 13.50
CA SER A 406 67.44 -26.99 14.15
C SER A 406 66.51 -25.85 14.59
N MET A 407 66.57 -24.70 13.94
CA MET A 407 65.82 -23.53 14.41
C MET A 407 64.59 -23.20 13.57
N GLY A 408 64.31 -24.06 12.59
CA GLY A 408 63.11 -23.90 11.77
C GLY A 408 62.15 -25.04 11.99
N PRO A 409 60.84 -24.76 11.94
CA PRO A 409 59.91 -25.87 12.00
C PRO A 409 60.07 -26.74 10.77
N GLY A 410 60.02 -28.05 10.97
CA GLY A 410 60.38 -28.97 9.90
C GLY A 410 59.27 -29.16 8.89
N CYS A 411 59.66 -29.51 7.68
CA CYS A 411 58.70 -29.97 6.70
C CYS A 411 57.92 -31.14 7.28
N GLY A 412 56.74 -31.37 6.74
CA GLY A 412 55.88 -32.47 7.18
C GLY A 412 55.34 -32.26 8.56
N SER A 413 55.28 -31.01 9.02
CA SER A 413 54.73 -30.70 10.34
C SER A 413 53.46 -29.88 10.27
N GLU A 414 52.84 -29.81 9.10
CA GLU A 414 51.60 -29.06 8.94
C GLU A 414 50.54 -29.47 9.95
N GLY A 415 50.51 -30.75 10.32
CA GLY A 415 49.47 -31.28 11.22
C GLY A 415 49.63 -30.83 12.66
N SER A 416 50.87 -30.86 13.14
CA SER A 416 51.16 -30.41 14.50
C SER A 416 51.01 -28.89 14.57
N GLN A 417 51.23 -28.21 13.45
CA GLN A 417 50.96 -26.77 13.36
C GLN A 417 49.47 -26.51 13.43
N THR A 418 48.68 -27.21 12.62
CA THR A 418 47.25 -26.94 12.56
C THR A 418 46.53 -27.38 13.83
N TYR A 419 47.05 -28.40 14.52
CA TYR A 419 46.46 -28.85 15.79
C TYR A 419 46.24 -27.70 16.80
N PHE A 420 47.06 -26.66 16.74
CA PHE A 420 46.93 -25.51 17.64
C PHE A 420 46.46 -24.27 16.90
N THR A 421 45.48 -24.47 16.02
CA THR A 421 44.85 -23.39 15.28
C THR A 421 43.35 -23.41 15.56
N ALA A 422 42.71 -22.28 15.30
CA ALA A 422 41.26 -22.17 15.44
C ALA A 422 40.57 -23.05 14.40
N HIS A 423 41.16 -23.12 13.19
CA HIS A 423 40.68 -24.05 12.15
C HIS A 423 40.52 -25.48 12.66
N TYR A 424 41.58 -26.07 13.23
CA TYR A 424 41.47 -27.42 13.80
C TYR A 424 40.41 -27.49 14.89
N GLU A 425 40.37 -26.49 15.76
CA GLU A 425 39.35 -26.45 16.80
C GLU A 425 37.93 -26.49 16.21
N LYS A 426 37.72 -25.86 15.06
CA LYS A 426 36.39 -25.80 14.45
C LYS A 426 36.07 -27.00 13.57
N GLY A 427 36.92 -28.02 13.61
CA GLY A 427 36.66 -29.27 12.90
C GLY A 427 37.43 -29.44 11.59
N MET A 428 38.22 -28.45 11.20
CA MET A 428 38.84 -28.49 9.90
C MET A 428 40.08 -29.38 9.92
N ARG A 429 40.26 -30.16 8.86
CA ARG A 429 41.38 -31.08 8.71
C ARG A 429 42.01 -30.84 7.33
N CYS A 430 43.06 -31.58 6.99
CA CYS A 430 43.72 -31.39 5.68
C CYS A 430 42.74 -31.49 4.53
N ALA A 431 41.90 -32.52 4.56
CA ALA A 431 40.98 -32.79 3.47
C ALA A 431 39.85 -31.77 3.34
N THR A 432 39.56 -31.02 4.41
CA THR A 432 38.63 -29.90 4.34
C THR A 432 39.02 -28.92 3.24
N CYS A 433 40.30 -28.57 3.20
CA CYS A 433 40.83 -27.63 2.21
C CYS A 433 41.45 -28.32 1.00
N HIS A 434 42.08 -29.47 1.19
CA HIS A 434 42.90 -30.07 0.13
C HIS A 434 42.21 -31.22 -0.60
N ASP A 435 42.38 -31.27 -1.92
CA ASP A 435 42.15 -32.51 -2.65
C ASP A 435 43.31 -33.42 -2.31
N PRO A 436 43.04 -34.68 -1.91
CA PRO A 436 44.10 -35.55 -1.46
C PRO A 436 44.86 -36.25 -2.58
N HIS A 437 44.42 -36.06 -3.83
CA HIS A 437 45.04 -36.71 -4.97
C HIS A 437 45.92 -35.73 -5.76
N ASP A 438 45.33 -34.59 -6.15
CA ASP A 438 46.00 -33.60 -6.98
C ASP A 438 46.79 -32.60 -6.11
N VAL A 439 47.79 -33.11 -5.40
CA VAL A 439 48.45 -32.32 -4.35
C VAL A 439 49.54 -31.39 -4.85
N THR A 440 49.88 -31.49 -6.13
CA THR A 440 50.97 -30.71 -6.70
C THR A 440 50.48 -29.60 -7.63
N GLY A 441 49.49 -29.91 -8.45
CA GLY A 441 48.86 -28.92 -9.32
C GLY A 441 49.64 -28.67 -10.58
N ASN A 442 49.19 -27.68 -11.35
CA ASN A 442 49.71 -27.46 -12.68
C ASN A 442 50.93 -26.52 -12.65
N VAL A 443 52.01 -26.96 -12.02
CA VAL A 443 53.23 -26.15 -11.96
C VAL A 443 54.18 -26.62 -13.06
N THR A 444 55.12 -25.76 -13.44
CA THR A 444 56.00 -25.98 -14.59
C THR A 444 57.42 -25.51 -14.30
N GLY A 445 58.34 -25.83 -15.19
CA GLY A 445 59.74 -25.47 -15.02
C GLY A 445 60.02 -24.01 -15.33
N GLU A 446 61.29 -23.63 -15.18
CA GLU A 446 61.75 -22.26 -15.42
C GLU A 446 62.54 -22.16 -16.72
N LYS A 447 61.98 -21.45 -17.70
CA LYS A 447 62.60 -21.35 -19.04
C LYS A 447 63.89 -20.50 -19.08
N GLY A 448 64.03 -19.58 -18.13
CA GLY A 448 65.20 -18.69 -18.07
C GLY A 448 66.42 -19.27 -17.38
N ILE A 449 66.30 -20.50 -16.86
CA ILE A 449 67.42 -21.17 -16.21
C ILE A 449 68.28 -21.89 -17.25
N LYS A 450 69.57 -21.57 -17.28
CA LYS A 450 70.53 -22.24 -18.18
C LYS A 450 71.47 -23.10 -17.36
N GLY A 451 71.12 -24.37 -17.18
CA GLY A 451 71.91 -25.29 -16.39
C GLY A 451 72.62 -26.29 -17.26
N VAL A 452 73.61 -26.96 -16.70
CA VAL A 452 74.34 -27.98 -17.43
C VAL A 452 73.47 -29.20 -17.68
N SER A 453 72.57 -29.52 -16.74
CA SER A 453 71.68 -30.67 -16.91
C SER A 453 70.21 -30.35 -16.82
N TYR A 454 69.84 -29.25 -16.16
CA TYR A 454 68.44 -28.93 -15.95
C TYR A 454 67.66 -28.89 -17.26
N ASN A 455 66.46 -29.45 -17.22
CA ASN A 455 65.54 -29.48 -18.34
C ASN A 455 64.21 -28.93 -17.85
N SER A 456 63.82 -27.79 -18.41
CA SER A 456 62.68 -27.02 -17.93
C SER A 456 61.32 -27.56 -18.38
N GLU A 457 61.31 -28.57 -19.25
CA GLU A 457 60.12 -28.94 -19.99
C GLU A 457 59.40 -30.19 -19.46
N GLN A 458 59.68 -30.59 -18.21
CA GLN A 458 59.15 -31.87 -17.72
C GLN A 458 57.98 -31.70 -16.75
N GLY A 459 57.17 -30.69 -16.96
CA GLY A 459 55.99 -30.48 -16.15
C GLY A 459 56.36 -30.19 -14.72
N TYR A 460 55.61 -30.76 -13.79
CA TYR A 460 55.83 -30.50 -12.37
C TYR A 460 57.23 -30.93 -11.93
N LEU A 461 57.78 -31.94 -12.59
CA LEU A 461 59.11 -32.45 -12.23
C LEU A 461 60.18 -31.39 -12.37
N SER A 462 59.97 -30.43 -13.27
CA SER A 462 60.90 -29.33 -13.50
C SER A 462 60.68 -28.14 -12.57
N SER A 463 59.56 -28.13 -11.85
CA SER A 463 59.11 -26.94 -11.15
C SER A 463 59.77 -26.73 -9.78
N LEU A 464 59.98 -25.47 -9.46
CA LEU A 464 60.49 -25.06 -8.17
C LEU A 464 59.37 -24.82 -7.15
N TYR A 465 58.12 -25.05 -7.53
CA TYR A 465 56.97 -24.64 -6.71
C TYR A 465 55.94 -25.74 -6.57
N SER A 466 55.02 -25.52 -5.64
CA SER A 466 53.87 -26.39 -5.48
C SER A 466 52.58 -25.59 -5.49
N LYS A 467 51.54 -26.14 -6.09
CA LYS A 467 50.25 -25.45 -6.19
C LYS A 467 49.14 -26.46 -5.95
N PRO A 468 49.02 -26.95 -4.71
CA PRO A 468 48.04 -28.01 -4.42
C PRO A 468 46.61 -27.61 -4.78
N LYS A 469 45.84 -28.58 -5.28
CA LYS A 469 44.43 -28.36 -5.59
C LYS A 469 43.61 -28.24 -4.31
N LEU A 470 42.83 -27.16 -4.22
CA LEU A 470 42.03 -26.86 -3.04
C LEU A 470 40.53 -27.03 -3.27
N LYS A 471 39.87 -27.63 -2.30
CA LYS A 471 38.41 -27.62 -2.27
C LYS A 471 37.89 -26.29 -1.73
N LYS A 472 38.63 -25.68 -0.80
CA LYS A 472 38.20 -24.42 -0.18
C LYS A 472 39.30 -23.36 -0.28
N GLU A 473 38.91 -22.16 -0.70
CA GLU A 473 39.78 -21.00 -0.62
C GLU A 473 39.39 -20.21 0.64
N CYS A 474 40.30 -19.35 1.13
CA CYS A 474 40.02 -18.51 2.30
C CYS A 474 38.77 -17.66 2.11
N THR A 475 38.59 -17.17 0.89
CA THR A 475 37.45 -16.31 0.57
C THR A 475 36.12 -17.05 0.69
N ASP A 476 36.11 -18.37 0.61
CA ASP A 476 34.86 -19.13 0.78
C ASP A 476 34.26 -18.96 2.17
N CYS A 477 35.11 -18.82 3.18
CA CYS A 477 34.65 -18.77 4.56
C CYS A 477 34.74 -17.39 5.18
N HIS A 478 35.70 -16.59 4.73
CA HIS A 478 35.96 -15.28 5.31
C HIS A 478 35.47 -14.17 4.39
N LYS A 479 34.16 -13.98 4.37
CA LYS A 479 33.49 -13.07 3.43
C LYS A 479 33.85 -11.60 3.65
N GLU A 480 33.88 -11.17 4.90
CA GLU A 480 34.10 -9.76 5.19
C GLU A 480 35.53 -9.37 4.81
N GLN A 481 36.45 -10.26 5.13
CA GLN A 481 37.85 -10.06 4.78
C GLN A 481 38.04 -10.06 3.27
N ALA A 482 37.34 -10.95 2.57
CA ALA A 482 37.42 -11.00 1.12
C ALA A 482 36.89 -9.73 0.50
N TYR A 483 35.78 -9.23 1.06
CA TYR A 483 35.14 -8.05 0.55
C TYR A 483 36.06 -6.84 0.62
N ILE A 484 36.60 -6.57 1.80
CA ILE A 484 37.50 -5.43 1.98
C ILE A 484 38.76 -5.59 1.13
N GLN A 485 39.33 -6.79 1.15
CA GLN A 485 40.58 -7.05 0.44
C GLN A 485 40.43 -7.03 -1.08
N SER A 486 39.18 -7.11 -1.56
CA SER A 486 38.89 -7.05 -3.01
C SER A 486 39.00 -5.63 -3.56
N LYS A 487 38.93 -4.62 -2.70
CA LYS A 487 38.96 -3.23 -3.14
C LYS A 487 40.39 -2.85 -3.55
N ALA A 488 40.51 -2.09 -4.64
CA ALA A 488 41.83 -1.72 -5.20
C ALA A 488 42.68 -0.99 -4.18
N ASP A 489 43.79 -1.61 -3.77
CA ASP A 489 44.71 -1.03 -2.81
C ASP A 489 46.05 -1.75 -2.90
N THR A 490 46.97 -1.34 -2.04
CA THR A 490 48.33 -1.85 -1.97
C THR A 490 48.52 -3.36 -2.18
N HIS A 491 47.79 -4.17 -1.41
CA HIS A 491 47.99 -5.62 -1.44
C HIS A 491 46.82 -6.39 -2.02
N SER A 492 45.87 -5.70 -2.67
CA SER A 492 44.63 -6.35 -3.13
C SER A 492 44.87 -7.40 -4.23
N LYS A 493 45.96 -7.29 -4.97
CA LYS A 493 46.31 -8.31 -5.95
C LYS A 493 46.83 -9.61 -5.31
N ASN A 494 47.37 -9.51 -4.10
CA ASN A 494 48.01 -10.66 -3.45
C ASN A 494 47.02 -11.67 -2.88
N SER A 495 47.42 -12.94 -2.87
CA SER A 495 46.63 -13.98 -2.22
C SER A 495 46.59 -13.78 -0.70
N CYS A 496 45.51 -14.26 -0.09
CA CYS A 496 45.37 -14.29 1.37
C CYS A 496 46.56 -15.01 1.98
N ALA A 497 46.94 -16.14 1.36
CA ALA A 497 48.05 -16.97 1.79
C ALA A 497 49.41 -16.26 1.77
N SER A 498 49.55 -15.24 0.93
CA SER A 498 50.78 -14.45 0.82
C SER A 498 51.23 -13.86 2.15
N CYS A 499 50.32 -13.39 2.98
CA CYS A 499 50.68 -12.89 4.32
C CYS A 499 50.52 -13.98 5.39
N HIS A 500 49.46 -14.77 5.25
CA HIS A 500 49.03 -15.66 6.32
C HIS A 500 49.77 -16.99 6.35
N MET A 501 50.36 -17.38 5.22
CA MET A 501 51.03 -18.69 5.10
C MET A 501 52.42 -18.56 4.50
N PRO A 502 53.34 -17.92 5.25
CA PRO A 502 54.73 -17.80 4.80
C PRO A 502 55.48 -19.12 4.81
N PHE A 503 56.53 -19.21 4.02
CA PHE A 503 57.31 -20.41 3.98
C PHE A 503 58.34 -20.39 5.11
N MET A 504 57.86 -20.76 6.30
CA MET A 504 58.68 -20.76 7.52
C MET A 504 59.48 -22.05 7.71
N MET A 505 59.13 -23.08 6.96
CA MET A 505 59.58 -24.42 7.28
C MET A 505 60.86 -24.79 6.56
N SER A 506 61.70 -25.49 7.31
CA SER A 506 62.96 -26.03 6.81
C SER A 506 62.82 -27.50 6.42
N CYS A 507 63.07 -27.78 5.16
CA CYS A 507 63.12 -29.14 4.66
C CYS A 507 64.55 -29.70 4.78
N GLU A 508 65.52 -28.85 4.50
CA GLU A 508 66.92 -29.26 4.34
C GLU A 508 67.77 -29.31 5.60
N ASN A 509 67.25 -28.80 6.72
CA ASN A 509 68.05 -28.53 7.92
C ASN A 509 69.35 -27.81 7.57
N PHE A 510 69.23 -26.78 6.74
CA PHE A 510 70.37 -25.97 6.36
C PHE A 510 70.58 -24.90 7.44
N TYR A 511 70.96 -25.36 8.62
CA TYR A 511 71.17 -24.52 9.78
C TYR A 511 72.24 -23.44 9.58
N ALA A 512 73.22 -23.67 8.71
CA ALA A 512 74.23 -22.67 8.43
C ALA A 512 73.64 -21.35 7.90
N ILE A 513 72.43 -21.38 7.35
CA ILE A 513 71.80 -20.16 6.84
C ILE A 513 70.51 -19.81 7.57
N GLN A 514 70.22 -20.47 8.67
CA GLN A 514 69.05 -20.14 9.48
C GLN A 514 69.34 -18.95 10.38
N PHE A 515 68.72 -17.82 10.07
CA PHE A 515 68.79 -16.63 10.89
C PHE A 515 67.35 -16.16 11.12
N GLN A 516 66.71 -16.78 12.10
CA GLN A 516 65.26 -16.79 12.16
C GLN A 516 64.63 -15.45 12.53
N ASP A 517 65.38 -14.59 13.22
CA ASP A 517 64.90 -13.22 13.47
C ASP A 517 64.89 -12.38 12.19
N GLN A 518 65.63 -12.81 11.16
CA GLN A 518 65.56 -12.16 9.85
C GLN A 518 64.61 -12.89 8.89
N ALA A 519 63.84 -13.84 9.40
CA ALA A 519 62.84 -14.55 8.61
C ALA A 519 63.42 -15.15 7.32
N GLY A 520 64.63 -15.67 7.44
CA GLY A 520 65.28 -16.46 6.40
C GLY A 520 66.32 -17.34 7.05
N PHE A 521 67.04 -18.14 6.28
CA PHE A 521 66.97 -18.17 4.82
C PHE A 521 66.78 -19.58 4.31
N ASP A 522 66.33 -20.47 5.19
CA ASP A 522 66.13 -21.89 4.92
C ASP A 522 64.62 -22.16 4.92
N THR A 523 63.99 -21.72 3.84
CA THR A 523 62.56 -21.46 3.81
C THR A 523 61.90 -22.11 2.61
N GLN A 524 61.45 -23.33 2.80
CA GLN A 524 61.09 -24.20 1.71
C GLN A 524 59.68 -24.80 1.74
N ARG A 525 59.01 -24.77 2.88
CA ARG A 525 57.63 -25.26 2.99
C ARG A 525 56.74 -24.29 3.75
N ARG A 526 55.43 -24.46 3.56
CA ARG A 526 54.47 -23.44 3.90
C ARG A 526 53.83 -23.65 5.27
N ALA A 527 53.94 -22.65 6.13
CA ALA A 527 53.33 -22.71 7.45
C ALA A 527 51.81 -22.76 7.40
N HIS A 528 51.25 -23.61 8.25
CA HIS A 528 49.82 -23.78 8.37
C HIS A 528 49.42 -23.36 9.78
N ILE A 529 49.47 -22.06 9.99
CA ILE A 529 49.22 -21.45 11.29
C ILE A 529 48.12 -20.40 11.21
N TRP A 530 48.26 -19.53 10.21
CA TRP A 530 47.24 -18.54 9.81
C TRP A 530 47.13 -17.32 10.69
N LYS A 531 47.04 -17.50 12.00
CA LYS A 531 46.97 -16.37 12.91
C LYS A 531 48.23 -15.54 12.76
N ILE A 532 48.07 -14.27 12.43
CA ILE A 532 49.18 -13.32 12.45
C ILE A 532 49.14 -12.53 13.75
N ASP A 533 50.28 -12.47 14.43
CA ASP A 533 50.42 -11.69 15.65
C ASP A 533 50.99 -10.35 15.26
N VAL A 534 50.45 -9.28 15.83
CA VAL A 534 50.92 -7.94 15.55
C VAL A 534 51.66 -7.45 16.79
N ASP A 535 52.98 -7.40 16.70
CA ASP A 535 53.81 -7.17 17.88
C ASP A 535 55.16 -6.63 17.49
N PRO A 536 55.72 -5.72 18.31
CA PRO A 536 57.03 -5.20 17.93
C PRO A 536 58.18 -6.18 18.11
N ALA A 537 57.99 -7.24 18.89
CA ALA A 537 59.12 -8.08 19.28
C ALA A 537 58.87 -9.60 19.39
N ARG A 538 57.69 -10.01 19.84
CA ARG A 538 57.37 -11.43 20.01
C ARG A 538 57.64 -12.26 18.75
N LYS A 539 58.40 -13.36 18.89
CA LYS A 539 58.69 -14.23 17.74
C LYS A 539 57.86 -15.50 17.74
N SER A 540 57.58 -16.04 16.55
CA SER A 540 56.96 -17.36 16.40
C SER A 540 57.89 -18.48 16.86
N LEU A 541 59.18 -18.33 16.54
CA LEU A 541 60.16 -19.38 16.76
C LEU A 541 61.08 -18.97 17.89
N VAL A 542 61.21 -19.82 18.91
CA VAL A 542 62.05 -19.53 20.07
C VAL A 542 62.92 -20.70 20.48
N ALA A 543 64.12 -20.38 20.95
CA ALA A 543 65.05 -21.40 21.44
C ALA A 543 64.49 -22.02 22.70
N GLY A 544 64.88 -23.27 22.93
CA GLY A 544 64.52 -23.96 24.16
C GLY A 544 65.38 -23.45 25.29
N SER A 545 64.88 -23.56 26.52
CA SER A 545 65.60 -23.07 27.69
C SER A 545 66.88 -23.87 27.96
N THR A 546 67.02 -25.04 27.33
CA THR A 546 68.27 -25.82 27.38
C THR A 546 69.37 -25.32 26.44
N SER A 547 69.04 -24.36 25.56
CA SER A 547 69.98 -23.79 24.61
C SER A 547 71.05 -22.96 25.31
N LYS A 548 72.31 -23.21 24.98
CA LYS A 548 73.42 -22.51 25.62
C LYS A 548 74.10 -21.52 24.68
N ASP A 549 73.71 -21.53 23.42
CA ASP A 549 74.24 -20.61 22.42
C ASP A 549 73.11 -20.27 21.45
N PRO A 550 72.95 -18.99 21.09
CA PRO A 550 71.84 -18.65 20.18
C PRO A 550 71.76 -19.44 18.87
N ARG A 551 72.84 -20.12 18.47
CA ARG A 551 72.84 -20.90 17.23
C ARG A 551 73.01 -22.42 17.42
N ASP A 552 72.95 -22.92 18.64
CA ASP A 552 73.10 -24.38 18.86
C ASP A 552 71.84 -25.18 18.50
N GLY A 553 70.71 -24.51 18.35
CA GLY A 553 69.48 -25.14 17.89
C GLY A 553 68.81 -26.10 18.85
N LYS A 554 69.01 -25.93 20.16
CA LYS A 554 68.43 -26.86 21.13
C LYS A 554 66.98 -26.54 21.48
N ASP A 555 66.12 -27.55 21.30
CA ASP A 555 64.71 -27.51 21.74
C ASP A 555 63.92 -26.31 21.25
N TRP A 556 64.16 -25.89 20.02
CA TRP A 556 63.35 -24.84 19.42
C TRP A 556 61.90 -25.31 19.27
N HIS A 557 60.99 -24.35 19.38
CA HIS A 557 59.59 -24.67 19.34
C HIS A 557 58.80 -23.44 18.95
N PHE A 558 57.54 -23.65 18.59
CA PHE A 558 56.62 -22.54 18.33
C PHE A 558 56.18 -21.92 19.65
N GLU A 559 56.19 -20.58 19.72
CA GLU A 559 55.57 -19.88 20.83
C GLU A 559 54.05 -19.94 20.71
N ARG A 560 53.38 -19.88 21.85
CA ARG A 560 51.92 -19.84 21.90
C ARG A 560 51.46 -18.46 22.33
N ASN A 561 50.40 -17.97 21.70
CA ASN A 561 49.83 -16.69 22.07
C ASN A 561 48.87 -16.86 23.25
N GLU A 562 48.16 -15.78 23.59
CA GLU A 562 47.32 -15.75 24.77
C GLU A 562 46.17 -16.76 24.70
N GLU A 563 45.78 -17.12 23.48
CA GLU A 563 44.72 -18.11 23.27
C GLU A 563 45.25 -19.52 23.09
N GLY A 564 46.52 -19.74 23.40
CA GLY A 564 47.14 -21.05 23.27
C GLY A 564 47.36 -21.51 21.84
N ARG A 565 47.47 -20.56 20.91
CA ARG A 565 47.60 -20.90 19.50
C ARG A 565 48.96 -20.50 18.93
N ASN A 566 49.39 -21.23 17.91
CA ASN A 566 50.58 -20.87 17.14
C ASN A 566 50.27 -19.57 16.41
N PHE A 567 51.31 -18.83 16.04
CA PHE A 567 51.10 -17.60 15.30
C PHE A 567 52.28 -17.29 14.41
N VAL A 568 52.04 -16.43 13.44
CA VAL A 568 53.03 -15.93 12.53
C VAL A 568 53.40 -14.51 12.97
N ASP A 569 54.68 -14.27 13.27
CA ASP A 569 55.11 -12.94 13.62
C ASP A 569 55.25 -12.08 12.35
N LEU A 570 55.36 -10.78 12.52
CA LEU A 570 55.26 -9.87 11.38
C LEU A 570 56.47 -9.94 10.46
N MET A 571 57.62 -10.37 10.99
CA MET A 571 58.78 -10.51 10.14
C MET A 571 58.53 -11.64 9.13
N TRP A 572 58.01 -12.76 9.61
CA TRP A 572 57.61 -13.85 8.69
C TRP A 572 56.49 -13.45 7.74
N ALA A 573 55.50 -12.73 8.24
CA ALA A 573 54.33 -12.38 7.44
C ALA A 573 54.63 -11.41 6.30
N CYS A 574 55.61 -10.53 6.50
CA CYS A 574 55.82 -9.41 5.58
C CYS A 574 57.17 -9.38 4.91
N ALA A 575 58.20 -9.90 5.58
CA ALA A 575 59.57 -9.64 5.20
C ALA A 575 60.44 -10.87 4.98
N ARG A 576 59.85 -12.07 5.07
CA ARG A 576 60.59 -13.30 4.87
C ARG A 576 61.32 -13.38 3.54
N THR A 577 62.45 -14.09 3.56
CA THR A 577 63.20 -14.36 2.36
C THR A 577 63.09 -15.83 2.05
N THR A 578 62.72 -16.14 0.82
CA THR A 578 62.52 -17.51 0.38
C THR A 578 62.62 -17.60 -1.12
N TRP A 579 62.88 -18.81 -1.61
CA TRP A 579 62.85 -19.09 -3.04
C TRP A 579 61.88 -20.24 -3.38
N ALA A 580 60.92 -20.49 -2.49
CA ALA A 580 59.91 -21.55 -2.65
C ALA A 580 58.51 -21.01 -2.92
N ASP A 581 58.35 -19.68 -2.90
CA ASP A 581 57.05 -19.01 -2.83
C ASP A 581 56.75 -18.29 -4.15
N LYS A 582 55.84 -18.84 -4.95
CA LYS A 582 55.55 -18.27 -6.27
C LYS A 582 54.83 -16.94 -6.18
N ASP A 583 53.90 -16.82 -5.24
CA ASP A 583 53.20 -15.56 -4.96
C ASP A 583 54.22 -14.45 -4.66
N GLN A 584 55.16 -14.74 -3.77
CA GLN A 584 56.19 -13.77 -3.41
C GLN A 584 56.99 -13.34 -4.63
N ALA A 585 57.43 -14.30 -5.44
CA ALA A 585 58.23 -14.00 -6.63
C ALA A 585 57.43 -13.24 -7.69
N GLU A 586 56.11 -13.41 -7.71
CA GLU A 586 55.25 -12.66 -8.62
C GLU A 586 54.77 -11.33 -8.06
N ALA A 587 55.12 -11.04 -6.79
CA ALA A 587 54.78 -9.77 -6.14
C ALA A 587 56.06 -9.07 -5.66
N LYS A 588 57.04 -9.01 -6.55
CA LYS A 588 58.27 -8.26 -6.38
C LYS A 588 59.15 -8.62 -5.20
N GLY A 589 59.05 -9.87 -4.73
CA GLY A 589 59.83 -10.34 -3.59
C GLY A 589 59.32 -9.89 -2.22
N CYS A 590 58.09 -9.39 -2.19
CA CYS A 590 57.53 -8.72 -1.02
C CYS A 590 58.55 -7.75 -0.42
N HIS A 591 58.82 -7.84 0.88
CA HIS A 591 59.65 -6.85 1.57
C HIS A 591 61.02 -7.37 2.06
N SER A 592 61.43 -8.53 1.57
CA SER A 592 62.73 -9.11 1.88
C SER A 592 63.88 -8.20 1.47
N PRO A 593 64.79 -7.85 2.39
CA PRO A 593 65.95 -7.07 1.96
C PRO A 593 66.82 -7.79 0.93
N VAL A 594 66.62 -9.10 0.79
CA VAL A 594 67.44 -9.92 -0.08
C VAL A 594 66.85 -10.10 -1.47
N VAL A 595 65.55 -10.41 -1.55
CA VAL A 595 64.90 -10.65 -2.85
C VAL A 595 63.88 -9.59 -3.31
N SER A 596 63.61 -8.57 -2.48
CA SER A 596 62.63 -7.55 -2.90
C SER A 596 63.14 -6.72 -4.07
N GLU A 597 62.24 -6.43 -5.00
CA GLU A 597 62.54 -5.50 -6.07
C GLU A 597 61.91 -4.13 -5.79
N LEU A 598 61.27 -4.00 -4.64
CA LEU A 598 60.71 -2.72 -4.23
C LEU A 598 61.83 -1.75 -3.90
N LYS A 599 61.48 -0.47 -3.83
CA LYS A 599 62.43 0.56 -3.40
C LYS A 599 62.96 0.23 -2.02
N GLU A 600 64.18 0.70 -1.74
CA GLU A 600 64.92 0.24 -0.57
C GLU A 600 64.24 0.56 0.76
N THR A 601 63.41 1.59 0.80
CA THR A 601 62.69 1.96 2.01
C THR A 601 61.54 1.00 2.34
N LEU A 602 61.19 0.11 1.40
CA LEU A 602 60.22 -0.93 1.65
C LEU A 602 60.87 -2.30 1.81
N HIS A 603 62.18 -2.30 2.05
CA HIS A 603 62.89 -3.51 2.48
C HIS A 603 62.85 -3.54 4.00
N PHE A 604 62.11 -4.48 4.57
CA PHE A 604 61.92 -4.50 6.01
C PHE A 604 63.04 -5.29 6.67
N LYS A 605 63.85 -4.60 7.47
CA LYS A 605 65.08 -5.18 8.01
C LYS A 605 64.93 -5.70 9.43
N ASP A 606 63.87 -5.34 10.12
CA ASP A 606 63.62 -5.90 11.45
C ASP A 606 62.15 -5.85 11.78
N GLN A 607 61.77 -6.61 12.78
CA GLN A 607 60.37 -6.74 13.14
C GLN A 607 59.75 -5.41 13.61
N LYS A 608 60.54 -4.59 14.30
CA LYS A 608 60.01 -3.32 14.81
C LYS A 608 59.63 -2.39 13.67
N GLN A 609 60.43 -2.41 12.61
CA GLN A 609 60.11 -1.65 11.41
C GLN A 609 58.77 -2.10 10.81
N VAL A 610 58.56 -3.42 10.73
CA VAL A 610 57.33 -3.94 10.16
C VAL A 610 56.15 -3.55 11.05
N TYR A 611 56.33 -3.69 12.35
CA TYR A 611 55.31 -3.27 13.32
C TYR A 611 54.97 -1.79 13.17
N ASN A 612 55.98 -0.96 12.93
CA ASN A 612 55.73 0.46 12.69
C ASN A 612 54.88 0.72 11.46
N GLU A 613 55.08 -0.08 10.41
CA GLU A 613 54.26 0.05 9.21
C GLU A 613 52.83 -0.38 9.50
N VAL A 614 52.67 -1.47 10.24
CA VAL A 614 51.35 -1.98 10.56
C VAL A 614 50.60 -0.95 11.41
N MET A 615 51.28 -0.37 12.39
CA MET A 615 50.67 0.61 13.27
C MET A 615 50.32 1.92 12.55
N GLY A 616 51.05 2.24 11.49
CA GLY A 616 50.75 3.40 10.68
C GLY A 616 49.36 3.32 10.09
N TRP A 617 48.91 2.11 9.81
CA TRP A 617 47.58 1.86 9.33
C TRP A 617 46.59 1.54 10.43
N GLN A 618 47.01 0.78 11.43
CA GLN A 618 46.08 0.30 12.45
C GLN A 618 45.70 1.34 13.50
N THR A 619 46.63 2.21 13.85
CA THR A 619 46.35 3.23 14.85
C THR A 619 45.24 4.20 14.42
N PRO A 620 45.38 4.82 13.22
CA PRO A 620 44.27 5.67 12.77
C PRO A 620 42.94 4.94 12.60
N VAL A 621 42.96 3.68 12.17
CA VAL A 621 41.71 2.93 12.02
C VAL A 621 41.04 2.69 13.38
N LYS A 622 41.82 2.25 14.36
CA LYS A 622 41.31 1.98 15.70
C LYS A 622 40.87 3.26 16.41
N ASP A 623 41.59 4.35 16.23
CA ASP A 623 41.19 5.64 16.82
C ASP A 623 39.81 6.09 16.32
N LYS A 624 39.63 6.10 15.00
CA LYS A 624 38.33 6.46 14.42
C LYS A 624 37.25 5.45 14.77
N PHE A 625 37.61 4.18 14.80
CA PHE A 625 36.69 3.13 15.17
C PHE A 625 36.14 3.38 16.57
N THR A 626 37.02 3.75 17.49
CA THR A 626 36.63 4.00 18.88
C THR A 626 35.73 5.24 18.99
N GLN A 627 36.12 6.33 18.32
CA GLN A 627 35.32 7.57 18.30
C GLN A 627 33.89 7.30 17.88
N VAL A 628 33.76 6.53 16.80
CA VAL A 628 32.45 6.21 16.25
C VAL A 628 31.60 5.47 17.27
N LYS A 629 32.17 4.47 17.94
CA LYS A 629 31.44 3.68 18.93
C LYS A 629 31.08 4.52 20.14
N VAL A 630 32.01 5.36 20.56
CA VAL A 630 31.78 6.33 21.63
C VAL A 630 30.62 7.25 21.26
N GLY A 631 30.63 7.74 20.02
CA GLY A 631 29.55 8.57 19.51
C GLY A 631 28.22 7.84 19.50
N ILE A 632 28.21 6.61 18.99
CA ILE A 632 26.99 5.82 18.91
C ILE A 632 26.34 5.61 20.27
N GLN A 633 27.13 5.52 21.33
CA GLN A 633 26.57 5.41 22.69
C GLN A 633 26.20 6.77 23.25
N GLY A 634 27.05 7.76 23.01
CA GLY A 634 26.73 9.15 23.33
C GLY A 634 25.34 9.51 22.87
N LEU A 635 24.93 9.00 21.71
CA LEU A 635 23.64 9.36 21.12
C LEU A 635 22.48 8.41 21.49
N TYR A 636 22.72 7.10 21.54
CA TYR A 636 21.68 6.14 21.95
C TYR A 636 21.14 6.47 23.34
N SER A 637 22.05 6.72 24.28
CA SER A 637 21.66 7.05 25.65
C SER A 637 21.01 8.43 25.73
N LEU A 638 21.55 9.39 24.99
CA LEU A 638 21.03 10.77 25.00
C LEU A 638 19.68 10.90 24.29
N LEU A 639 19.18 9.81 23.70
CA LEU A 639 17.81 9.78 23.18
C LEU A 639 16.78 9.46 24.26
N GLU A 640 17.20 9.42 25.53
CA GLU A 640 16.26 9.36 26.65
C GLU A 640 16.17 10.69 27.37
N VAL A 641 17.18 11.53 27.22
CA VAL A 641 17.25 12.82 27.91
C VAL A 641 16.76 13.97 27.04
N LYS A 642 16.37 13.69 25.80
CA LYS A 642 15.82 14.74 24.94
C LYS A 642 14.70 14.29 24.01
N LYS A 643 13.72 15.17 23.84
CA LYS A 643 12.72 15.05 22.79
C LYS A 643 13.22 15.80 21.57
N LEU A 644 12.88 15.29 20.39
CA LEU A 644 13.22 15.93 19.13
C LEU A 644 11.99 15.96 18.25
N ALA A 645 11.94 16.94 17.35
CA ALA A 645 10.94 16.92 16.30
C ALA A 645 11.09 15.58 15.58
N PRO A 646 10.00 14.78 15.51
CA PRO A 646 10.05 13.46 14.88
C PRO A 646 10.98 13.33 13.66
N SER A 647 11.02 14.36 12.80
CA SER A 647 11.88 14.35 11.61
C SER A 647 13.39 14.38 11.91
N ASP A 648 13.77 14.95 13.05
CA ASP A 648 15.15 14.97 13.51
C ASP A 648 15.51 13.67 14.23
N LYS A 649 14.56 13.13 14.97
CA LYS A 649 14.73 11.85 15.65
C LYS A 649 15.03 10.76 14.64
N THR A 650 14.27 10.77 13.55
CA THR A 650 14.46 9.83 12.44
C THR A 650 15.90 9.90 11.97
N ARG A 651 16.37 11.12 11.72
CA ARG A 651 17.69 11.35 11.17
C ARG A 651 18.80 10.86 12.10
N VAL A 652 18.67 11.14 13.39
CA VAL A 652 19.66 10.70 14.38
C VAL A 652 19.73 9.18 14.46
N TYR A 653 18.58 8.52 14.54
CA TYR A 653 18.47 7.05 14.50
C TYR A 653 19.15 6.51 13.25
N GLU A 654 18.75 7.05 12.13
CA GLU A 654 19.18 6.61 10.82
C GLU A 654 20.70 6.65 10.71
N LEU A 655 21.30 7.75 11.16
CA LEU A 655 22.73 7.95 11.05
C LEU A 655 23.55 7.02 11.92
N ILE A 656 23.12 6.80 13.16
CA ILE A 656 23.86 5.93 14.07
C ILE A 656 23.66 4.45 13.73
N GLU A 657 22.55 4.14 13.05
CA GLU A 657 22.29 2.80 12.54
C GLU A 657 23.22 2.50 11.38
N LYS A 658 23.41 3.47 10.49
CA LYS A 658 24.37 3.32 9.41
C LYS A 658 25.83 3.31 9.92
N ALA A 659 26.10 4.07 10.99
CA ALA A 659 27.41 4.09 11.61
C ALA A 659 27.72 2.75 12.26
N GLN A 660 26.68 2.15 12.85
CA GLN A 660 26.78 0.83 13.47
C GLN A 660 27.07 -0.27 12.44
N ASP A 661 26.53 -0.14 11.24
CA ASP A 661 26.86 -1.07 10.14
C ASP A 661 28.35 -1.09 9.82
N THR A 662 28.97 0.09 9.82
CA THR A 662 30.39 0.23 9.57
C THR A 662 31.23 -0.38 10.69
N VAL A 663 30.84 -0.13 11.93
CA VAL A 663 31.50 -0.69 13.10
C VAL A 663 31.50 -2.21 13.03
N ASP A 664 30.34 -2.79 12.72
CA ASP A 664 30.19 -4.25 12.66
C ASP A 664 31.05 -4.87 11.57
N LEU A 665 31.08 -4.24 10.40
CA LEU A 665 31.91 -4.74 9.30
C LEU A 665 33.39 -4.74 9.67
N ILE A 666 33.84 -3.67 10.30
CA ILE A 666 35.26 -3.52 10.66
C ILE A 666 35.66 -4.43 11.81
N GLU A 667 34.82 -4.52 12.83
CA GLU A 667 35.05 -5.46 13.94
C GLU A 667 35.08 -6.91 13.43
N LYS A 668 34.13 -7.24 12.57
CA LYS A 668 34.08 -8.57 11.98
C LYS A 668 35.30 -8.83 11.09
N ASP A 669 35.69 -7.85 10.27
CA ASP A 669 36.88 -7.99 9.44
C ASP A 669 38.10 -8.28 10.30
N GLY A 670 38.29 -7.43 11.30
CA GLY A 670 39.30 -7.66 12.31
C GLY A 670 40.74 -7.37 11.92
N SER A 671 40.99 -6.79 10.75
CA SER A 671 42.36 -6.48 10.34
C SER A 671 42.78 -5.04 10.64
N TRP A 672 41.82 -4.22 11.08
CA TRP A 672 42.06 -2.81 11.43
C TRP A 672 42.79 -2.05 10.35
N GLY A 673 42.41 -2.32 9.09
CA GLY A 673 42.97 -1.65 7.93
C GLY A 673 44.01 -2.45 7.15
N MET A 674 44.45 -3.58 7.68
CA MET A 674 45.50 -4.35 7.01
C MET A 674 44.99 -5.11 5.78
N HIS A 675 43.69 -5.31 5.69
CA HIS A 675 43.09 -5.90 4.49
C HIS A 675 42.70 -4.85 3.44
N GLY A 676 42.99 -3.59 3.69
CA GLY A 676 42.62 -2.53 2.77
C GLY A 676 42.38 -1.24 3.51
N PHE A 677 43.46 -0.48 3.69
CA PHE A 677 43.40 0.77 4.41
C PHE A 677 42.49 1.79 3.74
N LYS A 678 42.63 1.94 2.42
CA LYS A 678 41.87 2.96 1.70
C LYS A 678 40.36 2.78 1.91
N TYR A 679 39.84 1.59 1.66
CA TYR A 679 38.41 1.34 1.83
C TYR A 679 37.96 1.40 3.28
N THR A 680 38.79 0.88 4.17
CA THR A 680 38.46 0.85 5.61
C THR A 680 38.38 2.28 6.15
N LYS A 681 39.28 3.14 5.66
CA LYS A 681 39.28 4.56 5.96
C LYS A 681 38.08 5.27 5.34
N GLN A 682 37.74 4.94 4.09
CA GLN A 682 36.55 5.51 3.43
C GLN A 682 35.30 5.28 4.27
N ARG A 683 35.13 4.05 4.74
CA ARG A 683 33.98 3.72 5.56
C ARG A 683 34.01 4.43 6.89
N LEU A 684 35.18 4.49 7.52
CA LEU A 684 35.29 5.13 8.84
C LEU A 684 35.13 6.64 8.76
N ASP A 685 35.59 7.24 7.66
CA ASP A 685 35.39 8.66 7.43
C ASP A 685 33.91 8.97 7.30
N ALA A 686 33.20 8.16 6.50
CA ALA A 686 31.76 8.30 6.40
C ALA A 686 31.11 8.22 7.78
N ALA A 687 31.47 7.20 8.56
CA ALA A 687 30.80 6.95 9.83
C ALA A 687 31.02 8.09 10.83
N VAL A 688 32.20 8.72 10.82
CA VAL A 688 32.41 9.83 11.73
C VAL A 688 31.62 11.06 11.27
N GLU A 689 31.41 11.20 9.96
CA GLU A 689 30.52 12.24 9.43
C GLU A 689 29.09 12.00 9.89
N TYR A 690 28.68 10.74 9.91
CA TYR A 690 27.33 10.41 10.35
C TYR A 690 27.14 10.82 11.79
N ILE A 691 28.11 10.47 12.62
CA ILE A 691 28.08 10.78 14.04
C ILE A 691 28.13 12.30 14.27
N ASN A 692 28.87 13.03 13.45
CA ASN A 692 28.94 14.49 13.58
C ASN A 692 27.66 15.15 13.11
N GLU A 693 27.09 14.65 12.02
CA GLU A 693 25.81 15.14 11.55
C GLU A 693 24.76 14.94 12.64
N ALA A 694 24.72 13.75 13.22
CA ALA A 694 23.77 13.44 14.30
C ALA A 694 24.00 14.29 15.55
N GLN A 695 25.26 14.51 15.89
CA GLN A 695 25.61 15.34 17.05
C GLN A 695 25.23 16.80 16.85
N ARG A 696 25.33 17.28 15.62
CA ARG A 696 24.97 18.64 15.27
C ARG A 696 23.47 18.82 15.52
N ILE A 697 22.71 17.82 15.07
CA ILE A 697 21.26 17.83 15.21
C ILE A 697 20.84 17.85 16.68
N MET A 698 21.37 16.93 17.47
CA MET A 698 21.08 16.89 18.91
C MET A 698 21.33 18.23 19.60
N LYS A 699 22.30 19.00 19.10
CA LYS A 699 22.59 20.31 19.68
C LYS A 699 21.44 21.29 19.52
N LYS A 700 20.94 21.44 18.28
CA LYS A 700 19.86 22.40 18.00
C LYS A 700 18.65 22.29 18.94
N SER A 701 18.43 21.11 19.52
CA SER A 701 17.51 20.98 20.65
C SER A 701 18.13 21.60 21.90
N MET B 43 29.51 -70.17 -31.23
CA MET B 43 29.28 -69.24 -30.09
C MET B 43 30.50 -69.18 -29.17
N GLN B 44 30.93 -67.97 -28.84
CA GLN B 44 32.05 -67.80 -27.94
C GLN B 44 32.04 -66.45 -27.25
N MET B 45 32.87 -66.32 -26.22
CA MET B 45 33.06 -65.06 -25.51
C MET B 45 33.75 -64.05 -26.42
N THR B 46 33.65 -62.77 -26.05
CA THR B 46 34.21 -61.70 -26.86
C THR B 46 35.73 -61.88 -26.97
N LYS B 47 36.31 -61.28 -28.00
CA LYS B 47 37.76 -61.36 -28.22
C LYS B 47 38.55 -60.74 -27.06
N GLU B 48 38.06 -59.63 -26.51
CA GLU B 48 38.76 -58.97 -25.41
C GLU B 48 38.85 -59.88 -24.18
N ALA B 49 37.75 -60.58 -23.88
CA ALA B 49 37.74 -61.54 -22.77
C ALA B 49 38.69 -62.71 -23.02
N ARG B 50 38.71 -63.20 -24.25
CA ARG B 50 39.56 -64.35 -24.61
C ARG B 50 41.05 -64.02 -24.53
N GLU B 51 41.40 -62.79 -24.89
CA GLU B 51 42.79 -62.35 -24.78
C GLU B 51 43.23 -62.32 -23.33
N ILE B 52 42.38 -61.79 -22.46
CA ILE B 52 42.71 -61.70 -21.04
C ILE B 52 42.74 -63.10 -20.42
N ILE B 53 41.78 -63.94 -20.77
CA ILE B 53 41.80 -65.33 -20.32
C ILE B 53 43.06 -66.05 -20.78
N ALA B 54 43.48 -65.79 -22.02
CA ALA B 54 44.72 -66.38 -22.56
C ALA B 54 45.98 -65.87 -21.86
N HIS B 55 46.00 -64.59 -21.50
CA HIS B 55 47.18 -63.98 -20.87
C HIS B 55 46.78 -63.04 -19.74
N PRO B 56 46.36 -63.63 -18.60
CA PRO B 56 45.79 -62.83 -17.53
C PRO B 56 46.86 -62.16 -16.69
N LYS B 57 46.65 -60.89 -16.34
CA LYS B 57 47.57 -60.18 -15.44
C LYS B 57 46.86 -59.67 -14.17
N GLY B 58 45.98 -60.50 -13.63
CA GLY B 58 45.31 -60.18 -12.37
C GLY B 58 46.22 -60.41 -11.18
N THR B 59 45.68 -60.23 -9.98
CA THR B 59 46.46 -60.31 -8.76
C THR B 59 46.01 -61.40 -7.80
N LYS B 60 44.94 -62.12 -8.17
CA LYS B 60 44.39 -63.10 -7.25
C LYS B 60 45.39 -64.20 -6.91
N GLU B 61 46.04 -64.79 -7.91
CA GLU B 61 47.00 -65.87 -7.66
C GLU B 61 48.35 -65.34 -7.16
N SER B 62 48.83 -64.25 -7.75
CA SER B 62 50.15 -63.72 -7.42
C SER B 62 50.20 -62.97 -6.09
N ARG B 63 49.09 -62.35 -5.69
CA ARG B 63 49.06 -61.51 -4.48
C ARG B 63 47.97 -61.91 -3.47
N GLY B 64 47.03 -62.76 -3.87
CA GLY B 64 45.88 -63.09 -3.03
C GLY B 64 44.88 -61.95 -2.94
N VAL B 65 44.88 -61.06 -3.91
CA VAL B 65 43.95 -59.93 -3.92
C VAL B 65 43.30 -59.92 -5.29
N ILE B 66 41.98 -59.85 -5.33
CA ILE B 66 41.26 -59.86 -6.60
C ILE B 66 41.24 -58.47 -7.22
N SER B 67 41.64 -58.36 -8.48
CA SER B 67 41.64 -57.08 -9.21
C SER B 67 40.90 -57.25 -10.54
N LEU B 68 40.88 -56.21 -11.36
CA LEU B 68 39.97 -56.15 -12.49
C LEU B 68 40.07 -57.37 -13.40
N GLN B 69 41.29 -57.73 -13.81
CA GLN B 69 41.46 -58.80 -14.79
C GLN B 69 40.99 -60.16 -14.28
N ASP B 70 41.04 -60.36 -12.97
CA ASP B 70 40.52 -61.60 -12.38
C ASP B 70 39.02 -61.76 -12.60
N TYR B 71 38.28 -60.64 -12.55
CA TYR B 71 36.85 -60.66 -12.79
C TYR B 71 36.52 -61.02 -14.24
N ILE B 72 37.33 -60.57 -15.19
CA ILE B 72 37.09 -60.94 -16.57
C ILE B 72 37.22 -62.46 -16.70
N VAL B 73 38.31 -62.99 -16.19
CA VAL B 73 38.64 -64.44 -16.25
C VAL B 73 37.58 -65.37 -15.65
N GLU B 74 36.97 -64.95 -14.54
CA GLU B 74 36.09 -65.83 -13.77
C GLU B 74 34.76 -66.13 -14.47
N GLU B 75 34.45 -65.38 -15.51
CA GLU B 75 33.20 -65.54 -16.26
C GLU B 75 33.18 -66.68 -17.26
N GLN B 76 34.31 -67.31 -17.52
CA GLN B 76 34.38 -68.30 -18.59
C GLN B 76 33.35 -69.42 -18.41
N ALA B 77 33.26 -69.97 -17.20
CA ALA B 77 32.35 -71.08 -16.89
C ALA B 77 30.88 -70.74 -17.14
N MET B 78 30.48 -69.51 -16.83
CA MET B 78 29.08 -69.11 -16.99
C MET B 78 28.69 -69.12 -18.45
N TYR B 79 29.54 -68.56 -19.31
CA TYR B 79 29.23 -68.50 -20.73
C TYR B 79 29.26 -69.90 -21.37
N ASP B 80 30.21 -70.74 -21.00
CA ASP B 80 30.24 -72.12 -21.51
C ASP B 80 28.94 -72.82 -21.14
N TRP B 81 28.49 -72.63 -19.89
CA TRP B 81 27.23 -73.20 -19.42
C TRP B 81 26.06 -72.69 -20.23
N LEU B 82 26.00 -71.38 -20.47
CA LEU B 82 24.89 -70.77 -21.21
C LEU B 82 24.84 -71.25 -22.65
N PHE B 83 26.01 -71.42 -23.26
CA PHE B 83 26.10 -71.89 -24.64
C PHE B 83 25.58 -73.32 -24.80
N LYS B 84 25.64 -74.10 -23.72
CA LYS B 84 25.15 -75.49 -23.73
C LYS B 84 23.73 -75.64 -23.20
N ASN B 85 23.30 -74.76 -22.30
CA ASN B 85 22.09 -74.99 -21.51
C ASN B 85 20.95 -73.99 -21.69
N HIS B 86 21.18 -72.86 -22.34
CA HIS B 86 20.11 -71.89 -22.52
C HIS B 86 19.10 -72.35 -23.61
N PRO B 87 17.79 -72.15 -23.36
CA PRO B 87 16.72 -72.57 -24.28
C PRO B 87 16.90 -72.19 -25.73
N ILE B 88 17.46 -71.02 -25.97
CA ILE B 88 17.82 -70.59 -27.33
C ILE B 88 18.59 -71.69 -28.05
N PHE B 89 19.41 -72.43 -27.31
CA PHE B 89 20.18 -73.52 -27.91
C PHE B 89 19.54 -74.88 -27.72
N THR B 90 19.06 -75.18 -26.52
CA THR B 90 18.51 -76.50 -26.24
C THR B 90 17.16 -76.75 -26.93
N LYS B 91 16.37 -75.70 -27.13
CA LYS B 91 15.01 -75.84 -27.66
C LYS B 91 14.77 -75.13 -29.00
N TYR B 92 15.57 -74.12 -29.33
CA TYR B 92 15.36 -73.36 -30.57
C TYR B 92 16.50 -73.55 -31.56
N GLY B 93 17.38 -74.51 -31.29
CA GLY B 93 18.49 -74.85 -32.18
C GLY B 93 19.49 -73.73 -32.43
N GLY B 94 19.55 -72.77 -31.52
CA GLY B 94 20.37 -71.59 -31.72
C GLY B 94 19.83 -70.66 -32.79
N LYS B 95 18.60 -70.89 -33.24
CA LYS B 95 18.01 -70.06 -34.29
C LYS B 95 17.22 -68.94 -33.65
N THR B 96 17.43 -67.73 -34.16
CA THR B 96 16.75 -66.54 -33.68
C THR B 96 16.52 -65.60 -34.86
N VAL B 97 15.46 -64.80 -34.80
CA VAL B 97 15.24 -63.78 -35.81
C VAL B 97 16.01 -62.55 -35.35
N GLY B 98 17.13 -62.30 -36.03
CA GLY B 98 18.10 -61.29 -35.62
C GLY B 98 19.29 -61.99 -34.99
N LYS B 99 20.50 -61.49 -35.23
CA LYS B 99 21.69 -62.21 -34.79
C LYS B 99 22.01 -62.05 -33.30
N LEU B 100 22.58 -63.10 -32.72
CA LEU B 100 23.02 -63.10 -31.32
C LEU B 100 24.37 -62.42 -31.24
N VAL B 101 24.53 -61.52 -30.29
CA VAL B 101 25.78 -60.81 -30.06
C VAL B 101 26.18 -60.97 -28.61
N VAL B 102 27.21 -61.79 -28.38
CA VAL B 102 27.74 -62.01 -27.04
C VAL B 102 28.36 -60.72 -26.51
N LYS B 103 28.03 -60.38 -25.27
CA LYS B 103 28.54 -59.16 -24.64
C LYS B 103 28.88 -59.45 -23.18
N ASP B 104 30.09 -59.96 -22.95
CA ASP B 104 30.54 -60.35 -21.61
C ASP B 104 31.34 -59.21 -20.96
N ARG B 105 31.94 -59.46 -19.79
CA ARG B 105 32.70 -58.43 -19.06
C ARG B 105 33.92 -57.89 -19.82
N GLY B 106 34.53 -58.75 -20.62
CA GLY B 106 35.65 -58.38 -21.46
C GLY B 106 35.36 -57.19 -22.33
N GLU B 107 34.11 -57.01 -22.73
CA GLU B 107 33.73 -55.80 -23.47
C GLU B 107 33.10 -54.73 -22.57
N GLU B 108 32.21 -55.15 -21.69
CA GLU B 108 31.51 -54.18 -20.83
C GLU B 108 32.44 -53.46 -19.85
N TRP B 109 33.31 -54.20 -19.17
CA TRP B 109 34.16 -53.64 -18.12
C TRP B 109 35.52 -53.12 -18.65
N ILE B 110 35.86 -53.43 -19.89
CA ILE B 110 37.16 -53.05 -20.47
C ILE B 110 37.02 -52.04 -21.62
N GLU B 111 36.18 -52.36 -22.61
CA GLU B 111 36.06 -51.54 -23.82
C GLU B 111 35.14 -50.33 -23.69
N GLU B 112 34.11 -50.41 -22.85
CA GLU B 112 33.11 -49.35 -22.80
C GLU B 112 33.72 -48.01 -22.40
N GLY B 113 33.07 -46.93 -22.83
CA GLY B 113 33.54 -45.58 -22.57
C GLY B 113 34.89 -45.31 -23.18
N ARG B 114 35.18 -45.97 -24.30
CA ARG B 114 36.47 -45.90 -24.97
C ARG B 114 37.65 -46.10 -24.00
N GLY B 115 37.50 -47.08 -23.12
CA GLY B 115 38.55 -47.43 -22.17
C GLY B 115 39.91 -47.69 -22.79
N ASN B 116 39.92 -48.30 -23.96
CA ASN B 116 41.19 -48.60 -24.66
C ASN B 116 41.90 -47.34 -25.17
N ASP B 117 41.14 -46.34 -25.61
CA ASP B 117 41.72 -45.07 -26.02
C ASP B 117 42.21 -44.25 -24.82
N PHE B 118 41.47 -44.30 -23.71
CA PHE B 118 41.92 -43.68 -22.48
C PHE B 118 43.24 -44.30 -22.03
N SER B 119 43.30 -45.63 -22.08
CA SER B 119 44.50 -46.35 -21.67
C SER B 119 45.72 -45.96 -22.50
N LYS B 120 45.53 -45.81 -23.81
CA LYS B 120 46.63 -45.42 -24.71
C LYS B 120 47.04 -43.96 -24.55
N ALA B 121 46.11 -43.13 -24.09
CA ALA B 121 46.38 -41.72 -23.82
C ALA B 121 47.03 -41.48 -22.46
N SER B 122 47.09 -42.53 -21.62
CA SER B 122 47.65 -42.43 -20.27
C SER B 122 49.07 -42.98 -20.22
N LYS B 123 49.88 -42.41 -19.32
CA LYS B 123 51.19 -42.96 -19.02
C LYS B 123 51.14 -44.23 -18.17
N ARG B 124 50.00 -44.50 -17.53
CA ARG B 124 49.81 -45.72 -16.76
C ARG B 124 50.14 -46.96 -17.60
N SER B 125 50.98 -47.83 -17.03
CA SER B 125 51.43 -49.07 -17.68
C SER B 125 51.93 -48.82 -19.12
N GLY B 126 52.65 -47.73 -19.31
CA GLY B 126 53.18 -47.35 -20.62
C GLY B 126 52.14 -47.24 -21.73
N GLY B 127 50.90 -46.91 -21.36
CA GLY B 127 49.79 -46.82 -22.32
C GLY B 127 49.26 -48.15 -22.82
N GLU B 128 49.70 -49.23 -22.19
CA GLU B 128 49.40 -50.59 -22.62
C GLU B 128 48.45 -51.28 -21.64
N GLY B 129 47.84 -50.51 -20.75
CA GLY B 129 46.99 -51.08 -19.70
C GLY B 129 45.54 -51.15 -20.11
N PHE B 130 44.69 -51.48 -19.15
CA PHE B 130 43.24 -51.46 -19.31
C PHE B 130 42.63 -50.40 -18.40
N SER B 131 41.49 -49.87 -18.83
CA SER B 131 40.77 -48.87 -18.05
C SER B 131 39.28 -49.19 -18.03
N SER B 132 38.77 -49.54 -16.86
CA SER B 132 37.34 -49.78 -16.66
C SER B 132 36.65 -48.46 -16.34
N MET B 133 35.98 -47.90 -17.35
CA MET B 133 35.46 -46.55 -17.30
C MET B 133 34.11 -46.43 -16.60
N MET B 134 33.28 -47.47 -16.72
CA MET B 134 31.88 -47.42 -16.30
C MET B 134 31.42 -48.54 -15.41
N TYR B 135 31.87 -49.75 -15.73
CA TYR B 135 31.26 -50.97 -15.19
C TYR B 135 32.31 -51.85 -14.54
N ARG B 136 32.23 -51.92 -13.22
CA ARG B 136 33.11 -52.76 -12.41
C ARG B 136 32.53 -52.84 -11.00
N VAL B 137 32.92 -53.86 -10.25
CA VAL B 137 32.50 -54.01 -8.87
C VAL B 137 33.65 -53.71 -7.91
N ALA B 138 33.33 -53.56 -6.63
CA ALA B 138 34.30 -53.27 -5.59
C ALA B 138 34.67 -54.51 -4.80
N ARG B 139 33.75 -55.46 -4.75
CA ARG B 139 33.85 -56.65 -3.93
C ARG B 139 33.60 -57.88 -4.80
N ASN B 140 33.39 -59.04 -4.21
CA ASN B 140 33.17 -60.23 -5.02
C ASN B 140 31.94 -60.08 -5.89
N SER B 141 31.97 -60.77 -7.04
CA SER B 141 30.82 -60.78 -7.92
C SER B 141 29.90 -61.94 -7.57
N THR B 142 28.77 -62.03 -8.27
CA THR B 142 27.80 -63.08 -8.02
C THR B 142 28.29 -64.47 -8.43
N LEU B 143 29.51 -64.59 -8.93
CA LEU B 143 30.08 -65.91 -9.26
C LEU B 143 30.85 -66.54 -8.11
N GLN B 144 31.07 -65.81 -7.02
CA GLN B 144 31.77 -66.39 -5.88
C GLN B 144 30.81 -67.02 -4.92
N TYR B 145 31.10 -68.27 -4.56
CA TYR B 145 30.32 -68.99 -3.58
C TYR B 145 31.25 -69.72 -2.63
N PRO B 146 30.92 -69.70 -1.33
CA PRO B 146 29.81 -68.98 -0.74
C PRO B 146 30.12 -67.48 -0.66
N ASN B 147 29.11 -66.65 -0.38
CA ASN B 147 29.34 -65.25 -0.04
C ASN B 147 28.93 -64.99 1.42
N LYS B 148 29.24 -63.79 1.91
CA LYS B 148 28.94 -63.43 3.29
C LYS B 148 27.70 -62.55 3.44
N PHE B 149 26.85 -62.50 2.42
CA PHE B 149 25.61 -61.72 2.54
C PHE B 149 24.66 -62.38 3.52
N ILE B 150 24.07 -61.56 4.38
CA ILE B 150 23.05 -62.00 5.35
C ILE B 150 21.65 -61.44 5.02
N GLY B 151 21.57 -60.49 4.09
CA GLY B 151 20.29 -59.94 3.68
C GLY B 151 19.88 -58.72 4.47
N PRO B 152 19.16 -57.79 3.83
CA PRO B 152 18.83 -56.50 4.45
C PRO B 152 17.91 -56.60 5.66
N GLU B 153 17.07 -57.62 5.68
CA GLU B 153 16.20 -57.88 6.83
C GLU B 153 16.99 -58.15 8.11
N LYS B 154 18.22 -58.63 7.96
CA LYS B 154 19.09 -58.87 9.13
C LYS B 154 19.78 -57.59 9.61
N CYS B 155 20.26 -56.75 8.70
CA CYS B 155 20.67 -55.39 9.07
C CYS B 155 19.53 -54.68 9.77
N GLY B 156 18.32 -54.85 9.22
CA GLY B 156 17.12 -54.22 9.70
C GLY B 156 16.70 -54.60 11.11
N GLU B 157 17.10 -55.80 11.56
CA GLU B 157 16.86 -56.19 12.95
C GLU B 157 17.49 -55.21 13.93
N CYS B 158 18.70 -54.74 13.63
CA CYS B 158 19.41 -53.81 14.51
C CYS B 158 19.27 -52.35 14.08
N HIS B 159 18.96 -52.13 12.80
CA HIS B 159 18.76 -50.78 12.26
C HIS B 159 17.37 -50.63 11.67
N PRO B 160 16.32 -50.77 12.51
CA PRO B 160 14.95 -50.66 11.99
C PRO B 160 14.62 -49.33 11.31
N ALA B 161 15.22 -48.23 11.77
CA ALA B 161 14.89 -46.91 11.21
C ALA B 161 15.35 -46.80 9.77
N GLN B 162 16.64 -47.07 9.53
CA GLN B 162 17.17 -47.04 8.17
C GLN B 162 16.52 -48.11 7.29
N TYR B 163 16.14 -49.25 7.87
CA TYR B 163 15.47 -50.24 7.04
C TYR B 163 14.18 -49.64 6.48
N GLU B 164 13.43 -48.94 7.33
CA GLU B 164 12.14 -48.40 6.92
C GLU B 164 12.25 -47.42 5.76
N THR B 165 13.17 -46.46 5.85
CA THR B 165 13.32 -45.46 4.79
C THR B 165 13.86 -46.10 3.51
N TRP B 166 14.87 -46.97 3.64
CA TRP B 166 15.46 -47.69 2.51
C TRP B 166 14.41 -48.54 1.82
N SER B 167 13.58 -49.22 2.60
CA SER B 167 12.63 -50.20 2.07
C SER B 167 11.53 -49.55 1.26
N ARG B 168 11.28 -48.26 1.47
CA ARG B 168 10.34 -47.52 0.64
C ARG B 168 11.07 -46.64 -0.37
N SER B 169 12.11 -47.21 -0.98
CA SER B 169 12.86 -46.56 -2.04
C SER B 169 13.05 -47.50 -3.21
N ARG B 170 13.26 -46.95 -4.39
CA ARG B 170 13.47 -47.77 -5.58
C ARG B 170 14.81 -48.52 -5.59
N HIS B 171 15.74 -48.13 -4.72
CA HIS B 171 16.94 -48.96 -4.49
C HIS B 171 16.47 -50.33 -4.02
N ALA B 172 15.52 -50.34 -3.10
CA ALA B 172 15.07 -51.59 -2.47
C ALA B 172 14.28 -52.51 -3.41
N THR B 173 13.57 -51.93 -4.38
CA THR B 173 12.63 -52.69 -5.23
C THR B 173 12.96 -52.71 -6.73
N THR B 174 14.17 -52.30 -7.12
CA THR B 174 14.57 -52.33 -8.54
C THR B 174 14.60 -53.79 -9.06
N ILE B 175 14.92 -54.74 -8.18
CA ILE B 175 14.79 -56.17 -8.50
C ILE B 175 13.59 -56.78 -7.80
N ARG B 176 12.63 -57.28 -8.58
CA ARG B 176 11.44 -57.92 -8.02
C ARG B 176 11.04 -59.19 -8.74
N PHE B 177 10.46 -60.11 -7.98
CA PHE B 177 9.96 -61.37 -8.51
C PHE B 177 8.49 -61.26 -8.92
N PRO B 178 8.05 -62.09 -9.89
CA PRO B 178 6.62 -62.20 -10.15
C PRO B 178 5.86 -62.46 -8.87
N GLY B 179 4.79 -61.70 -8.66
CA GLY B 179 4.05 -61.71 -7.40
C GLY B 179 4.31 -60.48 -6.56
N GLU B 180 5.25 -59.64 -6.99
CA GLU B 180 5.62 -58.43 -6.24
C GLU B 180 5.36 -57.16 -7.06
N HIS B 181 4.31 -57.20 -7.89
CA HIS B 181 3.92 -56.04 -8.70
C HIS B 181 2.45 -55.67 -8.49
N PRO B 182 2.12 -55.15 -7.29
CA PRO B 182 0.75 -54.71 -7.02
C PRO B 182 0.35 -53.50 -7.85
N GLU B 183 1.33 -52.71 -8.30
CA GLU B 183 1.05 -51.52 -9.10
C GLU B 183 0.45 -51.84 -10.48
N VAL B 184 0.48 -53.12 -10.86
CA VAL B 184 -0.26 -53.62 -12.02
C VAL B 184 -1.16 -54.81 -11.65
N ASN B 185 -1.63 -54.84 -10.41
CA ASN B 185 -2.43 -55.97 -9.91
C ASN B 185 -1.82 -57.32 -10.28
N ASN B 186 -0.48 -57.37 -10.26
CA ASN B 186 0.28 -58.55 -10.66
C ASN B 186 -0.08 -59.16 -12.01
N LYS B 187 -0.50 -58.33 -12.95
CA LYS B 187 -0.78 -58.77 -14.31
C LYS B 187 0.38 -58.35 -15.20
N LEU B 188 1.43 -59.15 -15.21
CA LEU B 188 2.60 -58.84 -16.01
C LEU B 188 2.39 -59.05 -17.51
N ASN B 189 1.30 -59.71 -17.90
CA ASN B 189 1.02 -60.00 -19.31
C ASN B 189 -0.22 -59.31 -19.90
N ASP B 190 -0.87 -58.44 -19.13
CA ASP B 190 -1.94 -57.60 -19.66
C ASP B 190 -1.44 -56.17 -19.83
N PRO B 191 -2.06 -55.41 -20.76
CA PRO B 191 -1.69 -54.01 -20.92
C PRO B 191 -1.73 -53.26 -19.60
N VAL B 192 -0.74 -52.41 -19.36
CA VAL B 192 -0.67 -51.60 -18.15
C VAL B 192 -1.65 -50.44 -18.25
N PHE B 193 -1.57 -49.71 -19.35
CA PHE B 193 -2.43 -48.56 -19.59
C PHE B 193 -3.51 -48.90 -20.65
N ASP B 194 -3.59 -48.15 -21.76
CA ASP B 194 -4.64 -48.40 -22.76
C ASP B 194 -4.51 -49.81 -23.34
N LYS B 195 -5.64 -50.41 -23.71
CA LYS B 195 -5.69 -51.81 -24.14
C LYS B 195 -4.91 -52.10 -25.44
N ASP B 196 -4.60 -51.05 -26.20
CA ASP B 196 -3.75 -51.19 -27.38
C ASP B 196 -2.25 -50.95 -27.09
N THR B 197 -1.90 -50.75 -25.81
CA THR B 197 -0.51 -50.56 -25.42
C THR B 197 0.00 -51.80 -24.66
N ALA B 198 1.30 -51.78 -24.35
CA ALA B 198 2.03 -52.98 -23.96
C ALA B 198 1.84 -53.46 -22.51
N SER B 199 1.97 -54.78 -22.34
CA SER B 199 2.20 -55.39 -21.04
C SER B 199 3.68 -55.28 -20.66
N ILE B 200 3.99 -55.52 -19.40
CA ILE B 200 5.38 -55.43 -18.92
C ILE B 200 6.27 -56.52 -19.52
N LEU B 201 5.79 -57.77 -19.51
CA LEU B 201 6.53 -58.85 -20.15
C LEU B 201 6.13 -58.93 -21.59
N PRO B 202 7.09 -59.14 -22.49
CA PRO B 202 6.70 -59.23 -23.88
C PRO B 202 6.04 -60.55 -24.23
N GLN B 203 5.40 -60.54 -25.39
CA GLN B 203 4.82 -61.70 -26.07
C GLN B 203 5.65 -62.97 -25.87
N GLY B 204 5.02 -64.01 -25.35
CA GLY B 204 5.66 -65.32 -25.21
C GLY B 204 6.46 -65.53 -23.93
N ILE B 205 6.62 -64.48 -23.16
CA ILE B 205 7.37 -64.54 -21.92
C ILE B 205 6.39 -64.55 -20.76
N THR B 206 6.36 -65.65 -20.00
CA THR B 206 5.47 -65.78 -18.86
C THR B 206 6.23 -65.77 -17.53
N PRO B 207 5.56 -65.34 -16.44
CA PRO B 207 6.13 -65.25 -15.11
C PRO B 207 6.95 -66.45 -14.68
N ASP B 208 6.47 -67.65 -15.01
CA ASP B 208 7.13 -68.88 -14.55
C ASP B 208 8.50 -69.14 -15.17
N VAL B 209 8.86 -68.40 -16.22
CA VAL B 209 10.21 -68.51 -16.77
C VAL B 209 11.01 -67.21 -16.62
N VAL B 210 10.59 -66.40 -15.65
CA VAL B 210 11.23 -65.14 -15.37
C VAL B 210 11.78 -65.19 -13.96
N TYR B 211 13.10 -65.04 -13.84
CA TYR B 211 13.70 -64.91 -12.51
C TYR B 211 13.24 -63.59 -11.89
N CYS B 212 13.38 -62.49 -12.62
CA CYS B 212 12.98 -61.20 -12.09
C CYS B 212 12.66 -60.17 -13.14
N THR B 213 11.94 -59.13 -12.72
CA THR B 213 11.85 -57.88 -13.44
C THR B 213 12.88 -56.90 -12.86
N VAL B 214 13.26 -55.94 -13.68
CA VAL B 214 14.10 -54.85 -13.25
C VAL B 214 13.32 -53.59 -13.54
N GLY B 215 13.33 -52.65 -12.59
CA GLY B 215 12.73 -51.34 -12.80
C GLY B 215 11.38 -51.11 -12.16
N HIS B 216 10.73 -50.05 -12.59
CA HIS B 216 9.48 -49.57 -11.99
C HIS B 216 8.65 -48.87 -13.05
N ILE B 217 7.39 -48.60 -12.70
CA ILE B 217 6.50 -47.77 -13.52
C ILE B 217 7.15 -46.40 -13.79
N ARG B 218 7.91 -45.91 -12.82
CA ARG B 218 8.70 -44.68 -12.94
C ARG B 218 9.18 -44.42 -14.37
N THR B 219 9.96 -45.34 -14.91
CA THR B 219 10.49 -45.17 -16.26
C THR B 219 10.24 -46.34 -17.19
N LYS B 220 10.70 -47.51 -16.79
CA LYS B 220 10.67 -48.67 -17.66
C LYS B 220 10.87 -49.94 -16.85
N PHE B 221 10.65 -51.08 -17.50
CA PHE B 221 10.94 -52.37 -16.93
C PHE B 221 11.86 -53.14 -17.89
N GLY B 222 12.52 -54.14 -17.36
CA GLY B 222 13.22 -55.16 -18.17
C GLY B 222 12.99 -56.47 -17.45
N PHE B 223 13.49 -57.58 -18.00
CA PHE B 223 13.37 -58.85 -17.28
C PHE B 223 14.59 -59.72 -17.50
N PHE B 224 14.79 -60.66 -16.58
CA PHE B 224 15.79 -61.72 -16.71
C PHE B 224 15.08 -63.05 -16.70
N ASP B 225 15.44 -63.93 -17.62
CA ASP B 225 14.84 -65.25 -17.66
C ASP B 225 15.43 -66.15 -16.58
N ALA B 226 14.87 -67.34 -16.42
CA ALA B 226 15.24 -68.26 -15.35
C ALA B 226 16.66 -68.79 -15.47
N TRP B 227 17.31 -68.49 -16.59
CA TRP B 227 18.70 -68.89 -16.83
C TRP B 227 19.63 -67.70 -16.55
N LEU B 228 19.05 -66.64 -16.00
CA LEU B 228 19.74 -65.38 -15.69
C LEU B 228 20.36 -64.70 -16.91
N LEU B 229 19.74 -64.93 -18.07
CA LEU B 229 20.12 -64.23 -19.27
C LEU B 229 19.25 -62.99 -19.36
N ARG B 230 19.85 -61.91 -19.81
CA ARG B 230 19.17 -60.64 -19.96
C ARG B 230 18.09 -60.76 -21.03
N GLY B 231 16.91 -60.21 -20.72
CA GLY B 231 15.77 -60.30 -21.62
C GLY B 231 15.83 -59.35 -22.80
N THR B 232 16.50 -59.78 -23.87
CA THR B 232 16.64 -58.96 -25.08
C THR B 232 15.76 -59.46 -26.24
N TYR B 233 14.77 -60.28 -25.90
CA TYR B 233 13.97 -60.98 -26.89
C TYR B 233 12.54 -61.21 -26.43
N HIS B 234 11.70 -61.61 -27.38
CA HIS B 234 10.38 -62.16 -27.09
C HIS B 234 10.20 -63.43 -27.93
N VAL B 235 9.03 -64.06 -27.80
CA VAL B 235 8.74 -65.27 -28.56
C VAL B 235 7.47 -65.07 -29.37
N GLU B 236 7.59 -65.14 -30.69
CA GLU B 236 6.46 -64.95 -31.60
C GLU B 236 5.85 -66.30 -31.95
N GLY B 237 4.52 -66.41 -31.80
CA GLY B 237 3.80 -67.64 -32.13
C GLY B 237 4.08 -68.80 -31.21
N GLY B 238 4.34 -68.51 -29.93
CA GLY B 238 4.66 -69.55 -28.98
C GLY B 238 5.01 -69.00 -27.61
N LEU B 239 5.35 -69.91 -26.70
CA LEU B 239 5.77 -69.57 -25.36
C LEU B 239 7.16 -70.11 -25.11
N LEU B 240 8.00 -69.29 -24.48
CA LEU B 240 9.37 -69.71 -24.16
C LEU B 240 9.35 -70.98 -23.32
N LYS B 241 8.41 -71.09 -22.39
CA LYS B 241 8.36 -72.24 -21.49
C LYS B 241 8.07 -73.58 -22.18
N ASN B 242 7.45 -73.54 -23.36
CA ASN B 242 7.15 -74.75 -24.13
C ASN B 242 8.09 -74.99 -25.30
N GLY B 243 9.10 -74.14 -25.46
CA GLY B 243 10.01 -74.23 -26.59
C GLY B 243 9.34 -74.01 -27.94
N THR B 244 8.18 -73.36 -27.95
CA THR B 244 7.43 -73.14 -29.19
C THR B 244 7.64 -71.73 -29.73
N GLY B 245 7.21 -71.53 -30.97
CA GLY B 245 7.35 -70.24 -31.64
C GLY B 245 8.77 -69.98 -32.07
N GLN B 246 9.08 -68.70 -32.29
CA GLN B 246 10.42 -68.26 -32.65
C GLN B 246 10.94 -67.20 -31.68
N ILE B 247 12.21 -67.31 -31.31
CA ILE B 247 12.89 -66.27 -30.56
C ILE B 247 13.09 -65.11 -31.52
N VAL B 248 12.61 -63.94 -31.14
CA VAL B 248 12.71 -62.73 -31.96
C VAL B 248 13.41 -61.63 -31.18
N ALA B 249 14.43 -61.02 -31.79
CA ALA B 249 15.18 -59.94 -31.16
C ALA B 249 14.31 -58.72 -30.91
N GLY B 250 14.50 -58.10 -29.74
CA GLY B 250 13.92 -56.80 -29.46
C GLY B 250 12.53 -56.90 -28.85
N GLY B 251 11.80 -55.79 -28.91
CA GLY B 251 10.46 -55.69 -28.33
C GLY B 251 10.45 -56.22 -26.91
N ASN B 252 11.45 -55.79 -26.13
CA ASN B 252 11.75 -56.45 -24.87
C ASN B 252 11.66 -55.56 -23.63
N GLN B 253 11.64 -54.24 -23.83
CA GLN B 253 11.71 -53.29 -22.75
C GLN B 253 10.43 -52.47 -22.67
N TRP B 254 9.65 -52.66 -21.61
CA TRP B 254 8.46 -51.85 -21.38
C TRP B 254 8.89 -50.43 -21.00
N GLN B 255 8.27 -49.44 -21.65
CA GLN B 255 8.60 -48.04 -21.45
C GLN B 255 7.34 -47.28 -21.07
N ARG B 256 7.32 -46.68 -19.89
CA ARG B 256 6.14 -45.97 -19.39
C ARG B 256 5.76 -44.80 -20.29
N THR B 257 6.74 -43.98 -20.62
CA THR B 257 6.45 -42.75 -21.35
C THR B 257 5.86 -43.05 -22.73
N TRP B 258 6.39 -44.06 -23.42
CA TRP B 258 5.85 -44.46 -24.72
C TRP B 258 4.45 -45.05 -24.59
N ALA B 259 4.24 -45.86 -23.56
CA ALA B 259 2.96 -46.53 -23.37
C ALA B 259 1.86 -45.61 -22.85
N LEU B 260 2.24 -44.58 -22.09
CA LEU B 260 1.28 -43.67 -21.45
C LEU B 260 1.18 -42.31 -22.11
N ASN B 261 2.32 -41.64 -22.26
CA ASN B 261 2.33 -40.21 -22.61
C ASN B 261 2.43 -39.93 -24.10
N LEU B 262 3.15 -40.79 -24.82
CA LEU B 262 3.49 -40.53 -26.21
C LEU B 262 2.53 -41.27 -27.14
N SER B 263 1.28 -40.86 -27.10
CA SER B 263 0.25 -41.44 -27.96
C SER B 263 0.47 -40.91 -29.38
N PRO B 264 -0.13 -41.59 -30.39
CA PRO B 264 -0.02 -41.08 -31.76
C PRO B 264 -0.51 -39.64 -31.88
N GLU B 265 -1.47 -39.26 -31.06
CA GLU B 265 -1.98 -37.89 -31.00
C GLU B 265 -0.87 -36.90 -30.59
N VAL B 266 -0.16 -37.23 -29.51
CA VAL B 266 0.93 -36.39 -29.01
C VAL B 266 2.10 -36.41 -30.01
N ALA B 267 2.41 -37.59 -30.54
CA ALA B 267 3.42 -37.70 -31.59
C ALA B 267 3.12 -36.76 -32.77
N LYS B 268 1.86 -36.70 -33.19
CA LYS B 268 1.46 -35.81 -34.27
C LYS B 268 1.65 -34.35 -33.91
N LYS B 269 1.30 -33.98 -32.68
CA LYS B 269 1.54 -32.63 -32.21
C LYS B 269 3.03 -32.29 -32.28
N ILE B 270 3.86 -33.19 -31.77
CA ILE B 270 5.30 -32.97 -31.82
C ILE B 270 5.75 -32.81 -33.26
N LYS B 271 5.21 -33.64 -34.15
CA LYS B 271 5.59 -33.66 -35.57
C LYS B 271 5.43 -32.31 -36.30
N LYS B 272 4.48 -31.49 -35.85
CA LYS B 272 4.31 -30.13 -36.38
C LYS B 272 5.54 -29.26 -36.14
N TRP B 273 6.21 -29.50 -35.02
CA TRP B 273 7.45 -28.81 -34.69
C TRP B 273 8.64 -29.52 -35.31
N VAL B 274 8.71 -30.84 -35.14
CA VAL B 274 9.84 -31.66 -35.57
C VAL B 274 9.41 -32.63 -36.67
N PRO B 275 9.52 -32.22 -37.95
CA PRO B 275 8.92 -33.02 -39.05
C PRO B 275 9.34 -34.51 -39.14
N ASP B 276 10.54 -34.86 -38.69
CA ASP B 276 11.01 -36.25 -38.73
C ASP B 276 10.53 -37.11 -37.55
N PHE B 277 9.77 -36.53 -36.62
CA PHE B 277 9.35 -37.26 -35.44
C PHE B 277 8.43 -38.41 -35.81
N PRO B 278 8.73 -39.61 -35.28
CA PRO B 278 7.97 -40.81 -35.66
C PRO B 278 6.58 -40.84 -35.03
N VAL B 279 5.59 -41.28 -35.80
CA VAL B 279 4.20 -41.37 -35.33
C VAL B 279 3.73 -42.83 -35.31
N THR B 280 3.78 -43.49 -36.45
CA THR B 280 3.32 -44.88 -36.54
C THR B 280 4.41 -45.82 -36.03
N LEU B 281 3.99 -47.01 -35.62
CA LEU B 281 4.89 -48.03 -35.10
C LEU B 281 6.04 -48.34 -36.06
N GLU B 282 5.73 -48.46 -37.35
CA GLU B 282 6.77 -48.72 -38.37
C GLU B 282 7.84 -47.62 -38.33
N GLU B 283 7.44 -46.40 -38.01
CA GLU B 283 8.34 -45.26 -38.00
C GLU B 283 9.34 -45.27 -36.84
N TYR B 284 9.07 -46.04 -35.80
CA TYR B 284 10.02 -46.21 -34.69
C TYR B 284 11.13 -47.18 -35.05
N GLY B 285 10.95 -47.92 -36.15
CA GLY B 285 12.02 -48.68 -36.78
C GLY B 285 12.58 -49.77 -35.89
N ASP B 286 13.90 -49.88 -35.89
CA ASP B 286 14.64 -50.88 -35.11
C ASP B 286 14.45 -50.71 -33.60
N ASN B 287 14.14 -49.50 -33.18
CA ASN B 287 13.95 -49.13 -31.78
C ASN B 287 12.61 -49.60 -31.23
N GLY B 288 11.66 -49.89 -32.12
CA GLY B 288 10.30 -50.22 -31.73
C GLY B 288 10.09 -51.71 -31.53
N GLY B 289 8.97 -52.18 -32.06
CA GLY B 289 8.58 -53.59 -31.92
C GLY B 289 7.18 -53.80 -32.46
N TYR B 290 6.42 -54.67 -31.79
CA TYR B 290 5.11 -55.09 -32.28
C TYR B 290 3.93 -54.38 -31.62
N VAL B 291 4.19 -53.55 -30.61
CA VAL B 291 3.11 -52.83 -29.90
C VAL B 291 3.68 -51.61 -29.14
N ARG B 292 2.97 -50.49 -29.19
CA ARG B 292 3.41 -49.29 -28.50
C ARG B 292 3.58 -49.55 -27.00
N GLY B 293 4.80 -49.39 -26.52
CA GLY B 293 5.12 -49.53 -25.09
C GLY B 293 6.22 -50.53 -24.81
N LEU B 294 6.47 -51.45 -25.74
CA LEU B 294 7.57 -52.41 -25.64
C LEU B 294 8.60 -52.13 -26.74
N ALA B 295 9.67 -51.45 -26.36
CA ALA B 295 10.73 -51.08 -27.29
C ALA B 295 11.84 -52.13 -27.33
N SER B 296 12.68 -52.02 -28.34
CA SER B 296 13.87 -52.86 -28.42
C SER B 296 15.02 -52.15 -27.74
N TYR B 297 15.64 -52.82 -26.78
CA TYR B 297 16.75 -52.25 -26.01
C TYR B 297 17.82 -53.32 -25.79
N ALA B 298 19.07 -52.94 -26.06
CA ALA B 298 20.18 -53.89 -26.22
C ALA B 298 19.82 -54.90 -27.31
N ALA B 299 19.15 -54.38 -28.33
CA ALA B 299 18.63 -55.18 -29.41
C ALA B 299 18.05 -54.23 -30.45
N LYS B 300 17.90 -54.75 -31.66
CA LYS B 300 17.23 -54.04 -32.73
C LYS B 300 16.19 -54.99 -33.27
N TYR B 301 14.95 -54.51 -33.32
CA TYR B 301 13.80 -55.37 -33.60
C TYR B 301 14.05 -56.29 -34.79
N LYS B 302 14.06 -57.59 -34.54
CA LYS B 302 14.28 -58.61 -35.58
C LYS B 302 15.65 -58.60 -36.24
N LYS B 303 16.62 -57.83 -35.75
CA LYS B 303 17.92 -57.69 -36.42
C LYS B 303 19.13 -58.14 -35.60
N SER B 304 19.13 -57.80 -34.31
CA SER B 304 20.20 -58.24 -33.42
C SER B 304 19.78 -58.12 -31.96
N MET B 305 20.40 -58.94 -31.12
CA MET B 305 20.11 -58.98 -29.71
C MET B 305 21.36 -59.35 -28.95
N SER B 306 21.59 -58.67 -27.84
CA SER B 306 22.68 -59.02 -26.97
C SER B 306 22.37 -60.35 -26.32
N PHE B 307 23.39 -61.19 -26.21
CA PHE B 307 23.35 -62.40 -25.43
C PHE B 307 24.23 -62.15 -24.22
N GLN B 308 23.61 -61.96 -23.06
CA GLN B 308 24.35 -61.49 -21.89
C GLN B 308 23.83 -62.06 -20.57
N ALA B 309 24.71 -62.76 -19.86
CA ALA B 309 24.46 -63.17 -18.48
C ALA B 309 24.33 -61.94 -17.58
N SER B 310 23.58 -62.07 -16.49
CA SER B 310 23.48 -61.01 -15.49
C SER B 310 24.86 -60.61 -14.96
N THR B 311 25.75 -61.60 -14.86
CA THR B 311 27.11 -61.43 -14.31
C THR B 311 28.00 -60.42 -15.05
N SER B 312 27.67 -60.13 -16.30
CA SER B 312 28.50 -59.31 -17.17
C SER B 312 28.28 -57.82 -16.99
N TYR B 313 27.15 -57.44 -16.40
CA TYR B 313 26.70 -56.06 -16.55
C TYR B 313 25.71 -55.63 -15.49
N CYS B 314 24.58 -56.33 -15.42
CA CYS B 314 23.50 -55.94 -14.52
C CYS B 314 23.84 -56.13 -13.04
N GLU B 315 24.68 -57.10 -12.67
CA GLU B 315 25.02 -57.27 -11.27
C GLU B 315 25.84 -56.09 -10.71
N VAL B 316 26.32 -55.22 -11.59
CA VAL B 316 27.03 -54.04 -11.16
C VAL B 316 26.09 -53.09 -10.44
N CYS B 317 24.96 -52.76 -11.07
CA CYS B 317 24.03 -51.72 -10.58
C CYS B 317 22.63 -52.16 -10.14
N HIS B 318 22.11 -53.25 -10.71
CA HIS B 318 20.83 -53.82 -10.26
C HIS B 318 21.14 -55.23 -9.77
N PRO B 319 21.84 -55.32 -8.63
CA PRO B 319 22.33 -56.65 -8.27
C PRO B 319 21.35 -57.52 -7.47
N TRP B 320 21.71 -58.79 -7.37
CA TRP B 320 21.14 -59.72 -6.41
C TRP B 320 22.25 -60.63 -5.96
N LYS B 321 22.03 -61.33 -4.84
CA LYS B 321 22.97 -62.32 -4.33
C LYS B 321 22.22 -63.56 -3.89
N PHE B 322 22.83 -64.72 -4.11
CA PHE B 322 22.22 -66.01 -3.73
C PHE B 322 22.93 -66.58 -2.52
N ASP B 323 22.26 -67.47 -1.79
CA ASP B 323 22.81 -68.02 -0.56
C ASP B 323 23.54 -69.36 -0.70
N PHE B 324 23.84 -69.76 -1.93
CA PHE B 324 24.42 -71.08 -2.18
C PHE B 324 25.76 -71.27 -1.49
N LYS B 325 25.95 -72.45 -0.92
CA LYS B 325 27.19 -72.84 -0.24
C LYS B 325 28.38 -72.94 -1.20
N ASN B 326 28.09 -73.28 -2.45
CA ASN B 326 29.12 -73.47 -3.46
C ASN B 326 28.54 -73.29 -4.85
N GLU B 327 29.41 -73.27 -5.85
CA GLU B 327 28.99 -73.00 -7.23
C GLU B 327 28.22 -74.16 -7.87
N SER B 328 28.43 -75.39 -7.40
CA SER B 328 27.66 -76.54 -7.91
C SER B 328 26.18 -76.33 -7.62
N GLU B 329 25.86 -75.97 -6.39
CA GLU B 329 24.47 -75.68 -6.01
C GLU B 329 23.86 -74.60 -6.90
N PHE B 330 24.66 -73.60 -7.24
CA PHE B 330 24.19 -72.48 -8.07
C PHE B 330 23.85 -72.92 -9.49
N TYR B 331 24.77 -73.62 -10.13
CA TYR B 331 24.52 -74.12 -11.49
C TYR B 331 23.38 -75.15 -11.52
N ALA B 332 23.17 -75.87 -10.42
CA ALA B 332 22.05 -76.81 -10.34
C ALA B 332 20.70 -76.08 -10.27
N ALA B 333 20.68 -74.89 -9.67
CA ALA B 333 19.45 -74.11 -9.54
C ALA B 333 19.15 -73.34 -10.81
N LEU B 334 20.20 -73.07 -11.57
CA LEU B 334 20.11 -72.22 -12.76
C LEU B 334 19.15 -72.82 -13.80
N GLY B 335 18.21 -72.02 -14.27
CA GLY B 335 17.17 -72.49 -15.19
C GLY B 335 15.82 -72.73 -14.51
N ASN B 336 15.80 -72.55 -13.19
CA ASN B 336 14.60 -72.79 -12.39
C ASN B 336 14.34 -71.54 -11.56
N ALA B 337 13.39 -70.71 -12.03
CA ALA B 337 13.09 -69.43 -11.40
C ALA B 337 12.78 -69.59 -9.91
N LYS B 338 11.90 -70.52 -9.57
CA LYS B 338 11.50 -70.74 -8.19
C LYS B 338 12.68 -71.10 -7.27
N GLU B 339 13.55 -71.99 -7.74
CA GLU B 339 14.73 -72.36 -6.97
C GLU B 339 15.65 -71.16 -6.74
N LEU B 340 15.94 -70.43 -7.81
CA LEU B 340 16.76 -69.23 -7.71
C LEU B 340 16.14 -68.18 -6.79
N GLN B 341 14.84 -67.95 -6.94
CA GLN B 341 14.11 -67.00 -6.09
C GLN B 341 14.13 -67.38 -4.62
N LYS B 342 13.94 -68.67 -4.36
CA LYS B 342 13.95 -69.19 -3.00
C LYS B 342 15.30 -68.94 -2.32
N HIS B 343 16.37 -69.06 -3.12
CA HIS B 343 17.73 -68.93 -2.61
C HIS B 343 18.31 -67.52 -2.78
N THR B 344 17.47 -66.53 -3.06
CA THR B 344 17.92 -65.15 -3.16
C THR B 344 17.92 -64.55 -1.76
N ILE B 345 19.10 -64.11 -1.31
CA ILE B 345 19.26 -63.54 0.04
C ILE B 345 19.38 -62.02 0.00
N SER B 346 19.66 -61.46 -1.18
CA SER B 346 19.65 -60.02 -1.36
C SER B 346 19.16 -59.68 -2.75
N LYS B 347 18.30 -58.67 -2.84
CA LYS B 347 17.74 -58.21 -4.11
C LYS B 347 17.97 -56.71 -4.23
N GLY B 348 18.39 -56.27 -5.40
CA GLY B 348 18.55 -54.86 -5.68
C GLY B 348 19.67 -54.23 -4.86
N VAL B 349 19.58 -52.92 -4.71
CA VAL B 349 20.61 -52.14 -4.06
C VAL B 349 20.31 -52.19 -2.57
N SER B 350 20.68 -53.32 -1.94
CA SER B 350 20.38 -53.53 -0.53
C SER B 350 21.50 -52.95 0.33
N CYS B 351 21.32 -52.99 1.65
CA CYS B 351 22.29 -52.39 2.58
C CYS B 351 23.72 -52.80 2.23
N GLU B 352 23.91 -54.11 2.05
CA GLU B 352 25.22 -54.70 1.85
C GLU B 352 25.85 -54.45 0.50
N GLU B 353 25.04 -54.09 -0.50
CA GLU B 353 25.58 -53.66 -1.79
C GLU B 353 26.32 -52.35 -1.62
N CYS B 354 25.84 -51.52 -0.69
CA CYS B 354 26.51 -50.26 -0.35
C CYS B 354 27.53 -50.42 0.76
N HIS B 355 27.19 -51.19 1.79
CA HIS B 355 27.99 -51.24 3.01
C HIS B 355 28.87 -52.46 3.11
N GLY B 356 28.85 -53.32 2.10
CA GLY B 356 29.60 -54.55 2.13
C GLY B 356 28.86 -55.70 2.79
N ALA B 357 29.14 -56.90 2.30
CA ALA B 357 28.51 -58.13 2.78
C ALA B 357 28.79 -58.34 4.26
N GLY B 358 27.73 -58.39 5.05
CA GLY B 358 27.87 -58.54 6.50
C GLY B 358 28.27 -57.26 7.23
N GLY B 359 28.38 -56.16 6.50
CA GLY B 359 28.73 -54.86 7.07
C GLY B 359 29.91 -54.90 8.01
N HIS B 360 29.71 -54.41 9.22
CA HIS B 360 30.73 -54.33 10.26
C HIS B 360 30.73 -55.56 11.18
N LEU B 361 29.86 -56.52 10.91
CA LEU B 361 29.68 -57.65 11.80
C LEU B 361 30.84 -58.61 11.78
N GLU B 362 31.00 -59.34 12.88
CA GLU B 362 32.07 -60.34 12.97
C GLU B 362 31.81 -61.45 11.95
N GLY B 363 32.82 -61.77 11.15
CA GLY B 363 32.68 -62.70 10.04
C GLY B 363 32.33 -62.04 8.72
N GLY B 364 31.94 -60.77 8.77
CA GLY B 364 31.62 -60.01 7.56
C GLY B 364 32.85 -59.70 6.72
N SER B 365 32.66 -59.01 5.61
CA SER B 365 33.74 -58.69 4.70
C SER B 365 34.36 -57.33 4.96
N GLY B 366 33.87 -56.61 5.97
CA GLY B 366 34.39 -55.30 6.29
C GLY B 366 33.42 -54.25 5.80
N LEU B 367 33.11 -53.29 6.67
CA LEU B 367 32.14 -52.24 6.38
C LEU B 367 32.64 -51.27 5.32
N LEU B 368 31.72 -50.82 4.46
CA LEU B 368 32.02 -49.81 3.45
C LEU B 368 31.03 -48.66 3.58
N ILE B 369 31.47 -47.45 3.25
CA ILE B 369 30.56 -46.33 3.05
C ILE B 369 30.67 -45.96 1.56
N SER B 370 29.62 -46.27 0.80
CA SER B 370 29.60 -46.02 -0.65
C SER B 370 29.67 -44.55 -1.02
N ASN B 371 30.48 -44.27 -2.03
CA ASN B 371 30.54 -42.96 -2.67
C ASN B 371 29.72 -42.94 -3.97
N CYS B 372 28.96 -44.01 -4.21
CA CYS B 372 27.96 -44.09 -5.29
C CYS B 372 28.53 -44.26 -6.71
N GLU B 373 29.84 -44.33 -6.87
CA GLU B 373 30.43 -44.32 -8.22
C GLU B 373 30.38 -45.68 -8.90
N ARG B 374 29.99 -46.71 -8.17
CA ARG B 374 29.80 -48.03 -8.75
C ARG B 374 28.69 -47.99 -9.78
N CYS B 375 27.65 -47.22 -9.47
CA CYS B 375 26.40 -47.26 -10.21
C CYS B 375 25.93 -45.92 -10.76
N HIS B 376 26.49 -44.82 -10.29
CA HIS B 376 26.03 -43.48 -10.66
C HIS B 376 27.09 -42.60 -11.31
N GLN B 377 28.27 -43.15 -11.58
CA GLN B 377 29.35 -42.36 -12.16
C GLN B 377 29.37 -42.48 -13.69
N ARG B 378 29.69 -43.65 -14.21
CA ARG B 378 29.68 -43.86 -15.66
C ARG B 378 30.50 -42.83 -16.47
N PHE B 379 31.81 -42.82 -16.30
CA PHE B 379 32.69 -42.01 -17.13
C PHE B 379 32.75 -42.58 -18.55
N SER B 380 32.96 -41.70 -19.52
CA SER B 380 33.19 -42.12 -20.89
C SER B 380 34.27 -41.20 -21.46
N TYR B 381 35.34 -41.76 -22.01
CA TYR B 381 36.43 -40.92 -22.51
C TYR B 381 36.11 -40.39 -23.90
N SER B 382 36.32 -39.08 -24.09
CA SER B 382 35.95 -38.39 -25.32
C SER B 382 37.21 -37.88 -26.02
N PRO B 383 37.64 -38.57 -27.08
CA PRO B 383 38.83 -38.11 -27.81
C PRO B 383 38.67 -36.71 -28.38
N ASP B 384 37.44 -36.28 -28.65
CA ASP B 384 37.20 -34.91 -29.13
C ASP B 384 37.54 -33.87 -28.05
N LEU B 385 37.17 -34.12 -26.80
CA LEU B 385 37.51 -33.18 -25.72
C LEU B 385 39.02 -33.10 -25.49
N MET B 386 39.72 -34.20 -25.73
CA MET B 386 41.17 -34.21 -25.69
C MET B 386 41.72 -33.36 -26.82
N ARG B 387 41.27 -33.67 -28.04
CA ARG B 387 41.74 -33.01 -29.26
C ARG B 387 41.55 -31.49 -29.23
N ASN B 388 40.41 -31.05 -28.69
CA ASN B 388 40.01 -29.65 -28.79
C ASN B 388 40.61 -28.74 -27.73
N ASN B 389 41.14 -29.31 -26.65
CA ASN B 389 41.90 -28.55 -25.69
C ASN B 389 43.34 -29.07 -25.56
N PRO B 390 44.29 -28.43 -26.26
CA PRO B 390 45.68 -28.91 -26.26
C PRO B 390 46.38 -28.77 -24.90
N LEU B 391 45.84 -27.93 -24.02
CA LEU B 391 46.34 -27.84 -22.64
C LEU B 391 46.06 -29.13 -21.83
N ASN B 392 45.10 -29.94 -22.30
CA ASN B 392 44.80 -31.22 -21.69
C ASN B 392 45.76 -32.35 -22.09
N ALA B 393 46.76 -32.07 -22.92
CA ALA B 393 47.69 -33.12 -23.39
C ALA B 393 48.33 -33.88 -22.23
N GLY B 394 48.33 -35.22 -22.30
CA GLY B 394 48.84 -36.04 -21.20
C GLY B 394 47.96 -36.05 -19.95
N LYS B 395 46.76 -35.50 -20.04
CA LYS B 395 45.82 -35.48 -18.92
C LYS B 395 44.46 -36.01 -19.39
N PRO B 396 44.40 -37.29 -19.77
CA PRO B 396 43.16 -37.85 -20.31
C PRO B 396 41.95 -37.70 -19.39
N ASP B 397 42.17 -37.62 -18.08
CA ASP B 397 41.07 -37.37 -17.13
C ASP B 397 40.28 -36.09 -17.44
N LEU B 398 40.93 -35.09 -18.01
CA LEU B 398 40.22 -33.85 -18.35
C LEU B 398 39.42 -33.93 -19.66
N ALA B 399 39.57 -35.03 -20.40
CA ALA B 399 38.75 -35.32 -21.57
C ALA B 399 37.63 -36.32 -21.24
N LEU B 400 37.36 -36.52 -19.95
CA LEU B 400 36.29 -37.43 -19.55
C LEU B 400 34.94 -36.75 -19.71
N SER B 401 33.97 -37.54 -20.16
CA SER B 401 32.60 -37.13 -20.35
C SER B 401 31.75 -38.16 -19.63
N SER B 402 30.45 -38.22 -19.94
CA SER B 402 29.55 -39.21 -19.37
C SER B 402 29.14 -40.27 -20.40
N LYS B 403 28.73 -41.43 -19.92
CA LYS B 403 28.03 -42.40 -20.76
C LYS B 403 26.91 -41.68 -21.49
N PHE B 404 26.85 -41.85 -22.81
CA PHE B 404 25.70 -41.41 -23.59
C PHE B 404 24.94 -42.63 -24.09
N LYS B 405 23.62 -42.62 -23.92
CA LYS B 405 22.75 -43.56 -24.60
C LYS B 405 22.33 -42.86 -25.88
N SER B 406 23.01 -43.24 -26.96
CA SER B 406 22.93 -42.55 -28.23
C SER B 406 23.30 -41.06 -28.11
N MET B 407 22.31 -40.17 -28.13
CA MET B 407 22.57 -38.73 -28.16
C MET B 407 22.23 -38.03 -26.84
N GLY B 408 21.78 -38.78 -25.85
CA GLY B 408 21.50 -38.23 -24.53
C GLY B 408 22.38 -38.86 -23.48
N PRO B 409 22.79 -38.08 -22.47
CA PRO B 409 23.57 -38.69 -21.40
C PRO B 409 22.75 -39.78 -20.72
N GLY B 410 23.41 -40.86 -20.34
CA GLY B 410 22.72 -42.01 -19.79
C GLY B 410 22.25 -41.76 -18.37
N CYS B 411 21.27 -42.55 -17.95
CA CYS B 411 20.94 -42.62 -16.55
C CYS B 411 22.20 -43.08 -15.84
N GLY B 412 22.27 -42.83 -14.53
CA GLY B 412 23.39 -43.25 -13.74
C GLY B 412 24.72 -42.62 -14.12
N SER B 413 24.68 -41.40 -14.63
CA SER B 413 25.89 -40.66 -14.97
C SER B 413 26.00 -39.37 -14.17
N GLU B 414 25.23 -39.25 -13.09
CA GLU B 414 25.25 -38.05 -12.26
C GLU B 414 26.67 -37.74 -11.76
N GLY B 415 27.39 -38.78 -11.34
CA GLY B 415 28.76 -38.63 -10.87
C GLY B 415 29.75 -38.12 -11.89
N SER B 416 29.69 -38.66 -13.12
CA SER B 416 30.57 -38.16 -14.20
C SER B 416 30.19 -36.74 -14.61
N GLN B 417 28.92 -36.38 -14.41
CA GLN B 417 28.47 -35.03 -14.64
C GLN B 417 28.96 -34.09 -13.54
N THR B 418 28.76 -34.45 -12.28
CA THR B 418 29.14 -33.60 -11.15
C THR B 418 30.65 -33.38 -11.09
N TYR B 419 31.41 -34.38 -11.53
CA TYR B 419 32.87 -34.33 -11.54
C TYR B 419 33.39 -33.06 -12.20
N PHE B 420 32.66 -32.55 -13.19
CA PHE B 420 33.05 -31.32 -13.89
C PHE B 420 32.14 -30.15 -13.56
N THR B 421 31.90 -29.94 -12.27
CA THR B 421 31.11 -28.82 -11.80
C THR B 421 31.85 -28.12 -10.68
N ALA B 422 31.52 -26.86 -10.47
CA ALA B 422 32.03 -26.11 -9.32
C ALA B 422 31.75 -26.87 -8.03
N HIS B 423 30.54 -27.41 -7.90
CA HIS B 423 30.16 -28.14 -6.70
C HIS B 423 31.18 -29.20 -6.30
N TYR B 424 31.50 -30.10 -7.24
CA TYR B 424 32.46 -31.16 -6.97
C TYR B 424 33.83 -30.60 -6.64
N GLU B 425 34.21 -29.54 -7.32
CA GLU B 425 35.48 -28.88 -7.05
C GLU B 425 35.57 -28.29 -5.64
N LYS B 426 34.43 -27.89 -5.07
CA LYS B 426 34.41 -27.40 -3.69
C LYS B 426 34.22 -28.53 -2.68
N GLY B 427 34.34 -29.78 -3.13
CA GLY B 427 34.32 -30.92 -2.22
C GLY B 427 32.95 -31.54 -2.02
N MET B 428 31.95 -31.06 -2.75
CA MET B 428 30.60 -31.60 -2.62
C MET B 428 30.46 -32.94 -3.32
N ARG B 429 29.76 -33.87 -2.68
CA ARG B 429 29.53 -35.21 -3.21
C ARG B 429 28.04 -35.58 -3.06
N CYS B 430 27.64 -36.73 -3.59
CA CYS B 430 26.22 -37.11 -3.59
C CYS B 430 25.60 -36.93 -2.22
N ALA B 431 26.28 -37.43 -1.20
CA ALA B 431 25.73 -37.43 0.15
C ALA B 431 25.89 -36.10 0.87
N THR B 432 26.55 -35.13 0.23
CA THR B 432 26.48 -33.76 0.71
C THR B 432 25.03 -33.30 0.68
N CYS B 433 24.38 -33.59 -0.44
CA CYS B 433 23.00 -33.15 -0.69
C CYS B 433 21.98 -34.22 -0.35
N HIS B 434 22.31 -35.48 -0.60
CA HIS B 434 21.35 -36.57 -0.55
C HIS B 434 21.40 -37.37 0.74
N ASP B 435 20.23 -37.68 1.28
CA ASP B 435 20.11 -38.80 2.20
C ASP B 435 20.31 -40.04 1.34
N PRO B 436 21.16 -40.98 1.78
CA PRO B 436 21.47 -42.17 1.01
C PRO B 436 20.47 -43.32 1.13
N HIS B 437 19.53 -43.19 2.06
CA HIS B 437 18.56 -44.25 2.33
C HIS B 437 17.20 -43.93 1.72
N ASP B 438 16.69 -42.75 2.04
CA ASP B 438 15.38 -42.29 1.58
C ASP B 438 15.49 -41.61 0.21
N VAL B 439 15.86 -42.39 -0.81
CA VAL B 439 16.20 -41.82 -2.12
C VAL B 439 15.03 -41.59 -3.06
N THR B 440 13.84 -42.00 -2.65
CA THR B 440 12.66 -41.89 -3.51
C THR B 440 11.69 -40.85 -2.95
N GLY B 441 11.49 -40.87 -1.63
CA GLY B 441 10.63 -39.90 -0.96
C GLY B 441 9.16 -40.27 -1.08
N ASN B 442 8.29 -39.33 -0.71
CA ASN B 442 6.88 -39.62 -0.55
C ASN B 442 6.04 -39.36 -1.82
N VAL B 443 6.35 -40.09 -2.88
CA VAL B 443 5.68 -39.92 -4.15
C VAL B 443 4.56 -40.95 -4.29
N THR B 444 3.54 -40.60 -5.05
CA THR B 444 2.34 -41.43 -5.17
C THR B 444 1.92 -41.57 -6.62
N GLY B 445 0.96 -42.44 -6.85
CA GLY B 445 0.39 -42.65 -8.18
C GLY B 445 -0.50 -41.51 -8.63
N GLU B 446 -1.09 -41.69 -9.81
CA GLU B 446 -2.05 -40.76 -10.39
C GLU B 446 -3.40 -41.44 -10.44
N LYS B 447 -4.34 -40.97 -9.63
CA LYS B 447 -5.72 -41.49 -9.66
C LYS B 447 -6.42 -41.24 -11.00
N GLY B 448 -6.03 -40.17 -11.70
CA GLY B 448 -6.61 -39.81 -12.98
C GLY B 448 -6.33 -40.74 -14.15
N ILE B 449 -5.42 -41.70 -13.98
CA ILE B 449 -5.08 -42.66 -15.03
C ILE B 449 -5.95 -43.90 -14.92
N LYS B 450 -6.67 -44.23 -15.99
CA LYS B 450 -7.50 -45.43 -16.04
C LYS B 450 -6.82 -46.42 -16.98
N GLY B 451 -6.31 -47.51 -16.42
CA GLY B 451 -5.56 -48.48 -17.20
C GLY B 451 -6.09 -49.88 -17.03
N VAL B 452 -5.79 -50.73 -18.00
CA VAL B 452 -6.22 -52.12 -17.95
C VAL B 452 -5.75 -52.78 -16.64
N SER B 453 -4.47 -52.60 -16.31
CA SER B 453 -3.89 -53.19 -15.11
C SER B 453 -3.39 -52.19 -14.08
N TYR B 454 -3.09 -50.96 -14.50
CA TYR B 454 -2.48 -49.98 -13.60
C TYR B 454 -3.26 -49.78 -12.31
N ASN B 455 -2.52 -49.69 -11.21
CA ASN B 455 -3.11 -49.48 -9.91
C ASN B 455 -2.41 -48.31 -9.24
N SER B 456 -3.17 -47.24 -9.00
CA SER B 456 -2.60 -45.99 -8.53
C SER B 456 -2.37 -45.93 -7.01
N GLU B 457 -2.81 -46.96 -6.28
CA GLU B 457 -2.85 -46.89 -4.82
C GLU B 457 -1.63 -47.49 -4.10
N GLN B 458 -0.55 -47.77 -4.83
CA GLN B 458 0.58 -48.51 -4.25
C GLN B 458 1.79 -47.65 -3.84
N GLY B 459 1.54 -46.40 -3.46
CA GLY B 459 2.61 -45.53 -2.97
C GLY B 459 3.60 -45.19 -4.06
N TYR B 460 4.90 -45.30 -3.75
CA TYR B 460 5.94 -44.93 -4.72
C TYR B 460 6.02 -45.89 -5.91
N LEU B 461 5.57 -47.13 -5.71
CA LEU B 461 5.54 -48.12 -6.78
C LEU B 461 4.61 -47.73 -7.94
N SER B 462 3.58 -46.94 -7.63
CA SER B 462 2.63 -46.48 -8.65
C SER B 462 3.07 -45.16 -9.29
N SER B 463 4.05 -44.50 -8.68
CA SER B 463 4.36 -43.13 -9.06
C SER B 463 5.17 -43.05 -10.33
N LEU B 464 5.00 -41.91 -11.00
CA LEU B 464 5.70 -41.57 -12.23
C LEU B 464 6.92 -40.70 -11.95
N TYR B 465 7.13 -40.33 -10.70
CA TYR B 465 8.14 -39.33 -10.34
C TYR B 465 9.06 -39.81 -9.23
N SER B 466 10.07 -39.00 -8.96
CA SER B 466 11.01 -39.24 -7.87
C SER B 466 11.22 -37.95 -7.08
N LYS B 467 11.38 -38.09 -5.77
CA LYS B 467 11.54 -36.96 -4.88
C LYS B 467 12.50 -37.34 -3.75
N PRO B 468 13.80 -37.49 -4.07
CA PRO B 468 14.76 -37.97 -3.08
C PRO B 468 14.87 -37.03 -1.89
N LYS B 469 15.04 -37.59 -0.70
CA LYS B 469 15.17 -36.80 0.52
C LYS B 469 16.53 -36.13 0.52
N LEU B 470 16.55 -34.82 0.76
CA LEU B 470 17.76 -34.03 0.71
C LEU B 470 18.15 -33.50 2.07
N LYS B 471 19.45 -33.47 2.33
CA LYS B 471 20.01 -32.81 3.50
C LYS B 471 20.16 -31.32 3.25
N LYS B 472 20.52 -30.97 2.01
CA LYS B 472 20.77 -29.59 1.64
C LYS B 472 19.87 -29.17 0.49
N GLU B 473 19.23 -28.00 0.65
CA GLU B 473 18.51 -27.35 -0.44
C GLU B 473 19.41 -26.26 -1.06
N CYS B 474 19.15 -25.93 -2.32
CA CYS B 474 19.91 -24.88 -2.99
C CYS B 474 19.92 -23.62 -2.12
N THR B 475 18.76 -23.30 -1.55
CA THR B 475 18.59 -22.10 -0.72
C THR B 475 19.42 -22.07 0.56
N ASP B 476 19.89 -23.23 1.03
CA ASP B 476 20.75 -23.27 2.22
C ASP B 476 22.13 -22.65 1.99
N CYS B 477 22.65 -22.78 0.78
CA CYS B 477 23.98 -22.26 0.44
C CYS B 477 23.93 -20.99 -0.40
N HIS B 478 22.84 -20.77 -1.14
CA HIS B 478 22.75 -19.66 -2.07
C HIS B 478 21.73 -18.65 -1.59
N LYS B 479 22.10 -17.91 -0.56
CA LYS B 479 21.13 -17.08 0.16
C LYS B 479 20.69 -15.83 -0.61
N GLU B 480 21.60 -15.26 -1.38
CA GLU B 480 21.29 -14.05 -2.15
C GLU B 480 20.33 -14.37 -3.29
N GLN B 481 20.60 -15.48 -3.97
CA GLN B 481 19.73 -15.99 -5.01
C GLN B 481 18.35 -16.33 -4.44
N ALA B 482 18.33 -16.99 -3.30
CA ALA B 482 17.07 -17.33 -2.62
C ALA B 482 16.29 -16.07 -2.26
N TYR B 483 16.98 -15.05 -1.75
CA TYR B 483 16.31 -13.84 -1.33
C TYR B 483 15.62 -13.16 -2.51
N ILE B 484 16.35 -12.96 -3.60
CA ILE B 484 15.79 -12.33 -4.79
C ILE B 484 14.65 -13.18 -5.35
N GLN B 485 14.88 -14.49 -5.43
CA GLN B 485 13.89 -15.41 -5.97
C GLN B 485 12.59 -15.42 -5.15
N SER B 486 12.69 -15.13 -3.85
CA SER B 486 11.51 -15.04 -2.97
C SER B 486 10.64 -13.81 -3.24
N LYS B 487 11.15 -12.86 -4.02
CA LYS B 487 10.35 -11.70 -4.38
C LYS B 487 9.40 -12.06 -5.52
N ALA B 488 8.11 -12.07 -5.18
CA ALA B 488 7.02 -12.43 -6.08
C ALA B 488 7.21 -11.88 -7.49
N ASP B 489 7.16 -12.78 -8.46
CA ASP B 489 7.40 -12.42 -9.84
C ASP B 489 7.00 -13.62 -10.69
N THR B 490 7.26 -13.49 -11.99
CA THR B 490 7.17 -14.55 -12.96
C THR B 490 7.47 -15.98 -12.47
N HIS B 491 8.62 -16.24 -11.86
CA HIS B 491 8.96 -17.62 -11.49
C HIS B 491 9.07 -17.88 -9.98
N SER B 492 8.39 -17.07 -9.16
CA SER B 492 8.53 -17.20 -7.69
C SER B 492 8.11 -18.56 -7.12
N LYS B 493 7.22 -19.27 -7.81
CA LYS B 493 6.80 -20.62 -7.38
C LYS B 493 7.63 -21.75 -8.00
N ASN B 494 8.55 -21.42 -8.89
CA ASN B 494 9.52 -22.40 -9.41
C ASN B 494 10.48 -22.82 -8.30
N SER B 495 10.86 -24.08 -8.30
CA SER B 495 11.99 -24.53 -7.50
C SER B 495 13.27 -24.14 -8.23
N CYS B 496 14.36 -24.03 -7.48
CA CYS B 496 15.68 -23.73 -8.05
C CYS B 496 16.08 -24.79 -9.06
N ALA B 497 15.76 -26.04 -8.74
CA ALA B 497 16.13 -27.18 -9.58
C ALA B 497 15.38 -27.20 -10.91
N SER B 498 14.27 -26.47 -11.01
CA SER B 498 13.47 -26.47 -12.23
C SER B 498 14.23 -25.92 -13.43
N CYS B 499 14.93 -24.80 -13.26
CA CYS B 499 15.79 -24.28 -14.33
C CYS B 499 17.16 -24.97 -14.36
N HIS B 500 17.67 -25.27 -13.18
CA HIS B 500 19.07 -25.64 -13.05
C HIS B 500 19.35 -27.11 -13.26
N MET B 501 18.32 -27.93 -13.09
CA MET B 501 18.45 -29.38 -13.17
C MET B 501 17.37 -30.00 -14.07
N PRO B 502 17.44 -29.70 -15.37
CA PRO B 502 16.50 -30.28 -16.34
C PRO B 502 16.73 -31.77 -16.54
N PHE B 503 15.70 -32.46 -16.98
CA PHE B 503 15.75 -33.90 -17.19
C PHE B 503 16.34 -34.24 -18.56
N MET B 504 17.65 -34.06 -18.71
CA MET B 504 18.34 -34.26 -19.99
C MET B 504 18.70 -35.71 -20.25
N MET B 505 18.66 -36.56 -19.23
CA MET B 505 19.23 -37.89 -19.34
C MET B 505 18.27 -38.94 -19.90
N SER B 506 18.81 -39.82 -20.71
CA SER B 506 18.07 -40.91 -21.32
C SER B 506 18.33 -42.20 -20.56
N CYS B 507 17.26 -42.77 -20.03
CA CYS B 507 17.30 -44.05 -19.35
C CYS B 507 17.05 -45.19 -20.33
N GLU B 508 16.22 -44.94 -21.34
CA GLU B 508 15.69 -45.99 -22.21
C GLU B 508 16.42 -46.14 -23.55
N ASN B 509 17.33 -45.21 -23.86
CA ASN B 509 17.97 -45.13 -25.18
C ASN B 509 16.94 -45.19 -26.30
N PHE B 510 15.90 -44.38 -26.16
CA PHE B 510 14.84 -44.32 -27.14
C PHE B 510 15.27 -43.33 -28.23
N TYR B 511 16.29 -43.71 -28.99
CA TYR B 511 16.94 -42.79 -29.94
C TYR B 511 15.99 -42.29 -31.03
N ALA B 512 14.96 -43.08 -31.33
CA ALA B 512 13.93 -42.69 -32.30
C ALA B 512 13.27 -41.33 -32.00
N ILE B 513 13.23 -40.92 -30.72
CA ILE B 513 12.63 -39.64 -30.32
C ILE B 513 13.61 -38.64 -29.71
N GLN B 514 14.90 -38.88 -29.88
CA GLN B 514 15.94 -37.99 -29.36
C GLN B 514 16.21 -36.91 -30.38
N PHE B 515 15.78 -35.68 -30.07
CA PHE B 515 16.07 -34.52 -30.91
C PHE B 515 16.67 -33.43 -30.02
N GLN B 516 17.97 -33.58 -29.76
CA GLN B 516 18.59 -32.89 -28.63
C GLN B 516 18.63 -31.39 -28.76
N ASP B 517 18.67 -30.87 -29.99
CA ASP B 517 18.62 -29.42 -30.20
C ASP B 517 17.26 -28.81 -29.84
N GLN B 518 16.21 -29.64 -29.80
CA GLN B 518 14.87 -29.24 -29.36
C GLN B 518 14.60 -29.64 -27.91
N ALA B 519 15.65 -30.08 -27.21
CA ALA B 519 15.58 -30.52 -25.82
C ALA B 519 14.43 -31.49 -25.56
N GLY B 520 14.43 -32.56 -26.33
CA GLY B 520 13.50 -33.67 -26.15
C GLY B 520 13.90 -34.83 -27.04
N PHE B 521 13.22 -35.96 -26.97
CA PHE B 521 12.05 -36.16 -26.12
C PHE B 521 12.18 -37.42 -25.26
N ASP B 522 13.43 -37.86 -25.09
CA ASP B 522 13.78 -39.06 -24.35
C ASP B 522 14.50 -38.60 -23.08
N THR B 523 13.69 -38.23 -22.09
CA THR B 523 14.11 -37.33 -21.04
C THR B 523 13.59 -37.82 -19.69
N GLN B 524 14.31 -38.76 -19.09
CA GLN B 524 13.80 -39.48 -17.92
C GLN B 524 14.54 -39.28 -16.61
N ARG B 525 15.79 -38.79 -16.67
CA ARG B 525 16.56 -38.51 -15.47
C ARG B 525 17.15 -37.11 -15.43
N ARG B 526 17.48 -36.68 -14.20
CA ARG B 526 17.77 -35.28 -13.89
C ARG B 526 19.26 -34.94 -14.01
N ALA B 527 19.58 -33.96 -14.83
CA ALA B 527 20.96 -33.53 -15.01
C ALA B 527 21.50 -32.92 -13.71
N HIS B 528 22.76 -33.25 -13.41
CA HIS B 528 23.47 -32.73 -12.25
C HIS B 528 24.69 -31.91 -12.72
N ILE B 529 24.39 -30.72 -13.20
CA ILE B 529 25.37 -29.85 -13.87
C ILE B 529 25.26 -28.42 -13.34
N TRP B 530 24.04 -27.93 -13.21
CA TRP B 530 23.73 -26.68 -12.52
C TRP B 530 24.08 -25.41 -13.28
N LYS B 531 25.32 -25.30 -13.73
CA LYS B 531 25.73 -24.13 -14.48
C LYS B 531 24.86 -23.97 -15.74
N ILE B 532 24.19 -22.82 -15.86
CA ILE B 532 23.44 -22.52 -17.06
C ILE B 532 24.25 -21.54 -17.92
N ASP B 533 24.54 -21.97 -19.14
CA ASP B 533 25.24 -21.13 -20.12
C ASP B 533 24.22 -20.23 -20.80
N VAL B 534 24.61 -19.00 -21.10
CA VAL B 534 23.73 -18.04 -21.77
C VAL B 534 24.29 -17.69 -23.13
N ASP B 535 23.77 -18.36 -24.15
CA ASP B 535 24.32 -18.27 -25.48
C ASP B 535 23.23 -18.58 -26.52
N PRO B 536 23.24 -17.86 -27.65
CA PRO B 536 22.24 -18.09 -28.69
C PRO B 536 22.29 -19.48 -29.34
N ALA B 537 23.50 -20.06 -29.47
CA ALA B 537 23.70 -21.26 -30.30
C ALA B 537 24.41 -22.46 -29.66
N ARG B 538 25.31 -22.19 -28.70
CA ARG B 538 26.13 -23.24 -28.11
C ARG B 538 25.28 -24.28 -27.35
N LYS B 539 25.53 -25.56 -27.64
CA LYS B 539 24.75 -26.66 -27.09
C LYS B 539 25.50 -27.44 -26.01
N SER B 540 24.75 -27.94 -25.02
CA SER B 540 25.30 -28.81 -23.99
C SER B 540 25.82 -30.12 -24.58
N LEU B 541 25.02 -30.67 -25.50
CA LEU B 541 25.27 -32.00 -26.05
C LEU B 541 25.66 -31.86 -27.52
N VAL B 542 26.70 -32.57 -27.94
CA VAL B 542 27.16 -32.47 -29.32
C VAL B 542 27.63 -33.82 -29.82
N ALA B 543 27.59 -33.96 -31.15
CA ALA B 543 28.05 -35.16 -31.82
C ALA B 543 29.56 -35.21 -31.85
N GLY B 544 30.11 -36.42 -31.79
CA GLY B 544 31.53 -36.62 -31.98
C GLY B 544 31.93 -36.35 -33.42
N SER B 545 33.22 -36.14 -33.63
CA SER B 545 33.77 -35.88 -34.95
C SER B 545 33.69 -37.11 -35.87
N THR B 546 33.48 -38.29 -35.28
CA THR B 546 33.23 -39.51 -36.07
C THR B 546 31.81 -39.53 -36.67
N SER B 547 30.90 -38.72 -36.14
CA SER B 547 29.52 -38.65 -36.63
C SER B 547 29.49 -38.13 -38.06
N LYS B 548 28.91 -38.91 -38.97
CA LYS B 548 28.81 -38.54 -40.39
C LYS B 548 27.39 -38.20 -40.84
N ASP B 549 26.45 -38.20 -39.89
CA ASP B 549 25.04 -37.96 -40.18
C ASP B 549 24.44 -37.43 -38.87
N PRO B 550 23.69 -36.31 -38.92
CA PRO B 550 23.25 -35.63 -37.70
C PRO B 550 22.53 -36.49 -36.66
N ARG B 551 22.04 -37.67 -37.06
CA ARG B 551 21.31 -38.54 -36.15
C ARG B 551 21.89 -39.95 -36.02
N ASP B 552 23.13 -40.16 -36.44
CA ASP B 552 23.74 -41.49 -36.32
C ASP B 552 24.18 -41.81 -34.87
N GLY B 553 24.26 -40.79 -34.02
CA GLY B 553 24.51 -40.97 -32.59
C GLY B 553 25.89 -41.45 -32.21
N LYS B 554 26.90 -41.04 -32.98
CA LYS B 554 28.28 -41.48 -32.76
C LYS B 554 29.07 -40.54 -31.84
N ASP B 555 29.56 -41.11 -30.73
CA ASP B 555 30.50 -40.42 -29.81
C ASP B 555 29.98 -39.08 -29.29
N TRP B 556 28.68 -39.00 -29.02
CA TRP B 556 28.08 -37.79 -28.47
C TRP B 556 28.66 -37.54 -27.07
N HIS B 557 28.75 -36.28 -26.69
CA HIS B 557 29.35 -35.93 -25.40
C HIS B 557 28.95 -34.55 -24.92
N PHE B 558 29.27 -34.27 -23.66
CA PHE B 558 29.05 -32.95 -23.11
C PHE B 558 30.09 -32.01 -23.68
N GLU B 559 29.72 -30.76 -23.94
CA GLU B 559 30.72 -29.74 -24.19
C GLU B 559 31.19 -29.17 -22.88
N ARG B 560 32.37 -28.54 -22.93
CA ARG B 560 32.98 -27.89 -21.78
C ARG B 560 33.03 -26.40 -22.01
N ASN B 561 32.76 -25.61 -20.99
CA ASN B 561 32.79 -24.17 -21.13
C ASN B 561 34.21 -23.65 -20.86
N GLU B 562 34.37 -22.34 -20.86
CA GLU B 562 35.69 -21.71 -20.69
C GLU B 562 36.31 -22.00 -19.33
N GLU B 563 35.49 -22.42 -18.36
CA GLU B 563 35.99 -22.84 -17.06
C GLU B 563 36.22 -24.35 -16.95
N GLY B 564 36.13 -25.07 -18.07
CA GLY B 564 36.34 -26.50 -18.09
C GLY B 564 35.23 -27.29 -17.44
N ARG B 565 34.02 -26.73 -17.42
CA ARG B 565 32.88 -27.36 -16.77
C ARG B 565 31.76 -27.73 -17.72
N ASN B 566 30.96 -28.70 -17.32
CA ASN B 566 29.70 -28.97 -17.98
C ASN B 566 28.75 -27.79 -17.80
N PHE B 567 27.79 -27.67 -18.70
CA PHE B 567 26.82 -26.58 -18.64
C PHE B 567 25.49 -26.97 -19.25
N VAL B 568 24.45 -26.27 -18.85
CA VAL B 568 23.11 -26.47 -19.37
C VAL B 568 22.78 -25.32 -20.32
N ASP B 569 22.47 -25.65 -21.58
CA ASP B 569 22.10 -24.61 -22.53
C ASP B 569 20.66 -24.18 -22.28
N LEU B 570 20.31 -23.00 -22.78
CA LEU B 570 19.02 -22.37 -22.45
C LEU B 570 17.79 -23.14 -22.94
N MET B 571 17.95 -23.89 -24.03
CA MET B 571 16.86 -24.74 -24.52
C MET B 571 16.49 -25.80 -23.48
N TRP B 572 17.49 -26.48 -22.92
CA TRP B 572 17.26 -27.45 -21.84
C TRP B 572 16.71 -26.82 -20.56
N ALA B 573 17.25 -25.66 -20.20
CA ALA B 573 16.87 -25.01 -18.95
C ALA B 573 15.45 -24.46 -18.98
N CYS B 574 15.01 -23.98 -20.15
CA CYS B 574 13.74 -23.27 -20.26
C CYS B 574 12.64 -24.00 -21.01
N ALA B 575 13.00 -24.68 -22.09
CA ALA B 575 12.02 -25.17 -23.06
C ALA B 575 12.05 -26.68 -23.29
N ARG B 576 12.72 -27.42 -22.41
CA ARG B 576 12.78 -28.88 -22.52
C ARG B 576 11.40 -29.54 -22.44
N THR B 577 11.27 -30.69 -23.10
CA THR B 577 10.05 -31.49 -23.04
C THR B 577 10.34 -32.78 -22.28
N THR B 578 9.52 -33.07 -21.27
CA THR B 578 9.66 -34.28 -20.47
C THR B 578 8.33 -34.65 -19.80
N TRP B 579 8.22 -35.90 -19.39
CA TRP B 579 7.09 -36.39 -18.61
C TRP B 579 7.56 -37.04 -17.30
N ALA B 580 8.76 -36.67 -16.86
CA ALA B 580 9.36 -37.23 -15.65
C ALA B 580 9.59 -36.18 -14.57
N ASP B 581 9.26 -34.92 -14.88
CA ASP B 581 9.57 -33.78 -14.04
C ASP B 581 8.29 -33.22 -13.43
N LYS B 582 8.01 -33.60 -12.19
CA LYS B 582 6.79 -33.15 -11.51
C LYS B 582 6.72 -31.63 -11.38
N ASP B 583 7.86 -30.98 -11.13
CA ASP B 583 7.91 -29.51 -11.06
C ASP B 583 7.39 -28.88 -12.35
N GLN B 584 7.81 -29.41 -13.49
CA GLN B 584 7.38 -28.94 -14.79
C GLN B 584 5.89 -29.19 -15.01
N ALA B 585 5.43 -30.38 -14.65
CA ALA B 585 4.00 -30.72 -14.74
C ALA B 585 3.13 -29.77 -13.89
N GLU B 586 3.69 -29.26 -12.79
CA GLU B 586 2.94 -28.39 -11.89
C GLU B 586 3.15 -26.90 -12.17
N ALA B 587 3.91 -26.58 -13.21
CA ALA B 587 4.17 -25.21 -13.60
C ALA B 587 3.88 -25.04 -15.09
N LYS B 588 2.69 -25.51 -15.48
CA LYS B 588 2.16 -25.36 -16.83
C LYS B 588 3.04 -25.93 -17.92
N GLY B 589 3.85 -26.94 -17.59
CA GLY B 589 4.76 -27.53 -18.59
C GLY B 589 5.87 -26.60 -19.04
N CYS B 590 6.20 -25.61 -18.21
CA CYS B 590 7.22 -24.63 -18.54
C CYS B 590 6.99 -24.05 -19.95
N HIS B 591 8.02 -24.03 -20.80
CA HIS B 591 7.95 -23.38 -22.10
C HIS B 591 8.05 -24.33 -23.27
N SER B 592 7.80 -25.61 -23.00
CA SER B 592 7.87 -26.64 -24.02
C SER B 592 6.74 -26.48 -25.03
N PRO B 593 7.08 -26.40 -26.33
CA PRO B 593 6.03 -26.36 -27.35
C PRO B 593 5.05 -27.54 -27.28
N VAL B 594 5.52 -28.67 -26.77
CA VAL B 594 4.73 -29.90 -26.74
C VAL B 594 3.83 -30.00 -25.51
N VAL B 595 4.33 -29.58 -24.34
CA VAL B 595 3.55 -29.74 -23.10
C VAL B 595 3.22 -28.44 -22.37
N SER B 596 3.64 -27.30 -22.89
CA SER B 596 3.32 -26.04 -22.21
C SER B 596 1.83 -25.76 -22.30
N GLU B 597 1.24 -25.35 -21.17
CA GLU B 597 -0.14 -24.87 -21.11
C GLU B 597 -0.18 -23.34 -21.12
N LEU B 598 0.98 -22.70 -21.28
CA LEU B 598 1.04 -21.26 -21.36
C LEU B 598 0.58 -20.83 -22.74
N LYS B 599 0.32 -19.54 -22.88
CA LYS B 599 -0.01 -18.97 -24.19
C LYS B 599 1.10 -19.26 -25.19
N GLU B 600 0.75 -19.25 -26.48
CA GLU B 600 1.63 -19.73 -27.54
C GLU B 600 2.89 -18.87 -27.68
N THR B 601 2.78 -17.59 -27.32
CA THR B 601 3.92 -16.69 -27.37
C THR B 601 5.02 -17.07 -26.35
N LEU B 602 4.64 -17.82 -25.31
CA LEU B 602 5.60 -18.34 -24.32
C LEU B 602 6.01 -19.80 -24.57
N HIS B 603 5.81 -20.28 -25.81
CA HIS B 603 6.29 -21.59 -26.23
C HIS B 603 7.57 -21.34 -27.01
N PHE B 604 8.71 -21.80 -26.48
CA PHE B 604 10.01 -21.46 -27.07
C PHE B 604 10.46 -22.55 -28.03
N LYS B 605 10.57 -22.22 -29.32
CA LYS B 605 10.82 -23.21 -30.36
C LYS B 605 12.30 -23.48 -30.60
N ASP B 606 13.17 -22.59 -30.16
CA ASP B 606 14.62 -22.79 -30.31
C ASP B 606 15.41 -21.89 -29.38
N GLN B 607 16.71 -22.14 -29.33
CA GLN B 607 17.56 -21.57 -28.29
C GLN B 607 17.79 -20.07 -28.46
N LYS B 608 17.90 -19.62 -29.70
CA LYS B 608 18.00 -18.19 -30.00
C LYS B 608 16.78 -17.42 -29.50
N GLN B 609 15.61 -18.02 -29.63
CA GLN B 609 14.40 -17.41 -29.11
C GLN B 609 14.46 -17.28 -27.59
N VAL B 610 14.97 -18.33 -26.92
CA VAL B 610 15.13 -18.27 -25.47
C VAL B 610 16.18 -17.26 -25.08
N TYR B 611 17.31 -17.28 -25.78
CA TYR B 611 18.38 -16.31 -25.54
C TYR B 611 17.90 -14.86 -25.65
N ASN B 612 17.12 -14.55 -26.66
CA ASN B 612 16.56 -13.20 -26.80
C ASN B 612 15.62 -12.83 -25.65
N GLU B 613 14.88 -13.79 -25.13
CA GLU B 613 14.06 -13.53 -23.95
C GLU B 613 14.94 -13.25 -22.73
N VAL B 614 16.06 -13.93 -22.64
CA VAL B 614 16.99 -13.76 -21.52
C VAL B 614 17.66 -12.39 -21.61
N MET B 615 18.15 -12.02 -22.80
CA MET B 615 18.76 -10.71 -23.03
C MET B 615 17.80 -9.55 -22.73
N GLY B 616 16.51 -9.77 -22.91
CA GLY B 616 15.51 -8.73 -22.62
C GLY B 616 15.47 -8.38 -21.14
N TRP B 617 15.82 -9.36 -20.30
CA TRP B 617 15.90 -9.14 -18.87
C TRP B 617 17.31 -8.73 -18.42
N GLN B 618 18.33 -9.40 -18.94
CA GLN B 618 19.69 -9.18 -18.44
C GLN B 618 20.29 -7.86 -18.90
N THR B 619 19.99 -7.45 -20.14
CA THR B 619 20.58 -6.24 -20.70
C THR B 619 20.23 -4.98 -19.89
N PRO B 620 18.93 -4.72 -19.65
CA PRO B 620 18.63 -3.57 -18.82
C PRO B 620 19.27 -3.65 -17.44
N VAL B 621 19.25 -4.83 -16.82
CA VAL B 621 19.85 -4.97 -15.50
C VAL B 621 21.35 -4.67 -15.54
N LYS B 622 22.04 -5.27 -16.50
CA LYS B 622 23.48 -5.11 -16.62
C LYS B 622 23.86 -3.66 -16.88
N ASP B 623 23.11 -2.99 -17.78
CA ASP B 623 23.35 -1.59 -18.10
C ASP B 623 23.29 -0.72 -16.85
N LYS B 624 22.20 -0.83 -16.11
CA LYS B 624 22.00 0.00 -14.92
C LYS B 624 23.01 -0.35 -13.83
N PHE B 625 23.32 -1.63 -13.70
CA PHE B 625 24.31 -2.09 -12.74
C PHE B 625 25.65 -1.40 -13.02
N THR B 626 26.05 -1.39 -14.28
CA THR B 626 27.29 -0.75 -14.67
C THR B 626 27.30 0.75 -14.35
N GLN B 627 26.19 1.44 -14.62
CA GLN B 627 26.07 2.86 -14.29
C GLN B 627 26.26 3.14 -12.81
N VAL B 628 25.63 2.30 -11.99
CA VAL B 628 25.65 2.47 -10.54
C VAL B 628 27.07 2.23 -10.02
N LYS B 629 27.74 1.22 -10.54
CA LYS B 629 29.07 0.85 -10.08
C LYS B 629 30.10 1.93 -10.44
N VAL B 630 30.02 2.45 -11.67
CA VAL B 630 30.86 3.57 -12.10
C VAL B 630 30.56 4.84 -11.30
N GLY B 631 29.28 5.09 -11.04
CA GLY B 631 28.87 6.23 -10.23
C GLY B 631 29.48 6.18 -8.84
N ILE B 632 29.34 5.03 -8.19
CA ILE B 632 29.87 4.86 -6.84
C ILE B 632 31.35 5.20 -6.83
N GLN B 633 32.12 4.54 -7.70
CA GLN B 633 33.56 4.74 -7.74
C GLN B 633 33.92 6.17 -8.09
N GLY B 634 33.23 6.73 -9.08
CA GLY B 634 33.49 8.10 -9.49
C GLY B 634 33.27 9.06 -8.34
N LEU B 635 32.16 8.88 -7.63
CA LEU B 635 31.84 9.73 -6.52
C LEU B 635 32.86 9.60 -5.38
N TYR B 636 33.23 8.36 -5.01
CA TYR B 636 34.28 8.15 -4.00
C TYR B 636 35.53 8.94 -4.35
N SER B 637 35.95 8.85 -5.60
CA SER B 637 37.13 9.56 -6.06
C SER B 637 36.98 11.08 -5.96
N LEU B 638 35.83 11.61 -6.33
CA LEU B 638 35.62 13.06 -6.28
C LEU B 638 35.51 13.60 -4.86
N LEU B 639 35.05 12.80 -3.91
CA LEU B 639 35.05 13.20 -2.50
C LEU B 639 36.46 13.53 -1.98
N GLU B 640 37.48 12.93 -2.59
CA GLU B 640 38.87 13.18 -2.17
C GLU B 640 39.39 14.58 -2.49
N VAL B 641 38.69 15.33 -3.34
CA VAL B 641 39.13 16.67 -3.75
C VAL B 641 38.11 17.80 -3.66
N LYS B 642 36.82 17.50 -3.85
CA LYS B 642 35.82 18.56 -3.94
C LYS B 642 35.22 18.86 -2.57
N LYS B 643 35.21 20.15 -2.24
CA LYS B 643 34.82 20.63 -0.92
C LYS B 643 33.30 20.67 -0.82
N LEU B 644 32.79 20.08 0.26
CA LEU B 644 31.36 20.04 0.53
C LEU B 644 31.11 20.41 1.98
N ALA B 645 29.99 21.07 2.23
CA ALA B 645 29.55 21.31 3.60
C ALA B 645 29.40 19.97 4.31
N PRO B 646 29.66 19.93 5.62
CA PRO B 646 29.62 18.66 6.35
C PRO B 646 28.42 17.78 6.01
N SER B 647 27.22 18.37 5.99
CA SER B 647 25.99 17.62 5.81
C SER B 647 25.75 17.14 4.38
N ASP B 648 26.42 17.78 3.41
CA ASP B 648 26.41 17.33 2.01
C ASP B 648 27.32 16.10 1.85
N LYS B 649 28.51 16.19 2.42
CA LYS B 649 29.47 15.09 2.44
C LYS B 649 28.81 13.88 3.10
N THR B 650 28.24 14.10 4.29
CA THR B 650 27.47 13.07 4.95
C THR B 650 26.52 12.41 3.95
N ARG B 651 25.74 13.24 3.26
CA ARG B 651 24.67 12.76 2.40
C ARG B 651 25.20 11.99 1.19
N VAL B 652 26.24 12.52 0.54
CA VAL B 652 26.85 11.84 -0.59
C VAL B 652 27.34 10.45 -0.15
N TYR B 653 28.06 10.37 0.96
CA TYR B 653 28.55 9.09 1.50
C TYR B 653 27.41 8.11 1.71
N GLU B 654 26.40 8.60 2.40
CA GLU B 654 25.22 7.84 2.74
C GLU B 654 24.56 7.23 1.50
N LEU B 655 24.47 8.02 0.44
CA LEU B 655 23.83 7.59 -0.79
C LEU B 655 24.63 6.51 -1.51
N ILE B 656 25.94 6.73 -1.64
CA ILE B 656 26.78 5.76 -2.33
C ILE B 656 26.95 4.44 -1.54
N GLU B 657 26.88 4.51 -0.21
CA GLU B 657 26.87 3.28 0.60
C GLU B 657 25.60 2.47 0.41
N LYS B 658 24.47 3.16 0.28
CA LYS B 658 23.19 2.50 0.01
C LYS B 658 23.22 1.85 -1.38
N ALA B 659 23.79 2.56 -2.35
CA ALA B 659 23.92 2.06 -3.73
C ALA B 659 24.85 0.86 -3.80
N GLN B 660 25.91 0.88 -2.98
CA GLN B 660 26.86 -0.21 -2.88
C GLN B 660 26.20 -1.47 -2.33
N ASP B 661 25.35 -1.34 -1.30
CA ASP B 661 24.58 -2.48 -0.81
C ASP B 661 23.87 -3.18 -1.96
N THR B 662 23.18 -2.40 -2.78
CA THR B 662 22.37 -2.91 -3.88
C THR B 662 23.22 -3.61 -4.94
N VAL B 663 24.32 -2.97 -5.30
CA VAL B 663 25.27 -3.52 -6.27
C VAL B 663 25.89 -4.83 -5.74
N ASP B 664 26.20 -4.88 -4.45
CA ASP B 664 26.81 -6.06 -3.85
C ASP B 664 25.84 -7.23 -3.89
N LEU B 665 24.57 -6.94 -3.59
CA LEU B 665 23.56 -7.97 -3.63
C LEU B 665 23.41 -8.53 -5.04
N ILE B 666 23.29 -7.65 -6.01
CA ILE B 666 23.03 -8.09 -7.39
C ILE B 666 24.24 -8.79 -8.00
N GLU B 667 25.45 -8.36 -7.67
CA GLU B 667 26.64 -9.05 -8.14
C GLU B 667 26.76 -10.44 -7.53
N LYS B 668 26.54 -10.55 -6.23
CA LYS B 668 26.59 -11.84 -5.54
C LYS B 668 25.50 -12.82 -6.04
N ASP B 669 24.34 -12.29 -6.41
CA ASP B 669 23.27 -13.10 -7.00
C ASP B 669 23.73 -13.65 -8.35
N GLY B 670 24.22 -12.77 -9.19
CA GLY B 670 24.83 -13.16 -10.46
C GLY B 670 23.90 -13.68 -11.54
N SER B 671 22.58 -13.52 -11.38
CA SER B 671 21.64 -13.93 -12.44
C SER B 671 21.25 -12.78 -13.35
N TRP B 672 21.59 -11.56 -12.94
CA TRP B 672 21.32 -10.35 -13.73
C TRP B 672 19.84 -10.27 -14.10
N GLY B 673 18.98 -10.52 -13.12
CA GLY B 673 17.54 -10.41 -13.30
C GLY B 673 16.77 -11.70 -13.47
N MET B 674 17.45 -12.80 -13.82
CA MET B 674 16.77 -14.06 -14.09
C MET B 674 16.17 -14.73 -12.86
N HIS B 675 16.58 -14.32 -11.65
CA HIS B 675 15.97 -14.83 -10.42
C HIS B 675 14.81 -13.97 -9.93
N GLY B 676 14.64 -12.80 -10.51
CA GLY B 676 13.60 -11.87 -10.09
C GLY B 676 13.78 -10.54 -10.78
N PHE B 677 13.22 -10.42 -11.98
CA PHE B 677 13.47 -9.24 -12.80
C PHE B 677 12.95 -7.94 -12.19
N LYS B 678 11.67 -7.89 -11.80
CA LYS B 678 11.11 -6.62 -11.35
C LYS B 678 11.81 -6.16 -10.08
N TYR B 679 12.06 -7.06 -9.14
CA TYR B 679 12.77 -6.68 -7.91
C TYR B 679 14.18 -6.16 -8.22
N THR B 680 14.91 -6.91 -9.04
CA THR B 680 16.28 -6.53 -9.42
C THR B 680 16.32 -5.13 -10.04
N LYS B 681 15.49 -4.89 -11.06
CA LYS B 681 15.45 -3.57 -11.70
C LYS B 681 14.96 -2.46 -10.74
N GLN B 682 14.04 -2.78 -9.83
CA GLN B 682 13.57 -1.79 -8.84
C GLN B 682 14.68 -1.33 -7.92
N ARG B 683 15.41 -2.28 -7.33
CA ARG B 683 16.57 -1.95 -6.49
C ARG B 683 17.55 -1.10 -7.27
N LEU B 684 17.81 -1.48 -8.51
CA LEU B 684 18.77 -0.75 -9.34
C LEU B 684 18.25 0.62 -9.75
N ASP B 685 16.95 0.74 -9.96
CA ASP B 685 16.35 2.04 -10.27
C ASP B 685 16.43 2.97 -9.07
N ALA B 686 16.22 2.42 -7.88
CA ALA B 686 16.40 3.17 -6.63
C ALA B 686 17.86 3.59 -6.44
N ALA B 687 18.78 2.67 -6.72
CA ALA B 687 20.21 2.95 -6.60
C ALA B 687 20.65 4.04 -7.58
N VAL B 688 20.10 4.00 -8.80
CA VAL B 688 20.34 5.05 -9.79
C VAL B 688 19.86 6.40 -9.27
N GLU B 689 18.73 6.41 -8.58
CA GLU B 689 18.24 7.61 -7.90
C GLU B 689 19.20 8.12 -6.84
N TYR B 690 19.78 7.21 -6.05
CA TYR B 690 20.76 7.60 -5.02
C TYR B 690 21.97 8.27 -5.67
N ILE B 691 22.46 7.66 -6.74
CA ILE B 691 23.62 8.19 -7.45
C ILE B 691 23.31 9.56 -8.05
N ASN B 692 22.11 9.74 -8.58
CA ASN B 692 21.73 11.01 -9.19
C ASN B 692 21.60 12.13 -8.17
N GLU B 693 21.01 11.83 -7.02
CA GLU B 693 20.95 12.80 -5.92
C GLU B 693 22.36 13.19 -5.49
N ALA B 694 23.25 12.21 -5.44
CA ALA B 694 24.63 12.44 -5.02
C ALA B 694 25.34 13.35 -6.01
N GLN B 695 25.08 13.15 -7.30
CA GLN B 695 25.62 14.01 -8.34
C GLN B 695 25.06 15.44 -8.24
N ARG B 696 23.77 15.54 -7.90
CA ARG B 696 23.11 16.83 -7.71
C ARG B 696 23.85 17.65 -6.64
N ILE B 697 24.22 17.00 -5.56
CA ILE B 697 24.96 17.65 -4.47
C ILE B 697 26.37 18.07 -4.92
N MET B 698 27.06 17.18 -5.63
CA MET B 698 28.39 17.50 -6.16
C MET B 698 28.35 18.70 -7.11
N LYS B 699 27.27 18.78 -7.89
CA LYS B 699 27.08 19.84 -8.89
C LYS B 699 27.08 21.24 -8.28
N LYS B 700 26.40 21.40 -7.14
CA LYS B 700 26.26 22.69 -6.46
C LYS B 700 27.61 23.37 -6.27
N SER B 701 28.55 22.63 -5.70
CA SER B 701 29.92 23.12 -5.56
C SER B 701 30.52 23.41 -6.94
N LEU B 702 30.31 22.49 -7.88
CA LEU B 702 30.81 22.51 -9.27
C LEU B 702 32.05 21.66 -9.45
N MET C 43 14.47 -70.89 38.46
CA MET C 43 15.31 -69.93 37.68
C MET C 43 15.47 -70.34 36.23
N GLN C 44 15.18 -69.41 35.32
CA GLN C 44 15.42 -69.61 33.91
C GLN C 44 15.49 -68.28 33.16
N MET C 45 15.91 -68.36 31.91
CA MET C 45 15.97 -67.21 31.03
C MET C 45 14.56 -66.77 30.67
N THR C 46 14.44 -65.57 30.13
CA THR C 46 13.14 -65.00 29.77
C THR C 46 12.51 -65.86 28.69
N LYS C 47 11.20 -65.77 28.54
CA LYS C 47 10.52 -66.56 27.52
C LYS C 47 10.96 -66.14 26.12
N GLU C 48 11.17 -64.84 25.92
CA GLU C 48 11.60 -64.35 24.60
C GLU C 48 12.94 -64.95 24.19
N ALA C 49 13.85 -65.09 25.14
CA ALA C 49 15.15 -65.72 24.89
C ALA C 49 14.99 -67.21 24.57
N ARG C 50 14.15 -67.91 25.33
CA ARG C 50 13.99 -69.36 25.17
C ARG C 50 13.32 -69.70 23.84
N GLU C 51 12.34 -68.90 23.43
CA GLU C 51 11.72 -69.04 22.10
C GLU C 51 12.75 -68.97 20.97
N ILE C 52 13.61 -67.95 21.02
CA ILE C 52 14.70 -67.81 20.05
C ILE C 52 15.67 -68.96 20.15
N ILE C 53 16.05 -69.34 21.37
CA ILE C 53 16.91 -70.51 21.56
C ILE C 53 16.27 -71.77 20.96
N ALA C 54 14.95 -71.88 21.06
CA ALA C 54 14.24 -73.05 20.53
C ALA C 54 14.16 -73.03 19.01
N HIS C 55 13.99 -71.84 18.42
CA HIS C 55 13.87 -71.70 16.98
C HIS C 55 14.78 -70.59 16.45
N PRO C 56 16.10 -70.81 16.51
CA PRO C 56 17.05 -69.75 16.18
C PRO C 56 17.15 -69.52 14.68
N LYS C 57 17.03 -68.26 14.26
CA LYS C 57 17.21 -67.90 12.86
C LYS C 57 18.33 -66.88 12.72
N GLY C 58 19.44 -67.12 13.42
CA GLY C 58 20.63 -66.28 13.29
C GLY C 58 21.41 -66.59 12.03
N THR C 59 22.63 -66.07 11.91
CA THR C 59 23.42 -66.27 10.69
C THR C 59 24.83 -66.82 10.90
N LYS C 60 25.21 -67.14 12.13
CA LYS C 60 26.56 -67.57 12.40
C LYS C 60 26.83 -68.91 11.75
N GLU C 61 25.90 -69.85 11.89
CA GLU C 61 26.07 -71.19 11.34
C GLU C 61 25.86 -71.20 9.85
N SER C 62 24.76 -70.63 9.39
CA SER C 62 24.43 -70.68 7.97
C SER C 62 25.36 -69.81 7.10
N ARG C 63 25.71 -68.61 7.56
CA ARG C 63 26.45 -67.64 6.73
C ARG C 63 27.87 -67.34 7.20
N GLY C 64 28.20 -67.72 8.44
CA GLY C 64 29.50 -67.40 9.02
C GLY C 64 29.61 -65.96 9.49
N VAL C 65 28.46 -65.31 9.67
CA VAL C 65 28.40 -63.91 10.09
C VAL C 65 27.48 -63.80 11.29
N ILE C 66 27.97 -63.17 12.36
CA ILE C 66 27.15 -63.06 13.56
C ILE C 66 26.10 -61.97 13.39
N SER C 67 24.87 -62.25 13.79
CA SER C 67 23.79 -61.25 13.75
C SER C 67 22.91 -61.33 15.02
N LEU C 68 21.83 -60.54 15.07
CA LEU C 68 21.13 -60.31 16.34
C LEU C 68 20.77 -61.59 17.11
N GLN C 69 20.10 -62.53 16.44
CA GLN C 69 19.61 -63.74 17.12
C GLN C 69 20.72 -64.63 17.65
N ASP C 70 21.89 -64.57 17.01
CA ASP C 70 23.07 -65.28 17.50
C ASP C 70 23.51 -64.78 18.88
N TYR C 71 23.44 -63.47 19.09
CA TYR C 71 23.77 -62.88 20.39
C TYR C 71 22.86 -63.38 21.51
N ILE C 72 21.59 -63.60 21.19
CA ILE C 72 20.63 -64.01 22.20
C ILE C 72 20.95 -65.43 22.64
N VAL C 73 21.26 -66.27 21.66
CA VAL C 73 21.51 -67.68 21.91
C VAL C 73 22.78 -67.89 22.70
N GLU C 74 23.80 -67.09 22.39
CA GLU C 74 25.13 -67.29 22.98
C GLU C 74 25.13 -67.11 24.51
N GLU C 75 24.14 -66.43 25.03
CA GLU C 75 24.11 -66.07 26.44
C GLU C 75 23.72 -67.22 27.38
N GLN C 76 23.22 -68.32 26.83
CA GLN C 76 22.67 -69.41 27.62
C GLN C 76 23.64 -70.01 28.63
N ALA C 77 24.91 -70.13 28.27
CA ALA C 77 25.91 -70.72 29.17
C ALA C 77 26.13 -69.85 30.41
N MET C 78 26.13 -68.52 30.22
CA MET C 78 26.36 -67.59 31.32
C MET C 78 25.27 -67.66 32.38
N TYR C 79 24.01 -67.72 31.94
CA TYR C 79 22.91 -67.78 32.89
C TYR C 79 22.83 -69.13 33.59
N ASP C 80 23.07 -70.23 32.86
CA ASP C 80 23.21 -71.54 33.48
C ASP C 80 24.26 -71.49 34.57
N TRP C 81 25.39 -70.87 34.28
CA TRP C 81 26.51 -70.78 35.22
C TRP C 81 26.15 -69.95 36.46
N LEU C 82 25.50 -68.80 36.24
CA LEU C 82 25.06 -67.95 37.36
C LEU C 82 23.99 -68.61 38.23
N PHE C 83 23.04 -69.31 37.62
CA PHE C 83 22.00 -70.01 38.40
C PHE C 83 22.60 -71.03 39.36
N LYS C 84 23.76 -71.58 38.98
CA LYS C 84 24.46 -72.59 39.78
C LYS C 84 25.53 -72.01 40.71
N ASN C 85 26.17 -70.91 40.30
CA ASN C 85 27.38 -70.46 40.98
C ASN C 85 27.31 -69.12 41.71
N HIS C 86 26.33 -68.28 41.40
CA HIS C 86 26.22 -67.00 42.11
C HIS C 86 25.89 -67.20 43.59
N PRO C 87 26.51 -66.38 44.47
CA PRO C 87 26.29 -66.47 45.93
C PRO C 87 24.83 -66.45 46.37
N ILE C 88 23.98 -65.75 45.62
CA ILE C 88 22.56 -65.74 45.91
C ILE C 88 22.04 -67.18 46.03
N PHE C 89 22.60 -68.09 45.24
CA PHE C 89 22.18 -69.49 45.28
C PHE C 89 23.09 -70.39 46.12
N THR C 90 24.40 -70.20 46.00
CA THR C 90 25.34 -71.05 46.72
C THR C 90 25.39 -70.76 48.22
N LYS C 91 25.17 -69.50 48.61
CA LYS C 91 25.32 -69.09 50.00
C LYS C 91 24.02 -68.64 50.68
N TYR C 92 23.10 -68.05 49.92
CA TYR C 92 21.83 -67.56 50.46
C TYR C 92 20.64 -68.45 50.08
N GLY C 93 20.92 -69.58 49.43
CA GLY C 93 19.90 -70.56 49.12
C GLY C 93 18.76 -70.05 48.26
N GLY C 94 19.06 -69.09 47.40
CA GLY C 94 18.07 -68.54 46.46
C GLY C 94 17.03 -67.64 47.11
N LYS C 95 17.28 -67.21 48.33
CA LYS C 95 16.30 -66.42 49.06
C LYS C 95 16.75 -64.98 49.13
N THR C 96 15.84 -64.08 48.73
CA THR C 96 16.11 -62.65 48.68
C THR C 96 14.89 -61.95 49.26
N VAL C 97 15.09 -60.75 49.79
CA VAL C 97 13.97 -59.93 50.25
C VAL C 97 13.48 -59.12 49.05
N GLY C 98 12.46 -59.65 48.38
CA GLY C 98 12.02 -59.15 47.08
C GLY C 98 12.23 -60.27 46.08
N LYS C 99 11.46 -60.29 45.00
CA LYS C 99 11.55 -61.39 44.03
C LYS C 99 12.67 -61.18 42.98
N LEU C 100 13.40 -62.25 42.69
CA LEU C 100 14.37 -62.25 41.60
C LEU C 100 13.64 -62.23 40.27
N VAL C 101 13.96 -61.26 39.42
CA VAL C 101 13.39 -61.16 38.08
C VAL C 101 14.52 -61.18 37.05
N VAL C 102 14.70 -62.32 36.39
CA VAL C 102 15.74 -62.46 35.38
C VAL C 102 15.43 -61.55 34.19
N LYS C 103 16.45 -60.86 33.70
CA LYS C 103 16.28 -60.04 32.51
C LYS C 103 17.52 -60.17 31.63
N ASP C 104 17.37 -60.90 30.53
CA ASP C 104 18.51 -61.21 29.66
C ASP C 104 18.37 -60.49 28.33
N ARG C 105 19.23 -60.83 27.38
CA ARG C 105 19.24 -60.20 26.07
C ARG C 105 17.93 -60.42 25.33
N GLY C 106 17.30 -61.56 25.59
CA GLY C 106 15.96 -61.84 25.11
C GLY C 106 14.97 -60.71 25.35
N GLU C 107 14.97 -60.13 26.53
CA GLU C 107 14.08 -59.01 26.80
C GLU C 107 14.74 -57.67 26.46
N GLU C 108 15.98 -57.47 26.91
CA GLU C 108 16.65 -56.18 26.70
C GLU C 108 16.84 -55.86 25.21
N TRP C 109 17.41 -56.80 24.45
CA TRP C 109 17.78 -56.51 23.07
C TRP C 109 16.61 -56.65 22.08
N ILE C 110 15.52 -57.30 22.50
CA ILE C 110 14.40 -57.62 21.60
C ILE C 110 13.10 -56.90 21.97
N GLU C 111 12.69 -56.97 23.23
CA GLU C 111 11.39 -56.44 23.65
C GLU C 111 11.39 -54.95 23.96
N GLU C 112 12.51 -54.44 24.43
CA GLU C 112 12.57 -53.04 24.86
C GLU C 112 12.22 -52.09 23.73
N GLY C 113 11.64 -50.95 24.09
CA GLY C 113 11.23 -49.94 23.11
C GLY C 113 10.03 -50.34 22.29
N ARG C 114 9.26 -51.28 22.82
CA ARG C 114 8.16 -51.92 22.11
C ARG C 114 8.61 -52.41 20.75
N GLY C 115 9.74 -53.12 20.73
CA GLY C 115 10.28 -53.73 19.52
C GLY C 115 9.31 -54.65 18.81
N ASN C 116 8.54 -55.43 19.58
CA ASN C 116 7.59 -56.38 18.97
C ASN C 116 6.44 -55.66 18.25
N ASP C 117 5.97 -54.56 18.82
CA ASP C 117 4.95 -53.75 18.15
C ASP C 117 5.49 -53.07 16.89
N PHE C 118 6.68 -52.49 16.98
CA PHE C 118 7.33 -51.95 15.78
C PHE C 118 7.43 -53.03 14.71
N SER C 119 7.91 -54.21 15.10
CA SER C 119 8.03 -55.33 14.16
C SER C 119 6.71 -55.64 13.46
N LYS C 120 5.62 -55.64 14.23
CA LYS C 120 4.29 -55.96 13.70
C LYS C 120 3.78 -54.83 12.80
N ALA C 121 4.18 -53.60 13.12
CA ALA C 121 3.81 -52.43 12.31
C ALA C 121 4.60 -52.31 11.00
N SER C 122 5.62 -53.15 10.83
CA SER C 122 6.50 -53.08 9.67
C SER C 122 6.24 -54.22 8.69
N LYS C 123 6.52 -53.96 7.41
CA LYS C 123 6.46 -55.02 6.39
C LYS C 123 7.70 -55.92 6.41
N ARG C 124 8.76 -55.49 7.11
CA ARG C 124 9.96 -56.31 7.22
C ARG C 124 9.63 -57.70 7.74
N SER C 125 10.08 -58.72 7.01
CA SER C 125 9.87 -60.12 7.37
C SER C 125 8.41 -60.48 7.63
N GLY C 126 7.49 -59.84 6.90
CA GLY C 126 6.06 -60.11 7.03
C GLY C 126 5.41 -59.59 8.29
N GLY C 127 6.08 -58.70 9.01
CA GLY C 127 5.63 -58.27 10.33
C GLY C 127 5.87 -59.30 11.42
N GLU C 128 6.66 -60.33 11.12
CA GLU C 128 6.88 -61.46 12.03
C GLU C 128 8.31 -61.52 12.59
N GLY C 129 9.11 -60.50 12.30
CA GLY C 129 10.52 -60.49 12.74
C GLY C 129 10.73 -59.81 14.08
N PHE C 130 12.00 -59.49 14.35
CA PHE C 130 12.40 -58.83 15.59
C PHE C 130 13.04 -57.48 15.27
N SER C 131 12.92 -56.55 16.22
CA SER C 131 13.52 -55.22 16.09
C SER C 131 14.22 -54.88 17.40
N SER C 132 15.53 -54.65 17.32
CA SER C 132 16.30 -54.25 18.47
C SER C 132 16.32 -52.75 18.49
N MET C 133 15.49 -52.16 19.34
CA MET C 133 15.25 -50.73 19.32
C MET C 133 16.34 -49.90 20.00
N MET C 134 16.91 -50.41 21.09
CA MET C 134 17.83 -49.62 21.91
C MET C 134 19.15 -50.27 22.20
N TYR C 135 19.14 -51.58 22.43
CA TYR C 135 20.29 -52.25 23.00
C TYR C 135 20.79 -53.35 22.09
N ARG C 136 21.98 -53.13 21.55
CA ARG C 136 22.68 -54.12 20.74
C ARG C 136 24.14 -53.70 20.53
N VAL C 137 24.99 -54.65 20.14
CA VAL C 137 26.40 -54.38 19.88
C VAL C 137 26.66 -54.54 18.39
N ALA C 138 27.81 -54.03 17.94
CA ALA C 138 28.21 -54.07 16.53
C ALA C 138 29.24 -55.15 16.25
N ARG C 139 29.95 -55.53 17.29
CA ARG C 139 31.07 -56.43 17.15
C ARG C 139 30.89 -57.49 18.22
N ASN C 140 31.86 -58.39 18.36
CA ASN C 140 31.71 -59.48 19.29
C ASN C 140 31.36 -58.97 20.68
N SER C 141 30.58 -59.78 21.40
CA SER C 141 30.25 -59.48 22.77
C SER C 141 31.36 -59.98 23.69
N THR C 142 31.22 -59.70 24.98
CA THR C 142 32.20 -60.11 25.98
C THR C 142 32.15 -61.61 26.27
N LEU C 143 31.34 -62.35 25.53
CA LEU C 143 31.27 -63.80 25.70
C LEU C 143 32.19 -64.56 24.75
N GLN C 144 32.80 -63.88 23.79
CA GLN C 144 33.70 -64.55 22.85
C GLN C 144 35.15 -64.37 23.26
N TYR C 145 35.89 -65.48 23.26
CA TYR C 145 37.29 -65.49 23.60
C TYR C 145 38.04 -66.38 22.63
N PRO C 146 39.24 -65.96 22.21
CA PRO C 146 39.87 -64.70 22.57
C PRO C 146 39.29 -63.56 21.73
N ASN C 147 39.59 -62.32 22.11
CA ASN C 147 39.23 -61.15 21.33
C ASN C 147 40.50 -60.44 20.88
N LYS C 148 40.36 -59.45 20.01
CA LYS C 148 41.52 -58.75 19.44
C LYS C 148 41.83 -57.42 20.13
N PHE C 149 41.25 -57.16 21.30
CA PHE C 149 41.54 -55.91 22.01
C PHE C 149 42.99 -55.88 22.51
N ILE C 150 43.68 -54.78 22.25
CA ILE C 150 45.02 -54.54 22.79
C ILE C 150 45.01 -53.52 23.93
N GLY C 151 43.90 -52.82 24.10
CA GLY C 151 43.79 -51.79 25.15
C GLY C 151 44.23 -50.40 24.73
N PRO C 152 43.64 -49.37 25.36
CA PRO C 152 43.82 -47.98 24.95
C PRO C 152 45.25 -47.45 25.12
N GLU C 153 46.00 -48.03 26.06
CA GLU C 153 47.38 -47.62 26.28
C GLU C 153 48.28 -47.99 25.10
N LYS C 154 47.88 -49.00 24.33
CA LYS C 154 48.59 -49.39 23.11
C LYS C 154 48.25 -48.48 21.93
N CYS C 155 46.99 -48.09 21.81
CA CYS C 155 46.62 -47.05 20.84
C CYS C 155 47.35 -45.76 21.19
N GLY C 156 47.42 -45.44 22.48
CA GLY C 156 48.11 -44.25 22.96
C GLY C 156 49.61 -44.21 22.71
N GLU C 157 50.25 -45.35 22.52
CA GLU C 157 51.68 -45.36 22.19
C GLU C 157 51.95 -44.56 20.91
N CYS C 158 51.09 -44.74 19.91
CA CYS C 158 51.21 -44.06 18.63
C CYS C 158 50.33 -42.82 18.51
N HIS C 159 49.27 -42.76 19.32
CA HIS C 159 48.37 -41.61 19.33
C HIS C 159 48.34 -40.94 20.69
N PRO C 160 49.50 -40.43 21.14
CA PRO C 160 49.56 -39.83 22.46
C PRO C 160 48.57 -38.69 22.66
N ALA C 161 48.32 -37.91 21.61
CA ALA C 161 47.45 -36.74 21.71
C ALA C 161 46.01 -37.13 22.05
N GLN C 162 45.44 -37.99 21.22
CA GLN C 162 44.06 -38.42 21.43
C GLN C 162 43.96 -39.22 22.72
N TYR C 163 45.01 -39.94 23.10
CA TYR C 163 44.99 -40.61 24.37
C TYR C 163 44.81 -39.58 25.49
N GLU C 164 45.58 -38.50 25.49
CA GLU C 164 45.50 -37.54 26.58
C GLU C 164 44.11 -36.95 26.75
N THR C 165 43.49 -36.53 25.65
CA THR C 165 42.18 -35.90 25.73
C THR C 165 41.07 -36.92 26.07
N TRP C 166 41.16 -38.11 25.48
CA TRP C 166 40.21 -39.19 25.80
C TRP C 166 40.36 -39.61 27.26
N SER C 167 41.60 -39.70 27.75
CA SER C 167 41.85 -40.23 29.10
C SER C 167 41.35 -39.32 30.21
N ARG C 168 41.06 -38.05 29.89
CA ARG C 168 40.47 -37.15 30.87
C ARG C 168 39.03 -36.88 30.48
N SER C 169 38.30 -37.96 30.21
CA SER C 169 36.90 -37.89 29.86
C SER C 169 36.16 -38.99 30.59
N ARG C 170 34.87 -38.80 30.76
CA ARG C 170 34.06 -39.80 31.48
C ARG C 170 33.84 -41.06 30.66
N HIS C 171 34.03 -40.99 29.34
CA HIS C 171 34.10 -42.20 28.52
C HIS C 171 35.18 -43.12 29.09
N ALA C 172 36.32 -42.53 29.45
CA ALA C 172 37.49 -43.30 29.91
C ALA C 172 37.38 -43.91 31.30
N THR C 173 36.57 -43.31 32.18
CA THR C 173 36.53 -43.73 33.59
C THR C 173 35.14 -44.19 34.04
N THR C 174 34.23 -44.40 33.11
CA THR C 174 32.89 -44.86 33.48
C THR C 174 32.93 -46.24 34.15
N ILE C 175 33.95 -47.05 33.85
CA ILE C 175 34.21 -48.29 34.57
C ILE C 175 35.50 -48.13 35.35
N ARG C 176 35.43 -48.35 36.66
CA ARG C 176 36.61 -48.20 37.51
C ARG C 176 36.65 -49.24 38.59
N PHE C 177 37.86 -49.63 38.97
CA PHE C 177 38.08 -50.63 39.98
C PHE C 177 38.30 -49.96 41.31
N PRO C 178 37.90 -50.64 42.40
CA PRO C 178 38.26 -50.17 43.74
C PRO C 178 39.74 -49.83 43.82
N GLY C 179 40.05 -48.66 44.35
CA GLY C 179 41.41 -48.13 44.30
C GLY C 179 41.56 -46.99 43.29
N GLU C 180 40.54 -46.78 42.46
CA GLU C 180 40.58 -45.75 41.42
C GLU C 180 39.53 -44.66 41.66
N HIS C 181 39.29 -44.32 42.92
CA HIS C 181 38.30 -43.31 43.30
C HIS C 181 38.88 -42.23 44.22
N PRO C 182 39.89 -41.47 43.73
CA PRO C 182 40.52 -40.46 44.56
C PRO C 182 39.55 -39.35 44.97
N GLU C 183 38.48 -39.17 44.21
CA GLU C 183 37.49 -38.14 44.48
C GLU C 183 36.61 -38.42 45.72
N VAL C 184 36.68 -39.64 46.27
CA VAL C 184 36.13 -39.93 47.60
C VAL C 184 37.22 -40.55 48.48
N ASN C 185 38.47 -40.16 48.23
CA ASN C 185 39.61 -40.67 48.98
C ASN C 185 39.65 -42.20 49.07
N ASN C 186 39.12 -42.84 48.03
CA ASN C 186 39.01 -44.29 47.97
C ASN C 186 38.29 -44.93 49.16
N LYS C 187 37.29 -44.24 49.69
CA LYS C 187 36.41 -44.76 50.73
C LYS C 187 35.06 -45.04 50.09
N LEU C 188 34.86 -46.26 49.62
CA LEU C 188 33.62 -46.60 48.94
C LEU C 188 32.51 -46.95 49.93
N ASN C 189 32.87 -47.22 51.19
CA ASN C 189 31.89 -47.56 52.23
C ASN C 189 31.62 -46.45 53.27
N ASP C 190 32.25 -45.29 53.12
CA ASP C 190 31.94 -44.12 53.96
C ASP C 190 31.03 -43.13 53.23
N PRO C 191 30.23 -42.36 53.96
CA PRO C 191 29.39 -41.35 53.30
C PRO C 191 30.21 -40.38 52.45
N VAL C 192 29.67 -40.00 51.30
CA VAL C 192 30.37 -39.11 50.39
C VAL C 192 30.26 -37.67 50.89
N PHE C 193 29.03 -37.25 51.13
CA PHE C 193 28.77 -35.89 51.56
C PHE C 193 28.46 -35.89 53.06
N ASP C 194 27.27 -35.46 53.49
CA ASP C 194 26.95 -35.41 54.92
C ASP C 194 26.92 -36.82 55.50
N LYS C 195 27.35 -36.95 56.76
CA LYS C 195 27.46 -38.26 57.44
C LYS C 195 26.16 -39.06 57.60
N ASP C 196 25.01 -38.44 57.32
CA ASP C 196 23.72 -39.13 57.36
C ASP C 196 23.21 -39.41 55.93
N THR C 197 24.09 -39.29 54.95
CA THR C 197 23.76 -39.65 53.58
C THR C 197 24.66 -40.81 53.14
N ALA C 198 24.43 -41.30 51.93
CA ALA C 198 24.97 -42.59 51.50
C ALA C 198 26.44 -42.61 51.11
N SER C 199 27.03 -43.77 51.32
CA SER C 199 28.30 -44.15 50.72
C SER C 199 28.01 -44.66 49.32
N ILE C 200 29.05 -44.75 48.49
CA ILE C 200 28.87 -45.24 47.12
C ILE C 200 28.41 -46.69 47.11
N LEU C 201 29.09 -47.56 47.86
CA LEU C 201 28.69 -48.96 47.92
C LEU C 201 27.63 -49.12 49.01
N PRO C 202 26.62 -49.96 48.76
CA PRO C 202 25.59 -50.23 49.78
C PRO C 202 26.05 -51.11 50.94
N GLN C 203 25.19 -51.18 51.96
CA GLN C 203 25.30 -52.09 53.10
C GLN C 203 25.78 -53.48 52.70
N GLY C 204 26.83 -53.97 53.37
CA GLY C 204 27.28 -55.35 53.21
C GLY C 204 28.04 -55.67 51.92
N ILE C 205 28.21 -54.67 51.05
CA ILE C 205 28.97 -54.83 49.82
C ILE C 205 30.34 -54.19 50.05
N THR C 206 31.38 -55.00 50.07
CA THR C 206 32.73 -54.52 50.27
C THR C 206 33.54 -54.56 48.94
N PRO C 207 34.60 -53.73 48.85
CA PRO C 207 35.36 -53.66 47.59
C PRO C 207 35.89 -55.01 47.13
N ASP C 208 36.28 -55.86 48.07
CA ASP C 208 36.88 -57.14 47.70
C ASP C 208 35.93 -58.07 46.93
N VAL C 209 34.62 -57.81 46.95
CA VAL C 209 33.67 -58.58 46.13
C VAL C 209 32.97 -57.75 45.04
N VAL C 210 33.54 -56.60 44.70
CA VAL C 210 33.00 -55.75 43.65
C VAL C 210 34.01 -55.76 42.52
N TYR C 211 33.57 -56.12 41.31
CA TYR C 211 34.45 -56.08 40.15
C TYR C 211 34.77 -54.64 39.81
N CYS C 212 33.73 -53.82 39.68
CA CYS C 212 33.94 -52.44 39.32
C CYS C 212 32.80 -51.60 39.79
N THR C 213 33.02 -50.30 39.80
CA THR C 213 31.92 -49.35 39.85
C THR C 213 31.63 -48.82 38.45
N VAL C 214 30.40 -48.42 38.25
CA VAL C 214 29.97 -47.75 37.05
C VAL C 214 29.65 -46.33 37.46
N GLY C 215 30.01 -45.35 36.63
CA GLY C 215 29.58 -43.97 36.82
C GLY C 215 30.58 -43.04 37.47
N HIS C 216 30.07 -41.91 37.97
CA HIS C 216 30.88 -40.81 38.52
C HIS C 216 30.09 -40.02 39.54
N ILE C 217 30.77 -39.10 40.24
CA ILE C 217 30.11 -38.12 41.11
C ILE C 217 29.11 -37.30 40.31
N ARG C 218 29.43 -37.05 39.04
CA ARG C 218 28.59 -36.32 38.10
C ARG C 218 27.10 -36.54 38.33
N THR C 219 26.67 -37.79 38.32
CA THR C 219 25.25 -38.12 38.51
C THR C 219 25.03 -39.22 39.55
N LYS C 220 25.63 -40.37 39.33
CA LYS C 220 25.31 -41.56 40.12
C LYS C 220 26.37 -42.64 39.92
N PHE C 221 26.31 -43.66 40.77
CA PHE C 221 27.14 -44.85 40.61
C PHE C 221 26.30 -46.11 40.55
N GLY C 222 26.96 -47.17 40.11
CA GLY C 222 26.44 -48.52 40.27
C GLY C 222 27.62 -49.44 40.48
N PHE C 223 27.35 -50.70 40.77
CA PHE C 223 28.43 -51.64 40.97
C PHE C 223 28.10 -52.98 40.34
N PHE C 224 29.14 -53.73 40.05
CA PHE C 224 29.05 -55.12 39.62
C PHE C 224 29.81 -55.96 40.61
N ASP C 225 29.20 -57.05 41.07
CA ASP C 225 29.88 -57.97 41.97
C ASP C 225 30.93 -58.82 41.24
N ALA C 226 31.64 -59.65 41.98
CA ALA C 226 32.73 -60.44 41.42
C ALA C 226 32.26 -61.48 40.41
N TRP C 227 30.95 -61.72 40.37
CA TRP C 227 30.35 -62.69 39.48
C TRP C 227 29.79 -61.99 38.24
N LEU C 228 30.11 -60.70 38.09
CA LEU C 228 29.65 -59.85 36.99
C LEU C 228 28.13 -59.76 36.89
N LEU C 229 27.45 -59.99 38.01
CA LEU C 229 26.03 -59.70 38.12
C LEU C 229 25.85 -58.23 38.47
N ARG C 230 24.85 -57.62 37.84
CA ARG C 230 24.51 -56.23 38.09
C ARG C 230 24.08 -56.03 39.54
N GLY C 231 24.66 -55.02 40.18
CA GLY C 231 24.38 -54.75 41.60
C GLY C 231 23.00 -54.14 41.82
N THR C 232 22.00 -55.00 41.95
CA THR C 232 20.63 -54.55 42.18
C THR C 232 20.17 -54.85 43.59
N TYR C 233 21.12 -55.09 44.48
CA TYR C 233 20.81 -55.51 45.84
C TYR C 233 21.84 -55.02 46.83
N HIS C 234 21.53 -55.13 48.11
CA HIS C 234 22.52 -54.98 49.17
C HIS C 234 22.35 -56.12 50.17
N VAL C 235 23.12 -56.11 51.25
CA VAL C 235 23.04 -57.16 52.25
C VAL C 235 22.85 -56.57 53.65
N GLU C 236 21.72 -56.92 54.26
CA GLU C 236 21.41 -56.51 55.63
C GLU C 236 21.84 -57.59 56.60
N GLY C 237 22.47 -57.18 57.70
CA GLY C 237 22.80 -58.12 58.77
C GLY C 237 24.07 -58.94 58.59
N GLY C 238 24.78 -58.73 57.49
CA GLY C 238 26.03 -59.43 57.24
C GLY C 238 26.84 -58.86 56.09
N LEU C 239 27.77 -59.66 55.58
CA LEU C 239 28.63 -59.26 54.48
C LEU C 239 28.51 -60.27 53.34
N LEU C 240 28.36 -59.77 52.12
CA LEU C 240 28.31 -60.63 50.93
C LEU C 240 29.50 -61.56 50.85
N LYS C 241 30.68 -61.11 51.27
CA LYS C 241 31.89 -61.93 51.16
C LYS C 241 31.88 -63.17 52.07
N ASN C 242 31.07 -63.15 53.13
CA ASN C 242 30.96 -64.28 54.05
C ASN C 242 29.68 -65.08 53.82
N GLY C 243 28.80 -64.56 52.95
CA GLY C 243 27.51 -65.21 52.71
C GLY C 243 26.56 -65.05 53.88
N THR C 244 26.78 -64.03 54.70
CA THR C 244 25.98 -63.75 55.89
C THR C 244 24.93 -62.67 55.59
N GLY C 245 23.96 -62.54 56.50
CA GLY C 245 22.86 -61.60 56.32
C GLY C 245 21.83 -62.10 55.32
N GLN C 246 20.98 -61.18 54.87
CA GLN C 246 20.05 -61.47 53.78
C GLN C 246 20.34 -60.57 52.58
N ILE C 247 20.11 -61.11 51.38
CA ILE C 247 20.12 -60.31 50.15
C ILE C 247 18.83 -59.48 50.17
N VAL C 248 18.96 -58.17 50.00
CA VAL C 248 17.79 -57.30 49.95
C VAL C 248 17.74 -56.53 48.63
N ALA C 249 16.59 -56.53 47.97
CA ALA C 249 16.41 -55.87 46.68
C ALA C 249 16.44 -54.36 46.83
N GLY C 250 17.16 -53.69 45.93
CA GLY C 250 17.18 -52.23 45.88
C GLY C 250 18.21 -51.59 46.78
N GLY C 251 17.96 -50.32 47.14
CA GLY C 251 18.93 -49.52 47.88
C GLY C 251 20.33 -49.64 47.30
N ASN C 252 20.40 -49.65 45.97
CA ASN C 252 21.61 -50.09 45.29
C ASN C 252 22.34 -49.04 44.45
N GLN C 253 21.69 -47.91 44.17
CA GLN C 253 22.24 -46.92 43.26
C GLN C 253 22.52 -45.64 44.01
N TRP C 254 23.79 -45.29 44.13
CA TRP C 254 24.17 -44.02 44.75
C TRP C 254 23.84 -42.88 43.81
N GLN C 255 23.14 -41.88 44.33
CA GLN C 255 22.65 -40.75 43.56
C GLN C 255 23.17 -39.42 44.12
N ARG C 256 23.92 -38.69 43.29
CA ARG C 256 24.57 -37.46 43.76
C ARG C 256 23.58 -36.42 44.20
N THR C 257 22.54 -36.22 43.39
CA THR C 257 21.62 -35.14 43.64
C THR C 257 20.82 -35.37 44.91
N TRP C 258 20.30 -36.58 45.08
CA TRP C 258 19.59 -36.92 46.30
C TRP C 258 20.49 -36.81 47.54
N ALA C 259 21.74 -37.24 47.41
CA ALA C 259 22.68 -37.25 48.52
C ALA C 259 23.22 -35.88 48.90
N LEU C 260 23.30 -34.97 47.94
CA LEU C 260 23.92 -33.66 48.16
C LEU C 260 22.91 -32.53 48.19
N ASN C 261 22.09 -32.45 47.15
CA ASN C 261 21.29 -31.28 46.87
C ASN C 261 19.90 -31.35 47.46
N LEU C 262 19.29 -32.53 47.40
CA LEU C 262 17.89 -32.67 47.74
C LEU C 262 17.76 -33.10 49.20
N SER C 263 18.21 -32.24 50.11
CA SER C 263 18.05 -32.46 51.54
C SER C 263 16.57 -32.35 51.91
N PRO C 264 16.21 -32.78 53.14
CA PRO C 264 14.82 -32.59 53.58
C PRO C 264 14.34 -31.14 53.51
N GLU C 265 15.21 -30.18 53.80
CA GLU C 265 14.84 -28.76 53.68
C GLU C 265 14.48 -28.35 52.27
N VAL C 266 15.26 -28.82 51.30
CA VAL C 266 14.99 -28.50 49.91
C VAL C 266 13.69 -29.18 49.49
N ALA C 267 13.53 -30.43 49.89
CA ALA C 267 12.30 -31.17 49.63
C ALA C 267 11.07 -30.43 50.17
N LYS C 268 11.14 -29.99 51.42
CA LYS C 268 10.06 -29.20 52.04
C LYS C 268 9.73 -28.00 51.17
N LYS C 269 10.76 -27.28 50.76
CA LYS C 269 10.56 -26.12 49.88
C LYS C 269 9.79 -26.49 48.63
N ILE C 270 10.17 -27.59 47.98
CA ILE C 270 9.45 -28.03 46.78
C ILE C 270 8.02 -28.43 47.13
N LYS C 271 7.84 -29.08 48.28
CA LYS C 271 6.51 -29.47 48.76
C LYS C 271 5.50 -28.31 48.79
N LYS C 272 5.97 -27.10 49.11
CA LYS C 272 5.09 -25.92 49.11
C LYS C 272 4.50 -25.60 47.74
N TRP C 273 5.18 -26.01 46.68
CA TRP C 273 4.73 -25.81 45.31
C TRP C 273 4.07 -27.07 44.75
N VAL C 274 4.59 -28.23 45.14
CA VAL C 274 4.11 -29.54 44.67
C VAL C 274 3.73 -30.35 45.91
N PRO C 275 2.42 -30.36 46.27
CA PRO C 275 1.93 -31.01 47.49
C PRO C 275 2.40 -32.44 47.69
N ASP C 276 2.37 -33.22 46.61
CA ASP C 276 2.72 -34.65 46.68
C ASP C 276 4.22 -34.92 46.78
N PHE C 277 5.05 -33.88 46.84
CA PHE C 277 6.48 -34.11 46.81
C PHE C 277 6.96 -34.83 48.07
N PRO C 278 7.77 -35.88 47.90
CA PRO C 278 8.27 -36.68 49.02
C PRO C 278 9.33 -35.98 49.86
N VAL C 279 9.12 -35.95 51.17
CA VAL C 279 10.07 -35.31 52.08
C VAL C 279 10.82 -36.34 52.93
N THR C 280 10.09 -37.20 53.63
CA THR C 280 10.76 -38.22 54.45
C THR C 280 11.18 -39.40 53.59
N LEU C 281 12.20 -40.12 54.05
CA LEU C 281 12.71 -41.28 53.34
C LEU C 281 11.61 -42.28 52.96
N GLU C 282 10.62 -42.42 53.84
CA GLU C 282 9.55 -43.40 53.65
C GLU C 282 8.66 -43.01 52.48
N GLU C 283 8.52 -41.71 52.27
CA GLU C 283 7.68 -41.18 51.19
C GLU C 283 8.28 -41.39 49.80
N TYR C 284 9.57 -41.72 49.74
CA TYR C 284 10.20 -42.13 48.47
C TYR C 284 9.85 -43.58 48.09
N GLY C 285 9.28 -44.32 49.04
CA GLY C 285 8.67 -45.62 48.76
C GLY C 285 9.61 -46.66 48.17
N ASP C 286 9.08 -47.43 47.20
CA ASP C 286 9.83 -48.45 46.44
C ASP C 286 11.10 -47.91 45.76
N ASN C 287 11.09 -46.64 45.40
CA ASN C 287 12.19 -45.98 44.72
C ASN C 287 13.35 -45.69 45.66
N GLY C 288 13.06 -45.58 46.95
CA GLY C 288 14.06 -45.24 47.94
C GLY C 288 14.86 -46.42 48.43
N GLY C 289 15.15 -46.42 49.73
CA GLY C 289 15.97 -47.44 50.36
C GLY C 289 16.08 -47.13 51.85
N TYR C 290 17.24 -47.41 52.43
CA TYR C 290 17.45 -47.29 53.89
C TYR C 290 18.22 -46.03 54.29
N VAL C 291 18.81 -45.34 53.33
CA VAL C 291 19.52 -44.08 53.62
C VAL C 291 19.42 -43.14 52.42
N ARG C 292 19.30 -41.85 52.68
CA ARG C 292 19.23 -40.86 51.62
C ARG C 292 20.51 -40.91 50.81
N GLY C 293 20.36 -41.13 49.51
CA GLY C 293 21.50 -41.22 48.60
C GLY C 293 21.62 -42.57 47.92
N LEU C 294 21.01 -43.61 48.49
CA LEU C 294 21.04 -44.94 47.87
C LEU C 294 19.64 -45.36 47.48
N ALA C 295 19.32 -45.16 46.20
CA ALA C 295 18.01 -45.47 45.70
C ALA C 295 17.99 -46.86 45.07
N SER C 296 16.77 -47.31 44.79
CA SER C 296 16.51 -48.57 44.14
C SER C 296 16.34 -48.34 42.64
N TYR C 297 17.13 -49.07 41.86
CA TYR C 297 17.19 -48.90 40.41
C TYR C 297 17.37 -50.28 39.79
N ALA C 298 16.53 -50.60 38.81
CA ALA C 298 16.36 -51.99 38.34
C ALA C 298 15.99 -52.87 39.52
N ALA C 299 15.20 -52.28 40.42
CA ALA C 299 14.75 -52.94 41.62
C ALA C 299 13.74 -52.03 42.31
N LYS C 300 12.92 -52.63 43.17
CA LYS C 300 12.02 -51.89 44.03
C LYS C 300 12.35 -52.35 45.43
N TYR C 301 12.56 -51.40 46.34
CA TYR C 301 13.12 -51.68 47.66
C TYR C 301 12.35 -52.79 48.39
N LYS C 302 13.05 -53.89 48.67
CA LYS C 302 12.49 -55.06 49.34
C LYS C 302 11.35 -55.77 48.61
N LYS C 303 11.16 -55.48 47.33
CA LYS C 303 10.03 -56.03 46.57
C LYS C 303 10.44 -56.79 45.33
N SER C 304 11.37 -56.25 44.56
CA SER C 304 11.87 -56.92 43.35
C SER C 304 13.23 -56.38 42.94
N MET C 305 14.03 -57.26 42.35
CA MET C 305 15.36 -56.91 41.88
C MET C 305 15.64 -57.70 40.62
N SER C 306 16.16 -57.03 39.59
CA SER C 306 16.55 -57.72 38.39
C SER C 306 17.73 -58.64 38.68
N PHE C 307 17.74 -59.77 38.00
CA PHE C 307 18.87 -60.66 38.02
C PHE C 307 19.43 -60.63 36.60
N GLN C 308 20.57 -59.96 36.46
CA GLN C 308 21.11 -59.65 35.15
C GLN C 308 22.62 -59.68 35.14
N ALA C 309 23.16 -60.44 34.20
CA ALA C 309 24.58 -60.47 33.93
C ALA C 309 24.95 -59.21 33.16
N SER C 310 26.21 -58.78 33.28
CA SER C 310 26.71 -57.63 32.52
C SER C 310 26.53 -57.83 31.02
N THR C 311 26.67 -59.07 30.57
CA THR C 311 26.53 -59.44 29.16
C THR C 311 25.17 -59.09 28.53
N SER C 312 24.14 -58.95 29.35
CA SER C 312 22.80 -58.74 28.83
C SER C 312 22.45 -57.30 28.48
N TYR C 313 23.27 -56.35 28.91
CA TYR C 313 22.81 -54.97 28.95
C TYR C 313 23.94 -53.97 29.12
N CYS C 314 24.67 -54.07 30.22
CA CYS C 314 25.74 -53.10 30.49
C CYS C 314 26.89 -53.21 29.51
N GLU C 315 27.13 -54.38 28.93
CA GLU C 315 28.23 -54.49 27.98
C GLU C 315 27.98 -53.67 26.72
N VAL C 316 26.74 -53.26 26.47
CA VAL C 316 26.45 -52.45 25.31
C VAL C 316 27.10 -51.07 25.44
N CYS C 317 26.89 -50.40 26.58
CA CYS C 317 27.26 -48.99 26.75
C CYS C 317 28.30 -48.66 27.81
N HIS C 318 28.47 -49.52 28.81
CA HIS C 318 29.53 -49.34 29.81
C HIS C 318 30.37 -50.61 29.77
N PRO C 319 31.11 -50.83 28.66
CA PRO C 319 31.76 -52.14 28.54
C PRO C 319 33.12 -52.29 29.20
N TRP C 320 33.58 -53.53 29.16
CA TRP C 320 34.97 -53.86 29.45
C TRP C 320 35.34 -55.07 28.61
N LYS C 321 36.62 -55.34 28.48
CA LYS C 321 37.07 -56.53 27.78
C LYS C 321 38.18 -57.22 28.56
N PHE C 322 38.14 -58.56 28.56
CA PHE C 322 39.18 -59.36 29.18
C PHE C 322 40.15 -59.95 28.15
N ASP C 323 41.36 -60.22 28.59
CA ASP C 323 42.43 -60.75 27.74
C ASP C 323 42.45 -62.29 27.70
N PHE C 324 41.39 -62.94 28.20
CA PHE C 324 41.38 -64.39 28.30
C PHE C 324 41.56 -65.07 26.93
N LYS C 325 42.36 -66.12 26.90
CA LYS C 325 42.66 -66.85 25.67
C LYS C 325 41.56 -67.83 25.25
N ASN C 326 40.62 -68.10 26.15
CA ASN C 326 39.44 -68.90 25.84
C ASN C 326 38.41 -68.76 26.93
N GLU C 327 37.19 -69.25 26.68
CA GLU C 327 36.11 -69.13 27.65
C GLU C 327 36.35 -69.90 28.97
N SER C 328 37.23 -70.90 28.95
CA SER C 328 37.54 -71.64 30.18
C SER C 328 38.29 -70.77 31.18
N GLU C 329 39.28 -70.02 30.70
CA GLU C 329 40.02 -69.11 31.56
C GLU C 329 39.08 -68.06 32.15
N PHE C 330 38.10 -67.65 31.35
CA PHE C 330 37.09 -66.68 31.78
C PHE C 330 36.21 -67.21 32.92
N TYR C 331 35.57 -68.36 32.72
CA TYR C 331 34.71 -68.92 33.78
C TYR C 331 35.47 -69.32 35.03
N ALA C 332 36.76 -69.63 34.89
CA ALA C 332 37.59 -69.92 36.03
C ALA C 332 37.91 -68.69 36.90
N ALA C 333 37.93 -67.50 36.30
CA ALA C 333 38.21 -66.27 37.05
C ALA C 333 36.93 -65.64 37.62
N LEU C 334 35.79 -66.01 37.05
CA LEU C 334 34.51 -65.47 37.48
C LEU C 334 34.28 -65.77 38.96
N GLY C 335 34.02 -64.74 39.73
CA GLY C 335 33.82 -64.86 41.17
C GLY C 335 35.02 -64.35 41.95
N ASN C 336 36.09 -64.02 41.24
CA ASN C 336 37.29 -63.48 41.85
C ASN C 336 37.54 -62.09 41.23
N ALA C 337 37.23 -61.04 41.99
CA ALA C 337 37.35 -59.67 41.50
C ALA C 337 38.78 -59.33 41.07
N LYS C 338 39.76 -59.74 41.87
CA LYS C 338 41.16 -59.43 41.57
C LYS C 338 41.66 -60.08 40.28
N GLU C 339 41.21 -61.31 40.04
CA GLU C 339 41.60 -62.03 38.82
C GLU C 339 41.04 -61.35 37.58
N LEU C 340 39.76 -61.04 37.63
CA LEU C 340 39.09 -60.36 36.53
C LEU C 340 39.73 -59.00 36.25
N GLN C 341 40.00 -58.25 37.32
CA GLN C 341 40.61 -56.93 37.20
C GLN C 341 41.98 -57.02 36.55
N LYS C 342 42.75 -58.01 36.97
CA LYS C 342 44.10 -58.28 36.46
C LYS C 342 44.09 -58.60 34.98
N HIS C 343 43.03 -59.27 34.52
CA HIS C 343 42.90 -59.68 33.13
C HIS C 343 42.01 -58.75 32.29
N THR C 344 41.70 -57.57 32.81
CA THR C 344 40.90 -56.62 32.06
C THR C 344 41.80 -55.80 31.15
N ILE C 345 41.56 -55.88 29.84
CA ILE C 345 42.42 -55.20 28.88
C ILE C 345 41.82 -53.87 28.41
N SER C 346 40.50 -53.74 28.50
CA SER C 346 39.83 -52.48 28.20
C SER C 346 38.73 -52.22 29.22
N LYS C 347 38.64 -50.96 29.67
CA LYS C 347 37.61 -50.54 30.60
C LYS C 347 36.85 -49.37 30.01
N GLY C 348 35.53 -49.41 30.12
CA GLY C 348 34.69 -48.31 29.68
C GLY C 348 34.68 -48.10 28.19
N VAL C 349 34.45 -46.85 27.78
CA VAL C 349 34.31 -46.53 26.38
C VAL C 349 35.68 -46.13 25.86
N SER C 350 36.51 -47.14 25.62
CA SER C 350 37.89 -46.92 25.20
C SER C 350 38.00 -46.80 23.68
N CYS C 351 39.20 -46.51 23.18
CA CYS C 351 39.41 -46.33 21.75
C CYS C 351 38.71 -47.41 20.94
N GLU C 352 39.01 -48.66 21.29
CA GLU C 352 38.59 -49.80 20.51
C GLU C 352 37.11 -50.11 20.59
N GLU C 353 36.41 -49.61 21.61
CA GLU C 353 34.95 -49.73 21.67
C GLU C 353 34.31 -48.88 20.57
N CYS C 354 34.90 -47.72 20.26
CA CYS C 354 34.41 -46.89 19.18
C CYS C 354 35.01 -47.29 17.84
N HIS C 355 36.30 -47.65 17.86
CA HIS C 355 37.11 -47.82 16.65
C HIS C 355 37.29 -49.27 16.23
N GLY C 356 36.77 -50.20 17.03
CA GLY C 356 37.00 -51.62 16.80
C GLY C 356 38.28 -52.14 17.42
N ALA C 357 38.27 -53.43 17.73
CA ALA C 357 39.41 -54.11 18.35
C ALA C 357 40.62 -54.11 17.43
N GLY C 358 41.74 -53.57 17.94
CA GLY C 358 42.95 -53.42 17.15
C GLY C 358 42.90 -52.31 16.11
N GLY C 359 41.80 -51.57 16.05
CA GLY C 359 41.66 -50.49 15.07
C GLY C 359 42.09 -50.96 13.70
N HIS C 360 43.01 -50.23 13.11
CA HIS C 360 43.46 -50.46 11.74
C HIS C 360 44.70 -51.35 11.71
N LEU C 361 45.15 -51.80 12.88
CA LEU C 361 46.39 -52.55 12.97
C LEU C 361 46.27 -53.91 12.30
N GLU C 362 47.42 -54.45 11.89
CA GLU C 362 47.45 -55.76 11.24
C GLU C 362 47.13 -56.81 12.29
N GLY C 363 46.22 -57.71 11.96
CA GLY C 363 45.69 -58.69 12.90
C GLY C 363 44.42 -58.20 13.58
N GLY C 364 44.14 -56.91 13.46
CA GLY C 364 42.94 -56.34 14.05
C GLY C 364 41.67 -56.78 13.32
N SER C 365 40.54 -56.30 13.83
CA SER C 365 39.23 -56.61 13.26
C SER C 365 38.73 -55.58 12.26
N GLY C 366 39.48 -54.52 12.01
CA GLY C 366 39.07 -53.52 11.03
C GLY C 366 38.59 -52.24 11.69
N LEU C 367 39.07 -51.11 11.18
CA LEU C 367 38.78 -49.82 11.77
C LEU C 367 37.31 -49.42 11.62
N LEU C 368 36.75 -48.89 12.69
CA LEU C 368 35.43 -48.23 12.66
C LEU C 368 35.56 -46.77 13.07
N ILE C 369 34.60 -45.97 12.62
CA ILE C 369 34.38 -44.64 13.12
C ILE C 369 32.96 -44.65 13.69
N SER C 370 32.83 -44.52 15.01
CA SER C 370 31.52 -44.60 15.66
C SER C 370 30.61 -43.45 15.27
N ASN C 371 29.35 -43.76 15.00
CA ASN C 371 28.30 -42.76 14.89
C ASN C 371 27.49 -42.60 16.19
N CYS C 372 27.98 -43.19 17.28
CA CYS C 372 27.45 -42.99 18.63
C CYS C 372 26.09 -43.66 18.92
N GLU C 373 25.47 -44.29 17.93
CA GLU C 373 24.10 -44.79 18.13
C GLU C 373 24.00 -46.06 18.97
N ARG C 374 25.12 -46.77 19.15
CA ARG C 374 25.18 -47.92 20.07
C ARG C 374 24.72 -47.52 21.48
N CYS C 375 25.18 -46.36 21.94
CA CYS C 375 25.02 -45.94 23.32
C CYS C 375 24.25 -44.65 23.56
N HIS C 376 24.03 -43.85 22.52
CA HIS C 376 23.41 -42.56 22.69
C HIS C 376 22.11 -42.40 21.90
N GLN C 377 21.64 -43.47 21.26
CA GLN C 377 20.42 -43.36 20.44
C GLN C 377 19.15 -43.67 21.24
N ARG C 378 18.94 -44.94 21.57
CA ARG C 378 17.80 -45.38 22.40
C ARG C 378 16.42 -45.05 21.84
N PHE C 379 16.14 -45.55 20.63
CA PHE C 379 14.80 -45.45 20.07
C PHE C 379 13.77 -46.23 20.88
N SER C 380 12.57 -45.68 20.95
CA SER C 380 11.43 -46.33 21.57
C SER C 380 10.19 -46.08 20.72
N TYR C 381 9.59 -47.15 20.21
CA TYR C 381 8.40 -47.03 19.37
C TYR C 381 7.20 -46.58 20.21
N SER C 382 6.47 -45.60 19.69
CA SER C 382 5.28 -45.08 20.35
C SER C 382 4.02 -45.34 19.50
N PRO C 383 3.21 -46.36 19.88
CA PRO C 383 1.93 -46.60 19.23
C PRO C 383 1.02 -45.37 19.19
N ASP C 384 1.07 -44.54 20.22
CA ASP C 384 0.30 -43.29 20.26
C ASP C 384 0.68 -42.34 19.13
N LEU C 385 1.96 -42.18 18.86
CA LEU C 385 2.40 -41.35 17.73
C LEU C 385 1.92 -41.92 16.39
N MET C 386 1.91 -43.25 16.25
CA MET C 386 1.43 -43.90 15.03
C MET C 386 -0.07 -43.63 14.83
N ARG C 387 -0.84 -43.98 15.85
CA ARG C 387 -2.31 -43.79 15.86
C ARG C 387 -2.72 -42.33 15.63
N ASN C 388 -2.04 -41.40 16.30
CA ASN C 388 -2.38 -39.98 16.22
C ASN C 388 -2.00 -39.29 14.91
N ASN C 389 -1.48 -40.04 13.94
CA ASN C 389 -1.25 -39.50 12.61
C ASN C 389 -1.35 -40.59 11.54
N PRO C 390 -2.52 -40.69 10.87
CA PRO C 390 -2.70 -41.75 9.86
C PRO C 390 -1.95 -41.52 8.54
N LEU C 391 -1.24 -40.40 8.42
CA LEU C 391 -0.30 -40.21 7.29
C LEU C 391 1.01 -40.98 7.49
N ASN C 392 1.25 -41.48 8.69
CA ASN C 392 2.42 -42.28 9.01
C ASN C 392 2.18 -43.79 8.90
N ALA C 393 0.99 -44.19 8.46
CA ALA C 393 0.68 -45.61 8.31
C ALA C 393 1.69 -46.27 7.37
N GLY C 394 2.12 -47.47 7.73
CA GLY C 394 3.17 -48.18 6.98
C GLY C 394 4.55 -47.59 7.17
N LYS C 395 4.70 -46.64 8.10
CA LYS C 395 5.96 -45.91 8.32
C LYS C 395 6.22 -45.78 9.82
N PRO C 396 6.39 -46.92 10.52
CA PRO C 396 6.56 -46.90 11.97
C PRO C 396 7.80 -46.15 12.44
N ASP C 397 8.81 -46.03 11.58
CA ASP C 397 9.96 -45.17 11.85
C ASP C 397 9.53 -43.75 12.24
N LEU C 398 8.45 -43.26 11.65
CA LEU C 398 7.97 -41.91 11.95
C LEU C 398 7.26 -41.80 13.31
N ALA C 399 6.97 -42.94 13.94
CA ALA C 399 6.40 -42.98 15.29
C ALA C 399 7.43 -43.37 16.34
N LEU C 400 8.70 -43.21 16.01
CA LEU C 400 9.75 -43.45 16.99
C LEU C 400 9.84 -42.28 17.94
N SER C 401 10.01 -42.60 19.21
CA SER C 401 10.30 -41.64 20.26
C SER C 401 11.65 -42.01 20.86
N SER C 402 11.89 -41.56 22.09
CA SER C 402 13.08 -41.94 22.82
C SER C 402 12.74 -42.85 23.99
N LYS C 403 13.73 -43.58 24.45
CA LYS C 403 13.66 -44.26 25.74
C LYS C 403 13.23 -43.28 26.81
N PHE C 404 12.16 -43.60 27.54
CA PHE C 404 11.80 -42.84 28.73
C PHE C 404 12.08 -43.66 29.98
N LYS C 405 12.68 -43.01 30.97
CA LYS C 405 12.83 -43.61 32.28
C LYS C 405 11.66 -43.09 33.09
N SER C 406 10.62 -43.92 33.18
CA SER C 406 9.32 -43.51 33.72
C SER C 406 8.79 -42.32 32.93
N MET C 407 8.79 -41.11 33.49
CA MET C 407 8.15 -39.97 32.85
C MET C 407 9.12 -38.96 32.23
N GLY C 408 10.43 -39.19 32.34
CA GLY C 408 11.44 -38.34 31.71
C GLY C 408 12.17 -39.08 30.62
N PRO C 409 12.62 -38.35 29.56
CA PRO C 409 13.42 -39.02 28.53
C PRO C 409 14.73 -39.50 29.12
N GLY C 410 15.17 -40.68 28.70
CA GLY C 410 16.32 -41.33 29.30
C GLY C 410 17.64 -40.68 28.94
N CYS C 411 18.64 -40.91 29.79
CA CYS C 411 20.01 -40.56 29.45
C CYS C 411 20.35 -41.37 28.20
N GLY C 412 21.34 -40.91 27.45
CA GLY C 412 21.77 -41.61 26.25
C GLY C 412 20.69 -41.77 25.20
N SER C 413 19.83 -40.76 25.08
CA SER C 413 18.80 -40.75 24.06
C SER C 413 18.95 -39.51 23.18
N GLU C 414 20.14 -38.93 23.19
CA GLU C 414 20.42 -37.75 22.38
C GLU C 414 20.16 -38.03 20.90
N GLY C 415 20.52 -39.23 20.46
CA GLY C 415 20.37 -39.61 19.07
C GLY C 415 18.93 -39.72 18.63
N SER C 416 18.11 -40.45 19.39
CA SER C 416 16.71 -40.59 19.04
C SER C 416 15.96 -39.27 19.16
N GLN C 417 16.46 -38.37 20.01
CA GLN C 417 15.94 -37.01 20.10
C GLN C 417 16.28 -36.17 18.86
N THR C 418 17.54 -36.22 18.44
CA THR C 418 17.97 -35.37 17.31
C THR C 418 17.41 -35.88 16.00
N TYR C 419 17.13 -37.18 15.92
CA TYR C 419 16.53 -37.77 14.73
C TYR C 419 15.32 -36.97 14.24
N PHE C 420 14.49 -36.48 15.17
CA PHE C 420 13.33 -35.65 14.81
C PHE C 420 13.57 -34.17 15.05
N THR C 421 14.69 -33.67 14.55
CA THR C 421 15.02 -32.24 14.61
C THR C 421 15.43 -31.75 13.23
N ALA C 422 15.30 -30.46 13.02
CA ALA C 422 15.76 -29.85 11.79
C ALA C 422 17.24 -30.16 11.57
N HIS C 423 18.01 -30.14 12.66
CA HIS C 423 19.44 -30.35 12.58
C HIS C 423 19.79 -31.68 11.92
N TYR C 424 19.20 -32.76 12.41
CA TYR C 424 19.42 -34.07 11.80
C TYR C 424 18.98 -34.08 10.33
N GLU C 425 17.85 -33.43 10.04
CA GLU C 425 17.34 -33.41 8.68
C GLU C 425 18.34 -32.71 7.74
N LYS C 426 19.04 -31.71 8.25
CA LYS C 426 20.05 -31.01 7.45
C LYS C 426 21.41 -31.73 7.38
N GLY C 427 21.49 -32.94 7.91
CA GLY C 427 22.70 -33.75 7.79
C GLY C 427 23.61 -33.69 8.99
N MET C 428 23.24 -32.93 10.01
CA MET C 428 24.07 -32.82 11.23
C MET C 428 23.97 -34.05 12.09
N ARG C 429 25.10 -34.41 12.71
CA ARG C 429 25.21 -35.60 13.55
C ARG C 429 26.05 -35.22 14.75
N CYS C 430 26.21 -36.14 15.71
CA CYS C 430 26.95 -35.85 16.94
C CYS C 430 28.30 -35.23 16.66
N ALA C 431 29.05 -35.86 15.75
CA ALA C 431 30.39 -35.39 15.43
C ALA C 431 30.43 -34.08 14.65
N THR C 432 29.27 -33.56 14.23
CA THR C 432 29.22 -32.24 13.63
C THR C 432 29.52 -31.18 14.68
N CYS C 433 28.96 -31.36 15.87
CA CYS C 433 29.15 -30.39 16.95
C CYS C 433 30.26 -30.80 17.91
N HIS C 434 30.38 -32.09 18.18
CA HIS C 434 31.23 -32.60 19.27
C HIS C 434 32.59 -33.12 18.81
N ASP C 435 33.63 -32.79 19.58
CA ASP C 435 34.84 -33.60 19.57
C ASP C 435 34.49 -34.94 20.22
N PRO C 436 34.89 -36.06 19.59
CA PRO C 436 34.52 -37.39 20.10
C PRO C 436 35.44 -37.91 21.19
N HIS C 437 36.55 -37.22 21.41
CA HIS C 437 37.56 -37.61 22.40
C HIS C 437 37.43 -36.82 23.70
N ASP C 438 37.44 -35.49 23.58
CA ASP C 438 37.40 -34.58 24.71
C ASP C 438 35.95 -34.30 25.10
N VAL C 439 35.22 -35.32 25.54
CA VAL C 439 33.76 -35.23 25.73
C VAL C 439 33.31 -34.66 27.08
N THR C 440 34.25 -34.45 27.98
CA THR C 440 33.94 -33.99 29.33
C THR C 440 34.36 -32.53 29.57
N GLY C 441 35.55 -32.18 29.12
CA GLY C 441 36.03 -30.81 29.17
C GLY C 441 36.70 -30.48 30.47
N ASN C 442 37.10 -29.24 30.63
CA ASN C 442 37.86 -28.84 31.80
C ASN C 442 36.94 -28.45 32.95
N VAL C 443 36.33 -29.46 33.56
CA VAL C 443 35.41 -29.26 34.68
C VAL C 443 36.09 -29.66 35.98
N THR C 444 35.67 -29.08 37.09
CA THR C 444 36.36 -29.27 38.35
C THR C 444 35.37 -29.44 39.50
N GLY C 445 35.90 -29.79 40.67
CA GLY C 445 35.06 -30.02 41.84
C GLY C 445 34.59 -28.73 42.49
N GLU C 446 33.87 -28.86 43.59
CA GLU C 446 33.37 -27.72 44.33
C GLU C 446 34.11 -27.64 45.66
N LYS C 447 34.75 -26.52 45.92
CA LYS C 447 35.57 -26.34 47.13
C LYS C 447 34.69 -26.08 48.35
N GLY C 448 33.49 -25.56 48.12
CA GLY C 448 32.55 -25.27 49.19
C GLY C 448 31.87 -26.47 49.84
N ILE C 449 31.89 -27.62 49.17
CA ILE C 449 31.19 -28.81 49.66
C ILE C 449 31.88 -29.40 50.89
N LYS C 450 31.10 -29.57 51.95
CA LYS C 450 31.52 -30.32 53.13
C LYS C 450 31.06 -31.76 52.92
N GLY C 451 32.01 -32.69 53.04
CA GLY C 451 31.69 -34.10 52.93
C GLY C 451 32.62 -34.93 53.76
N VAL C 452 32.15 -36.10 54.17
CA VAL C 452 32.99 -37.04 54.91
C VAL C 452 34.09 -37.60 54.01
N SER C 453 33.77 -37.94 52.76
CA SER C 453 34.79 -38.51 51.85
C SER C 453 35.12 -37.64 50.64
N TYR C 454 34.16 -36.85 50.18
CA TYR C 454 34.32 -36.04 48.96
C TYR C 454 35.63 -35.26 48.94
N ASN C 455 36.45 -35.52 47.91
CA ASN C 455 37.66 -34.75 47.64
C ASN C 455 37.43 -33.95 46.36
N SER C 456 37.54 -32.63 46.47
CA SER C 456 37.12 -31.72 45.40
C SER C 456 38.22 -31.40 44.39
N GLU C 457 39.39 -32.02 44.54
CA GLU C 457 40.60 -31.62 43.80
C GLU C 457 41.09 -32.64 42.77
N GLN C 458 40.21 -33.51 42.29
CA GLN C 458 40.60 -34.55 41.34
C GLN C 458 40.14 -34.24 39.92
N GLY C 459 40.16 -32.96 39.55
CA GLY C 459 39.70 -32.53 38.24
C GLY C 459 38.25 -32.94 37.97
N TYR C 460 38.04 -33.54 36.80
CA TYR C 460 36.69 -33.86 36.33
C TYR C 460 36.01 -34.96 37.16
N LEU C 461 36.81 -35.81 37.80
CA LEU C 461 36.29 -36.85 38.69
C LEU C 461 35.54 -36.30 39.91
N SER C 462 35.91 -35.09 40.34
CA SER C 462 35.25 -34.41 41.47
C SER C 462 34.06 -33.54 41.03
N SER C 463 33.90 -33.37 39.71
CA SER C 463 32.99 -32.38 39.17
C SER C 463 31.57 -32.87 39.12
N LEU C 464 30.63 -31.93 39.26
CA LEU C 464 29.20 -32.19 39.16
C LEU C 464 28.65 -31.92 37.76
N TYR C 465 29.50 -31.44 36.87
CA TYR C 465 29.04 -30.93 35.57
C TYR C 465 29.81 -31.55 34.40
N SER C 466 29.34 -31.27 33.19
CA SER C 466 30.02 -31.69 31.98
C SER C 466 30.11 -30.50 31.04
N LYS C 467 31.27 -30.34 30.39
CA LYS C 467 31.43 -29.34 29.36
C LYS C 467 32.17 -29.92 28.14
N PRO C 468 31.46 -30.71 27.33
CA PRO C 468 32.07 -31.38 26.17
C PRO C 468 32.71 -30.40 25.19
N LYS C 469 33.91 -30.69 24.72
CA LYS C 469 34.55 -29.86 23.70
C LYS C 469 33.75 -29.89 22.38
N LEU C 470 33.46 -28.70 21.85
CA LEU C 470 32.68 -28.56 20.65
C LEU C 470 33.50 -28.00 19.50
N LYS C 471 33.19 -28.45 18.30
CA LYS C 471 33.75 -27.93 17.06
C LYS C 471 32.93 -26.76 16.56
N LYS C 472 31.62 -26.84 16.74
CA LYS C 472 30.70 -25.79 16.33
C LYS C 472 29.88 -25.31 17.51
N GLU C 473 29.74 -23.99 17.61
CA GLU C 473 28.87 -23.34 18.56
C GLU C 473 27.66 -22.84 17.79
N CYS C 474 26.53 -22.65 18.50
CA CYS C 474 25.30 -22.18 17.85
C CYS C 474 25.54 -20.91 17.03
N THR C 475 26.40 -20.03 17.56
CA THR C 475 26.66 -18.74 16.95
C THR C 475 27.46 -18.84 15.66
N ASP C 476 28.11 -19.99 15.43
CA ASP C 476 28.82 -20.25 14.18
C ASP C 476 27.85 -20.35 12.99
N CYS C 477 26.67 -20.92 13.22
CA CYS C 477 25.68 -21.12 12.17
C CYS C 477 24.50 -20.15 12.20
N HIS C 478 24.18 -19.63 13.39
CA HIS C 478 23.01 -18.78 13.57
C HIS C 478 23.47 -17.35 13.83
N LYS C 479 23.82 -16.65 12.76
CA LYS C 479 24.49 -15.36 12.86
C LYS C 479 23.57 -14.22 13.31
N GLU C 480 22.36 -14.17 12.79
CA GLU C 480 21.43 -13.09 13.12
C GLU C 480 20.99 -13.21 14.59
N GLN C 481 20.74 -14.44 15.03
CA GLN C 481 20.41 -14.70 16.42
C GLN C 481 21.57 -14.32 17.33
N ALA C 482 22.78 -14.66 16.89
CA ALA C 482 23.98 -14.31 17.63
C ALA C 482 24.18 -12.81 17.73
N TYR C 483 23.86 -12.09 16.65
CA TYR C 483 24.04 -10.65 16.65
C TYR C 483 23.10 -9.98 17.65
N ILE C 484 21.83 -10.35 17.59
CA ILE C 484 20.83 -9.74 18.48
C ILE C 484 21.13 -10.06 19.94
N GLN C 485 21.44 -11.32 20.21
CA GLN C 485 21.74 -11.79 21.56
C GLN C 485 23.02 -11.16 22.12
N SER C 486 23.91 -10.67 21.26
CA SER C 486 25.14 -10.03 21.72
C SER C 486 24.92 -8.64 22.32
N LYS C 487 23.75 -8.07 22.09
CA LYS C 487 23.45 -6.75 22.65
C LYS C 487 23.13 -6.85 24.14
N ALA C 488 23.87 -6.09 24.95
CA ALA C 488 23.66 -6.04 26.40
C ALA C 488 22.17 -5.89 26.75
N ASP C 489 21.61 -6.92 27.37
CA ASP C 489 20.20 -6.97 27.73
C ASP C 489 20.00 -8.08 28.78
N THR C 490 18.75 -8.37 29.10
CA THR C 490 18.37 -9.35 30.12
C THR C 490 19.14 -10.67 30.17
N HIS C 491 19.23 -11.38 29.04
CA HIS C 491 19.88 -12.68 29.02
C HIS C 491 21.14 -12.70 28.17
N SER C 492 21.78 -11.54 27.93
CA SER C 492 22.91 -11.48 27.00
C SER C 492 24.14 -12.23 27.52
N LYS C 493 24.27 -12.32 28.84
CA LYS C 493 25.33 -13.11 29.46
C LYS C 493 25.15 -14.62 29.30
N ASN C 494 23.96 -15.06 28.93
CA ASN C 494 23.63 -16.49 28.91
C ASN C 494 23.94 -17.18 27.58
N SER C 495 24.24 -18.47 27.66
CA SER C 495 24.52 -19.27 26.46
C SER C 495 23.24 -19.51 25.67
N CYS C 496 23.36 -19.82 24.38
CA CYS C 496 22.22 -20.24 23.58
C CYS C 496 21.63 -21.53 24.16
N ALA C 497 22.51 -22.45 24.52
CA ALA C 497 22.12 -23.73 25.13
C ALA C 497 21.29 -23.58 26.39
N SER C 498 21.47 -22.50 27.14
CA SER C 498 20.71 -22.30 28.39
C SER C 498 19.19 -22.35 28.19
N CYS C 499 18.66 -21.67 27.18
CA CYS C 499 17.23 -21.78 26.87
C CYS C 499 16.89 -22.99 26.02
N HIS C 500 17.76 -23.26 25.04
CA HIS C 500 17.45 -24.22 23.97
C HIS C 500 17.74 -25.68 24.31
N MET C 501 18.57 -25.92 25.33
CA MET C 501 18.94 -27.28 25.70
C MET C 501 18.85 -27.46 27.22
N PRO C 502 17.62 -27.51 27.74
CA PRO C 502 17.45 -27.71 29.17
C PRO C 502 17.71 -29.16 29.53
N PHE C 503 17.95 -29.41 30.81
CA PHE C 503 18.27 -30.74 31.28
C PHE C 503 16.98 -31.49 31.59
N MET C 504 16.35 -32.00 30.54
CA MET C 504 15.08 -32.69 30.64
C MET C 504 15.24 -34.16 31.01
N MET C 505 16.44 -34.71 30.85
CA MET C 505 16.60 -36.16 30.83
C MET C 505 16.90 -36.76 32.18
N SER C 506 16.31 -37.92 32.41
CA SER C 506 16.50 -38.68 33.63
C SER C 506 17.51 -39.81 33.41
N CYS C 507 18.60 -39.73 34.17
CA CYS C 507 19.61 -40.75 34.19
C CYS C 507 19.26 -41.78 35.26
N GLU C 508 18.64 -41.33 36.34
CA GLU C 508 18.46 -42.15 37.54
C GLU C 508 17.14 -42.92 37.65
N ASN C 509 16.19 -42.62 36.76
CA ASN C 509 14.82 -43.08 36.92
C ASN C 509 14.32 -42.86 38.35
N PHE C 510 14.56 -41.66 38.86
CA PHE C 510 14.13 -41.27 40.20
C PHE C 510 12.69 -40.75 40.08
N TYR C 511 11.79 -41.68 39.76
CA TYR C 511 10.40 -41.36 39.42
C TYR C 511 9.64 -40.77 40.60
N ALA C 512 10.13 -41.01 41.80
CA ALA C 512 9.52 -40.46 43.00
C ALA C 512 9.57 -38.93 43.03
N ILE C 513 10.48 -38.32 42.28
CA ILE C 513 10.54 -36.86 42.21
C ILE C 513 10.25 -36.28 40.83
N GLN C 514 9.67 -37.09 39.94
CA GLN C 514 9.38 -36.66 38.58
C GLN C 514 8.03 -35.98 38.51
N PHE C 515 8.04 -34.67 38.30
CA PHE C 515 6.81 -33.88 38.17
C PHE C 515 6.97 -33.01 36.93
N GLN C 516 6.71 -33.62 35.79
CA GLN C 516 7.21 -33.12 34.52
C GLN C 516 6.52 -31.84 34.09
N ASP C 517 5.23 -31.73 34.39
CA ASP C 517 4.49 -30.49 34.16
C ASP C 517 5.10 -29.31 34.92
N GLN C 518 5.87 -29.58 35.97
CA GLN C 518 6.64 -28.54 36.68
C GLN C 518 8.13 -28.50 36.26
N ALA C 519 8.48 -29.20 35.19
CA ALA C 519 9.87 -29.25 34.69
C ALA C 519 10.90 -29.59 35.78
N GLY C 520 10.65 -30.68 36.50
CA GLY C 520 11.56 -31.14 37.54
C GLY C 520 11.09 -32.50 38.02
N PHE C 521 11.83 -33.16 38.89
CA PHE C 521 13.08 -32.68 39.45
C PHE C 521 14.20 -33.71 39.26
N ASP C 522 13.95 -34.71 38.43
CA ASP C 522 14.91 -35.76 38.12
C ASP C 522 15.54 -35.39 36.78
N THR C 523 16.47 -34.43 36.83
CA THR C 523 16.92 -33.71 35.66
C THR C 523 18.45 -33.69 35.59
N GLN C 524 19.03 -34.68 34.91
CA GLN C 524 20.48 -34.88 34.97
C GLN C 524 21.22 -34.81 33.62
N ARG C 525 20.49 -34.95 32.50
CA ARG C 525 21.12 -34.87 31.20
C ARG C 525 20.40 -33.92 30.28
N ARG C 526 21.14 -33.47 29.26
CA ARG C 526 20.78 -32.31 28.44
C ARG C 526 20.05 -32.69 27.16
N ALA C 527 18.88 -32.09 26.96
CA ALA C 527 18.04 -32.43 25.82
C ALA C 527 18.60 -31.87 24.52
N HIS C 528 18.41 -32.63 23.46
CA HIS C 528 18.98 -32.31 22.18
C HIS C 528 17.82 -32.22 21.20
N ILE C 529 17.11 -31.10 21.31
CA ILE C 529 15.85 -30.90 20.62
C ILE C 529 15.81 -29.52 19.97
N TRP C 530 16.24 -28.52 20.74
CA TRP C 530 16.51 -27.17 20.25
C TRP C 530 15.29 -26.33 19.93
N LYS C 531 14.34 -26.90 19.20
CA LYS C 531 13.12 -26.20 18.87
C LYS C 531 12.31 -25.89 20.14
N ILE C 532 12.06 -24.61 20.39
CA ILE C 532 11.21 -24.22 21.51
C ILE C 532 9.81 -23.88 21.01
N ASP C 533 8.81 -24.54 21.58
CA ASP C 533 7.41 -24.25 21.29
C ASP C 533 6.91 -23.13 22.23
N VAL C 534 6.16 -22.18 21.69
CA VAL C 534 5.59 -21.10 22.50
C VAL C 534 4.09 -21.33 22.61
N ASP C 535 3.65 -21.82 23.77
CA ASP C 535 2.26 -22.17 23.97
C ASP C 535 1.93 -22.14 25.46
N PRO C 536 0.68 -21.81 25.81
CA PRO C 536 0.35 -21.77 27.23
C PRO C 536 0.19 -23.14 27.90
N ALA C 537 -0.07 -24.19 27.11
CA ALA C 537 -0.39 -25.50 27.72
C ALA C 537 0.27 -26.73 27.10
N ARG C 538 0.53 -26.74 25.79
CA ARG C 538 1.10 -27.91 25.14
C ARG C 538 2.41 -28.34 25.79
N LYS C 539 2.54 -29.63 26.06
CA LYS C 539 3.70 -30.16 26.78
C LYS C 539 4.61 -31.02 25.89
N SER C 540 5.92 -30.93 26.13
CA SER C 540 6.88 -31.76 25.41
C SER C 540 6.72 -33.22 25.78
N LEU C 541 6.45 -33.48 27.06
CA LEU C 541 6.40 -34.83 27.58
C LEU C 541 4.99 -35.20 28.00
N VAL C 542 4.46 -36.29 27.43
CA VAL C 542 3.09 -36.72 27.72
C VAL C 542 2.98 -38.21 28.00
N ALA C 543 1.99 -38.56 28.82
CA ALA C 543 1.68 -39.95 29.13
C ALA C 543 1.14 -40.67 27.91
N GLY C 544 1.35 -41.98 27.88
CA GLY C 544 0.75 -42.83 26.85
C GLY C 544 -0.75 -42.99 27.10
N SER C 545 -1.48 -43.44 26.10
CA SER C 545 -2.93 -43.60 26.24
C SER C 545 -3.27 -44.79 27.15
N THR C 546 -2.29 -45.68 27.35
CA THR C 546 -2.41 -46.77 28.31
C THR C 546 -2.27 -46.33 29.78
N SER C 547 -1.90 -45.07 30.02
CA SER C 547 -1.76 -44.54 31.37
C SER C 547 -3.14 -44.32 32.02
N LYS C 548 -3.27 -44.69 33.29
CA LYS C 548 -4.52 -44.56 34.04
C LYS C 548 -4.41 -43.43 35.06
N ASP C 549 -3.40 -43.52 35.91
CA ASP C 549 -3.09 -42.48 36.88
C ASP C 549 -2.07 -41.52 36.25
N PRO C 550 -2.14 -40.21 36.60
CA PRO C 550 -1.16 -39.25 36.07
C PRO C 550 0.31 -39.53 36.43
N ARG C 551 0.57 -40.41 37.40
CA ARG C 551 1.93 -40.75 37.81
C ARG C 551 2.26 -42.25 37.74
N ASP C 552 1.52 -43.01 36.93
CA ASP C 552 1.82 -44.43 36.74
C ASP C 552 2.96 -44.66 35.73
N GLY C 553 3.36 -43.60 35.02
CA GLY C 553 4.53 -43.64 34.13
C GLY C 553 4.42 -44.59 32.95
N LYS C 554 3.21 -44.84 32.47
CA LYS C 554 3.00 -45.76 31.35
C LYS C 554 3.19 -45.10 29.98
N ASP C 555 4.10 -45.65 29.19
CA ASP C 555 4.27 -45.30 27.78
C ASP C 555 4.47 -43.81 27.49
N TRP C 556 5.23 -43.13 28.34
CA TRP C 556 5.49 -41.73 28.07
C TRP C 556 6.32 -41.55 26.80
N HIS C 557 6.15 -40.41 26.15
CA HIS C 557 6.82 -40.12 24.90
C HIS C 557 6.84 -38.63 24.61
N PHE C 558 7.67 -38.22 23.66
CA PHE C 558 7.70 -36.84 23.22
C PHE C 558 6.48 -36.55 22.36
N GLU C 559 5.92 -35.36 22.49
CA GLU C 559 4.95 -34.92 21.52
C GLU C 559 5.68 -34.36 20.31
N ARG C 560 5.03 -34.47 19.14
CA ARG C 560 5.54 -33.92 17.89
C ARG C 560 4.76 -32.66 17.54
N ASN C 561 5.45 -31.63 17.07
CA ASN C 561 4.79 -30.42 16.61
C ASN C 561 4.27 -30.59 15.18
N GLU C 562 3.74 -29.51 14.62
CA GLU C 562 3.10 -29.53 13.29
C GLU C 562 4.05 -29.86 12.14
N GLU C 563 5.35 -29.78 12.37
CA GLU C 563 6.36 -30.13 11.36
C GLU C 563 6.97 -31.52 11.59
N GLY C 564 6.43 -32.27 12.54
CA GLY C 564 6.91 -33.61 12.84
C GLY C 564 8.18 -33.67 13.67
N ARG C 565 8.41 -32.64 14.49
CA ARG C 565 9.64 -32.52 15.27
C ARG C 565 9.41 -32.48 16.77
N ASN C 566 10.34 -33.03 17.53
CA ASN C 566 10.36 -32.83 18.96
C ASN C 566 10.44 -31.34 19.24
N PHE C 567 9.97 -30.94 20.42
CA PHE C 567 10.02 -29.55 20.84
C PHE C 567 10.16 -29.43 22.36
N VAL C 568 10.68 -28.29 22.79
CA VAL C 568 10.86 -27.95 24.20
C VAL C 568 9.78 -26.93 24.61
N ASP C 569 8.94 -27.26 25.60
CA ASP C 569 7.94 -26.31 26.07
C ASP C 569 8.57 -25.25 26.97
N LEU C 570 7.85 -24.16 27.19
CA LEU C 570 8.41 -22.99 27.88
C LEU C 570 8.74 -23.24 29.35
N MET C 571 8.04 -24.17 29.97
CA MET C 571 8.33 -24.52 31.37
C MET C 571 9.75 -25.11 31.49
N TRP C 572 10.08 -26.05 30.61
CA TRP C 572 11.45 -26.59 30.52
C TRP C 572 12.47 -25.55 30.09
N ALA C 573 12.14 -24.79 29.04
CA ALA C 573 13.04 -23.78 28.51
C ALA C 573 13.42 -22.69 29.53
N CYS C 574 12.47 -22.24 30.34
CA CYS C 574 12.67 -21.06 31.19
C CYS C 574 12.72 -21.32 32.70
N ALA C 575 11.91 -22.29 33.15
CA ALA C 575 11.57 -22.42 34.57
C ALA C 575 11.98 -23.75 35.20
N ARG C 576 12.69 -24.60 34.45
CA ARG C 576 13.11 -25.92 34.93
C ARG C 576 14.01 -25.91 36.17
N THR C 577 13.88 -26.97 36.97
CA THR C 577 14.68 -27.15 38.17
C THR C 577 15.66 -28.32 37.96
N THR C 578 16.95 -28.04 38.15
CA THR C 578 18.02 -29.03 38.00
C THR C 578 19.23 -28.64 38.82
N TRP C 579 20.06 -29.63 39.13
CA TRP C 579 21.34 -29.40 39.79
C TRP C 579 22.51 -29.93 38.94
N ALA C 580 22.27 -30.13 37.65
CA ALA C 580 23.29 -30.65 36.72
C ALA C 580 23.74 -29.62 35.69
N ASP C 581 23.19 -28.41 35.76
CA ASP C 581 23.32 -27.41 34.72
C ASP C 581 24.16 -26.24 35.24
N LYS C 582 25.43 -26.18 34.84
CA LYS C 582 26.32 -25.12 35.32
C LYS C 582 25.88 -23.72 34.90
N ASP C 583 25.44 -23.55 33.66
CA ASP C 583 24.92 -22.26 33.18
C ASP C 583 23.81 -21.76 34.11
N GLN C 584 22.87 -22.65 34.43
CA GLN C 584 21.78 -22.32 35.33
C GLN C 584 22.29 -21.86 36.68
N ALA C 585 23.26 -22.60 37.23
CA ALA C 585 23.83 -22.25 38.54
C ALA C 585 24.57 -20.91 38.52
N GLU C 586 25.20 -20.58 37.39
CA GLU C 586 25.93 -19.31 37.24
C GLU C 586 25.04 -18.13 36.82
N ALA C 587 23.75 -18.38 36.63
CA ALA C 587 22.80 -17.34 36.27
C ALA C 587 21.56 -17.38 37.19
N LYS C 588 21.82 -17.37 38.49
CA LYS C 588 20.80 -17.19 39.53
C LYS C 588 19.68 -18.22 39.50
N GLY C 589 20.00 -19.44 39.09
CA GLY C 589 19.04 -20.54 39.04
C GLY C 589 17.94 -20.36 38.01
N CYS C 590 18.14 -19.45 37.06
CA CYS C 590 17.08 -19.08 36.12
C CYS C 590 15.77 -18.80 36.88
N HIS C 591 14.65 -19.36 36.44
CA HIS C 591 13.35 -19.04 36.98
C HIS C 591 12.70 -20.17 37.76
N SER C 592 13.50 -21.15 38.17
CA SER C 592 12.99 -22.24 39.00
C SER C 592 12.47 -21.67 40.31
N PRO C 593 11.21 -21.97 40.66
CA PRO C 593 10.75 -21.59 41.99
C PRO C 593 11.59 -22.21 43.13
N VAL C 594 12.29 -23.30 42.82
CA VAL C 594 13.06 -24.04 43.81
C VAL C 594 14.49 -23.55 43.98
N VAL C 595 15.17 -23.25 42.88
CA VAL C 595 16.59 -22.85 42.97
C VAL C 595 16.89 -21.43 42.52
N SER C 596 15.88 -20.68 42.05
CA SER C 596 16.13 -19.33 41.59
C SER C 596 16.49 -18.42 42.75
N GLU C 597 17.53 -17.61 42.56
CA GLU C 597 17.91 -16.56 43.48
C GLU C 597 17.37 -15.20 43.03
N LEU C 598 16.57 -15.20 41.97
CA LEU C 598 15.92 -13.97 41.51
C LEU C 598 14.83 -13.58 42.49
N LYS C 599 14.32 -12.36 42.35
CA LYS C 599 13.16 -11.93 43.12
C LYS C 599 11.98 -12.84 42.80
N GLU C 600 10.98 -12.84 43.68
CA GLU C 600 9.90 -13.83 43.64
C GLU C 600 8.97 -13.70 42.44
N THR C 601 8.81 -12.51 41.90
CA THR C 601 8.00 -12.30 40.70
C THR C 601 8.60 -12.95 39.44
N LEU C 602 9.89 -13.30 39.51
CA LEU C 602 10.57 -14.02 38.43
C LEU C 602 10.76 -15.51 38.74
N HIS C 603 9.93 -16.05 39.63
CA HIS C 603 9.84 -17.48 39.86
C HIS C 603 8.58 -17.93 39.13
N PHE C 604 8.75 -18.75 38.09
CA PHE C 604 7.60 -19.12 37.25
C PHE C 604 7.07 -20.47 37.70
N LYS C 605 5.76 -20.52 38.00
CA LYS C 605 5.13 -21.68 38.66
C LYS C 605 4.42 -22.63 37.71
N ASP C 606 3.99 -22.11 36.57
CA ASP C 606 3.33 -22.91 35.57
C ASP C 606 3.65 -22.31 34.21
N GLN C 607 3.31 -23.07 33.17
CA GLN C 607 3.64 -22.70 31.82
C GLN C 607 2.85 -21.49 31.33
N LYS C 608 1.60 -21.37 31.78
CA LYS C 608 0.75 -20.23 31.44
C LYS C 608 1.43 -18.93 31.85
N GLN C 609 2.03 -18.92 33.03
CA GLN C 609 2.75 -17.74 33.52
C GLN C 609 3.98 -17.45 32.65
N VAL C 610 4.66 -18.49 32.19
CA VAL C 610 5.84 -18.32 31.34
C VAL C 610 5.40 -17.76 29.99
N TYR C 611 4.40 -18.40 29.39
CA TYR C 611 3.80 -17.95 28.14
C TYR C 611 3.47 -16.46 28.20
N ASN C 612 2.87 -16.03 29.30
CA ASN C 612 2.48 -14.63 29.46
C ASN C 612 3.67 -13.70 29.47
N GLU C 613 4.74 -14.09 30.15
CA GLU C 613 5.95 -13.29 30.17
C GLU C 613 6.54 -13.18 28.76
N VAL C 614 6.44 -14.27 27.99
CA VAL C 614 6.92 -14.29 26.61
C VAL C 614 6.10 -13.35 25.73
N MET C 615 4.79 -13.35 25.94
CA MET C 615 3.88 -12.43 25.23
C MET C 615 4.16 -10.97 25.59
N GLY C 616 4.52 -10.71 26.84
CA GLY C 616 4.95 -9.39 27.25
C GLY C 616 6.02 -8.82 26.32
N TRP C 617 6.83 -9.72 25.74
CA TRP C 617 7.91 -9.31 24.86
C TRP C 617 7.56 -9.44 23.38
N GLN C 618 6.96 -10.55 22.99
CA GLN C 618 6.70 -10.81 21.57
C GLN C 618 5.58 -9.96 20.99
N THR C 619 4.61 -9.58 21.82
CA THR C 619 3.43 -8.88 21.35
C THR C 619 3.75 -7.43 20.93
N PRO C 620 4.49 -6.68 21.76
CA PRO C 620 4.94 -5.38 21.24
C PRO C 620 5.82 -5.49 19.98
N VAL C 621 6.69 -6.50 19.93
CA VAL C 621 7.58 -6.66 18.79
C VAL C 621 6.80 -6.98 17.51
N LYS C 622 5.89 -7.94 17.59
CA LYS C 622 5.05 -8.29 16.46
C LYS C 622 4.09 -7.16 16.07
N ASP C 623 3.70 -6.32 17.03
CA ASP C 623 2.87 -5.13 16.73
C ASP C 623 3.64 -4.16 15.85
N LYS C 624 4.80 -3.72 16.35
CA LYS C 624 5.64 -2.81 15.61
C LYS C 624 6.05 -3.43 14.27
N PHE C 625 6.41 -4.71 14.28
CA PHE C 625 6.80 -5.41 13.06
C PHE C 625 5.72 -5.29 11.98
N THR C 626 4.48 -5.58 12.37
CA THR C 626 3.34 -5.59 11.45
C THR C 626 3.08 -4.17 10.95
N GLN C 627 3.22 -3.22 11.85
CA GLN C 627 3.12 -1.79 11.55
C GLN C 627 4.08 -1.42 10.42
N VAL C 628 5.31 -1.91 10.51
CA VAL C 628 6.34 -1.60 9.51
C VAL C 628 6.03 -2.25 8.16
N LYS C 629 5.56 -3.51 8.17
CA LYS C 629 5.23 -4.21 6.93
C LYS C 629 4.09 -3.55 6.19
N VAL C 630 3.08 -3.16 6.95
CA VAL C 630 1.92 -2.43 6.43
C VAL C 630 2.37 -1.12 5.80
N GLY C 631 3.15 -0.36 6.55
CA GLY C 631 3.71 0.89 6.05
C GLY C 631 4.50 0.71 4.76
N ILE C 632 5.39 -0.28 4.72
CA ILE C 632 6.19 -0.54 3.51
C ILE C 632 5.28 -0.84 2.33
N GLN C 633 4.34 -1.77 2.52
CA GLN C 633 3.38 -2.14 1.47
C GLN C 633 2.52 -0.97 1.02
N GLY C 634 2.14 -0.11 1.98
CA GLY C 634 1.31 1.06 1.69
C GLY C 634 2.03 2.14 0.92
N LEU C 635 3.24 2.49 1.36
CA LEU C 635 4.06 3.46 0.67
C LEU C 635 4.38 2.98 -0.74
N TYR C 636 4.66 1.69 -0.87
CA TYR C 636 5.01 1.08 -2.15
C TYR C 636 3.85 1.15 -3.14
N SER C 637 2.64 0.81 -2.69
CA SER C 637 1.46 0.87 -3.56
C SER C 637 1.18 2.29 -4.03
N LEU C 638 1.38 3.25 -3.12
CA LEU C 638 1.15 4.65 -3.44
C LEU C 638 2.18 5.20 -4.43
N LEU C 639 3.38 4.64 -4.46
CA LEU C 639 4.47 5.19 -5.30
C LEU C 639 4.23 5.21 -6.81
N GLU C 640 3.40 4.30 -7.33
CA GLU C 640 3.12 4.26 -8.78
C GLU C 640 2.05 5.26 -9.19
N VAL C 641 1.13 5.57 -8.29
CA VAL C 641 0.10 6.57 -8.56
C VAL C 641 0.51 7.98 -8.09
N LYS C 642 1.66 8.10 -7.42
CA LYS C 642 2.13 9.40 -6.88
C LYS C 642 3.39 9.93 -7.55
N LYS C 643 3.38 11.22 -7.86
CA LYS C 643 4.51 11.90 -8.47
C LYS C 643 5.30 12.68 -7.41
N LEU C 644 6.60 12.46 -7.34
CA LEU C 644 7.45 13.14 -6.36
C LEU C 644 8.70 13.77 -6.98
N ALA C 645 9.06 14.93 -6.45
CA ALA C 645 10.32 15.58 -6.80
C ALA C 645 11.49 14.58 -6.69
N PRO C 646 12.42 14.62 -7.66
CA PRO C 646 13.54 13.66 -7.69
C PRO C 646 14.19 13.44 -6.32
N SER C 647 14.43 14.53 -5.59
CA SER C 647 15.05 14.47 -4.28
C SER C 647 14.12 13.83 -3.23
N ASP C 648 12.83 14.15 -3.30
CA ASP C 648 11.84 13.56 -2.42
C ASP C 648 11.70 12.05 -2.63
N LYS C 649 11.70 11.63 -3.89
CA LYS C 649 11.55 10.21 -4.21
C LYS C 649 12.74 9.39 -3.71
N THR C 650 13.94 9.87 -4.04
CA THR C 650 15.19 9.33 -3.46
C THR C 650 14.98 9.01 -1.98
N ARG C 651 14.42 9.97 -1.27
CA ARG C 651 14.27 9.88 0.18
C ARG C 651 13.25 8.83 0.65
N VAL C 652 12.17 8.65 -0.12
CA VAL C 652 11.14 7.69 0.25
C VAL C 652 11.60 6.25 -0.02
N TYR C 653 12.20 6.00 -1.18
CA TYR C 653 12.82 4.71 -1.49
C TYR C 653 13.81 4.33 -0.40
N GLU C 654 14.71 5.24 -0.10
CA GLU C 654 15.76 5.02 0.88
C GLU C 654 15.16 4.59 2.22
N LEU C 655 14.20 5.36 2.71
CA LEU C 655 13.57 5.08 4.00
C LEU C 655 12.85 3.73 3.98
N ILE C 656 12.09 3.48 2.92
CA ILE C 656 11.47 2.17 2.74
C ILE C 656 12.56 1.08 2.79
N GLU C 657 13.68 1.34 2.12
CA GLU C 657 14.76 0.35 2.02
C GLU C 657 15.40 0.07 3.37
N LYS C 658 15.63 1.11 4.17
CA LYS C 658 16.16 0.91 5.52
C LYS C 658 15.21 0.08 6.35
N ALA C 659 13.93 0.44 6.30
CA ALA C 659 12.89 -0.27 7.04
C ALA C 659 12.80 -1.73 6.63
N GLN C 660 13.03 -2.00 5.35
CA GLN C 660 13.05 -3.37 4.84
C GLN C 660 14.20 -4.20 5.41
N ASP C 661 15.39 -3.59 5.55
CA ASP C 661 16.54 -4.29 6.15
C ASP C 661 16.20 -4.75 7.56
N THR C 662 15.66 -3.83 8.36
CA THR C 662 15.27 -4.12 9.73
C THR C 662 14.28 -5.28 9.76
N VAL C 663 13.25 -5.18 8.95
CA VAL C 663 12.23 -6.22 8.85
C VAL C 663 12.84 -7.59 8.50
N ASP C 664 13.78 -7.61 7.57
CA ASP C 664 14.43 -8.86 7.17
C ASP C 664 15.23 -9.45 8.30
N LEU C 665 15.94 -8.61 9.04
CA LEU C 665 16.72 -9.06 10.18
C LEU C 665 15.82 -9.69 11.24
N ILE C 666 14.74 -9.00 11.61
CA ILE C 666 13.85 -9.47 12.67
C ILE C 666 13.18 -10.77 12.24
N GLU C 667 12.75 -10.82 10.99
CA GLU C 667 12.13 -12.04 10.44
C GLU C 667 13.11 -13.21 10.46
N LYS C 668 14.36 -12.93 10.11
CA LYS C 668 15.43 -13.95 10.07
C LYS C 668 15.74 -14.47 11.47
N ASP C 669 15.85 -13.56 12.43
CA ASP C 669 16.04 -13.93 13.82
C ASP C 669 14.92 -14.88 14.30
N GLY C 670 13.68 -14.54 13.99
CA GLY C 670 12.54 -15.40 14.27
C GLY C 670 12.17 -15.58 15.75
N SER C 671 12.78 -14.78 16.63
CA SER C 671 12.52 -14.87 18.07
C SER C 671 11.55 -13.81 18.60
N TRP C 672 11.31 -12.76 17.81
CA TRP C 672 10.34 -11.71 18.15
C TRP C 672 10.63 -11.08 19.50
N GLY C 673 11.90 -10.80 19.77
CA GLY C 673 12.32 -10.14 21.00
C GLY C 673 12.95 -11.04 22.05
N MET C 674 12.76 -12.35 21.94
CA MET C 674 13.27 -13.28 22.95
C MET C 674 14.81 -13.36 23.00
N HIS C 675 15.47 -12.98 21.93
CA HIS C 675 16.94 -12.93 21.89
C HIS C 675 17.50 -11.57 22.32
N GLY C 676 16.63 -10.59 22.52
CA GLY C 676 17.03 -9.27 22.99
C GLY C 676 15.91 -8.29 22.74
N PHE C 677 15.05 -8.10 23.73
CA PHE C 677 13.89 -7.26 23.56
C PHE C 677 14.28 -5.82 23.23
N LYS C 678 15.21 -5.29 24.03
CA LYS C 678 15.58 -3.88 23.95
C LYS C 678 16.09 -3.51 22.56
N TYR C 679 17.09 -4.24 22.06
CA TYR C 679 17.61 -3.96 20.73
C TYR C 679 16.53 -4.18 19.67
N THR C 680 15.75 -5.26 19.81
CA THR C 680 14.73 -5.56 18.83
C THR C 680 13.67 -4.45 18.76
N LYS C 681 13.18 -4.05 19.92
CA LYS C 681 12.12 -3.04 20.00
C LYS C 681 12.61 -1.67 19.56
N GLN C 682 13.75 -1.26 20.10
CA GLN C 682 14.40 -0.02 19.70
C GLN C 682 14.53 0.04 18.18
N ARG C 683 15.07 -1.02 17.61
CA ARG C 683 15.32 -1.11 16.19
C ARG C 683 14.03 -1.08 15.34
N LEU C 684 12.97 -1.74 15.80
CA LEU C 684 11.69 -1.64 15.11
C LEU C 684 11.06 -0.25 15.25
N ASP C 685 11.28 0.40 16.39
CA ASP C 685 10.80 1.76 16.60
C ASP C 685 11.39 2.73 15.57
N ALA C 686 12.70 2.64 15.36
CA ALA C 686 13.37 3.44 14.34
C ALA C 686 12.79 3.20 12.95
N ALA C 687 12.45 1.94 12.64
CA ALA C 687 11.90 1.60 11.33
C ALA C 687 10.52 2.22 11.14
N VAL C 688 9.76 2.29 12.23
CA VAL C 688 8.52 3.05 12.25
C VAL C 688 8.77 4.52 11.94
N GLU C 689 9.78 5.11 12.57
CA GLU C 689 10.17 6.49 12.30
C GLU C 689 10.52 6.70 10.82
N TYR C 690 11.25 5.74 10.23
CA TYR C 690 11.57 5.82 8.80
C TYR C 690 10.27 5.85 7.98
N ILE C 691 9.32 4.99 8.33
CA ILE C 691 8.03 4.94 7.64
C ILE C 691 7.27 6.26 7.85
N ASN C 692 7.27 6.75 9.08
CA ASN C 692 6.62 8.02 9.40
C ASN C 692 7.22 9.21 8.66
N GLU C 693 8.56 9.24 8.52
CA GLU C 693 9.22 10.30 7.76
C GLU C 693 8.86 10.19 6.28
N ALA C 694 8.78 8.97 5.78
CA ALA C 694 8.38 8.74 4.40
C ALA C 694 6.97 9.26 4.18
N GLN C 695 6.09 9.04 5.15
CA GLN C 695 4.74 9.57 5.11
C GLN C 695 4.70 11.09 5.02
N ARG C 696 5.51 11.76 5.84
CA ARG C 696 5.59 13.23 5.82
C ARG C 696 6.06 13.81 4.49
N ILE C 697 6.85 13.04 3.75
CA ILE C 697 7.28 13.44 2.41
C ILE C 697 6.16 13.14 1.38
N MET C 698 5.51 11.99 1.52
CA MET C 698 4.35 11.64 0.68
C MET C 698 3.16 12.60 0.84
N LYS C 699 3.16 13.34 1.95
CA LYS C 699 2.11 14.32 2.26
C LYS C 699 2.12 15.50 1.30
N LYS C 700 3.31 15.91 0.88
CA LYS C 700 3.50 17.02 -0.07
C LYS C 700 2.86 16.79 -1.45
N SER C 701 2.28 15.62 -1.68
CA SER C 701 1.47 15.38 -2.88
C SER C 701 0.31 16.37 -2.97
N MET D 43 -74.59 51.49 -25.40
CA MET D 43 -73.33 50.68 -25.30
C MET D 43 -72.11 51.58 -25.32
N GLN D 44 -71.15 51.28 -24.46
CA GLN D 44 -69.88 51.99 -24.46
C GLN D 44 -68.77 51.15 -23.84
N MET D 45 -67.54 51.61 -24.04
CA MET D 45 -66.38 50.98 -23.43
C MET D 45 -66.37 51.21 -21.93
N THR D 46 -65.53 50.44 -21.24
CA THR D 46 -65.47 50.51 -19.78
C THR D 46 -64.99 51.88 -19.35
N LYS D 47 -65.33 52.24 -18.12
CA LYS D 47 -64.92 53.50 -17.51
C LYS D 47 -63.39 53.64 -17.58
N GLU D 48 -62.72 52.63 -17.05
CA GLU D 48 -61.25 52.62 -17.00
C GLU D 48 -60.63 52.85 -18.37
N ALA D 49 -61.16 52.20 -19.39
CA ALA D 49 -60.69 52.41 -20.75
C ALA D 49 -60.94 53.87 -21.17
N ARG D 50 -62.16 54.34 -20.94
CA ARG D 50 -62.54 55.70 -21.34
C ARG D 50 -61.68 56.77 -20.68
N GLU D 51 -61.34 56.58 -19.40
CA GLU D 51 -60.45 57.50 -18.69
C GLU D 51 -59.05 57.53 -19.29
N ILE D 52 -58.54 56.37 -19.69
CA ILE D 52 -57.22 56.30 -20.34
C ILE D 52 -57.23 56.91 -21.74
N ILE D 53 -58.31 56.68 -22.49
CA ILE D 53 -58.49 57.33 -23.79
C ILE D 53 -58.56 58.85 -23.65
N ALA D 54 -59.17 59.32 -22.55
CA ALA D 54 -59.33 60.75 -22.30
C ALA D 54 -58.03 61.46 -21.93
N HIS D 55 -57.15 60.76 -21.20
CA HIS D 55 -55.87 61.33 -20.77
C HIS D 55 -54.75 60.29 -20.87
N PRO D 56 -54.41 59.90 -22.10
CA PRO D 56 -53.47 58.81 -22.35
C PRO D 56 -52.01 59.20 -22.12
N LYS D 57 -51.31 58.40 -21.34
CA LYS D 57 -49.88 58.62 -21.06
C LYS D 57 -49.04 57.47 -21.62
N GLY D 58 -49.33 57.09 -22.87
CA GLY D 58 -48.55 56.09 -23.58
C GLY D 58 -47.27 56.69 -24.15
N THR D 59 -46.56 55.88 -24.92
CA THR D 59 -45.25 56.26 -25.43
C THR D 59 -45.09 56.08 -26.94
N LYS D 60 -46.12 55.61 -27.62
CA LYS D 60 -46.00 55.38 -29.05
C LYS D 60 -45.73 56.69 -29.77
N GLU D 61 -46.51 57.74 -29.49
CA GLU D 61 -46.35 59.02 -30.16
C GLU D 61 -45.17 59.82 -29.62
N SER D 62 -44.99 59.85 -28.31
CA SER D 62 -43.90 60.63 -27.71
C SER D 62 -42.53 59.98 -27.88
N ARG D 63 -42.45 58.65 -27.79
CA ARG D 63 -41.17 57.95 -27.82
C ARG D 63 -40.94 57.05 -29.04
N GLY D 64 -42.01 56.70 -29.76
CA GLY D 64 -41.90 55.74 -30.86
C GLY D 64 -41.86 54.29 -30.40
N VAL D 65 -42.25 54.04 -29.15
CA VAL D 65 -42.23 52.70 -28.56
C VAL D 65 -43.59 52.44 -27.93
N ILE D 66 -44.22 51.34 -28.31
CA ILE D 66 -45.55 51.02 -27.80
C ILE D 66 -45.45 50.44 -26.40
N SER D 67 -46.29 50.93 -25.49
CA SER D 67 -46.30 50.49 -24.12
C SER D 67 -47.75 50.31 -23.65
N LEU D 68 -47.94 49.96 -22.39
CA LEU D 68 -49.25 49.46 -21.93
C LEU D 68 -50.40 50.33 -22.38
N GLN D 69 -50.35 51.61 -22.04
CA GLN D 69 -51.51 52.48 -22.25
C GLN D 69 -51.90 52.65 -23.72
N ASP D 70 -50.93 52.52 -24.63
CA ASP D 70 -51.23 52.53 -26.06
C ASP D 70 -52.12 51.37 -26.47
N TYR D 71 -51.95 50.22 -25.83
CA TYR D 71 -52.77 49.06 -26.11
C TYR D 71 -54.24 49.31 -25.72
N ILE D 72 -54.47 50.07 -24.67
CA ILE D 72 -55.85 50.40 -24.25
C ILE D 72 -56.51 51.33 -25.26
N VAL D 73 -55.76 52.33 -25.70
CA VAL D 73 -56.27 53.35 -26.61
C VAL D 73 -56.65 52.76 -27.97
N GLU D 74 -55.82 51.86 -28.50
CA GLU D 74 -55.99 51.34 -29.86
C GLU D 74 -57.22 50.45 -30.05
N GLU D 75 -57.88 50.04 -28.97
CA GLU D 75 -59.02 49.13 -29.07
C GLU D 75 -60.35 49.84 -29.40
N GLN D 76 -60.32 51.17 -29.32
CA GLN D 76 -61.52 51.99 -29.49
C GLN D 76 -62.32 51.68 -30.76
N ALA D 77 -61.63 51.53 -31.87
CA ALA D 77 -62.29 51.31 -33.16
C ALA D 77 -63.03 49.97 -33.22
N MET D 78 -62.41 48.95 -32.65
CA MET D 78 -62.95 47.60 -32.65
C MET D 78 -64.31 47.59 -31.96
N TYR D 79 -64.38 48.16 -30.76
CA TYR D 79 -65.64 48.25 -30.04
C TYR D 79 -66.65 49.18 -30.73
N ASP D 80 -66.18 50.25 -31.36
CA ASP D 80 -67.07 51.10 -32.14
C ASP D 80 -67.71 50.25 -33.24
N TRP D 81 -66.87 49.49 -33.93
CA TRP D 81 -67.34 48.65 -35.02
C TRP D 81 -68.34 47.60 -34.53
N LEU D 82 -68.04 46.94 -33.42
CA LEU D 82 -68.90 45.89 -32.88
C LEU D 82 -70.25 46.43 -32.42
N PHE D 83 -70.26 47.61 -31.83
CA PHE D 83 -71.52 48.23 -31.40
C PHE D 83 -72.44 48.55 -32.57
N LYS D 84 -71.85 48.85 -33.73
CA LYS D 84 -72.62 49.09 -34.96
C LYS D 84 -72.95 47.81 -35.72
N ASN D 85 -72.04 46.84 -35.74
CA ASN D 85 -72.09 45.75 -36.72
C ASN D 85 -72.37 44.34 -36.21
N HIS D 86 -72.29 44.10 -34.90
CA HIS D 86 -72.49 42.74 -34.39
C HIS D 86 -73.97 42.38 -34.49
N PRO D 87 -74.29 41.15 -34.94
CA PRO D 87 -75.68 40.71 -35.09
C PRO D 87 -76.59 40.96 -33.88
N ILE D 88 -76.08 40.74 -32.68
CA ILE D 88 -76.81 41.13 -31.45
C ILE D 88 -77.53 42.47 -31.62
N PHE D 89 -76.87 43.43 -32.27
CA PHE D 89 -77.46 44.75 -32.52
C PHE D 89 -78.15 44.87 -33.88
N THR D 90 -77.53 44.35 -34.93
CA THR D 90 -78.07 44.50 -36.30
C THR D 90 -79.22 43.54 -36.62
N LYS D 91 -79.33 42.44 -35.87
CA LYS D 91 -80.35 41.43 -36.13
C LYS D 91 -81.31 41.21 -34.96
N TYR D 92 -80.78 41.24 -33.74
CA TYR D 92 -81.61 41.02 -32.55
C TYR D 92 -81.93 42.34 -31.84
N GLY D 93 -81.59 43.46 -32.46
CA GLY D 93 -81.96 44.79 -31.96
C GLY D 93 -81.50 45.12 -30.56
N GLY D 94 -80.32 44.62 -30.18
CA GLY D 94 -79.74 44.89 -28.87
C GLY D 94 -80.41 44.18 -27.71
N LYS D 95 -81.37 43.32 -28.01
CA LYS D 95 -82.17 42.67 -26.98
C LYS D 95 -81.62 41.28 -26.71
N THR D 96 -81.41 41.00 -25.43
CA THR D 96 -80.84 39.73 -24.98
C THR D 96 -81.53 39.28 -23.71
N VAL D 97 -81.60 37.96 -23.53
CA VAL D 97 -82.08 37.37 -22.30
C VAL D 97 -80.89 37.39 -21.34
N GLY D 98 -80.82 38.44 -20.55
CA GLY D 98 -79.66 38.70 -19.71
C GLY D 98 -78.97 39.94 -20.23
N LYS D 99 -78.31 40.67 -19.34
CA LYS D 99 -77.72 41.97 -19.71
C LYS D 99 -76.31 41.83 -20.27
N LEU D 100 -76.00 42.69 -21.25
CA LEU D 100 -74.69 42.76 -21.87
C LEU D 100 -73.78 43.59 -20.99
N VAL D 101 -72.59 43.05 -20.70
CA VAL D 101 -71.60 43.72 -19.88
C VAL D 101 -70.29 43.78 -20.65
N VAL D 102 -69.96 44.98 -21.14
CA VAL D 102 -68.73 45.19 -21.91
C VAL D 102 -67.53 44.98 -21.00
N LYS D 103 -66.51 44.31 -21.54
CA LYS D 103 -65.30 44.00 -20.79
C LYS D 103 -64.13 44.08 -21.76
N ASP D 104 -63.50 45.25 -21.81
CA ASP D 104 -62.44 45.54 -22.78
C ASP D 104 -61.06 45.54 -22.11
N ARG D 105 -59.99 45.85 -22.85
CA ARG D 105 -58.65 45.88 -22.27
C ARG D 105 -58.56 46.77 -21.04
N GLY D 106 -59.38 47.82 -21.01
CA GLY D 106 -59.41 48.75 -19.90
C GLY D 106 -59.66 48.11 -18.56
N GLU D 107 -60.53 47.11 -18.50
CA GLU D 107 -60.73 46.38 -17.25
C GLU D 107 -59.77 45.22 -17.14
N GLU D 108 -59.64 44.45 -18.22
CA GLU D 108 -58.87 43.21 -18.18
C GLU D 108 -57.37 43.43 -17.98
N TRP D 109 -56.79 44.37 -18.73
CA TRP D 109 -55.32 44.54 -18.68
C TRP D 109 -54.88 45.49 -17.57
N ILE D 110 -55.82 46.16 -16.91
CA ILE D 110 -55.51 47.22 -15.94
C ILE D 110 -56.10 46.96 -14.56
N GLU D 111 -57.38 46.57 -14.52
CA GLU D 111 -58.14 46.47 -13.28
C GLU D 111 -58.02 45.08 -12.64
N GLU D 112 -57.83 44.05 -13.45
CA GLU D 112 -57.80 42.67 -12.95
C GLU D 112 -56.66 42.44 -11.98
N GLY D 113 -56.87 41.46 -11.09
CA GLY D 113 -55.89 41.11 -10.08
C GLY D 113 -55.62 42.24 -9.11
N ARG D 114 -56.63 43.08 -8.92
CA ARG D 114 -56.53 44.29 -8.09
C ARG D 114 -55.34 45.17 -8.42
N GLY D 115 -55.08 45.31 -9.72
CA GLY D 115 -54.01 46.16 -10.21
C GLY D 115 -54.06 47.60 -9.73
N ASN D 116 -55.24 48.14 -9.51
CA ASN D 116 -55.32 49.51 -8.99
C ASN D 116 -54.86 49.60 -7.53
N ASP D 117 -55.15 48.58 -6.73
CA ASP D 117 -54.67 48.54 -5.34
C ASP D 117 -53.16 48.35 -5.30
N PHE D 118 -52.64 47.50 -6.17
CA PHE D 118 -51.19 47.29 -6.25
C PHE D 118 -50.49 48.59 -6.64
N SER D 119 -51.04 49.29 -7.63
CA SER D 119 -50.54 50.58 -8.08
C SER D 119 -50.47 51.60 -6.94
N LYS D 120 -51.51 51.62 -6.11
CA LYS D 120 -51.57 52.53 -4.97
C LYS D 120 -50.60 52.18 -3.85
N ALA D 121 -50.27 50.89 -3.71
CA ALA D 121 -49.33 50.43 -2.69
C ALA D 121 -47.87 50.55 -3.13
N SER D 122 -47.66 50.80 -4.42
CA SER D 122 -46.32 51.00 -4.95
C SER D 122 -45.95 52.49 -4.95
N LYS D 123 -44.66 52.76 -4.83
CA LYS D 123 -44.14 54.12 -5.01
C LYS D 123 -43.90 54.46 -6.48
N ARG D 124 -44.02 53.46 -7.36
CA ARG D 124 -43.93 53.69 -8.80
C ARG D 124 -44.91 54.78 -9.21
N SER D 125 -44.40 55.78 -9.93
CA SER D 125 -45.23 56.88 -10.44
C SER D 125 -46.06 57.56 -9.35
N GLY D 126 -45.48 57.70 -8.15
CA GLY D 126 -46.15 58.32 -7.01
C GLY D 126 -47.42 57.67 -6.52
N GLY D 127 -47.55 56.36 -6.74
CA GLY D 127 -48.77 55.64 -6.40
C GLY D 127 -49.94 55.93 -7.32
N GLU D 128 -49.70 56.65 -8.42
CA GLU D 128 -50.76 57.12 -9.30
C GLU D 128 -50.74 56.44 -10.67
N GLY D 129 -50.00 55.34 -10.79
CA GLY D 129 -49.86 54.66 -12.08
C GLY D 129 -50.84 53.53 -12.26
N PHE D 130 -50.54 52.68 -13.25
CA PHE D 130 -51.31 51.46 -13.55
C PHE D 130 -50.44 50.21 -13.42
N SER D 131 -51.08 49.07 -13.23
CA SER D 131 -50.35 47.80 -13.11
C SER D 131 -51.11 46.70 -13.85
N SER D 132 -50.49 46.13 -14.86
CA SER D 132 -51.06 44.98 -15.55
C SER D 132 -50.63 43.72 -14.81
N MET D 133 -51.54 43.17 -14.01
CA MET D 133 -51.21 42.05 -13.14
C MET D 133 -51.18 40.72 -13.90
N MET D 134 -52.15 40.51 -14.78
CA MET D 134 -52.34 39.21 -15.43
C MET D 134 -52.27 39.20 -16.95
N TYR D 135 -52.86 40.23 -17.57
CA TYR D 135 -53.18 40.20 -19.00
C TYR D 135 -52.53 41.33 -19.75
N ARG D 136 -51.50 40.98 -20.52
CA ARG D 136 -50.84 41.92 -21.43
C ARG D 136 -50.01 41.16 -22.44
N VAL D 137 -49.74 41.77 -23.58
CA VAL D 137 -48.83 41.19 -24.57
C VAL D 137 -47.48 41.87 -24.52
N ALA D 138 -46.48 41.24 -25.15
CA ALA D 138 -45.11 41.75 -25.22
C ALA D 138 -44.82 42.47 -26.53
N ARG D 139 -45.52 42.07 -27.59
CA ARG D 139 -45.32 42.59 -28.93
C ARG D 139 -46.64 43.16 -29.46
N ASN D 140 -46.72 43.49 -30.74
CA ASN D 140 -47.96 44.10 -31.26
C ASN D 140 -49.16 43.21 -31.07
N SER D 141 -50.32 43.83 -30.91
CA SER D 141 -51.57 43.11 -30.81
C SER D 141 -52.10 42.82 -32.21
N THR D 142 -53.21 42.11 -32.25
CA THR D 142 -53.85 41.68 -33.48
C THR D 142 -54.62 42.81 -34.18
N LEU D 143 -54.56 44.02 -33.61
CA LEU D 143 -55.16 45.19 -34.22
C LEU D 143 -54.18 45.99 -35.06
N GLN D 144 -52.92 45.57 -35.09
CA GLN D 144 -51.92 46.25 -35.90
C GLN D 144 -51.68 45.48 -37.18
N TYR D 145 -51.77 46.19 -38.31
CA TYR D 145 -51.48 45.61 -39.62
C TYR D 145 -50.61 46.59 -40.44
N PRO D 146 -49.65 46.07 -41.20
CA PRO D 146 -49.34 44.66 -41.37
C PRO D 146 -48.52 44.14 -40.19
N ASN D 147 -48.29 42.84 -40.17
CA ASN D 147 -47.41 42.24 -39.18
C ASN D 147 -46.39 41.38 -39.91
N LYS D 148 -45.37 40.93 -39.19
CA LYS D 148 -44.28 40.18 -39.79
C LYS D 148 -44.39 38.66 -39.56
N PHE D 149 -45.59 38.17 -39.26
CA PHE D 149 -45.76 36.73 -39.06
C PHE D 149 -45.62 35.98 -40.39
N ILE D 150 -44.92 34.86 -40.35
CA ILE D 150 -44.76 33.98 -41.51
C ILE D 150 -45.44 32.62 -41.33
N GLY D 151 -45.89 32.31 -40.11
CA GLY D 151 -46.54 31.04 -39.80
C GLY D 151 -45.58 29.96 -39.35
N PRO D 152 -46.04 29.01 -38.51
CA PRO D 152 -45.19 27.94 -38.00
C PRO D 152 -44.67 26.97 -39.06
N GLU D 153 -45.39 26.83 -40.16
CA GLU D 153 -44.96 25.97 -41.26
C GLU D 153 -43.69 26.50 -41.89
N LYS D 154 -43.50 27.81 -41.87
CA LYS D 154 -42.26 28.40 -42.39
C LYS D 154 -41.07 28.23 -41.45
N CYS D 155 -41.28 28.33 -40.13
CA CYS D 155 -40.24 27.98 -39.18
C CYS D 155 -39.93 26.50 -39.31
N GLY D 156 -40.98 25.70 -39.52
CA GLY D 156 -40.85 24.27 -39.68
C GLY D 156 -39.95 23.82 -40.82
N GLU D 157 -39.87 24.62 -41.89
CA GLU D 157 -39.04 24.25 -43.04
C GLU D 157 -37.57 24.08 -42.64
N CYS D 158 -37.07 24.99 -41.80
CA CYS D 158 -35.69 24.92 -41.31
C CYS D 158 -35.55 24.19 -39.98
N HIS D 159 -36.64 24.12 -39.21
CA HIS D 159 -36.64 23.44 -37.91
C HIS D 159 -37.69 22.33 -37.83
N PRO D 160 -37.59 21.33 -38.73
CA PRO D 160 -38.55 20.23 -38.76
C PRO D 160 -38.69 19.46 -37.44
N ALA D 161 -37.61 19.36 -36.68
CA ALA D 161 -37.62 18.58 -35.43
C ALA D 161 -38.53 19.22 -34.39
N GLN D 162 -38.29 20.49 -34.09
CA GLN D 162 -39.15 21.21 -33.15
C GLN D 162 -40.58 21.34 -33.68
N TYR D 163 -40.73 21.50 -34.99
CA TYR D 163 -42.06 21.54 -35.57
C TYR D 163 -42.86 20.29 -35.20
N GLU D 164 -42.22 19.12 -35.29
CA GLU D 164 -42.94 17.88 -35.03
C GLU D 164 -43.45 17.79 -33.60
N THR D 165 -42.57 18.04 -32.62
CA THR D 165 -42.96 17.96 -31.20
C THR D 165 -43.96 19.06 -30.83
N TRP D 166 -43.71 20.28 -31.30
CA TRP D 166 -44.65 21.38 -31.09
C TRP D 166 -46.03 21.05 -31.65
N SER D 167 -46.05 20.50 -32.86
CA SER D 167 -47.30 20.27 -33.59
C SER D 167 -48.14 19.14 -32.99
N ARG D 168 -47.53 18.26 -32.21
CA ARG D 168 -48.33 17.30 -31.43
C ARG D 168 -48.44 17.75 -29.96
N SER D 169 -48.76 19.03 -29.78
CA SER D 169 -49.01 19.61 -28.46
C SER D 169 -50.28 20.46 -28.49
N ARG D 170 -50.86 20.67 -27.32
CA ARG D 170 -52.06 21.49 -27.23
C ARG D 170 -51.78 22.97 -27.44
N HIS D 171 -50.53 23.40 -27.31
CA HIS D 171 -50.17 24.75 -27.74
C HIS D 171 -50.57 24.96 -29.19
N ALA D 172 -50.34 23.94 -30.01
CA ALA D 172 -50.52 24.03 -31.44
C ALA D 172 -51.98 23.99 -31.88
N THR D 173 -52.83 23.28 -31.14
CA THR D 173 -54.22 23.07 -31.58
C THR D 173 -55.29 23.69 -30.67
N THR D 174 -54.90 24.63 -29.81
CA THR D 174 -55.84 25.27 -28.89
C THR D 174 -56.83 26.19 -29.65
N ILE D 175 -56.37 26.77 -30.77
CA ILE D 175 -57.26 27.47 -31.69
C ILE D 175 -57.50 26.61 -32.92
N ARG D 176 -58.74 26.23 -33.18
CA ARG D 176 -59.05 25.41 -34.37
C ARG D 176 -60.32 25.84 -35.07
N PHE D 177 -60.36 25.60 -36.37
CA PHE D 177 -61.53 25.90 -37.19
C PHE D 177 -62.36 24.64 -37.35
N PRO D 178 -63.65 24.81 -37.66
CA PRO D 178 -64.49 23.66 -37.99
C PRO D 178 -63.85 22.86 -39.13
N GLY D 179 -63.96 21.54 -39.07
CA GLY D 179 -63.22 20.66 -39.96
C GLY D 179 -61.95 20.11 -39.34
N GLU D 180 -61.56 20.62 -38.18
CA GLU D 180 -60.31 20.23 -37.52
C GLU D 180 -60.55 19.58 -36.15
N HIS D 181 -61.67 18.88 -36.00
CA HIS D 181 -62.01 18.22 -34.73
C HIS D 181 -62.33 16.75 -34.90
N PRO D 182 -61.33 15.94 -35.28
CA PRO D 182 -61.60 14.53 -35.52
C PRO D 182 -61.90 13.75 -34.24
N GLU D 183 -61.51 14.31 -33.10
CA GLU D 183 -61.81 13.73 -31.79
C GLU D 183 -63.31 13.71 -31.47
N VAL D 184 -64.11 14.49 -32.21
CA VAL D 184 -65.56 14.37 -32.16
C VAL D 184 -66.13 14.08 -33.54
N ASN D 185 -65.37 13.34 -34.36
CA ASN D 185 -65.77 13.04 -35.73
C ASN D 185 -66.27 14.29 -36.47
N ASN D 186 -65.68 15.43 -36.12
CA ASN D 186 -66.05 16.75 -36.64
C ASN D 186 -67.52 17.11 -36.48
N LYS D 187 -68.14 16.59 -35.42
CA LYS D 187 -69.52 16.91 -35.10
C LYS D 187 -69.55 17.88 -33.94
N LEU D 188 -69.67 19.16 -34.26
CA LEU D 188 -69.67 20.21 -33.25
C LEU D 188 -71.05 20.49 -32.64
N ASN D 189 -72.11 19.97 -33.24
CA ASN D 189 -73.47 20.27 -32.78
C ASN D 189 -74.23 19.08 -32.20
N ASP D 190 -73.57 17.94 -32.07
CA ASP D 190 -74.16 16.74 -31.50
C ASP D 190 -73.52 16.41 -30.16
N PRO D 191 -74.25 15.70 -29.28
CA PRO D 191 -73.63 15.32 -28.02
C PRO D 191 -72.27 14.66 -28.22
N VAL D 192 -71.31 15.05 -27.40
CA VAL D 192 -69.98 14.43 -27.46
C VAL D 192 -70.02 13.04 -26.84
N PHE D 193 -70.53 12.94 -25.62
CA PHE D 193 -70.58 11.66 -24.91
C PHE D 193 -72.03 11.15 -24.92
N ASP D 194 -72.61 10.87 -23.75
CA ASP D 194 -73.99 10.37 -23.70
C ASP D 194 -74.94 11.31 -24.43
N LYS D 195 -75.97 10.72 -25.03
CA LYS D 195 -76.91 11.46 -25.88
C LYS D 195 -77.72 12.53 -25.15
N ASP D 196 -77.84 12.39 -23.83
CA ASP D 196 -78.50 13.41 -23.01
C ASP D 196 -77.54 14.49 -22.49
N THR D 197 -76.28 14.49 -22.95
CA THR D 197 -75.32 15.53 -22.57
C THR D 197 -75.00 16.43 -23.76
N ALA D 198 -74.09 17.38 -23.55
CA ALA D 198 -73.93 18.50 -24.47
C ALA D 198 -73.02 18.26 -25.67
N SER D 199 -73.30 19.06 -26.69
CA SER D 199 -72.42 19.26 -27.83
C SER D 199 -71.48 20.42 -27.54
N ILE D 200 -70.43 20.53 -28.34
CA ILE D 200 -69.41 21.56 -28.14
C ILE D 200 -69.98 22.96 -28.35
N LEU D 201 -70.58 23.19 -29.52
CA LEU D 201 -71.27 24.44 -29.78
C LEU D 201 -72.65 24.38 -29.16
N PRO D 202 -73.08 25.49 -28.54
CA PRO D 202 -74.42 25.51 -28.01
C PRO D 202 -75.50 25.74 -29.06
N GLN D 203 -76.73 25.49 -28.62
CA GLN D 203 -77.97 25.71 -29.34
C GLN D 203 -77.99 27.00 -30.18
N GLY D 204 -78.23 26.85 -31.48
CA GLY D 204 -78.36 28.00 -32.38
C GLY D 204 -77.06 28.58 -32.89
N ILE D 205 -75.93 27.99 -32.48
CA ILE D 205 -74.61 28.42 -32.92
C ILE D 205 -74.05 27.32 -33.82
N THR D 206 -73.89 27.65 -35.10
CA THR D 206 -73.52 26.69 -36.11
C THR D 206 -72.17 27.05 -36.72
N PRO D 207 -71.43 26.04 -37.21
CA PRO D 207 -70.04 26.22 -37.65
C PRO D 207 -69.84 27.40 -38.61
N ASP D 208 -70.80 27.65 -39.49
CA ASP D 208 -70.67 28.75 -40.45
C ASP D 208 -70.59 30.13 -39.84
N VAL D 209 -71.08 30.32 -38.60
CA VAL D 209 -70.97 31.60 -37.90
C VAL D 209 -69.94 31.59 -36.76
N VAL D 210 -69.12 30.55 -36.73
CA VAL D 210 -68.05 30.40 -35.75
C VAL D 210 -66.68 30.59 -36.43
N TYR D 211 -65.86 31.50 -35.92
CA TYR D 211 -64.51 31.66 -36.46
C TYR D 211 -63.64 30.48 -36.04
N CYS D 212 -63.72 30.13 -34.76
CA CYS D 212 -62.89 29.05 -34.23
C CYS D 212 -63.42 28.54 -32.92
N THR D 213 -62.92 27.38 -32.54
CA THR D 213 -63.06 26.87 -31.20
C THR D 213 -61.78 27.17 -30.44
N VAL D 214 -61.90 27.23 -29.13
CA VAL D 214 -60.78 27.34 -28.23
C VAL D 214 -60.85 26.08 -27.37
N GLY D 215 -59.73 25.42 -27.14
CA GLY D 215 -59.68 24.29 -26.21
C GLY D 215 -59.61 22.89 -26.82
N HIS D 216 -59.93 21.90 -25.97
CA HIS D 216 -59.74 20.49 -26.26
C HIS D 216 -60.66 19.67 -25.38
N ILE D 217 -60.79 18.38 -25.72
CA ILE D 217 -61.51 17.41 -24.88
C ILE D 217 -60.92 17.38 -23.47
N ARG D 218 -59.61 17.62 -23.39
CA ARG D 218 -58.87 17.64 -22.13
C ARG D 218 -59.66 18.26 -20.97
N THR D 219 -60.18 19.45 -21.15
CA THR D 219 -60.97 20.13 -20.12
C THR D 219 -62.30 20.68 -20.62
N LYS D 220 -62.24 21.56 -21.61
CA LYS D 220 -63.43 22.30 -22.02
C LYS D 220 -63.19 22.94 -23.36
N PHE D 221 -64.27 23.41 -23.98
CA PHE D 221 -64.19 24.19 -25.21
C PHE D 221 -64.86 25.54 -25.02
N GLY D 222 -64.55 26.44 -25.95
CA GLY D 222 -65.27 27.71 -26.08
C GLY D 222 -65.27 28.03 -27.56
N PHE D 223 -65.92 29.12 -27.94
CA PHE D 223 -65.95 29.54 -29.33
C PHE D 223 -65.96 31.06 -29.49
N PHE D 224 -65.52 31.49 -30.67
CA PHE D 224 -65.64 32.86 -31.10
C PHE D 224 -66.51 32.90 -32.33
N ASP D 225 -67.46 33.84 -32.34
CA ASP D 225 -68.30 34.00 -33.53
C ASP D 225 -67.50 34.63 -34.66
N ALA D 226 -68.11 34.75 -35.83
CA ALA D 226 -67.41 35.27 -37.03
C ALA D 226 -67.08 36.76 -36.94
N TRP D 227 -67.61 37.44 -35.92
CA TRP D 227 -67.32 38.84 -35.68
C TRP D 227 -66.22 38.96 -34.63
N LEU D 228 -65.67 37.80 -34.25
CA LEU D 228 -64.63 37.67 -33.23
C LEU D 228 -65.08 38.21 -31.89
N LEU D 229 -66.37 38.04 -31.61
CA LEU D 229 -66.88 38.25 -30.27
C LEU D 229 -66.79 36.92 -29.54
N ARG D 230 -66.39 37.00 -28.28
CA ARG D 230 -66.32 35.82 -27.43
C ARG D 230 -67.71 35.25 -27.24
N GLY D 231 -67.82 33.92 -27.39
CA GLY D 231 -69.11 33.24 -27.31
C GLY D 231 -69.56 33.04 -25.88
N THR D 232 -70.24 34.05 -25.35
CA THR D 232 -70.79 34.02 -23.98
C THR D 232 -72.29 33.75 -23.98
N TYR D 233 -72.79 33.21 -25.08
CA TYR D 233 -74.22 33.16 -25.31
C TYR D 233 -74.57 32.01 -26.25
N HIS D 234 -75.86 31.74 -26.33
CA HIS D 234 -76.42 30.84 -27.33
C HIS D 234 -77.68 31.47 -27.89
N VAL D 235 -78.32 30.79 -28.84
CA VAL D 235 -79.55 31.28 -29.42
C VAL D 235 -80.64 30.25 -29.22
N GLU D 236 -81.73 30.66 -28.56
CA GLU D 236 -82.86 29.77 -28.28
C GLU D 236 -83.94 29.98 -29.34
N GLY D 237 -84.44 28.88 -29.90
CA GLY D 237 -85.55 28.92 -30.86
C GLY D 237 -85.18 29.52 -32.19
N GLY D 238 -84.01 29.16 -32.73
CA GLY D 238 -83.56 29.68 -34.00
C GLY D 238 -82.06 29.60 -34.18
N LEU D 239 -81.55 30.39 -35.12
CA LEU D 239 -80.15 30.34 -35.52
C LEU D 239 -79.54 31.74 -35.58
N LEU D 240 -78.33 31.88 -35.05
CA LEU D 240 -77.59 33.13 -35.15
C LEU D 240 -77.43 33.60 -36.60
N LYS D 241 -77.17 32.64 -37.51
CA LYS D 241 -77.02 32.92 -38.94
C LYS D 241 -78.20 33.71 -39.53
N ASN D 242 -79.41 33.21 -39.29
CA ASN D 242 -80.66 33.84 -39.74
C ASN D 242 -81.03 35.12 -39.00
N GLY D 243 -80.55 35.27 -37.77
CA GLY D 243 -81.01 36.33 -36.89
C GLY D 243 -82.36 36.00 -36.29
N THR D 244 -82.67 34.71 -36.17
CA THR D 244 -83.94 34.25 -35.61
C THR D 244 -83.74 33.80 -34.17
N GLY D 245 -84.85 33.57 -33.47
CA GLY D 245 -84.80 33.12 -32.08
C GLY D 245 -84.41 34.21 -31.11
N GLN D 246 -83.82 33.82 -29.99
CA GLN D 246 -83.42 34.73 -28.93
C GLN D 246 -81.98 34.54 -28.50
N ILE D 247 -81.22 35.63 -28.42
CA ILE D 247 -79.88 35.57 -27.82
C ILE D 247 -80.08 35.37 -26.32
N VAL D 248 -79.49 34.31 -25.77
CA VAL D 248 -79.57 34.03 -24.33
C VAL D 248 -78.18 33.94 -23.73
N ALA D 249 -77.99 34.61 -22.58
CA ALA D 249 -76.71 34.63 -21.89
C ALA D 249 -76.38 33.27 -21.30
N GLY D 250 -75.11 32.88 -21.39
CA GLY D 250 -74.64 31.66 -20.74
C GLY D 250 -74.78 30.41 -21.59
N GLY D 251 -74.78 29.25 -20.94
CA GLY D 251 -74.86 27.96 -21.62
C GLY D 251 -73.92 27.84 -22.81
N ASN D 252 -72.71 28.37 -22.63
CA ASN D 252 -71.79 28.63 -23.75
C ASN D 252 -70.49 27.86 -23.73
N GLN D 253 -70.17 27.22 -22.61
CA GLN D 253 -68.87 26.61 -22.42
C GLN D 253 -69.04 25.11 -22.22
N TRP D 254 -68.56 24.35 -23.20
CA TRP D 254 -68.60 22.89 -23.09
C TRP D 254 -67.55 22.39 -22.10
N GLN D 255 -67.98 21.58 -21.14
CA GLN D 255 -67.11 21.12 -20.08
C GLN D 255 -67.03 19.60 -20.05
N ARG D 256 -65.82 19.07 -20.23
CA ARG D 256 -65.64 17.62 -20.31
C ARG D 256 -66.06 16.88 -19.05
N THR D 257 -65.62 17.36 -17.90
CA THR D 257 -65.85 16.65 -16.65
C THR D 257 -67.34 16.62 -16.31
N TRP D 258 -68.06 17.71 -16.58
CA TRP D 258 -69.48 17.73 -16.33
C TRP D 258 -70.21 16.77 -17.28
N ALA D 259 -69.85 16.81 -18.55
CA ALA D 259 -70.52 15.99 -19.56
C ALA D 259 -70.25 14.50 -19.40
N LEU D 260 -69.02 14.15 -19.00
CA LEU D 260 -68.58 12.77 -18.98
C LEU D 260 -68.61 12.17 -17.59
N ASN D 261 -67.94 12.83 -16.65
CA ASN D 261 -67.65 12.24 -15.36
C ASN D 261 -68.72 12.49 -14.30
N LEU D 262 -69.32 13.68 -14.33
CA LEU D 262 -70.23 14.12 -13.26
C LEU D 262 -71.69 13.88 -13.60
N SER D 263 -72.03 12.61 -13.80
CA SER D 263 -73.40 12.20 -13.95
C SER D 263 -74.17 12.45 -12.65
N PRO D 264 -75.50 12.58 -12.73
CA PRO D 264 -76.34 12.67 -11.54
C PRO D 264 -76.01 11.60 -10.49
N GLU D 265 -75.78 10.37 -10.93
CA GLU D 265 -75.40 9.29 -10.02
C GLU D 265 -74.15 9.65 -9.23
N VAL D 266 -73.12 10.12 -9.92
CA VAL D 266 -71.87 10.53 -9.26
C VAL D 266 -72.13 11.73 -8.35
N ALA D 267 -72.91 12.70 -8.82
CA ALA D 267 -73.26 13.85 -7.98
C ALA D 267 -73.99 13.42 -6.70
N LYS D 268 -74.89 12.45 -6.81
CA LYS D 268 -75.59 11.93 -5.63
C LYS D 268 -74.59 11.31 -4.64
N LYS D 269 -73.59 10.62 -5.16
CA LYS D 269 -72.54 10.03 -4.32
C LYS D 269 -71.77 11.11 -3.55
N ILE D 270 -71.43 12.20 -4.23
CA ILE D 270 -70.70 13.29 -3.61
C ILE D 270 -71.61 13.93 -2.55
N LYS D 271 -72.88 14.05 -2.89
CA LYS D 271 -73.89 14.65 -2.01
C LYS D 271 -74.02 13.92 -0.67
N LYS D 272 -73.82 12.59 -0.67
CA LYS D 272 -73.79 11.80 0.57
C LYS D 272 -72.72 12.29 1.54
N TRP D 273 -71.65 12.86 1.00
CA TRP D 273 -70.55 13.42 1.79
C TRP D 273 -70.72 14.93 1.96
N VAL D 274 -70.97 15.62 0.86
CA VAL D 274 -71.14 17.07 0.86
C VAL D 274 -72.61 17.39 0.59
N PRO D 275 -73.41 17.60 1.66
CA PRO D 275 -74.87 17.69 1.53
C PRO D 275 -75.38 18.77 0.59
N ASP D 276 -74.59 19.81 0.32
CA ASP D 276 -74.99 20.91 -0.56
C ASP D 276 -74.66 20.72 -2.05
N PHE D 277 -74.08 19.58 -2.41
CA PHE D 277 -73.63 19.39 -3.79
C PHE D 277 -74.82 19.31 -4.76
N PRO D 278 -74.78 20.08 -5.85
CA PRO D 278 -75.88 20.07 -6.80
C PRO D 278 -75.97 18.78 -7.62
N VAL D 279 -77.18 18.27 -7.78
CA VAL D 279 -77.45 17.05 -8.53
C VAL D 279 -78.24 17.34 -9.80
N THR D 280 -79.38 18.02 -9.66
CA THR D 280 -80.23 18.33 -10.82
C THR D 280 -79.70 19.57 -11.52
N LEU D 281 -80.06 19.70 -12.79
CA LEU D 281 -79.64 20.81 -13.62
C LEU D 281 -80.00 22.15 -13.00
N GLU D 282 -81.22 22.22 -12.48
CA GLU D 282 -81.71 23.37 -11.72
C GLU D 282 -80.76 23.80 -10.61
N GLU D 283 -80.18 22.83 -9.91
CA GLU D 283 -79.35 23.11 -8.74
C GLU D 283 -77.97 23.68 -9.08
N TYR D 284 -77.56 23.57 -10.34
CA TYR D 284 -76.33 24.23 -10.80
C TYR D 284 -76.55 25.74 -11.02
N GLY D 285 -77.80 26.17 -11.04
CA GLY D 285 -78.15 27.59 -11.02
C GLY D 285 -77.61 28.42 -12.17
N ASP D 286 -77.07 29.59 -11.84
CA ASP D 286 -76.49 30.53 -12.80
C ASP D 286 -75.27 29.97 -13.52
N ASN D 287 -74.58 29.04 -12.88
CA ASN D 287 -73.39 28.39 -13.45
C ASN D 287 -73.76 27.40 -14.55
N GLY D 288 -75.01 26.95 -14.56
CA GLY D 288 -75.44 25.90 -15.48
C GLY D 288 -75.98 26.42 -16.79
N GLY D 289 -77.08 25.81 -17.24
CA GLY D 289 -77.64 26.12 -18.55
C GLY D 289 -78.79 25.19 -18.82
N TYR D 290 -78.93 24.76 -20.07
CA TYR D 290 -80.10 24.03 -20.51
C TYR D 290 -79.84 22.53 -20.67
N VAL D 291 -78.57 22.14 -20.64
CA VAL D 291 -78.20 20.74 -20.75
C VAL D 291 -76.86 20.51 -20.07
N ARG D 292 -76.74 19.36 -19.40
CA ARG D 292 -75.51 18.97 -18.74
C ARG D 292 -74.33 18.95 -19.72
N GLY D 293 -73.29 19.69 -19.37
CA GLY D 293 -72.07 19.78 -20.18
C GLY D 293 -71.86 21.16 -20.79
N LEU D 294 -72.90 21.99 -20.83
CA LEU D 294 -72.76 23.37 -21.34
C LEU D 294 -73.07 24.33 -20.20
N ALA D 295 -72.00 24.80 -19.54
CA ALA D 295 -72.12 25.72 -18.43
C ALA D 295 -72.02 27.16 -18.90
N SER D 296 -72.37 28.08 -18.01
CA SER D 296 -72.21 29.50 -18.29
C SER D 296 -70.86 29.97 -17.78
N TYR D 297 -70.09 30.61 -18.65
CA TYR D 297 -68.77 31.12 -18.30
C TYR D 297 -68.57 32.50 -18.92
N ALA D 298 -68.08 33.43 -18.10
CA ALA D 298 -68.12 34.85 -18.41
C ALA D 298 -69.56 35.22 -18.72
N ALA D 299 -70.45 34.63 -17.93
CA ALA D 299 -71.88 34.77 -18.12
C ALA D 299 -72.59 34.07 -16.99
N LYS D 300 -73.82 34.51 -16.73
CA LYS D 300 -74.72 33.82 -15.81
C LYS D 300 -76.01 33.53 -16.56
N TYR D 301 -76.43 32.27 -16.50
CA TYR D 301 -77.49 31.74 -17.34
C TYR D 301 -78.72 32.64 -17.31
N LYS D 302 -79.06 33.18 -18.49
CA LYS D 302 -80.27 33.99 -18.67
C LYS D 302 -80.22 35.31 -17.87
N LYS D 303 -79.03 35.73 -17.43
CA LYS D 303 -78.92 36.87 -16.51
C LYS D 303 -77.89 37.90 -16.93
N SER D 304 -76.67 37.47 -17.27
CA SER D 304 -75.67 38.38 -17.78
C SER D 304 -74.68 37.66 -18.66
N MET D 305 -74.08 38.41 -19.58
CA MET D 305 -73.07 37.88 -20.47
C MET D 305 -72.07 38.98 -20.76
N SER D 306 -70.80 38.62 -20.81
CA SER D 306 -69.76 39.55 -21.20
C SER D 306 -69.85 39.80 -22.70
N PHE D 307 -69.68 41.07 -23.08
CA PHE D 307 -69.55 41.45 -24.47
C PHE D 307 -68.09 41.83 -24.67
N GLN D 308 -67.35 41.00 -25.40
CA GLN D 308 -65.90 41.14 -25.46
C GLN D 308 -65.29 40.61 -26.77
N ALA D 309 -64.48 41.46 -27.40
CA ALA D 309 -63.71 41.11 -28.57
C ALA D 309 -62.55 40.22 -28.18
N SER D 310 -62.09 39.41 -29.12
CA SER D 310 -60.91 38.58 -28.94
C SER D 310 -59.72 39.45 -28.51
N THR D 311 -59.66 40.66 -29.06
CA THR D 311 -58.56 41.59 -28.81
C THR D 311 -58.42 42.06 -27.36
N SER D 312 -59.47 41.91 -26.56
CA SER D 312 -59.45 42.41 -25.19
C SER D 312 -58.75 41.47 -24.20
N TYR D 313 -58.64 40.21 -24.54
CA TYR D 313 -58.37 39.20 -23.52
C TYR D 313 -57.78 37.93 -24.11
N CYS D 314 -58.52 37.28 -25.01
CA CYS D 314 -58.12 35.96 -25.51
C CYS D 314 -56.86 36.02 -26.37
N GLU D 315 -56.61 37.13 -27.05
CA GLU D 315 -55.41 37.21 -27.88
C GLU D 315 -54.13 37.19 -27.05
N VAL D 316 -54.25 37.47 -25.76
CA VAL D 316 -53.09 37.36 -24.88
C VAL D 316 -52.58 35.91 -24.84
N CYS D 317 -53.47 34.94 -24.63
CA CYS D 317 -53.06 33.55 -24.38
C CYS D 317 -53.50 32.45 -25.36
N HIS D 318 -54.62 32.63 -26.05
CA HIS D 318 -55.02 31.73 -27.13
C HIS D 318 -55.07 32.57 -28.41
N PRO D 319 -53.90 33.02 -28.89
CA PRO D 319 -53.91 34.00 -29.96
C PRO D 319 -54.09 33.44 -31.36
N TRP D 320 -54.30 34.36 -32.29
CA TRP D 320 -54.15 34.09 -33.69
C TRP D 320 -53.65 35.37 -34.33
N LYS D 321 -53.14 35.25 -35.56
CA LYS D 321 -52.71 36.40 -36.34
C LYS D 321 -53.24 36.29 -37.77
N PHE D 322 -53.65 37.41 -38.33
CA PHE D 322 -54.09 37.47 -39.73
C PHE D 322 -53.00 38.08 -40.61
N ASP D 323 -53.08 37.80 -41.91
CA ASP D 323 -52.07 38.25 -42.87
C ASP D 323 -52.44 39.54 -43.60
N PHE D 324 -53.46 40.24 -43.12
CA PHE D 324 -53.97 41.42 -43.81
C PHE D 324 -52.91 42.50 -43.89
N LYS D 325 -52.88 43.19 -45.03
CA LYS D 325 -51.90 44.25 -45.28
C LYS D 325 -52.20 45.52 -44.48
N ASN D 326 -53.47 45.74 -44.17
CA ASN D 326 -53.90 46.90 -43.38
C ASN D 326 -55.21 46.62 -42.66
N GLU D 327 -55.62 47.57 -41.82
CA GLU D 327 -56.84 47.43 -41.01
C GLU D 327 -58.13 47.42 -41.84
N SER D 328 -58.17 48.22 -42.92
CA SER D 328 -59.32 48.22 -43.83
C SER D 328 -59.66 46.81 -44.30
N GLU D 329 -58.63 46.05 -44.69
CA GLU D 329 -58.82 44.66 -45.13
C GLU D 329 -59.32 43.77 -44.00
N PHE D 330 -58.84 44.04 -42.79
CA PHE D 330 -59.27 43.32 -41.59
C PHE D 330 -60.75 43.55 -41.30
N TYR D 331 -61.16 44.81 -41.20
CA TYR D 331 -62.56 45.15 -40.94
C TYR D 331 -63.53 44.73 -42.05
N ALA D 332 -63.03 44.63 -43.29
CA ALA D 332 -63.87 44.17 -44.40
C ALA D 332 -64.18 42.68 -44.30
N ALA D 333 -63.27 41.92 -43.70
CA ALA D 333 -63.44 40.47 -43.51
C ALA D 333 -64.21 40.08 -42.24
N LEU D 334 -64.23 40.96 -41.24
CA LEU D 334 -64.97 40.70 -40.00
C LEU D 334 -66.41 40.34 -40.31
N GLY D 335 -66.91 39.30 -39.64
CA GLY D 335 -68.28 38.83 -39.86
C GLY D 335 -68.36 37.66 -40.84
N ASN D 336 -67.24 37.39 -41.50
CA ASN D 336 -67.16 36.32 -42.48
C ASN D 336 -66.11 35.31 -42.02
N ALA D 337 -66.59 34.22 -41.41
CA ALA D 337 -65.69 33.20 -40.85
C ALA D 337 -64.73 32.67 -41.91
N LYS D 338 -65.27 32.33 -43.06
CA LYS D 338 -64.47 31.72 -44.14
C LYS D 338 -63.31 32.63 -44.58
N GLU D 339 -63.58 33.93 -44.69
CA GLU D 339 -62.56 34.91 -45.09
C GLU D 339 -61.48 35.07 -44.03
N LEU D 340 -61.88 35.20 -42.76
CA LEU D 340 -60.93 35.32 -41.66
C LEU D 340 -60.03 34.09 -41.56
N GLN D 341 -60.62 32.91 -41.73
CA GLN D 341 -59.88 31.66 -41.60
C GLN D 341 -58.88 31.52 -42.74
N LYS D 342 -59.31 31.92 -43.93
CA LYS D 342 -58.45 31.93 -45.12
C LYS D 342 -57.21 32.80 -44.92
N HIS D 343 -57.36 33.89 -44.19
CA HIS D 343 -56.29 34.86 -43.99
C HIS D 343 -55.56 34.69 -42.66
N THR D 344 -55.83 33.60 -41.96
CA THR D 344 -55.17 33.31 -40.70
C THR D 344 -53.79 32.71 -40.94
N ILE D 345 -52.75 33.42 -40.51
CA ILE D 345 -51.36 33.04 -40.75
C ILE D 345 -50.74 32.30 -39.55
N SER D 346 -51.23 32.59 -38.35
CA SER D 346 -50.85 31.84 -37.16
C SER D 346 -52.08 31.54 -36.29
N LYS D 347 -52.10 30.34 -35.71
CA LYS D 347 -53.18 29.91 -34.83
C LYS D 347 -52.58 29.39 -33.54
N GLY D 348 -53.18 29.77 -32.41
CA GLY D 348 -52.74 29.28 -31.10
C GLY D 348 -51.34 29.73 -30.71
N VAL D 349 -50.69 28.92 -29.89
CA VAL D 349 -49.40 29.24 -29.33
C VAL D 349 -48.34 28.65 -30.25
N SER D 350 -48.13 29.36 -31.37
CA SER D 350 -47.21 28.94 -32.41
C SER D 350 -45.82 29.48 -32.13
N CYS D 351 -44.85 29.03 -32.93
CA CYS D 351 -43.45 29.40 -32.75
C CYS D 351 -43.30 30.88 -32.52
N GLU D 352 -43.95 31.67 -33.36
CA GLU D 352 -43.76 33.10 -33.34
C GLU D 352 -44.43 33.80 -32.19
N GLU D 353 -45.45 33.18 -31.60
CA GLU D 353 -46.05 33.75 -30.40
C GLU D 353 -45.05 33.74 -29.23
N CYS D 354 -44.22 32.70 -29.16
CA CYS D 354 -43.14 32.60 -28.16
C CYS D 354 -41.83 33.28 -28.58
N HIS D 355 -41.45 33.10 -29.85
CA HIS D 355 -40.15 33.51 -30.35
C HIS D 355 -40.14 34.86 -31.08
N GLY D 356 -41.32 35.45 -31.27
CA GLY D 356 -41.45 36.69 -32.04
C GLY D 356 -41.76 36.45 -33.51
N ALA D 357 -42.46 37.43 -34.11
CA ALA D 357 -42.82 37.39 -35.53
C ALA D 357 -41.57 37.39 -36.40
N GLY D 358 -41.42 36.36 -37.22
CA GLY D 358 -40.23 36.19 -38.04
C GLY D 358 -39.01 35.68 -37.29
N GLY D 359 -39.15 35.45 -35.98
CA GLY D 359 -38.03 35.03 -35.13
C GLY D 359 -36.77 35.83 -35.39
N HIS D 360 -35.69 35.12 -35.68
CA HIS D 360 -34.37 35.72 -35.93
C HIS D 360 -34.14 36.13 -37.39
N LEU D 361 -35.13 35.97 -38.25
CA LEU D 361 -34.94 36.14 -39.69
C LEU D 361 -34.82 37.61 -40.10
N GLU D 362 -34.21 37.84 -41.26
CA GLU D 362 -34.03 39.21 -41.76
C GLU D 362 -35.37 39.77 -42.16
N GLY D 363 -35.70 40.95 -41.65
CA GLY D 363 -36.99 41.56 -41.86
C GLY D 363 -37.96 41.28 -40.72
N GLY D 364 -37.65 40.27 -39.91
CA GLY D 364 -38.47 39.92 -38.76
C GLY D 364 -38.38 40.95 -37.65
N SER D 365 -39.06 40.67 -36.55
CA SER D 365 -39.18 41.64 -35.45
C SER D 365 -38.11 41.47 -34.36
N GLY D 366 -37.34 40.40 -34.44
CA GLY D 366 -36.32 40.13 -33.43
C GLY D 366 -36.67 38.93 -32.58
N LEU D 367 -35.70 38.06 -32.35
CA LEU D 367 -35.95 36.78 -31.71
C LEU D 367 -36.13 36.89 -30.21
N LEU D 368 -37.09 36.13 -29.69
CA LEU D 368 -37.39 36.10 -28.26
C LEU D 368 -37.29 34.68 -27.78
N ILE D 369 -36.97 34.52 -26.50
CA ILE D 369 -37.07 33.25 -25.79
C ILE D 369 -38.06 33.45 -24.64
N SER D 370 -39.27 32.91 -24.83
CA SER D 370 -40.36 33.10 -23.87
C SER D 370 -39.98 32.58 -22.49
N ASN D 371 -40.29 33.37 -21.46
CA ASN D 371 -40.22 32.91 -20.09
C ASN D 371 -41.59 32.46 -19.58
N CYS D 372 -42.58 32.45 -20.48
CA CYS D 372 -43.91 31.87 -20.23
C CYS D 372 -44.85 32.74 -19.40
N GLU D 373 -44.42 33.91 -18.96
CA GLU D 373 -45.22 34.68 -18.03
C GLU D 373 -46.39 35.44 -18.69
N ARG D 374 -46.37 35.54 -20.01
CA ARG D 374 -47.49 36.12 -20.74
C ARG D 374 -48.79 35.36 -20.46
N CYS D 375 -48.70 34.03 -20.39
CA CYS D 375 -49.87 33.15 -20.34
C CYS D 375 -49.97 32.21 -19.14
N HIS D 376 -48.87 32.04 -18.39
CA HIS D 376 -48.84 31.09 -17.29
C HIS D 376 -48.57 31.70 -15.91
N GLN D 377 -48.48 33.03 -15.84
CA GLN D 377 -48.16 33.69 -14.57
C GLN D 377 -49.41 34.03 -13.77
N ARG D 378 -50.15 35.04 -14.22
CA ARG D 378 -51.41 35.46 -13.60
C ARG D 378 -51.34 35.86 -12.13
N PHE D 379 -50.52 36.88 -11.85
CA PHE D 379 -50.45 37.48 -10.53
C PHE D 379 -51.75 38.15 -10.17
N SER D 380 -52.07 38.16 -8.88
CA SER D 380 -53.26 38.81 -8.36
C SER D 380 -52.92 39.37 -6.98
N TYR D 381 -53.05 40.69 -6.81
CA TYR D 381 -52.69 41.34 -5.56
C TYR D 381 -53.73 41.05 -4.49
N SER D 382 -53.28 40.55 -3.35
CA SER D 382 -54.15 40.26 -2.21
C SER D 382 -53.93 41.24 -1.06
N PRO D 383 -54.91 42.13 -0.82
CA PRO D 383 -54.78 43.01 0.35
C PRO D 383 -54.66 42.28 1.68
N ASP D 384 -55.25 41.09 1.79
CA ASP D 384 -55.15 40.29 3.00
C ASP D 384 -53.73 39.86 3.32
N LEU D 385 -53.00 39.39 2.30
CA LEU D 385 -51.62 39.00 2.49
C LEU D 385 -50.73 40.18 2.85
N MET D 386 -51.05 41.37 2.33
CA MET D 386 -50.30 42.57 2.71
C MET D 386 -50.48 42.83 4.21
N ARG D 387 -51.72 42.86 4.67
CA ARG D 387 -52.01 43.15 6.07
C ARG D 387 -51.49 42.11 7.05
N ASN D 388 -51.45 40.85 6.63
CA ASN D 388 -51.05 39.78 7.54
C ASN D 388 -49.58 39.85 7.93
N ASN D 389 -48.77 40.44 7.06
CA ASN D 389 -47.35 40.59 7.35
C ASN D 389 -46.90 42.05 7.25
N PRO D 390 -46.85 42.75 8.39
CA PRO D 390 -46.40 44.15 8.39
C PRO D 390 -44.93 44.34 7.99
N LEU D 391 -44.11 43.30 8.13
CA LEU D 391 -42.70 43.36 7.68
C LEU D 391 -42.58 43.56 6.17
N ASN D 392 -43.61 43.20 5.43
CA ASN D 392 -43.65 43.41 3.98
C ASN D 392 -44.24 44.77 3.57
N ALA D 393 -44.48 45.66 4.54
CA ALA D 393 -45.00 47.00 4.26
C ALA D 393 -44.13 47.71 3.22
N GLY D 394 -44.78 48.37 2.26
CA GLY D 394 -44.07 48.99 1.14
C GLY D 394 -43.52 48.00 0.11
N LYS D 395 -43.90 46.72 0.22
CA LYS D 395 -43.44 45.69 -0.71
C LYS D 395 -44.63 44.87 -1.20
N PRO D 396 -45.48 45.48 -2.04
CA PRO D 396 -46.68 44.79 -2.50
C PRO D 396 -46.42 43.55 -3.34
N ASP D 397 -45.24 43.42 -3.93
CA ASP D 397 -44.86 42.17 -4.60
C ASP D 397 -44.94 40.97 -3.65
N LEU D 398 -44.63 41.18 -2.38
CA LEU D 398 -44.69 40.10 -1.40
C LEU D 398 -46.11 39.78 -0.94
N ALA D 399 -47.10 40.52 -1.46
CA ALA D 399 -48.50 40.22 -1.18
C ALA D 399 -49.20 39.68 -2.43
N LEU D 400 -48.44 39.27 -3.44
CA LEU D 400 -49.05 38.71 -4.63
C LEU D 400 -49.53 37.30 -4.36
N SER D 401 -50.68 36.99 -4.95
CA SER D 401 -51.23 35.64 -4.99
C SER D 401 -51.39 35.30 -6.46
N SER D 402 -52.21 34.28 -6.73
CA SER D 402 -52.52 33.87 -8.09
C SER D 402 -53.94 34.29 -8.43
N LYS D 403 -54.23 34.41 -9.72
CA LYS D 403 -55.62 34.52 -10.19
C LYS D 403 -56.46 33.38 -9.61
N PHE D 404 -57.61 33.71 -9.02
CA PHE D 404 -58.56 32.70 -8.58
C PHE D 404 -59.83 32.79 -9.40
N LYS D 405 -60.29 31.63 -9.87
CA LYS D 405 -61.60 31.53 -10.50
C LYS D 405 -62.54 31.13 -9.40
N SER D 406 -63.24 32.13 -8.87
CA SER D 406 -64.03 31.98 -7.66
C SER D 406 -63.12 31.52 -6.51
N MET D 407 -63.23 30.27 -6.09
CA MET D 407 -62.55 29.82 -4.89
C MET D 407 -61.37 28.90 -5.15
N GLY D 408 -61.02 28.73 -6.42
CA GLY D 408 -59.91 27.87 -6.81
C GLY D 408 -58.89 28.64 -7.64
N PRO D 409 -57.59 28.33 -7.44
CA PRO D 409 -56.59 29.03 -8.24
C PRO D 409 -56.80 28.71 -9.71
N GLY D 410 -56.67 29.71 -10.55
CA GLY D 410 -57.01 29.57 -11.95
C GLY D 410 -55.97 28.79 -12.70
N CYS D 411 -56.39 28.22 -13.82
CA CYS D 411 -55.45 27.70 -14.80
C CYS D 411 -54.53 28.85 -15.22
N GLY D 412 -53.36 28.52 -15.75
CA GLY D 412 -52.41 29.54 -16.21
C GLY D 412 -51.84 30.41 -15.12
N SER D 413 -51.79 29.88 -13.90
CA SER D 413 -51.19 30.59 -12.77
C SER D 413 -50.01 29.81 -12.20
N GLU D 414 -49.42 28.92 -12.99
CA GLU D 414 -48.28 28.15 -12.52
C GLU D 414 -47.16 29.10 -12.14
N GLY D 415 -46.97 30.14 -12.94
CA GLY D 415 -45.94 31.13 -12.69
C GLY D 415 -46.11 31.89 -11.39
N SER D 416 -47.32 32.36 -11.11
CA SER D 416 -47.53 33.12 -9.88
C SER D 416 -47.43 32.18 -8.68
N GLN D 417 -47.82 30.92 -8.87
CA GLN D 417 -47.64 29.91 -7.83
C GLN D 417 -46.17 29.63 -7.55
N THR D 418 -45.39 29.37 -8.61
CA THR D 418 -43.99 29.01 -8.43
C THR D 418 -43.17 30.15 -7.86
N TYR D 419 -43.53 31.39 -8.20
CA TYR D 419 -42.83 32.57 -7.70
C TYR D 419 -42.60 32.53 -6.18
N PHE D 420 -43.55 31.96 -5.44
CA PHE D 420 -43.44 31.84 -3.98
C PHE D 420 -43.10 30.41 -3.52
N THR D 421 -42.12 29.81 -4.20
CA THR D 421 -41.60 28.52 -3.83
C THR D 421 -40.08 28.59 -3.68
N ALA D 422 -39.52 27.60 -2.98
CA ALA D 422 -38.08 27.45 -2.86
C ALA D 422 -37.45 27.31 -4.23
N HIS D 423 -38.12 26.57 -5.10
CA HIS D 423 -37.61 26.31 -6.44
C HIS D 423 -37.29 27.60 -7.17
N TYR D 424 -38.27 28.50 -7.26
CA TYR D 424 -38.05 29.76 -7.95
C TYR D 424 -36.94 30.53 -7.25
N GLU D 425 -36.92 30.49 -5.93
CA GLU D 425 -35.89 31.19 -5.18
C GLU D 425 -34.50 30.66 -5.53
N LYS D 426 -34.39 29.36 -5.82
CA LYS D 426 -33.12 28.79 -6.25
C LYS D 426 -32.85 28.95 -7.75
N GLY D 427 -33.59 29.82 -8.44
CA GLY D 427 -33.32 30.13 -9.83
C GLY D 427 -34.01 29.24 -10.83
N MET D 428 -34.88 28.36 -10.35
CA MET D 428 -35.58 27.43 -11.23
C MET D 428 -36.75 28.14 -11.89
N ARG D 429 -36.93 27.86 -13.18
CA ARG D 429 -38.02 28.42 -13.98
C ARG D 429 -38.71 27.30 -14.77
N CYS D 430 -39.77 27.62 -15.49
CA CYS D 430 -40.51 26.60 -16.27
C CYS D 430 -39.57 25.73 -17.09
N ALA D 431 -38.67 26.35 -17.85
CA ALA D 431 -37.75 25.62 -18.74
C ALA D 431 -36.63 24.85 -18.02
N THR D 432 -36.43 25.08 -16.73
CA THR D 432 -35.56 24.23 -15.95
C THR D 432 -36.08 22.80 -15.98
N CYS D 433 -37.39 22.66 -15.81
CA CYS D 433 -38.04 21.35 -15.72
C CYS D 433 -38.68 20.89 -17.03
N HIS D 434 -39.22 21.85 -17.79
CA HIS D 434 -40.06 21.53 -18.96
C HIS D 434 -39.35 21.69 -20.27
N ASP D 435 -39.63 20.77 -21.20
CA ASP D 435 -39.38 21.03 -22.59
C ASP D 435 -40.43 22.02 -23.08
N PRO D 436 -40.01 23.11 -23.72
CA PRO D 436 -40.97 24.14 -24.14
C PRO D 436 -41.74 23.80 -25.42
N HIS D 437 -41.39 22.70 -26.09
CA HIS D 437 -42.02 22.34 -27.35
C HIS D 437 -42.99 21.17 -27.19
N ASP D 438 -42.49 20.08 -26.63
CA ASP D 438 -43.27 18.87 -26.41
C ASP D 438 -44.01 18.94 -25.07
N VAL D 439 -44.98 19.85 -24.96
CA VAL D 439 -45.66 20.12 -23.68
C VAL D 439 -46.86 19.23 -23.34
N THR D 440 -47.29 18.38 -24.28
CA THR D 440 -48.46 17.53 -24.06
C THR D 440 -48.09 16.07 -23.86
N GLY D 441 -47.12 15.60 -24.65
CA GLY D 441 -46.58 14.26 -24.48
C GLY D 441 -47.42 13.21 -25.17
N ASN D 442 -47.02 11.95 -25.00
CA ASN D 442 -47.66 10.86 -25.71
C ASN D 442 -48.88 10.34 -24.98
N VAL D 443 -49.93 11.14 -24.98
CA VAL D 443 -51.20 10.77 -24.34
C VAL D 443 -52.21 10.37 -25.41
N THR D 444 -53.23 9.62 -25.00
CA THR D 444 -54.19 9.02 -25.93
C THR D 444 -55.60 9.03 -25.36
N GLY D 445 -56.57 8.66 -26.18
CA GLY D 445 -57.96 8.63 -25.78
C GLY D 445 -58.32 7.47 -24.88
N GLU D 446 -59.57 7.47 -24.41
CA GLU D 446 -60.12 6.41 -23.58
C GLU D 446 -61.03 5.50 -24.40
N LYS D 447 -60.60 4.27 -24.62
CA LYS D 447 -61.25 3.44 -25.64
C LYS D 447 -62.53 2.78 -25.13
N GLY D 448 -62.74 2.82 -23.82
CA GLY D 448 -63.97 2.33 -23.20
C GLY D 448 -65.11 3.34 -23.17
N ILE D 449 -64.89 4.57 -23.63
CA ILE D 449 -65.97 5.54 -23.70
C ILE D 449 -66.76 5.33 -24.98
N LYS D 450 -68.08 5.18 -24.82
CA LYS D 450 -69.00 5.02 -25.94
C LYS D 450 -69.83 6.30 -26.07
N GLY D 451 -69.34 7.25 -26.86
CA GLY D 451 -70.01 8.53 -27.02
C GLY D 451 -70.72 8.67 -28.35
N VAL D 452 -71.69 9.56 -28.41
CA VAL D 452 -72.41 9.84 -29.64
C VAL D 452 -71.42 10.33 -30.71
N SER D 453 -70.52 11.23 -30.34
CA SER D 453 -69.58 11.85 -31.30
C SER D 453 -68.11 11.60 -31.02
N TYR D 454 -67.76 11.35 -29.76
CA TYR D 454 -66.38 11.12 -29.33
C TYR D 454 -65.66 10.04 -30.14
N ASN D 455 -64.45 10.36 -30.57
CA ASN D 455 -63.59 9.43 -31.27
C ASN D 455 -62.30 9.33 -30.48
N SER D 456 -62.01 8.14 -29.97
CA SER D 456 -60.89 7.95 -29.05
C SER D 456 -59.56 7.67 -29.74
N GLU D 457 -59.54 7.66 -31.08
CA GLU D 457 -58.37 7.22 -31.83
C GLU D 457 -57.51 8.34 -32.37
N GLN D 458 -57.68 9.56 -31.86
CA GLN D 458 -57.01 10.71 -32.44
C GLN D 458 -55.84 11.21 -31.61
N GLY D 459 -55.17 10.29 -30.92
CA GLY D 459 -53.99 10.65 -30.15
C GLY D 459 -54.31 11.63 -29.02
N TYR D 460 -53.43 12.61 -28.83
CA TYR D 460 -53.56 13.56 -27.72
C TYR D 460 -54.86 14.35 -27.77
N LEU D 461 -55.36 14.62 -28.98
CA LEU D 461 -56.64 15.30 -29.18
C LEU D 461 -57.79 14.58 -28.50
N SER D 462 -57.69 13.26 -28.41
CA SER D 462 -58.72 12.44 -27.79
C SER D 462 -58.51 12.26 -26.30
N SER D 463 -57.40 12.75 -25.76
CA SER D 463 -56.99 12.41 -24.39
C SER D 463 -57.61 13.32 -23.34
N LEU D 464 -57.80 12.77 -22.14
CA LEU D 464 -58.33 13.51 -21.00
C LEU D 464 -57.23 14.02 -20.07
N TYR D 465 -55.98 13.80 -20.46
CA TYR D 465 -54.84 14.01 -19.60
C TYR D 465 -53.70 14.71 -20.31
N SER D 466 -52.72 15.14 -19.53
CA SER D 466 -51.54 15.81 -20.04
C SER D 466 -50.30 15.14 -19.48
N LYS D 467 -49.24 15.09 -20.28
CA LYS D 467 -47.99 14.43 -19.87
C LYS D 467 -46.79 15.19 -20.41
N PRO D 468 -46.59 16.44 -19.97
CA PRO D 468 -45.52 17.25 -20.54
C PRO D 468 -44.15 16.55 -20.45
N LYS D 469 -43.36 16.70 -21.50
CA LYS D 469 -41.99 16.18 -21.54
C LYS D 469 -41.11 17.01 -20.63
N LEU D 470 -40.41 16.36 -19.71
CA LEU D 470 -39.59 17.04 -18.73
C LEU D 470 -38.09 16.82 -18.96
N LYS D 471 -37.30 17.84 -18.65
CA LYS D 471 -35.86 17.72 -18.63
C LYS D 471 -35.37 17.20 -17.29
N LYS D 472 -36.08 17.55 -16.22
CA LYS D 472 -35.69 17.15 -14.88
C LYS D 472 -36.86 16.47 -14.18
N GLU D 473 -36.57 15.34 -13.53
CA GLU D 473 -37.49 14.67 -12.61
C GLU D 473 -37.10 15.07 -11.18
N CYS D 474 -38.03 14.95 -10.24
CA CYS D 474 -37.76 15.26 -8.82
C CYS D 474 -36.59 14.42 -8.31
N THR D 475 -36.52 13.18 -8.78
CA THR D 475 -35.46 12.25 -8.41
C THR D 475 -34.07 12.72 -8.84
N ASP D 476 -33.99 13.54 -9.90
CA ASP D 476 -32.70 14.06 -10.34
C ASP D 476 -32.02 14.92 -9.28
N CYS D 477 -32.80 15.65 -8.49
CA CYS D 477 -32.24 16.56 -7.49
C CYS D 477 -32.48 16.11 -6.06
N HIS D 478 -33.50 15.26 -5.84
CA HIS D 478 -33.89 14.87 -4.50
C HIS D 478 -33.56 13.39 -4.30
N LYS D 479 -32.27 13.13 -4.15
CA LYS D 479 -31.72 11.76 -4.16
C LYS D 479 -32.07 10.97 -2.91
N GLU D 480 -31.92 11.58 -1.75
CA GLU D 480 -32.20 10.89 -0.48
C GLU D 480 -33.67 10.48 -0.43
N GLN D 481 -34.54 11.42 -0.79
CA GLN D 481 -35.98 11.17 -0.89
C GLN D 481 -36.26 10.08 -1.93
N ALA D 482 -35.57 10.16 -3.07
CA ALA D 482 -35.73 9.16 -4.13
C ALA D 482 -35.28 7.78 -3.66
N TYR D 483 -34.19 7.75 -2.91
CA TYR D 483 -33.67 6.50 -2.35
C TYR D 483 -34.69 5.83 -1.43
N ILE D 484 -35.15 6.57 -0.43
CA ILE D 484 -36.10 6.02 0.53
C ILE D 484 -37.38 5.56 -0.18
N GLN D 485 -37.87 6.37 -1.11
CA GLN D 485 -39.16 6.13 -1.75
C GLN D 485 -39.13 5.00 -2.79
N SER D 486 -37.94 4.52 -3.16
CA SER D 486 -37.82 3.37 -4.07
C SER D 486 -38.01 2.02 -3.37
N LYS D 487 -37.83 1.98 -2.05
CA LYS D 487 -38.01 0.73 -1.30
C LYS D 487 -39.49 0.34 -1.29
N ALA D 488 -39.76 -0.94 -1.47
CA ALA D 488 -41.13 -1.45 -1.56
C ALA D 488 -41.96 -1.07 -0.32
N ASP D 489 -43.03 -0.32 -0.54
CA ASP D 489 -43.88 0.13 0.56
C ASP D 489 -45.16 0.71 -0.01
N THR D 490 -46.05 1.12 0.90
CA THR D 490 -47.35 1.70 0.61
C THR D 490 -47.43 2.55 -0.67
N HIS D 491 -46.58 3.57 -0.76
CA HIS D 491 -46.66 4.54 -1.85
C HIS D 491 -45.47 4.51 -2.80
N SER D 492 -44.65 3.46 -2.71
CA SER D 492 -43.42 3.39 -3.51
C SER D 492 -43.65 3.34 -5.02
N LYS D 493 -44.84 2.95 -5.46
CA LYS D 493 -45.13 2.89 -6.88
C LYS D 493 -45.60 4.23 -7.43
N ASN D 494 -45.97 5.14 -6.54
CA ASN D 494 -46.52 6.41 -6.97
C ASN D 494 -45.43 7.40 -7.34
N SER D 495 -45.78 8.33 -8.22
CA SER D 495 -44.88 9.41 -8.58
C SER D 495 -44.72 10.39 -7.40
N CYS D 496 -43.58 11.08 -7.37
CA CYS D 496 -43.35 12.19 -6.44
C CYS D 496 -44.45 13.23 -6.62
N ALA D 497 -44.76 13.54 -7.88
CA ALA D 497 -45.79 14.52 -8.21
C ALA D 497 -47.19 14.18 -7.70
N SER D 498 -47.46 12.89 -7.50
CA SER D 498 -48.80 12.48 -7.04
C SER D 498 -49.18 13.13 -5.71
N CYS D 499 -48.27 13.18 -4.75
CA CYS D 499 -48.53 13.87 -3.47
C CYS D 499 -48.26 15.36 -3.56
N HIS D 500 -47.16 15.72 -4.22
CA HIS D 500 -46.61 17.06 -4.16
C HIS D 500 -47.27 18.05 -5.13
N MET D 501 -47.93 17.54 -6.17
CA MET D 501 -48.56 18.40 -7.17
C MET D 501 -49.99 17.94 -7.49
N PRO D 502 -50.92 18.16 -6.54
CA PRO D 502 -52.33 17.85 -6.77
C PRO D 502 -52.97 18.79 -7.79
N PHE D 503 -54.08 18.36 -8.37
CA PHE D 503 -54.80 19.20 -9.32
C PHE D 503 -55.75 20.13 -8.59
N MET D 504 -55.21 21.26 -8.12
CA MET D 504 -55.97 22.21 -7.30
C MET D 504 -56.65 23.29 -8.13
N MET D 505 -56.28 23.37 -9.40
CA MET D 505 -56.61 24.54 -10.20
C MET D 505 -57.91 24.39 -10.97
N SER D 506 -58.70 25.46 -10.96
CA SER D 506 -59.93 25.54 -11.72
C SER D 506 -59.65 26.19 -13.08
N CYS D 507 -60.01 25.50 -14.14
CA CYS D 507 -59.95 26.06 -15.47
C CYS D 507 -61.32 26.61 -15.90
N GLU D 508 -62.38 25.94 -15.45
CA GLU D 508 -63.74 26.19 -15.89
C GLU D 508 -64.49 27.26 -15.11
N ASN D 509 -63.94 27.66 -13.96
CA ASN D 509 -64.69 28.47 -12.99
C ASN D 509 -66.06 27.85 -12.72
N PHE D 510 -66.05 26.57 -12.38
CA PHE D 510 -67.27 25.81 -12.13
C PHE D 510 -67.54 25.89 -10.63
N TYR D 511 -67.86 27.11 -10.18
CA TYR D 511 -68.03 27.44 -8.76
C TYR D 511 -69.13 26.64 -8.09
N ALA D 512 -70.11 26.21 -8.87
CA ALA D 512 -71.19 25.37 -8.35
C ALA D 512 -70.67 24.09 -7.68
N ILE D 513 -69.50 23.60 -8.09
CA ILE D 513 -68.94 22.38 -7.49
C ILE D 513 -67.65 22.62 -6.70
N GLN D 514 -67.27 23.87 -6.49
CA GLN D 514 -66.10 24.18 -5.66
C GLN D 514 -66.40 24.06 -4.17
N PHE D 515 -65.76 23.09 -3.52
CA PHE D 515 -65.91 22.84 -2.09
C PHE D 515 -64.52 22.60 -1.54
N GLN D 516 -63.77 23.69 -1.37
CA GLN D 516 -62.31 23.64 -1.29
C GLN D 516 -61.76 22.98 -0.04
N ASP D 517 -62.50 23.05 1.07
CA ASP D 517 -62.10 22.34 2.29
C ASP D 517 -62.18 20.82 2.15
N GLN D 518 -62.87 20.35 1.10
CA GLN D 518 -62.94 18.94 0.75
C GLN D 518 -62.04 18.58 -0.45
N ALA D 519 -61.23 19.54 -0.90
CA ALA D 519 -60.30 19.34 -2.01
C ALA D 519 -60.99 18.79 -3.25
N GLY D 520 -62.10 19.42 -3.62
CA GLY D 520 -62.85 19.11 -4.84
C GLY D 520 -63.79 20.26 -5.12
N PHE D 521 -64.49 20.25 -6.26
CA PHE D 521 -64.42 19.17 -7.25
C PHE D 521 -64.16 19.73 -8.65
N ASP D 522 -63.69 20.98 -8.69
CA ASP D 522 -63.43 21.69 -9.94
C ASP D 522 -61.92 21.76 -10.09
N THR D 523 -61.34 20.63 -10.50
CA THR D 523 -59.94 20.35 -10.29
C THR D 523 -59.31 19.85 -11.59
N GLN D 524 -58.87 20.78 -12.42
CA GLN D 524 -58.45 20.44 -13.77
C GLN D 524 -56.99 20.72 -14.14
N ARG D 525 -56.27 21.48 -13.33
CA ARG D 525 -54.86 21.76 -13.59
C ARG D 525 -54.00 21.62 -12.34
N ARG D 526 -52.70 21.46 -12.58
CA ARG D 526 -51.78 20.93 -11.58
C ARG D 526 -51.05 22.01 -10.84
N ALA D 527 -51.15 21.98 -9.51
CA ALA D 527 -50.52 22.97 -8.65
C ALA D 527 -49.01 22.87 -8.69
N HIS D 528 -48.36 24.02 -8.82
CA HIS D 528 -46.92 24.11 -8.84
C HIS D 528 -46.45 24.83 -7.58
N ILE D 529 -46.57 24.11 -6.46
CA ILE D 529 -46.26 24.62 -5.13
C ILE D 529 -45.26 23.73 -4.38
N TRP D 530 -45.49 22.42 -4.46
CA TRP D 530 -44.59 21.36 -3.96
C TRP D 530 -44.53 21.19 -2.44
N LYS D 531 -44.24 22.27 -1.71
CA LYS D 531 -44.22 22.21 -0.26
C LYS D 531 -45.54 21.67 0.30
N ILE D 532 -45.47 20.58 1.07
CA ILE D 532 -46.66 20.09 1.77
C ILE D 532 -46.58 20.50 3.22
N ASP D 533 -47.63 21.19 3.68
CA ASP D 533 -47.78 21.59 5.07
C ASP D 533 -48.47 20.44 5.80
N VAL D 534 -48.06 20.22 7.05
CA VAL D 534 -48.60 19.13 7.86
C VAL D 534 -49.33 19.75 9.03
N ASP D 535 -50.66 19.78 8.93
CA ASP D 535 -51.49 20.48 9.91
C ASP D 535 -52.90 19.91 9.94
N PRO D 536 -53.51 19.80 11.13
CA PRO D 536 -54.87 19.24 11.19
C PRO D 536 -55.96 20.13 10.56
N ALA D 537 -55.69 21.42 10.35
CA ALA D 537 -56.74 22.36 9.95
C ALA D 537 -56.34 23.46 8.94
N ARG D 538 -55.13 23.98 9.03
CA ARG D 538 -54.72 25.10 8.16
C ARG D 538 -54.86 24.75 6.67
N LYS D 539 -55.43 25.69 5.91
CA LYS D 539 -55.78 25.45 4.50
C LYS D 539 -54.91 26.26 3.52
N SER D 540 -54.58 25.65 2.39
CA SER D 540 -53.87 26.32 1.30
C SER D 540 -54.67 27.51 0.80
N LEU D 541 -55.97 27.26 0.64
CA LEU D 541 -56.88 28.18 -0.04
C LEU D 541 -57.85 28.80 0.99
N VAL D 542 -57.88 30.13 1.04
CA VAL D 542 -58.76 30.82 1.98
C VAL D 542 -59.53 31.97 1.35
N ALA D 543 -60.71 32.21 1.90
CA ALA D 543 -61.56 33.33 1.49
C ALA D 543 -60.90 34.64 1.88
N GLY D 544 -61.16 35.68 1.08
CA GLY D 544 -60.71 37.02 1.41
C GLY D 544 -61.51 37.58 2.60
N SER D 545 -60.99 38.63 3.24
CA SER D 545 -61.66 39.23 4.38
C SER D 545 -62.93 39.97 3.98
N THR D 546 -63.02 40.33 2.70
CA THR D 546 -64.24 40.89 2.13
C THR D 546 -65.35 39.84 1.92
N SER D 547 -65.03 38.55 2.07
CA SER D 547 -66.03 37.49 1.94
C SER D 547 -67.00 37.51 3.11
N LYS D 548 -68.30 37.44 2.79
CA LYS D 548 -69.38 37.45 3.78
C LYS D 548 -70.06 36.08 3.95
N ASP D 549 -70.04 35.27 2.90
CA ASP D 549 -70.60 33.93 2.94
C ASP D 549 -69.53 32.94 2.46
N PRO D 550 -69.38 31.79 3.16
CA PRO D 550 -68.35 30.82 2.76
C PRO D 550 -68.36 30.46 1.27
N ARG D 551 -69.47 30.68 0.57
CA ARG D 551 -69.55 30.36 -0.84
C ARG D 551 -69.75 31.55 -1.78
N ASP D 552 -69.44 32.76 -1.33
CA ASP D 552 -69.59 33.95 -2.21
C ASP D 552 -68.39 34.20 -3.12
N GLY D 553 -67.28 33.48 -2.89
CA GLY D 553 -66.13 33.52 -3.78
C GLY D 553 -65.36 34.83 -3.84
N LYS D 554 -65.43 35.62 -2.78
CA LYS D 554 -64.77 36.94 -2.76
C LYS D 554 -63.30 36.89 -2.34
N ASP D 555 -62.42 37.37 -3.22
CA ASP D 555 -61.02 37.63 -2.88
C ASP D 555 -60.24 36.43 -2.35
N TRP D 556 -60.56 35.23 -2.84
CA TRP D 556 -59.83 34.03 -2.41
C TRP D 556 -58.36 34.10 -2.83
N HIS D 557 -57.49 33.50 -2.02
CA HIS D 557 -56.06 33.56 -2.25
C HIS D 557 -55.33 32.41 -1.57
N PHE D 558 -54.08 32.22 -1.96
CA PHE D 558 -53.18 31.28 -1.30
C PHE D 558 -52.74 31.84 0.05
N GLU D 559 -52.77 31.01 1.10
CA GLU D 559 -52.15 31.39 2.37
C GLU D 559 -50.65 31.22 2.27
N ARG D 560 -49.91 31.95 3.10
CA ARG D 560 -48.46 31.86 3.12
C ARG D 560 -48.01 31.22 4.42
N ASN D 561 -46.99 30.37 4.34
CA ASN D 561 -46.44 29.75 5.54
C ASN D 561 -45.40 30.68 6.19
N GLU D 562 -44.76 30.17 7.24
CA GLU D 562 -43.81 30.93 8.05
C GLU D 562 -42.58 31.35 7.26
N GLU D 563 -42.29 30.64 6.17
CA GLU D 563 -41.17 31.01 5.31
C GLU D 563 -41.59 31.89 4.12
N GLY D 564 -42.82 32.39 4.15
CA GLY D 564 -43.32 33.24 3.06
C GLY D 564 -43.56 32.47 1.75
N ARG D 565 -43.98 31.22 1.86
CA ARG D 565 -44.20 30.38 0.68
C ARG D 565 -45.61 29.80 0.60
N ASN D 566 -46.01 29.49 -0.62
CA ASN D 566 -47.24 28.74 -0.85
C ASN D 566 -47.05 27.32 -0.33
N PHE D 567 -48.16 26.68 0.03
CA PHE D 567 -48.11 25.30 0.50
C PHE D 567 -49.37 24.53 0.13
N VAL D 568 -49.22 23.21 0.10
CA VAL D 568 -50.31 22.29 -0.17
C VAL D 568 -50.74 21.70 1.16
N ASP D 569 -52.00 21.92 1.56
CA ASP D 569 -52.52 21.26 2.75
C ASP D 569 -52.75 19.76 2.49
N LEU D 570 -52.87 19.00 3.57
CA LEU D 570 -52.92 17.55 3.49
C LEU D 570 -54.19 17.02 2.81
N MET D 571 -55.27 17.78 2.84
CA MET D 571 -56.49 17.38 2.18
C MET D 571 -56.24 17.37 0.67
N TRP D 572 -55.63 18.43 0.15
CA TRP D 572 -55.28 18.48 -1.25
C TRP D 572 -54.23 17.43 -1.62
N ALA D 573 -53.24 17.24 -0.75
CA ALA D 573 -52.13 16.33 -1.07
C ALA D 573 -52.54 14.85 -1.13
N CYS D 574 -53.50 14.48 -0.27
CA CYS D 574 -53.85 13.08 -0.02
C CYS D 574 -55.25 12.67 -0.48
N ALA D 575 -56.23 13.55 -0.30
CA ALA D 575 -57.64 13.15 -0.44
C ALA D 575 -58.40 13.88 -1.54
N ARG D 576 -57.70 14.68 -2.35
CA ARG D 576 -58.35 15.45 -3.40
C ARG D 576 -59.13 14.58 -4.37
N THR D 577 -60.15 15.18 -4.98
CA THR D 577 -60.97 14.52 -5.98
C THR D 577 -60.80 15.25 -7.30
N THR D 578 -60.50 14.48 -8.34
CA THR D 578 -60.28 15.02 -9.67
C THR D 578 -60.49 13.93 -10.72
N TRP D 579 -60.75 14.37 -11.94
CA TRP D 579 -60.84 13.48 -13.09
C TRP D 579 -59.82 13.88 -14.15
N ALA D 580 -58.78 14.61 -13.72
CA ALA D 580 -57.74 15.14 -14.59
C ALA D 580 -56.37 14.52 -14.35
N ASP D 581 -56.27 13.63 -13.37
CA ASP D 581 -55.00 13.18 -12.83
C ASP D 581 -54.82 11.72 -13.21
N LYS D 582 -53.96 11.47 -14.20
CA LYS D 582 -53.74 10.10 -14.67
C LYS D 582 -53.16 9.22 -13.58
N ASP D 583 -52.20 9.76 -12.82
CA ASP D 583 -51.58 9.07 -11.71
C ASP D 583 -52.57 8.69 -10.61
N GLN D 584 -53.53 9.57 -10.35
CA GLN D 584 -54.58 9.26 -9.38
C GLN D 584 -55.47 8.15 -9.92
N ALA D 585 -55.81 8.22 -11.20
CA ALA D 585 -56.62 7.20 -11.84
C ALA D 585 -55.97 5.82 -11.79
N GLU D 586 -54.65 5.76 -11.98
CA GLU D 586 -53.92 4.49 -11.96
C GLU D 586 -53.53 4.01 -10.55
N ALA D 587 -53.70 4.87 -9.54
CA ALA D 587 -53.39 4.52 -8.16
C ALA D 587 -54.67 4.50 -7.32
N LYS D 588 -55.69 3.86 -7.88
CA LYS D 588 -56.97 3.58 -7.23
C LYS D 588 -57.76 4.80 -6.75
N GLY D 589 -57.59 5.92 -7.44
CA GLY D 589 -58.24 7.17 -7.06
C GLY D 589 -57.75 7.77 -5.76
N CYS D 590 -56.58 7.32 -5.30
CA CYS D 590 -56.02 7.76 -4.03
C CYS D 590 -57.02 7.63 -2.87
N HIS D 591 -57.23 8.69 -2.09
CA HIS D 591 -58.08 8.65 -0.90
C HIS D 591 -59.36 9.49 -0.98
N SER D 592 -59.69 9.96 -2.17
CA SER D 592 -60.96 10.64 -2.41
C SER D 592 -62.18 9.80 -2.04
N PRO D 593 -63.05 10.31 -1.14
CA PRO D 593 -64.31 9.61 -0.87
C PRO D 593 -65.19 9.42 -2.10
N VAL D 594 -64.92 10.17 -3.17
CA VAL D 594 -65.68 10.09 -4.41
C VAL D 594 -65.10 9.05 -5.37
N VAL D 595 -63.79 9.13 -5.67
CA VAL D 595 -63.18 8.27 -6.69
C VAL D 595 -62.26 7.16 -6.16
N SER D 596 -61.99 7.13 -4.86
CA SER D 596 -61.15 6.08 -4.31
C SER D 596 -61.80 4.71 -4.49
N GLU D 597 -61.01 3.74 -4.95
CA GLU D 597 -61.43 2.34 -5.03
C GLU D 597 -60.92 1.56 -3.83
N LEU D 598 -60.24 2.23 -2.90
CA LEU D 598 -59.71 1.59 -1.70
C LEU D 598 -60.84 1.31 -0.72
N LYS D 599 -60.56 0.46 0.26
CA LYS D 599 -61.49 0.25 1.37
C LYS D 599 -61.92 1.58 1.99
N GLU D 600 -63.16 1.63 2.46
CA GLU D 600 -63.80 2.87 2.92
C GLU D 600 -63.07 3.58 4.06
N THR D 601 -62.29 2.83 4.85
CA THR D 601 -61.52 3.43 5.94
C THR D 601 -60.30 4.20 5.45
N LEU D 602 -59.93 4.02 4.18
CA LEU D 602 -58.89 4.82 3.56
C LEU D 602 -59.47 5.90 2.67
N HIS D 603 -60.76 6.20 2.85
CA HIS D 603 -61.39 7.35 2.21
C HIS D 603 -61.31 8.47 3.25
N PHE D 604 -60.45 9.45 2.98
CA PHE D 604 -60.23 10.53 3.92
C PHE D 604 -61.27 11.63 3.73
N LYS D 605 -62.07 11.87 4.77
CA LYS D 605 -63.22 12.76 4.70
C LYS D 605 -62.95 14.16 5.24
N ASP D 606 -61.82 14.35 5.91
CA ASP D 606 -61.42 15.69 6.37
C ASP D 606 -59.94 15.73 6.69
N GLN D 607 -59.41 16.96 6.74
CA GLN D 607 -57.98 17.17 6.94
C GLN D 607 -57.47 16.61 8.27
N LYS D 608 -58.30 16.65 9.31
CA LYS D 608 -57.92 16.12 10.62
C LYS D 608 -57.64 14.62 10.53
N GLN D 609 -58.47 13.93 9.76
CA GLN D 609 -58.31 12.50 9.54
C GLN D 609 -56.98 12.23 8.82
N VAL D 610 -56.68 13.02 7.81
CA VAL D 610 -55.44 12.86 7.07
C VAL D 610 -54.26 13.16 7.99
N TYR D 611 -54.35 14.26 8.73
CA TYR D 611 -53.31 14.60 9.67
C TYR D 611 -53.02 13.44 10.63
N ASN D 612 -54.07 12.78 11.11
CA ASN D 612 -53.89 11.67 12.06
C ASN D 612 -53.11 10.54 11.43
N GLU D 613 -53.40 10.25 10.17
CA GLU D 613 -52.69 9.20 9.44
C GLU D 613 -51.20 9.54 9.30
N VAL D 614 -50.90 10.79 8.94
CA VAL D 614 -49.53 11.25 8.82
C VAL D 614 -48.79 11.15 10.15
N MET D 615 -49.39 11.65 11.23
CA MET D 615 -48.79 11.59 12.56
C MET D 615 -48.58 10.18 13.05
N GLY D 616 -49.44 9.27 12.60
CA GLY D 616 -49.31 7.86 12.89
C GLY D 616 -47.96 7.33 12.44
N TRP D 617 -47.46 7.85 11.32
CA TRP D 617 -46.12 7.51 10.87
C TRP D 617 -45.03 8.44 11.44
N GLN D 618 -45.25 9.74 11.40
CA GLN D 618 -44.20 10.70 11.75
C GLN D 618 -43.85 10.75 13.23
N THR D 619 -44.82 10.52 14.12
CA THR D 619 -44.54 10.58 15.54
C THR D 619 -43.59 9.46 15.99
N PRO D 620 -43.89 8.19 15.64
CA PRO D 620 -42.90 7.17 15.97
C PRO D 620 -41.50 7.49 15.42
N VAL D 621 -41.41 7.92 14.16
CA VAL D 621 -40.11 8.18 13.55
C VAL D 621 -39.36 9.30 14.26
N LYS D 622 -40.04 10.41 14.52
CA LYS D 622 -39.41 11.55 15.17
C LYS D 622 -38.99 11.24 16.59
N ASP D 623 -39.82 10.47 17.29
CA ASP D 623 -39.52 10.08 18.67
C ASP D 623 -38.23 9.26 18.69
N LYS D 624 -38.17 8.24 17.84
CA LYS D 624 -37.02 7.32 17.81
C LYS D 624 -35.77 8.02 17.28
N PHE D 625 -35.95 8.89 16.29
CA PHE D 625 -34.88 9.75 15.75
C PHE D 625 -34.23 10.57 16.85
N THR D 626 -35.05 11.19 17.68
CA THR D 626 -34.59 12.01 18.80
C THR D 626 -33.86 11.17 19.82
N GLN D 627 -34.41 10.00 20.15
CA GLN D 627 -33.71 9.05 21.01
C GLN D 627 -32.31 8.77 20.49
N VAL D 628 -32.20 8.48 19.20
CA VAL D 628 -30.92 8.15 18.60
C VAL D 628 -29.94 9.34 18.69
N LYS D 629 -30.42 10.54 18.39
CA LYS D 629 -29.57 11.74 18.49
C LYS D 629 -29.11 12.02 19.91
N VAL D 630 -30.01 11.91 20.88
CA VAL D 630 -29.67 12.06 22.30
C VAL D 630 -28.72 10.92 22.71
N GLY D 631 -28.91 9.75 22.11
CA GLY D 631 -28.03 8.61 22.33
C GLY D 631 -26.61 8.89 21.87
N ILE D 632 -26.47 9.39 20.65
CA ILE D 632 -25.16 9.73 20.10
C ILE D 632 -24.48 10.84 20.92
N GLN D 633 -25.24 11.87 21.30
CA GLN D 633 -24.68 13.01 22.01
C GLN D 633 -24.09 12.60 23.36
N GLY D 634 -24.91 11.93 24.18
CA GLY D 634 -24.47 11.42 25.48
C GLY D 634 -23.23 10.55 25.37
N LEU D 635 -23.28 9.56 24.49
CA LEU D 635 -22.14 8.70 24.22
C LEU D 635 -20.91 9.50 23.83
N TYR D 636 -21.10 10.53 23.02
CA TYR D 636 -19.99 11.39 22.61
C TYR D 636 -19.35 12.07 23.82
N SER D 637 -20.13 12.88 24.52
CA SER D 637 -19.60 13.70 25.61
C SER D 637 -18.86 12.88 26.66
N LEU D 638 -19.31 11.65 26.89
CA LEU D 638 -18.70 10.78 27.89
C LEU D 638 -17.46 10.05 27.36
N LEU D 639 -17.44 9.74 26.07
CA LEU D 639 -16.30 9.07 25.43
C LEU D 639 -14.96 9.77 25.72
N GLU D 640 -15.02 11.07 26.04
CA GLU D 640 -13.83 11.86 26.35
C GLU D 640 -13.38 11.74 27.81
N VAL D 641 -14.04 10.89 28.61
CA VAL D 641 -13.70 10.74 30.02
C VAL D 641 -13.00 9.40 30.28
N LYS D 642 -13.76 8.30 30.28
CA LYS D 642 -13.21 7.00 30.67
C LYS D 642 -12.75 6.19 29.48
N LYS D 643 -11.55 5.64 29.60
CA LYS D 643 -10.86 4.98 28.49
C LYS D 643 -11.05 3.48 28.60
N LEU D 644 -11.16 2.82 27.45
CA LEU D 644 -11.32 1.37 27.42
C LEU D 644 -10.42 0.74 26.35
N ALA D 645 -10.46 -0.59 26.29
CA ALA D 645 -9.55 -1.39 25.44
C ALA D 645 -9.64 -1.03 23.96
N PRO D 646 -8.49 -1.06 23.25
CA PRO D 646 -8.44 -0.56 21.88
C PRO D 646 -9.41 -1.24 20.92
N SER D 647 -9.77 -2.50 21.16
CA SER D 647 -10.76 -3.21 20.34
C SER D 647 -12.19 -2.81 20.73
N ASP D 648 -12.40 -2.50 22.01
CA ASP D 648 -13.67 -1.95 22.48
C ASP D 648 -13.90 -0.51 21.97
N LYS D 649 -12.87 0.32 21.96
CA LYS D 649 -13.00 1.71 21.44
C LYS D 649 -13.31 1.68 19.95
N THR D 650 -12.63 0.78 19.23
CA THR D 650 -12.93 0.48 17.83
C THR D 650 -14.42 0.16 17.68
N ARG D 651 -15.05 -0.32 18.75
CA ARG D 651 -16.47 -0.59 18.75
C ARG D 651 -17.36 0.64 18.97
N VAL D 652 -17.08 1.45 20.00
CA VAL D 652 -17.98 2.55 20.35
C VAL D 652 -18.03 3.61 19.23
N TYR D 653 -16.88 4.14 18.85
CA TYR D 653 -16.76 5.02 17.66
C TYR D 653 -17.58 4.47 16.50
N GLU D 654 -17.21 3.25 16.11
CA GLU D 654 -17.73 2.57 14.92
C GLU D 654 -19.26 2.46 14.90
N LEU D 655 -19.86 2.33 16.09
CA LEU D 655 -21.30 2.21 16.21
C LEU D 655 -21.97 3.58 16.13
N ILE D 656 -21.54 4.51 16.97
CA ILE D 656 -22.18 5.84 16.97
C ILE D 656 -21.99 6.61 15.67
N GLU D 657 -20.95 6.28 14.90
CA GLU D 657 -20.78 6.93 13.59
C GLU D 657 -21.70 6.28 12.54
N LYS D 658 -21.97 4.99 12.67
CA LYS D 658 -22.94 4.34 11.78
C LYS D 658 -24.39 4.73 12.12
N ALA D 659 -24.63 5.11 13.37
CA ALA D 659 -25.93 5.64 13.80
C ALA D 659 -26.12 7.05 13.26
N GLN D 660 -25.03 7.83 13.25
CA GLN D 660 -25.02 9.17 12.66
C GLN D 660 -25.32 9.13 11.15
N ASP D 661 -24.80 8.14 10.44
CA ASP D 661 -25.16 7.95 9.01
C ASP D 661 -26.69 7.96 8.86
N THR D 662 -27.35 7.23 9.75
CA THR D 662 -28.80 7.08 9.74
C THR D 662 -29.51 8.38 10.16
N VAL D 663 -28.98 9.08 11.15
CA VAL D 663 -29.52 10.36 11.54
C VAL D 663 -29.42 11.34 10.37
N ASP D 664 -28.28 11.30 9.67
CA ASP D 664 -28.03 12.17 8.53
C ASP D 664 -29.02 11.95 7.39
N LEU D 665 -29.21 10.69 7.00
CA LEU D 665 -30.10 10.35 5.88
C LEU D 665 -31.54 10.78 6.16
N ILE D 666 -32.04 10.48 7.36
CA ILE D 666 -33.40 10.82 7.70
C ILE D 666 -33.59 12.33 7.85
N GLU D 667 -32.62 13.02 8.44
CA GLU D 667 -32.71 14.47 8.59
C GLU D 667 -32.77 15.12 7.21
N LYS D 668 -31.94 14.61 6.31
CA LYS D 668 -31.87 15.10 4.94
C LYS D 668 -33.12 14.77 4.12
N ASP D 669 -33.67 13.57 4.31
CA ASP D 669 -34.89 13.19 3.62
C ASP D 669 -36.00 14.17 3.97
N GLY D 670 -36.20 14.36 5.27
CA GLY D 670 -37.09 15.39 5.78
C GLY D 670 -38.57 15.06 5.77
N SER D 671 -38.93 13.81 5.48
CA SER D 671 -40.33 13.42 5.44
C SER D 671 -40.81 12.72 6.71
N TRP D 672 -39.87 12.27 7.55
CA TRP D 672 -40.18 11.63 8.83
C TRP D 672 -41.06 10.39 8.66
N GLY D 673 -40.74 9.58 7.65
CA GLY D 673 -41.48 8.35 7.38
C GLY D 673 -42.42 8.41 6.20
N MET D 674 -42.77 9.61 5.76
CA MET D 674 -43.78 9.75 4.72
C MET D 674 -43.31 9.24 3.35
N HIS D 675 -42.00 9.22 3.12
CA HIS D 675 -41.46 8.68 1.88
C HIS D 675 -41.22 7.17 1.92
N GLY D 676 -41.46 6.54 3.07
CA GLY D 676 -41.22 5.12 3.20
C GLY D 676 -41.03 4.78 4.65
N PHE D 677 -42.14 4.51 5.34
CA PHE D 677 -42.10 4.26 6.76
C PHE D 677 -41.32 2.99 7.08
N LYS D 678 -41.56 1.93 6.30
CA LYS D 678 -40.90 0.64 6.54
C LYS D 678 -39.37 0.75 6.52
N TYR D 679 -38.81 1.33 5.46
CA TYR D 679 -37.35 1.45 5.37
C TYR D 679 -36.81 2.40 6.42
N THR D 680 -37.48 3.53 6.61
CA THR D 680 -37.11 4.48 7.63
C THR D 680 -37.06 3.82 9.00
N LYS D 681 -38.00 2.92 9.27
CA LYS D 681 -38.06 2.21 10.55
C LYS D 681 -36.93 1.18 10.65
N GLN D 682 -36.71 0.43 9.58
CA GLN D 682 -35.57 -0.49 9.49
C GLN D 682 -34.27 0.22 9.87
N ARG D 683 -34.03 1.38 9.28
CA ARG D 683 -32.82 2.15 9.58
C ARG D 683 -32.81 2.67 11.02
N LEU D 684 -33.94 3.10 11.54
CA LEU D 684 -33.97 3.60 12.93
C LEU D 684 -33.80 2.48 13.95
N ASP D 685 -34.42 1.32 13.68
CA ASP D 685 -34.27 0.16 14.55
C ASP D 685 -32.81 -0.26 14.67
N ALA D 686 -32.12 -0.31 13.52
CA ALA D 686 -30.68 -0.57 13.50
C ALA D 686 -29.93 0.41 14.40
N ALA D 687 -30.19 1.70 14.22
CA ALA D 687 -29.49 2.74 14.99
C ALA D 687 -29.75 2.61 16.48
N VAL D 688 -30.98 2.25 16.85
CA VAL D 688 -31.31 1.99 18.24
C VAL D 688 -30.41 0.87 18.77
N GLU D 689 -30.25 -0.20 17.99
CA GLU D 689 -29.34 -1.29 18.35
C GLU D 689 -27.90 -0.79 18.52
N TYR D 690 -27.40 -0.04 17.54
CA TYR D 690 -26.03 0.48 17.61
C TYR D 690 -25.83 1.28 18.89
N ILE D 691 -26.81 2.11 19.24
CA ILE D 691 -26.71 2.93 20.44
C ILE D 691 -26.80 2.06 21.71
N ASN D 692 -27.66 1.05 21.71
CA ASN D 692 -27.80 0.22 22.89
C ASN D 692 -26.55 -0.62 23.13
N GLU D 693 -25.95 -1.13 22.05
CA GLU D 693 -24.73 -1.92 22.13
C GLU D 693 -23.56 -1.08 22.65
N ALA D 694 -23.41 0.12 22.11
CA ALA D 694 -22.36 1.03 22.53
C ALA D 694 -22.55 1.45 23.99
N GLN D 695 -23.80 1.64 24.40
CA GLN D 695 -24.12 1.96 25.80
C GLN D 695 -23.82 0.78 26.74
N ARG D 696 -24.01 -0.43 26.23
CA ARG D 696 -23.72 -1.66 26.96
C ARG D 696 -22.21 -1.78 27.20
N ILE D 697 -21.42 -1.36 26.22
CA ILE D 697 -19.97 -1.39 26.32
C ILE D 697 -19.45 -0.36 27.32
N MET D 698 -19.93 0.88 27.23
CA MET D 698 -19.53 1.92 28.17
C MET D 698 -20.02 1.64 29.60
N LYS D 699 -21.08 0.84 29.71
CA LYS D 699 -21.59 0.41 31.01
C LYS D 699 -20.65 -0.60 31.66
N LYS D 700 -20.09 -1.50 30.86
CA LYS D 700 -19.04 -2.41 31.33
C LYS D 700 -17.69 -1.70 31.40
N SER D 701 -17.57 -0.78 32.37
CA SER D 701 -16.37 0.04 32.54
C SER D 701 -16.46 0.87 33.82
N MET E 43 -7.22 74.90 -23.10
CA MET E 43 -8.07 73.69 -22.82
C MET E 43 -8.31 72.87 -24.07
N GLN E 44 -7.96 71.59 -23.99
CA GLN E 44 -7.95 70.73 -25.16
C GLN E 44 -8.31 69.32 -24.74
N MET E 45 -8.90 68.55 -25.65
CA MET E 45 -9.15 67.14 -25.41
C MET E 45 -7.82 66.39 -25.37
N THR E 46 -7.87 65.17 -24.87
CA THR E 46 -6.67 64.35 -24.74
C THR E 46 -6.04 64.07 -26.10
N LYS E 47 -4.74 63.80 -26.09
CA LYS E 47 -4.00 63.47 -27.30
C LYS E 47 -4.61 62.24 -27.96
N GLU E 48 -4.79 61.18 -27.18
CA GLU E 48 -5.31 59.91 -27.69
C GLU E 48 -6.62 60.10 -28.45
N ALA E 49 -7.48 60.94 -27.89
CA ALA E 49 -8.75 61.31 -28.52
C ALA E 49 -8.49 62.09 -29.80
N ARG E 50 -7.63 63.09 -29.73
CA ARG E 50 -7.29 63.89 -30.91
C ARG E 50 -6.69 63.08 -32.05
N GLU E 51 -5.85 62.09 -31.73
CA GLU E 51 -5.29 61.20 -32.75
C GLU E 51 -6.38 60.40 -33.49
N ILE E 52 -7.32 59.85 -32.75
CA ILE E 52 -8.39 59.03 -33.33
C ILE E 52 -9.35 59.92 -34.12
N ILE E 53 -9.62 61.12 -33.61
CA ILE E 53 -10.43 62.09 -34.33
C ILE E 53 -9.78 62.45 -35.68
N ALA E 54 -8.47 62.59 -35.69
CA ALA E 54 -7.72 62.95 -36.90
C ALA E 54 -7.64 61.78 -37.89
N HIS E 55 -7.65 60.55 -37.39
CA HIS E 55 -7.59 59.37 -38.25
C HIS E 55 -8.61 58.32 -37.83
N PRO E 56 -9.90 58.66 -37.92
CA PRO E 56 -10.98 57.79 -37.43
C PRO E 56 -11.11 56.52 -38.26
N LYS E 57 -11.09 55.37 -37.58
CA LYS E 57 -11.26 54.06 -38.23
C LYS E 57 -12.52 53.36 -37.70
N GLY E 58 -13.58 54.12 -37.50
CA GLY E 58 -14.85 53.60 -37.00
C GLY E 58 -15.65 52.94 -38.10
N THR E 59 -16.88 52.55 -37.77
CA THR E 59 -17.74 51.82 -38.71
C THR E 59 -19.09 52.48 -38.97
N LYS E 60 -19.39 53.56 -38.24
CA LYS E 60 -20.69 54.20 -38.33
C LYS E 60 -20.99 54.65 -39.76
N GLU E 61 -20.04 55.35 -40.37
CA GLU E 61 -20.23 55.87 -41.73
C GLU E 61 -20.04 54.79 -42.78
N SER E 62 -19.05 53.92 -42.61
CA SER E 62 -18.73 52.92 -43.63
C SER E 62 -19.62 51.68 -43.60
N ARG E 63 -20.13 51.31 -42.42
CA ARG E 63 -20.96 50.10 -42.29
C ARG E 63 -22.40 50.37 -41.82
N GLY E 64 -22.66 51.55 -41.27
CA GLY E 64 -23.95 51.84 -40.66
C GLY E 64 -24.12 51.16 -39.30
N VAL E 65 -22.99 50.88 -38.64
CA VAL E 65 -22.97 50.23 -37.33
C VAL E 65 -21.95 50.96 -36.45
N ILE E 66 -22.40 51.42 -35.28
CA ILE E 66 -21.51 52.13 -34.38
C ILE E 66 -20.54 51.16 -33.71
N SER E 67 -19.30 51.60 -33.53
CA SER E 67 -18.28 50.80 -32.87
C SER E 67 -17.40 51.70 -32.01
N LEU E 68 -16.37 51.14 -31.40
CA LEU E 68 -15.62 51.83 -30.36
C LEU E 68 -15.12 53.22 -30.75
N GLN E 69 -14.39 53.28 -31.86
CA GLN E 69 -13.77 54.54 -32.28
C GLN E 69 -14.81 55.61 -32.60
N ASP E 70 -16.01 55.20 -33.01
CA ASP E 70 -17.10 56.16 -33.25
C ASP E 70 -17.51 56.89 -31.97
N TYR E 71 -17.51 56.17 -30.84
CA TYR E 71 -17.84 56.76 -29.54
C TYR E 71 -16.83 57.82 -29.10
N ILE E 72 -15.57 57.64 -29.46
CA ILE E 72 -14.53 58.59 -29.11
C ILE E 72 -14.76 59.90 -29.86
N VAL E 73 -15.12 59.76 -31.14
CA VAL E 73 -15.28 60.89 -32.05
C VAL E 73 -16.50 61.76 -31.70
N GLU E 74 -17.60 61.13 -31.27
CA GLU E 74 -18.85 61.88 -31.00
C GLU E 74 -18.76 62.85 -29.82
N GLU E 75 -17.73 62.71 -28.99
CA GLU E 75 -17.59 63.50 -27.77
C GLU E 75 -16.99 64.90 -28.00
N GLN E 76 -16.55 65.18 -29.22
CA GLN E 76 -15.83 66.42 -29.54
C GLN E 76 -16.66 67.67 -29.23
N ALA E 77 -17.91 67.67 -29.69
CA ALA E 77 -18.80 68.83 -29.50
C ALA E 77 -18.99 69.17 -28.03
N MET E 78 -19.15 68.14 -27.19
CA MET E 78 -19.42 68.34 -25.76
C MET E 78 -18.29 69.07 -25.04
N TYR E 79 -17.04 68.71 -25.33
CA TYR E 79 -15.92 69.36 -24.67
C TYR E 79 -15.73 70.78 -25.22
N ASP E 80 -15.87 70.96 -26.52
CA ASP E 80 -15.93 72.31 -27.08
C ASP E 80 -16.97 73.14 -26.34
N TRP E 81 -18.16 72.58 -26.14
CA TRP E 81 -19.22 73.28 -25.41
C TRP E 81 -18.79 73.60 -23.98
N LEU E 82 -18.19 72.62 -23.29
CA LEU E 82 -17.79 72.80 -21.88
C LEU E 82 -16.68 73.82 -21.70
N PHE E 83 -15.66 73.76 -22.55
CA PHE E 83 -14.53 74.70 -22.49
C PHE E 83 -14.98 76.15 -22.59
N LYS E 84 -16.07 76.38 -23.32
CA LYS E 84 -16.65 77.72 -23.49
C LYS E 84 -17.75 78.07 -22.48
N ASN E 85 -18.49 77.08 -21.97
CA ASN E 85 -19.70 77.37 -21.19
C ASN E 85 -19.67 77.00 -19.70
N HIS E 86 -18.67 76.25 -19.26
CA HIS E 86 -18.65 75.86 -17.86
C HIS E 86 -18.21 77.04 -16.97
N PRO E 87 -18.85 77.21 -15.79
CA PRO E 87 -18.55 78.34 -14.91
C PRO E 87 -17.08 78.52 -14.52
N ILE E 88 -16.36 77.41 -14.36
CA ILE E 88 -14.91 77.43 -14.22
C ILE E 88 -14.28 78.47 -15.14
N PHE E 89 -14.83 78.64 -16.35
CA PHE E 89 -14.29 79.60 -17.30
C PHE E 89 -15.10 80.90 -17.42
N THR E 90 -16.42 80.79 -17.43
CA THR E 90 -17.29 81.95 -17.67
C THR E 90 -17.57 82.76 -16.41
N LYS E 91 -17.29 82.18 -15.24
CA LYS E 91 -17.43 82.88 -13.97
C LYS E 91 -16.13 82.96 -13.17
N TYR E 92 -15.27 81.95 -13.29
CA TYR E 92 -14.01 81.90 -12.53
C TYR E 92 -12.77 82.11 -13.40
N GLY E 93 -12.98 82.33 -14.69
CA GLY E 93 -11.90 82.74 -15.60
C GLY E 93 -10.81 81.71 -15.83
N GLY E 94 -11.13 80.43 -15.59
CA GLY E 94 -10.15 79.36 -15.73
C GLY E 94 -9.20 79.25 -14.55
N LYS E 95 -9.43 80.06 -13.53
CA LYS E 95 -8.59 80.07 -12.34
C LYS E 95 -9.08 79.01 -11.37
N THR E 96 -8.26 77.99 -11.15
CA THR E 96 -8.57 76.96 -10.17
C THR E 96 -7.36 76.71 -9.29
N VAL E 97 -7.60 76.50 -8.00
CA VAL E 97 -6.53 76.15 -7.08
C VAL E 97 -6.20 74.67 -7.31
N GLY E 98 -5.27 74.44 -8.23
CA GLY E 98 -4.93 73.10 -8.66
C GLY E 98 -5.13 73.00 -10.16
N LYS E 99 -4.28 72.23 -10.82
CA LYS E 99 -4.33 72.06 -12.27
C LYS E 99 -5.63 71.38 -12.74
N LEU E 100 -6.15 71.83 -13.88
CA LEU E 100 -7.27 71.18 -14.57
C LEU E 100 -6.73 70.13 -15.53
N VAL E 101 -7.18 68.89 -15.39
CA VAL E 101 -6.72 67.80 -16.25
C VAL E 101 -7.90 67.15 -16.97
N VAL E 102 -7.98 67.39 -18.28
CA VAL E 102 -9.06 66.85 -19.09
C VAL E 102 -8.86 65.35 -19.20
N LYS E 103 -9.92 64.59 -18.92
CA LYS E 103 -9.90 63.15 -19.13
C LYS E 103 -11.19 62.72 -19.81
N ASP E 104 -11.07 62.32 -21.08
CA ASP E 104 -12.21 62.02 -21.93
C ASP E 104 -12.20 60.54 -22.34
N ARG E 105 -13.12 60.14 -23.22
CA ARG E 105 -13.18 58.76 -23.66
C ARG E 105 -11.88 58.28 -24.27
N GLY E 106 -11.14 59.21 -24.90
CA GLY E 106 -9.84 58.89 -25.49
C GLY E 106 -8.88 58.21 -24.54
N GLU E 107 -8.87 58.65 -23.28
CA GLU E 107 -8.05 58.01 -22.27
C GLU E 107 -8.81 56.96 -21.47
N GLU E 108 -10.05 57.22 -21.12
CA GLU E 108 -10.81 56.29 -20.28
C GLU E 108 -11.14 54.98 -21.00
N TRP E 109 -11.70 55.08 -22.20
CA TRP E 109 -12.16 53.91 -22.95
C TRP E 109 -11.06 53.24 -23.77
N ILE E 110 -9.90 53.88 -23.91
CA ILE E 110 -8.81 53.37 -24.77
C ILE E 110 -7.53 53.03 -24.02
N GLU E 111 -7.08 53.96 -23.17
CA GLU E 111 -5.80 53.83 -22.48
C GLU E 111 -5.90 53.07 -21.16
N GLU E 112 -7.00 53.22 -20.42
CA GLU E 112 -7.11 52.58 -19.10
C GLU E 112 -6.84 51.07 -19.14
N GLY E 113 -6.31 50.55 -18.05
CA GLY E 113 -5.94 49.13 -17.96
C GLY E 113 -4.85 48.70 -18.94
N ARG E 114 -3.94 49.62 -19.25
CA ARG E 114 -2.84 49.35 -20.19
C ARG E 114 -3.35 48.70 -21.48
N GLY E 115 -4.42 49.28 -22.02
CA GLY E 115 -5.02 48.80 -23.25
C GLY E 115 -4.09 48.84 -24.45
N ASN E 116 -3.27 49.88 -24.54
CA ASN E 116 -2.31 50.00 -25.64
C ASN E 116 -1.24 48.91 -25.57
N ASP E 117 -0.82 48.54 -24.37
CA ASP E 117 0.14 47.47 -24.18
C ASP E 117 -0.52 46.13 -24.46
N PHE E 118 -1.78 45.97 -24.04
CA PHE E 118 -2.54 44.78 -24.41
C PHE E 118 -2.60 44.65 -25.93
N SER E 119 -3.06 45.71 -26.59
CA SER E 119 -3.16 45.73 -28.05
C SER E 119 -1.85 45.34 -28.70
N LYS E 120 -0.74 45.86 -28.16
CA LYS E 120 0.60 45.59 -28.68
C LYS E 120 1.05 44.15 -28.50
N ALA E 121 0.58 43.50 -27.45
CA ALA E 121 0.89 42.09 -27.23
C ALA E 121 -0.08 41.15 -27.96
N SER E 122 -1.09 41.72 -28.61
CA SER E 122 -2.08 40.94 -29.36
C SER E 122 -1.76 40.93 -30.85
N LYS E 123 -2.09 39.82 -31.51
CA LYS E 123 -1.98 39.73 -32.96
C LYS E 123 -3.16 40.38 -33.65
N ARG E 124 -4.22 40.69 -32.89
CA ARG E 124 -5.36 41.42 -33.43
C ARG E 124 -4.89 42.69 -34.11
N SER E 125 -5.29 42.88 -35.36
CA SER E 125 -4.96 44.09 -36.11
C SER E 125 -3.44 44.36 -36.18
N GLY E 126 -2.64 43.28 -36.20
CA GLY E 126 -1.18 43.35 -36.28
C GLY E 126 -0.49 44.00 -35.09
N GLY E 127 -1.14 43.99 -33.93
CA GLY E 127 -0.62 44.68 -32.76
C GLY E 127 -0.79 46.19 -32.80
N GLU E 128 -1.46 46.69 -33.84
CA GLU E 128 -1.57 48.13 -34.07
C GLU E 128 -2.97 48.70 -33.74
N GLY E 129 -3.83 47.87 -33.14
CA GLY E 129 -5.20 48.28 -32.85
C GLY E 129 -5.38 48.88 -31.46
N PHE E 130 -6.64 49.07 -31.09
CA PHE E 130 -7.01 49.54 -29.76
C PHE E 130 -7.69 48.43 -28.94
N SER E 131 -7.68 48.60 -27.64
CA SER E 131 -8.34 47.67 -26.74
C SER E 131 -8.99 48.47 -25.63
N SER E 132 -10.31 48.29 -25.47
CA SER E 132 -11.06 48.92 -24.40
C SER E 132 -11.20 47.91 -23.28
N MET E 133 -10.37 48.06 -22.26
CA MET E 133 -10.25 47.06 -21.20
C MET E 133 -11.36 47.17 -20.16
N MET E 134 -11.75 48.40 -19.84
CA MET E 134 -12.63 48.68 -18.69
C MET E 134 -13.94 49.39 -19.01
N TYR E 135 -13.87 50.40 -19.86
CA TYR E 135 -14.95 51.36 -19.94
C TYR E 135 -15.45 51.47 -21.36
N ARG E 136 -16.65 50.97 -21.60
CA ARG E 136 -17.32 51.11 -22.88
C ARG E 136 -18.80 50.86 -22.69
N VAL E 137 -19.60 51.31 -23.64
CA VAL E 137 -21.04 51.02 -23.64
C VAL E 137 -21.36 50.00 -24.72
N ALA E 138 -22.54 49.39 -24.62
CA ALA E 138 -23.02 48.40 -25.58
C ALA E 138 -23.92 49.03 -26.64
N ARG E 139 -24.64 50.07 -26.26
CA ARG E 139 -25.63 50.73 -27.10
C ARG E 139 -25.25 52.21 -27.17
N ASN E 140 -26.15 53.05 -27.69
CA ASN E 140 -25.85 54.48 -27.84
C ASN E 140 -25.54 55.17 -26.52
N SER E 141 -24.67 56.17 -26.59
CA SER E 141 -24.32 56.96 -25.43
C SER E 141 -25.35 58.06 -25.23
N THR E 142 -25.21 58.81 -24.14
CA THR E 142 -26.15 59.88 -23.78
C THR E 142 -26.01 61.10 -24.71
N LEU E 143 -25.12 61.01 -25.70
CA LEU E 143 -24.94 62.08 -26.68
C LEU E 143 -25.83 61.90 -27.90
N GLN E 144 -26.58 60.78 -27.97
CA GLN E 144 -27.43 60.53 -29.12
C GLN E 144 -28.89 60.87 -28.81
N TYR E 145 -29.47 61.74 -29.62
CA TYR E 145 -30.88 62.08 -29.50
C TYR E 145 -31.56 62.04 -30.86
N PRO E 146 -32.81 61.55 -30.90
CA PRO E 146 -33.56 61.06 -29.76
C PRO E 146 -33.11 59.64 -29.43
N ASN E 147 -33.43 59.18 -28.23
CA ASN E 147 -33.21 57.79 -27.86
C ASN E 147 -34.56 57.13 -27.65
N LYS E 148 -34.58 55.81 -27.48
CA LYS E 148 -35.83 55.08 -27.38
C LYS E 148 -36.12 54.56 -25.98
N PHE E 149 -35.59 55.24 -24.98
CA PHE E 149 -35.91 54.90 -23.60
C PHE E 149 -37.33 55.33 -23.28
N ILE E 150 -38.06 54.48 -22.56
CA ILE E 150 -39.41 54.81 -22.12
C ILE E 150 -39.47 55.01 -20.61
N GLY E 151 -38.42 54.60 -19.91
CA GLY E 151 -38.35 54.74 -18.45
C GLY E 151 -38.77 53.48 -17.71
N PRO E 152 -38.18 53.26 -16.52
CA PRO E 152 -38.46 52.03 -15.76
C PRO E 152 -39.92 51.91 -15.32
N GLU E 153 -40.59 53.05 -15.13
CA GLU E 153 -42.00 53.07 -14.74
C GLU E 153 -42.92 52.47 -15.80
N LYS E 154 -42.48 52.52 -17.06
CA LYS E 154 -43.24 51.93 -18.15
C LYS E 154 -42.99 50.43 -18.30
N CYS E 155 -41.78 49.97 -18.01
CA CYS E 155 -41.54 48.52 -17.87
C CYS E 155 -42.40 48.00 -16.73
N GLY E 156 -42.40 48.73 -15.61
CA GLY E 156 -43.12 48.34 -14.39
C GLY E 156 -44.63 48.18 -14.53
N GLU E 157 -45.21 48.88 -15.49
CA GLU E 157 -46.65 48.75 -15.75
C GLU E 157 -47.02 47.32 -16.06
N CYS E 158 -46.22 46.64 -16.88
CA CYS E 158 -46.44 45.24 -17.24
C CYS E 158 -45.65 44.26 -16.37
N HIS E 159 -44.58 44.75 -15.73
CA HIS E 159 -43.75 43.91 -14.87
C HIS E 159 -43.65 44.48 -13.46
N PRO E 160 -44.81 44.62 -12.78
CA PRO E 160 -44.80 45.23 -11.46
C PRO E 160 -43.96 44.47 -10.42
N ALA E 161 -43.86 43.16 -10.57
CA ALA E 161 -43.07 42.35 -9.64
C ALA E 161 -41.59 42.72 -9.66
N GLN E 162 -40.99 42.65 -10.85
CA GLN E 162 -39.57 42.99 -10.99
C GLN E 162 -39.31 44.46 -10.73
N TYR E 163 -40.28 45.32 -11.05
CA TYR E 163 -40.15 46.72 -10.70
C TYR E 163 -40.00 46.85 -9.19
N GLU E 164 -40.81 46.12 -8.42
CA GLU E 164 -40.75 46.26 -6.97
C GLU E 164 -39.39 45.85 -6.40
N THR E 165 -38.83 44.73 -6.83
CA THR E 165 -37.56 44.28 -6.25
C THR E 165 -36.40 45.14 -6.74
N TRP E 166 -36.43 45.50 -8.02
CA TRP E 166 -35.44 46.41 -8.58
C TRP E 166 -35.45 47.77 -7.89
N SER E 167 -36.65 48.28 -7.60
CA SER E 167 -36.81 49.67 -7.10
C SER E 167 -36.31 49.83 -5.68
N ARG E 168 -36.19 48.72 -4.95
CA ARG E 168 -35.57 48.75 -3.63
C ARG E 168 -34.14 48.21 -3.66
N SER E 169 -33.39 48.67 -4.65
CA SER E 169 -31.98 48.31 -4.80
C SER E 169 -31.15 49.54 -5.15
N ARG E 170 -29.87 49.45 -4.84
CA ARG E 170 -28.93 50.54 -5.12
C ARG E 170 -28.68 50.73 -6.61
N HIS E 171 -29.04 49.74 -7.43
CA HIS E 171 -29.06 49.96 -8.89
C HIS E 171 -30.05 51.09 -9.21
N ALA E 172 -31.23 51.03 -8.60
CA ALA E 172 -32.31 51.97 -8.87
C ALA E 172 -32.05 53.38 -8.38
N THR E 173 -31.30 53.51 -7.28
CA THR E 173 -31.12 54.79 -6.60
C THR E 173 -29.67 55.32 -6.58
N THR E 174 -28.78 54.71 -7.35
CA THR E 174 -27.41 55.22 -7.45
C THR E 174 -27.37 56.65 -7.99
N ILE E 175 -28.33 57.02 -8.84
CA ILE E 175 -28.47 58.39 -9.31
C ILE E 175 -29.72 59.01 -8.70
N ARG E 176 -29.54 60.12 -7.99
CA ARG E 176 -30.66 60.77 -7.34
C ARG E 176 -30.56 62.27 -7.39
N PHE E 177 -31.72 62.93 -7.47
CA PHE E 177 -31.82 64.38 -7.43
C PHE E 177 -31.96 64.87 -6.01
N PRO E 178 -31.54 66.13 -5.76
CA PRO E 178 -31.90 66.80 -4.53
C PRO E 178 -33.39 66.66 -4.23
N GLY E 179 -33.72 66.33 -2.99
CA GLY E 179 -35.09 66.02 -2.61
C GLY E 179 -35.37 64.52 -2.49
N GLU E 180 -34.38 63.68 -2.85
CA GLU E 180 -34.55 62.23 -2.80
C GLU E 180 -33.60 61.52 -1.82
N HIS E 181 -33.22 62.20 -0.76
CA HIS E 181 -32.30 61.62 0.22
C HIS E 181 -32.90 61.66 1.62
N PRO E 182 -33.97 60.88 1.84
CA PRO E 182 -34.56 60.87 3.19
C PRO E 182 -33.60 60.36 4.29
N GLU E 183 -32.57 59.61 3.90
CA GLU E 183 -31.61 59.08 4.87
C GLU E 183 -30.77 60.15 5.56
N VAL E 184 -30.77 61.38 5.01
CA VAL E 184 -30.17 62.52 5.70
C VAL E 184 -31.19 63.65 5.84
N ASN E 185 -32.46 63.31 5.91
CA ASN E 185 -33.54 64.29 6.03
C ASN E 185 -33.43 65.41 4.98
N ASN E 186 -32.93 65.02 3.80
CA ASN E 186 -32.74 65.94 2.67
C ASN E 186 -31.92 67.20 2.96
N LYS E 187 -31.01 67.07 3.91
CA LYS E 187 -30.06 68.12 4.23
C LYS E 187 -28.70 67.71 3.68
N LEU E 188 -28.46 68.06 2.41
CA LEU E 188 -27.22 67.71 1.73
C LEU E 188 -26.03 68.60 2.10
N ASN E 189 -26.27 69.67 2.86
CA ASN E 189 -25.19 70.59 3.25
C ASN E 189 -24.92 70.63 4.77
N ASP E 190 -25.54 69.74 5.53
CA ASP E 190 -25.24 69.63 6.95
C ASP E 190 -24.42 68.37 7.17
N PRO E 191 -23.69 68.31 8.30
CA PRO E 191 -22.96 67.07 8.59
C PRO E 191 -23.90 65.87 8.67
N VAL E 192 -23.49 64.73 8.10
CA VAL E 192 -24.30 63.51 8.17
C VAL E 192 -24.22 62.92 9.57
N PHE E 193 -23.01 62.72 10.08
CA PHE E 193 -22.83 62.09 11.39
C PHE E 193 -22.40 63.12 12.45
N ASP E 194 -21.19 63.05 13.00
CA ASP E 194 -20.80 64.02 14.03
C ASP E 194 -20.66 65.43 13.46
N LYS E 195 -20.94 66.42 14.32
CA LYS E 195 -20.99 67.83 13.92
C LYS E 195 -19.72 68.32 13.24
N ASP E 196 -18.60 67.71 13.56
CA ASP E 196 -17.31 68.09 12.97
C ASP E 196 -16.89 67.18 11.82
N THR E 197 -17.83 66.45 11.23
CA THR E 197 -17.55 65.64 10.04
C THR E 197 -18.36 66.17 8.86
N ALA E 198 -18.10 65.62 7.68
CA ALA E 198 -18.55 66.22 6.44
C ALA E 198 -20.02 66.05 6.09
N SER E 199 -20.50 66.98 5.27
CA SER E 199 -21.80 66.91 4.65
C SER E 199 -21.59 66.22 3.31
N ILE E 200 -22.67 65.75 2.70
CA ILE E 200 -22.58 65.06 1.42
C ILE E 200 -22.03 65.97 0.33
N LEU E 201 -22.61 67.16 0.19
CA LEU E 201 -22.11 68.11 -0.81
C LEU E 201 -20.95 68.91 -0.24
N PRO E 202 -19.89 69.11 -1.05
CA PRO E 202 -18.78 69.92 -0.56
C PRO E 202 -19.16 71.37 -0.25
N GLN E 203 -18.29 72.03 0.52
CA GLN E 203 -18.32 73.48 0.75
C GLN E 203 -18.56 74.21 -0.57
N GLY E 204 -19.55 75.10 -0.57
CA GLY E 204 -19.82 75.95 -1.73
C GLY E 204 -20.66 75.32 -2.82
N ILE E 205 -20.96 74.03 -2.71
CA ILE E 205 -21.82 73.34 -3.66
C ILE E 205 -23.23 73.21 -3.07
N THR E 206 -24.22 73.77 -3.76
CA THR E 206 -25.59 73.76 -3.28
C THR E 206 -26.50 72.96 -4.22
N PRO E 207 -27.64 72.46 -3.71
CA PRO E 207 -28.58 71.64 -4.49
C PRO E 207 -29.00 72.23 -5.82
N ASP E 208 -29.25 73.53 -5.88
CA ASP E 208 -29.71 74.16 -7.12
C ASP E 208 -28.69 74.15 -8.26
N VAL E 209 -27.41 73.96 -7.96
CA VAL E 209 -26.38 73.82 -9.01
C VAL E 209 -25.89 72.38 -9.18
N VAL E 210 -26.64 71.43 -8.63
CA VAL E 210 -26.29 70.01 -8.73
C VAL E 210 -27.35 69.29 -9.55
N TYR E 211 -26.93 68.65 -10.64
CA TYR E 211 -27.87 67.83 -11.39
C TYR E 211 -28.28 66.64 -10.55
N CYS E 212 -27.29 65.90 -10.05
CA CYS E 212 -27.56 64.70 -9.25
C CYS E 212 -26.45 64.35 -8.27
N THR E 213 -26.81 63.57 -7.25
CA THR E 213 -25.84 62.85 -6.45
C THR E 213 -25.66 61.46 -7.04
N VAL E 214 -24.46 60.92 -6.86
CA VAL E 214 -24.16 59.53 -7.16
C VAL E 214 -23.85 58.82 -5.85
N GLY E 215 -24.40 57.61 -5.66
CA GLY E 215 -24.06 56.76 -4.52
C GLY E 215 -25.05 56.74 -3.38
N HIS E 216 -24.57 56.25 -2.24
CA HIS E 216 -25.38 55.99 -1.05
C HIS E 216 -24.55 56.13 0.24
N ILE E 217 -25.25 56.10 1.37
CA ILE E 217 -24.61 56.00 2.68
C ILE E 217 -23.70 54.77 2.78
N ARG E 218 -24.12 53.68 2.15
CA ARG E 218 -23.36 52.43 2.07
C ARG E 218 -21.84 52.62 2.07
N THR E 219 -21.35 53.50 1.20
CA THR E 219 -19.91 53.68 1.01
C THR E 219 -19.53 55.15 0.89
N LYS E 220 -19.96 55.78 -0.19
CA LYS E 220 -19.53 57.14 -0.49
C LYS E 220 -20.56 57.80 -1.40
N PHE E 221 -20.42 59.12 -1.55
CA PHE E 221 -21.22 59.91 -2.46
C PHE E 221 -20.31 60.70 -3.40
N GLY E 222 -20.89 61.17 -4.50
CA GLY E 222 -20.27 62.14 -5.40
C GLY E 222 -21.37 63.02 -5.97
N PHE E 223 -21.00 64.03 -6.75
CA PHE E 223 -22.00 64.90 -7.37
C PHE E 223 -21.63 65.28 -8.80
N PHE E 224 -22.67 65.57 -9.58
CA PHE E 224 -22.55 66.23 -10.88
C PHE E 224 -23.21 67.60 -10.81
N ASP E 225 -22.56 68.60 -11.39
CA ASP E 225 -23.12 69.94 -11.44
C ASP E 225 -24.10 70.03 -12.59
N ALA E 226 -24.82 71.15 -12.66
CA ALA E 226 -25.85 71.38 -13.68
C ALA E 226 -25.32 71.39 -15.12
N TRP E 227 -24.01 71.45 -15.27
CA TRP E 227 -23.35 71.39 -16.59
C TRP E 227 -22.90 69.96 -16.88
N LEU E 228 -23.32 69.03 -16.01
CA LEU E 228 -22.98 67.62 -16.12
C LEU E 228 -21.47 67.38 -16.18
N LEU E 229 -20.71 68.20 -15.46
CA LEU E 229 -19.31 67.96 -15.26
C LEU E 229 -19.16 67.21 -13.94
N ARG E 230 -18.19 66.32 -13.90
CA ARG E 230 -17.92 65.56 -12.70
C ARG E 230 -17.49 66.47 -11.55
N GLY E 231 -17.99 66.19 -10.35
CA GLY E 231 -17.70 67.02 -9.18
C GLY E 231 -16.36 66.67 -8.57
N THR E 232 -15.29 67.22 -9.14
CA THR E 232 -13.93 66.98 -8.68
C THR E 232 -13.39 68.15 -7.85
N TYR E 233 -14.28 68.99 -7.32
CA TYR E 233 -13.90 70.27 -6.72
C TYR E 233 -14.93 70.77 -5.73
N HIS E 234 -14.56 71.83 -5.02
CA HIS E 234 -15.49 72.58 -4.17
C HIS E 234 -15.26 74.09 -4.35
N VAL E 235 -15.96 74.90 -3.57
CA VAL E 235 -15.75 76.35 -3.62
C VAL E 235 -15.42 76.92 -2.25
N GLU E 236 -14.19 77.44 -2.12
CA GLU E 236 -13.74 78.16 -0.92
C GLU E 236 -14.25 79.60 -0.91
N GLY E 237 -14.74 80.03 0.26
CA GLY E 237 -15.13 81.42 0.48
C GLY E 237 -16.23 81.93 -0.42
N GLY E 238 -17.18 81.07 -0.75
CA GLY E 238 -18.29 81.47 -1.63
C GLY E 238 -19.14 80.30 -2.07
N LEU E 239 -19.91 80.53 -3.13
CA LEU E 239 -20.86 79.55 -3.64
C LEU E 239 -20.80 79.52 -5.16
N LEU E 240 -20.80 78.32 -5.73
CA LEU E 240 -20.80 78.12 -7.17
C LEU E 240 -21.95 78.85 -7.87
N LYS E 241 -23.14 78.83 -7.26
CA LYS E 241 -24.33 79.43 -7.87
C LYS E 241 -24.25 80.95 -8.06
N ASN E 242 -23.50 81.62 -7.18
CA ASN E 242 -23.27 83.07 -7.29
C ASN E 242 -21.96 83.42 -8.00
N GLY E 243 -21.26 82.41 -8.52
CA GLY E 243 -19.95 82.61 -9.15
C GLY E 243 -18.89 83.17 -8.22
N THR E 244 -19.16 83.15 -6.92
CA THR E 244 -18.28 83.76 -5.91
C THR E 244 -17.30 82.74 -5.35
N GLY E 245 -16.33 83.23 -4.59
CA GLY E 245 -15.32 82.39 -3.97
C GLY E 245 -14.29 81.93 -4.97
N GLN E 246 -13.56 80.87 -4.63
CA GLN E 246 -12.60 80.25 -5.55
C GLN E 246 -12.91 78.77 -5.79
N ILE E 247 -12.54 78.28 -6.96
CA ILE E 247 -12.65 76.86 -7.27
C ILE E 247 -11.41 76.14 -6.75
N VAL E 248 -11.61 75.13 -5.90
CA VAL E 248 -10.53 74.36 -5.31
C VAL E 248 -10.66 72.90 -5.68
N ALA E 249 -9.52 72.31 -6.09
CA ALA E 249 -9.45 70.91 -6.48
C ALA E 249 -9.56 69.99 -5.26
N GLY E 250 -10.33 68.91 -5.40
CA GLY E 250 -10.47 67.91 -4.35
C GLY E 250 -11.51 68.27 -3.31
N GLY E 251 -11.37 67.70 -2.11
CA GLY E 251 -12.37 67.85 -1.06
C GLY E 251 -13.79 67.62 -1.56
N ASN E 252 -13.93 66.68 -2.50
CA ASN E 252 -15.16 66.52 -3.29
C ASN E 252 -15.97 65.26 -3.02
N GLN E 253 -15.35 64.23 -2.46
CA GLN E 253 -15.98 62.94 -2.29
C GLN E 253 -16.33 62.65 -0.84
N TRP E 254 -17.62 62.55 -0.54
CA TRP E 254 -18.05 62.20 0.81
C TRP E 254 -17.86 60.72 1.04
N GLN E 255 -17.20 60.37 2.15
CA GLN E 255 -16.84 58.99 2.46
C GLN E 255 -17.40 58.56 3.81
N ARG E 256 -18.28 57.56 3.79
CA ARG E 256 -18.96 57.09 5.01
C ARG E 256 -18.00 56.65 6.09
N THR E 257 -17.03 55.83 5.72
CA THR E 257 -16.18 55.16 6.69
C THR E 257 -15.29 56.16 7.43
N TRP E 258 -14.69 57.09 6.69
CA TRP E 258 -13.92 58.18 7.28
C TRP E 258 -14.80 59.07 8.15
N ALA E 259 -16.01 59.35 7.68
CA ALA E 259 -16.94 60.22 8.39
C ALA E 259 -17.48 59.58 9.67
N LEU E 260 -17.76 58.28 9.63
CA LEU E 260 -18.41 57.59 10.75
C LEU E 260 -17.46 56.75 11.61
N ASN E 261 -16.63 55.94 10.97
CA ASN E 261 -15.88 54.87 11.65
C ASN E 261 -14.41 55.20 11.98
N LEU E 262 -13.76 55.96 11.11
CA LEU E 262 -12.36 56.35 11.31
C LEU E 262 -12.24 57.70 12.02
N SER E 263 -12.61 57.71 13.29
CA SER E 263 -12.31 58.83 14.17
C SER E 263 -10.79 58.85 14.44
N PRO E 264 -10.25 60.02 14.83
CA PRO E 264 -8.83 60.07 15.22
C PRO E 264 -8.51 59.07 16.32
N GLU E 265 -9.44 58.90 17.25
CA GLU E 265 -9.36 57.86 18.29
C GLU E 265 -9.08 56.47 17.70
N VAL E 266 -9.86 56.10 16.69
CA VAL E 266 -9.70 54.81 16.01
C VAL E 266 -8.42 54.78 15.18
N ALA E 267 -8.08 55.91 14.56
CA ALA E 267 -6.83 56.04 13.80
C ALA E 267 -5.58 55.93 14.69
N LYS E 268 -5.68 56.35 15.94
CA LYS E 268 -4.56 56.22 16.89
C LYS E 268 -4.35 54.79 17.30
N LYS E 269 -5.44 54.06 17.52
CA LYS E 269 -5.37 52.62 17.77
C LYS E 269 -4.66 51.91 16.63
N ILE E 270 -5.03 52.23 15.40
CA ILE E 270 -4.39 51.63 14.22
C ILE E 270 -2.91 51.95 14.23
N LYS E 271 -2.56 53.21 14.54
CA LYS E 271 -1.16 53.68 14.49
C LYS E 271 -0.22 52.88 15.40
N LYS E 272 -0.73 52.42 16.54
CA LYS E 272 0.03 51.50 17.40
C LYS E 272 0.52 50.28 16.63
N TRP E 273 -0.26 49.84 15.66
CA TRP E 273 0.09 48.68 14.83
C TRP E 273 0.79 49.09 13.54
N VAL E 274 0.28 50.11 12.86
CA VAL E 274 0.90 50.62 11.64
C VAL E 274 1.48 52.00 11.93
N PRO E 275 2.80 52.12 12.09
CA PRO E 275 3.36 53.39 12.55
C PRO E 275 3.04 54.60 11.67
N ASP E 276 3.03 54.40 10.34
CA ASP E 276 2.84 55.51 9.40
C ASP E 276 1.36 55.87 9.15
N PHE E 277 0.45 55.35 9.97
CA PHE E 277 -0.98 55.54 9.73
C PHE E 277 -1.42 56.96 10.09
N PRO E 278 -2.15 57.63 9.18
CA PRO E 278 -2.52 59.03 9.37
C PRO E 278 -3.62 59.25 10.42
N VAL E 279 -3.41 60.24 11.27
CA VAL E 279 -4.34 60.58 12.34
C VAL E 279 -4.93 61.97 12.11
N THR E 280 -4.05 62.95 11.94
CA THR E 280 -4.48 64.33 11.75
C THR E 280 -4.93 64.54 10.31
N LEU E 281 -5.90 65.43 10.15
CA LEU E 281 -6.40 65.79 8.83
C LEU E 281 -5.26 66.01 7.86
N GLU E 282 -4.31 66.85 8.25
CA GLU E 282 -3.14 67.17 7.44
C GLU E 282 -2.36 65.93 7.01
N GLU E 283 -2.23 64.95 7.90
CA GLU E 283 -1.53 63.70 7.58
C GLU E 283 -2.14 62.89 6.42
N TYR E 284 -3.40 63.13 6.08
CA TYR E 284 -4.03 62.46 4.93
C TYR E 284 -3.55 63.07 3.61
N GLY E 285 -2.90 64.23 3.71
CA GLY E 285 -2.20 64.84 2.59
C GLY E 285 -3.11 65.15 1.44
N ASP E 286 -2.65 64.86 0.23
CA ASP E 286 -3.36 65.16 -1.00
C ASP E 286 -4.69 64.37 -1.18
N ASN E 287 -4.79 63.23 -0.48
CA ASN E 287 -6.03 62.45 -0.45
C ASN E 287 -7.11 63.12 0.39
N GLY E 288 -6.73 64.03 1.27
CA GLY E 288 -7.65 64.63 2.24
C GLY E 288 -8.40 65.85 1.73
N GLY E 289 -8.67 66.78 2.65
CA GLY E 289 -9.38 68.01 2.32
C GLY E 289 -9.42 68.94 3.51
N TYR E 290 -10.58 69.51 3.77
CA TYR E 290 -10.77 70.52 4.83
C TYR E 290 -11.56 69.99 6.02
N VAL E 291 -12.24 68.86 5.86
CA VAL E 291 -13.04 68.28 6.92
C VAL E 291 -13.04 66.76 6.78
N ARG E 292 -13.00 66.07 7.92
CA ARG E 292 -13.05 64.61 7.92
C ARG E 292 -14.37 64.17 7.29
N GLY E 293 -14.26 63.37 6.24
CA GLY E 293 -15.42 62.86 5.53
C GLY E 293 -15.49 63.29 4.08
N LEU E 294 -14.83 64.38 3.72
CA LEU E 294 -14.78 64.83 2.33
C LEU E 294 -13.37 64.71 1.78
N ALA E 295 -13.09 63.57 1.15
CA ALA E 295 -11.79 63.29 0.60
C ALA E 295 -11.72 63.72 -0.86
N SER E 296 -10.49 63.72 -1.38
CA SER E 296 -10.23 64.09 -2.75
C SER E 296 -10.21 62.86 -3.65
N TYR E 297 -11.09 62.83 -4.64
CA TYR E 297 -11.19 61.71 -5.57
C TYR E 297 -11.21 62.23 -6.99
N ALA E 298 -10.43 61.59 -7.87
CA ALA E 298 -10.18 62.10 -9.23
C ALA E 298 -9.62 63.52 -9.17
N ALA E 299 -8.78 63.74 -8.15
CA ALA E 299 -8.30 65.06 -7.80
C ALA E 299 -7.34 64.93 -6.63
N LYS E 300 -6.40 65.86 -6.53
CA LYS E 300 -5.50 65.96 -5.39
C LYS E 300 -5.73 67.31 -4.73
N TYR E 301 -5.90 67.31 -3.41
CA TYR E 301 -6.37 68.50 -2.72
C TYR E 301 -5.51 69.73 -3.04
N LYS E 302 -6.11 70.68 -3.75
CA LYS E 302 -5.46 71.94 -4.16
C LYS E 302 -4.37 71.81 -5.23
N LYS E 303 -4.15 70.61 -5.77
CA LYS E 303 -3.04 70.38 -6.68
C LYS E 303 -3.47 70.02 -8.09
N SER E 304 -4.46 69.15 -8.21
CA SER E 304 -4.98 68.75 -9.50
C SER E 304 -6.42 68.29 -9.39
N MET E 305 -7.15 68.38 -10.50
CA MET E 305 -8.51 67.90 -10.56
C MET E 305 -8.83 67.51 -12.00
N SER E 306 -9.57 66.41 -12.14
CA SER E 306 -10.03 65.95 -13.43
C SER E 306 -11.12 66.89 -13.94
N PHE E 307 -11.04 67.20 -15.23
CA PHE E 307 -12.08 67.90 -15.93
C PHE E 307 -12.72 66.88 -16.87
N GLN E 308 -13.95 66.49 -16.55
CA GLN E 308 -14.55 65.34 -17.19
C GLN E 308 -16.06 65.46 -17.25
N ALA E 309 -16.60 65.29 -18.44
CA ALA E 309 -18.04 65.23 -18.63
C ALA E 309 -18.58 63.89 -18.13
N SER E 310 -19.87 63.84 -17.82
CA SER E 310 -20.54 62.58 -17.50
C SER E 310 -20.40 61.59 -18.66
N THR E 311 -20.32 62.12 -19.87
CA THR E 311 -20.24 61.32 -21.09
C THR E 311 -18.95 60.50 -21.24
N SER E 312 -17.91 60.88 -20.51
CA SER E 312 -16.59 60.28 -20.70
C SER E 312 -16.37 58.99 -19.94
N TYR E 313 -17.20 58.73 -18.93
CA TYR E 313 -16.85 57.75 -17.92
C TYR E 313 -18.07 57.31 -17.12
N CYS E 314 -18.70 58.24 -16.41
CA CYS E 314 -19.77 57.88 -15.50
C CYS E 314 -20.97 57.26 -16.21
N GLU E 315 -21.28 57.73 -17.43
CA GLU E 315 -22.43 57.21 -18.16
C GLU E 315 -22.28 55.72 -18.47
N VAL E 316 -21.11 55.15 -18.23
CA VAL E 316 -20.93 53.73 -18.47
C VAL E 316 -21.66 52.94 -17.39
N CYS E 317 -21.51 53.34 -16.13
CA CYS E 317 -21.96 52.54 -14.99
C CYS E 317 -22.96 53.20 -14.05
N HIS E 318 -22.99 54.53 -14.00
CA HIS E 318 -24.01 55.24 -13.24
C HIS E 318 -24.76 56.13 -14.22
N PRO E 319 -25.47 55.51 -15.17
CA PRO E 319 -26.03 56.29 -16.27
C PRO E 319 -27.30 57.05 -15.92
N TRP E 320 -27.66 57.96 -16.81
CA TRP E 320 -29.01 58.51 -16.88
C TRP E 320 -29.35 58.70 -18.33
N LYS E 321 -30.63 58.92 -18.63
CA LYS E 321 -31.07 59.19 -19.99
C LYS E 321 -32.08 60.33 -20.04
N PHE E 322 -31.96 61.17 -21.05
CA PHE E 322 -32.85 62.30 -21.23
C PHE E 322 -33.84 62.03 -22.37
N ASP E 323 -35.01 62.66 -22.30
CA ASP E 323 -36.07 62.47 -23.28
C ASP E 323 -36.05 63.44 -24.48
N PHE E 324 -34.97 64.21 -24.64
CA PHE E 324 -34.93 65.25 -25.66
C PHE E 324 -35.08 64.69 -27.06
N LYS E 325 -35.80 65.43 -27.92
CA LYS E 325 -36.02 65.04 -29.32
C LYS E 325 -34.75 65.15 -30.14
N ASN E 326 -33.86 66.07 -29.75
CA ASN E 326 -32.65 66.34 -30.51
C ASN E 326 -31.58 66.96 -29.63
N GLU E 327 -30.34 66.98 -30.13
CA GLU E 327 -29.20 67.48 -29.37
C GLU E 327 -29.27 68.97 -29.01
N SER E 328 -29.94 69.77 -29.85
CA SER E 328 -30.09 71.19 -29.59
C SER E 328 -30.86 71.45 -28.31
N GLU E 329 -31.94 70.70 -28.11
CA GLU E 329 -32.75 70.83 -26.88
C GLU E 329 -31.92 70.44 -25.64
N PHE E 330 -31.09 69.41 -25.80
CA PHE E 330 -30.17 68.99 -24.75
C PHE E 330 -29.23 70.13 -24.36
N TYR E 331 -28.44 70.62 -25.31
CA TYR E 331 -27.50 71.72 -25.05
C TYR E 331 -28.20 72.99 -24.58
N ALA E 332 -29.45 73.18 -25.01
CA ALA E 332 -30.26 74.30 -24.53
C ALA E 332 -30.53 74.19 -23.03
N ALA E 333 -30.78 72.96 -22.55
CA ALA E 333 -31.11 72.70 -21.15
C ALA E 333 -29.87 72.60 -20.25
N LEU E 334 -28.73 72.28 -20.86
CA LEU E 334 -27.48 72.13 -20.13
C LEU E 334 -27.19 73.39 -19.31
N GLY E 335 -26.71 73.20 -18.08
CA GLY E 335 -26.51 74.30 -17.15
C GLY E 335 -27.73 74.62 -16.29
N ASN E 336 -28.88 74.04 -16.63
CA ASN E 336 -30.10 74.22 -15.85
C ASN E 336 -30.52 72.89 -15.20
N ALA E 337 -30.25 72.76 -13.91
CA ALA E 337 -30.46 71.51 -13.20
C ALA E 337 -31.93 71.07 -13.25
N LYS E 338 -32.84 72.02 -13.00
CA LYS E 338 -34.27 71.72 -12.99
C LYS E 338 -34.76 71.18 -14.34
N GLU E 339 -34.35 71.85 -15.41
CA GLU E 339 -34.75 71.44 -16.77
C GLU E 339 -34.24 70.05 -17.10
N LEU E 340 -32.99 69.77 -16.77
CA LEU E 340 -32.43 68.44 -17.00
C LEU E 340 -33.17 67.36 -16.21
N GLN E 341 -33.47 67.66 -14.95
CA GLN E 341 -34.22 66.74 -14.10
C GLN E 341 -35.62 66.50 -14.66
N LYS E 342 -36.33 67.57 -14.97
CA LYS E 342 -37.63 67.47 -15.63
C LYS E 342 -37.58 66.56 -16.86
N HIS E 343 -36.49 66.60 -17.62
CA HIS E 343 -36.37 65.82 -18.86
C HIS E 343 -35.63 64.49 -18.73
N THR E 344 -35.39 64.04 -17.50
CA THR E 344 -34.69 62.78 -17.27
C THR E 344 -35.69 61.64 -17.32
N ILE E 345 -35.53 60.74 -18.28
CA ILE E 345 -36.46 59.62 -18.46
C ILE E 345 -35.99 58.33 -17.73
N SER E 346 -34.68 58.15 -17.59
CA SER E 346 -34.12 57.04 -16.84
C SER E 346 -32.95 57.51 -15.97
N LYS E 347 -32.93 57.02 -14.73
CA LYS E 347 -31.89 57.33 -13.75
C LYS E 347 -31.23 56.06 -13.25
N GLY E 348 -29.90 56.07 -13.20
CA GLY E 348 -29.16 54.96 -12.64
C GLY E 348 -29.31 53.69 -13.44
N VAL E 349 -29.06 52.56 -12.80
CA VAL E 349 -29.04 51.29 -13.51
C VAL E 349 -30.45 50.74 -13.56
N SER E 350 -31.21 51.24 -14.54
CA SER E 350 -32.64 50.92 -14.68
C SER E 350 -32.87 49.77 -15.65
N CYS E 351 -34.12 49.34 -15.79
CA CYS E 351 -34.43 48.15 -16.58
C CYS E 351 -33.74 48.21 -17.92
N GLU E 352 -33.86 49.35 -18.58
CA GLU E 352 -33.40 49.50 -19.96
C GLU E 352 -31.89 49.64 -20.10
N GLU E 353 -31.17 49.92 -19.02
CA GLU E 353 -29.70 49.93 -19.07
C GLU E 353 -29.15 48.50 -19.24
N CYS E 354 -29.80 47.52 -18.61
CA CYS E 354 -29.45 46.11 -18.76
C CYS E 354 -30.15 45.48 -19.96
N HIS E 355 -31.44 45.79 -20.11
CA HIS E 355 -32.29 45.11 -21.10
C HIS E 355 -32.41 45.81 -22.46
N GLY E 356 -31.90 47.04 -22.58
CA GLY E 356 -31.97 47.78 -23.84
C GLY E 356 -33.16 48.72 -23.92
N ALA E 357 -32.95 49.85 -24.58
CA ALA E 357 -33.98 50.87 -24.74
C ALA E 357 -35.25 50.26 -25.29
N GLY E 358 -36.33 50.33 -24.51
CA GLY E 358 -37.61 49.79 -24.93
C GLY E 358 -37.72 48.27 -24.86
N GLY E 359 -36.71 47.60 -24.34
CA GLY E 359 -36.74 46.15 -24.19
C GLY E 359 -37.13 45.42 -25.47
N HIS E 360 -38.10 44.52 -25.33
CA HIS E 360 -38.65 43.70 -26.44
C HIS E 360 -39.81 44.38 -27.16
N LEU E 361 -40.15 45.61 -26.77
CA LEU E 361 -41.34 46.29 -27.27
C LEU E 361 -41.19 46.78 -28.71
N GLU E 362 -42.31 46.85 -29.41
CA GLU E 362 -42.32 47.28 -30.80
C GLU E 362 -41.87 48.73 -30.86
N GLY E 363 -40.90 49.00 -31.73
CA GLY E 363 -40.28 50.32 -31.82
C GLY E 363 -39.04 50.42 -30.95
N GLY E 364 -38.80 49.43 -30.10
CA GLY E 364 -37.64 49.40 -29.21
C GLY E 364 -36.36 49.06 -29.95
N SER E 365 -35.25 49.10 -29.22
CA SER E 365 -33.93 48.82 -29.81
C SER E 365 -33.55 47.35 -29.81
N GLY E 366 -34.38 46.50 -29.23
CA GLY E 366 -34.08 45.07 -29.14
C GLY E 366 -33.68 44.70 -27.73
N LEU E 367 -34.25 43.60 -27.25
CA LEU E 367 -34.05 43.12 -25.89
C LEU E 367 -32.66 42.56 -25.63
N LEU E 368 -32.08 42.94 -24.52
CA LEU E 368 -30.82 42.37 -24.06
C LEU E 368 -31.00 41.68 -22.73
N ILE E 369 -30.16 40.71 -22.45
CA ILE E 369 -30.00 40.16 -21.10
C ILE E 369 -28.54 40.41 -20.75
N SER E 370 -28.32 41.30 -19.79
CA SER E 370 -26.98 41.75 -19.40
C SER E 370 -26.15 40.64 -18.77
N ASN E 371 -24.91 40.49 -19.23
CA ASN E 371 -23.94 39.66 -18.53
C ASN E 371 -23.13 40.45 -17.48
N CYS E 372 -23.53 41.68 -17.21
CA CYS E 372 -22.95 42.53 -16.14
C CYS E 372 -21.56 43.08 -16.41
N GLU E 373 -20.96 42.76 -17.56
CA GLU E 373 -19.56 43.09 -17.80
C GLU E 373 -19.33 44.56 -18.19
N ARG E 374 -20.40 45.27 -18.52
CA ARG E 374 -20.33 46.70 -18.79
C ARG E 374 -19.81 47.43 -17.57
N CYS E 375 -20.27 47.03 -16.39
CA CYS E 375 -20.01 47.80 -15.17
C CYS E 375 -19.32 47.03 -14.05
N HIS E 376 -19.19 45.71 -14.19
CA HIS E 376 -18.67 44.89 -13.11
C HIS E 376 -17.45 44.10 -13.49
N GLN E 377 -16.89 44.33 -14.67
CA GLN E 377 -15.74 43.55 -15.10
C GLN E 377 -14.40 44.24 -14.79
N ARG E 378 -14.10 45.35 -15.47
CA ARG E 378 -12.89 46.12 -15.20
C ARG E 378 -11.58 45.33 -15.33
N PHE E 379 -11.37 44.72 -16.50
CA PHE E 379 -10.10 44.11 -16.81
C PHE E 379 -8.98 45.14 -16.84
N SER E 380 -7.77 44.71 -16.51
CA SER E 380 -6.59 45.56 -16.48
C SER E 380 -5.40 44.68 -16.84
N TYR E 381 -4.70 45.04 -17.92
CA TYR E 381 -3.57 44.25 -18.38
C TYR E 381 -2.35 44.43 -17.48
N SER E 382 -1.72 43.32 -17.09
CA SER E 382 -0.57 43.34 -16.19
C SER E 382 0.67 42.74 -16.88
N PRO E 383 1.62 43.61 -17.29
CA PRO E 383 2.90 43.14 -17.83
C PRO E 383 3.63 42.19 -16.88
N ASP E 384 3.51 42.41 -15.57
CA ASP E 384 4.15 41.52 -14.59
C ASP E 384 3.68 40.08 -14.70
N LEU E 385 2.37 39.86 -14.77
CA LEU E 385 1.82 38.50 -14.94
C LEU E 385 2.22 37.89 -16.28
N MET E 386 2.38 38.74 -17.27
CA MET E 386 2.81 38.30 -18.60
C MET E 386 4.25 37.76 -18.57
N ARG E 387 5.14 38.50 -17.90
CA ARG E 387 6.57 38.14 -17.80
C ARG E 387 6.78 36.95 -16.88
N ASN E 388 6.04 36.92 -15.78
CA ASN E 388 6.23 35.91 -14.73
C ASN E 388 5.88 34.50 -15.17
N ASN E 389 5.09 34.36 -16.23
CA ASN E 389 4.78 33.04 -16.78
C ASN E 389 5.01 32.97 -18.29
N PRO E 390 6.14 32.36 -18.71
CA PRO E 390 6.53 32.32 -20.12
C PRO E 390 5.62 31.47 -21.02
N LEU E 391 4.75 30.65 -20.43
CA LEU E 391 3.77 29.89 -21.21
C LEU E 391 2.49 30.69 -21.51
N ASN E 392 2.47 31.96 -21.13
CA ASN E 392 1.42 32.89 -21.53
C ASN E 392 1.79 33.69 -22.77
N ALA E 393 2.94 33.37 -23.38
CA ALA E 393 3.42 34.06 -24.58
C ALA E 393 2.40 34.01 -25.73
N GLY E 394 2.11 35.18 -26.29
CA GLY E 394 1.08 35.31 -27.33
C GLY E 394 -0.34 35.14 -26.82
N LYS E 395 -0.53 35.16 -25.51
CA LYS E 395 -1.83 34.98 -24.87
C LYS E 395 -2.01 36.02 -23.76
N PRO E 396 -2.09 37.31 -24.15
CA PRO E 396 -2.21 38.39 -23.17
C PRO E 396 -3.49 38.33 -22.33
N ASP E 397 -4.52 37.64 -22.81
CA ASP E 397 -5.73 37.42 -22.02
C ASP E 397 -5.41 36.82 -20.64
N LEU E 398 -4.40 35.95 -20.61
CA LEU E 398 -3.99 35.28 -19.38
C LEU E 398 -3.14 36.15 -18.45
N ALA E 399 -2.80 37.36 -18.88
CA ALA E 399 -2.11 38.31 -18.01
C ALA E 399 -3.05 39.45 -17.59
N LEU E 400 -4.35 39.26 -17.83
CA LEU E 400 -5.36 40.20 -17.34
C LEU E 400 -5.46 40.10 -15.83
N SER E 401 -5.59 41.27 -15.21
CA SER E 401 -5.79 41.41 -13.78
C SER E 401 -7.03 42.29 -13.65
N SER E 402 -7.28 42.81 -12.46
CA SER E 402 -8.42 43.69 -12.24
C SER E 402 -7.97 45.13 -12.12
N LYS E 403 -8.90 46.05 -12.32
CA LYS E 403 -8.70 47.44 -12.00
C LYS E 403 -8.28 47.56 -10.55
N PHE E 404 -7.19 48.29 -10.30
CA PHE E 404 -6.79 48.66 -8.95
C PHE E 404 -6.93 50.15 -8.75
N LYS E 405 -7.50 50.52 -7.62
CA LYS E 405 -7.47 51.90 -7.17
C LYS E 405 -6.31 51.96 -6.21
N SER E 406 -5.19 52.50 -6.72
CA SER E 406 -3.92 52.49 -6.01
C SER E 406 -3.51 51.04 -5.74
N MET E 407 -3.54 50.63 -4.47
CA MET E 407 -3.00 49.33 -4.06
C MET E 407 -4.08 48.28 -3.77
N GLY E 408 -5.34 48.64 -3.93
CA GLY E 408 -6.45 47.71 -3.74
C GLY E 408 -7.29 47.54 -4.99
N PRO E 409 -7.81 46.31 -5.22
CA PRO E 409 -8.68 46.07 -6.37
C PRO E 409 -9.91 46.99 -6.30
N GLY E 410 -10.31 47.52 -7.44
CA GLY E 410 -11.40 48.47 -7.47
C GLY E 410 -12.75 47.83 -7.28
N CYS E 411 -13.73 48.63 -6.88
CA CYS E 411 -15.12 48.24 -6.99
C CYS E 411 -15.42 47.94 -8.48
N GLY E 412 -16.48 47.19 -8.73
CA GLY E 412 -16.86 46.84 -10.09
C GLY E 412 -15.84 45.98 -10.83
N SER E 413 -15.10 45.16 -10.09
CA SER E 413 -14.10 44.26 -10.68
C SER E 413 -14.41 42.81 -10.35
N GLU E 414 -15.61 42.55 -9.84
CA GLU E 414 -15.98 41.18 -9.50
C GLU E 414 -15.78 40.28 -10.71
N GLY E 415 -16.10 40.81 -11.89
CA GLY E 415 -16.00 40.07 -13.14
C GLY E 415 -14.61 39.66 -13.54
N SER E 416 -13.69 40.62 -13.57
CA SER E 416 -12.28 40.35 -13.86
C SER E 416 -11.67 39.47 -12.76
N GLN E 417 -12.12 39.64 -11.53
CA GLN E 417 -11.75 38.73 -10.48
C GLN E 417 -12.22 37.31 -10.79
N THR E 418 -13.52 37.11 -10.98
CA THR E 418 -14.05 35.75 -11.17
C THR E 418 -13.51 35.08 -12.43
N TYR E 419 -13.17 35.87 -13.44
CA TYR E 419 -12.67 35.31 -14.68
C TYR E 419 -11.56 34.30 -14.46
N PHE E 420 -10.75 34.52 -13.41
CA PHE E 420 -9.66 33.59 -13.07
C PHE E 420 -9.97 32.81 -11.80
N THR E 421 -11.18 32.21 -11.77
CA THR E 421 -11.58 31.30 -10.71
C THR E 421 -12.00 29.97 -11.31
N ALA E 422 -12.02 28.93 -10.48
CA ALA E 422 -12.59 27.66 -10.90
C ALA E 422 -14.05 27.85 -11.26
N HIS E 423 -14.77 28.62 -10.44
CA HIS E 423 -16.21 28.88 -10.70
C HIS E 423 -16.47 29.31 -12.15
N TYR E 424 -15.75 30.31 -12.62
CA TYR E 424 -15.95 30.80 -13.99
C TYR E 424 -15.55 29.74 -15.02
N GLU E 425 -14.50 28.98 -14.71
CA GLU E 425 -14.03 27.89 -15.57
C GLU E 425 -15.09 26.79 -15.69
N LYS E 426 -15.89 26.58 -14.65
CA LYS E 426 -16.97 25.60 -14.69
C LYS E 426 -18.28 26.12 -15.26
N GLY E 427 -18.28 27.34 -15.78
CA GLY E 427 -19.47 27.90 -16.43
C GLY E 427 -20.28 28.87 -15.61
N MET E 428 -19.87 29.10 -14.36
CA MET E 428 -20.63 29.99 -13.49
C MET E 428 -20.39 31.46 -13.83
N ARG E 429 -21.45 32.25 -13.70
CA ARG E 429 -21.46 33.67 -14.05
C ARG E 429 -22.21 34.37 -12.91
N CYS E 430 -22.32 35.70 -12.95
CA CYS E 430 -23.00 36.45 -11.88
C CYS E 430 -24.40 35.88 -11.63
N ALA E 431 -25.13 35.70 -12.72
CA ALA E 431 -26.53 35.28 -12.65
C ALA E 431 -26.70 33.82 -12.24
N THR E 432 -25.62 33.06 -12.16
CA THR E 432 -25.67 31.74 -11.54
C THR E 432 -26.03 31.90 -10.05
N CYS E 433 -25.32 32.77 -9.35
CA CYS E 433 -25.56 32.96 -7.92
C CYS E 433 -26.54 34.08 -7.61
N HIS E 434 -26.58 35.12 -8.45
CA HIS E 434 -27.30 36.35 -8.11
C HIS E 434 -28.64 36.51 -8.79
N ASP E 435 -29.63 36.95 -8.02
CA ASP E 435 -30.82 37.54 -8.61
C ASP E 435 -30.38 38.89 -9.18
N PRO E 436 -30.76 39.19 -10.43
CA PRO E 436 -30.28 40.42 -11.06
C PRO E 436 -31.07 41.66 -10.68
N HIS E 437 -32.21 41.49 -10.02
CA HIS E 437 -33.09 42.59 -9.72
C HIS E 437 -32.92 43.01 -8.27
N ASP E 438 -33.08 42.04 -7.36
CA ASP E 438 -33.04 42.25 -5.92
C ASP E 438 -31.60 42.19 -5.41
N VAL E 439 -30.79 43.16 -5.83
CA VAL E 439 -29.33 43.11 -5.63
C VAL E 439 -28.85 43.73 -4.33
N THR E 440 -29.77 44.20 -3.49
CA THR E 440 -29.40 44.90 -2.27
C THR E 440 -29.87 44.18 -1.02
N GLY E 441 -31.11 43.68 -1.05
CA GLY E 441 -31.62 42.83 0.01
C GLY E 441 -32.32 43.60 1.10
N ASN E 442 -32.73 42.88 2.15
CA ASN E 442 -33.48 43.48 3.24
C ASN E 442 -32.56 44.08 4.33
N VAL E 443 -31.70 45.01 3.91
CA VAL E 443 -30.76 45.66 4.84
C VAL E 443 -31.38 46.93 5.42
N THR E 444 -31.02 47.27 6.65
CA THR E 444 -31.62 48.41 7.35
C THR E 444 -30.53 49.33 7.90
N GLY E 445 -30.96 50.47 8.45
CA GLY E 445 -30.04 51.43 9.05
C GLY E 445 -29.63 51.06 10.46
N GLU E 446 -28.77 51.90 11.04
CA GLU E 446 -28.19 51.67 12.37
C GLU E 446 -28.81 52.61 13.39
N LYS E 447 -29.53 52.03 14.36
CA LYS E 447 -30.25 52.83 15.36
C LYS E 447 -29.32 53.45 16.42
N GLY E 448 -28.10 52.92 16.54
CA GLY E 448 -27.14 53.45 17.50
C GLY E 448 -26.53 54.78 17.10
N ILE E 449 -26.46 55.01 15.79
CA ILE E 449 -25.85 56.22 15.25
C ILE E 449 -26.71 57.44 15.58
N LYS E 450 -26.13 58.38 16.31
CA LYS E 450 -26.75 59.69 16.48
C LYS E 450 -25.90 60.71 15.72
N GLY E 451 -26.46 61.20 14.62
CA GLY E 451 -25.79 62.17 13.76
C GLY E 451 -26.66 63.39 13.58
N VAL E 452 -26.09 64.40 12.95
CA VAL E 452 -26.78 65.67 12.74
C VAL E 452 -27.96 65.47 11.77
N SER E 453 -27.67 64.85 10.63
CA SER E 453 -28.67 64.62 9.59
C SER E 453 -29.08 63.15 9.38
N TYR E 454 -28.18 62.21 9.68
CA TYR E 454 -28.44 60.78 9.42
C TYR E 454 -29.76 60.31 10.02
N ASN E 455 -30.61 59.78 9.16
CA ASN E 455 -31.87 59.18 9.55
C ASN E 455 -31.78 57.67 9.28
N SER E 456 -32.11 56.87 10.29
CA SER E 456 -31.82 55.44 10.26
C SER E 456 -32.97 54.57 9.76
N GLU E 457 -34.12 55.18 9.48
CA GLU E 457 -35.34 54.42 9.28
C GLU E 457 -35.81 54.41 7.82
N GLN E 458 -34.89 54.59 6.88
CA GLN E 458 -35.27 54.65 5.46
C GLN E 458 -34.88 53.37 4.72
N GLY E 459 -35.09 52.23 5.34
CA GLY E 459 -34.80 50.94 4.73
C GLY E 459 -33.35 50.84 4.28
N TYR E 460 -33.13 50.33 3.08
CA TYR E 460 -31.78 50.16 2.55
C TYR E 460 -31.03 51.48 2.32
N LEU E 461 -31.75 52.58 2.11
CA LEU E 461 -31.06 53.87 1.92
C LEU E 461 -30.22 54.26 3.15
N SER E 462 -30.67 53.86 4.33
CA SER E 462 -29.97 54.16 5.57
C SER E 462 -28.89 53.13 5.94
N SER E 463 -28.74 52.07 5.13
CA SER E 463 -27.91 50.95 5.53
C SER E 463 -26.45 51.14 5.16
N LEU E 464 -25.58 50.60 6.01
CA LEU E 464 -24.14 50.59 5.82
C LEU E 464 -23.68 49.32 5.11
N TYR E 465 -24.62 48.42 4.80
CA TYR E 465 -24.26 47.09 4.28
C TYR E 465 -25.08 46.71 3.04
N SER E 466 -24.72 45.57 2.45
CA SER E 466 -25.44 44.99 1.32
C SER E 466 -25.67 43.51 1.58
N LYS E 467 -26.81 43.00 1.13
CA LYS E 467 -27.09 41.56 1.20
C LYS E 467 -27.88 41.12 -0.04
N PRO E 468 -27.19 41.00 -1.19
CA PRO E 468 -27.85 40.62 -2.45
C PRO E 468 -28.64 39.33 -2.33
N LYS E 469 -29.78 39.27 -3.00
CA LYS E 469 -30.55 38.04 -3.06
C LYS E 469 -29.79 37.03 -3.91
N LEU E 470 -29.57 35.84 -3.36
CA LEU E 470 -28.88 34.77 -4.05
C LEU E 470 -29.80 33.63 -4.46
N LYS E 471 -29.55 33.10 -5.66
CA LYS E 471 -30.16 31.86 -6.11
C LYS E 471 -29.45 30.67 -5.51
N LYS E 472 -28.15 30.78 -5.34
CA LYS E 472 -27.37 29.67 -4.82
C LYS E 472 -26.51 30.13 -3.66
N GLU E 473 -26.52 29.33 -2.61
CA GLU E 473 -25.64 29.50 -1.47
C GLU E 473 -24.48 28.52 -1.64
N CYS E 474 -23.37 28.77 -0.96
CA CYS E 474 -22.21 27.87 -1.03
C CYS E 474 -22.61 26.44 -0.68
N THR E 475 -23.46 26.32 0.33
CA THR E 475 -23.88 25.01 0.84
C THR E 475 -24.69 24.19 -0.19
N ASP E 476 -25.26 24.86 -1.17
CA ASP E 476 -26.02 24.15 -2.21
C ASP E 476 -25.15 23.25 -3.07
N CYS E 477 -23.89 23.63 -3.28
CA CYS E 477 -22.96 22.90 -4.16
C CYS E 477 -21.84 22.19 -3.41
N HIS E 478 -21.46 22.72 -2.26
CA HIS E 478 -20.35 22.22 -1.49
C HIS E 478 -20.86 21.51 -0.23
N LYS E 479 -21.36 20.30 -0.42
CA LYS E 479 -22.12 19.60 0.62
C LYS E 479 -21.27 19.01 1.73
N GLU E 480 -20.07 18.51 1.38
CA GLU E 480 -19.17 17.93 2.37
C GLU E 480 -18.61 19.02 3.27
N GLN E 481 -18.25 20.16 2.68
CA GLN E 481 -17.80 21.32 3.44
C GLN E 481 -18.91 21.81 4.36
N ALA E 482 -20.12 21.94 3.82
CA ALA E 482 -21.30 22.31 4.60
C ALA E 482 -21.55 21.36 5.75
N TYR E 483 -21.49 20.06 5.47
CA TYR E 483 -21.70 19.05 6.51
C TYR E 483 -20.72 19.23 7.66
N ILE E 484 -19.43 19.26 7.34
CA ILE E 484 -18.39 19.39 8.37
C ILE E 484 -18.52 20.71 9.12
N GLN E 485 -18.80 21.78 8.39
CA GLN E 485 -18.91 23.10 8.97
C GLN E 485 -20.12 23.19 9.92
N SER E 486 -21.16 22.39 9.67
CA SER E 486 -22.36 22.39 10.52
C SER E 486 -22.11 21.80 11.90
N LYS E 487 -21.05 21.01 12.04
CA LYS E 487 -20.71 20.43 13.34
C LYS E 487 -20.22 21.52 14.30
N ALA E 488 -20.99 21.70 15.39
CA ALA E 488 -20.71 22.73 16.41
C ALA E 488 -19.23 22.83 16.75
N ASP E 489 -18.65 23.99 16.47
CA ASP E 489 -17.22 24.22 16.68
C ASP E 489 -16.94 25.74 16.70
N THR E 490 -15.66 26.07 16.73
CA THR E 490 -15.17 27.44 16.68
C THR E 490 -15.89 28.39 15.73
N HIS E 491 -15.93 28.06 14.45
CA HIS E 491 -16.52 28.96 13.44
C HIS E 491 -17.84 28.45 12.87
N SER E 492 -18.58 27.64 13.61
CA SER E 492 -19.80 27.00 13.08
C SER E 492 -20.91 28.00 12.73
N LYS E 493 -20.90 29.16 13.38
CA LYS E 493 -21.86 30.22 13.08
C LYS E 493 -21.34 31.25 12.07
N ASN E 494 -20.11 31.09 11.59
CA ASN E 494 -19.61 31.88 10.47
C ASN E 494 -20.39 31.51 9.21
N SER E 495 -20.56 32.46 8.30
CA SER E 495 -20.95 32.13 6.94
C SER E 495 -19.71 31.63 6.21
N CYS E 496 -19.92 30.84 5.16
CA CYS E 496 -18.82 30.41 4.29
C CYS E 496 -18.12 31.60 3.69
N ALA E 497 -18.90 32.63 3.35
CA ALA E 497 -18.39 33.81 2.67
C ALA E 497 -17.54 34.66 3.60
N SER E 498 -17.70 34.48 4.90
CA SER E 498 -16.94 35.24 5.88
C SER E 498 -15.44 35.05 5.71
N CYS E 499 -15.00 33.81 5.54
CA CYS E 499 -13.58 33.53 5.27
C CYS E 499 -13.25 33.70 3.81
N HIS E 500 -14.16 33.23 2.96
CA HIS E 500 -13.85 33.04 1.56
C HIS E 500 -14.00 34.29 0.70
N MET E 501 -14.73 35.29 1.20
CA MET E 501 -14.99 36.50 0.43
C MET E 501 -14.79 37.74 1.29
N PRO E 502 -13.54 37.98 1.73
CA PRO E 502 -13.26 39.19 2.47
C PRO E 502 -13.41 40.41 1.58
N PHE E 503 -13.56 41.57 2.22
CA PHE E 503 -13.78 42.83 1.52
C PHE E 503 -12.45 43.48 1.20
N MET E 504 -11.84 43.02 0.12
CA MET E 504 -10.51 43.48 -0.29
C MET E 504 -10.55 44.72 -1.16
N MET E 505 -11.75 45.11 -1.58
CA MET E 505 -11.85 46.06 -2.68
C MET E 505 -12.02 47.51 -2.24
N SER E 506 -11.26 48.38 -2.89
CA SER E 506 -11.33 49.81 -2.67
C SER E 506 -12.36 50.43 -3.59
N CYS E 507 -13.39 50.99 -2.99
CA CYS E 507 -14.36 51.78 -3.73
C CYS E 507 -13.86 53.22 -3.83
N GLU E 508 -13.28 53.72 -2.75
CA GLU E 508 -13.00 55.14 -2.61
C GLU E 508 -11.61 55.61 -3.08
N ASN E 509 -10.72 54.69 -3.41
CA ASN E 509 -9.31 55.01 -3.64
C ASN E 509 -8.75 55.90 -2.53
N PHE E 510 -8.97 55.46 -1.29
CA PHE E 510 -8.50 56.16 -0.11
C PHE E 510 -7.12 55.58 0.23
N TYR E 511 -6.16 55.88 -0.65
CA TYR E 511 -4.82 55.34 -0.55
C TYR E 511 -4.09 55.73 0.73
N ALA E 512 -4.46 56.87 1.31
CA ALA E 512 -3.91 57.28 2.60
C ALA E 512 -4.00 56.19 3.69
N ILE E 513 -4.97 55.27 3.56
CA ILE E 513 -5.16 54.22 4.56
C ILE E 513 -5.02 52.79 4.02
N GLN E 514 -4.51 52.65 2.80
CA GLN E 514 -4.27 51.34 2.22
C GLN E 514 -2.94 50.80 2.72
N PHE E 515 -2.99 49.70 3.46
CA PHE E 515 -1.80 49.04 3.99
C PHE E 515 -1.98 47.54 3.82
N GLN E 516 -1.76 47.09 2.59
CA GLN E 516 -2.35 45.85 2.12
C GLN E 516 -1.77 44.60 2.75
N ASP E 517 -0.52 44.69 3.21
CA ASP E 517 0.11 43.57 3.92
C ASP E 517 -0.55 43.34 5.28
N GLN E 518 -1.25 44.35 5.79
CA GLN E 518 -2.05 44.24 7.01
C GLN E 518 -3.57 44.02 6.73
N ALA E 519 -3.93 43.90 5.46
CA ALA E 519 -5.30 43.64 5.04
C ALA E 519 -6.28 44.72 5.54
N GLY E 520 -5.86 45.97 5.39
CA GLY E 520 -6.70 47.12 5.69
C GLY E 520 -6.16 48.32 4.93
N PHE E 521 -6.83 49.47 5.01
CA PHE E 521 -8.07 49.64 5.75
C PHE E 521 -9.12 50.32 4.88
N ASP E 522 -8.91 50.27 3.56
CA ASP E 522 -9.83 50.83 2.57
C ASP E 522 -10.55 49.65 1.91
N THR E 523 -11.52 49.14 2.63
CA THR E 523 -12.04 47.81 2.38
C THR E 523 -13.55 47.89 2.35
N GLN E 524 -14.08 48.17 1.16
CA GLN E 524 -15.50 48.48 1.04
C GLN E 524 -16.32 47.52 0.20
N ARG E 525 -15.67 46.74 -0.66
CA ARG E 525 -16.38 45.76 -1.49
C ARG E 525 -15.77 44.37 -1.42
N ARG E 526 -16.59 43.40 -1.82
CA ARG E 526 -16.38 41.98 -1.54
C ARG E 526 -15.64 41.25 -2.65
N ALA E 527 -14.51 40.64 -2.31
CA ALA E 527 -13.73 39.88 -3.28
C ALA E 527 -14.49 38.64 -3.74
N HIS E 528 -14.42 38.38 -5.05
CA HIS E 528 -15.04 37.25 -5.71
C HIS E 528 -13.95 36.37 -6.29
N ILE E 529 -13.23 35.73 -5.38
CA ILE E 529 -12.04 34.92 -5.70
C ILE E 529 -12.13 33.50 -5.10
N TRP E 530 -12.56 33.42 -3.85
CA TRP E 530 -12.94 32.16 -3.18
C TRP E 530 -11.76 31.30 -2.71
N LYS E 531 -10.85 31.01 -3.63
CA LYS E 531 -9.68 30.20 -3.32
C LYS E 531 -8.85 30.87 -2.24
N ILE E 532 -8.60 30.16 -1.15
CA ILE E 532 -7.74 30.65 -0.09
C ILE E 532 -6.39 29.93 -0.17
N ASP E 533 -5.34 30.71 -0.40
CA ASP E 533 -3.97 30.21 -0.38
C ASP E 533 -3.48 30.13 1.05
N VAL E 534 -2.74 29.07 1.36
CA VAL E 534 -2.23 28.85 2.71
C VAL E 534 -0.71 28.95 2.66
N ASP E 535 -0.18 30.09 3.09
CA ASP E 535 1.24 30.40 2.92
C ASP E 535 1.68 31.42 3.97
N PRO E 536 2.90 31.27 4.50
CA PRO E 536 3.33 32.23 5.51
C PRO E 536 3.61 33.62 4.97
N ALA E 537 3.91 33.75 3.68
CA ALA E 537 4.38 35.03 3.12
C ALA E 537 3.64 35.52 1.86
N ARG E 538 3.39 34.62 0.92
CA ARG E 538 2.80 35.00 -0.37
C ARG E 538 1.54 35.86 -0.22
N LYS E 539 1.44 36.91 -1.04
CA LYS E 539 0.38 37.90 -0.92
C LYS E 539 -0.53 37.91 -2.14
N SER E 540 -1.81 38.22 -1.93
CA SER E 540 -2.77 38.34 -3.02
C SER E 540 -2.50 39.57 -3.87
N LEU E 541 -2.17 40.68 -3.21
CA LEU E 541 -1.98 41.95 -3.89
C LEU E 541 -0.51 42.29 -3.90
N VAL E 542 0.03 42.63 -5.07
CA VAL E 542 1.44 42.96 -5.18
C VAL E 542 1.65 44.23 -6.02
N ALA E 543 2.67 45.00 -5.63
CA ALA E 543 3.06 46.21 -6.35
C ALA E 543 3.62 45.90 -7.72
N GLY E 544 3.57 46.88 -8.62
CA GLY E 544 4.28 46.79 -9.89
C GLY E 544 5.75 46.51 -9.62
N SER E 545 6.33 45.56 -10.36
CA SER E 545 7.73 45.18 -10.16
C SER E 545 8.64 46.37 -10.41
N THR E 546 8.41 47.08 -11.51
CA THR E 546 9.21 48.24 -11.88
C THR E 546 8.72 49.52 -11.21
N SER E 547 7.74 49.43 -10.32
CA SER E 547 7.35 50.58 -9.52
C SER E 547 8.52 50.86 -8.58
N LYS E 548 8.90 52.13 -8.47
CA LYS E 548 10.06 52.51 -7.67
C LYS E 548 9.80 52.36 -6.17
N ASP E 549 8.58 52.71 -5.76
CA ASP E 549 8.18 52.62 -4.38
C ASP E 549 6.83 51.89 -4.37
N PRO E 550 6.71 50.76 -3.66
CA PRO E 550 5.44 50.02 -3.73
C PRO E 550 4.26 50.92 -3.37
N ARG E 551 4.47 51.76 -2.37
CA ARG E 551 3.44 52.66 -1.86
C ARG E 551 3.08 53.83 -2.80
N ASP E 552 3.75 53.93 -3.95
CA ASP E 552 3.30 54.80 -5.03
C ASP E 552 2.01 54.30 -5.66
N GLY E 553 1.71 53.02 -5.48
CA GLY E 553 0.46 52.44 -5.95
C GLY E 553 0.37 52.42 -7.46
N LYS E 554 1.41 51.90 -8.10
CA LYS E 554 1.47 51.82 -9.56
C LYS E 554 1.59 50.37 -10.08
N ASP E 555 0.73 50.03 -11.04
CA ASP E 555 0.64 48.68 -11.61
C ASP E 555 0.46 47.58 -10.55
N TRP E 556 -0.25 47.89 -9.48
CA TRP E 556 -0.60 46.86 -8.51
C TRP E 556 -1.53 45.87 -9.19
N HIS E 557 -1.44 44.60 -8.80
CA HIS E 557 -2.19 43.56 -9.47
C HIS E 557 -2.36 42.35 -8.56
N PHE E 558 -3.30 41.48 -8.93
CA PHE E 558 -3.45 40.20 -8.23
C PHE E 558 -2.29 39.31 -8.62
N GLU E 559 -1.82 38.52 -7.67
CA GLU E 559 -0.88 37.44 -7.97
C GLU E 559 -1.69 36.21 -8.38
N ARG E 560 -1.09 35.37 -9.23
CA ARG E 560 -1.73 34.14 -9.69
C ARG E 560 -1.03 32.95 -9.05
N ASN E 561 -1.80 31.95 -8.63
CA ASN E 561 -1.21 30.76 -8.02
C ASN E 561 -0.79 29.73 -9.08
N GLU E 562 -0.42 28.54 -8.63
CA GLU E 562 0.16 27.52 -9.50
C GLU E 562 -0.83 27.01 -10.53
N GLU E 563 -2.13 27.18 -10.27
CA GLU E 563 -3.20 26.78 -11.21
C GLU E 563 -3.69 27.95 -12.08
N GLY E 564 -3.01 29.09 -12.01
CA GLY E 564 -3.36 30.25 -12.83
C GLY E 564 -4.59 31.00 -12.34
N ARG E 565 -4.86 30.94 -11.04
CA ARG E 565 -6.04 31.58 -10.49
C ARG E 565 -5.69 32.61 -9.43
N ASN E 566 -6.58 33.58 -9.28
CA ASN E 566 -6.50 34.51 -8.18
C ASN E 566 -6.65 33.75 -6.88
N PHE E 567 -6.15 34.31 -5.79
CA PHE E 567 -6.30 33.70 -4.47
C PHE E 567 -6.44 34.74 -3.38
N VAL E 568 -6.92 34.28 -2.23
CA VAL E 568 -7.03 35.10 -1.03
C VAL E 568 -5.97 34.64 -0.04
N ASP E 569 -5.10 35.55 0.41
CA ASP E 569 -4.10 35.20 1.41
C ASP E 569 -4.73 35.16 2.80
N LEU E 570 -4.04 34.52 3.73
CA LEU E 570 -4.59 34.26 5.06
C LEU E 570 -4.83 35.53 5.86
N MET E 571 -4.11 36.61 5.56
CA MET E 571 -4.27 37.85 6.30
C MET E 571 -5.62 38.47 5.95
N TRP E 572 -5.95 38.48 4.67
CA TRP E 572 -7.28 38.92 4.20
C TRP E 572 -8.40 38.00 4.68
N ALA E 573 -8.14 36.70 4.64
CA ALA E 573 -9.17 35.72 4.96
C ALA E 573 -9.56 35.71 6.44
N CYS E 574 -8.59 35.99 7.32
CA CYS E 574 -8.80 35.86 8.77
C CYS E 574 -8.72 37.16 9.55
N ALA E 575 -7.78 38.04 9.17
CA ALA E 575 -7.42 39.17 10.02
C ALA E 575 -7.73 40.54 9.42
N ARG E 576 -8.41 40.56 8.28
CA ARG E 576 -8.72 41.81 7.58
C ARG E 576 -9.55 42.78 8.43
N THR E 577 -9.35 44.07 8.17
CA THR E 577 -10.08 45.09 8.88
C THR E 577 -10.98 45.82 7.90
N THR E 578 -12.25 45.98 8.28
CA THR E 578 -13.26 46.58 7.42
C THR E 578 -14.46 47.05 8.24
N TRP E 579 -15.22 47.97 7.67
CA TRP E 579 -16.49 48.40 8.26
C TRP E 579 -17.65 48.25 7.25
N ALA E 580 -17.43 47.41 6.25
CA ALA E 580 -18.43 47.12 5.22
C ALA E 580 -19.05 45.73 5.38
N ASP E 581 -18.53 44.94 6.31
CA ASP E 581 -18.81 43.51 6.39
C ASP E 581 -19.73 43.22 7.56
N LYS E 582 -21.00 42.98 7.27
CA LYS E 582 -22.00 42.68 8.30
C LYS E 582 -21.64 41.42 9.10
N ASP E 583 -21.24 40.35 8.41
CA ASP E 583 -20.86 39.09 9.07
C ASP E 583 -19.73 39.30 10.08
N GLN E 584 -18.71 40.05 9.68
CA GLN E 584 -17.61 40.39 10.58
C GLN E 584 -18.10 41.18 11.79
N ALA E 585 -18.90 42.21 11.57
CA ALA E 585 -19.41 43.00 12.69
C ALA E 585 -20.14 42.12 13.70
N GLU E 586 -20.86 41.12 13.20
CA GLU E 586 -21.63 40.21 14.07
C GLU E 586 -20.81 39.05 14.63
N ALA E 587 -19.62 38.78 14.07
CA ALA E 587 -18.73 37.75 14.61
C ALA E 587 -17.53 38.37 15.31
N LYS E 588 -17.80 39.30 16.21
CA LYS E 588 -16.79 39.91 17.07
C LYS E 588 -15.59 40.53 16.34
N GLY E 589 -15.80 40.92 15.08
CA GLY E 589 -14.78 41.57 14.28
C GLY E 589 -13.68 40.64 13.80
N CYS E 590 -13.94 39.34 13.85
CA CYS E 590 -12.94 38.32 13.53
C CYS E 590 -11.62 38.57 14.25
N HIS E 591 -10.49 38.55 13.53
CA HIS E 591 -9.16 38.62 14.16
C HIS E 591 -8.41 39.92 13.86
N SER E 592 -9.11 40.93 13.35
CA SER E 592 -8.51 42.24 13.15
C SER E 592 -7.96 42.80 14.46
N PRO E 593 -6.65 43.12 14.49
CA PRO E 593 -6.14 43.84 15.65
C PRO E 593 -6.95 45.10 15.97
N VAL E 594 -7.61 45.67 14.97
CA VAL E 594 -8.31 46.95 15.11
C VAL E 594 -9.75 46.80 15.61
N VAL E 595 -10.51 45.89 15.02
CA VAL E 595 -11.92 45.77 15.38
C VAL E 595 -12.30 44.48 16.10
N SER E 596 -11.35 43.58 16.32
CA SER E 596 -11.67 42.34 17.01
C SER E 596 -12.07 42.62 18.46
N GLU E 597 -13.20 42.05 18.87
CA GLU E 597 -13.61 42.06 20.28
C GLU E 597 -13.10 40.83 21.02
N LEU E 598 -12.41 39.93 20.31
CA LEU E 598 -11.85 38.73 20.92
C LEU E 598 -10.65 39.07 21.80
N LYS E 599 -10.27 38.11 22.64
CA LYS E 599 -9.06 38.25 23.45
C LYS E 599 -7.84 38.48 22.55
N GLU E 600 -6.83 39.15 23.10
CA GLU E 600 -5.74 39.68 22.29
C GLU E 600 -4.82 38.64 21.64
N THR E 601 -4.77 37.43 22.20
CA THR E 601 -4.02 36.35 21.56
C THR E 601 -4.66 35.92 20.23
N LEU E 602 -5.91 36.33 20.00
CA LEU E 602 -6.63 36.08 18.74
C LEU E 602 -6.70 37.32 17.82
N HIS E 603 -5.87 38.31 18.09
CA HIS E 603 -5.67 39.41 17.19
C HIS E 603 -4.45 39.03 16.36
N PHE E 604 -4.62 38.82 15.06
CA PHE E 604 -3.50 38.39 14.21
C PHE E 604 -2.83 39.57 13.53
N LYS E 605 -1.54 39.76 13.82
CA LYS E 605 -0.79 40.95 13.41
C LYS E 605 -0.10 40.81 12.06
N ASP E 606 0.11 39.59 11.60
CA ASP E 606 0.78 39.36 10.32
C ASP E 606 0.43 38.00 9.78
N GLN E 607 0.65 37.79 8.50
CA GLN E 607 0.28 36.54 7.82
C GLN E 607 1.02 35.30 8.36
N LYS E 608 2.29 35.49 8.74
CA LYS E 608 3.08 34.41 9.33
C LYS E 608 2.40 33.90 10.60
N GLN E 609 1.85 34.80 11.40
CA GLN E 609 1.13 34.39 12.61
C GLN E 609 -0.14 33.62 12.29
N VAL E 610 -0.82 34.01 11.21
CA VAL E 610 -2.07 33.34 10.80
C VAL E 610 -1.71 31.95 10.29
N TYR E 611 -0.71 31.89 9.43
CA TYR E 611 -0.20 30.62 8.90
C TYR E 611 0.10 29.61 10.01
N ASN E 612 0.75 30.06 11.08
CA ASN E 612 1.07 29.18 12.20
C ASN E 612 -0.18 28.61 12.90
N GLU E 613 -1.22 29.43 13.03
CA GLU E 613 -2.47 28.95 13.60
C GLU E 613 -3.08 27.87 12.70
N VAL E 614 -3.05 28.12 11.40
CA VAL E 614 -3.62 27.20 10.43
C VAL E 614 -2.85 25.88 10.42
N MET E 615 -1.53 25.96 10.56
CA MET E 615 -0.71 24.75 10.63
C MET E 615 -0.97 23.97 11.91
N GLY E 616 -1.26 24.69 12.99
CA GLY E 616 -1.70 24.06 14.23
C GLY E 616 -2.89 23.14 14.04
N TRP E 617 -3.76 23.49 13.08
CA TRP E 617 -4.91 22.67 12.75
C TRP E 617 -4.65 21.68 11.61
N GLN E 618 -4.09 22.15 10.51
CA GLN E 618 -3.92 21.31 9.33
C GLN E 618 -2.88 20.19 9.48
N THR E 619 -1.84 20.44 10.27
CA THR E 619 -0.71 19.51 10.37
C THR E 619 -1.12 18.19 11.03
N PRO E 620 -1.72 18.25 12.24
CA PRO E 620 -2.21 17.01 12.85
C PRO E 620 -3.20 16.23 11.98
N VAL E 621 -4.03 16.95 11.23
CA VAL E 621 -5.03 16.35 10.35
C VAL E 621 -4.39 15.70 9.13
N LYS E 622 -3.49 16.41 8.46
CA LYS E 622 -2.81 15.85 7.31
C LYS E 622 -1.97 14.62 7.70
N ASP E 623 -1.30 14.68 8.84
CA ASP E 623 -0.52 13.55 9.32
C ASP E 623 -1.39 12.31 9.52
N LYS E 624 -2.50 12.47 10.23
CA LYS E 624 -3.38 11.35 10.51
C LYS E 624 -4.05 10.83 9.26
N PHE E 625 -4.47 11.75 8.40
CA PHE E 625 -5.00 11.40 7.10
C PHE E 625 -4.01 10.54 6.32
N THR E 626 -2.74 10.92 6.34
CA THR E 626 -1.71 10.15 5.62
C THR E 626 -1.57 8.75 6.24
N GLN E 627 -1.50 8.68 7.57
CA GLN E 627 -1.47 7.40 8.28
C GLN E 627 -2.52 6.43 7.77
N VAL E 628 -3.75 6.93 7.65
CA VAL E 628 -4.88 6.08 7.32
C VAL E 628 -4.80 5.68 5.86
N LYS E 629 -4.47 6.62 4.98
CA LYS E 629 -4.32 6.28 3.57
C LYS E 629 -3.27 5.20 3.37
N VAL E 630 -2.13 5.34 4.04
CA VAL E 630 -1.06 4.35 3.94
C VAL E 630 -1.50 3.01 4.53
N GLY E 631 -2.00 3.05 5.76
CA GLY E 631 -2.57 1.87 6.42
C GLY E 631 -3.54 1.12 5.53
N ILE E 632 -4.47 1.84 4.91
CA ILE E 632 -5.46 1.25 4.03
C ILE E 632 -4.78 0.51 2.89
N GLN E 633 -3.91 1.21 2.17
CA GLN E 633 -3.23 0.61 1.01
C GLN E 633 -2.39 -0.58 1.42
N GLY E 634 -1.71 -0.47 2.56
CA GLY E 634 -0.88 -1.57 3.08
C GLY E 634 -1.69 -2.82 3.35
N LEU E 635 -2.78 -2.68 4.11
CA LEU E 635 -3.63 -3.82 4.47
C LEU E 635 -4.31 -4.41 3.25
N TYR E 636 -4.74 -3.56 2.35
CA TYR E 636 -5.39 -3.98 1.11
C TYR E 636 -4.45 -4.84 0.25
N SER E 637 -3.20 -4.40 0.15
CA SER E 637 -2.14 -5.16 -0.53
C SER E 637 -1.85 -6.47 0.20
N LEU E 638 -1.81 -6.42 1.52
CA LEU E 638 -1.52 -7.59 2.32
C LEU E 638 -2.68 -8.58 2.40
N LEU E 639 -3.89 -8.14 2.06
CA LEU E 639 -5.04 -9.05 2.01
C LEU E 639 -4.90 -10.04 0.86
N GLU E 640 -4.51 -9.54 -0.31
CA GLU E 640 -4.01 -10.40 -1.37
C GLU E 640 -2.75 -11.06 -0.81
N VAL E 641 -2.44 -12.25 -1.29
CA VAL E 641 -1.25 -13.01 -0.87
C VAL E 641 -1.09 -13.24 0.65
N LYS E 642 -2.22 -13.29 1.38
CA LYS E 642 -2.27 -13.74 2.79
C LYS E 642 -3.67 -14.31 3.06
N LYS E 643 -3.87 -14.98 4.20
CA LYS E 643 -5.18 -15.60 4.51
C LYS E 643 -5.50 -15.73 6.00
N LEU E 644 -6.77 -16.03 6.29
CA LEU E 644 -7.30 -16.14 7.66
C LEU E 644 -8.80 -16.45 7.66
N ALA E 645 -9.31 -16.88 8.80
CA ALA E 645 -10.72 -17.24 9.00
C ALA E 645 -11.73 -16.21 8.49
N PRO E 646 -12.98 -16.65 8.21
CA PRO E 646 -14.02 -15.72 7.77
C PRO E 646 -14.36 -14.69 8.84
N SER E 647 -14.52 -15.13 10.09
CA SER E 647 -14.89 -14.24 11.18
C SER E 647 -13.82 -13.19 11.53
N ASP E 648 -12.72 -13.17 10.78
CA ASP E 648 -11.71 -12.11 10.89
C ASP E 648 -11.54 -11.28 9.60
N LYS E 649 -11.61 -11.90 8.42
CA LYS E 649 -11.56 -11.14 7.16
C LYS E 649 -12.79 -10.24 7.00
N THR E 650 -13.94 -10.76 7.42
CA THR E 650 -15.15 -9.96 7.65
C THR E 650 -14.86 -8.72 8.51
N ARG E 651 -13.87 -8.83 9.40
CA ARG E 651 -13.48 -7.71 10.24
C ARG E 651 -12.41 -6.81 9.59
N VAL E 652 -11.37 -7.41 9.01
CA VAL E 652 -10.27 -6.61 8.43
C VAL E 652 -10.79 -5.65 7.37
N TYR E 653 -11.46 -6.21 6.37
CA TYR E 653 -11.95 -5.42 5.25
C TYR E 653 -12.99 -4.39 5.70
N GLU E 654 -13.91 -4.83 6.55
CA GLU E 654 -14.90 -3.93 7.14
C GLU E 654 -14.25 -2.69 7.75
N LEU E 655 -13.17 -2.88 8.50
CA LEU E 655 -12.49 -1.77 9.15
C LEU E 655 -11.82 -0.82 8.15
N ILE E 656 -11.14 -1.36 7.14
CA ILE E 656 -10.51 -0.46 6.14
C ILE E 656 -11.55 0.20 5.23
N GLU E 657 -12.68 -0.45 5.02
CA GLU E 657 -13.79 0.15 4.27
C GLU E 657 -14.31 1.38 5.04
N LYS E 658 -14.46 1.23 6.35
CA LYS E 658 -14.92 2.32 7.21
C LYS E 658 -13.90 3.46 7.32
N ALA E 659 -12.62 3.12 7.34
CA ALA E 659 -11.57 4.14 7.37
C ALA E 659 -11.46 4.86 6.02
N GLN E 660 -11.77 4.16 4.93
CA GLN E 660 -11.82 4.77 3.59
C GLN E 660 -12.90 5.85 3.52
N ASP E 661 -14.06 5.56 4.09
CA ASP E 661 -15.17 6.51 4.11
C ASP E 661 -14.73 7.85 4.72
N THR E 662 -14.07 7.78 5.88
CA THR E 662 -13.55 8.96 6.57
C THR E 662 -12.49 9.68 5.73
N VAL E 663 -11.56 8.92 5.19
CA VAL E 663 -10.55 9.45 4.26
C VAL E 663 -11.24 10.16 3.09
N ASP E 664 -12.23 9.50 2.49
CA ASP E 664 -12.97 10.05 1.38
C ASP E 664 -13.61 11.39 1.74
N LEU E 665 -14.28 11.44 2.89
CA LEU E 665 -14.92 12.66 3.35
C LEU E 665 -13.92 13.81 3.51
N ILE E 666 -12.85 13.56 4.26
CA ILE E 666 -11.81 14.57 4.50
C ILE E 666 -11.19 15.05 3.20
N GLU E 667 -10.85 14.11 2.33
CA GLU E 667 -10.23 14.45 1.05
C GLU E 667 -11.14 15.36 0.21
N LYS E 668 -12.44 15.06 0.25
CA LYS E 668 -13.41 15.80 -0.54
C LYS E 668 -13.62 17.20 0.04
N ASP E 669 -13.72 17.29 1.36
CA ASP E 669 -13.81 18.58 2.05
C ASP E 669 -12.62 19.48 1.70
N GLY E 670 -11.42 18.95 1.85
CA GLY E 670 -10.21 19.64 1.43
C GLY E 670 -9.76 20.81 2.27
N SER E 671 -10.38 21.01 3.43
CA SER E 671 -9.98 22.11 4.31
C SER E 671 -8.94 21.67 5.33
N TRP E 672 -8.77 20.34 5.45
CA TRP E 672 -7.84 19.74 6.39
C TRP E 672 -8.09 20.20 7.83
N GLY E 673 -9.37 20.28 8.21
CA GLY E 673 -9.77 20.66 9.57
C GLY E 673 -10.18 22.11 9.76
N MET E 674 -9.88 22.96 8.77
CA MET E 674 -10.27 24.37 8.81
C MET E 674 -11.78 24.62 8.85
N HIS E 675 -12.56 23.70 8.30
CA HIS E 675 -14.03 23.77 8.37
C HIS E 675 -14.64 23.17 9.64
N GLY E 676 -13.82 22.45 10.42
CA GLY E 676 -14.27 21.90 11.69
C GLY E 676 -13.24 20.94 12.25
N PHE E 677 -12.36 21.44 13.10
CA PHE E 677 -11.22 20.66 13.58
C PHE E 677 -11.62 19.51 14.51
N LYS E 678 -12.45 19.82 15.50
CA LYS E 678 -12.86 18.83 16.50
C LYS E 678 -13.54 17.61 15.85
N TYR E 679 -14.51 17.84 14.97
CA TYR E 679 -15.14 16.75 14.23
C TYR E 679 -14.17 16.04 13.28
N THR E 680 -13.40 16.82 12.52
CA THR E 680 -12.44 16.25 11.57
C THR E 680 -11.43 15.34 12.27
N LYS E 681 -10.86 15.83 13.38
CA LYS E 681 -9.90 15.07 14.18
C LYS E 681 -10.53 13.80 14.76
N GLN E 682 -11.74 13.92 15.29
CA GLN E 682 -12.40 12.77 15.91
C GLN E 682 -12.67 11.66 14.87
N ARG E 683 -13.12 12.04 13.67
CA ARG E 683 -13.30 11.07 12.60
C ARG E 683 -11.98 10.34 12.34
N LEU E 684 -10.91 11.10 12.16
CA LEU E 684 -9.58 10.54 11.89
C LEU E 684 -9.01 9.74 13.06
N ASP E 685 -9.29 10.17 14.28
CA ASP E 685 -8.93 9.41 15.46
C ASP E 685 -9.54 8.01 15.36
N ALA E 686 -10.83 7.97 15.05
CA ALA E 686 -11.54 6.70 14.88
C ALA E 686 -10.96 5.87 13.75
N ALA E 687 -10.71 6.51 12.61
CA ALA E 687 -10.13 5.81 11.46
C ALA E 687 -8.79 5.16 11.81
N VAL E 688 -7.96 5.88 12.58
CA VAL E 688 -6.70 5.32 13.04
C VAL E 688 -6.95 4.06 13.87
N GLU E 689 -7.91 4.10 14.79
CA GLU E 689 -8.24 2.93 15.60
C GLU E 689 -8.81 1.78 14.78
N TYR E 690 -9.51 2.09 13.69
CA TYR E 690 -9.95 1.04 12.77
C TYR E 690 -8.71 0.36 12.20
N ILE E 691 -7.75 1.17 11.76
CA ILE E 691 -6.53 0.65 11.14
C ILE E 691 -5.71 -0.18 12.13
N ASN E 692 -5.51 0.35 13.33
CA ASN E 692 -4.76 -0.38 14.35
C ASN E 692 -5.38 -1.75 14.63
N GLU E 693 -6.71 -1.77 14.75
CA GLU E 693 -7.44 -3.00 15.00
C GLU E 693 -7.29 -3.99 13.84
N ALA E 694 -7.36 -3.49 12.61
CA ALA E 694 -7.11 -4.32 11.44
C ALA E 694 -5.69 -4.89 11.44
N GLN E 695 -4.74 -4.10 11.94
CA GLN E 695 -3.35 -4.54 12.07
C GLN E 695 -3.16 -5.60 13.13
N ARG E 696 -3.88 -5.51 14.24
CA ARG E 696 -3.84 -6.54 15.26
C ARG E 696 -4.37 -7.86 14.71
N ILE E 697 -5.43 -7.79 13.91
CA ILE E 697 -6.01 -8.98 13.31
C ILE E 697 -5.06 -9.57 12.25
N MET E 698 -4.48 -8.69 11.42
CA MET E 698 -3.53 -9.09 10.39
C MET E 698 -2.29 -9.75 10.98
N LYS E 699 -1.88 -9.28 12.16
CA LYS E 699 -0.69 -9.79 12.85
C LYS E 699 -0.72 -11.31 13.08
N LYS E 700 -1.89 -11.85 13.40
CA LYS E 700 -2.04 -13.30 13.63
C LYS E 700 -1.24 -14.14 12.65
N SER E 701 -1.42 -13.86 11.36
CA SER E 701 -0.79 -14.64 10.30
C SER E 701 -0.85 -13.92 8.95
N MET F 43 89.54 53.33 23.59
CA MET F 43 88.44 53.12 22.59
C MET F 43 88.74 53.82 21.27
N GLN F 44 88.76 53.03 20.19
CA GLN F 44 88.96 53.55 18.84
C GLN F 44 87.86 53.07 17.89
N MET F 45 87.65 53.82 16.82
CA MET F 45 86.88 53.33 15.68
C MET F 45 87.74 52.30 14.96
N THR F 46 87.12 51.53 14.07
CA THR F 46 87.82 50.41 13.44
C THR F 46 88.96 50.90 12.57
N LYS F 47 89.95 50.03 12.39
CA LYS F 47 91.11 50.31 11.56
C LYS F 47 90.70 50.69 10.15
N GLU F 48 89.61 50.08 9.65
CA GLU F 48 89.13 50.37 8.31
C GLU F 48 88.50 51.76 8.22
N ALA F 49 87.66 52.12 9.20
CA ALA F 49 87.09 53.46 9.28
C ALA F 49 88.18 54.53 9.40
N ARG F 50 89.13 54.30 10.31
CA ARG F 50 90.22 55.25 10.52
C ARG F 50 91.08 55.47 9.27
N GLU F 51 91.29 54.42 8.48
CA GLU F 51 92.05 54.55 7.24
C GLU F 51 91.29 55.27 6.13
N ILE F 52 89.96 55.24 6.19
CA ILE F 52 89.13 56.01 5.25
C ILE F 52 89.06 57.47 5.69
N ILE F 53 88.96 57.70 7.00
CA ILE F 53 88.95 59.06 7.55
C ILE F 53 90.30 59.76 7.30
N ALA F 54 91.40 59.01 7.30
CA ALA F 54 92.72 59.60 7.07
C ALA F 54 92.92 59.99 5.60
N HIS F 55 92.46 59.16 4.68
CA HIS F 55 92.56 59.45 3.24
C HIS F 55 91.21 59.30 2.54
N PRO F 56 90.23 60.17 2.89
CA PRO F 56 88.88 60.08 2.33
C PRO F 56 88.86 60.37 0.84
N LYS F 57 88.04 59.64 0.10
CA LYS F 57 87.83 59.90 -1.32
C LYS F 57 86.35 59.80 -1.67
N GLY F 58 85.50 60.35 -0.80
CA GLY F 58 84.08 60.47 -1.10
C GLY F 58 83.82 61.57 -2.12
N THR F 59 82.54 61.85 -2.38
CA THR F 59 82.16 62.83 -3.39
C THR F 59 81.36 64.02 -2.87
N LYS F 60 81.14 64.06 -1.56
CA LYS F 60 80.30 65.11 -0.99
C LYS F 60 80.88 66.51 -1.21
N GLU F 61 82.19 66.65 -1.00
CA GLU F 61 82.83 67.96 -1.13
C GLU F 61 83.19 68.24 -2.57
N SER F 62 83.80 67.27 -3.24
CA SER F 62 84.28 67.47 -4.61
C SER F 62 83.16 67.55 -5.65
N ARG F 63 82.02 66.90 -5.41
CA ARG F 63 80.95 66.84 -6.41
C ARG F 63 79.59 67.39 -5.97
N GLY F 64 79.36 67.50 -4.67
CA GLY F 64 78.05 67.86 -4.14
C GLY F 64 77.10 66.68 -4.02
N VAL F 65 77.66 65.47 -4.12
CA VAL F 65 76.87 64.24 -4.06
C VAL F 65 77.48 63.29 -3.00
N ILE F 66 76.67 62.90 -2.02
CA ILE F 66 77.11 61.96 -1.00
C ILE F 66 77.25 60.55 -1.57
N SER F 67 78.40 59.92 -1.34
CA SER F 67 78.64 58.54 -1.77
C SER F 67 79.12 57.70 -0.57
N LEU F 68 79.49 56.45 -0.81
CA LEU F 68 79.84 55.50 0.27
C LEU F 68 80.80 56.08 1.31
N GLN F 69 81.98 56.49 0.86
CA GLN F 69 83.03 56.94 1.77
C GLN F 69 82.60 58.12 2.65
N ASP F 70 81.75 59.00 2.11
CA ASP F 70 81.20 60.11 2.91
C ASP F 70 80.37 59.62 4.10
N TYR F 71 79.69 58.48 3.94
CA TYR F 71 78.93 57.88 5.04
C TYR F 71 79.82 57.35 6.14
N ILE F 72 80.99 56.84 5.76
CA ILE F 72 81.96 56.33 6.72
C ILE F 72 82.44 57.49 7.59
N VAL F 73 82.97 58.53 6.93
CA VAL F 73 83.60 59.66 7.60
C VAL F 73 82.64 60.36 8.56
N GLU F 74 81.36 60.43 8.20
CA GLU F 74 80.39 61.19 8.99
C GLU F 74 80.11 60.60 10.37
N GLU F 75 80.53 59.37 10.62
CA GLU F 75 80.22 58.68 11.87
C GLU F 75 81.16 59.02 13.05
N GLN F 76 82.29 59.64 12.73
CA GLN F 76 83.31 60.00 13.72
C GLN F 76 82.75 60.61 15.00
N ALA F 77 81.89 61.62 14.86
CA ALA F 77 81.38 62.38 15.99
C ALA F 77 80.43 61.57 16.88
N MET F 78 79.68 60.65 16.29
CA MET F 78 78.79 59.80 17.07
C MET F 78 79.59 58.90 18.02
N TYR F 79 80.65 58.27 17.51
CA TYR F 79 81.44 57.35 18.33
C TYR F 79 82.28 58.08 19.37
N ASP F 80 82.84 59.23 19.02
CA ASP F 80 83.54 60.04 20.01
C ASP F 80 82.57 60.51 21.09
N TRP F 81 81.33 60.79 20.72
CA TRP F 81 80.32 61.13 21.71
C TRP F 81 80.03 59.94 22.65
N LEU F 82 79.92 58.75 22.07
CA LEU F 82 79.57 57.56 22.85
C LEU F 82 80.69 57.12 23.79
N PHE F 83 81.92 57.16 23.30
CA PHE F 83 83.09 56.89 24.13
C PHE F 83 83.07 57.82 25.33
N LYS F 84 82.71 59.08 25.10
CA LYS F 84 82.64 60.05 26.18
C LYS F 84 81.42 59.89 27.08
N ASN F 85 80.26 59.56 26.51
CA ASN F 85 79.01 59.71 27.24
C ASN F 85 78.20 58.45 27.56
N HIS F 86 78.50 57.32 26.93
CA HIS F 86 77.69 56.12 27.18
C HIS F 86 77.90 55.61 28.61
N PRO F 87 76.83 55.17 29.30
CA PRO F 87 76.95 54.84 30.72
C PRO F 87 77.93 53.70 31.06
N ILE F 88 78.17 52.79 30.12
CA ILE F 88 79.27 51.83 30.23
C ILE F 88 80.52 52.51 30.76
N PHE F 89 80.83 53.67 30.20
CA PHE F 89 82.04 54.39 30.53
C PHE F 89 81.89 55.35 31.72
N THR F 90 80.73 55.99 31.81
CA THR F 90 80.52 57.04 32.82
C THR F 90 79.88 56.52 34.10
N LYS F 91 79.51 55.25 34.13
CA LYS F 91 78.95 54.65 35.34
C LYS F 91 79.64 53.35 35.75
N TYR F 92 79.97 52.52 34.76
CA TYR F 92 80.68 51.27 35.02
C TYR F 92 82.16 51.38 34.67
N GLY F 93 82.61 52.61 34.40
CA GLY F 93 84.03 52.92 34.25
C GLY F 93 84.76 52.14 33.18
N GLY F 94 84.05 51.75 32.13
CA GLY F 94 84.62 50.97 31.04
C GLY F 94 84.83 49.51 31.41
N LYS F 95 84.23 49.09 32.52
CA LYS F 95 84.37 47.72 33.01
C LYS F 95 83.15 46.88 32.65
N THR F 96 83.36 45.96 31.71
CA THR F 96 82.35 45.00 31.29
C THR F 96 82.90 43.60 31.54
N VAL F 97 81.99 42.65 31.75
CA VAL F 97 82.36 41.23 31.80
C VAL F 97 82.39 40.68 30.36
N GLY F 98 83.55 40.83 29.74
CA GLY F 98 83.75 40.49 28.32
C GLY F 98 84.25 41.72 27.60
N LYS F 99 85.11 41.54 26.60
CA LYS F 99 85.69 42.70 25.91
C LYS F 99 84.64 43.47 25.09
N LEU F 100 84.93 44.74 24.86
CA LEU F 100 84.14 45.57 23.95
C LEU F 100 84.82 45.52 22.58
N VAL F 101 84.04 45.18 21.56
CA VAL F 101 84.52 45.24 20.17
C VAL F 101 83.70 46.30 19.44
N VAL F 102 84.36 47.36 19.00
CA VAL F 102 83.71 48.42 18.26
C VAL F 102 83.49 47.95 16.82
N LYS F 103 82.23 47.94 16.40
CA LYS F 103 81.90 47.61 15.04
C LYS F 103 81.15 48.80 14.46
N ASP F 104 81.79 49.50 13.53
CA ASP F 104 81.21 50.71 12.94
C ASP F 104 81.08 50.52 11.42
N ARG F 105 80.59 51.55 10.73
CA ARG F 105 80.39 51.50 9.28
C ARG F 105 81.65 51.08 8.52
N GLY F 106 82.81 51.43 9.05
CA GLY F 106 84.09 51.01 8.48
C GLY F 106 84.19 49.51 8.30
N GLU F 107 83.69 48.74 9.25
CA GLU F 107 83.69 47.29 9.09
C GLU F 107 82.40 46.78 8.44
N GLU F 108 81.25 47.20 8.96
CA GLU F 108 79.94 46.71 8.48
C GLU F 108 79.68 47.01 7.01
N TRP F 109 79.83 48.27 6.61
CA TRP F 109 79.50 48.69 5.25
C TRP F 109 80.60 48.37 4.26
N ILE F 110 81.83 48.16 4.71
CA ILE F 110 82.97 47.97 3.80
C ILE F 110 83.53 46.54 3.76
N GLU F 111 83.75 45.93 4.91
CA GLU F 111 84.47 44.65 4.94
C GLU F 111 83.55 43.41 5.02
N GLU F 112 82.31 43.58 5.49
CA GLU F 112 81.37 42.47 5.54
C GLU F 112 81.15 41.85 4.16
N GLY F 113 80.89 40.55 4.14
CA GLY F 113 80.71 39.81 2.90
C GLY F 113 81.96 39.69 2.07
N ARG F 114 83.11 39.75 2.75
CA ARG F 114 84.42 39.76 2.11
C ARG F 114 84.52 40.81 1.00
N GLY F 115 84.03 42.01 1.32
CA GLY F 115 84.07 43.14 0.39
C GLY F 115 85.45 43.42 -0.17
N ASN F 116 86.44 43.48 0.71
CA ASN F 116 87.81 43.77 0.29
C ASN F 116 88.38 42.71 -0.66
N ASP F 117 88.01 41.45 -0.47
CA ASP F 117 88.42 40.40 -1.41
C ASP F 117 87.68 40.49 -2.74
N PHE F 118 86.39 40.81 -2.69
CA PHE F 118 85.64 41.12 -3.92
C PHE F 118 86.34 42.26 -4.65
N SER F 119 86.67 43.31 -3.90
CA SER F 119 87.35 44.48 -4.49
C SER F 119 88.65 44.12 -5.23
N LYS F 120 89.50 43.30 -4.61
CA LYS F 120 90.76 42.88 -5.22
C LYS F 120 90.56 42.00 -6.46
N ALA F 121 89.48 41.21 -6.46
CA ALA F 121 89.15 40.33 -7.59
C ALA F 121 88.52 41.08 -8.77
N SER F 122 88.08 42.32 -8.51
CA SER F 122 87.49 43.17 -9.53
C SER F 122 88.53 44.10 -10.18
N LYS F 123 88.27 44.48 -11.42
CA LYS F 123 89.08 45.49 -12.12
C LYS F 123 88.62 46.92 -11.81
N ARG F 124 87.44 47.04 -11.20
CA ARG F 124 86.95 48.34 -10.76
C ARG F 124 88.00 49.05 -9.92
N SER F 125 88.31 50.29 -10.29
CA SER F 125 89.32 51.07 -9.59
C SER F 125 90.66 50.31 -9.46
N GLY F 126 91.01 49.58 -10.51
CA GLY F 126 92.24 48.80 -10.57
C GLY F 126 92.47 47.82 -9.42
N GLY F 127 91.39 47.30 -8.85
CA GLY F 127 91.47 46.37 -7.71
C GLY F 127 91.66 47.01 -6.35
N GLU F 128 91.75 48.34 -6.31
CA GLU F 128 92.07 49.06 -5.08
C GLU F 128 90.84 49.67 -4.43
N GLY F 129 89.65 49.39 -4.98
CA GLY F 129 88.43 50.03 -4.52
C GLY F 129 87.86 49.41 -3.27
N PHE F 130 86.68 49.92 -2.87
CA PHE F 130 85.90 49.32 -1.80
C PHE F 130 84.63 48.71 -2.39
N SER F 131 84.03 47.79 -1.66
CA SER F 131 82.80 47.14 -2.10
C SER F 131 81.87 46.90 -0.92
N SER F 132 80.75 47.63 -0.88
CA SER F 132 79.71 47.38 0.11
C SER F 132 78.82 46.24 -0.35
N MET F 133 79.00 45.08 0.26
CA MET F 133 78.35 43.86 -0.19
C MET F 133 76.92 43.75 0.33
N MET F 134 76.70 44.20 1.57
CA MET F 134 75.44 43.94 2.27
C MET F 134 74.75 45.16 2.84
N TYR F 135 75.53 46.07 3.41
CA TYR F 135 75.01 47.09 4.29
C TYR F 135 75.37 48.47 3.77
N ARG F 136 74.35 49.19 3.30
CA ARG F 136 74.51 50.56 2.83
C ARG F 136 73.13 51.20 2.67
N VAL F 137 73.09 52.53 2.63
CA VAL F 137 71.84 53.25 2.42
C VAL F 137 71.82 53.89 1.04
N ALA F 138 70.63 54.25 0.58
CA ALA F 138 70.44 54.91 -0.71
C ALA F 138 70.37 56.43 -0.56
N ARG F 139 69.82 56.88 0.56
CA ARG F 139 69.59 58.29 0.83
C ARG F 139 70.33 58.66 2.11
N ASN F 140 70.05 59.82 2.68
CA ASN F 140 70.77 60.27 3.87
C ASN F 140 70.64 59.34 5.07
N SER F 141 71.67 59.36 5.91
CA SER F 141 71.65 58.61 7.15
C SER F 141 70.97 59.43 8.25
N THR F 142 70.74 58.76 9.37
CA THR F 142 70.12 59.38 10.54
C THR F 142 71.04 60.38 11.24
N LEU F 143 72.29 60.49 10.78
CA LEU F 143 73.22 61.50 11.28
C LEU F 143 73.06 62.87 10.61
N GLN F 144 72.25 62.95 9.56
CA GLN F 144 72.01 64.21 8.88
C GLN F 144 70.75 64.91 9.37
N TYR F 145 70.89 66.13 9.85
CA TYR F 145 69.75 66.96 10.24
C TYR F 145 69.83 68.34 9.57
N PRO F 146 68.66 68.89 9.22
CA PRO F 146 67.35 68.25 9.35
C PRO F 146 67.12 67.29 8.17
N ASN F 147 66.08 66.46 8.27
CA ASN F 147 65.67 65.60 7.17
C ASN F 147 64.29 65.99 6.66
N LYS F 148 63.86 65.37 5.56
CA LYS F 148 62.61 65.72 4.90
C LYS F 148 61.48 64.73 5.21
N PHE F 149 61.65 63.88 6.22
CA PHE F 149 60.64 62.90 6.57
C PHE F 149 59.43 63.56 7.21
N ILE F 150 58.23 63.16 6.78
CA ILE F 150 56.98 63.66 7.36
C ILE F 150 56.22 62.61 8.19
N GLY F 151 56.61 61.34 8.05
CA GLY F 151 55.99 60.26 8.79
C GLY F 151 54.92 59.54 7.98
N PRO F 152 54.75 58.23 8.20
CA PRO F 152 53.77 57.41 7.48
C PRO F 152 52.34 57.91 7.63
N GLU F 153 52.02 58.48 8.78
CA GLU F 153 50.68 58.98 9.08
C GLU F 153 50.26 60.08 8.11
N LYS F 154 51.23 60.84 7.62
CA LYS F 154 50.97 61.88 6.63
C LYS F 154 50.76 61.32 5.22
N CYS F 155 51.60 60.38 4.77
CA CYS F 155 51.33 59.69 3.51
C CYS F 155 49.94 59.07 3.58
N GLY F 156 49.63 58.48 4.73
CA GLY F 156 48.33 57.84 4.96
C GLY F 156 47.12 58.76 4.83
N GLU F 157 47.31 60.05 5.05
CA GLU F 157 46.21 61.03 4.88
C GLU F 157 45.65 60.98 3.46
N CYS F 158 46.53 60.91 2.46
CA CYS F 158 46.14 60.79 1.06
C CYS F 158 46.10 59.35 0.52
N HIS F 159 46.78 58.42 1.19
CA HIS F 159 46.82 57.01 0.78
C HIS F 159 46.32 56.09 1.88
N PRO F 160 45.08 56.32 2.36
CA PRO F 160 44.55 55.51 3.44
C PRO F 160 44.49 54.00 3.17
N ALA F 161 44.31 53.60 1.92
CA ALA F 161 44.20 52.16 1.62
C ALA F 161 45.54 51.48 1.85
N GLN F 162 46.59 52.03 1.27
CA GLN F 162 47.92 51.46 1.45
C GLN F 162 48.39 51.61 2.89
N TYR F 163 48.01 52.69 3.58
CA TYR F 163 48.37 52.81 4.98
C TYR F 163 47.79 51.63 5.76
N GLU F 164 46.54 51.26 5.49
CA GLU F 164 45.92 50.18 6.25
C GLU F 164 46.64 48.85 6.08
N THR F 165 46.99 48.47 4.84
CA THR F 165 47.65 47.17 4.63
C THR F 165 49.07 47.22 5.19
N TRP F 166 49.78 48.30 4.93
CA TRP F 166 51.12 48.48 5.48
C TRP F 166 51.13 48.42 7.00
N SER F 167 50.18 49.11 7.64
CA SER F 167 50.17 49.26 9.11
C SER F 167 49.87 47.97 9.86
N ARG F 168 49.23 47.02 9.22
CA ARG F 168 49.10 45.68 9.79
C ARG F 168 50.14 44.75 9.17
N SER F 169 51.38 45.23 9.10
CA SER F 169 52.49 44.44 8.59
C SER F 169 53.70 44.62 9.48
N ARG F 170 54.57 43.61 9.49
CA ARG F 170 55.75 43.64 10.34
C ARG F 170 56.80 44.67 9.91
N HIS F 171 56.69 45.17 8.68
CA HIS F 171 57.48 46.33 8.24
C HIS F 171 57.18 47.52 9.15
N ALA F 172 55.91 47.67 9.50
CA ALA F 172 55.43 48.84 10.25
C ALA F 172 55.76 48.82 11.73
N THR F 173 55.87 47.62 12.31
CA THR F 173 56.01 47.48 13.75
C THR F 173 57.34 46.85 14.17
N THR F 174 58.29 46.73 13.27
CA THR F 174 59.60 46.16 13.61
C THR F 174 60.35 47.02 14.64
N ILE F 175 60.10 48.33 14.63
CA ILE F 175 60.62 49.23 15.65
C ILE F 175 59.45 49.71 16.48
N ARG F 176 59.51 49.47 17.78
CA ARG F 176 58.45 49.89 18.69
C ARG F 176 59.00 50.41 20.01
N PHE F 177 58.19 51.21 20.70
CA PHE F 177 58.53 51.75 22.01
C PHE F 177 57.80 50.98 23.09
N PRO F 178 58.36 50.97 24.31
CA PRO F 178 57.59 50.46 25.44
C PRO F 178 56.20 51.08 25.47
N GLY F 179 55.22 50.27 25.83
CA GLY F 179 53.82 50.65 25.71
C GLY F 179 53.20 50.14 24.42
N GLU F 180 54.02 49.65 23.48
CA GLU F 180 53.50 49.15 22.20
C GLU F 180 53.62 47.64 22.02
N HIS F 181 53.49 46.89 23.12
CA HIS F 181 53.61 45.43 23.06
C HIS F 181 52.41 44.72 23.71
N PRO F 182 51.22 44.91 23.14
CA PRO F 182 50.02 44.25 23.69
C PRO F 182 50.05 42.72 23.61
N GLU F 183 50.94 42.16 22.79
CA GLU F 183 51.07 40.70 22.66
C GLU F 183 51.78 40.05 23.86
N VAL F 184 52.40 40.87 24.71
CA VAL F 184 52.92 40.42 26.00
C VAL F 184 52.29 41.23 27.14
N ASN F 185 51.07 41.70 26.91
CA ASN F 185 50.38 42.59 27.85
C ASN F 185 51.30 43.68 28.38
N ASN F 186 52.18 44.18 27.52
CA ASN F 186 53.14 45.23 27.88
C ASN F 186 54.01 44.93 29.10
N LYS F 187 54.35 43.65 29.29
CA LYS F 187 55.29 43.24 30.33
C LYS F 187 56.57 42.80 29.64
N LEU F 188 57.53 43.72 29.53
CA LEU F 188 58.81 43.42 28.90
C LEU F 188 59.82 42.76 29.84
N ASN F 189 59.53 42.71 31.14
CA ASN F 189 60.46 42.12 32.10
C ASN F 189 59.95 40.85 32.76
N ASP F 190 58.77 40.39 32.37
CA ASP F 190 58.22 39.15 32.88
C ASP F 190 58.34 38.10 31.78
N PRO F 191 58.46 36.81 32.15
CA PRO F 191 58.60 35.79 31.11
C PRO F 191 57.46 35.84 30.10
N VAL F 192 57.79 35.66 28.83
CA VAL F 192 56.80 35.68 27.76
C VAL F 192 55.97 34.41 27.84
N PHE F 193 56.65 33.27 27.84
CA PHE F 193 55.97 31.98 27.85
C PHE F 193 56.05 31.35 29.25
N ASP F 194 56.68 30.19 29.41
CA ASP F 194 56.66 29.50 30.71
C ASP F 194 57.53 30.25 31.74
N LYS F 195 57.23 30.03 33.02
CA LYS F 195 57.87 30.76 34.13
C LYS F 195 59.39 30.61 34.20
N ASP F 196 59.92 29.51 33.67
CA ASP F 196 61.36 29.27 33.65
C ASP F 196 62.05 29.83 32.39
N THR F 197 61.30 30.49 31.51
CA THR F 197 61.86 31.01 30.26
C THR F 197 61.94 32.54 30.26
N ALA F 198 62.52 33.08 29.20
CA ALA F 198 62.95 34.48 29.18
C ALA F 198 61.84 35.53 29.06
N SER F 199 62.18 36.72 29.54
CA SER F 199 61.43 37.94 29.29
C SER F 199 62.07 38.58 28.06
N ILE F 200 61.35 39.51 27.41
CA ILE F 200 61.87 40.17 26.21
C ILE F 200 63.15 40.96 26.50
N LEU F 201 63.10 41.79 27.54
CA LEU F 201 64.27 42.54 28.00
C LEU F 201 65.12 41.72 28.98
N PRO F 202 66.45 41.81 28.86
CA PRO F 202 67.29 41.09 29.80
C PRO F 202 67.23 41.59 31.23
N GLN F 203 68.00 40.90 32.07
CA GLN F 203 68.28 41.25 33.45
C GLN F 203 68.95 42.61 33.57
N GLY F 204 68.38 43.51 34.36
CA GLY F 204 68.97 44.81 34.62
C GLY F 204 68.68 45.88 33.58
N ILE F 205 67.84 45.55 32.60
CA ILE F 205 67.42 46.48 31.56
C ILE F 205 65.93 46.72 31.72
N THR F 206 65.56 47.93 32.14
CA THR F 206 64.16 48.30 32.35
C THR F 206 63.70 49.17 31.19
N PRO F 207 62.37 49.27 30.97
CA PRO F 207 61.81 50.03 29.85
C PRO F 207 62.28 51.48 29.74
N ASP F 208 62.36 52.19 30.87
CA ASP F 208 62.68 53.62 30.86
C ASP F 208 64.10 53.97 30.36
N VAL F 209 64.97 52.97 30.24
CA VAL F 209 66.32 53.17 29.72
C VAL F 209 66.49 52.56 28.31
N VAL F 210 65.36 52.15 27.72
CA VAL F 210 65.32 51.53 26.39
C VAL F 210 64.67 52.47 25.40
N TYR F 211 65.36 52.79 24.31
CA TYR F 211 64.75 53.57 23.26
C TYR F 211 63.62 52.80 22.56
N CYS F 212 63.95 51.60 22.08
CA CYS F 212 62.97 50.77 21.37
C CYS F 212 63.30 49.29 21.46
N THR F 213 62.33 48.47 21.09
CA THR F 213 62.58 47.08 20.76
C THR F 213 62.63 46.95 19.25
N VAL F 214 63.39 45.96 18.78
CA VAL F 214 63.36 45.52 17.41
C VAL F 214 62.78 44.11 17.40
N GLY F 215 61.89 43.83 16.46
CA GLY F 215 61.38 42.49 16.26
C GLY F 215 59.95 42.26 16.68
N HIS F 216 59.62 40.98 16.77
CA HIS F 216 58.27 40.51 17.03
C HIS F 216 58.35 39.13 17.70
N ILE F 217 57.21 38.68 18.21
CA ILE F 217 57.02 37.31 18.70
C ILE F 217 57.37 36.30 17.59
N ARG F 218 57.14 36.70 16.34
CA ARG F 218 57.39 35.86 15.17
C ARG F 218 58.67 35.04 15.26
N THR F 219 59.79 35.70 15.52
CA THR F 219 61.09 35.06 15.60
C THR F 219 61.87 35.46 16.85
N LYS F 220 62.09 36.76 17.02
CA LYS F 220 62.92 37.25 18.10
C LYS F 220 62.75 38.75 18.34
N PHE F 221 63.39 39.21 19.42
CA PHE F 221 63.46 40.63 19.76
C PHE F 221 64.91 41.05 20.01
N GLY F 222 65.09 42.35 20.11
CA GLY F 222 66.34 42.97 20.49
C GLY F 222 65.97 44.33 21.06
N PHE F 223 66.94 45.10 21.52
CA PHE F 223 66.65 46.41 22.03
C PHE F 223 67.81 47.35 21.79
N PHE F 224 67.47 48.64 21.76
CA PHE F 224 68.46 49.70 21.81
C PHE F 224 68.24 50.46 23.10
N ASP F 225 69.34 50.88 23.72
CA ASP F 225 69.25 51.67 24.94
C ASP F 225 68.99 53.15 24.59
N ALA F 226 68.80 53.96 25.62
CA ALA F 226 68.52 55.39 25.46
C ALA F 226 69.64 56.18 24.76
N TRP F 227 70.82 55.57 24.61
CA TRP F 227 71.97 56.21 23.96
C TRP F 227 72.12 55.68 22.52
N LEU F 228 71.08 55.01 22.02
CA LEU F 228 71.06 54.41 20.69
C LEU F 228 72.24 53.45 20.45
N LEU F 229 72.68 52.81 21.52
CA LEU F 229 73.66 51.74 21.40
C LEU F 229 72.87 50.45 21.34
N ARG F 230 73.35 49.55 20.50
CA ARG F 230 72.74 48.25 20.31
C ARG F 230 72.84 47.41 21.59
N GLY F 231 71.70 46.88 22.04
CA GLY F 231 71.66 46.08 23.27
C GLY F 231 72.37 44.75 23.10
N THR F 232 73.68 44.74 23.34
CA THR F 232 74.50 43.54 23.22
C THR F 232 74.93 42.98 24.57
N TYR F 233 74.20 43.35 25.63
CA TYR F 233 74.67 43.11 27.00
C TYR F 233 73.49 43.12 27.96
N HIS F 234 73.78 42.80 29.22
CA HIS F 234 72.82 42.99 30.29
C HIS F 234 73.57 43.40 31.56
N VAL F 235 72.85 43.51 32.66
CA VAL F 235 73.44 43.89 33.94
C VAL F 235 73.00 42.92 35.04
N GLU F 236 73.96 42.17 35.56
CA GLU F 236 73.73 41.24 36.66
C GLU F 236 73.95 41.96 37.98
N GLY F 237 73.02 41.76 38.91
CA GLY F 237 73.13 42.32 40.26
C GLY F 237 72.95 43.82 40.30
N GLY F 238 71.87 44.31 39.69
CA GLY F 238 71.58 45.73 39.65
C GLY F 238 70.89 46.19 38.39
N LEU F 239 70.85 47.51 38.19
CA LEU F 239 70.09 48.13 37.11
C LEU F 239 70.91 49.17 36.34
N LEU F 240 70.80 49.14 35.01
CA LEU F 240 71.48 50.09 34.13
C LEU F 240 71.18 51.55 34.45
N LYS F 241 69.92 51.85 34.73
CA LYS F 241 69.52 53.23 35.03
C LYS F 241 70.09 53.78 36.33
N ASN F 242 70.54 52.90 37.23
CA ASN F 242 71.18 53.31 38.48
C ASN F 242 72.71 53.23 38.45
N GLY F 243 73.27 52.68 37.38
CA GLY F 243 74.71 52.43 37.30
C GLY F 243 75.17 51.33 38.23
N THR F 244 74.22 50.57 38.77
CA THR F 244 74.52 49.52 39.74
C THR F 244 74.63 48.16 39.06
N GLY F 245 75.50 47.32 39.60
CA GLY F 245 75.76 45.99 39.07
C GLY F 245 76.95 45.97 38.15
N GLN F 246 76.98 44.97 37.27
CA GLN F 246 78.09 44.74 36.36
C GLN F 246 77.53 44.58 34.96
N ILE F 247 78.17 45.21 33.98
CA ILE F 247 77.77 45.04 32.58
C ILE F 247 78.32 43.70 32.10
N VAL F 248 77.45 42.89 31.48
CA VAL F 248 77.81 41.53 31.09
C VAL F 248 77.51 41.27 29.61
N ALA F 249 78.52 40.87 28.86
CA ALA F 249 78.36 40.58 27.44
C ALA F 249 77.36 39.44 27.19
N GLY F 250 76.47 39.65 26.22
CA GLY F 250 75.52 38.61 25.79
C GLY F 250 74.24 38.59 26.59
N GLY F 251 73.55 37.46 26.54
CA GLY F 251 72.23 37.32 27.17
C GLY F 251 71.22 38.39 26.77
N ASN F 252 71.26 38.79 25.51
CA ASN F 252 70.57 40.02 25.03
C ASN F 252 69.37 39.83 24.09
N GLN F 253 69.39 38.76 23.30
CA GLN F 253 68.42 38.56 22.23
C GLN F 253 67.37 37.55 22.64
N TRP F 254 66.15 38.00 22.88
CA TRP F 254 65.05 37.10 23.17
C TRP F 254 64.70 36.30 21.89
N GLN F 255 64.62 34.98 22.03
CA GLN F 255 64.44 34.08 20.90
C GLN F 255 63.22 33.22 21.12
N ARG F 256 62.25 33.32 20.20
CA ARG F 256 60.93 32.71 20.39
C ARG F 256 60.97 31.19 20.38
N THR F 257 61.71 30.64 19.43
CA THR F 257 61.73 29.21 19.22
C THR F 257 62.32 28.53 20.45
N TRP F 258 63.43 29.08 20.92
CA TRP F 258 64.07 28.58 22.12
C TRP F 258 63.16 28.67 23.34
N ALA F 259 62.50 29.81 23.49
CA ALA F 259 61.64 30.06 24.63
C ALA F 259 60.36 29.23 24.62
N LEU F 260 59.89 28.88 23.44
CA LEU F 260 58.58 28.22 23.32
C LEU F 260 58.66 26.79 22.84
N ASN F 261 59.47 26.54 21.82
CA ASN F 261 59.43 25.27 21.11
C ASN F 261 60.52 24.32 21.57
N LEU F 262 61.69 24.87 21.86
CA LEU F 262 62.87 24.07 22.21
C LEU F 262 63.04 23.82 23.71
N SER F 263 61.99 23.32 24.35
CA SER F 263 62.11 22.80 25.72
C SER F 263 63.22 21.76 25.77
N PRO F 264 63.84 21.58 26.94
CA PRO F 264 64.80 20.48 27.10
C PRO F 264 64.23 19.10 26.71
N GLU F 265 62.93 18.91 26.95
CA GLU F 265 62.19 17.73 26.49
C GLU F 265 62.30 17.51 24.98
N VAL F 266 62.22 18.61 24.23
CA VAL F 266 62.34 18.56 22.77
C VAL F 266 63.80 18.40 22.36
N ALA F 267 64.71 19.06 23.08
CA ALA F 267 66.13 18.97 22.79
C ALA F 267 66.69 17.56 23.00
N LYS F 268 66.17 16.87 24.01
CA LYS F 268 66.53 15.46 24.27
C LYS F 268 66.10 14.57 23.11
N LYS F 269 64.88 14.77 22.63
CA LYS F 269 64.38 14.06 21.45
C LYS F 269 65.26 14.25 20.23
N ILE F 270 65.80 15.46 20.04
CA ILE F 270 66.73 15.76 18.94
C ILE F 270 68.07 15.08 19.19
N LYS F 271 68.51 15.07 20.45
CA LYS F 271 69.79 14.47 20.84
C LYS F 271 69.85 12.96 20.53
N LYS F 272 68.71 12.28 20.55
CA LYS F 272 68.63 10.86 20.13
C LYS F 272 69.09 10.69 18.68
N TRP F 273 68.69 11.62 17.84
CA TRP F 273 69.07 11.61 16.43
C TRP F 273 70.42 12.30 16.21
N VAL F 274 70.64 13.41 16.92
CA VAL F 274 71.84 14.22 16.77
C VAL F 274 72.57 14.26 18.10
N PRO F 275 73.59 13.39 18.28
CA PRO F 275 74.18 13.20 19.62
C PRO F 275 74.79 14.46 20.26
N ASP F 276 75.38 15.34 19.45
CA ASP F 276 76.02 16.55 19.96
C ASP F 276 75.05 17.70 20.22
N PHE F 277 73.75 17.47 20.05
CA PHE F 277 72.77 18.54 20.22
C PHE F 277 72.67 18.95 21.68
N PRO F 278 72.72 20.27 21.95
CA PRO F 278 72.76 20.78 23.31
C PRO F 278 71.42 20.72 24.02
N VAL F 279 71.42 20.19 25.24
CA VAL F 279 70.23 20.14 26.08
C VAL F 279 70.30 21.09 27.27
N THR F 280 71.41 21.05 28.02
CA THR F 280 71.52 21.86 29.22
C THR F 280 71.87 23.28 28.84
N LEU F 281 71.40 24.23 29.64
CA LEU F 281 71.74 25.64 29.46
C LEU F 281 73.24 25.84 29.23
N GLU F 282 74.08 25.16 29.99
CA GLU F 282 75.54 25.29 29.81
C GLU F 282 76.01 24.79 28.44
N GLU F 283 75.32 23.81 27.88
CA GLU F 283 75.71 23.24 26.58
C GLU F 283 75.60 24.21 25.41
N TYR F 284 74.78 25.24 25.55
CA TYR F 284 74.66 26.28 24.53
C TYR F 284 75.88 27.22 24.52
N GLY F 285 76.62 27.25 25.63
CA GLY F 285 77.93 27.88 25.68
C GLY F 285 77.94 29.39 25.41
N ASP F 286 78.90 29.84 24.61
CA ASP F 286 79.05 31.26 24.26
C ASP F 286 77.76 31.81 23.67
N ASN F 287 77.03 30.94 22.97
CA ASN F 287 75.78 31.30 22.32
C ASN F 287 74.62 31.46 23.30
N GLY F 288 74.77 30.95 24.51
CA GLY F 288 73.69 30.94 25.49
C GLY F 288 73.64 32.15 26.40
N GLY F 289 73.23 31.91 27.64
CA GLY F 289 73.08 32.97 28.63
C GLY F 289 72.71 32.42 29.98
N TYR F 290 71.74 33.06 30.63
CA TYR F 290 71.38 32.73 32.01
C TYR F 290 69.94 32.22 32.17
N VAL F 291 69.14 32.36 31.12
CA VAL F 291 67.77 31.84 31.13
C VAL F 291 67.43 31.39 29.72
N ARG F 292 66.63 30.33 29.60
CA ARG F 292 66.26 29.82 28.30
C ARG F 292 65.34 30.82 27.63
N GLY F 293 65.73 31.24 26.43
CA GLY F 293 64.98 32.19 25.63
C GLY F 293 65.67 33.53 25.48
N LEU F 294 66.86 33.65 26.05
CA LEU F 294 67.68 34.86 25.91
C LEU F 294 69.11 34.47 25.58
N ALA F 295 69.43 34.50 24.29
CA ALA F 295 70.72 34.09 23.79
C ALA F 295 71.61 35.29 23.58
N SER F 296 72.87 35.02 23.25
CA SER F 296 73.86 36.05 22.97
C SER F 296 73.98 36.24 21.46
N TYR F 297 73.73 37.47 21.02
CA TYR F 297 73.80 37.82 19.60
C TYR F 297 74.61 39.09 19.44
N ALA F 298 75.55 39.05 18.50
CA ALA F 298 76.59 40.07 18.39
C ALA F 298 77.30 40.17 19.74
N ALA F 299 77.53 39.01 20.33
CA ALA F 299 78.07 38.88 21.68
C ALA F 299 78.28 37.40 21.98
N LYS F 300 79.39 37.09 22.65
CA LYS F 300 79.59 35.78 23.23
C LYS F 300 79.47 35.92 24.74
N TYR F 301 78.65 35.08 25.35
CA TYR F 301 78.26 35.22 26.75
C TYR F 301 79.48 35.37 27.66
N LYS F 302 79.53 36.48 28.39
CA LYS F 302 80.64 36.81 29.29
C LYS F 302 82.01 36.97 28.65
N LYS F 303 82.10 36.90 27.31
CA LYS F 303 83.40 36.87 26.65
C LYS F 303 83.70 38.10 25.78
N SER F 304 82.69 38.59 25.07
CA SER F 304 82.87 39.69 24.12
C SER F 304 81.52 40.25 23.71
N MET F 305 81.46 41.55 23.47
CA MET F 305 80.23 42.22 23.06
C MET F 305 80.50 43.31 22.06
N SER F 306 79.70 43.35 20.99
CA SER F 306 79.80 44.43 20.02
C SER F 306 79.38 45.74 20.67
N PHE F 307 80.21 46.75 20.48
CA PHE F 307 79.89 48.13 20.88
C PHE F 307 79.51 48.83 19.58
N GLN F 308 78.21 49.11 19.43
CA GLN F 308 77.69 49.57 18.15
C GLN F 308 76.51 50.52 18.28
N ALA F 309 76.66 51.67 17.65
CA ALA F 309 75.58 52.64 17.52
C ALA F 309 74.61 52.19 16.44
N SER F 310 73.34 52.53 16.62
CA SER F 310 72.31 52.27 15.62
C SER F 310 72.71 52.69 14.21
N THR F 311 73.56 53.72 14.11
CA THR F 311 73.97 54.31 12.84
C THR F 311 74.91 53.45 12.00
N SER F 312 75.56 52.47 12.61
CA SER F 312 76.56 51.69 11.87
C SER F 312 75.96 50.56 11.04
N TYR F 313 74.69 50.23 11.29
CA TYR F 313 74.20 48.92 10.90
C TYR F 313 72.67 48.81 10.90
N CYS F 314 72.04 48.99 12.07
CA CYS F 314 70.60 48.82 12.18
C CYS F 314 69.78 49.85 11.42
N GLU F 315 70.36 51.03 11.16
CA GLU F 315 69.60 52.05 10.45
C GLU F 315 69.42 51.67 8.99
N VAL F 316 70.24 50.75 8.50
CA VAL F 316 70.10 50.25 7.15
C VAL F 316 68.75 49.53 6.99
N CYS F 317 68.39 48.65 7.92
CA CYS F 317 67.22 47.78 7.73
C CYS F 317 66.09 47.87 8.73
N HIS F 318 66.38 48.24 9.97
CA HIS F 318 65.33 48.50 10.95
C HIS F 318 65.44 49.96 11.35
N PRO F 319 65.15 50.88 10.40
CA PRO F 319 65.46 52.29 10.67
C PRO F 319 64.46 53.01 11.57
N TRP F 320 64.84 54.20 11.96
CA TRP F 320 63.93 55.21 12.48
C TRP F 320 64.47 56.58 12.02
N LYS F 321 63.62 57.59 12.03
CA LYS F 321 64.07 58.96 11.74
C LYS F 321 63.55 59.93 12.80
N PHE F 322 64.38 60.89 13.21
CA PHE F 322 63.97 61.93 14.15
C PHE F 322 63.69 63.24 13.44
N ASP F 323 62.91 64.11 14.10
CA ASP F 323 62.46 65.36 13.49
C ASP F 323 63.31 66.60 13.87
N PHE F 324 64.48 66.37 14.48
CA PHE F 324 65.33 67.47 14.97
C PHE F 324 65.76 68.43 13.87
N LYS F 325 65.96 69.69 14.23
CA LYS F 325 66.39 70.71 13.26
C LYS F 325 67.89 70.64 12.99
N ASN F 326 68.67 70.13 13.94
CA ASN F 326 70.12 70.06 13.80
C ASN F 326 70.75 69.02 14.73
N GLU F 327 72.04 68.79 14.53
CA GLU F 327 72.82 67.84 15.35
C GLU F 327 72.75 68.16 16.85
N SER F 328 72.80 69.44 17.19
CA SER F 328 72.81 69.88 18.59
C SER F 328 71.54 69.44 19.32
N GLU F 329 70.39 69.62 18.67
CA GLU F 329 69.14 69.15 19.25
C GLU F 329 69.17 67.63 19.46
N PHE F 330 69.79 66.92 18.51
CA PHE F 330 69.87 65.47 18.53
C PHE F 330 70.77 64.96 19.66
N TYR F 331 72.03 65.37 19.65
CA TYR F 331 72.97 64.96 20.71
C TYR F 331 72.55 65.38 22.12
N ALA F 332 71.71 66.42 22.23
CA ALA F 332 71.13 66.84 23.52
C ALA F 332 70.00 65.92 24.00
N ALA F 333 69.23 65.35 23.09
CA ALA F 333 68.18 64.41 23.44
C ALA F 333 68.76 63.02 23.67
N LEU F 334 69.91 62.75 23.05
CA LEU F 334 70.58 61.46 23.12
C LEU F 334 70.86 61.12 24.58
N GLY F 335 70.48 59.91 24.98
CA GLY F 335 70.58 59.48 26.37
C GLY F 335 69.26 59.57 27.12
N ASN F 336 68.28 60.23 26.52
CA ASN F 336 66.95 60.38 27.12
C ASN F 336 65.91 59.68 26.23
N ALA F 337 65.58 58.44 26.57
CA ALA F 337 64.67 57.62 25.76
C ALA F 337 63.39 58.35 25.40
N LYS F 338 62.71 58.90 26.41
CA LYS F 338 61.39 59.49 26.21
C LYS F 338 61.42 60.73 25.31
N GLU F 339 62.51 61.49 25.37
CA GLU F 339 62.70 62.66 24.50
C GLU F 339 62.92 62.23 23.04
N LEU F 340 63.83 61.27 22.83
CA LEU F 340 64.06 60.71 21.50
C LEU F 340 62.79 60.15 20.89
N GLN F 341 62.01 59.44 21.72
CA GLN F 341 60.73 58.89 21.30
C GLN F 341 59.78 59.99 20.85
N LYS F 342 59.68 61.04 21.64
CA LYS F 342 58.78 62.16 21.34
C LYS F 342 59.10 62.79 19.99
N HIS F 343 60.37 62.83 19.64
CA HIS F 343 60.83 63.41 18.38
C HIS F 343 61.06 62.40 17.24
N THR F 344 60.47 61.21 17.34
CA THR F 344 60.58 60.20 16.28
C THR F 344 59.44 60.38 15.29
N ILE F 345 59.80 60.76 14.07
CA ILE F 345 58.81 61.04 13.03
C ILE F 345 58.46 59.78 12.23
N SER F 346 59.41 58.86 12.10
CA SER F 346 59.23 57.61 11.37
C SER F 346 59.90 56.45 12.10
N LYS F 347 59.16 55.35 12.27
CA LYS F 347 59.71 54.14 12.87
C LYS F 347 59.58 52.98 11.90
N GLY F 348 60.62 52.15 11.85
CA GLY F 348 60.59 50.93 11.05
C GLY F 348 60.62 51.20 9.56
N VAL F 349 60.17 50.21 8.80
CA VAL F 349 60.20 50.29 7.35
C VAL F 349 58.93 50.98 6.90
N SER F 350 58.91 52.29 7.06
CA SER F 350 57.72 53.10 6.75
C SER F 350 57.71 53.48 5.28
N CYS F 351 56.62 54.09 4.84
CA CYS F 351 56.48 54.51 3.43
C CYS F 351 57.73 55.16 2.93
N GLU F 352 58.26 56.10 3.71
CA GLU F 352 59.35 56.94 3.26
C GLU F 352 60.68 56.21 3.21
N GLU F 353 60.83 55.12 3.95
CA GLU F 353 62.06 54.33 3.87
C GLU F 353 62.17 53.62 2.53
N CYS F 354 61.03 53.18 2.00
CA CYS F 354 60.97 52.62 0.64
C CYS F 354 60.85 53.70 -0.43
N HIS F 355 60.02 54.70 -0.16
CA HIS F 355 59.58 55.65 -1.20
C HIS F 355 60.33 56.99 -1.20
N GLY F 356 61.25 57.18 -0.27
CA GLY F 356 61.99 58.44 -0.15
C GLY F 356 61.31 59.40 0.80
N ALA F 357 62.10 60.25 1.45
CA ALA F 357 61.56 61.29 2.35
C ALA F 357 60.64 62.26 1.61
N GLY F 358 59.41 62.39 2.10
CA GLY F 358 58.39 63.20 1.47
C GLY F 358 57.87 62.66 0.14
N GLY F 359 58.35 61.49 -0.25
CA GLY F 359 57.95 60.86 -1.51
C GLY F 359 58.01 61.82 -2.70
N HIS F 360 56.86 62.02 -3.33
CA HIS F 360 56.70 62.85 -4.52
C HIS F 360 56.28 64.29 -4.19
N LEU F 361 56.14 64.60 -2.90
CA LEU F 361 55.63 65.91 -2.48
C LEU F 361 56.63 67.03 -2.74
N GLU F 362 56.11 68.25 -2.86
CA GLU F 362 56.95 69.42 -3.10
C GLU F 362 57.76 69.72 -1.84
N GLY F 363 59.07 69.85 -2.01
CA GLY F 363 60.00 70.02 -0.90
C GLY F 363 60.70 68.73 -0.52
N GLY F 364 60.10 67.59 -0.86
CA GLY F 364 60.67 66.28 -0.56
C GLY F 364 61.90 65.96 -1.39
N SER F 365 62.46 64.78 -1.18
CA SER F 365 63.73 64.40 -1.79
C SER F 365 63.58 63.66 -3.11
N GLY F 366 62.35 63.34 -3.50
CA GLY F 366 62.10 62.67 -4.78
C GLY F 366 61.66 61.23 -4.58
N LEU F 367 60.60 60.85 -5.28
CA LEU F 367 59.99 59.53 -5.14
C LEU F 367 60.92 58.39 -5.54
N LEU F 368 60.92 57.33 -4.75
CA LEU F 368 61.59 56.09 -5.10
C LEU F 368 60.61 54.94 -5.09
N ILE F 369 60.88 53.95 -5.93
CA ILE F 369 60.21 52.68 -5.88
C ILE F 369 61.29 51.67 -5.51
N SER F 370 61.24 51.21 -4.25
CA SER F 370 62.25 50.27 -3.74
C SER F 370 62.25 48.96 -4.52
N ASN F 371 63.45 48.47 -4.81
CA ASN F 371 63.65 47.12 -5.33
C ASN F 371 64.06 46.15 -4.21
N CYS F 372 63.99 46.60 -2.97
CA CYS F 372 64.17 45.77 -1.76
C CYS F 372 65.63 45.38 -1.42
N GLU F 373 66.60 45.72 -2.27
CA GLU F 373 67.96 45.22 -2.12
C GLU F 373 68.76 45.93 -1.01
N ARG F 374 68.19 46.98 -0.45
CA ARG F 374 68.79 47.63 0.69
C ARG F 374 68.81 46.67 1.88
N CYS F 375 67.68 45.97 2.07
CA CYS F 375 67.44 45.19 3.26
C CYS F 375 67.23 43.68 3.05
N HIS F 376 67.04 43.24 1.81
CA HIS F 376 66.74 41.84 1.55
C HIS F 376 67.72 41.18 0.59
N GLN F 377 68.84 41.82 0.28
CA GLN F 377 69.76 41.23 -0.70
C GLN F 377 70.93 40.51 -0.02
N ARG F 378 71.81 41.27 0.63
CA ARG F 378 72.87 40.69 1.45
C ARG F 378 73.84 39.78 0.69
N PHE F 379 74.45 40.32 -0.35
CA PHE F 379 75.50 39.58 -1.06
C PHE F 379 76.69 39.31 -0.14
N SER F 380 77.36 38.19 -0.38
CA SER F 380 78.56 37.80 0.36
C SER F 380 79.50 37.10 -0.62
N TYR F 381 80.67 37.69 -0.87
CA TYR F 381 81.64 37.10 -1.80
C TYR F 381 82.24 35.83 -1.22
N SER F 382 82.34 34.80 -2.05
CA SER F 382 82.91 33.52 -1.64
C SER F 382 84.12 33.17 -2.50
N PRO F 383 85.34 33.28 -1.93
CA PRO F 383 86.55 32.92 -2.69
C PRO F 383 86.52 31.48 -3.22
N ASP F 384 85.85 30.59 -2.50
CA ASP F 384 85.72 29.21 -2.95
C ASP F 384 84.93 29.09 -4.25
N LEU F 385 83.78 29.75 -4.34
CA LEU F 385 83.02 29.69 -5.59
C LEU F 385 83.86 30.23 -6.76
N MET F 386 84.78 31.14 -6.46
CA MET F 386 85.69 31.65 -7.47
C MET F 386 86.73 30.60 -7.87
N ARG F 387 87.46 30.07 -6.90
CA ARG F 387 88.46 29.01 -7.14
C ARG F 387 87.88 27.81 -7.89
N ASN F 388 86.74 27.32 -7.40
CA ASN F 388 86.17 26.06 -7.89
C ASN F 388 85.71 26.10 -9.35
N ASN F 389 85.61 27.29 -9.92
CA ASN F 389 85.19 27.43 -11.30
C ASN F 389 86.05 28.47 -12.02
N PRO F 390 86.99 28.00 -12.86
CA PRO F 390 87.82 28.87 -13.72
C PRO F 390 87.06 29.68 -14.77
N LEU F 391 85.83 29.28 -15.09
CA LEU F 391 84.97 30.06 -15.99
C LEU F 391 84.47 31.37 -15.35
N ASN F 392 84.57 31.48 -14.02
CA ASN F 392 84.23 32.71 -13.32
C ASN F 392 85.38 33.71 -13.28
N ALA F 393 86.56 33.31 -13.74
CA ALA F 393 87.75 34.15 -13.72
C ALA F 393 87.46 35.49 -14.39
N GLY F 394 87.75 36.59 -13.68
CA GLY F 394 87.47 37.94 -14.16
C GLY F 394 86.08 38.44 -13.82
N LYS F 395 85.24 37.54 -13.30
CA LYS F 395 83.82 37.80 -13.11
C LYS F 395 83.42 37.43 -11.68
N PRO F 396 83.89 38.22 -10.70
CA PRO F 396 83.66 37.87 -9.30
C PRO F 396 82.20 37.97 -8.88
N ASP F 397 81.39 38.69 -9.65
CA ASP F 397 79.94 38.67 -9.46
C ASP F 397 79.40 37.24 -9.48
N LEU F 398 80.01 36.37 -10.29
CA LEU F 398 79.56 34.98 -10.36
C LEU F 398 79.89 34.15 -9.10
N ALA F 399 80.83 34.61 -8.27
CA ALA F 399 81.17 33.93 -7.02
C ALA F 399 80.48 34.50 -5.79
N LEU F 400 79.48 35.35 -6.00
CA LEU F 400 78.68 35.85 -4.88
C LEU F 400 77.79 34.74 -4.35
N SER F 401 77.55 34.82 -3.05
CA SER F 401 76.69 33.92 -2.33
C SER F 401 75.85 34.82 -1.43
N SER F 402 75.23 34.25 -0.41
CA SER F 402 74.45 35.04 0.52
C SER F 402 75.18 35.19 1.84
N LYS F 403 74.88 36.26 2.55
CA LYS F 403 75.24 36.36 3.95
C LYS F 403 74.90 35.05 4.64
N PHE F 404 75.85 34.47 5.37
CA PHE F 404 75.56 33.33 6.24
C PHE F 404 75.72 33.73 7.70
N LYS F 405 74.75 33.38 8.52
CA LYS F 405 74.90 33.51 9.96
C LYS F 405 75.41 32.18 10.49
N SER F 406 76.73 32.10 10.60
CA SER F 406 77.44 30.87 10.88
C SER F 406 77.23 29.90 9.72
N MET F 407 76.42 28.86 9.90
CA MET F 407 76.28 27.83 8.88
C MET F 407 74.95 27.87 8.11
N GLY F 408 74.04 28.75 8.53
CA GLY F 408 72.79 28.97 7.80
C GLY F 408 72.80 30.27 7.02
N PRO F 409 72.18 30.27 5.81
CA PRO F 409 72.04 31.54 5.12
C PRO F 409 71.21 32.49 5.96
N GLY F 410 71.57 33.77 5.93
CA GLY F 410 70.97 34.72 6.85
C GLY F 410 69.59 35.16 6.44
N CYS F 411 68.83 35.66 7.42
CA CYS F 411 67.61 36.37 7.12
C CYS F 411 67.95 37.56 6.24
N GLY F 412 67.00 38.02 5.43
CA GLY F 412 67.23 39.17 4.57
C GLY F 412 68.19 38.91 3.44
N SER F 413 68.24 37.67 2.98
CA SER F 413 69.15 37.26 1.92
C SER F 413 68.40 36.69 0.72
N GLU F 414 67.07 36.86 0.73
CA GLU F 414 66.21 36.41 -0.37
C GLU F 414 66.74 36.91 -1.72
N GLY F 415 67.21 38.14 -1.74
CA GLY F 415 67.71 38.77 -2.97
C GLY F 415 68.98 38.16 -3.51
N SER F 416 69.95 37.90 -2.65
CA SER F 416 71.19 37.27 -3.11
C SER F 416 70.93 35.80 -3.50
N GLN F 417 69.91 35.19 -2.90
CA GLN F 417 69.51 33.83 -3.28
C GLN F 417 68.82 33.81 -4.64
N THR F 418 67.81 34.67 -4.82
CA THR F 418 67.06 34.72 -6.09
C THR F 418 67.95 35.12 -7.25
N TYR F 419 69.01 35.87 -6.96
CA TYR F 419 69.96 36.31 -7.99
C TYR F 419 70.50 35.14 -8.80
N PHE F 420 70.73 34.01 -8.15
CA PHE F 420 71.23 32.83 -8.85
C PHE F 420 70.12 31.78 -9.04
N THR F 421 68.95 32.24 -9.51
CA THR F 421 67.84 31.36 -9.87
C THR F 421 67.37 31.63 -11.29
N ALA F 422 66.68 30.65 -11.87
CA ALA F 422 66.03 30.84 -13.18
C ALA F 422 65.06 32.01 -13.15
N HIS F 423 64.35 32.18 -12.03
CA HIS F 423 63.35 33.25 -11.92
C HIS F 423 63.98 34.62 -12.14
N TYR F 424 65.05 34.93 -11.42
CA TYR F 424 65.72 36.20 -11.62
C TYR F 424 66.23 36.35 -13.06
N GLU F 425 66.69 35.25 -13.65
CA GLU F 425 67.23 35.29 -15.00
C GLU F 425 66.11 35.60 -16.00
N LYS F 426 64.90 35.12 -15.72
CA LYS F 426 63.73 35.46 -16.55
C LYS F 426 63.13 36.83 -16.24
N GLY F 427 63.77 37.62 -15.37
CA GLY F 427 63.37 39.00 -15.11
C GLY F 427 62.47 39.20 -13.92
N MET F 428 62.26 38.15 -13.13
CA MET F 428 61.38 38.23 -11.98
C MET F 428 62.12 38.88 -10.83
N ARG F 429 61.37 39.55 -9.98
CA ARG F 429 61.92 40.32 -8.86
C ARG F 429 60.93 40.17 -7.72
N CYS F 430 61.25 40.72 -6.54
CA CYS F 430 60.38 40.56 -5.36
C CYS F 430 58.94 40.98 -5.66
N ALA F 431 58.77 42.16 -6.25
CA ALA F 431 57.44 42.69 -6.54
C ALA F 431 56.69 41.98 -7.67
N THR F 432 57.37 41.11 -8.42
CA THR F 432 56.66 40.25 -9.37
C THR F 432 55.65 39.37 -8.65
N CYS F 433 56.09 38.73 -7.57
CA CYS F 433 55.24 37.84 -6.77
C CYS F 433 54.59 38.57 -5.58
N HIS F 434 55.33 39.48 -4.96
CA HIS F 434 54.91 40.08 -3.69
C HIS F 434 54.17 41.40 -3.84
N ASP F 435 53.11 41.56 -3.07
CA ASP F 435 52.58 42.87 -2.76
C ASP F 435 53.55 43.53 -1.78
N PRO F 436 53.99 44.76 -2.07
CA PRO F 436 55.01 45.35 -1.22
C PRO F 436 54.47 46.06 0.02
N HIS F 437 53.15 46.06 0.21
CA HIS F 437 52.55 46.69 1.39
C HIS F 437 52.05 45.66 2.40
N ASP F 438 51.26 44.71 1.94
CA ASP F 438 50.64 43.71 2.81
C ASP F 438 51.56 42.48 2.94
N VAL F 439 52.73 42.71 3.53
CA VAL F 439 53.81 41.71 3.53
C VAL F 439 53.70 40.66 4.65
N THR F 440 52.71 40.78 5.52
CA THR F 440 52.57 39.89 6.66
C THR F 440 51.34 38.99 6.55
N GLY F 441 50.22 39.54 6.07
CA GLY F 441 49.01 38.76 5.84
C GLY F 441 48.15 38.56 7.07
N ASN F 442 47.08 37.78 6.92
CA ASN F 442 46.09 37.64 7.99
C ASN F 442 46.46 36.52 8.98
N VAL F 443 47.61 36.65 9.61
CA VAL F 443 48.10 35.65 10.55
C VAL F 443 47.70 36.03 11.98
N THR F 444 47.44 35.01 12.80
CA THR F 444 46.94 35.23 14.17
C THR F 444 47.79 34.46 15.18
N GLY F 445 47.47 34.64 16.46
CA GLY F 445 48.21 34.00 17.55
C GLY F 445 47.77 32.57 17.81
N GLU F 446 48.37 31.93 18.80
CA GLU F 446 48.04 30.56 19.15
C GLU F 446 47.29 30.54 20.48
N LYS F 447 46.00 30.21 20.42
CA LYS F 447 45.16 30.23 21.62
C LYS F 447 45.50 29.07 22.57
N GLY F 448 46.13 28.03 22.04
CA GLY F 448 46.59 26.90 22.86
C GLY F 448 47.75 27.23 23.79
N ILE F 449 48.53 28.26 23.46
CA ILE F 449 49.69 28.66 24.27
C ILE F 449 49.24 29.27 25.60
N LYS F 450 49.70 28.67 26.70
CA LYS F 450 49.45 29.19 28.04
C LYS F 450 50.74 29.75 28.61
N GLY F 451 50.97 31.03 28.39
CA GLY F 451 52.17 31.72 28.85
C GLY F 451 51.90 32.68 30.00
N VAL F 452 52.97 33.18 30.60
CA VAL F 452 52.87 34.12 31.71
C VAL F 452 52.42 35.48 31.21
N SER F 453 53.08 35.98 30.16
CA SER F 453 52.75 37.29 29.58
C SER F 453 52.04 37.23 28.21
N TYR F 454 52.34 36.20 27.42
CA TYR F 454 51.85 36.09 26.04
C TYR F 454 50.35 36.28 25.91
N ASN F 455 49.96 37.18 25.00
CA ASN F 455 48.57 37.46 24.67
C ASN F 455 48.30 37.05 23.23
N SER F 456 47.44 36.06 23.05
CA SER F 456 47.22 35.46 21.73
C SER F 456 46.28 36.25 20.80
N GLU F 457 45.75 37.39 21.28
CA GLU F 457 44.63 38.05 20.62
C GLU F 457 44.97 39.32 19.85
N GLN F 458 46.26 39.55 19.59
CA GLN F 458 46.69 40.82 18.98
C GLN F 458 47.02 40.69 17.48
N GLY F 459 46.30 39.83 16.79
CA GLY F 459 46.48 39.65 15.35
C GLY F 459 47.87 39.18 14.98
N TYR F 460 48.45 39.81 13.98
CA TYR F 460 49.76 39.41 13.50
C TYR F 460 50.85 39.64 14.56
N LEU F 461 50.60 40.54 15.50
CA LEU F 461 51.54 40.75 16.61
C LEU F 461 51.69 39.48 17.46
N SER F 462 50.62 38.72 17.61
CA SER F 462 50.65 37.49 18.39
C SER F 462 51.16 36.29 17.57
N SER F 463 51.28 36.45 16.26
CA SER F 463 51.51 35.30 15.38
C SER F 463 52.95 34.82 15.32
N LEU F 464 53.09 33.51 15.19
CA LEU F 464 54.39 32.88 15.05
C LEU F 464 54.80 32.76 13.59
N TYR F 465 53.90 33.13 12.67
CA TYR F 465 54.10 32.85 11.24
C TYR F 465 53.91 34.10 10.39
N SER F 466 54.22 33.95 9.11
CA SER F 466 54.01 34.99 8.09
C SER F 466 53.30 34.40 6.88
N LYS F 467 52.48 35.24 6.25
CA LYS F 467 51.69 34.86 5.08
C LYS F 467 51.57 36.05 4.12
N PRO F 468 52.69 36.49 3.52
CA PRO F 468 52.68 37.69 2.68
C PRO F 468 51.74 37.59 1.51
N LYS F 469 51.05 38.69 1.18
CA LYS F 469 50.10 38.71 0.08
C LYS F 469 50.85 38.64 -1.23
N LEU F 470 50.36 37.79 -2.14
CA LEU F 470 51.04 37.55 -3.40
C LEU F 470 50.20 37.96 -4.59
N LYS F 471 50.86 38.56 -5.57
CA LYS F 471 50.26 38.81 -6.88
C LYS F 471 50.22 37.53 -7.70
N LYS F 472 51.29 36.74 -7.63
CA LYS F 472 51.41 35.52 -8.41
C LYS F 472 51.57 34.32 -7.49
N GLU F 473 50.89 33.23 -7.82
CA GLU F 473 51.11 31.94 -7.20
C GLU F 473 51.90 31.08 -8.20
N CYS F 474 52.58 30.05 -7.73
CA CYS F 474 53.32 29.14 -8.61
C CYS F 474 52.43 28.59 -9.70
N THR F 475 51.18 28.28 -9.34
CA THR F 475 50.23 27.69 -10.27
C THR F 475 49.80 28.63 -11.40
N ASP F 476 50.05 29.94 -11.26
CA ASP F 476 49.73 30.87 -12.35
C ASP F 476 50.65 30.66 -13.56
N CYS F 477 51.92 30.31 -13.30
CA CYS F 477 52.94 30.21 -14.36
C CYS F 477 53.31 28.76 -14.73
N HIS F 478 53.14 27.84 -13.80
CA HIS F 478 53.55 26.45 -13.98
C HIS F 478 52.30 25.58 -14.06
N LYS F 479 51.70 25.54 -15.23
CA LYS F 479 50.37 24.98 -15.40
C LYS F 479 50.37 23.45 -15.50
N GLU F 480 51.41 22.89 -16.12
CA GLU F 480 51.52 21.44 -16.22
C GLU F 480 51.76 20.83 -14.85
N GLN F 481 52.64 21.47 -14.08
CA GLN F 481 52.92 21.06 -12.71
C GLN F 481 51.67 21.19 -11.85
N ALA F 482 50.95 22.31 -12.02
CA ALA F 482 49.71 22.54 -11.28
C ALA F 482 48.67 21.49 -11.61
N TYR F 483 48.55 21.17 -12.90
CA TYR F 483 47.53 20.22 -13.33
C TYR F 483 47.75 18.86 -12.66
N ILE F 484 48.97 18.35 -12.75
CA ILE F 484 49.30 17.03 -12.19
C ILE F 484 49.17 17.00 -10.68
N GLN F 485 49.66 18.05 -10.04
CA GLN F 485 49.63 18.16 -8.59
C GLN F 485 48.21 18.35 -8.02
N SER F 486 47.26 18.70 -8.88
CA SER F 486 45.86 18.86 -8.47
C SER F 486 45.13 17.54 -8.28
N LYS F 487 45.64 16.48 -8.88
CA LYS F 487 44.99 15.16 -8.79
C LYS F 487 45.20 14.58 -7.40
N ALA F 488 44.17 13.97 -6.83
CA ALA F 488 44.23 13.42 -5.47
C ALA F 488 45.39 12.43 -5.30
N ASP F 489 46.34 12.78 -4.44
CA ASP F 489 47.49 11.93 -4.18
C ASP F 489 48.20 12.39 -2.90
N THR F 490 49.21 11.63 -2.52
CA THR F 490 50.06 11.87 -1.36
C THR F 490 50.29 13.34 -0.92
N HIS F 491 50.76 14.19 -1.83
CA HIS F 491 51.08 15.58 -1.49
C HIS F 491 50.19 16.60 -2.22
N SER F 492 49.08 16.13 -2.79
CA SER F 492 48.22 17.01 -3.57
C SER F 492 47.63 18.16 -2.75
N LYS F 493 47.47 17.95 -1.46
CA LYS F 493 46.96 19.00 -0.57
C LYS F 493 48.04 20.01 -0.15
N ASN F 494 49.30 19.72 -0.40
CA ASN F 494 50.34 20.65 0.01
C ASN F 494 50.56 21.72 -1.04
N SER F 495 51.02 22.88 -0.57
CA SER F 495 51.39 23.96 -1.45
C SER F 495 52.68 23.60 -2.19
N CYS F 496 52.85 24.19 -3.36
CA CYS F 496 54.11 24.12 -4.09
C CYS F 496 55.29 24.57 -3.23
N ALA F 497 55.09 25.66 -2.49
CA ALA F 497 56.12 26.21 -1.62
C ALA F 497 56.57 25.23 -0.52
N SER F 498 55.69 24.37 -0.07
CA SER F 498 56.03 23.42 1.01
C SER F 498 57.31 22.63 0.69
N CYS F 499 57.44 22.12 -0.53
CA CYS F 499 58.65 21.41 -0.94
C CYS F 499 59.73 22.37 -1.46
N HIS F 500 59.31 23.36 -2.23
CA HIS F 500 60.25 24.17 -2.99
C HIS F 500 60.87 25.32 -2.23
N MET F 501 60.25 25.73 -1.13
CA MET F 501 60.74 26.86 -0.35
C MET F 501 60.85 26.49 1.14
N PRO F 502 61.78 25.59 1.47
CA PRO F 502 61.94 25.28 2.89
C PRO F 502 62.53 26.45 3.68
N PHE F 503 62.28 26.44 4.98
CA PHE F 503 62.83 27.47 5.86
C PHE F 503 64.29 27.17 6.21
N MET F 504 65.19 27.44 5.28
CA MET F 504 66.60 27.19 5.47
C MET F 504 67.32 28.28 6.27
N MET F 505 66.70 29.43 6.46
CA MET F 505 67.46 30.61 6.85
C MET F 505 67.50 30.87 8.35
N SER F 506 68.69 31.27 8.81
CA SER F 506 68.89 31.65 10.20
C SER F 506 68.73 33.16 10.41
N CYS F 507 67.80 33.51 11.29
CA CYS F 507 67.63 34.89 11.73
C CYS F 507 68.42 35.18 13.01
N GLU F 508 68.48 34.19 13.89
CA GLU F 508 69.06 34.37 15.23
C GLU F 508 70.57 34.12 15.33
N ASN F 509 71.14 33.46 14.33
CA ASN F 509 72.52 32.97 14.43
C ASN F 509 72.70 32.05 15.65
N PHE F 510 71.72 31.17 15.83
CA PHE F 510 71.73 30.21 16.92
C PHE F 510 72.55 29.01 16.46
N TYR F 511 73.85 29.25 16.28
CA TYR F 511 74.80 28.26 15.78
C TYR F 511 74.92 27.02 16.68
N ALA F 512 74.56 27.18 17.96
CA ALA F 512 74.53 26.06 18.88
C ALA F 512 73.62 24.93 18.40
N ILE F 513 72.52 25.28 17.73
CA ILE F 513 71.58 24.27 17.22
C ILE F 513 71.62 24.06 15.70
N GLN F 514 72.68 24.52 15.04
CA GLN F 514 72.79 24.43 13.57
C GLN F 514 73.50 23.15 13.16
N PHE F 515 72.74 22.20 12.62
CA PHE F 515 73.30 20.94 12.11
C PHE F 515 72.75 20.75 10.71
N GLN F 516 73.39 21.40 9.76
CA GLN F 516 72.80 21.66 8.46
C GLN F 516 72.66 20.41 7.59
N ASP F 517 73.50 19.40 7.82
CA ASP F 517 73.37 18.14 7.11
C ASP F 517 72.06 17.43 7.51
N GLN F 518 71.51 17.80 8.67
CA GLN F 518 70.21 17.31 9.16
C GLN F 518 69.07 18.31 8.92
N ALA F 519 69.32 19.36 8.13
CA ALA F 519 68.29 20.33 7.75
C ALA F 519 67.55 20.87 8.97
N GLY F 520 68.32 21.22 10.00
CA GLY F 520 67.81 21.84 11.21
C GLY F 520 68.99 22.48 11.94
N PHE F 521 68.76 23.16 13.05
CA PHE F 521 67.43 23.41 13.62
C PHE F 521 67.15 24.90 13.83
N ASP F 522 67.98 25.75 13.22
CA ASP F 522 67.91 27.20 13.33
C ASP F 522 67.38 27.75 12.00
N THR F 523 66.06 27.71 11.87
CA THR F 523 65.39 27.71 10.58
C THR F 523 64.14 28.57 10.66
N GLN F 524 64.31 29.87 10.42
CA GLN F 524 63.26 30.84 10.71
C GLN F 524 62.76 31.67 9.53
N ARG F 525 63.44 31.59 8.39
CA ARG F 525 62.99 32.31 7.21
C ARG F 525 63.08 31.44 5.98
N ARG F 526 62.37 31.87 4.93
CA ARG F 526 62.07 31.01 3.81
C ARG F 526 63.02 31.18 2.63
N ALA F 527 63.67 30.09 2.25
CA ALA F 527 64.59 30.08 1.12
C ALA F 527 63.89 30.46 -0.18
N HIS F 528 64.57 31.26 -0.98
CA HIS F 528 64.08 31.71 -2.28
C HIS F 528 65.01 31.21 -3.38
N ILE F 529 64.95 29.90 -3.62
CA ILE F 529 65.87 29.19 -4.51
C ILE F 529 65.10 28.37 -5.52
N TRP F 530 64.09 27.66 -5.04
CA TRP F 530 63.11 26.92 -5.85
C TRP F 530 63.61 25.63 -6.47
N LYS F 531 64.73 25.69 -7.18
CA LYS F 531 65.32 24.50 -7.78
C LYS F 531 65.64 23.44 -6.72
N ILE F 532 65.08 22.25 -6.87
CA ILE F 532 65.41 21.13 -5.98
C ILE F 532 66.39 20.23 -6.73
N ASP F 533 67.54 19.95 -6.10
CA ASP F 533 68.51 19.03 -6.67
C ASP F 533 68.15 17.65 -6.18
N VAL F 534 68.31 16.65 -7.03
CA VAL F 534 68.00 15.28 -6.67
C VAL F 534 69.28 14.47 -6.69
N ASP F 535 69.81 14.23 -5.49
CA ASP F 535 71.10 13.59 -5.32
C ASP F 535 71.15 12.93 -3.95
N PRO F 536 71.92 11.84 -3.80
CA PRO F 536 71.98 11.17 -2.49
C PRO F 536 72.85 11.84 -1.43
N ALA F 537 73.82 12.66 -1.82
CA ALA F 537 74.78 13.23 -0.86
C ALA F 537 75.07 14.75 -0.97
N ARG F 538 75.05 15.30 -2.18
CA ARG F 538 75.33 16.73 -2.41
C ARG F 538 74.49 17.69 -1.57
N LYS F 539 75.13 18.63 -0.91
CA LYS F 539 74.45 19.54 0.01
C LYS F 539 74.31 20.96 -0.58
N SER F 540 73.21 21.62 -0.24
CA SER F 540 73.01 23.03 -0.59
C SER F 540 74.05 23.90 0.09
N LEU F 541 74.23 23.65 1.39
CA LEU F 541 75.10 24.45 2.23
C LEU F 541 76.40 23.70 2.48
N VAL F 542 77.52 24.35 2.21
CA VAL F 542 78.84 23.78 2.49
C VAL F 542 79.74 24.76 3.22
N ALA F 543 80.73 24.20 3.92
CA ALA F 543 81.66 24.98 4.70
C ALA F 543 82.74 25.52 3.79
N GLY F 544 83.37 26.61 4.21
CA GLY F 544 84.49 27.18 3.46
C GLY F 544 85.74 26.31 3.51
N SER F 545 86.63 26.49 2.55
CA SER F 545 87.89 25.75 2.54
C SER F 545 88.82 26.16 3.69
N THR F 546 88.52 27.30 4.32
CA THR F 546 89.23 27.74 5.53
C THR F 546 88.66 27.14 6.81
N SER F 547 87.57 26.38 6.69
CA SER F 547 87.01 25.67 7.82
C SER F 547 87.94 24.51 8.17
N LYS F 548 88.24 24.37 9.45
CA LYS F 548 89.13 23.33 9.97
C LYS F 548 88.33 22.25 10.68
N ASP F 549 87.40 22.66 11.54
CA ASP F 549 86.47 21.74 12.18
C ASP F 549 85.10 21.90 11.52
N PRO F 550 84.36 20.78 11.33
CA PRO F 550 83.02 20.84 10.72
C PRO F 550 81.97 21.76 11.40
N ARG F 551 82.25 22.25 12.59
CA ARG F 551 81.35 23.16 13.31
C ARG F 551 81.94 24.55 13.58
N ASP F 552 83.09 24.88 13.00
CA ASP F 552 83.72 26.18 13.25
C ASP F 552 83.00 27.33 12.53
N GLY F 553 82.21 27.00 11.51
CA GLY F 553 81.38 27.98 10.82
C GLY F 553 82.15 28.97 9.98
N LYS F 554 83.30 28.56 9.47
CA LYS F 554 84.13 29.45 8.64
C LYS F 554 83.70 29.43 7.18
N ASP F 555 83.20 30.58 6.71
CA ASP F 555 83.00 30.87 5.28
C ASP F 555 82.00 29.94 4.60
N TRP F 556 80.87 29.69 5.25
CA TRP F 556 79.83 28.86 4.66
C TRP F 556 79.16 29.59 3.50
N HIS F 557 78.68 28.83 2.54
CA HIS F 557 78.11 29.39 1.33
C HIS F 557 77.26 28.37 0.61
N PHE F 558 76.49 28.83 -0.36
CA PHE F 558 75.70 27.95 -1.19
C PHE F 558 76.64 27.27 -2.16
N GLU F 559 76.25 26.05 -2.56
CA GLU F 559 76.88 25.40 -3.70
C GLU F 559 76.10 25.76 -4.94
N ARG F 560 76.77 25.70 -6.08
CA ARG F 560 76.16 26.01 -7.36
C ARG F 560 76.10 24.74 -8.19
N ASN F 561 74.95 24.49 -8.80
CA ASN F 561 74.81 23.33 -9.63
C ASN F 561 75.43 23.57 -11.00
N GLU F 562 75.29 22.58 -11.88
CA GLU F 562 75.86 22.58 -13.22
C GLU F 562 75.45 23.79 -14.09
N GLU F 563 74.32 24.42 -13.74
CA GLU F 563 73.80 25.56 -14.49
C GLU F 563 74.10 26.89 -13.81
N GLY F 564 74.88 26.87 -12.74
CA GLY F 564 75.29 28.10 -12.07
C GLY F 564 74.24 28.66 -11.14
N ARG F 565 73.35 27.80 -10.65
CA ARG F 565 72.26 28.24 -9.80
C ARG F 565 72.32 27.60 -8.44
N ASN F 566 71.75 28.30 -7.47
CA ASN F 566 71.51 27.74 -6.14
C ASN F 566 70.50 26.61 -6.24
N PHE F 567 70.52 25.72 -5.26
CA PHE F 567 69.58 24.60 -5.22
C PHE F 567 69.29 24.17 -3.80
N VAL F 568 68.18 23.46 -3.65
CA VAL F 568 67.70 22.95 -2.38
C VAL F 568 67.92 21.44 -2.40
N ASP F 569 68.71 20.92 -1.46
CA ASP F 569 68.96 19.47 -1.43
C ASP F 569 67.74 18.81 -0.84
N LEU F 570 67.66 17.50 -0.99
CA LEU F 570 66.45 16.76 -0.63
C LEU F 570 66.19 16.72 0.86
N MET F 571 67.24 16.81 1.67
CA MET F 571 67.05 16.85 3.11
C MET F 571 66.25 18.12 3.46
N TRP F 572 66.69 19.27 2.98
CA TRP F 572 65.93 20.50 3.20
C TRP F 572 64.53 20.44 2.60
N ALA F 573 64.41 19.90 1.39
CA ALA F 573 63.13 19.93 0.68
C ALA F 573 62.06 19.09 1.38
N CYS F 574 62.47 17.97 1.98
CA CYS F 574 61.53 16.97 2.47
C CYS F 574 61.57 16.73 3.97
N ALA F 575 62.75 16.87 4.60
CA ALA F 575 62.99 16.33 5.94
C ALA F 575 63.35 17.39 6.97
N ARG F 576 63.19 18.64 6.60
CA ARG F 576 63.64 19.77 7.42
C ARG F 576 62.85 19.94 8.69
N THR F 577 63.50 20.50 9.71
CA THR F 577 62.84 20.75 10.97
C THR F 577 62.78 22.25 11.23
N THR F 578 61.59 22.72 11.54
CA THR F 578 61.36 24.14 11.79
C THR F 578 60.11 24.35 12.64
N TRP F 579 60.00 25.53 13.23
CA TRP F 579 58.78 25.95 13.93
C TRP F 579 58.27 27.29 13.37
N ALA F 580 58.71 27.63 12.17
CA ALA F 580 58.27 28.86 11.49
C ALA F 580 57.38 28.61 10.27
N ASP F 581 57.18 27.34 9.91
CA ASP F 581 56.50 26.98 8.66
C ASP F 581 55.07 26.54 8.92
N LYS F 582 54.10 27.40 8.63
CA LYS F 582 52.69 27.04 8.80
C LYS F 582 52.27 25.80 7.99
N ASP F 583 52.74 25.68 6.74
CA ASP F 583 52.33 24.56 5.89
C ASP F 583 52.77 23.22 6.47
N GLN F 584 53.99 23.22 7.01
CA GLN F 584 54.57 22.04 7.65
C GLN F 584 53.80 21.65 8.91
N ALA F 585 53.42 22.64 9.71
CA ALA F 585 52.64 22.40 10.92
C ALA F 585 51.28 21.82 10.59
N GLU F 586 50.67 22.28 9.50
CA GLU F 586 49.35 21.80 9.09
C GLU F 586 49.42 20.53 8.20
N ALA F 587 50.62 20.00 7.97
CA ALA F 587 50.79 18.75 7.23
C ALA F 587 51.67 17.78 8.02
N LYS F 588 51.27 17.52 9.27
CA LYS F 588 51.88 16.50 10.11
C LYS F 588 53.36 16.69 10.34
N GLY F 589 53.84 17.93 10.23
CA GLY F 589 55.26 18.21 10.35
C GLY F 589 56.13 17.62 9.25
N CYS F 590 55.52 17.30 8.11
CA CYS F 590 56.25 16.66 7.01
C CYS F 590 57.02 15.41 7.50
N HIS F 591 58.32 15.32 7.17
CA HIS F 591 59.15 14.14 7.45
C HIS F 591 60.30 14.37 8.42
N SER F 592 60.23 15.45 9.19
CA SER F 592 61.24 15.71 10.23
C SER F 592 61.24 14.59 11.27
N PRO F 593 62.40 13.98 11.55
CA PRO F 593 62.38 13.07 12.69
C PRO F 593 61.93 13.72 14.00
N VAL F 594 62.05 15.05 14.10
CA VAL F 594 61.80 15.80 15.33
C VAL F 594 60.34 16.23 15.49
N VAL F 595 59.77 16.84 14.45
CA VAL F 595 58.38 17.34 14.52
C VAL F 595 57.34 16.56 13.70
N SER F 596 57.75 15.52 12.96
CA SER F 596 56.79 14.74 12.19
C SER F 596 55.82 13.97 13.08
N GLU F 597 54.55 14.02 12.71
CA GLU F 597 53.51 13.20 13.35
C GLU F 597 53.16 11.98 12.50
N LEU F 598 53.89 11.76 11.40
CA LEU F 598 53.68 10.60 10.56
C LEU F 598 54.24 9.34 11.22
N LYS F 599 53.92 8.19 10.65
CA LYS F 599 54.53 6.93 11.08
C LYS F 599 56.05 7.06 10.95
N GLU F 600 56.77 6.35 11.81
CA GLU F 600 58.20 6.53 12.03
C GLU F 600 59.03 6.15 10.80
N THR F 601 58.48 5.26 9.99
CA THR F 601 59.11 4.90 8.72
C THR F 601 59.05 6.04 7.68
N LEU F 602 58.21 7.05 7.91
CA LEU F 602 58.24 8.27 7.10
C LEU F 602 58.97 9.44 7.79
N HIS F 603 59.83 9.12 8.77
CA HIS F 603 60.73 10.11 9.34
C HIS F 603 62.05 9.94 8.59
N PHE F 604 62.47 10.96 7.86
CA PHE F 604 63.68 10.83 7.06
C PHE F 604 64.91 11.30 7.84
N LYS F 605 65.89 10.41 7.98
CA LYS F 605 67.05 10.62 8.85
C LYS F 605 68.29 11.11 8.13
N ASP F 606 68.41 10.80 6.85
CA ASP F 606 69.50 11.33 6.05
C ASP F 606 69.05 11.49 4.61
N GLN F 607 69.86 12.19 3.85
CA GLN F 607 69.49 12.58 2.50
C GLN F 607 69.42 11.36 1.61
N LYS F 608 70.24 10.38 1.94
CA LYS F 608 70.26 9.12 1.22
C LYS F 608 68.91 8.42 1.34
N GLN F 609 68.30 8.49 2.51
CA GLN F 609 66.99 7.90 2.68
C GLN F 609 65.98 8.65 1.83
N VAL F 610 66.11 9.97 1.79
CA VAL F 610 65.17 10.78 1.02
C VAL F 610 65.32 10.47 -0.48
N TYR F 611 66.56 10.42 -0.95
CA TYR F 611 66.85 10.10 -2.34
C TYR F 611 66.22 8.77 -2.80
N ASN F 612 66.25 7.76 -1.92
CA ASN F 612 65.67 6.46 -2.21
C ASN F 612 64.17 6.52 -2.38
N GLU F 613 63.52 7.39 -1.62
CA GLU F 613 62.08 7.60 -1.76
C GLU F 613 61.77 8.31 -3.08
N VAL F 614 62.57 9.32 -3.41
CA VAL F 614 62.41 10.03 -4.67
C VAL F 614 62.60 9.06 -5.82
N MET F 615 63.70 8.30 -5.80
CA MET F 615 63.98 7.30 -6.82
C MET F 615 62.89 6.22 -6.89
N GLY F 616 62.24 5.92 -5.77
CA GLY F 616 61.12 4.97 -5.75
C GLY F 616 59.96 5.38 -6.67
N TRP F 617 59.82 6.68 -6.87
CA TRP F 617 58.84 7.21 -7.78
C TRP F 617 59.45 7.52 -9.15
N GLN F 618 60.59 8.20 -9.17
CA GLN F 618 61.18 8.64 -10.43
C GLN F 618 61.69 7.51 -11.32
N THR F 619 62.28 6.48 -10.74
CA THR F 619 62.88 5.42 -11.54
C THR F 619 61.85 4.69 -12.39
N PRO F 620 60.71 4.28 -11.79
CA PRO F 620 59.69 3.63 -12.61
C PRO F 620 59.04 4.54 -13.65
N VAL F 621 58.83 5.80 -13.30
CA VAL F 621 58.29 6.77 -14.26
C VAL F 621 59.27 6.94 -15.43
N LYS F 622 60.53 7.20 -15.12
CA LYS F 622 61.56 7.37 -16.15
C LYS F 622 61.69 6.15 -17.06
N ASP F 623 61.62 4.96 -16.48
CA ASP F 623 61.68 3.73 -17.29
C ASP F 623 60.52 3.63 -18.26
N LYS F 624 59.29 3.73 -17.75
CA LYS F 624 58.11 3.62 -18.61
C LYS F 624 58.09 4.71 -19.68
N PHE F 625 58.51 5.91 -19.29
CA PHE F 625 58.58 7.06 -20.20
C PHE F 625 59.54 6.81 -21.37
N THR F 626 60.75 6.36 -21.05
CA THR F 626 61.75 6.02 -22.06
C THR F 626 61.23 4.92 -22.99
N GLN F 627 60.66 3.88 -22.37
CA GLN F 627 60.05 2.77 -23.09
C GLN F 627 58.98 3.27 -24.08
N VAL F 628 58.19 4.27 -23.68
CA VAL F 628 57.20 4.86 -24.58
C VAL F 628 57.88 5.61 -25.72
N LYS F 629 58.91 6.40 -25.40
CA LYS F 629 59.64 7.14 -26.43
C LYS F 629 60.28 6.20 -27.44
N VAL F 630 60.90 5.14 -26.93
CA VAL F 630 61.49 4.11 -27.78
C VAL F 630 60.43 3.51 -28.70
N GLY F 631 59.32 3.07 -28.11
CA GLY F 631 58.19 2.53 -28.86
C GLY F 631 57.63 3.48 -29.92
N ILE F 632 57.50 4.76 -29.57
CA ILE F 632 57.02 5.78 -30.52
C ILE F 632 57.93 5.88 -31.72
N GLN F 633 59.23 5.94 -31.49
CA GLN F 633 60.22 6.04 -32.56
C GLN F 633 60.33 4.74 -33.37
N GLY F 634 60.20 3.61 -32.68
CA GLY F 634 60.20 2.31 -33.34
C GLY F 634 59.07 2.18 -34.34
N LEU F 635 57.86 2.49 -33.90
CA LEU F 635 56.67 2.40 -34.75
C LEU F 635 56.73 3.43 -35.87
N TYR F 636 57.02 4.67 -35.52
CA TYR F 636 57.15 5.76 -36.49
C TYR F 636 58.13 5.40 -37.60
N SER F 637 59.21 4.71 -37.21
CA SER F 637 60.25 4.27 -38.13
C SER F 637 59.79 3.15 -39.08
N LEU F 638 58.80 2.38 -38.68
CA LEU F 638 58.23 1.32 -39.53
C LEU F 638 57.14 1.84 -40.47
N LEU F 639 56.49 2.94 -40.10
CA LEU F 639 55.53 3.60 -41.00
C LEU F 639 56.25 4.11 -42.24
N GLU F 640 57.51 4.49 -42.07
CA GLU F 640 58.33 5.14 -43.09
C GLU F 640 58.23 4.51 -44.49
N VAL F 641 58.49 3.22 -44.63
CA VAL F 641 58.13 2.50 -45.89
C VAL F 641 57.29 1.23 -45.75
N LYS F 642 57.45 0.48 -44.66
CA LYS F 642 56.76 -0.81 -44.56
C LYS F 642 55.25 -0.58 -44.65
N LYS F 643 54.65 -1.02 -45.75
CA LYS F 643 53.27 -0.69 -46.09
C LYS F 643 52.27 -1.53 -45.33
N LEU F 644 51.33 -0.86 -44.66
CA LEU F 644 50.20 -1.51 -44.00
C LEU F 644 48.95 -1.17 -44.77
N ALA F 645 47.88 -1.91 -44.49
CA ALA F 645 46.57 -1.56 -45.00
C ALA F 645 46.24 -0.16 -44.48
N PRO F 646 46.25 0.86 -45.35
CA PRO F 646 46.23 2.27 -44.91
C PRO F 646 45.33 2.58 -43.71
N SER F 647 44.22 1.86 -43.59
CA SER F 647 43.34 1.97 -42.42
C SER F 647 44.08 1.63 -41.11
N ASP F 648 44.95 0.62 -41.15
CA ASP F 648 45.79 0.24 -40.02
C ASP F 648 46.90 1.26 -39.77
N LYS F 649 47.49 1.79 -40.84
CA LYS F 649 48.49 2.87 -40.75
C LYS F 649 47.93 4.09 -40.01
N THR F 650 46.67 4.42 -40.30
CA THR F 650 45.99 5.50 -39.58
C THR F 650 45.90 5.17 -38.09
N ARG F 651 45.46 3.96 -37.78
CA ARG F 651 45.30 3.53 -36.39
C ARG F 651 46.61 3.65 -35.61
N VAL F 652 47.68 3.15 -36.23
CA VAL F 652 49.01 3.21 -35.67
C VAL F 652 49.44 4.66 -35.42
N TYR F 653 49.23 5.53 -36.40
CA TYR F 653 49.58 6.94 -36.24
C TYR F 653 48.78 7.55 -35.08
N GLU F 654 47.49 7.28 -35.06
CA GLU F 654 46.60 7.76 -34.02
C GLU F 654 47.06 7.40 -32.61
N LEU F 655 47.53 6.17 -32.42
CA LEU F 655 47.92 5.70 -31.11
C LEU F 655 49.21 6.35 -30.61
N ILE F 656 50.23 6.38 -31.46
CA ILE F 656 51.50 7.03 -31.09
C ILE F 656 51.34 8.55 -30.97
N GLU F 657 50.39 9.13 -31.68
CA GLU F 657 50.05 10.53 -31.53
C GLU F 657 49.56 10.78 -30.11
N LYS F 658 48.65 9.94 -29.62
CA LYS F 658 48.13 10.11 -28.27
C LYS F 658 49.20 9.78 -27.22
N ALA F 659 50.03 8.78 -27.48
CA ALA F 659 51.16 8.46 -26.63
C ALA F 659 52.16 9.62 -26.59
N GLN F 660 52.28 10.34 -27.70
CA GLN F 660 53.16 11.50 -27.76
C GLN F 660 52.67 12.62 -26.87
N ASP F 661 51.34 12.79 -26.77
CA ASP F 661 50.75 13.79 -25.86
C ASP F 661 51.17 13.52 -24.43
N THR F 662 51.18 12.24 -24.05
CA THR F 662 51.58 11.83 -22.72
C THR F 662 53.06 12.13 -22.48
N VAL F 663 53.91 11.75 -23.43
CA VAL F 663 55.33 12.08 -23.38
C VAL F 663 55.51 13.58 -23.16
N ASP F 664 54.79 14.38 -23.94
CA ASP F 664 54.92 15.84 -23.87
C ASP F 664 54.54 16.40 -22.51
N LEU F 665 53.40 15.97 -21.98
CA LEU F 665 52.96 16.42 -20.66
C LEU F 665 54.01 16.16 -19.58
N ILE F 666 54.56 14.95 -19.59
CA ILE F 666 55.45 14.50 -18.52
C ILE F 666 56.84 15.13 -18.60
N GLU F 667 57.36 15.24 -19.82
CA GLU F 667 58.62 15.96 -20.05
C GLU F 667 58.48 17.43 -19.62
N LYS F 668 57.32 18.02 -19.91
CA LYS F 668 57.06 19.41 -19.53
C LYS F 668 56.93 19.54 -18.01
N ASP F 669 56.16 18.65 -17.38
CA ASP F 669 56.05 18.67 -15.91
C ASP F 669 57.43 18.60 -15.32
N GLY F 670 58.18 17.60 -15.77
CA GLY F 670 59.60 17.48 -15.45
C GLY F 670 59.93 17.04 -14.03
N SER F 671 58.94 16.53 -13.29
CA SER F 671 59.18 16.04 -11.92
C SER F 671 59.25 14.52 -11.83
N TRP F 672 58.97 13.85 -12.95
CA TRP F 672 59.08 12.40 -13.06
C TRP F 672 58.32 11.66 -11.96
N GLY F 673 57.12 12.16 -11.65
CA GLY F 673 56.24 11.50 -10.71
C GLY F 673 56.19 12.17 -9.35
N MET F 674 57.11 13.09 -9.09
CA MET F 674 57.16 13.78 -7.81
C MET F 674 55.98 14.69 -7.56
N HIS F 675 55.35 15.18 -8.64
CA HIS F 675 54.16 16.03 -8.53
C HIS F 675 52.85 15.26 -8.49
N GLY F 676 52.89 13.94 -8.64
CA GLY F 676 51.68 13.14 -8.60
C GLY F 676 51.94 11.80 -9.25
N PHE F 677 52.42 10.86 -8.45
CA PHE F 677 52.86 9.57 -8.97
C PHE F 677 51.72 8.84 -9.63
N LYS F 678 50.59 8.79 -8.94
CA LYS F 678 49.42 8.04 -9.39
C LYS F 678 48.99 8.47 -10.78
N TYR F 679 48.74 9.77 -10.96
CA TYR F 679 48.29 10.26 -12.24
C TYR F 679 49.36 10.03 -13.29
N THR F 680 50.61 10.34 -12.96
CA THR F 680 51.69 10.15 -13.93
C THR F 680 51.74 8.70 -14.42
N LYS F 681 51.52 7.75 -13.50
CA LYS F 681 51.43 6.33 -13.83
C LYS F 681 50.15 5.99 -14.64
N GLN F 682 49.03 6.61 -14.29
CA GLN F 682 47.80 6.48 -15.10
C GLN F 682 48.08 6.81 -16.58
N ARG F 683 48.80 7.90 -16.83
CA ARG F 683 49.08 8.34 -18.19
C ARG F 683 50.07 7.39 -18.86
N LEU F 684 51.13 7.03 -18.16
CA LEU F 684 52.16 6.18 -18.76
C LEU F 684 51.65 4.77 -19.02
N ASP F 685 50.78 4.27 -18.15
CA ASP F 685 50.11 2.98 -18.38
C ASP F 685 49.27 3.04 -19.66
N ALA F 686 48.40 4.04 -19.76
CA ALA F 686 47.64 4.26 -20.98
C ALA F 686 48.56 4.23 -22.20
N ALA F 687 49.67 4.95 -22.11
CA ALA F 687 50.60 5.11 -23.24
C ALA F 687 51.29 3.79 -23.58
N VAL F 688 51.57 3.00 -22.55
CA VAL F 688 52.11 1.66 -22.71
C VAL F 688 51.14 0.80 -23.53
N GLU F 689 49.86 0.84 -23.16
CA GLU F 689 48.82 0.14 -23.91
C GLU F 689 48.70 0.62 -25.36
N TYR F 690 48.83 1.93 -25.57
CA TYR F 690 48.76 2.49 -26.92
C TYR F 690 49.87 1.93 -27.80
N ILE F 691 51.10 1.91 -27.28
CA ILE F 691 52.23 1.42 -28.06
C ILE F 691 52.10 -0.07 -28.33
N ASN F 692 51.67 -0.84 -27.34
CA ASN F 692 51.50 -2.28 -27.50
C ASN F 692 50.46 -2.61 -28.55
N GLU F 693 49.33 -1.90 -28.51
CA GLU F 693 48.26 -2.07 -29.49
C GLU F 693 48.74 -1.72 -30.90
N ALA F 694 49.52 -0.64 -31.00
CA ALA F 694 50.09 -0.23 -32.28
C ALA F 694 51.05 -1.29 -32.81
N GLN F 695 51.89 -1.81 -31.92
CA GLN F 695 52.86 -2.86 -32.28
C GLN F 695 52.13 -4.13 -32.70
N ARG F 696 51.04 -4.43 -32.00
CA ARG F 696 50.20 -5.58 -32.32
C ARG F 696 49.67 -5.51 -33.74
N ILE F 697 49.23 -4.33 -34.15
CA ILE F 697 48.69 -4.11 -35.49
C ILE F 697 49.79 -4.21 -36.55
N MET F 698 50.86 -3.45 -36.35
CA MET F 698 52.06 -3.51 -37.20
C MET F 698 52.49 -4.94 -37.53
N LYS F 699 52.59 -5.76 -36.48
CA LYS F 699 53.00 -7.15 -36.63
C LYS F 699 52.14 -7.88 -37.68
N LYS F 700 50.82 -7.73 -37.56
CA LYS F 700 49.89 -8.45 -38.43
C LYS F 700 49.82 -7.90 -39.86
N SER F 701 50.27 -6.66 -40.08
CA SER F 701 50.38 -6.12 -41.45
C SER F 701 51.76 -6.43 -42.04
N MET G 43 -92.13 -13.10 57.09
CA MET G 43 -91.16 -13.70 56.14
C MET G 43 -91.52 -15.14 55.80
N GLN G 44 -91.17 -15.56 54.59
CA GLN G 44 -91.33 -16.96 54.20
C GLN G 44 -90.52 -17.29 52.95
N MET G 45 -90.38 -18.58 52.72
CA MET G 45 -89.65 -19.10 51.56
C MET G 45 -90.43 -18.79 50.29
N THR G 46 -89.79 -18.95 49.14
CA THR G 46 -90.41 -18.60 47.87
C THR G 46 -91.58 -19.54 47.57
N LYS G 47 -92.50 -19.07 46.74
CA LYS G 47 -93.70 -19.83 46.36
C LYS G 47 -93.35 -21.23 45.83
N GLU G 48 -92.38 -21.27 44.92
CA GLU G 48 -91.91 -22.52 44.31
C GLU G 48 -91.36 -23.49 45.34
N ALA G 49 -90.57 -22.97 46.28
CA ALA G 49 -90.00 -23.80 47.33
C ALA G 49 -91.09 -24.39 48.21
N ARG G 50 -92.11 -23.59 48.50
CA ARG G 50 -93.19 -23.99 49.40
C ARG G 50 -94.11 -25.01 48.75
N GLU G 51 -94.44 -24.79 47.48
CA GLU G 51 -95.24 -25.76 46.71
C GLU G 51 -94.57 -27.14 46.64
N ILE G 52 -93.25 -27.18 46.48
CA ILE G 52 -92.53 -28.45 46.46
C ILE G 52 -92.52 -29.10 47.85
N ILE G 53 -92.35 -28.30 48.90
CA ILE G 53 -92.41 -28.80 50.28
C ILE G 53 -93.79 -29.40 50.60
N ALA G 54 -94.83 -28.82 50.01
CA ALA G 54 -96.21 -29.26 50.22
C ALA G 54 -96.59 -30.47 49.35
N HIS G 55 -95.81 -30.76 48.32
CA HIS G 55 -96.06 -31.91 47.45
C HIS G 55 -94.75 -32.54 47.01
N PRO G 56 -93.97 -33.05 47.97
CA PRO G 56 -92.63 -33.53 47.62
C PRO G 56 -92.66 -34.81 46.77
N LYS G 57 -92.16 -34.71 45.54
CA LYS G 57 -91.99 -35.88 44.68
C LYS G 57 -90.51 -36.15 44.49
N GLY G 58 -89.77 -36.12 45.59
CA GLY G 58 -88.36 -36.50 45.59
C GLY G 58 -88.25 -37.99 45.72
N THR G 59 -87.04 -38.50 45.89
CA THR G 59 -86.80 -39.94 45.90
C THR G 59 -86.05 -40.48 47.13
N LYS G 60 -85.73 -39.60 48.09
CA LYS G 60 -84.94 -40.00 49.25
C LYS G 60 -85.71 -41.01 50.11
N GLU G 61 -87.00 -40.76 50.27
CA GLU G 61 -87.86 -41.60 51.10
C GLU G 61 -88.27 -42.88 50.36
N SER G 62 -88.84 -42.71 49.17
CA SER G 62 -89.34 -43.83 48.38
C SER G 62 -88.22 -44.75 47.89
N ARG G 63 -87.10 -44.17 47.45
CA ARG G 63 -86.01 -44.93 46.82
C ARG G 63 -84.71 -45.03 47.62
N GLY G 64 -84.49 -44.12 48.57
CA GLY G 64 -83.22 -44.09 49.30
C GLY G 64 -82.09 -43.44 48.51
N VAL G 65 -82.45 -42.62 47.53
CA VAL G 65 -81.47 -41.86 46.75
C VAL G 65 -81.91 -40.41 46.74
N ILE G 66 -80.99 -39.49 47.03
CA ILE G 66 -81.33 -38.06 47.01
C ILE G 66 -81.39 -37.54 45.58
N SER G 67 -82.47 -36.82 45.25
CA SER G 67 -82.63 -36.23 43.93
C SER G 67 -83.04 -34.75 44.07
N LEU G 68 -83.31 -34.08 42.95
CA LEU G 68 -83.45 -32.63 42.94
C LEU G 68 -84.41 -32.12 44.00
N GLN G 69 -85.65 -32.62 43.96
CA GLN G 69 -86.69 -32.12 44.86
C GLN G 69 -86.36 -32.32 46.34
N ASP G 70 -85.55 -33.32 46.67
CA ASP G 70 -85.12 -33.52 48.05
C ASP G 70 -84.23 -32.39 48.56
N TYR G 71 -83.41 -31.80 47.68
CA TYR G 71 -82.58 -30.65 48.07
C TYR G 71 -83.44 -29.42 48.35
N ILE G 72 -84.56 -29.29 47.67
CA ILE G 72 -85.48 -28.18 47.91
C ILE G 72 -86.13 -28.31 49.29
N VAL G 73 -86.49 -29.55 49.65
CA VAL G 73 -87.19 -29.83 50.91
C VAL G 73 -86.29 -29.63 52.13
N GLU G 74 -85.02 -30.05 52.02
CA GLU G 74 -84.11 -30.03 53.17
C GLU G 74 -83.69 -28.61 53.62
N GLU G 75 -84.12 -27.58 52.90
CA GLU G 75 -83.72 -26.21 53.18
C GLU G 75 -84.72 -25.47 54.08
N GLN G 76 -85.79 -26.16 54.49
CA GLN G 76 -86.82 -25.52 55.31
C GLN G 76 -86.31 -25.10 56.68
N ALA G 77 -85.49 -25.94 57.32
CA ALA G 77 -84.96 -25.63 58.64
C ALA G 77 -84.13 -24.35 58.63
N MET G 78 -83.14 -24.32 57.74
CA MET G 78 -82.20 -23.20 57.64
C MET G 78 -82.91 -21.85 57.54
N TYR G 79 -83.84 -21.73 56.59
CA TYR G 79 -84.58 -20.49 56.43
C TYR G 79 -85.55 -20.19 57.56
N ASP G 80 -86.08 -21.21 58.22
CA ASP G 80 -86.86 -21.00 59.44
C ASP G 80 -85.96 -20.39 60.51
N TRP G 81 -84.78 -20.97 60.66
CA TRP G 81 -83.80 -20.49 61.64
C TRP G 81 -83.36 -19.04 61.38
N LEU G 82 -83.21 -18.66 60.10
CA LEU G 82 -82.74 -17.32 59.75
C LEU G 82 -83.79 -16.23 59.96
N PHE G 83 -85.06 -16.58 59.77
CA PHE G 83 -86.13 -15.61 60.01
C PHE G 83 -86.23 -15.30 61.50
N LYS G 84 -85.80 -16.23 62.34
CA LYS G 84 -85.82 -16.06 63.79
C LYS G 84 -84.48 -15.54 64.36
N ASN G 85 -83.36 -15.99 63.80
CA ASN G 85 -82.06 -15.77 64.45
C ASN G 85 -81.13 -14.74 63.81
N HIS G 86 -81.48 -14.21 62.65
CA HIS G 86 -80.57 -13.32 61.95
C HIS G 86 -80.70 -11.86 62.41
N PRO G 87 -79.55 -11.21 62.73
CA PRO G 87 -79.51 -9.83 63.21
C PRO G 87 -80.51 -8.88 62.56
N ILE G 88 -80.64 -8.94 61.24
CA ILE G 88 -81.66 -8.17 60.54
C ILE G 88 -83.01 -8.22 61.28
N PHE G 89 -83.33 -9.38 61.86
CA PHE G 89 -84.60 -9.56 62.59
C PHE G 89 -84.47 -9.42 64.10
N THR G 90 -83.38 -9.93 64.67
CA THR G 90 -83.17 -9.89 66.11
C THR G 90 -82.73 -8.52 66.63
N LYS G 91 -82.02 -7.77 65.78
CA LYS G 91 -81.44 -6.48 66.17
C LYS G 91 -82.08 -5.28 65.48
N TYR G 92 -82.36 -5.41 64.18
CA TYR G 92 -82.96 -4.32 63.42
C TYR G 92 -84.48 -4.48 63.26
N GLY G 93 -85.04 -5.53 63.86
CA GLY G 93 -86.49 -5.76 63.81
C GLY G 93 -87.02 -5.85 62.40
N GLY G 94 -86.24 -6.46 61.51
CA GLY G 94 -86.64 -6.67 60.12
C GLY G 94 -86.83 -5.40 59.31
N LYS G 95 -86.28 -4.29 59.79
CA LYS G 95 -86.34 -3.01 59.08
C LYS G 95 -85.08 -2.87 58.24
N THR G 96 -85.24 -2.45 56.99
CA THR G 96 -84.11 -2.24 56.09
C THR G 96 -84.42 -1.08 55.16
N VAL G 97 -83.38 -0.40 54.70
CA VAL G 97 -83.54 0.57 53.61
C VAL G 97 -83.50 -0.27 52.33
N GLY G 98 -84.68 -0.57 51.80
CA GLY G 98 -84.83 -1.44 50.64
C GLY G 98 -85.49 -2.75 51.03
N LYS G 99 -86.28 -3.30 50.11
CA LYS G 99 -87.06 -4.51 50.36
C LYS G 99 -86.18 -5.75 50.53
N LEU G 100 -86.55 -6.62 51.46
CA LEU G 100 -85.97 -7.96 51.52
C LEU G 100 -86.69 -8.89 50.56
N VAL G 101 -85.93 -9.64 49.76
CA VAL G 101 -86.48 -10.61 48.83
C VAL G 101 -85.78 -11.92 49.11
N VAL G 102 -86.51 -12.92 49.60
CA VAL G 102 -85.89 -14.21 49.84
C VAL G 102 -85.66 -14.92 48.50
N LYS G 103 -84.54 -15.60 48.38
CA LYS G 103 -84.21 -16.38 47.18
C LYS G 103 -83.58 -17.71 47.58
N ASP G 104 -84.44 -18.70 47.80
CA ASP G 104 -83.99 -20.02 48.24
C ASP G 104 -83.77 -20.93 47.02
N ARG G 105 -83.50 -22.21 47.26
CA ARG G 105 -83.31 -23.18 46.17
C ARG G 105 -84.52 -23.32 45.26
N GLY G 106 -85.71 -23.07 45.79
CA GLY G 106 -86.94 -23.14 45.00
C GLY G 106 -86.98 -22.21 43.81
N GLU G 107 -86.32 -21.05 43.94
CA GLU G 107 -86.19 -20.14 42.80
C GLU G 107 -84.86 -20.32 42.08
N GLU G 108 -83.77 -20.53 42.83
CA GLU G 108 -82.45 -20.65 42.20
C GLU G 108 -82.29 -21.95 41.40
N TRP G 109 -82.66 -23.09 41.99
CA TRP G 109 -82.38 -24.39 41.37
C TRP G 109 -83.49 -24.85 40.43
N ILE G 110 -84.63 -24.16 40.44
CA ILE G 110 -85.82 -24.57 39.67
C ILE G 110 -86.23 -23.53 38.62
N GLU G 111 -86.43 -22.29 39.04
CA GLU G 111 -86.97 -21.23 38.17
C GLU G 111 -85.91 -20.66 37.23
N GLU G 112 -84.67 -20.63 37.67
CA GLU G 112 -83.61 -19.92 36.95
C GLU G 112 -83.40 -20.51 35.56
N GLY G 113 -83.03 -19.66 34.62
CA GLY G 113 -82.81 -20.07 33.23
C GLY G 113 -84.10 -20.42 32.52
N ARG G 114 -85.21 -19.88 33.01
CA ARG G 114 -86.55 -20.21 32.51
C ARG G 114 -86.80 -21.73 32.50
N GLY G 115 -86.38 -22.36 33.60
CA GLY G 115 -86.51 -23.80 33.77
C GLY G 115 -87.94 -24.27 33.61
N ASN G 116 -88.89 -23.52 34.14
CA ASN G 116 -90.30 -23.86 34.00
C ASN G 116 -90.77 -23.81 32.54
N ASP G 117 -90.22 -22.87 31.77
CA ASP G 117 -90.54 -22.79 30.35
C ASP G 117 -89.92 -23.94 29.57
N PHE G 118 -88.70 -24.33 29.93
CA PHE G 118 -88.05 -25.48 29.31
C PHE G 118 -88.88 -26.73 29.58
N SER G 119 -89.25 -26.92 30.84
CA SER G 119 -90.06 -28.05 31.28
C SER G 119 -91.36 -28.18 30.50
N LYS G 120 -92.04 -27.07 30.26
CA LYS G 120 -93.29 -27.08 29.50
C LYS G 120 -93.05 -27.40 28.02
N ALA G 121 -91.85 -27.08 27.52
CA ALA G 121 -91.48 -27.39 26.13
C ALA G 121 -90.97 -28.83 25.95
N SER G 122 -90.79 -29.56 27.04
CA SER G 122 -90.30 -30.93 26.98
C SER G 122 -91.44 -31.94 27.07
N LYS G 123 -91.22 -33.10 26.46
CA LYS G 123 -92.10 -34.25 26.67
C LYS G 123 -91.80 -34.98 27.99
N ARG G 124 -90.65 -34.70 28.59
CA ARG G 124 -90.31 -35.28 29.89
C ARG G 124 -91.41 -35.01 30.93
N SER G 125 -91.81 -36.04 31.66
CA SER G 125 -92.86 -35.94 32.67
C SER G 125 -94.10 -35.22 32.14
N GLY G 126 -94.46 -35.50 30.90
CA GLY G 126 -95.58 -34.86 30.22
C GLY G 126 -95.58 -33.34 30.21
N GLY G 127 -94.41 -32.72 30.29
CA GLY G 127 -94.29 -31.27 30.35
C GLY G 127 -94.63 -30.61 31.67
N GLU G 128 -94.85 -31.42 32.72
CA GLU G 128 -95.24 -30.91 34.04
C GLU G 128 -94.14 -31.11 35.08
N GLY G 129 -92.91 -31.33 34.62
CA GLY G 129 -91.78 -31.58 35.51
C GLY G 129 -90.98 -30.32 35.85
N PHE G 130 -89.88 -30.51 36.55
CA PHE G 130 -88.94 -29.44 36.88
C PHE G 130 -87.62 -29.60 36.10
N SER G 131 -86.99 -28.46 35.80
CA SER G 131 -85.71 -28.44 35.08
C SER G 131 -84.72 -27.51 35.78
N SER G 132 -83.62 -28.09 36.26
CA SER G 132 -82.56 -27.31 36.87
C SER G 132 -81.54 -26.91 35.81
N MET G 133 -81.67 -25.68 35.32
CA MET G 133 -80.84 -25.23 34.21
C MET G 133 -79.42 -24.91 34.63
N MET G 134 -79.26 -24.24 35.77
CA MET G 134 -77.97 -23.65 36.14
C MET G 134 -77.36 -24.15 37.42
N TYR G 135 -78.16 -24.20 38.47
CA TYR G 135 -77.67 -24.33 39.81
C TYR G 135 -78.21 -25.61 40.43
N ARG G 136 -77.30 -26.57 40.63
CA ARG G 136 -77.60 -27.80 41.31
C ARG G 136 -76.31 -28.43 41.81
N VAL G 137 -76.40 -29.31 42.81
CA VAL G 137 -75.24 -30.08 43.26
C VAL G 137 -75.33 -31.54 42.81
N ALA G 138 -74.19 -32.22 42.78
CA ALA G 138 -74.11 -33.63 42.41
C ALA G 138 -74.15 -34.56 43.63
N ARG G 139 -73.63 -34.07 44.76
CA ARG G 139 -73.53 -34.86 45.97
C ARG G 139 -74.30 -34.18 47.12
N ASN G 140 -74.06 -34.62 48.36
CA ASN G 140 -74.71 -34.00 49.52
C ASN G 140 -74.42 -32.50 49.67
N SER G 141 -75.47 -31.72 49.92
CA SER G 141 -75.30 -30.30 50.21
C SER G 141 -74.67 -30.10 51.60
N THR G 142 -74.45 -28.85 51.96
CA THR G 142 -73.89 -28.48 53.27
C THR G 142 -74.90 -28.55 54.42
N LEU G 143 -76.13 -28.97 54.14
CA LEU G 143 -77.13 -29.17 55.19
C LEU G 143 -77.09 -30.58 55.77
N GLN G 144 -76.32 -31.48 55.15
CA GLN G 144 -76.21 -32.86 55.64
C GLN G 144 -75.00 -33.05 56.53
N TYR G 145 -75.24 -33.62 57.70
CA TYR G 145 -74.17 -33.88 58.66
C TYR G 145 -74.39 -35.25 59.30
N PRO G 146 -73.30 -35.97 59.58
CA PRO G 146 -71.95 -35.59 59.22
C PRO G 146 -71.76 -35.73 57.70
N ASN G 147 -70.58 -35.38 57.24
CA ASN G 147 -70.19 -35.62 55.86
C ASN G 147 -68.84 -36.33 55.87
N LYS G 148 -68.38 -36.73 54.69
CA LYS G 148 -67.18 -37.57 54.57
C LYS G 148 -65.94 -36.78 54.10
N PHE G 149 -66.02 -35.46 54.14
CA PHE G 149 -64.88 -34.63 53.74
C PHE G 149 -63.73 -34.80 54.73
N ILE G 150 -62.54 -35.06 54.20
CA ILE G 150 -61.31 -35.10 54.99
C ILE G 150 -60.43 -33.85 54.83
N GLY G 151 -60.73 -33.05 53.81
CA GLY G 151 -60.00 -31.80 53.56
C GLY G 151 -58.90 -32.00 52.52
N PRO G 152 -58.58 -30.93 51.77
CA PRO G 152 -57.54 -31.00 50.72
C PRO G 152 -56.12 -31.35 51.20
N GLU G 153 -55.79 -30.95 52.43
CA GLU G 153 -54.47 -31.24 53.00
C GLU G 153 -54.24 -32.74 53.15
N LYS G 154 -55.33 -33.48 53.39
CA LYS G 154 -55.26 -34.93 53.51
C LYS G 154 -55.09 -35.63 52.15
N CYS G 155 -55.73 -35.12 51.10
CA CYS G 155 -55.45 -35.60 49.74
C CYS G 155 -54.02 -35.28 49.38
N GLY G 156 -53.57 -34.07 49.76
CA GLY G 156 -52.21 -33.62 49.53
C GLY G 156 -51.13 -34.49 50.14
N GLU G 157 -51.41 -35.09 51.30
CA GLU G 157 -50.46 -36.01 51.94
C GLU G 157 -49.95 -37.08 50.97
N CYS G 158 -50.85 -37.64 50.16
CA CYS G 158 -50.51 -38.67 49.16
C CYS G 158 -50.35 -38.11 47.75
N HIS G 159 -50.94 -36.94 47.49
CA HIS G 159 -50.86 -36.29 46.18
C HIS G 159 -50.22 -34.91 46.28
N PRO G 160 -48.98 -34.83 46.81
CA PRO G 160 -48.31 -33.54 46.98
C PRO G 160 -48.18 -32.72 45.68
N ALA G 161 -47.88 -33.39 44.57
CA ALA G 161 -47.73 -32.70 43.27
C ALA G 161 -48.98 -31.90 42.91
N GLN G 162 -50.13 -32.57 42.85
CA GLN G 162 -51.39 -31.92 42.48
C GLN G 162 -51.85 -30.93 43.53
N TYR G 163 -51.54 -31.21 44.80
CA TYR G 163 -51.81 -30.21 45.84
C TYR G 163 -51.08 -28.90 45.55
N GLU G 164 -49.81 -28.98 45.14
CA GLU G 164 -49.05 -27.77 44.89
C GLU G 164 -49.69 -26.93 43.79
N THR G 165 -49.92 -27.53 42.63
CA THR G 165 -50.48 -26.77 41.50
C THR G 165 -51.89 -26.26 41.81
N TRP G 166 -52.71 -27.11 42.42
CA TRP G 166 -54.05 -26.70 42.84
C TRP G 166 -53.99 -25.58 43.88
N SER G 167 -53.08 -25.71 44.85
CA SER G 167 -52.97 -24.71 45.94
C SER G 167 -52.66 -23.31 45.42
N ARG G 168 -51.94 -23.21 44.30
CA ARG G 168 -51.67 -21.89 43.71
C ARG G 168 -52.65 -21.57 42.58
N SER G 169 -53.93 -21.80 42.84
CA SER G 169 -54.99 -21.51 41.89
C SER G 169 -56.12 -20.77 42.59
N ARG G 170 -56.92 -20.06 41.80
CA ARG G 170 -58.05 -19.33 42.32
C ARG G 170 -59.20 -20.26 42.72
N HIS G 171 -59.16 -21.50 42.23
CA HIS G 171 -60.05 -22.56 42.74
C HIS G 171 -59.85 -22.71 44.24
N ALA G 172 -58.59 -22.71 44.67
CA ALA G 172 -58.21 -23.00 46.05
C ALA G 172 -58.44 -21.86 47.03
N THR G 173 -58.41 -20.61 46.56
CA THR G 173 -58.48 -19.44 47.43
C THR G 173 -59.70 -18.56 47.17
N THR G 174 -60.71 -19.09 46.49
CA THR G 174 -61.93 -18.35 46.22
C THR G 174 -62.73 -18.11 47.50
N ILE G 175 -62.63 -19.04 48.45
CA ILE G 175 -63.18 -18.83 49.81
C ILE G 175 -62.04 -18.65 50.82
N ARG G 176 -62.06 -17.50 51.49
CA ARG G 176 -61.00 -17.13 52.40
C ARG G 176 -61.51 -16.40 53.62
N PHE G 177 -60.78 -16.54 54.72
CA PHE G 177 -61.15 -15.92 55.97
C PHE G 177 -60.33 -14.66 56.22
N PRO G 178 -60.89 -13.74 57.02
CA PRO G 178 -60.09 -12.63 57.54
C PRO G 178 -58.71 -13.08 58.02
N GLY G 179 -57.68 -12.36 57.62
CA GLY G 179 -56.31 -12.74 57.94
C GLY G 179 -55.62 -13.53 56.83
N GLU G 180 -56.31 -13.73 55.71
CA GLU G 180 -55.77 -14.49 54.57
C GLU G 180 -55.74 -13.65 53.28
N HIS G 181 -55.56 -12.33 53.43
CA HIS G 181 -55.58 -11.40 52.31
C HIS G 181 -54.30 -10.55 52.29
N PRO G 182 -53.13 -11.20 52.17
CA PRO G 182 -51.91 -10.42 52.15
C PRO G 182 -51.81 -9.45 50.95
N GLU G 183 -52.56 -9.71 49.89
CA GLU G 183 -52.62 -8.81 48.72
C GLU G 183 -53.23 -7.44 49.02
N VAL G 184 -53.84 -7.27 50.19
CA VAL G 184 -54.22 -5.94 50.66
C VAL G 184 -53.68 -5.72 52.07
N ASN G 185 -52.56 -6.38 52.38
CA ASN G 185 -51.96 -6.32 53.71
C ASN G 185 -53.00 -6.58 54.81
N ASN G 186 -53.96 -7.45 54.52
CA ASN G 186 -55.02 -7.83 55.46
C ASN G 186 -55.79 -6.65 56.04
N LYS G 187 -56.02 -5.64 55.21
CA LYS G 187 -56.85 -4.49 55.58
C LYS G 187 -58.14 -4.51 54.77
N LEU G 188 -59.19 -5.12 55.30
CA LEU G 188 -60.45 -5.27 54.56
C LEU G 188 -61.34 -4.03 54.64
N ASN G 189 -61.03 -3.10 55.54
CA ASN G 189 -61.84 -1.89 55.71
C ASN G 189 -61.12 -0.60 55.28
N ASP G 190 -59.95 -0.74 54.68
CA ASP G 190 -59.21 0.40 54.14
C ASP G 190 -59.24 0.35 52.62
N PRO G 191 -59.22 1.53 51.96
CA PRO G 191 -59.24 1.52 50.49
C PRO G 191 -58.11 0.66 49.92
N VAL G 192 -58.42 -0.11 48.88
CA VAL G 192 -57.46 -0.99 48.25
C VAL G 192 -56.53 -0.22 47.33
N PHE G 193 -57.12 0.62 46.46
CA PHE G 193 -56.34 1.41 45.52
C PHE G 193 -56.35 2.89 45.97
N ASP G 194 -56.85 3.82 45.16
CA ASP G 194 -56.84 5.24 45.55
C ASP G 194 -57.62 5.47 46.84
N LYS G 195 -57.16 6.44 47.64
CA LYS G 195 -57.75 6.73 48.96
C LYS G 195 -59.23 7.12 48.88
N ASP G 196 -59.68 7.59 47.73
CA ASP G 196 -61.10 7.94 47.53
C ASP G 196 -61.94 6.79 46.90
N THR G 197 -61.44 5.56 46.93
CA THR G 197 -62.18 4.41 46.42
C THR G 197 -62.39 3.34 47.51
N ALA G 198 -63.07 2.25 47.14
CA ALA G 198 -63.67 1.34 48.11
C ALA G 198 -62.70 0.39 48.82
N SER G 199 -63.07 0.02 50.05
CA SER G 199 -62.47 -1.10 50.77
C SER G 199 -63.23 -2.35 50.39
N ILE G 200 -62.61 -3.52 50.57
CA ILE G 200 -63.22 -4.79 50.17
C ILE G 200 -64.54 -5.03 50.89
N LEU G 201 -64.56 -4.78 52.20
CA LEU G 201 -65.77 -4.88 53.01
C LEU G 201 -66.44 -3.51 53.07
N PRO G 202 -67.78 -3.48 52.97
CA PRO G 202 -68.43 -2.18 52.99
C PRO G 202 -68.60 -1.59 54.40
N GLN G 203 -69.05 -0.34 54.40
CA GLN G 203 -69.45 0.43 55.59
C GLN G 203 -70.22 -0.42 56.62
N GLY G 204 -69.80 -0.34 57.88
CA GLY G 204 -70.49 -1.02 58.97
C GLY G 204 -70.19 -2.50 59.09
N ILE G 205 -69.37 -3.03 58.19
CA ILE G 205 -69.08 -4.46 58.15
C ILE G 205 -67.63 -4.69 58.56
N THR G 206 -67.44 -5.33 59.71
CA THR G 206 -66.11 -5.62 60.26
C THR G 206 -65.81 -7.12 60.13
N PRO G 207 -64.51 -7.48 60.09
CA PRO G 207 -64.13 -8.89 59.91
C PRO G 207 -64.67 -9.83 60.98
N ASP G 208 -64.73 -9.36 62.22
CA ASP G 208 -65.19 -10.21 63.31
C ASP G 208 -66.63 -10.73 63.14
N VAL G 209 -67.43 -10.12 62.27
CA VAL G 209 -68.77 -10.69 61.93
C VAL G 209 -68.88 -11.20 60.48
N VAL G 210 -67.76 -11.44 59.81
CA VAL G 210 -67.73 -11.99 58.46
C VAL G 210 -67.19 -13.39 58.54
N TYR G 211 -67.95 -14.37 58.04
CA TYR G 211 -67.46 -15.76 58.00
C TYR G 211 -66.35 -15.89 56.95
N CYS G 212 -66.56 -15.31 55.78
CA CYS G 212 -65.57 -15.40 54.71
C CYS G 212 -65.75 -14.31 53.68
N THR G 213 -64.69 -14.07 52.92
CA THR G 213 -64.78 -13.33 51.68
C THR G 213 -64.87 -14.33 50.54
N VAL G 214 -65.45 -13.90 49.43
CA VAL G 214 -65.48 -14.67 48.19
C VAL G 214 -64.75 -13.87 47.11
N GLY G 215 -63.89 -14.55 46.36
CA GLY G 215 -63.24 -13.92 45.21
C GLY G 215 -61.81 -13.49 45.43
N HIS G 216 -61.37 -12.57 44.56
CA HIS G 216 -59.97 -12.14 44.47
C HIS G 216 -59.88 -10.72 43.89
N ILE G 217 -58.67 -10.16 43.95
CA ILE G 217 -58.33 -8.91 43.26
C ILE G 217 -58.66 -8.99 41.78
N ARG G 218 -58.42 -10.16 41.20
CA ARG G 218 -58.70 -10.46 39.79
C ARG G 218 -59.90 -9.71 39.19
N THR G 219 -61.06 -9.85 39.82
CA THR G 219 -62.28 -9.20 39.33
C THR G 219 -63.03 -8.47 40.44
N LYS G 220 -63.35 -9.19 41.52
CA LYS G 220 -64.25 -8.67 42.52
C LYS G 220 -64.24 -9.50 43.79
N PHE G 221 -64.91 -8.99 44.81
CA PHE G 221 -65.07 -9.68 46.08
C PHE G 221 -66.52 -9.62 46.52
N GLY G 222 -66.87 -10.53 47.42
CA GLY G 222 -68.13 -10.46 48.15
C GLY G 222 -67.91 -11.05 49.54
N PHE G 223 -68.92 -11.01 50.39
CA PHE G 223 -68.76 -11.55 51.75
C PHE G 223 -69.98 -12.30 52.24
N PHE G 224 -69.72 -13.24 53.15
CA PHE G 224 -70.77 -13.90 53.90
C PHE G 224 -70.61 -13.53 55.36
N ASP G 225 -71.71 -13.10 55.97
CA ASP G 225 -71.71 -12.77 57.38
C ASP G 225 -71.64 -14.05 58.23
N ALA G 226 -71.60 -13.88 59.55
CA ALA G 226 -71.34 -14.99 60.47
C ALA G 226 -72.51 -15.97 60.60
N TRP G 227 -73.66 -15.57 60.05
CA TRP G 227 -74.88 -16.38 60.02
C TRP G 227 -75.03 -17.05 58.64
N LEU G 228 -73.91 -17.11 57.91
CA LEU G 228 -73.86 -17.57 56.53
C LEU G 228 -74.96 -17.00 55.63
N LEU G 229 -75.33 -15.74 55.88
CA LEU G 229 -76.16 -15.01 54.93
C LEU G 229 -75.23 -14.30 53.98
N ARG G 230 -75.71 -14.18 52.74
CA ARG G 230 -74.97 -13.52 51.69
C ARG G 230 -74.99 -12.02 51.92
N GLY G 231 -73.81 -11.41 51.84
CA GLY G 231 -73.66 -9.97 52.08
C GLY G 231 -74.17 -9.14 50.94
N THR G 232 -75.47 -8.86 50.96
CA THR G 232 -76.13 -8.06 49.93
C THR G 232 -76.44 -6.64 50.43
N TYR G 233 -75.76 -6.25 51.50
CA TYR G 233 -76.08 -4.99 52.19
C TYR G 233 -74.85 -4.45 52.89
N HIS G 234 -74.99 -3.24 53.40
CA HIS G 234 -74.02 -2.68 54.33
C HIS G 234 -74.77 -2.05 55.50
N VAL G 235 -74.05 -1.54 56.49
CA VAL G 235 -74.66 -0.85 57.62
C VAL G 235 -74.19 0.61 57.64
N GLU G 236 -75.15 1.52 57.59
CA GLU G 236 -74.88 2.96 57.64
C GLU G 236 -75.20 3.51 59.04
N GLY G 237 -74.30 4.36 59.55
CA GLY G 237 -74.46 5.00 60.85
C GLY G 237 -74.34 4.04 62.03
N GLY G 238 -73.49 3.03 61.91
CA GLY G 238 -73.32 2.03 62.95
C GLY G 238 -72.56 0.81 62.49
N LEU G 239 -72.60 -0.25 63.28
CA LEU G 239 -71.91 -1.51 62.97
C LEU G 239 -72.83 -2.71 63.14
N LEU G 240 -72.76 -3.65 62.20
CA LEU G 240 -73.52 -4.91 62.33
C LEU G 240 -73.16 -5.60 63.64
N LYS G 241 -71.86 -5.64 63.93
CA LYS G 241 -71.31 -6.12 65.18
C LYS G 241 -72.13 -5.78 66.43
N ASN G 242 -72.64 -4.55 66.52
CA ASN G 242 -73.40 -4.09 67.68
C ASN G 242 -74.90 -3.89 67.44
N GLY G 243 -75.36 -4.15 66.22
CA GLY G 243 -76.77 -4.02 65.88
C GLY G 243 -77.21 -2.57 65.73
N THR G 244 -76.25 -1.68 65.58
CA THR G 244 -76.51 -0.24 65.52
C THR G 244 -76.61 0.23 64.06
N GLY G 245 -77.23 1.39 63.87
CA GLY G 245 -77.37 1.99 62.55
C GLY G 245 -78.56 1.43 61.79
N GLN G 246 -78.39 1.35 60.46
CA GLN G 246 -79.45 0.87 59.58
C GLN G 246 -78.88 -0.14 58.60
N ILE G 247 -79.63 -1.22 58.36
CA ILE G 247 -79.33 -2.15 57.28
C ILE G 247 -79.73 -1.47 55.97
N VAL G 248 -78.80 -1.42 55.02
CA VAL G 248 -79.02 -0.74 53.74
C VAL G 248 -78.73 -1.67 52.57
N ALA G 249 -79.73 -1.82 51.70
CA ALA G 249 -79.62 -2.63 50.48
C ALA G 249 -78.51 -2.12 49.56
N GLY G 250 -77.65 -3.04 49.12
CA GLY G 250 -76.66 -2.72 48.09
C GLY G 250 -75.31 -2.29 48.63
N GLY G 251 -74.53 -1.63 47.77
CA GLY G 251 -73.17 -1.18 48.09
C GLY G 251 -72.34 -2.27 48.73
N ASN G 252 -72.42 -3.47 48.15
CA ASN G 252 -71.98 -4.69 48.82
C ASN G 252 -70.87 -5.48 48.12
N GLN G 253 -70.62 -5.18 46.84
CA GLN G 253 -69.68 -5.94 46.03
C GLN G 253 -68.50 -5.06 45.64
N TRP G 254 -67.31 -5.44 46.08
CA TRP G 254 -66.11 -4.71 45.72
C TRP G 254 -65.71 -5.13 44.33
N GLN G 255 -65.43 -4.14 43.47
CA GLN G 255 -65.16 -4.40 42.06
C GLN G 255 -63.84 -3.78 41.66
N ARG G 256 -62.90 -4.61 41.23
CA ARG G 256 -61.56 -4.16 40.88
C ARG G 256 -61.57 -3.11 39.78
N THR G 257 -62.34 -3.35 38.72
CA THR G 257 -62.28 -2.49 37.54
C THR G 257 -62.86 -1.11 37.79
N TRP G 258 -63.98 -1.03 38.49
CA TRP G 258 -64.53 0.26 38.88
C TRP G 258 -63.55 0.99 39.82
N ALA G 259 -62.97 0.23 40.75
CA ALA G 259 -62.07 0.77 41.76
C ALA G 259 -60.73 1.25 41.21
N LEU G 260 -60.12 0.46 40.32
CA LEU G 260 -58.80 0.77 39.76
C LEU G 260 -58.86 1.49 38.41
N ASN G 261 -59.57 0.91 37.44
CA ASN G 261 -59.42 1.31 36.04
C ASN G 261 -60.40 2.36 35.58
N LEU G 262 -61.64 2.30 36.06
CA LEU G 262 -62.70 3.23 35.62
C LEU G 262 -62.79 4.48 36.49
N SER G 263 -61.75 5.30 36.46
CA SER G 263 -61.77 6.60 37.11
C SER G 263 -62.73 7.52 36.36
N PRO G 264 -63.18 8.61 37.01
CA PRO G 264 -64.00 9.62 36.32
C PRO G 264 -63.38 10.11 35.02
N GLU G 265 -62.04 10.20 34.99
CA GLU G 265 -61.31 10.58 33.77
C GLU G 265 -61.58 9.62 32.62
N VAL G 266 -61.39 8.32 32.87
CA VAL G 266 -61.68 7.29 31.87
C VAL G 266 -63.16 7.28 31.49
N ALA G 267 -64.04 7.46 32.48
CA ALA G 267 -65.48 7.49 32.25
C ALA G 267 -65.87 8.62 31.30
N LYS G 268 -65.19 9.77 31.42
CA LYS G 268 -65.40 10.89 30.51
C LYS G 268 -64.89 10.58 29.11
N LYS G 269 -63.74 9.92 29.02
CA LYS G 269 -63.25 9.49 27.71
C LYS G 269 -64.26 8.56 27.04
N ILE G 270 -64.75 7.56 27.75
CA ILE G 270 -65.75 6.67 27.19
C ILE G 270 -67.00 7.45 26.75
N LYS G 271 -67.36 8.48 27.53
CA LYS G 271 -68.54 9.33 27.27
C LYS G 271 -68.49 10.10 25.93
N LYS G 272 -67.30 10.49 25.49
CA LYS G 272 -67.14 11.13 24.18
C LYS G 272 -67.62 10.19 23.07
N TRP G 273 -67.38 8.90 23.25
CA TRP G 273 -67.86 7.88 22.33
C TRP G 273 -69.30 7.45 22.65
N VAL G 274 -69.57 7.19 23.92
CA VAL G 274 -70.90 6.73 24.37
C VAL G 274 -71.57 7.80 25.24
N PRO G 275 -72.42 8.66 24.65
CA PRO G 275 -72.96 9.81 25.40
C PRO G 275 -73.68 9.48 26.71
N ASP G 276 -74.33 8.32 26.79
CA ASP G 276 -75.10 7.92 27.98
C ASP G 276 -74.22 7.35 29.10
N PHE G 277 -72.91 7.26 28.89
CA PHE G 277 -72.04 6.58 29.84
C PHE G 277 -71.95 7.33 31.17
N PRO G 278 -72.11 6.61 32.30
CA PRO G 278 -72.12 7.26 33.61
C PRO G 278 -70.73 7.64 34.11
N VAL G 279 -70.64 8.84 34.70
CA VAL G 279 -69.39 9.39 35.23
C VAL G 279 -69.49 9.61 36.74
N THR G 280 -70.48 10.38 37.16
CA THR G 280 -70.67 10.69 38.57
C THR G 280 -71.27 9.48 39.27
N LEU G 281 -70.91 9.30 40.54
CA LEU G 281 -71.43 8.22 41.35
C LEU G 281 -72.97 8.11 41.25
N GLU G 282 -73.64 9.26 41.22
CA GLU G 282 -75.10 9.29 41.06
C GLU G 282 -75.57 8.64 39.76
N GLU G 283 -74.84 8.87 38.67
CA GLU G 283 -75.25 8.36 37.36
C GLU G 283 -75.20 6.84 37.27
N TYR G 284 -74.45 6.19 38.16
CA TYR G 284 -74.43 4.73 38.25
C TYR G 284 -75.72 4.16 38.86
N GLY G 285 -76.48 5.02 39.55
CA GLY G 285 -77.86 4.71 39.94
C GLY G 285 -77.96 3.55 40.91
N ASP G 286 -78.98 2.72 40.72
CA ASP G 286 -79.23 1.52 41.56
C ASP G 286 -78.04 0.55 41.58
N ASN G 287 -77.30 0.50 40.48
CA ASN G 287 -76.11 -0.33 40.37
C ASN G 287 -75.00 0.13 41.31
N GLY G 288 -75.01 1.41 41.65
CA GLY G 288 -73.90 2.02 42.38
C GLY G 288 -73.99 1.86 43.88
N GLY G 289 -73.45 2.85 44.58
CA GLY G 289 -73.46 2.86 46.04
C GLY G 289 -73.02 4.20 46.61
N TYR G 290 -72.20 4.15 47.65
CA TYR G 290 -71.77 5.36 48.38
C TYR G 290 -70.32 5.74 48.07
N VAL G 291 -69.58 4.82 47.47
CA VAL G 291 -68.19 5.07 47.08
C VAL G 291 -67.85 4.21 45.86
N ARG G 292 -66.99 4.76 44.99
CA ARG G 292 -66.52 4.05 43.78
C ARG G 292 -65.75 2.79 44.16
N GLY G 293 -66.19 1.66 43.64
CA GLY G 293 -65.60 0.37 43.94
C GLY G 293 -66.56 -0.58 44.65
N LEU G 294 -67.62 -0.04 45.24
CA LEU G 294 -68.61 -0.85 45.94
C LEU G 294 -69.96 -0.74 45.25
N ALA G 295 -70.21 -1.67 44.34
CA ALA G 295 -71.42 -1.69 43.58
C ALA G 295 -72.49 -2.50 44.30
N SER G 296 -73.72 -2.36 43.84
CA SER G 296 -74.84 -3.14 44.34
C SER G 296 -75.00 -4.39 43.48
N TYR G 297 -74.94 -5.56 44.12
CA TYR G 297 -75.05 -6.85 43.44
C TYR G 297 -75.93 -7.79 44.21
N ALA G 298 -76.92 -8.37 43.53
CA ALA G 298 -78.04 -9.07 44.17
C ALA G 298 -78.80 -8.09 45.07
N ALA G 299 -78.83 -6.84 44.64
CA ALA G 299 -79.43 -5.75 45.38
C ALA G 299 -79.44 -4.54 44.48
N LYS G 300 -80.36 -3.62 44.75
CA LYS G 300 -80.33 -2.30 44.15
C LYS G 300 -80.17 -1.33 45.31
N TYR G 301 -79.28 -0.35 45.13
CA TYR G 301 -78.88 0.56 46.20
C TYR G 301 -80.08 1.23 46.87
N LYS G 302 -80.28 0.93 48.15
CA LYS G 302 -81.38 1.46 48.98
C LYS G 302 -82.81 1.05 48.57
N LYS G 303 -82.94 0.14 47.60
CA LYS G 303 -84.25 -0.23 47.08
C LYS G 303 -84.64 -1.69 47.31
N SER G 304 -83.70 -2.62 47.12
CA SER G 304 -83.97 -4.03 47.30
C SER G 304 -82.69 -4.81 47.55
N MET G 305 -82.81 -5.92 48.26
CA MET G 305 -81.68 -6.80 48.54
C MET G 305 -82.19 -8.23 48.66
N SER G 306 -81.39 -9.17 48.21
CA SER G 306 -81.70 -10.59 48.34
C SER G 306 -81.33 -11.09 49.73
N PHE G 307 -82.28 -11.78 50.36
CA PHE G 307 -82.03 -12.47 51.61
C PHE G 307 -81.76 -13.93 51.26
N GLN G 308 -80.50 -14.36 51.39
CA GLN G 308 -80.10 -15.66 50.88
C GLN G 308 -79.03 -16.34 51.70
N ALA G 309 -79.33 -17.56 52.14
CA ALA G 309 -78.36 -18.39 52.82
C ALA G 309 -77.34 -18.92 51.81
N SER G 310 -76.16 -19.28 52.29
CA SER G 310 -75.12 -19.88 51.45
C SER G 310 -75.60 -21.17 50.78
N THR G 311 -76.50 -21.88 51.46
CA THR G 311 -77.04 -23.14 51.00
C THR G 311 -77.89 -23.02 49.73
N SER G 312 -78.49 -21.86 49.49
CA SER G 312 -79.38 -21.70 48.34
C SER G 312 -78.69 -21.62 46.98
N TYR G 313 -77.41 -21.27 46.95
CA TYR G 313 -76.82 -20.78 45.72
C TYR G 313 -75.31 -20.85 45.71
N CYS G 314 -74.66 -20.15 46.64
CA CYS G 314 -73.21 -20.12 46.65
C CYS G 314 -72.57 -21.47 46.90
N GLU G 315 -73.21 -22.35 47.64
CA GLU G 315 -72.59 -23.66 47.90
C GLU G 315 -72.48 -24.52 46.63
N VAL G 316 -73.17 -24.14 45.56
CA VAL G 316 -73.03 -24.86 44.31
C VAL G 316 -71.62 -24.65 43.73
N CYS G 317 -71.13 -23.40 43.70
CA CYS G 317 -69.90 -23.05 42.97
C CYS G 317 -68.72 -22.49 43.79
N HIS G 318 -69.00 -21.83 44.90
CA HIS G 318 -67.95 -21.36 45.83
C HIS G 318 -68.20 -22.02 47.17
N PRO G 319 -67.97 -23.34 47.27
CA PRO G 319 -68.43 -24.05 48.46
C PRO G 319 -67.45 -24.05 49.63
N TRP G 320 -67.95 -24.56 50.75
CA TRP G 320 -67.13 -24.90 51.91
C TRP G 320 -67.81 -26.09 52.62
N LYS G 321 -67.06 -26.79 53.45
CA LYS G 321 -67.63 -27.89 54.23
C LYS G 321 -67.18 -27.81 55.68
N PHE G 322 -68.09 -28.13 56.60
CA PHE G 322 -67.80 -28.18 58.02
C PHE G 322 -67.67 -29.62 58.50
N ASP G 323 -66.94 -29.82 59.61
CA ASP G 323 -66.67 -31.17 60.14
C ASP G 323 -67.65 -31.60 61.24
N PHE G 324 -68.77 -30.89 61.37
CA PHE G 324 -69.73 -31.15 62.44
C PHE G 324 -70.32 -32.56 62.34
N LYS G 325 -70.54 -33.16 63.51
CA LYS G 325 -71.03 -34.53 63.58
C LYS G 325 -72.53 -34.60 63.34
N ASN G 326 -73.22 -33.48 63.49
CA ASN G 326 -74.66 -33.42 63.30
C ASN G 326 -75.16 -31.99 63.14
N GLU G 327 -76.43 -31.86 62.78
CA GLU G 327 -77.06 -30.55 62.59
C GLU G 327 -76.96 -29.65 63.83
N SER G 328 -77.14 -30.23 65.02
CA SER G 328 -77.15 -29.44 66.26
C SER G 328 -75.85 -28.69 66.47
N GLU G 329 -74.73 -29.40 66.33
CA GLU G 329 -73.41 -28.77 66.41
C GLU G 329 -73.29 -27.59 65.41
N PHE G 330 -73.89 -27.77 64.24
CA PHE G 330 -73.84 -26.77 63.17
C PHE G 330 -74.68 -25.54 63.49
N TYR G 331 -75.94 -25.75 63.84
CA TYR G 331 -76.83 -24.64 64.17
C TYR G 331 -76.38 -23.92 65.45
N ALA G 332 -75.69 -24.62 66.34
CA ALA G 332 -75.15 -24.03 67.58
C ALA G 332 -73.95 -23.13 67.32
N ALA G 333 -73.29 -23.30 66.17
CA ALA G 333 -72.15 -22.48 65.77
C ALA G 333 -72.52 -21.33 64.82
N LEU G 334 -73.69 -21.38 64.20
CA LEU G 334 -74.12 -20.32 63.29
C LEU G 334 -74.20 -18.98 64.02
N GLY G 335 -73.69 -17.94 63.38
CA GLY G 335 -73.62 -16.61 63.98
C GLY G 335 -72.29 -16.38 64.67
N ASN G 336 -71.43 -17.39 64.69
CA ASN G 336 -70.12 -17.30 65.33
C ASN G 336 -68.99 -17.65 64.37
N ALA G 337 -68.52 -16.63 63.65
CA ALA G 337 -67.53 -16.79 62.59
C ALA G 337 -66.33 -17.64 62.99
N LYS G 338 -65.80 -17.41 64.19
CA LYS G 338 -64.60 -18.09 64.66
C LYS G 338 -64.85 -19.59 64.86
N GLU G 339 -66.06 -19.93 65.32
CA GLU G 339 -66.45 -21.33 65.51
C GLU G 339 -66.59 -22.04 64.17
N LEU G 340 -67.32 -21.42 63.25
CA LEU G 340 -67.50 -21.96 61.89
C LEU G 340 -66.17 -22.13 61.19
N GLN G 341 -65.27 -21.16 61.35
CA GLN G 341 -63.94 -21.23 60.77
C GLN G 341 -63.12 -22.36 61.38
N LYS G 342 -63.15 -22.48 62.70
CA LYS G 342 -62.44 -23.55 63.39
C LYS G 342 -62.84 -24.92 62.87
N HIS G 343 -64.12 -25.06 62.55
CA HIS G 343 -64.69 -26.34 62.13
C HIS G 343 -64.81 -26.52 60.59
N THR G 344 -64.27 -25.58 59.81
CA THR G 344 -64.30 -25.67 58.36
C THR G 344 -63.20 -26.61 57.92
N ILE G 345 -63.58 -27.71 57.28
CA ILE G 345 -62.62 -28.71 56.82
C ILE G 345 -62.32 -28.59 55.31
N SER G 346 -63.18 -27.91 54.56
CA SER G 346 -62.91 -27.62 53.14
C SER G 346 -63.35 -26.21 52.77
N LYS G 347 -62.48 -25.50 52.06
CA LYS G 347 -62.80 -24.16 51.55
C LYS G 347 -62.68 -24.14 50.03
N GLY G 348 -63.63 -23.46 49.39
CA GLY G 348 -63.58 -23.26 47.95
C GLY G 348 -63.68 -24.54 47.15
N VAL G 349 -63.10 -24.48 45.95
CA VAL G 349 -63.16 -25.59 45.01
C VAL G 349 -61.96 -26.48 45.28
N SER G 350 -62.09 -27.32 46.31
CA SER G 350 -61.01 -28.23 46.71
C SER G 350 -61.14 -29.56 46.00
N CYS G 351 -60.11 -30.40 46.14
CA CYS G 351 -60.08 -31.72 45.53
C CYS G 351 -61.43 -32.42 45.59
N GLU G 352 -62.02 -32.46 46.78
CA GLU G 352 -63.23 -33.25 47.05
C GLU G 352 -64.52 -32.66 46.50
N GLU G 353 -64.53 -31.37 46.19
CA GLU G 353 -65.69 -30.78 45.53
C GLU G 353 -65.75 -31.28 44.09
N CYS G 354 -64.59 -31.56 43.50
CA CYS G 354 -64.47 -32.10 42.15
C CYS G 354 -64.44 -33.63 42.11
N HIS G 355 -63.76 -34.21 43.10
CA HIS G 355 -63.47 -35.64 43.10
C HIS G 355 -64.33 -36.46 44.06
N GLY G 356 -65.20 -35.79 44.81
CA GLY G 356 -66.08 -36.46 45.77
C GLY G 356 -65.49 -36.51 47.16
N ALA G 357 -66.37 -36.49 48.16
CA ALA G 357 -65.97 -36.54 49.57
C ALA G 357 -65.20 -37.81 49.89
N GLY G 358 -63.93 -37.66 50.22
CA GLY G 358 -63.04 -38.78 50.50
C GLY G 358 -62.45 -39.41 49.26
N GLY G 359 -62.83 -38.92 48.10
CA GLY G 359 -62.37 -39.48 46.84
C GLY G 359 -62.60 -40.98 46.71
N HIS G 360 -61.49 -41.72 46.61
CA HIS G 360 -61.49 -43.16 46.37
C HIS G 360 -61.17 -43.97 47.62
N LEU G 361 -60.99 -43.26 48.74
CA LEU G 361 -60.54 -43.87 49.98
C LEU G 361 -61.64 -44.68 50.66
N GLU G 362 -61.25 -45.68 51.44
CA GLU G 362 -62.20 -46.55 52.11
C GLU G 362 -62.99 -45.76 53.13
N GLY G 363 -64.31 -45.88 53.07
CA GLY G 363 -65.20 -45.07 53.86
C GLY G 363 -65.68 -43.82 53.13
N GLY G 364 -64.99 -43.44 52.06
CA GLY G 364 -65.38 -42.27 51.26
C GLY G 364 -66.63 -42.51 50.46
N SER G 365 -67.12 -41.48 49.78
CA SER G 365 -68.37 -41.57 49.04
C SER G 365 -68.21 -42.07 47.60
N GLY G 366 -66.97 -42.18 47.12
CA GLY G 366 -66.70 -42.71 45.79
C GLY G 366 -66.17 -41.66 44.86
N LEU G 367 -65.07 -41.99 44.17
CA LEU G 367 -64.35 -41.04 43.35
C LEU G 367 -65.17 -40.51 42.18
N LEU G 368 -64.96 -39.23 41.87
CA LEU G 368 -65.58 -38.58 40.74
C LEU G 368 -64.49 -37.92 39.93
N ILE G 369 -64.78 -37.70 38.67
CA ILE G 369 -63.91 -36.91 37.78
C ILE G 369 -64.85 -35.86 37.19
N SER G 370 -64.74 -34.64 37.68
CA SER G 370 -65.63 -33.55 37.30
C SER G 370 -65.57 -33.27 35.80
N ASN G 371 -66.73 -32.99 35.21
CA ASN G 371 -66.80 -32.44 33.86
C ASN G 371 -67.09 -30.94 33.90
N CYS G 372 -67.01 -30.36 35.09
CA CYS G 372 -67.02 -28.90 35.27
C CYS G 372 -68.38 -28.24 35.15
N GLU G 373 -69.42 -29.02 34.81
CA GLU G 373 -70.71 -28.43 34.47
C GLU G 373 -71.50 -28.00 35.71
N ARG G 374 -71.09 -28.46 36.88
CA ARG G 374 -71.68 -27.97 38.14
C ARG G 374 -71.56 -26.46 38.23
N CYS G 375 -70.39 -25.94 37.84
CA CYS G 375 -70.07 -24.53 38.07
C CYS G 375 -69.73 -23.68 36.86
N HIS G 376 -69.54 -24.31 35.70
CA HIS G 376 -69.10 -23.58 34.50
C HIS G 376 -70.05 -23.69 33.30
N GLN G 377 -71.22 -24.28 33.49
CA GLN G 377 -72.15 -24.51 32.38
C GLN G 377 -73.18 -23.39 32.28
N ARG G 378 -74.07 -23.31 33.26
CA ARG G 378 -75.08 -22.24 33.33
C ARG G 378 -75.94 -22.11 32.07
N PHE G 379 -76.60 -23.21 31.70
CA PHE G 379 -77.60 -23.16 30.64
C PHE G 379 -78.72 -22.19 31.03
N SER G 380 -79.32 -21.60 30.01
CA SER G 380 -80.47 -20.74 30.18
C SER G 380 -81.34 -20.88 28.95
N TYR G 381 -82.61 -21.25 29.14
CA TYR G 381 -83.54 -21.48 28.03
C TYR G 381 -84.07 -20.17 27.45
N SER G 382 -83.94 -20.02 26.14
CA SER G 382 -84.37 -18.81 25.43
C SER G 382 -85.58 -19.09 24.55
N PRO G 383 -86.77 -18.64 24.97
CA PRO G 383 -87.93 -18.85 24.11
C PRO G 383 -87.77 -18.24 22.71
N ASP G 384 -86.98 -17.18 22.59
CA ASP G 384 -86.73 -16.55 21.29
C ASP G 384 -85.97 -17.47 20.33
N LEU G 385 -84.98 -18.19 20.84
CA LEU G 385 -84.24 -19.14 20.01
C LEU G 385 -85.11 -20.30 19.54
N MET G 386 -86.06 -20.71 20.38
CA MET G 386 -87.05 -21.73 20.00
C MET G 386 -87.95 -21.21 18.89
N ARG G 387 -88.44 -19.98 19.09
CA ARG G 387 -89.35 -19.34 18.15
C ARG G 387 -88.70 -19.05 16.79
N ASN G 388 -87.41 -18.71 16.79
CA ASN G 388 -86.70 -18.29 15.58
C ASN G 388 -86.37 -19.40 14.57
N ASN G 389 -86.27 -20.64 15.05
CA ASN G 389 -85.89 -21.75 14.18
C ASN G 389 -87.00 -22.81 14.05
N PRO G 390 -87.49 -23.04 12.82
CA PRO G 390 -88.57 -24.02 12.61
C PRO G 390 -88.18 -25.45 12.98
N LEU G 391 -86.89 -25.75 12.92
CA LEU G 391 -86.39 -27.11 13.12
C LEU G 391 -86.17 -27.44 14.61
N ASN G 392 -86.45 -26.50 15.50
CA ASN G 392 -86.32 -26.72 16.95
C ASN G 392 -87.54 -27.35 17.62
N ALA G 393 -88.63 -27.53 16.85
CA ALA G 393 -89.89 -28.03 17.41
C ALA G 393 -89.70 -29.35 18.15
N GLY G 394 -90.10 -29.38 19.42
CA GLY G 394 -89.96 -30.56 20.27
C GLY G 394 -88.53 -30.81 20.74
N LYS G 395 -87.64 -29.86 20.50
CA LYS G 395 -86.23 -30.01 20.84
C LYS G 395 -85.74 -28.77 21.60
N PRO G 396 -86.25 -28.57 22.83
CA PRO G 396 -85.90 -27.39 23.63
C PRO G 396 -84.41 -27.27 23.96
N ASP G 397 -83.70 -28.38 23.99
CA ASP G 397 -82.24 -28.37 24.09
C ASP G 397 -81.57 -27.45 23.05
N LEU G 398 -82.11 -27.39 21.83
CA LEU G 398 -81.54 -26.55 20.78
C LEU G 398 -81.83 -25.05 20.94
N ALA G 399 -82.71 -24.68 21.87
CA ALA G 399 -82.98 -23.29 22.21
C ALA G 399 -82.26 -22.85 23.49
N LEU G 400 -81.31 -23.65 23.95
CA LEU G 400 -80.51 -23.29 25.12
C LEU G 400 -79.48 -22.20 24.79
N SER G 401 -79.33 -21.29 25.74
CA SER G 401 -78.35 -20.21 25.67
C SER G 401 -77.56 -20.28 26.97
N SER G 402 -76.83 -19.22 27.28
CA SER G 402 -76.07 -19.16 28.52
C SER G 402 -76.72 -18.20 29.48
N LYS G 403 -76.42 -18.36 30.77
CA LYS G 403 -76.81 -17.37 31.77
C LYS G 403 -76.30 -16.01 31.32
N PHE G 404 -77.18 -15.02 31.21
CA PHE G 404 -76.74 -13.64 31.00
C PHE G 404 -76.88 -12.84 32.29
N LYS G 405 -75.84 -12.09 32.64
CA LYS G 405 -75.95 -11.10 33.71
C LYS G 405 -76.33 -9.79 33.05
N SER G 406 -77.64 -9.50 33.09
CA SER G 406 -78.24 -8.43 32.31
C SER G 406 -78.01 -8.64 30.80
N MET G 407 -77.12 -7.85 30.20
CA MET G 407 -76.97 -7.85 28.74
C MET G 407 -75.71 -8.57 28.25
N GLY G 408 -74.90 -9.08 29.16
CA GLY G 408 -73.71 -9.82 28.80
C GLY G 408 -73.76 -11.24 29.33
N PRO G 409 -73.18 -12.20 28.60
CA PRO G 409 -73.16 -13.57 29.11
C PRO G 409 -72.45 -13.60 30.44
N GLY G 410 -72.95 -14.40 31.38
CA GLY G 410 -72.38 -14.43 32.72
C GLY G 410 -71.09 -15.20 32.80
N CYS G 411 -70.32 -14.95 33.85
CA CYS G 411 -69.16 -15.75 34.16
C CYS G 411 -69.61 -17.18 34.46
N GLY G 412 -68.68 -18.12 34.38
CA GLY G 412 -69.01 -19.52 34.57
C GLY G 412 -70.05 -20.05 33.61
N SER G 413 -70.09 -19.52 32.39
CA SER G 413 -70.99 -20.03 31.35
C SER G 413 -70.20 -20.55 30.16
N GLU G 414 -68.94 -20.86 30.36
CA GLU G 414 -68.10 -21.39 29.29
C GLU G 414 -68.72 -22.66 28.72
N GLY G 415 -69.32 -23.48 29.57
CA GLY G 415 -69.87 -24.78 29.17
C GLY G 415 -71.08 -24.69 28.26
N SER G 416 -72.01 -23.78 28.57
CA SER G 416 -73.19 -23.59 27.73
C SER G 416 -72.84 -22.87 26.43
N GLN G 417 -71.79 -22.07 26.47
CA GLN G 417 -71.19 -21.50 25.26
C GLN G 417 -70.60 -22.58 24.36
N THR G 418 -69.69 -23.39 24.92
CA THR G 418 -69.00 -24.41 24.12
C THR G 418 -69.95 -25.48 23.59
N TYR G 419 -71.05 -25.72 24.31
CA TYR G 419 -72.05 -26.70 23.86
C TYR G 419 -72.50 -26.46 22.43
N PHE G 420 -72.55 -25.20 22.01
CA PHE G 420 -72.95 -24.83 20.64
C PHE G 420 -71.77 -24.39 19.77
N THR G 421 -70.68 -25.15 19.84
CA THR G 421 -69.49 -24.91 19.02
C THR G 421 -69.05 -26.18 18.29
N ALA G 422 -68.34 -26.00 17.18
CA ALA G 422 -67.81 -27.13 16.46
C ALA G 422 -67.02 -27.99 17.43
N HIS G 423 -66.17 -27.35 18.22
CA HIS G 423 -65.31 -28.05 19.17
C HIS G 423 -66.07 -29.10 19.99
N TYR G 424 -67.18 -28.68 20.60
CA TYR G 424 -67.96 -29.60 21.43
C TYR G 424 -68.55 -30.72 20.58
N GLU G 425 -69.09 -30.37 19.42
CA GLU G 425 -69.59 -31.36 18.48
C GLU G 425 -68.52 -32.41 18.15
N LYS G 426 -67.26 -32.01 18.09
CA LYS G 426 -66.17 -32.93 17.79
C LYS G 426 -65.64 -33.65 19.03
N GLY G 427 -66.36 -33.56 20.15
CA GLY G 427 -66.02 -34.31 21.35
C GLY G 427 -65.10 -33.60 22.32
N MET G 428 -64.79 -32.34 22.07
CA MET G 428 -63.89 -31.60 22.95
C MET G 428 -64.61 -31.06 24.18
N ARG G 429 -63.95 -31.17 25.32
CA ARG G 429 -64.48 -30.74 26.59
C ARG G 429 -63.45 -29.86 27.29
N CYS G 430 -63.81 -29.32 28.46
CA CYS G 430 -62.88 -28.45 29.21
C CYS G 430 -61.52 -29.07 29.34
N ALA G 431 -61.46 -30.32 29.78
CA ALA G 431 -60.19 -31.00 30.04
C ALA G 431 -59.42 -31.39 28.78
N THR G 432 -60.04 -31.28 27.63
CA THR G 432 -59.29 -31.44 26.38
C THR G 432 -58.17 -30.40 26.32
N CYS G 433 -58.50 -29.15 26.62
CA CYS G 433 -57.54 -28.04 26.54
C CYS G 433 -56.90 -27.71 27.89
N HIS G 434 -57.68 -27.81 28.97
CA HIS G 434 -57.24 -27.32 30.28
C HIS G 434 -56.68 -28.40 31.20
N ASP G 435 -55.56 -28.09 31.85
CA ASP G 435 -55.19 -28.80 33.06
C ASP G 435 -56.24 -28.42 34.12
N PRO G 436 -56.80 -29.42 34.80
CA PRO G 436 -57.89 -29.13 35.74
C PRO G 436 -57.42 -28.68 37.13
N HIS G 437 -56.11 -28.74 37.37
CA HIS G 437 -55.55 -28.37 38.66
C HIS G 437 -54.92 -26.97 38.64
N ASP G 438 -54.03 -26.74 37.68
CA ASP G 438 -53.25 -25.50 37.56
C ASP G 438 -54.02 -24.48 36.71
N VAL G 439 -55.16 -24.03 37.22
CA VAL G 439 -56.13 -23.28 36.41
C VAL G 439 -55.88 -21.77 36.34
N THR G 440 -54.88 -21.29 37.08
CA THR G 440 -54.64 -19.86 37.22
C THR G 440 -53.30 -19.45 36.58
N GLY G 441 -52.27 -20.23 36.84
CA GLY G 441 -50.99 -20.08 36.15
C GLY G 441 -50.08 -19.09 36.84
N ASN G 442 -48.92 -18.86 36.23
CA ASN G 442 -47.88 -18.03 36.81
C ASN G 442 -48.11 -16.53 36.56
N VAL G 443 -49.17 -15.99 37.17
CA VAL G 443 -49.51 -14.57 37.01
C VAL G 443 -49.12 -13.79 38.27
N THR G 444 -48.80 -12.51 38.09
CA THR G 444 -48.27 -11.68 39.17
C THR G 444 -48.98 -10.34 39.26
N GLY G 445 -48.69 -9.60 40.32
CA GLY G 445 -49.28 -8.27 40.54
C GLY G 445 -48.64 -7.20 39.67
N GLU G 446 -49.14 -5.98 39.78
CA GLU G 446 -48.65 -4.82 39.03
C GLU G 446 -47.85 -3.90 39.95
N LYS G 447 -46.53 -3.87 39.77
CA LYS G 447 -45.67 -3.01 40.59
C LYS G 447 -45.99 -1.53 40.41
N GLY G 448 -46.51 -1.18 39.24
CA GLY G 448 -46.92 0.20 38.94
C GLY G 448 -48.05 0.75 39.78
N ILE G 449 -48.95 -0.10 40.25
CA ILE G 449 -50.08 0.36 41.06
C ILE G 449 -49.63 0.83 42.44
N LYS G 450 -49.93 2.09 42.76
CA LYS G 450 -49.67 2.63 44.08
C LYS G 450 -50.98 2.82 44.81
N GLY G 451 -51.30 1.88 45.69
CA GLY G 451 -52.56 1.90 46.43
C GLY G 451 -52.38 2.00 47.92
N VAL G 452 -53.45 2.44 48.58
CA VAL G 452 -53.46 2.52 50.04
C VAL G 452 -53.15 1.15 50.67
N SER G 453 -53.74 0.09 50.14
CA SER G 453 -53.61 -1.25 50.73
C SER G 453 -53.01 -2.31 49.81
N TYR G 454 -53.30 -2.21 48.52
CA TYR G 454 -52.81 -3.17 47.53
C TYR G 454 -51.35 -3.50 47.74
N ASN G 455 -51.06 -4.80 47.81
CA ASN G 455 -49.71 -5.34 47.86
C ASN G 455 -49.51 -6.19 46.61
N SER G 456 -48.48 -5.88 45.83
CA SER G 456 -48.31 -6.45 44.50
C SER G 456 -47.41 -7.67 44.46
N GLU G 457 -47.00 -8.17 45.62
CA GLU G 457 -45.95 -9.19 45.68
C GLU G 457 -46.45 -10.57 46.08
N GLN G 458 -47.77 -10.73 46.16
CA GLN G 458 -48.36 -11.99 46.62
C GLN G 458 -48.69 -12.99 45.49
N GLY G 459 -48.02 -12.86 44.35
CA GLY G 459 -48.20 -13.78 43.23
C GLY G 459 -49.57 -13.64 42.59
N TYR G 460 -50.21 -14.78 42.32
CA TYR G 460 -51.52 -14.78 41.66
C TYR G 460 -52.58 -14.02 42.47
N LEU G 461 -52.43 -14.02 43.79
CA LEU G 461 -53.33 -13.26 44.66
C LEU G 461 -53.30 -11.75 44.36
N SER G 462 -52.18 -11.25 43.86
CA SER G 462 -52.04 -9.83 43.52
C SER G 462 -52.42 -9.50 42.07
N SER G 463 -52.58 -10.53 41.24
CA SER G 463 -52.71 -10.35 39.79
C SER G 463 -54.11 -9.97 39.33
N LEU G 464 -54.16 -9.18 38.26
CA LEU G 464 -55.41 -8.78 37.63
C LEU G 464 -55.84 -9.72 36.50
N TYR G 465 -55.07 -10.78 36.27
CA TYR G 465 -55.22 -11.62 35.09
C TYR G 465 -55.25 -13.11 35.45
N SER G 466 -55.58 -13.93 34.46
CA SER G 466 -55.57 -15.37 34.59
C SER G 466 -54.91 -15.97 33.35
N LYS G 467 -54.18 -17.05 33.56
CA LYS G 467 -53.38 -17.68 32.52
C LYS G 467 -53.37 -19.18 32.76
N PRO G 468 -54.53 -19.84 32.56
CA PRO G 468 -54.68 -21.26 32.87
C PRO G 468 -53.69 -22.14 32.13
N LYS G 469 -53.19 -23.17 32.80
CA LYS G 469 -52.31 -24.15 32.16
C LYS G 469 -53.09 -24.93 31.09
N LEU G 470 -52.54 -24.97 29.87
CA LEU G 470 -53.19 -25.64 28.75
C LEU G 470 -52.44 -26.88 28.28
N LYS G 471 -53.19 -27.93 27.99
CA LYS G 471 -52.66 -29.12 27.33
C LYS G 471 -52.59 -28.92 25.83
N LYS G 472 -53.55 -28.17 25.28
CA LYS G 472 -53.63 -27.96 23.84
C LYS G 472 -53.65 -26.48 23.51
N GLU G 473 -52.79 -26.09 22.56
CA GLU G 473 -52.82 -24.76 21.96
C GLU G 473 -53.54 -24.86 20.61
N CYS G 474 -54.13 -23.73 20.19
CA CYS G 474 -54.81 -23.66 18.90
C CYS G 474 -53.95 -24.24 17.79
N THR G 475 -52.67 -23.91 17.83
CA THR G 475 -51.73 -24.29 16.78
C THR G 475 -51.42 -25.79 16.71
N ASP G 476 -51.79 -26.56 17.73
CA ASP G 476 -51.57 -28.01 17.71
C ASP G 476 -52.51 -28.68 16.73
N CYS G 477 -53.76 -28.22 16.72
CA CYS G 477 -54.78 -28.79 15.84
C CYS G 477 -54.93 -28.02 14.53
N HIS G 478 -54.68 -26.71 14.54
CA HIS G 478 -54.92 -25.87 13.36
C HIS G 478 -53.60 -25.49 12.68
N LYS G 479 -53.04 -26.46 11.95
CA LYS G 479 -51.69 -26.34 11.36
C LYS G 479 -51.62 -25.28 10.29
N GLU G 480 -52.59 -25.27 9.39
CA GLU G 480 -52.58 -24.35 8.24
C GLU G 480 -52.70 -22.92 8.69
N GLN G 481 -53.60 -22.68 9.64
CA GLN G 481 -53.83 -21.35 10.20
C GLN G 481 -52.59 -20.87 10.94
N ALA G 482 -51.99 -21.77 11.71
CA ALA G 482 -50.76 -21.47 12.44
C ALA G 482 -49.62 -21.14 11.49
N TYR G 483 -49.49 -21.90 10.41
CA TYR G 483 -48.44 -21.69 9.44
C TYR G 483 -48.52 -20.29 8.81
N ILE G 484 -49.70 -19.92 8.33
CA ILE G 484 -49.92 -18.62 7.70
C ILE G 484 -49.76 -17.50 8.71
N GLN G 485 -50.25 -17.72 9.92
CA GLN G 485 -50.18 -16.71 10.98
C GLN G 485 -48.77 -16.58 11.58
N SER G 486 -47.87 -17.52 11.27
CA SER G 486 -46.47 -17.45 11.73
C SER G 486 -45.61 -16.49 10.89
N LYS G 487 -46.04 -16.20 9.67
CA LYS G 487 -45.30 -15.31 8.77
C LYS G 487 -45.42 -13.87 9.27
N ALA G 488 -44.33 -13.12 9.26
CA ALA G 488 -44.31 -11.76 9.81
C ALA G 488 -45.34 -10.85 9.15
N ASP G 489 -46.29 -10.35 9.94
CA ASP G 489 -47.34 -9.48 9.42
C ASP G 489 -48.07 -8.74 10.55
N THR G 490 -49.03 -7.91 10.19
CA THR G 490 -49.78 -7.06 11.12
C THR G 490 -50.09 -7.69 12.49
N HIS G 491 -50.65 -8.90 12.48
CA HIS G 491 -51.09 -9.56 13.71
C HIS G 491 -50.34 -10.85 14.07
N SER G 492 -49.20 -11.09 13.43
CA SER G 492 -48.46 -12.34 13.63
C SER G 492 -47.93 -12.54 15.06
N LYS G 493 -47.67 -11.45 15.78
CA LYS G 493 -47.20 -11.54 17.16
C LYS G 493 -48.33 -11.88 18.14
N ASN G 494 -49.58 -11.66 17.73
CA ASN G 494 -50.72 -11.88 18.61
C ASN G 494 -51.10 -13.35 18.73
N SER G 495 -51.64 -13.72 19.88
CA SER G 495 -52.14 -15.08 20.10
C SER G 495 -53.41 -15.32 19.28
N CYS G 496 -53.66 -16.58 18.96
CA CYS G 496 -54.91 -16.96 18.31
C CYS G 496 -56.09 -16.52 19.15
N ALA G 497 -55.99 -16.73 20.45
CA ALA G 497 -57.07 -16.36 21.39
C ALA G 497 -57.39 -14.86 21.41
N SER G 498 -56.42 -14.02 21.03
CA SER G 498 -56.63 -12.57 21.03
C SER G 498 -57.82 -12.14 20.18
N CYS G 499 -57.99 -12.73 18.98
CA CYS G 499 -59.14 -12.45 18.11
C CYS G 499 -60.33 -13.35 18.41
N HIS G 500 -60.02 -14.60 18.69
CA HIS G 500 -61.01 -15.67 18.75
C HIS G 500 -61.72 -15.83 20.10
N MET G 501 -61.07 -15.38 21.17
CA MET G 501 -61.61 -15.54 22.52
C MET G 501 -61.60 -14.21 23.28
N PRO G 502 -62.42 -13.25 22.81
CA PRO G 502 -62.50 -11.97 23.50
C PRO G 502 -63.22 -12.07 24.84
N PHE G 503 -62.99 -11.08 25.69
CA PHE G 503 -63.58 -11.06 27.02
C PHE G 503 -64.98 -10.49 27.00
N MET G 504 -65.94 -11.32 26.59
CA MET G 504 -67.33 -10.91 26.45
C MET G 504 -68.13 -10.98 27.74
N MET G 505 -67.63 -11.71 28.73
CA MET G 505 -68.49 -12.15 29.82
C MET G 505 -68.49 -11.20 31.02
N SER G 506 -69.67 -11.00 31.58
CA SER G 506 -69.86 -10.19 32.79
C SER G 506 -69.85 -11.04 34.04
N CYS G 507 -68.90 -10.76 34.92
CA CYS G 507 -68.82 -11.40 36.22
C CYS G 507 -69.58 -10.59 37.27
N GLU G 508 -69.61 -9.28 37.09
CA GLU G 508 -70.06 -8.35 38.13
C GLU G 508 -71.51 -7.91 37.98
N ASN G 509 -72.12 -8.20 36.84
CA ASN G 509 -73.43 -7.65 36.47
C ASN G 509 -73.46 -6.13 36.64
N PHE G 510 -72.41 -5.50 36.12
CA PHE G 510 -72.29 -4.06 36.20
C PHE G 510 -73.02 -3.45 35.00
N TYR G 511 -74.35 -3.64 35.01
CA TYR G 511 -75.23 -3.22 33.91
C TYR G 511 -75.16 -1.73 33.59
N ALA G 512 -74.69 -0.93 34.55
CA ALA G 512 -74.53 0.51 34.36
C ALA G 512 -73.56 0.83 33.23
N ILE G 513 -72.56 -0.03 33.04
CA ILE G 513 -71.55 0.20 32.01
C ILE G 513 -71.63 -0.77 30.83
N GLN G 514 -72.74 -1.52 30.71
CA GLN G 514 -72.90 -2.48 29.62
C GLN G 514 -73.50 -1.82 28.40
N PHE G 515 -72.70 -1.73 27.34
CA PHE G 515 -73.12 -1.19 26.05
C PHE G 515 -72.62 -2.14 24.99
N GLN G 516 -73.36 -3.25 24.86
CA GLN G 516 -72.87 -4.44 24.17
C GLN G 516 -72.63 -4.25 22.68
N ASP G 517 -73.37 -3.34 22.05
CA ASP G 517 -73.14 -3.01 20.65
C ASP G 517 -71.77 -2.36 20.43
N GLN G 518 -71.21 -1.74 21.48
CA GLN G 518 -69.84 -1.19 21.45
C GLN G 518 -68.79 -2.14 22.06
N ALA G 519 -69.17 -3.38 22.32
CA ALA G 519 -68.24 -4.39 22.84
C ALA G 519 -67.52 -3.94 24.13
N GLY G 520 -68.29 -3.35 25.03
CA GLY G 520 -67.80 -2.99 26.36
C GLY G 520 -69.02 -2.71 27.24
N PHE G 521 -68.83 -2.46 28.53
CA PHE G 521 -67.52 -2.27 29.18
C PHE G 521 -67.38 -3.12 30.43
N ASP G 522 -68.32 -4.05 30.61
CA ASP G 522 -68.36 -4.92 31.76
C ASP G 522 -67.87 -6.28 31.26
N THR G 523 -66.56 -6.40 31.19
CA THR G 523 -65.91 -7.46 30.40
C THR G 523 -64.78 -8.11 31.17
N GLN G 524 -65.09 -9.17 31.93
CA GLN G 524 -64.13 -9.76 32.87
C GLN G 524 -63.78 -11.23 32.66
N ARG G 525 -64.48 -11.93 31.77
CA ARG G 525 -64.20 -13.34 31.52
C ARG G 525 -64.25 -13.64 30.03
N ARG G 526 -63.61 -14.73 29.65
CA ARG G 526 -63.25 -15.01 28.27
C ARG G 526 -64.27 -15.89 27.55
N ALA G 527 -64.81 -15.39 26.44
CA ALA G 527 -65.78 -16.15 25.64
C ALA G 527 -65.16 -17.42 25.08
N HIS G 528 -65.94 -18.50 25.08
CA HIS G 528 -65.51 -19.79 24.59
C HIS G 528 -66.44 -20.17 23.45
N ILE G 529 -66.28 -19.47 22.33
CA ILE G 529 -67.15 -19.57 21.18
C ILE G 529 -66.35 -19.81 19.89
N TRP G 530 -65.22 -19.11 19.76
CA TRP G 530 -64.21 -19.36 18.74
C TRP G 530 -64.61 -18.90 17.33
N LYS G 531 -65.78 -19.35 16.85
CA LYS G 531 -66.30 -18.94 15.55
C LYS G 531 -66.48 -17.43 15.47
N ILE G 532 -65.82 -16.82 14.50
CA ILE G 532 -65.97 -15.38 14.24
C ILE G 532 -66.86 -15.20 13.02
N ASP G 533 -67.92 -14.40 13.19
CA ASP G 533 -68.84 -14.09 12.12
C ASP G 533 -68.37 -12.80 11.49
N VAL G 534 -68.41 -12.74 10.16
CA VAL G 534 -67.97 -11.57 9.42
C VAL G 534 -69.19 -10.92 8.79
N ASP G 535 -69.66 -9.83 9.41
CA ASP G 535 -70.92 -9.21 9.02
C ASP G 535 -70.93 -7.74 9.45
N PRO G 536 -71.61 -6.86 8.69
CA PRO G 536 -71.58 -5.44 9.06
C PRO G 536 -72.41 -5.08 10.29
N ALA G 537 -73.50 -5.82 10.55
CA ALA G 537 -74.46 -5.46 11.59
C ALA G 537 -74.81 -6.56 12.60
N ARG G 538 -74.86 -7.82 12.16
CA ARG G 538 -75.30 -8.92 13.02
C ARG G 538 -74.51 -9.03 14.33
N LYS G 539 -75.23 -9.08 15.46
CA LYS G 539 -74.62 -9.09 16.78
C LYS G 539 -74.64 -10.46 17.45
N SER G 540 -73.60 -10.75 18.23
CA SER G 540 -73.55 -11.94 19.07
C SER G 540 -74.63 -11.93 20.13
N LEU G 541 -74.77 -10.77 20.78
CA LEU G 541 -75.63 -10.60 21.93
C LEU G 541 -76.82 -9.75 21.54
N VAL G 542 -78.03 -10.28 21.79
CA VAL G 542 -79.27 -9.60 21.44
C VAL G 542 -80.26 -9.63 22.59
N ALA G 543 -81.08 -8.57 22.64
CA ALA G 543 -82.15 -8.48 23.61
C ALA G 543 -83.24 -9.49 23.27
N GLY G 544 -83.89 -10.02 24.30
CA GLY G 544 -85.09 -10.84 24.10
C GLY G 544 -86.26 -10.04 23.60
N SER G 545 -87.29 -10.72 23.12
CA SER G 545 -88.46 -10.04 22.55
C SER G 545 -89.37 -9.45 23.63
N THR G 546 -89.17 -9.86 24.88
CA THR G 546 -89.83 -9.23 26.02
C THR G 546 -89.28 -7.84 26.29
N SER G 547 -88.05 -7.55 25.84
CA SER G 547 -87.44 -6.24 26.05
C SER G 547 -88.25 -5.12 25.39
N LYS G 548 -88.60 -4.11 26.18
CA LYS G 548 -89.35 -2.94 25.72
C LYS G 548 -88.47 -1.69 25.56
N ASP G 549 -87.25 -1.73 26.10
CA ASP G 549 -86.29 -0.63 26.02
C ASP G 549 -84.90 -1.23 25.73
N PRO G 550 -84.08 -0.54 24.90
CA PRO G 550 -82.72 -1.02 24.61
C PRO G 550 -81.88 -1.44 25.83
N ARG G 551 -82.07 -0.78 26.97
CA ARG G 551 -81.25 -1.07 28.16
C ARG G 551 -82.02 -1.66 29.35
N ASP G 552 -83.17 -2.29 29.14
CA ASP G 552 -83.90 -2.90 30.26
C ASP G 552 -83.30 -4.25 30.70
N GLY G 553 -82.55 -4.89 29.81
CA GLY G 553 -81.83 -6.12 30.15
C GLY G 553 -82.69 -7.37 30.25
N LYS G 554 -83.75 -7.43 29.46
CA LYS G 554 -84.72 -8.51 29.53
C LYS G 554 -84.42 -9.64 28.54
N ASP G 555 -84.10 -10.82 29.07
CA ASP G 555 -83.98 -12.05 28.27
C ASP G 555 -82.93 -11.99 27.17
N TRP G 556 -81.76 -11.44 27.49
CA TRP G 556 -80.66 -11.42 26.54
C TRP G 556 -80.15 -12.82 26.33
N HIS G 557 -79.72 -13.10 25.10
CA HIS G 557 -79.21 -14.40 24.73
C HIS G 557 -78.24 -14.26 23.58
N PHE G 558 -77.49 -15.35 23.34
CA PHE G 558 -76.66 -15.44 22.17
C PHE G 558 -77.52 -15.67 20.94
N GLU G 559 -77.14 -15.07 19.82
CA GLU G 559 -77.74 -15.44 18.56
C GLU G 559 -77.08 -16.72 18.08
N ARG G 560 -77.73 -17.39 17.14
CA ARG G 560 -77.16 -18.55 16.48
C ARG G 560 -76.99 -18.26 15.02
N ASN G 561 -75.90 -18.74 14.44
CA ASN G 561 -75.69 -18.64 13.00
C ASN G 561 -76.39 -19.75 12.22
N GLU G 562 -76.21 -19.72 10.90
CA GLU G 562 -76.82 -20.65 9.97
C GLU G 562 -76.49 -22.12 10.27
N GLU G 563 -75.38 -22.37 10.97
CA GLU G 563 -75.02 -23.72 11.40
C GLU G 563 -75.45 -24.05 12.83
N GLY G 564 -76.30 -23.21 13.41
CA GLY G 564 -76.77 -23.44 14.78
C GLY G 564 -75.70 -23.33 15.83
N ARG G 565 -74.72 -22.46 15.60
CA ARG G 565 -73.66 -22.25 16.59
C ARG G 565 -73.60 -20.81 17.06
N ASN G 566 -73.04 -20.64 18.27
CA ASN G 566 -72.73 -19.32 18.79
C ASN G 566 -71.61 -18.74 17.93
N PHE G 567 -71.49 -17.42 17.96
CA PHE G 567 -70.44 -16.74 17.22
C PHE G 567 -70.02 -15.43 17.88
N VAL G 568 -68.81 -15.00 17.55
CA VAL G 568 -68.25 -13.75 17.99
C VAL G 568 -68.38 -12.76 16.83
N ASP G 569 -69.09 -11.65 17.04
CA ASP G 569 -69.17 -10.61 16.01
C ASP G 569 -67.87 -9.79 15.98
N LEU G 570 -67.68 -9.02 14.92
CA LEU G 570 -66.39 -8.37 14.67
C LEU G 570 -66.07 -7.26 15.66
N MET G 571 -67.10 -6.64 16.23
CA MET G 571 -66.89 -5.62 17.23
C MET G 571 -66.23 -6.22 18.47
N TRP G 572 -66.70 -7.38 18.90
CA TRP G 572 -66.09 -8.09 20.04
C TRP G 572 -64.70 -8.66 19.71
N ALA G 573 -64.59 -9.25 18.52
CA ALA G 573 -63.33 -9.86 18.10
C ALA G 573 -62.19 -8.85 17.97
N CYS G 574 -62.50 -7.63 17.53
CA CYS G 574 -61.48 -6.65 17.14
C CYS G 574 -61.38 -5.40 18.00
N ALA G 575 -62.52 -4.92 18.50
CA ALA G 575 -62.59 -3.56 19.04
C ALA G 575 -63.06 -3.50 20.50
N ARG G 576 -63.18 -4.65 21.14
CA ARG G 576 -63.67 -4.73 22.52
C ARG G 576 -62.82 -3.95 23.52
N THR G 577 -63.47 -3.53 24.59
CA THR G 577 -62.82 -2.82 25.68
C THR G 577 -62.87 -3.64 26.95
N THR G 578 -61.70 -3.90 27.53
CA THR G 578 -61.60 -4.73 28.72
C THR G 578 -60.33 -4.34 29.49
N TRP G 579 -60.32 -4.67 30.78
CA TRP G 579 -59.14 -4.50 31.62
C TRP G 579 -58.75 -5.82 32.26
N ALA G 580 -59.19 -6.92 31.65
CA ALA G 580 -58.91 -8.27 32.13
C ALA G 580 -58.12 -9.11 31.14
N ASP G 581 -57.78 -8.52 29.98
CA ASP G 581 -57.15 -9.25 28.87
C ASP G 581 -55.68 -8.84 28.77
N LYS G 582 -54.80 -9.75 29.20
CA LYS G 582 -53.37 -9.50 29.19
C LYS G 582 -52.80 -9.39 27.79
N ASP G 583 -53.27 -10.22 26.86
CA ASP G 583 -52.87 -10.12 25.45
C ASP G 583 -53.16 -8.71 24.90
N GLN G 584 -54.37 -8.21 25.17
CA GLN G 584 -54.78 -6.89 24.70
C GLN G 584 -53.92 -5.78 25.30
N ALA G 585 -53.62 -5.89 26.59
CA ALA G 585 -52.78 -4.92 27.29
C ALA G 585 -51.40 -4.84 26.64
N GLU G 586 -50.89 -5.99 26.23
CA GLU G 586 -49.56 -6.11 25.63
C GLU G 586 -49.53 -5.93 24.10
N ALA G 587 -50.69 -5.71 23.49
CA ALA G 587 -50.78 -5.45 22.05
C ALA G 587 -51.46 -4.12 21.81
N LYS G 588 -51.06 -3.13 22.61
CA LYS G 588 -51.45 -1.73 22.46
C LYS G 588 -52.95 -1.47 22.60
N GLY G 589 -53.63 -2.32 23.39
CA GLY G 589 -55.06 -2.19 23.61
C GLY G 589 -55.91 -2.55 22.41
N CYS G 590 -55.31 -3.19 21.42
CA CYS G 590 -56.00 -3.52 20.17
C CYS G 590 -56.63 -2.27 19.55
N HIS G 591 -57.94 -2.31 19.24
CA HIS G 591 -58.62 -1.22 18.55
C HIS G 591 -59.72 -0.54 19.37
N SER G 592 -59.78 -0.81 20.66
CA SER G 592 -60.73 -0.13 21.54
C SER G 592 -60.52 1.37 21.43
N PRO G 593 -61.59 2.13 21.13
CA PRO G 593 -61.42 3.57 21.19
C PRO G 593 -61.07 4.09 22.59
N VAL G 594 -61.22 3.22 23.59
CA VAL G 594 -60.98 3.59 24.98
C VAL G 594 -59.58 3.26 25.46
N VAL G 595 -59.11 2.05 25.17
CA VAL G 595 -57.81 1.62 25.67
C VAL G 595 -56.73 1.44 24.60
N SER G 596 -57.06 1.63 23.32
CA SER G 596 -56.02 1.50 22.29
C SER G 596 -55.02 2.64 22.34
N GLU G 597 -53.74 2.28 22.20
CA GLU G 597 -52.63 3.22 22.04
C GLU G 597 -52.23 3.38 20.57
N LEU G 598 -52.96 2.75 19.65
CA LEU G 598 -52.70 2.93 18.22
C LEU G 598 -53.19 4.29 17.75
N LYS G 599 -52.77 4.70 16.56
CA LYS G 599 -53.29 5.92 15.94
C LYS G 599 -54.82 5.86 15.88
N GLU G 600 -55.46 7.03 15.97
CA GLU G 600 -56.91 7.14 16.16
C GLU G 600 -57.71 6.51 15.01
N THR G 601 -57.11 6.47 13.82
CA THR G 601 -57.75 5.86 12.67
C THR G 601 -57.82 4.33 12.74
N LEU G 602 -57.14 3.73 13.73
CA LEU G 602 -57.30 2.31 14.02
C LEU G 602 -58.10 2.08 15.30
N HIS G 603 -58.83 3.10 15.75
CA HIS G 603 -59.79 2.92 16.83
C HIS G 603 -61.10 2.61 16.15
N PHE G 604 -61.60 1.39 16.32
CA PHE G 604 -62.81 0.97 15.63
C PHE G 604 -64.05 1.31 16.46
N LYS G 605 -64.92 2.15 15.91
CA LYS G 605 -66.03 2.74 16.68
C LYS G 605 -67.38 2.07 16.46
N ASP G 606 -67.49 1.22 15.44
CA ASP G 606 -68.70 0.46 15.17
C ASP G 606 -68.39 -0.75 14.28
N GLN G 607 -69.31 -1.70 14.23
CA GLN G 607 -69.05 -2.96 13.56
C GLN G 607 -68.90 -2.79 12.05
N LYS G 608 -69.62 -1.82 11.49
CA LYS G 608 -69.51 -1.50 10.07
C LYS G 608 -68.05 -1.15 9.71
N GLN G 609 -67.39 -0.36 10.55
CA GLN G 609 -66.00 0.02 10.32
C GLN G 609 -65.06 -1.19 10.35
N VAL G 610 -65.27 -2.08 11.32
CA VAL G 610 -64.45 -3.28 11.45
C VAL G 610 -64.63 -4.15 10.20
N TYR G 611 -65.88 -4.39 9.85
CA TYR G 611 -66.23 -5.12 8.63
C TYR G 611 -65.51 -4.57 7.40
N ASN G 612 -65.54 -3.25 7.20
CA ASN G 612 -64.84 -2.64 6.06
C ASN G 612 -63.34 -2.94 6.08
N GLU G 613 -62.73 -2.96 7.26
CA GLU G 613 -61.34 -3.36 7.38
C GLU G 613 -61.13 -4.81 6.95
N VAL G 614 -61.97 -5.70 7.46
CA VAL G 614 -61.90 -7.12 7.11
C VAL G 614 -62.11 -7.31 5.60
N MET G 615 -63.13 -6.66 5.02
CA MET G 615 -63.36 -6.73 3.57
C MET G 615 -62.22 -6.16 2.73
N GLY G 616 -61.47 -5.20 3.29
CA GLY G 616 -60.30 -4.66 2.62
C GLY G 616 -59.22 -5.68 2.35
N TRP G 617 -59.13 -6.68 3.22
CA TRP G 617 -58.24 -7.81 3.02
C TRP G 617 -58.96 -8.97 2.33
N GLN G 618 -60.18 -9.28 2.77
CA GLN G 618 -60.87 -10.47 2.28
C GLN G 618 -61.33 -10.41 0.83
N THR G 619 -61.80 -9.25 0.38
CA THR G 619 -62.31 -9.13 -0.98
C THR G 619 -61.25 -9.36 -2.07
N PRO G 620 -60.07 -8.72 -1.93
CA PRO G 620 -59.00 -9.02 -2.92
C PRO G 620 -58.59 -10.49 -2.94
N VAL G 621 -58.40 -11.07 -1.76
CA VAL G 621 -58.02 -12.48 -1.65
C VAL G 621 -59.05 -13.38 -2.34
N LYS G 622 -60.33 -13.24 -1.95
CA LYS G 622 -61.43 -13.99 -2.58
C LYS G 622 -61.51 -13.82 -4.11
N ASP G 623 -61.40 -12.59 -4.59
CA ASP G 623 -61.41 -12.34 -6.02
C ASP G 623 -60.30 -13.13 -6.73
N LYS G 624 -59.07 -13.00 -6.23
CA LYS G 624 -57.92 -13.72 -6.81
C LYS G 624 -58.05 -15.23 -6.66
N PHE G 625 -58.40 -15.67 -5.46
CA PHE G 625 -58.68 -17.08 -5.21
C PHE G 625 -59.61 -17.62 -6.27
N THR G 626 -60.68 -16.88 -6.51
CA THR G 626 -61.70 -17.27 -7.49
C THR G 626 -61.15 -17.31 -8.92
N GLN G 627 -60.32 -16.33 -9.28
CA GLN G 627 -59.72 -16.30 -10.62
C GLN G 627 -58.80 -17.48 -10.88
N VAL G 628 -58.03 -17.86 -9.86
CA VAL G 628 -57.17 -19.02 -9.95
C VAL G 628 -57.99 -20.30 -10.15
N LYS G 629 -59.05 -20.48 -9.35
CA LYS G 629 -59.91 -21.68 -9.45
C LYS G 629 -60.55 -21.79 -10.81
N VAL G 630 -61.19 -20.72 -11.25
CA VAL G 630 -61.78 -20.63 -12.59
C VAL G 630 -60.71 -20.87 -13.67
N GLY G 631 -59.54 -20.29 -13.47
CA GLY G 631 -58.41 -20.52 -14.36
C GLY G 631 -58.02 -21.99 -14.43
N ILE G 632 -57.86 -22.62 -13.27
CA ILE G 632 -57.48 -24.03 -13.19
C ILE G 632 -58.47 -24.92 -13.91
N GLN G 633 -59.75 -24.70 -13.67
CA GLN G 633 -60.81 -25.50 -14.27
C GLN G 633 -60.80 -25.34 -15.78
N GLY G 634 -60.78 -24.08 -16.23
CA GLY G 634 -60.71 -23.76 -17.65
C GLY G 634 -59.59 -24.51 -18.35
N LEU G 635 -58.41 -24.51 -17.74
CA LEU G 635 -57.25 -25.16 -18.33
C LEU G 635 -57.37 -26.68 -18.23
N TYR G 636 -57.92 -27.16 -17.13
CA TYR G 636 -58.10 -28.60 -16.94
C TYR G 636 -59.02 -29.17 -18.01
N SER G 637 -60.12 -28.47 -18.28
CA SER G 637 -61.11 -28.97 -19.24
C SER G 637 -60.60 -28.89 -20.69
N LEU G 638 -59.73 -27.91 -20.96
CA LEU G 638 -59.06 -27.82 -22.26
C LEU G 638 -57.98 -28.89 -22.41
N LEU G 639 -57.29 -29.20 -21.31
CA LEU G 639 -56.25 -30.22 -21.31
C LEU G 639 -56.83 -31.59 -21.66
N GLU G 640 -58.00 -31.88 -21.11
CA GLU G 640 -58.66 -33.19 -21.23
C GLU G 640 -58.95 -33.62 -22.66
N VAL G 641 -59.33 -32.66 -23.52
CA VAL G 641 -59.67 -32.98 -24.91
C VAL G 641 -58.63 -32.46 -25.90
N LYS G 642 -58.29 -31.17 -25.83
CA LYS G 642 -57.40 -30.57 -26.82
C LYS G 642 -56.05 -31.27 -26.80
N LYS G 643 -55.67 -31.81 -27.95
CA LYS G 643 -54.38 -32.45 -28.09
C LYS G 643 -53.37 -31.43 -28.58
N LEU G 644 -52.37 -31.19 -27.75
CA LEU G 644 -51.28 -30.27 -28.03
C LEU G 644 -50.01 -31.03 -27.73
N ALA G 645 -48.85 -30.46 -28.06
CA ALA G 645 -47.58 -31.15 -27.82
C ALA G 645 -47.56 -31.74 -26.41
N PRO G 646 -47.22 -33.04 -26.28
CA PRO G 646 -47.26 -33.67 -24.95
C PRO G 646 -46.32 -33.00 -23.95
N SER G 647 -45.24 -32.40 -24.46
CA SER G 647 -44.33 -31.59 -23.64
C SER G 647 -45.05 -30.39 -23.03
N ASP G 648 -45.85 -29.70 -23.84
CA ASP G 648 -46.68 -28.58 -23.39
C ASP G 648 -47.81 -29.01 -22.44
N LYS G 649 -48.36 -30.19 -22.71
CA LYS G 649 -49.43 -30.79 -21.90
C LYS G 649 -48.97 -30.95 -20.46
N THR G 650 -47.78 -31.51 -20.32
CA THR G 650 -47.19 -31.77 -19.02
C THR G 650 -46.87 -30.46 -18.31
N ARG G 651 -46.39 -29.47 -19.07
CA ARG G 651 -46.06 -28.19 -18.48
C ARG G 651 -47.30 -27.48 -17.95
N VAL G 652 -48.38 -27.46 -18.74
CA VAL G 652 -49.62 -26.87 -18.29
C VAL G 652 -50.09 -27.55 -17.01
N TYR G 653 -50.08 -28.89 -16.99
CA TYR G 653 -50.52 -29.64 -15.82
C TYR G 653 -49.65 -29.31 -14.62
N GLU G 654 -48.34 -29.30 -14.83
CA GLU G 654 -47.36 -28.98 -13.79
C GLU G 654 -47.68 -27.65 -13.10
N LEU G 655 -48.06 -26.65 -13.90
CA LEU G 655 -48.34 -25.32 -13.40
C LEU G 655 -49.66 -25.30 -12.61
N ILE G 656 -50.72 -25.86 -13.18
CA ILE G 656 -52.02 -25.88 -12.50
C ILE G 656 -52.01 -26.79 -11.27
N GLU G 657 -51.14 -27.79 -11.27
CA GLU G 657 -50.90 -28.63 -10.10
C GLU G 657 -50.37 -27.79 -8.93
N LYS G 658 -49.36 -26.97 -9.21
CA LYS G 658 -48.79 -26.11 -8.19
C LYS G 658 -49.79 -25.04 -7.74
N ALA G 659 -50.57 -24.52 -8.69
CA ALA G 659 -51.63 -23.55 -8.37
C ALA G 659 -52.70 -24.19 -7.46
N GLN G 660 -52.99 -25.45 -7.70
CA GLN G 660 -53.96 -26.17 -6.89
C GLN G 660 -53.52 -26.26 -5.44
N ASP G 661 -52.22 -26.48 -5.20
CA ASP G 661 -51.67 -26.48 -3.84
C ASP G 661 -52.00 -25.19 -3.09
N THR G 662 -51.87 -24.07 -3.78
CA THR G 662 -52.18 -22.76 -3.22
C THR G 662 -53.66 -22.67 -2.88
N VAL G 663 -54.51 -22.98 -3.86
CA VAL G 663 -55.95 -23.02 -3.68
C VAL G 663 -56.32 -23.87 -2.46
N ASP G 664 -55.77 -25.07 -2.38
CA ASP G 664 -56.04 -25.97 -1.25
C ASP G 664 -55.69 -25.34 0.07
N LEU G 665 -54.50 -24.75 0.16
CA LEU G 665 -54.03 -24.15 1.40
C LEU G 665 -54.94 -23.02 1.86
N ILE G 666 -55.32 -22.15 0.93
CA ILE G 666 -56.16 -21.00 1.25
C ILE G 666 -57.56 -21.43 1.65
N GLU G 667 -58.13 -22.41 0.95
CA GLU G 667 -59.46 -22.90 1.31
C GLU G 667 -59.39 -23.50 2.72
N LYS G 668 -58.38 -24.32 2.97
CA LYS G 668 -58.25 -24.98 4.26
C LYS G 668 -58.02 -23.98 5.41
N ASP G 669 -57.18 -22.98 5.20
CA ASP G 669 -56.98 -21.95 6.21
C ASP G 669 -58.30 -21.22 6.51
N GLY G 670 -58.97 -20.79 5.45
CA GLY G 670 -60.33 -20.25 5.55
C GLY G 670 -60.50 -18.87 6.15
N SER G 671 -59.40 -18.13 6.35
CA SER G 671 -59.48 -16.77 6.90
C SER G 671 -59.58 -15.71 5.79
N TRP G 672 -59.23 -16.12 4.56
CA TRP G 672 -59.24 -15.26 3.40
C TRP G 672 -58.37 -14.00 3.56
N GLY G 673 -57.22 -14.16 4.24
CA GLY G 673 -56.26 -13.07 4.43
C GLY G 673 -56.16 -12.57 5.86
N MET G 674 -57.19 -12.86 6.66
CA MET G 674 -57.21 -12.41 8.04
C MET G 674 -56.14 -13.07 8.93
N HIS G 675 -55.60 -14.21 8.50
CA HIS G 675 -54.49 -14.84 9.23
C HIS G 675 -53.10 -14.40 8.74
N GLY G 676 -53.04 -13.60 7.69
CA GLY G 676 -51.76 -13.15 7.16
C GLY G 676 -51.95 -12.75 5.72
N PHE G 677 -52.23 -11.47 5.52
CA PHE G 677 -52.54 -10.97 4.19
C PHE G 677 -51.32 -11.03 3.28
N LYS G 678 -50.17 -10.64 3.79
CA LYS G 678 -48.96 -10.55 2.96
C LYS G 678 -48.59 -11.93 2.40
N TYR G 679 -48.59 -12.95 3.25
CA TYR G 679 -48.25 -14.29 2.79
C TYR G 679 -49.34 -14.87 1.87
N THR G 680 -50.60 -14.63 2.22
CA THR G 680 -51.71 -15.10 1.40
C THR G 680 -51.63 -14.51 -0.01
N LYS G 681 -51.31 -13.22 -0.07
CA LYS G 681 -51.13 -12.52 -1.34
C LYS G 681 -49.91 -13.02 -2.12
N GLN G 682 -48.80 -13.31 -1.44
CA GLN G 682 -47.63 -13.90 -2.09
C GLN G 682 -47.95 -15.21 -2.81
N ARG G 683 -48.62 -16.13 -2.10
CA ARG G 683 -49.02 -17.40 -2.67
C ARG G 683 -49.96 -17.17 -3.85
N LEU G 684 -50.99 -16.36 -3.67
CA LEU G 684 -51.94 -16.08 -4.73
C LEU G 684 -51.29 -15.43 -5.95
N ASP G 685 -50.36 -14.50 -5.70
CA ASP G 685 -49.62 -13.86 -6.80
C ASP G 685 -48.83 -14.87 -7.61
N ALA G 686 -48.21 -15.82 -6.93
CA ALA G 686 -47.51 -16.92 -7.59
C ALA G 686 -48.47 -17.75 -8.46
N ALA G 687 -49.65 -18.03 -7.91
CA ALA G 687 -50.66 -18.86 -8.57
C ALA G 687 -51.25 -18.21 -9.80
N VAL G 688 -51.46 -16.89 -9.71
CA VAL G 688 -51.87 -16.11 -10.87
C VAL G 688 -50.80 -16.22 -11.98
N GLU G 689 -49.52 -16.17 -11.61
CA GLU G 689 -48.45 -16.32 -12.61
C GLU G 689 -48.46 -17.71 -13.25
N TYR G 690 -48.63 -18.76 -12.42
CA TYR G 690 -48.73 -20.13 -12.94
C TYR G 690 -49.86 -20.20 -13.96
N ILE G 691 -51.05 -19.76 -13.59
CA ILE G 691 -52.19 -19.81 -14.51
C ILE G 691 -51.94 -19.01 -15.79
N ASN G 692 -51.31 -17.85 -15.70
CA ASN G 692 -51.04 -17.04 -16.90
C ASN G 692 -50.01 -17.69 -17.82
N GLU G 693 -48.95 -18.26 -17.25
CA GLU G 693 -47.95 -18.99 -18.03
C GLU G 693 -48.59 -20.20 -18.71
N ALA G 694 -49.51 -20.85 -18.01
CA ALA G 694 -50.22 -22.01 -18.53
C ALA G 694 -51.09 -21.63 -19.72
N GLN G 695 -51.86 -20.55 -19.57
CA GLN G 695 -52.68 -20.01 -20.66
C GLN G 695 -51.84 -19.55 -21.84
N ARG G 696 -50.66 -19.01 -21.55
CA ARG G 696 -49.73 -18.57 -22.58
C ARG G 696 -49.34 -19.78 -23.44
N ILE G 697 -48.92 -20.85 -22.76
CA ILE G 697 -48.52 -22.09 -23.44
C ILE G 697 -49.67 -22.67 -24.27
N MET G 698 -50.87 -22.69 -23.69
CA MET G 698 -52.07 -23.15 -24.39
C MET G 698 -52.35 -22.38 -25.68
N LYS G 699 -52.28 -21.05 -25.60
CA LYS G 699 -52.65 -20.17 -26.71
C LYS G 699 -51.80 -20.46 -27.96
N LYS G 700 -50.49 -20.60 -27.77
CA LYS G 700 -49.59 -20.88 -28.88
C LYS G 700 -49.86 -22.26 -29.48
N SER G 701 -49.88 -23.31 -28.65
CA SER G 701 -50.28 -24.65 -29.11
C SER G 701 -51.64 -24.53 -29.80
N LEU G 702 -52.49 -23.68 -29.23
CA LEU G 702 -53.69 -23.18 -29.89
C LEU G 702 -54.77 -24.25 -29.97
N MET H 43 29.31 85.38 4.42
CA MET H 43 29.92 84.19 3.74
C MET H 43 31.14 83.70 4.50
N GLN H 44 31.34 82.39 4.50
CA GLN H 44 32.57 81.81 5.05
C GLN H 44 32.88 80.42 4.50
N MET H 45 34.12 80.01 4.72
CA MET H 45 34.58 78.68 4.36
C MET H 45 33.91 77.63 5.24
N THR H 46 33.96 76.38 4.81
CA THR H 46 33.27 75.30 5.50
C THR H 46 33.85 75.11 6.90
N LYS H 47 33.02 74.63 7.82
CA LYS H 47 33.45 74.42 9.20
C LYS H 47 34.65 73.47 9.28
N GLU H 48 34.68 72.49 8.38
CA GLU H 48 35.81 71.56 8.28
C GLU H 48 37.13 72.31 7.98
N ALA H 49 37.12 73.17 6.97
CA ALA H 49 38.31 73.97 6.61
C ALA H 49 38.70 74.94 7.71
N ARG H 50 37.71 75.58 8.32
CA ARG H 50 37.94 76.56 9.38
C ARG H 50 38.57 75.94 10.62
N GLU H 51 38.09 74.75 11.01
CA GLU H 51 38.68 74.00 12.13
C GLU H 51 40.16 73.66 11.89
N ILE H 52 40.49 73.31 10.65
CA ILE H 52 41.87 73.00 10.25
C ILE H 52 42.74 74.26 10.22
N ILE H 53 42.19 75.33 9.65
CA ILE H 53 42.88 76.62 9.60
C ILE H 53 43.20 77.11 11.02
N ALA H 54 42.28 76.88 11.95
CA ALA H 54 42.48 77.25 13.35
C ALA H 54 43.58 76.42 14.01
N HIS H 55 43.56 75.11 13.79
CA HIS H 55 44.53 74.20 14.40
C HIS H 55 45.22 73.34 13.33
N PRO H 56 46.04 73.98 12.48
CA PRO H 56 46.66 73.32 11.34
C PRO H 56 47.85 72.46 11.75
N LYS H 57 47.87 71.21 11.29
CA LYS H 57 48.97 70.30 11.60
C LYS H 57 49.65 69.82 10.33
N GLY H 58 49.84 70.75 9.40
CA GLY H 58 50.54 70.49 8.17
C GLY H 58 52.02 70.34 8.42
N THR H 59 52.79 70.17 7.35
CA THR H 59 54.21 69.91 7.45
C THR H 59 55.08 70.90 6.70
N LYS H 60 54.47 71.83 5.97
CA LYS H 60 55.24 72.76 5.16
C LYS H 60 56.11 73.67 6.03
N GLU H 61 55.55 74.23 7.10
CA GLU H 61 56.31 75.11 7.99
C GLU H 61 57.34 74.32 8.80
N SER H 62 56.88 73.25 9.44
CA SER H 62 57.73 72.44 10.31
C SER H 62 58.83 71.67 9.57
N ARG H 63 58.48 71.03 8.46
CA ARG H 63 59.38 70.10 7.76
C ARG H 63 59.90 70.58 6.40
N GLY H 64 59.24 71.58 5.80
CA GLY H 64 59.59 72.03 4.45
C GLY H 64 59.05 71.13 3.35
N VAL H 65 57.98 70.41 3.66
CA VAL H 65 57.33 69.49 2.72
C VAL H 65 55.83 69.72 2.83
N ILE H 66 55.19 70.03 1.71
CA ILE H 66 53.74 70.28 1.70
C ILE H 66 52.98 68.95 1.80
N SER H 67 51.97 68.92 2.67
CA SER H 67 51.12 67.74 2.85
C SER H 67 49.65 68.16 2.90
N LEU H 68 48.77 67.20 3.11
CA LEU H 68 47.32 67.41 2.95
C LEU H 68 46.79 68.68 3.62
N GLN H 69 47.07 68.85 4.90
CA GLN H 69 46.49 69.99 5.64
C GLN H 69 47.02 71.33 5.18
N ASP H 70 48.20 71.35 4.54
CA ASP H 70 48.75 72.57 3.96
C ASP H 70 47.95 73.04 2.74
N TYR H 71 47.34 72.11 2.02
CA TYR H 71 46.46 72.47 0.89
C TYR H 71 45.15 73.09 1.36
N ILE H 72 44.64 72.62 2.49
CA ILE H 72 43.42 73.17 3.07
C ILE H 72 43.66 74.63 3.44
N VAL H 73 44.73 74.86 4.19
CA VAL H 73 45.06 76.18 4.71
C VAL H 73 45.38 77.20 3.60
N GLU H 74 46.04 76.76 2.53
CA GLU H 74 46.47 77.68 1.47
C GLU H 74 45.33 78.25 0.62
N GLU H 75 44.14 77.65 0.71
CA GLU H 75 42.98 78.07 -0.09
C GLU H 75 42.21 79.25 0.51
N GLN H 76 42.63 79.67 1.70
CA GLN H 76 41.99 80.75 2.43
C GLN H 76 41.94 82.06 1.65
N ALA H 77 43.08 82.45 1.08
CA ALA H 77 43.17 83.71 0.33
C ALA H 77 42.22 83.76 -0.87
N MET H 78 42.01 82.62 -1.50
CA MET H 78 41.16 82.53 -2.70
C MET H 78 39.69 82.76 -2.37
N TYR H 79 39.20 82.10 -1.33
CA TYR H 79 37.80 82.26 -0.94
C TYR H 79 37.50 83.64 -0.36
N ASP H 80 38.46 84.21 0.38
CA ASP H 80 38.30 85.56 0.90
C ASP H 80 38.22 86.57 -0.26
N TRP H 81 39.01 86.32 -1.31
CA TRP H 81 38.99 87.14 -2.51
C TRP H 81 37.67 86.98 -3.26
N LEU H 82 37.20 85.74 -3.39
CA LEU H 82 35.96 85.49 -4.14
C LEU H 82 34.74 86.10 -3.43
N PHE H 83 34.67 85.97 -2.11
CA PHE H 83 33.58 86.59 -1.35
C PHE H 83 33.52 88.10 -1.57
N LYS H 84 34.66 88.74 -1.83
CA LYS H 84 34.71 90.17 -2.10
C LYS H 84 34.58 90.53 -3.58
N ASN H 85 35.06 89.67 -4.47
CA ASN H 85 35.21 90.06 -5.88
C ASN H 85 34.35 89.31 -6.90
N HIS H 86 33.62 88.27 -6.49
CA HIS H 86 32.80 87.55 -7.46
C HIS H 86 31.50 88.32 -7.77
N PRO H 87 31.09 88.35 -9.06
CA PRO H 87 29.83 88.97 -9.51
C PRO H 87 28.59 88.68 -8.67
N ILE H 88 28.47 87.46 -8.15
CA ILE H 88 27.37 87.13 -7.26
C ILE H 88 27.30 88.16 -6.11
N PHE H 89 28.45 88.61 -5.64
CA PHE H 89 28.50 89.59 -4.55
C PHE H 89 28.68 91.05 -5.02
N THR H 90 29.47 91.28 -6.08
CA THR H 90 29.70 92.64 -6.57
C THR H 90 28.58 93.17 -7.47
N LYS H 91 27.95 92.28 -8.24
CA LYS H 91 26.94 92.68 -9.23
C LYS H 91 25.53 92.16 -8.94
N TYR H 92 25.36 91.20 -8.04
CA TYR H 92 24.03 90.67 -7.71
C TYR H 92 23.68 90.77 -6.23
N GLY H 93 24.45 91.54 -5.48
CA GLY H 93 24.17 91.79 -4.06
C GLY H 93 24.18 90.57 -3.16
N GLY H 94 24.87 89.51 -3.56
CA GLY H 94 24.88 88.26 -2.82
C GLY H 94 23.57 87.49 -2.87
N LYS H 95 22.71 87.85 -3.83
CA LYS H 95 21.39 87.22 -3.98
C LYS H 95 21.40 86.16 -5.07
N THR H 96 20.84 85.00 -4.74
CA THR H 96 20.66 83.92 -5.70
C THR H 96 19.28 83.29 -5.48
N VAL H 97 18.66 82.82 -6.56
CA VAL H 97 17.47 82.00 -6.47
C VAL H 97 17.95 80.57 -6.18
N GLY H 98 17.91 80.21 -4.89
CA GLY H 98 18.54 79.00 -4.39
C GLY H 98 19.60 79.37 -3.35
N LYS H 99 19.81 78.48 -2.40
CA LYS H 99 20.79 78.68 -1.33
C LYS H 99 22.21 78.52 -1.89
N LEU H 100 23.10 79.46 -1.56
CA LEU H 100 24.54 79.30 -1.85
C LEU H 100 25.22 78.44 -0.79
N VAL H 101 25.73 77.29 -1.21
CA VAL H 101 26.42 76.36 -0.31
C VAL H 101 27.90 76.30 -0.66
N VAL H 102 28.75 76.87 0.20
CA VAL H 102 30.19 76.89 -0.01
C VAL H 102 30.78 75.48 0.09
N LYS H 103 31.56 75.08 -0.92
CA LYS H 103 32.20 73.75 -0.94
C LYS H 103 33.69 73.87 -1.29
N ASP H 104 34.51 74.00 -0.25
CA ASP H 104 35.96 74.14 -0.39
C ASP H 104 36.67 72.79 -0.16
N ARG H 105 38.01 72.79 -0.12
CA ARG H 105 38.80 71.58 0.12
C ARG H 105 38.52 70.93 1.48
N GLY H 106 38.20 71.76 2.48
CA GLY H 106 37.75 71.28 3.79
C GLY H 106 36.72 70.18 3.69
N GLU H 107 35.74 70.31 2.81
CA GLU H 107 34.75 69.26 2.66
C GLU H 107 35.07 68.30 1.52
N GLU H 108 35.56 68.81 0.40
CA GLU H 108 35.83 67.94 -0.75
C GLU H 108 37.00 66.97 -0.48
N TRP H 109 38.13 67.50 -0.02
CA TRP H 109 39.34 66.70 0.17
C TRP H 109 39.43 65.98 1.52
N ILE H 110 38.53 66.30 2.46
CA ILE H 110 38.55 65.69 3.79
C ILE H 110 37.33 64.84 4.08
N GLU H 111 36.14 65.40 3.85
CA GLU H 111 34.91 64.74 4.27
C GLU H 111 34.21 63.86 3.23
N GLU H 112 34.51 64.04 1.96
CA GLU H 112 33.90 63.18 0.94
C GLU H 112 34.28 61.70 1.11
N GLY H 113 33.42 60.83 0.62
CA GLY H 113 33.60 59.39 0.75
C GLY H 113 33.62 58.95 2.20
N ARG H 114 32.89 59.68 3.04
CA ARG H 114 32.87 59.46 4.49
C ARG H 114 34.29 59.37 5.06
N GLY H 115 35.14 60.32 4.67
CA GLY H 115 36.52 60.38 5.15
C GLY H 115 36.62 60.36 6.68
N ASN H 116 35.77 61.12 7.34
CA ASN H 116 35.78 61.19 8.80
C ASN H 116 35.42 59.83 9.43
N ASP H 117 34.51 59.10 8.80
CA ASP H 117 34.14 57.76 9.30
C ASP H 117 35.26 56.74 9.12
N PHE H 118 35.89 56.74 7.95
CA PHE H 118 37.07 55.91 7.72
C PHE H 118 38.14 56.20 8.77
N SER H 119 38.39 57.48 9.03
CA SER H 119 39.42 57.89 10.00
C SER H 119 39.13 57.39 11.42
N LYS H 120 37.86 57.36 11.83
CA LYS H 120 37.49 56.89 13.16
C LYS H 120 37.53 55.36 13.28
N ALA H 121 37.33 54.67 12.17
CA ALA H 121 37.45 53.21 12.13
C ALA H 121 38.89 52.74 11.93
N SER H 122 39.82 53.69 11.79
CA SER H 122 41.23 53.38 11.57
C SER H 122 42.05 53.65 12.83
N LYS H 123 43.11 52.87 13.02
CA LYS H 123 44.05 53.08 14.12
C LYS H 123 45.03 54.22 13.85
N ARG H 124 45.13 54.65 12.59
CA ARG H 124 46.01 55.75 12.21
C ARG H 124 45.70 57.01 13.02
N SER H 125 46.75 57.65 13.52
CA SER H 125 46.61 58.85 14.35
C SER H 125 45.55 58.67 15.44
N GLY H 126 45.49 57.46 15.99
CA GLY H 126 44.57 57.13 17.09
C GLY H 126 43.09 57.26 16.78
N GLY H 127 42.73 57.14 15.51
CA GLY H 127 41.35 57.35 15.08
C GLY H 127 40.94 58.81 14.99
N GLU H 128 41.90 59.71 15.18
CA GLU H 128 41.64 61.15 15.28
C GLU H 128 42.13 61.92 14.07
N GLY H 129 42.61 61.22 13.05
CA GLY H 129 43.23 61.87 11.89
C GLY H 129 42.26 62.25 10.79
N PHE H 130 42.82 62.62 9.64
CA PHE H 130 42.05 62.90 8.44
C PHE H 130 42.34 61.85 7.37
N SER H 131 41.39 61.63 6.48
CA SER H 131 41.56 60.69 5.39
C SER H 131 40.96 61.27 4.12
N SER H 132 41.79 61.52 3.12
CA SER H 132 41.35 62.02 1.81
C SER H 132 41.03 60.86 0.87
N MET H 133 39.74 60.53 0.77
CA MET H 133 39.29 59.32 0.09
C MET H 133 39.30 59.43 -1.43
N MET H 134 38.99 60.62 -1.96
CA MET H 134 38.73 60.80 -3.40
C MET H 134 39.56 61.90 -4.08
N TYR H 135 39.72 63.03 -3.38
CA TYR H 135 40.17 64.26 -4.02
C TYR H 135 41.41 64.81 -3.34
N ARG H 136 42.52 64.78 -4.06
CA ARG H 136 43.78 65.34 -3.61
C ARG H 136 44.76 65.38 -4.77
N VAL H 137 45.77 66.24 -4.66
CA VAL H 137 46.84 66.31 -5.66
C VAL H 137 48.14 65.75 -5.09
N ALA H 138 49.05 65.40 -5.98
CA ALA H 138 50.36 64.86 -5.62
C ALA H 138 51.43 65.95 -5.60
N ARG H 139 51.27 66.96 -6.45
CA ARG H 139 52.23 68.06 -6.55
C ARG H 139 51.55 69.38 -6.16
N ASN H 140 52.19 70.51 -6.46
CA ASN H 140 51.64 71.83 -6.10
C ASN H 140 50.28 72.07 -6.74
N SER H 141 49.43 72.80 -6.02
CA SER H 141 48.15 73.23 -6.56
C SER H 141 48.34 74.44 -7.46
N THR H 142 47.25 74.90 -8.07
CA THR H 142 47.26 76.05 -8.98
C THR H 142 47.33 77.40 -8.24
N LEU H 143 47.46 77.36 -6.91
CA LEU H 143 47.62 78.58 -6.10
C LEU H 143 49.08 78.94 -5.83
N GLN H 144 50.02 78.08 -6.21
CA GLN H 144 51.43 78.33 -5.97
C GLN H 144 52.10 78.84 -7.24
N TYR H 145 52.74 80.00 -7.13
CA TYR H 145 53.46 80.60 -8.24
C TYR H 145 54.84 81.06 -7.78
N PRO H 146 55.86 80.94 -8.66
CA PRO H 146 55.77 80.37 -10.00
C PRO H 146 55.77 78.84 -9.95
N ASN H 147 55.53 78.22 -11.10
CA ASN H 147 55.62 76.77 -11.21
C ASN H 147 56.59 76.43 -12.33
N LYS H 148 56.89 75.15 -12.50
CA LYS H 148 57.89 74.73 -13.46
C LYS H 148 57.28 74.10 -14.71
N PHE H 149 55.98 74.32 -14.92
CA PHE H 149 55.33 73.84 -16.14
C PHE H 149 55.86 74.55 -17.37
N ILE H 150 56.25 73.77 -18.38
CA ILE H 150 56.69 74.31 -19.66
C ILE H 150 55.66 74.07 -20.76
N GLY H 151 54.69 73.19 -20.50
CA GLY H 151 53.58 72.96 -21.39
C GLY H 151 53.81 71.83 -22.37
N PRO H 152 52.74 71.11 -22.77
CA PRO H 152 52.87 69.88 -23.56
C PRO H 152 53.58 70.03 -24.90
N GLU H 153 53.54 71.22 -25.48
CA GLU H 153 54.18 71.49 -26.76
C GLU H 153 55.70 71.40 -26.63
N LYS H 154 56.21 71.73 -25.45
CA LYS H 154 57.64 71.61 -25.18
C LYS H 154 58.07 70.16 -24.98
N CYS H 155 57.28 69.37 -24.25
CA CYS H 155 57.52 67.92 -24.17
C CYS H 155 57.49 67.35 -25.58
N GLY H 156 56.56 67.85 -26.39
CA GLY H 156 56.32 67.36 -27.75
C GLY H 156 57.44 67.59 -28.74
N GLU H 157 58.30 68.57 -28.47
CA GLU H 157 59.45 68.86 -29.34
C GLU H 157 60.43 67.69 -29.39
N CYS H 158 60.64 67.04 -28.25
CA CYS H 158 61.51 65.85 -28.16
C CYS H 158 60.75 64.53 -28.23
N HIS H 159 59.45 64.55 -27.95
CA HIS H 159 58.62 63.33 -27.98
C HIS H 159 57.44 63.52 -28.95
N PRO H 160 57.75 63.77 -30.22
CA PRO H 160 56.68 64.04 -31.18
C PRO H 160 55.63 62.93 -31.28
N ALA H 161 56.05 61.67 -31.12
CA ALA H 161 55.16 60.52 -31.27
C ALA H 161 54.11 60.46 -30.17
N GLN H 162 54.53 60.59 -28.92
CA GLN H 162 53.60 60.57 -27.80
C GLN H 162 52.71 61.79 -27.86
N TYR H 163 53.27 62.92 -28.25
CA TYR H 163 52.45 64.11 -28.39
C TYR H 163 51.30 63.86 -29.36
N GLU H 164 51.61 63.27 -30.52
CA GLU H 164 50.56 62.95 -31.47
C GLU H 164 49.44 62.12 -30.87
N THR H 165 49.76 60.99 -30.25
CA THR H 165 48.70 60.11 -29.72
C THR H 165 47.96 60.76 -28.53
N TRP H 166 48.70 61.48 -27.68
CA TRP H 166 48.10 62.21 -26.57
C TRP H 166 47.16 63.31 -27.06
N SER H 167 47.59 64.04 -28.10
CA SER H 167 46.87 65.24 -28.59
C SER H 167 45.49 64.93 -29.19
N ARG H 168 45.31 63.70 -29.67
CA ARG H 168 44.04 63.24 -30.20
C ARG H 168 43.32 62.34 -29.17
N SER H 169 43.26 62.83 -27.94
CA SER H 169 42.62 62.11 -26.85
C SER H 169 41.89 63.11 -26.00
N ARG H 170 40.84 62.65 -25.32
CA ARG H 170 40.04 63.55 -24.50
C ARG H 170 40.78 64.06 -23.26
N HIS H 171 41.86 63.38 -22.86
CA HIS H 171 42.77 63.94 -21.84
C HIS H 171 43.24 65.33 -22.31
N ALA H 172 43.62 65.40 -23.58
CA ALA H 172 44.16 66.64 -24.18
C ALA H 172 43.16 67.79 -24.27
N THR H 173 41.86 67.49 -24.36
CA THR H 173 40.87 68.52 -24.72
C THR H 173 39.69 68.64 -23.75
N THR H 174 39.77 68.00 -22.58
CA THR H 174 38.71 68.12 -21.58
C THR H 174 38.56 69.56 -21.08
N ILE H 175 39.65 70.32 -21.11
CA ILE H 175 39.62 71.74 -20.81
C ILE H 175 39.86 72.51 -22.10
N ARG H 176 38.88 73.33 -22.50
CA ARG H 176 38.97 74.10 -23.74
C ARG H 176 38.38 75.51 -23.58
N PHE H 177 38.92 76.43 -24.39
CA PHE H 177 38.48 77.83 -24.43
C PHE H 177 37.44 78.04 -25.52
N PRO H 178 36.56 79.06 -25.36
CA PRO H 178 35.76 79.50 -26.50
C PRO H 178 36.65 79.76 -27.71
N GLY H 179 36.24 79.24 -28.86
CA GLY H 179 37.07 79.23 -30.06
C GLY H 179 37.54 77.84 -30.43
N GLU H 180 37.53 76.93 -29.45
CA GLU H 180 38.06 75.58 -29.65
C GLU H 180 36.97 74.51 -29.63
N HIS H 181 35.83 74.79 -30.27
CA HIS H 181 34.69 73.86 -30.27
C HIS H 181 34.11 73.66 -31.67
N PRO H 182 34.93 73.22 -32.61
CA PRO H 182 34.47 73.05 -34.00
C PRO H 182 33.33 72.04 -34.14
N GLU H 183 33.23 71.10 -33.19
CA GLU H 183 32.15 70.11 -33.21
C GLU H 183 30.75 70.70 -32.97
N VAL H 184 30.67 71.95 -32.51
CA VAL H 184 29.40 72.70 -32.56
C VAL H 184 29.54 73.99 -33.39
N ASN H 185 30.43 73.97 -34.37
CA ASN H 185 30.75 75.17 -35.16
C ASN H 185 30.93 76.42 -34.29
N ASN H 186 31.51 76.24 -33.11
CA ASN H 186 31.79 77.34 -32.19
C ASN H 186 30.56 78.18 -31.83
N LYS H 187 29.41 77.52 -31.74
CA LYS H 187 28.19 78.18 -31.33
C LYS H 187 27.79 77.61 -29.97
N LEU H 188 28.29 78.25 -28.91
CA LEU H 188 28.08 77.75 -27.55
C LEU H 188 26.73 78.16 -26.96
N ASN H 189 26.04 79.10 -27.60
CA ASN H 189 24.73 79.56 -27.13
C ASN H 189 23.54 79.12 -28.02
N ASP H 190 23.83 78.43 -29.12
CA ASP H 190 22.78 77.82 -29.98
C ASP H 190 22.59 76.35 -29.61
N PRO H 191 21.37 75.82 -29.80
CA PRO H 191 21.13 74.40 -29.54
C PRO H 191 22.07 73.48 -30.32
N VAL H 192 22.60 72.47 -29.63
CA VAL H 192 23.50 71.52 -30.27
C VAL H 192 22.74 70.64 -31.26
N PHE H 193 21.60 70.09 -30.82
CA PHE H 193 20.85 69.14 -31.63
C PHE H 193 19.52 69.75 -32.08
N ASP H 194 18.37 69.21 -31.66
CA ASP H 194 17.08 69.79 -32.05
C ASP H 194 16.94 71.22 -31.54
N LYS H 195 16.28 72.06 -32.34
CA LYS H 195 16.13 73.48 -32.02
C LYS H 195 15.42 73.74 -30.68
N ASP H 196 14.63 72.77 -30.20
CA ASP H 196 14.00 72.87 -28.88
C ASP H 196 14.83 72.25 -27.73
N THR H 197 16.08 71.89 -28.00
CA THR H 197 16.99 71.35 -26.97
C THR H 197 18.13 72.33 -26.64
N ALA H 198 18.92 71.98 -25.63
CA ALA H 198 19.85 72.90 -24.99
C ALA H 198 21.10 73.24 -25.81
N SER H 199 21.57 74.46 -25.60
CA SER H 199 22.90 74.87 -26.01
C SER H 199 23.87 74.47 -24.90
N ILE H 200 25.16 74.52 -25.20
CA ILE H 200 26.20 74.09 -24.25
C ILE H 200 26.27 75.03 -23.04
N LEU H 201 26.33 76.34 -23.29
CA LEU H 201 26.29 77.33 -22.22
C LEU H 201 24.85 77.60 -21.81
N PRO H 202 24.61 77.77 -20.50
CA PRO H 202 23.25 78.07 -20.06
C PRO H 202 22.80 79.49 -20.38
N GLN H 203 21.49 79.69 -20.26
CA GLN H 203 20.84 81.00 -20.27
C GLN H 203 21.67 82.08 -19.55
N GLY H 204 21.93 83.19 -20.26
CA GLY H 204 22.56 84.36 -19.67
C GLY H 204 24.07 84.27 -19.54
N ILE H 205 24.65 83.17 -20.00
CA ILE H 205 26.09 82.95 -19.89
C ILE H 205 26.67 82.98 -21.30
N THR H 206 27.66 83.84 -21.50
CA THR H 206 28.21 84.11 -22.83
C THR H 206 29.72 83.87 -22.88
N PRO H 207 30.26 83.53 -24.08
CA PRO H 207 31.67 83.20 -24.28
C PRO H 207 32.66 84.17 -23.62
N ASP H 208 32.42 85.47 -23.77
CA ASP H 208 33.38 86.46 -23.27
C ASP H 208 33.53 86.47 -21.74
N VAL H 209 32.61 85.81 -21.03
CA VAL H 209 32.71 85.77 -19.57
C VAL H 209 33.01 84.33 -19.05
N VAL H 210 33.37 83.44 -19.97
CA VAL H 210 33.70 82.05 -19.63
C VAL H 210 35.20 81.84 -19.83
N TYR H 211 35.87 81.37 -18.78
CA TYR H 211 37.27 81.00 -18.88
C TYR H 211 37.43 79.74 -19.74
N CYS H 212 36.66 78.69 -19.41
CA CYS H 212 36.72 77.45 -20.18
C CYS H 212 35.44 76.65 -20.08
N THR H 213 35.27 75.76 -21.05
CA THR H 213 34.36 74.63 -20.92
C THR H 213 35.11 73.43 -20.41
N VAL H 214 34.38 72.54 -19.75
CA VAL H 214 34.90 71.25 -19.34
C VAL H 214 34.08 70.21 -20.06
N GLY H 215 34.73 69.27 -20.71
CA GLY H 215 34.03 68.12 -21.27
C GLY H 215 34.06 68.02 -22.78
N HIS H 216 33.15 67.18 -23.29
CA HIS H 216 33.05 66.86 -24.70
C HIS H 216 31.60 66.51 -25.02
N ILE H 217 31.32 66.36 -26.31
CA ILE H 217 30.04 65.84 -26.79
C ILE H 217 29.76 64.44 -26.19
N ARG H 218 30.81 63.64 -26.09
CA ARG H 218 30.82 62.31 -25.50
C ARG H 218 29.74 62.09 -24.44
N THR H 219 29.76 62.93 -23.40
CA THR H 219 28.82 62.78 -22.32
C THR H 219 28.15 64.09 -21.92
N LYS H 220 28.95 65.05 -21.48
CA LYS H 220 28.42 66.29 -20.92
C LYS H 220 29.44 67.41 -20.99
N PHE H 221 28.97 68.63 -20.76
CA PHE H 221 29.80 69.82 -20.64
C PHE H 221 29.50 70.53 -19.33
N GLY H 222 30.49 71.27 -18.85
CA GLY H 222 30.31 72.20 -17.75
C GLY H 222 31.05 73.46 -18.12
N PHE H 223 30.94 74.52 -17.32
CA PHE H 223 31.68 75.74 -17.62
C PHE H 223 32.28 76.34 -16.36
N PHE H 224 33.41 77.02 -16.54
CA PHE H 224 33.96 77.89 -15.50
C PHE H 224 33.87 79.33 -15.97
N ASP H 225 33.44 80.21 -15.06
CA ASP H 225 33.36 81.62 -15.38
C ASP H 225 34.76 82.25 -15.24
N ALA H 226 34.88 83.51 -15.64
CA ALA H 226 36.19 84.17 -15.73
C ALA H 226 36.82 84.42 -14.36
N TRP H 227 36.05 84.21 -13.29
CA TRP H 227 36.53 84.29 -11.92
C TRP H 227 36.93 82.91 -11.37
N LEU H 228 36.93 81.91 -12.25
CA LEU H 228 37.29 80.51 -11.94
C LEU H 228 36.38 79.89 -10.88
N LEU H 229 35.13 80.35 -10.86
CA LEU H 229 34.11 79.72 -10.06
C LEU H 229 33.37 78.73 -10.96
N ARG H 230 33.13 77.55 -10.41
CA ARG H 230 32.39 76.51 -11.12
C ARG H 230 30.99 77.01 -11.51
N GLY H 231 30.61 76.75 -12.76
CA GLY H 231 29.31 77.15 -13.26
C GLY H 231 28.19 76.26 -12.75
N THR H 232 27.70 76.56 -11.55
CA THR H 232 26.58 75.82 -10.95
C THR H 232 25.22 76.54 -11.11
N TYR H 233 25.17 77.53 -12.01
CA TYR H 233 24.04 78.44 -12.08
C TYR H 233 23.85 78.94 -13.51
N HIS H 234 22.73 79.61 -13.74
CA HIS H 234 22.50 80.37 -14.97
C HIS H 234 21.96 81.75 -14.58
N VAL H 235 21.69 82.58 -15.57
CA VAL H 235 21.10 83.90 -15.31
C VAL H 235 19.78 84.04 -16.06
N GLU H 236 18.73 84.38 -15.32
CA GLU H 236 17.41 84.65 -15.90
C GLU H 236 17.15 86.16 -15.93
N GLY H 237 16.58 86.64 -17.03
CA GLY H 237 16.23 88.05 -17.19
C GLY H 237 17.43 88.99 -17.20
N GLY H 238 18.54 88.52 -17.74
CA GLY H 238 19.77 89.30 -17.77
C GLY H 238 20.94 88.52 -18.34
N LEU H 239 22.13 89.13 -18.28
CA LEU H 239 23.35 88.51 -18.76
C LEU H 239 24.43 88.68 -17.70
N LEU H 240 25.20 87.61 -17.45
CA LEU H 240 26.30 87.64 -16.48
C LEU H 240 27.32 88.72 -16.80
N LYS H 241 27.63 88.94 -18.09
CA LYS H 241 28.63 89.94 -18.44
C LYS H 241 28.20 91.36 -18.08
N ASN H 242 26.89 91.60 -17.96
CA ASN H 242 26.35 92.90 -17.59
C ASN H 242 25.89 93.00 -16.13
N GLY H 243 26.02 91.91 -15.37
CA GLY H 243 25.59 91.88 -13.98
C GLY H 243 24.09 92.02 -13.78
N THR H 244 23.31 91.71 -14.83
CA THR H 244 21.87 91.96 -14.82
C THR H 244 21.08 90.67 -14.59
N GLY H 245 19.80 90.85 -14.25
CA GLY H 245 18.91 89.72 -14.01
C GLY H 245 19.15 89.09 -12.66
N GLN H 246 18.97 87.77 -12.60
CA GLN H 246 19.11 87.03 -11.35
C GLN H 246 19.93 85.77 -11.58
N ILE H 247 20.81 85.49 -10.62
CA ILE H 247 21.55 84.24 -10.58
C ILE H 247 20.58 83.19 -10.10
N VAL H 248 20.53 82.07 -10.83
CA VAL H 248 19.58 80.99 -10.55
C VAL H 248 20.29 79.64 -10.47
N ALA H 249 20.09 78.94 -9.35
CA ALA H 249 20.70 77.62 -9.13
C ALA H 249 20.26 76.60 -10.17
N GLY H 250 21.23 75.87 -10.74
CA GLY H 250 20.93 74.74 -11.61
C GLY H 250 20.87 75.10 -13.08
N GLY H 251 20.23 74.25 -13.87
CA GLY H 251 20.18 74.40 -15.33
C GLY H 251 21.53 74.82 -15.88
N ASN H 252 22.57 74.09 -15.46
CA ASN H 252 23.97 74.51 -15.68
C ASN H 252 24.85 73.52 -16.45
N GLN H 253 24.37 72.28 -16.60
CA GLN H 253 25.17 71.20 -17.18
C GLN H 253 24.52 70.67 -18.45
N TRP H 254 25.23 70.79 -19.57
CA TRP H 254 24.74 70.25 -20.83
C TRP H 254 24.93 68.74 -20.89
N GLN H 255 23.86 68.02 -21.24
CA GLN H 255 23.86 66.57 -21.24
C GLN H 255 23.49 65.99 -22.60
N ARG H 256 24.44 65.29 -23.22
CA ARG H 256 24.27 64.77 -24.57
C ARG H 256 23.10 63.81 -24.68
N THR H 257 22.97 62.92 -23.71
CA THR H 257 21.97 61.87 -23.77
C THR H 257 20.55 62.47 -23.62
N TRP H 258 20.35 63.35 -22.65
CA TRP H 258 19.05 64.02 -22.49
C TRP H 258 18.72 64.83 -23.74
N ALA H 259 19.71 65.59 -24.19
CA ALA H 259 19.58 66.45 -25.37
C ALA H 259 19.38 65.69 -26.67
N LEU H 260 19.99 64.52 -26.82
CA LEU H 260 19.95 63.79 -28.10
C LEU H 260 19.07 62.56 -28.07
N ASN H 261 19.36 61.65 -27.15
CA ASN H 261 18.76 60.31 -27.20
C ASN H 261 17.43 60.20 -26.48
N LEU H 262 17.26 60.98 -25.39
CA LEU H 262 16.03 60.94 -24.60
C LEU H 262 15.01 61.97 -25.07
N SER H 263 14.56 61.81 -26.32
CA SER H 263 13.40 62.54 -26.82
C SER H 263 12.16 62.11 -26.02
N PRO H 264 11.09 62.94 -26.04
CA PRO H 264 9.85 62.53 -25.36
C PRO H 264 9.29 61.20 -25.87
N GLU H 265 9.53 60.88 -27.15
CA GLU H 265 9.14 59.60 -27.74
C GLU H 265 9.84 58.44 -27.03
N VAL H 266 11.13 58.63 -26.76
CA VAL H 266 11.94 57.61 -26.09
C VAL H 266 11.60 57.52 -24.59
N ALA H 267 11.38 58.66 -23.95
CA ALA H 267 10.99 58.66 -22.54
C ALA H 267 9.65 57.95 -22.33
N LYS H 268 8.71 58.13 -23.26
CA LYS H 268 7.39 57.48 -23.16
C LYS H 268 7.52 55.98 -23.29
N LYS H 269 8.34 55.53 -24.23
CA LYS H 269 8.62 54.12 -24.41
C LYS H 269 9.12 53.50 -23.10
N ILE H 270 10.04 54.20 -22.45
CA ILE H 270 10.60 53.76 -21.18
C ILE H 270 9.52 53.77 -20.10
N LYS H 271 8.68 54.79 -20.13
CA LYS H 271 7.57 54.91 -19.19
C LYS H 271 6.65 53.69 -19.21
N LYS H 272 6.45 53.11 -20.41
CA LYS H 272 5.63 51.91 -20.55
C LYS H 272 6.12 50.79 -19.63
N TRP H 273 7.44 50.65 -19.53
CA TRP H 273 8.08 49.62 -18.73
C TRP H 273 8.23 50.07 -17.28
N VAL H 274 8.66 51.32 -17.10
CA VAL H 274 8.92 51.90 -15.78
C VAL H 274 8.05 53.15 -15.63
N PRO H 275 6.86 53.00 -15.03
CA PRO H 275 5.85 54.07 -15.07
C PRO H 275 6.21 55.38 -14.36
N ASP H 276 7.26 55.39 -13.54
CA ASP H 276 7.73 56.61 -12.86
C ASP H 276 8.73 57.42 -13.69
N PHE H 277 9.09 56.93 -14.88
CA PHE H 277 10.11 57.58 -15.68
C PHE H 277 9.60 58.96 -16.13
N PRO H 278 10.41 60.01 -15.91
CA PRO H 278 9.99 61.36 -16.26
C PRO H 278 10.00 61.62 -17.77
N VAL H 279 8.94 62.25 -18.25
CA VAL H 279 8.80 62.58 -19.68
C VAL H 279 8.84 64.09 -19.90
N THR H 280 8.00 64.81 -19.16
CA THR H 280 7.93 66.26 -19.28
C THR H 280 8.97 66.91 -18.39
N LEU H 281 9.35 68.12 -18.78
CA LEU H 281 10.36 68.90 -18.08
C LEU H 281 10.09 69.02 -16.57
N GLU H 282 8.82 69.26 -16.20
CA GLU H 282 8.43 69.35 -14.79
C GLU H 282 8.69 68.04 -14.03
N GLU H 283 8.48 66.91 -14.70
CA GLU H 283 8.68 65.60 -14.08
C GLU H 283 10.16 65.33 -13.68
N TYR H 284 11.10 65.95 -14.40
CA TYR H 284 12.52 65.86 -14.04
C TYR H 284 12.87 66.61 -12.73
N GLY H 285 11.95 67.44 -12.25
CA GLY H 285 12.07 68.06 -10.93
C GLY H 285 13.34 68.88 -10.72
N ASP H 286 13.84 68.85 -9.48
CA ASP H 286 15.06 69.57 -9.09
C ASP H 286 16.29 69.25 -9.95
N ASN H 287 16.27 68.07 -10.57
CA ASN H 287 17.35 67.59 -11.42
C ASN H 287 17.36 68.26 -12.80
N GLY H 288 16.27 68.90 -13.18
CA GLY H 288 16.12 69.44 -14.53
C GLY H 288 16.41 70.93 -14.64
N GLY H 289 15.56 71.62 -15.40
CA GLY H 289 15.66 73.06 -15.56
C GLY H 289 14.60 73.61 -16.49
N TYR H 290 15.03 74.51 -17.38
CA TYR H 290 14.13 75.27 -18.26
C TYR H 290 14.13 74.75 -19.70
N VAL H 291 15.11 73.93 -20.06
CA VAL H 291 15.14 73.32 -21.40
C VAL H 291 15.77 71.92 -21.36
N ARG H 292 15.25 71.02 -22.18
CA ARG H 292 15.79 69.67 -22.29
C ARG H 292 17.22 69.72 -22.80
N GLY H 293 18.14 69.25 -21.97
CA GLY H 293 19.56 69.21 -22.31
C GLY H 293 20.43 69.95 -21.32
N LEU H 294 19.85 70.83 -20.52
CA LEU H 294 20.61 71.55 -19.49
C LEU H 294 20.08 71.20 -18.10
N ALA H 295 20.73 70.23 -17.45
CA ALA H 295 20.31 69.76 -16.14
C ALA H 295 21.06 70.47 -15.02
N SER H 296 20.56 70.30 -13.80
CA SER H 296 21.18 70.86 -12.61
C SER H 296 22.15 69.86 -12.00
N TYR H 297 23.37 70.34 -11.73
CA TYR H 297 24.45 69.50 -11.23
C TYR H 297 25.36 70.31 -10.32
N ALA H 298 25.72 69.71 -9.18
CA ALA H 298 26.19 70.44 -8.00
C ALA H 298 25.21 71.58 -7.69
N ALA H 299 23.93 71.27 -7.90
CA ALA H 299 22.85 72.24 -7.79
C ALA H 299 21.52 71.55 -7.95
N LYS H 300 20.49 72.15 -7.35
CA LYS H 300 19.10 71.75 -7.54
C LYS H 300 18.33 72.97 -8.05
N TYR H 301 17.63 72.80 -9.17
CA TYR H 301 17.02 73.91 -9.92
C TYR H 301 16.23 74.86 -9.03
N LYS H 302 16.71 76.11 -8.95
CA LYS H 302 16.11 77.17 -8.11
C LYS H 302 16.11 76.89 -6.60
N LYS H 303 16.89 75.91 -6.15
CA LYS H 303 16.83 75.50 -4.74
C LYS H 303 18.17 75.59 -4.01
N SER H 304 19.24 75.16 -4.66
CA SER H 304 20.57 75.26 -4.06
C SER H 304 21.64 75.16 -5.14
N MET H 305 22.77 75.79 -4.88
CA MET H 305 23.91 75.75 -5.78
C MET H 305 25.20 75.81 -4.98
N SER H 306 26.19 75.06 -5.44
CA SER H 306 27.50 75.05 -4.83
C SER H 306 28.27 76.31 -5.20
N PHE H 307 28.77 77.01 -4.19
CA PHE H 307 29.77 78.05 -4.40
C PHE H 307 31.15 77.41 -4.26
N GLN H 308 31.86 77.26 -5.37
CA GLN H 308 33.13 76.52 -5.37
C GLN H 308 34.15 77.03 -6.38
N ALA H 309 35.33 77.36 -5.87
CA ALA H 309 36.48 77.70 -6.71
C ALA H 309 37.03 76.45 -7.39
N SER H 310 37.62 76.63 -8.56
CA SER H 310 38.31 75.57 -9.29
C SER H 310 39.34 74.87 -8.40
N THR H 311 40.01 75.67 -7.57
CA THR H 311 41.04 75.21 -6.66
C THR H 311 40.58 74.10 -5.71
N SER H 312 39.30 74.09 -5.36
CA SER H 312 38.77 73.17 -4.36
C SER H 312 38.55 71.74 -4.81
N TYR H 313 38.47 71.51 -6.12
CA TYR H 313 37.88 70.28 -6.61
C TYR H 313 38.24 69.97 -8.06
N CYS H 314 37.85 70.83 -9.00
CA CYS H 314 38.14 70.55 -10.41
C CYS H 314 39.62 70.51 -10.76
N GLU H 315 40.48 71.26 -10.07
CA GLU H 315 41.91 71.24 -10.41
C GLU H 315 42.59 69.88 -10.13
N VAL H 316 41.90 68.99 -9.43
CA VAL H 316 42.43 67.66 -9.19
C VAL H 316 42.43 66.87 -10.50
N CYS H 317 41.30 66.90 -11.21
CA CYS H 317 41.05 65.99 -12.35
C CYS H 317 40.90 66.61 -13.72
N HIS H 318 40.41 67.85 -13.78
CA HIS H 318 40.31 68.60 -15.03
C HIS H 318 41.12 69.86 -14.86
N PRO H 319 42.45 69.72 -14.80
CA PRO H 319 43.26 70.86 -14.43
C PRO H 319 43.72 71.73 -15.60
N TRP H 320 44.28 72.87 -15.23
CA TRP H 320 44.99 73.76 -16.13
C TRP H 320 46.09 74.37 -15.25
N LYS H 321 47.11 74.95 -15.87
CA LYS H 321 48.13 75.68 -15.12
C LYS H 321 48.46 76.99 -15.84
N PHE H 322 48.74 78.02 -15.04
CA PHE H 322 49.08 79.34 -15.57
C PHE H 322 50.59 79.58 -15.49
N ASP H 323 51.09 80.54 -16.27
CA ASP H 323 52.53 80.82 -16.30
C ASP H 323 52.96 82.01 -15.43
N PHE H 324 52.08 82.48 -14.55
CA PHE H 324 52.36 83.65 -13.71
C PHE H 324 53.62 83.49 -12.85
N LYS H 325 54.39 84.57 -12.75
CA LYS H 325 55.63 84.56 -11.95
C LYS H 325 55.37 84.71 -10.45
N ASN H 326 54.17 85.15 -10.07
CA ASN H 326 53.80 85.21 -8.66
C ASN H 326 52.28 85.31 -8.53
N GLU H 327 51.79 85.29 -7.28
CA GLU H 327 50.35 85.29 -7.03
C GLU H 327 49.65 86.65 -7.26
N SER H 328 50.40 87.75 -7.25
CA SER H 328 49.81 89.06 -7.55
C SER H 328 49.37 89.10 -9.01
N GLU H 329 50.23 88.62 -9.90
CA GLU H 329 49.89 88.55 -11.33
C GLU H 329 48.65 87.70 -11.58
N PHE H 330 48.50 86.63 -10.81
CA PHE H 330 47.35 85.74 -10.92
C PHE H 330 46.04 86.42 -10.49
N TYR H 331 46.02 86.93 -9.26
CA TYR H 331 44.83 87.61 -8.72
C TYR H 331 44.44 88.89 -9.50
N ALA H 332 45.43 89.54 -10.12
CA ALA H 332 45.18 90.71 -10.97
C ALA H 332 44.44 90.37 -12.27
N ALA H 333 44.72 89.19 -12.83
CA ALA H 333 44.07 88.74 -14.08
C ALA H 333 42.75 88.03 -13.83
N LEU H 334 42.52 87.63 -12.58
CA LEU H 334 41.33 86.88 -12.21
C LEU H 334 40.07 87.73 -12.38
N GLY H 335 39.14 87.25 -13.20
CA GLY H 335 37.96 88.01 -13.59
C GLY H 335 38.03 88.41 -15.05
N ASN H 336 39.21 88.28 -15.64
CA ASN H 336 39.43 88.56 -17.06
C ASN H 336 39.73 87.25 -17.79
N ALA H 337 38.73 86.73 -18.52
CA ALA H 337 38.84 85.43 -19.18
C ALA H 337 39.98 85.40 -20.18
N LYS H 338 40.05 86.39 -21.06
CA LYS H 338 41.10 86.49 -22.07
C LYS H 338 42.52 86.56 -21.48
N GLU H 339 42.69 87.29 -20.38
CA GLU H 339 44.00 87.39 -19.72
C GLU H 339 44.43 86.04 -19.16
N LEU H 340 43.52 85.41 -18.41
CA LEU H 340 43.74 84.07 -17.87
C LEU H 340 44.09 83.09 -18.98
N GLN H 341 43.33 83.16 -20.08
CA GLN H 341 43.55 82.28 -21.22
C GLN H 341 44.91 82.51 -21.86
N LYS H 342 45.35 83.76 -21.94
CA LYS H 342 46.63 84.10 -22.56
C LYS H 342 47.80 83.51 -21.75
N HIS H 343 47.64 83.44 -20.43
CA HIS H 343 48.68 82.96 -19.53
C HIS H 343 48.55 81.48 -19.14
N THR H 344 47.64 80.75 -19.78
CA THR H 344 47.47 79.33 -19.50
C THR H 344 48.54 78.55 -20.25
N ILE H 345 49.42 77.89 -19.50
CA ILE H 345 50.55 77.15 -20.10
C ILE H 345 50.26 75.65 -20.23
N SER H 346 49.26 75.16 -19.50
CA SER H 346 48.80 73.78 -19.64
C SER H 346 47.30 73.70 -19.42
N LYS H 347 46.62 72.95 -20.28
CA LYS H 347 45.18 72.75 -20.19
C LYS H 347 44.89 71.25 -20.13
N GLY H 348 43.99 70.87 -19.23
CA GLY H 348 43.59 69.46 -19.10
C GLY H 348 44.70 68.56 -18.57
N VAL H 349 44.58 67.28 -18.94
CA VAL H 349 45.48 66.23 -18.46
C VAL H 349 46.63 66.10 -19.45
N SER H 350 47.57 67.03 -19.32
CA SER H 350 48.72 67.12 -20.23
C SER H 350 49.89 66.28 -19.71
N CYS H 351 50.92 66.13 -20.53
CA CYS H 351 52.10 65.37 -20.15
C CYS H 351 52.48 65.62 -18.70
N GLU H 352 52.60 66.89 -18.32
CA GLU H 352 53.12 67.25 -17.01
C GLU H 352 52.14 67.04 -15.88
N GLU H 353 50.85 66.87 -16.18
CA GLU H 353 49.90 66.54 -15.12
C GLU H 353 50.14 65.11 -14.64
N CYS H 354 50.53 64.24 -15.57
CA CYS H 354 50.90 62.86 -15.29
C CYS H 354 52.38 62.68 -14.91
N HIS H 355 53.26 63.37 -15.62
CA HIS H 355 54.71 63.16 -15.53
C HIS H 355 55.46 64.19 -14.69
N GLY H 356 54.75 65.13 -14.08
CA GLY H 356 55.38 66.16 -13.25
C GLY H 356 55.83 67.36 -14.06
N ALA H 357 55.92 68.52 -13.40
CA ALA H 357 56.31 69.76 -14.04
C ALA H 357 57.75 69.69 -14.53
N GLY H 358 57.95 69.98 -15.82
CA GLY H 358 59.26 69.87 -16.44
C GLY H 358 59.72 68.43 -16.64
N GLY H 359 58.88 67.45 -16.31
CA GLY H 359 59.26 66.04 -16.34
C GLY H 359 60.63 65.76 -15.73
N HIS H 360 61.53 65.27 -16.58
CA HIS H 360 62.89 64.88 -16.19
C HIS H 360 63.92 65.95 -16.49
N LEU H 361 63.46 67.11 -16.98
CA LEU H 361 64.35 68.15 -17.46
C LEU H 361 65.04 68.92 -16.35
N GLU H 362 66.25 69.35 -16.63
CA GLU H 362 67.05 70.11 -15.67
C GLU H 362 66.28 71.36 -15.26
N GLY H 363 66.13 71.57 -13.96
CA GLY H 363 65.30 72.64 -13.43
C GLY H 363 63.86 72.24 -13.18
N GLY H 364 63.49 71.03 -13.59
CA GLY H 364 62.14 70.51 -13.39
C GLY H 364 61.85 70.04 -11.98
N SER H 365 60.64 69.52 -11.76
CA SER H 365 60.21 69.07 -10.44
C SER H 365 60.48 67.59 -10.17
N GLY H 366 60.94 66.85 -11.18
CA GLY H 366 61.24 65.43 -11.03
C GLY H 366 60.19 64.58 -11.72
N LEU H 367 60.64 63.69 -12.60
CA LEU H 367 59.75 62.86 -13.39
C LEU H 367 58.87 61.97 -12.54
N LEU H 368 57.60 61.87 -12.91
CA LEU H 368 56.68 60.91 -12.33
C LEU H 368 56.13 60.01 -13.42
N ILE H 369 55.62 58.85 -12.99
CA ILE H 369 54.85 57.94 -13.85
C ILE H 369 53.53 57.70 -13.11
N SER H 370 52.44 58.20 -13.68
CA SER H 370 51.16 58.20 -12.98
C SER H 370 50.59 56.79 -12.85
N ASN H 371 50.03 56.47 -11.69
CA ASN H 371 49.20 55.27 -11.57
C ASN H 371 47.70 55.58 -11.69
N CYS H 372 47.38 56.78 -12.18
CA CYS H 372 46.00 57.19 -12.49
C CYS H 372 45.08 57.42 -11.29
N GLU H 373 45.54 57.18 -10.07
CA GLU H 373 44.65 57.20 -8.91
C GLU H 373 44.25 58.62 -8.48
N ARG H 374 44.98 59.62 -8.97
CA ARG H 374 44.59 61.00 -8.75
C ARG H 374 43.15 61.25 -9.23
N CYS H 375 42.82 60.71 -10.41
CA CYS H 375 41.57 61.04 -11.09
C CYS H 375 40.61 59.88 -11.40
N HIS H 376 41.08 58.65 -11.24
CA HIS H 376 40.33 57.48 -11.67
C HIS H 376 40.04 56.48 -10.54
N GLN H 377 40.39 56.82 -9.30
CA GLN H 377 40.19 55.90 -8.18
C GLN H 377 38.87 56.18 -7.46
N ARG H 378 38.78 57.30 -6.74
CA ARG H 378 37.56 57.70 -6.07
C ARG H 378 37.02 56.66 -5.07
N PHE H 379 37.81 56.33 -4.07
CA PHE H 379 37.34 55.47 -2.99
C PHE H 379 36.25 56.15 -2.20
N SER H 380 35.38 55.35 -1.60
CA SER H 380 34.30 55.84 -0.77
C SER H 380 34.02 54.81 0.32
N TYR H 381 34.20 55.21 1.58
CA TYR H 381 34.05 54.30 2.70
C TYR H 381 32.58 53.97 2.96
N SER H 382 32.27 52.67 3.07
CA SER H 382 30.91 52.21 3.31
C SER H 382 30.81 51.54 4.69
N PRO H 383 30.23 52.26 5.67
CA PRO H 383 29.97 51.67 6.98
C PRO H 383 29.16 50.38 6.90
N ASP H 384 28.29 50.28 5.89
CA ASP H 384 27.51 49.06 5.66
C ASP H 384 28.38 47.85 5.35
N LEU H 385 29.39 48.04 4.49
CA LEU H 385 30.32 46.96 4.18
C LEU H 385 31.10 46.54 5.42
N MET H 386 31.45 47.51 6.27
CA MET H 386 32.11 47.24 7.54
C MET H 386 31.24 46.39 8.48
N ARG H 387 30.01 46.83 8.74
CA ARG H 387 29.16 46.14 9.71
C ARG H 387 28.61 44.81 9.17
N ASN H 388 28.45 44.69 7.86
CA ASN H 388 28.00 43.43 7.25
C ASN H 388 29.05 42.33 7.30
N ASN H 389 30.33 42.70 7.41
CA ASN H 389 31.39 41.72 7.51
C ASN H 389 32.25 41.96 8.74
N PRO H 390 31.93 41.29 9.87
CA PRO H 390 32.61 41.54 11.14
C PRO H 390 34.05 41.03 11.20
N LEU H 391 34.47 40.27 10.20
CA LEU H 391 35.87 39.85 10.05
C LEU H 391 36.78 41.02 9.64
N ASN H 392 36.20 42.06 9.04
CA ASN H 392 36.93 43.27 8.65
C ASN H 392 37.23 44.26 9.78
N ALA H 393 36.86 43.92 11.02
CA ALA H 393 37.04 44.84 12.14
C ALA H 393 38.50 45.27 12.24
N GLY H 394 38.72 46.59 12.28
CA GLY H 394 40.08 47.14 12.29
C GLY H 394 40.75 47.24 10.93
N LYS H 395 40.03 46.83 9.87
CA LYS H 395 40.55 46.89 8.49
C LYS H 395 39.57 47.67 7.61
N PRO H 396 39.46 48.99 7.84
CA PRO H 396 38.49 49.81 7.10
C PRO H 396 38.70 49.84 5.59
N ASP H 397 39.92 49.55 5.14
CA ASP H 397 40.23 49.40 3.72
C ASP H 397 39.33 48.36 3.02
N LEU H 398 38.98 47.29 3.74
CA LEU H 398 38.15 46.24 3.18
C LEU H 398 36.68 46.65 3.05
N ALA H 399 36.30 47.74 3.74
CA ALA H 399 34.96 48.30 3.60
C ALA H 399 34.92 49.49 2.63
N LEU H 400 35.94 49.63 1.79
CA LEU H 400 35.92 50.68 0.77
C LEU H 400 35.00 50.29 -0.39
N SER H 401 34.34 51.30 -0.93
CA SER H 401 33.54 51.15 -2.12
C SER H 401 33.99 52.23 -3.10
N SER H 402 33.17 52.51 -4.10
CA SER H 402 33.46 53.56 -5.06
C SER H 402 32.60 54.77 -4.80
N LYS H 403 33.08 55.93 -5.24
CA LYS H 403 32.23 57.12 -5.33
C LYS H 403 30.94 56.75 -6.04
N PHE H 404 29.81 57.06 -5.43
CA PHE H 404 28.52 56.94 -6.09
C PHE H 404 27.93 58.33 -6.33
N LYS H 405 27.38 58.52 -7.53
CA LYS H 405 26.57 59.69 -7.86
C LYS H 405 25.10 59.28 -7.76
N SER H 406 24.50 59.60 -6.62
CA SER H 406 23.20 59.09 -6.23
C SER H 406 23.23 57.56 -6.11
N MET H 407 22.61 56.84 -7.03
CA MET H 407 22.45 55.40 -6.89
C MET H 407 23.29 54.64 -7.92
N GLY H 408 24.18 55.34 -8.60
CA GLY H 408 25.08 54.73 -9.56
C GLY H 408 26.53 55.04 -9.23
N PRO H 409 27.45 54.09 -9.54
CA PRO H 409 28.86 54.36 -9.33
C PRO H 409 29.30 55.53 -10.21
N GLY H 410 30.10 56.41 -9.65
CA GLY H 410 30.49 57.62 -10.35
C GLY H 410 31.46 57.32 -11.48
N CYS H 411 31.59 58.26 -12.39
CA CYS H 411 32.66 58.23 -13.35
C CYS H 411 33.98 58.38 -12.59
N GLY H 412 35.09 58.00 -13.22
CA GLY H 412 36.40 58.12 -12.61
C GLY H 412 36.57 57.32 -11.34
N SER H 413 35.83 56.21 -11.24
CA SER H 413 35.95 55.30 -10.10
C SER H 413 36.44 53.92 -10.53
N GLU H 414 37.14 53.86 -11.66
CA GLU H 414 37.63 52.59 -12.17
C GLU H 414 38.61 51.96 -11.19
N GLY H 415 39.49 52.78 -10.62
CA GLY H 415 40.47 52.31 -9.65
C GLY H 415 39.82 51.69 -8.42
N SER H 416 38.85 52.37 -7.83
CA SER H 416 38.14 51.85 -6.65
C SER H 416 37.39 50.58 -7.02
N GLN H 417 36.92 50.51 -8.26
CA GLN H 417 36.28 49.30 -8.76
C GLN H 417 37.28 48.17 -8.91
N THR H 418 38.39 48.43 -9.60
CA THR H 418 39.35 47.36 -9.90
C THR H 418 40.02 46.85 -8.63
N TYR H 419 40.20 47.74 -7.65
CA TYR H 419 40.85 47.38 -6.39
C TYR H 419 40.26 46.12 -5.74
N PHE H 420 38.96 45.89 -5.90
CA PHE H 420 38.30 44.67 -5.41
C PHE H 420 37.96 43.69 -6.54
N THR H 421 38.92 43.50 -7.44
CA THR H 421 38.81 42.48 -8.48
C THR H 421 39.97 41.48 -8.39
N ALA H 422 39.79 40.31 -9.01
CA ALA H 422 40.88 39.34 -9.15
C ALA H 422 42.04 39.99 -9.91
N HIS H 423 41.75 40.73 -10.96
CA HIS H 423 42.80 41.36 -11.77
C HIS H 423 43.76 42.16 -10.92
N TYR H 424 43.24 42.98 -10.01
CA TYR H 424 44.12 43.84 -9.22
C TYR H 424 44.96 43.00 -8.27
N GLU H 425 44.31 42.03 -7.63
CA GLU H 425 45.01 41.05 -6.78
C GLU H 425 46.16 40.33 -7.50
N LYS H 426 46.00 40.06 -8.80
CA LYS H 426 47.08 39.46 -9.58
C LYS H 426 48.12 40.48 -10.05
N GLY H 427 48.04 41.72 -9.57
CA GLY H 427 49.05 42.73 -9.87
C GLY H 427 48.76 43.56 -11.11
N MET H 428 47.56 43.42 -11.67
CA MET H 428 47.19 44.19 -12.86
C MET H 428 46.74 45.59 -12.46
N ARG H 429 47.20 46.58 -13.23
CA ARG H 429 46.87 48.00 -13.03
C ARG H 429 46.37 48.59 -14.36
N CYS H 430 46.04 49.87 -14.38
CA CYS H 430 45.51 50.52 -15.60
C CYS H 430 46.44 50.30 -16.79
N ALA H 431 47.72 50.58 -16.60
CA ALA H 431 48.71 50.46 -17.68
C ALA H 431 49.06 49.02 -18.08
N THR H 432 48.54 48.02 -17.36
CA THR H 432 48.60 46.64 -17.83
C THR H 432 47.79 46.51 -19.12
N CYS H 433 46.56 47.02 -19.09
CA CYS H 433 45.66 46.93 -20.23
C CYS H 433 45.77 48.11 -21.19
N HIS H 434 45.95 49.30 -20.63
CA HIS H 434 45.81 50.57 -21.37
C HIS H 434 47.12 51.18 -21.83
N ASP H 435 47.14 51.69 -23.06
CA ASP H 435 48.14 52.67 -23.44
C ASP H 435 47.73 53.96 -22.72
N PRO H 436 48.70 54.65 -22.08
CA PRO H 436 48.34 55.80 -21.25
C PRO H 436 48.23 57.11 -22.01
N HIS H 437 48.59 57.08 -23.29
CA HIS H 437 48.59 58.26 -24.13
C HIS H 437 47.37 58.27 -25.07
N ASP H 438 47.20 57.17 -25.81
CA ASP H 438 46.16 57.05 -26.82
C ASP H 438 44.87 56.56 -26.19
N VAL H 439 44.29 57.36 -25.31
CA VAL H 439 43.21 56.86 -24.45
C VAL H 439 41.80 56.94 -25.01
N THR H 440 41.66 57.60 -26.17
CA THR H 440 40.35 57.84 -26.77
C THR H 440 40.12 56.96 -27.99
N GLY H 441 41.13 56.85 -28.85
CA GLY H 441 41.07 55.94 -29.99
C GLY H 441 40.47 56.55 -31.23
N ASN H 442 40.30 55.71 -32.25
CA ASN H 442 39.92 56.15 -33.58
C ASN H 442 38.39 56.30 -33.73
N VAL H 443 37.79 57.11 -32.86
CA VAL H 443 36.34 57.28 -32.85
C VAL H 443 35.94 58.50 -33.69
N THR H 444 34.75 58.45 -34.27
CA THR H 444 34.26 59.50 -35.15
C THR H 444 32.84 59.95 -34.79
N GLY H 445 32.40 61.03 -35.41
CA GLY H 445 31.03 61.53 -35.24
C GLY H 445 30.00 60.68 -35.97
N GLU H 446 28.74 60.99 -35.73
CA GLU H 446 27.61 60.36 -36.42
C GLU H 446 27.03 61.33 -37.45
N LYS H 447 27.21 61.02 -38.74
CA LYS H 447 26.69 61.90 -39.80
C LYS H 447 25.16 61.81 -39.98
N GLY H 448 24.53 60.80 -39.37
CA GLY H 448 23.08 60.67 -39.40
C GLY H 448 22.34 61.71 -38.56
N ILE H 449 23.03 62.28 -37.57
CA ILE H 449 22.45 63.31 -36.73
C ILE H 449 22.35 64.63 -37.48
N LYS H 450 21.16 65.23 -37.48
CA LYS H 450 20.96 66.57 -38.01
C LYS H 450 20.67 67.50 -36.85
N GLY H 451 21.65 68.34 -36.51
CA GLY H 451 21.54 69.27 -35.40
C GLY H 451 21.66 70.70 -35.87
N VAL H 452 21.24 71.63 -35.02
CA VAL H 452 21.32 73.05 -35.32
C VAL H 452 22.80 73.44 -35.42
N SER H 453 23.57 73.08 -34.39
CA SER H 453 25.00 73.40 -34.31
C SER H 453 25.93 72.19 -34.53
N TYR H 454 25.48 70.98 -34.19
CA TYR H 454 26.35 69.80 -34.23
C TYR H 454 27.04 69.64 -35.59
N ASN H 455 28.35 69.45 -35.53
CA ASN H 455 29.20 69.18 -36.69
C ASN H 455 29.84 67.82 -36.43
N SER H 456 29.56 66.86 -37.31
CA SER H 456 30.00 65.49 -37.10
C SER H 456 31.39 65.19 -37.66
N GLU H 457 32.07 66.19 -38.21
CA GLU H 457 33.31 65.98 -38.98
C GLU H 457 34.61 66.26 -38.24
N GLN H 458 34.57 66.29 -36.91
CA GLN H 458 35.74 66.67 -36.11
C GLN H 458 36.34 65.47 -35.35
N GLY H 459 36.43 64.33 -36.02
CA GLY H 459 36.97 63.12 -35.41
C GLY H 459 36.44 62.86 -34.00
N TYR H 460 37.35 62.59 -33.08
CA TYR H 460 36.94 62.14 -31.75
C TYR H 460 36.13 63.19 -31.00
N LEU H 461 36.34 64.46 -31.33
CA LEU H 461 35.55 65.55 -30.73
C LEU H 461 34.05 65.46 -31.07
N SER H 462 33.73 64.89 -32.23
CA SER H 462 32.32 64.69 -32.62
C SER H 462 31.71 63.41 -32.07
N SER H 463 32.53 62.52 -31.52
CA SER H 463 32.08 61.15 -31.25
C SER H 463 31.27 61.05 -29.98
N LEU H 464 30.33 60.11 -29.97
CA LEU H 464 29.55 59.80 -28.79
C LEU H 464 30.19 58.66 -27.97
N TYR H 465 31.35 58.19 -28.42
CA TYR H 465 31.96 56.98 -27.86
C TYR H 465 33.45 57.14 -27.54
N SER H 466 33.99 56.16 -26.83
CA SER H 466 35.41 56.07 -26.54
C SER H 466 35.88 54.67 -26.89
N LYS H 467 37.07 54.58 -27.47
CA LYS H 467 37.71 53.30 -27.74
C LYS H 467 39.19 53.36 -27.37
N PRO H 468 39.49 53.32 -26.05
CA PRO H 468 40.88 53.43 -25.62
C PRO H 468 41.77 52.36 -26.24
N LYS H 469 43.01 52.73 -26.55
CA LYS H 469 43.97 51.82 -27.14
C LYS H 469 44.48 50.87 -26.05
N LEU H 470 44.48 49.58 -26.36
CA LEU H 470 44.89 48.55 -25.38
C LEU H 470 46.16 47.84 -25.79
N LYS H 471 46.98 47.52 -24.78
CA LYS H 471 48.11 46.60 -24.93
C LYS H 471 47.67 45.16 -24.77
N LYS H 472 46.64 44.93 -23.97
CA LYS H 472 46.14 43.59 -23.71
C LYS H 472 44.65 43.50 -23.99
N GLU H 473 44.27 42.50 -24.79
CA GLU H 473 42.87 42.10 -24.95
C GLU H 473 42.56 40.98 -23.96
N CYS H 474 41.28 40.83 -23.62
CA CYS H 474 40.83 39.69 -22.81
C CYS H 474 41.38 38.39 -23.37
N THR H 475 41.35 38.27 -24.69
CA THR H 475 41.76 37.05 -25.37
C THR H 475 43.26 36.78 -25.29
N ASP H 476 44.06 37.77 -24.91
CA ASP H 476 45.49 37.53 -24.70
C ASP H 476 45.77 36.65 -23.48
N CYS H 477 44.93 36.76 -22.44
CA CYS H 477 45.13 35.99 -21.21
C CYS H 477 44.16 34.83 -21.05
N HIS H 478 42.97 34.95 -21.63
CA HIS H 478 41.89 34.01 -21.40
C HIS H 478 41.64 33.16 -22.64
N LYS H 479 42.53 32.19 -22.87
CA LYS H 479 42.59 31.50 -24.16
C LYS H 479 41.53 30.43 -24.34
N GLU H 480 41.11 29.81 -23.25
CA GLU H 480 40.09 28.79 -23.31
C GLU H 480 38.75 29.46 -23.61
N GLN H 481 38.52 30.59 -22.94
CA GLN H 481 37.34 31.42 -23.19
C GLN H 481 37.34 31.97 -24.62
N ALA H 482 38.49 32.46 -25.08
CA ALA H 482 38.61 32.97 -26.44
C ALA H 482 38.29 31.89 -27.47
N TYR H 483 38.83 30.69 -27.25
CA TYR H 483 38.66 29.58 -28.17
C TYR H 483 37.18 29.20 -28.31
N ILE H 484 36.54 28.93 -27.19
CA ILE H 484 35.13 28.55 -27.20
C ILE H 484 34.28 29.64 -27.85
N GLN H 485 34.59 30.88 -27.53
CA GLN H 485 33.82 32.04 -27.98
C GLN H 485 34.06 32.39 -29.45
N SER H 486 35.16 31.90 -30.03
CA SER H 486 35.46 32.08 -31.46
C SER H 486 34.62 31.18 -32.38
N LYS H 487 33.97 30.18 -31.79
CA LYS H 487 33.12 29.26 -32.56
C LYS H 487 31.83 29.97 -32.94
N ALA H 488 31.51 29.97 -34.24
CA ALA H 488 30.29 30.58 -34.75
C ALA H 488 29.05 30.15 -33.94
N ASP H 489 28.36 31.12 -33.36
CA ASP H 489 27.23 30.87 -32.46
C ASP H 489 26.58 32.21 -32.10
N THR H 490 25.46 32.14 -31.38
CA THR H 490 24.73 33.31 -30.90
C THR H 490 25.57 34.58 -30.69
N HIS H 491 26.45 34.56 -29.69
CA HIS H 491 27.18 35.76 -29.31
C HIS H 491 28.60 35.83 -29.87
N SER H 492 28.90 35.03 -30.89
CA SER H 492 30.28 34.92 -31.38
C SER H 492 30.86 36.24 -31.88
N LYS H 493 30.02 37.16 -32.34
CA LYS H 493 30.50 38.45 -32.84
C LYS H 493 30.69 39.49 -31.73
N ASN H 494 30.13 39.25 -30.54
CA ASN H 494 30.31 40.18 -29.43
C ASN H 494 31.74 40.24 -28.93
N SER H 495 32.14 41.40 -28.44
CA SER H 495 33.39 41.54 -27.71
C SER H 495 33.22 40.91 -26.34
N CYS H 496 34.32 40.50 -25.72
CA CYS H 496 34.26 39.99 -24.35
C CYS H 496 33.75 41.08 -23.42
N ALA H 497 34.21 42.30 -23.65
CA ALA H 497 33.80 43.47 -22.87
C ALA H 497 32.29 43.70 -22.90
N SER H 498 31.65 43.34 -24.01
CA SER H 498 30.21 43.57 -24.16
C SER H 498 29.42 43.03 -22.97
N CYS H 499 29.66 41.79 -22.58
CA CYS H 499 28.99 41.21 -21.41
C CYS H 499 29.63 41.60 -20.10
N HIS H 500 30.96 41.71 -20.13
CA HIS H 500 31.72 41.78 -18.90
C HIS H 500 31.91 43.19 -18.37
N MET H 501 31.77 44.18 -19.24
CA MET H 501 32.06 45.56 -18.88
C MET H 501 30.91 46.47 -19.30
N PRO H 502 29.73 46.30 -18.66
CA PRO H 502 28.62 47.17 -18.99
C PRO H 502 28.82 48.59 -18.48
N PHE H 503 28.18 49.54 -19.14
CA PHE H 503 28.29 50.95 -18.77
C PHE H 503 27.37 51.25 -17.59
N MET H 504 27.84 50.92 -16.39
CA MET H 504 27.02 51.07 -15.17
C MET H 504 27.16 52.43 -14.52
N MET H 505 28.17 53.18 -14.93
CA MET H 505 28.60 54.36 -14.19
C MET H 505 27.89 55.64 -14.63
N SER H 506 27.59 56.47 -13.63
CA SER H 506 26.97 57.77 -13.85
C SER H 506 28.02 58.87 -13.87
N CYS H 507 28.12 59.55 -15.01
CA CYS H 507 28.94 60.74 -15.13
C CYS H 507 28.15 61.98 -14.69
N GLU H 508 26.85 61.98 -14.99
CA GLU H 508 26.02 63.20 -14.91
C GLU H 508 25.25 63.40 -13.61
N ASN H 509 25.28 62.40 -12.73
CA ASN H 509 24.36 62.34 -11.58
C ASN H 509 22.91 62.65 -11.98
N PHE H 510 22.49 62.08 -13.11
CA PHE H 510 21.15 62.30 -13.62
C PHE H 510 20.20 61.39 -12.87
N TYR H 511 20.06 61.64 -11.56
CA TYR H 511 19.32 60.76 -10.67
C TYR H 511 17.85 60.62 -11.05
N ALA H 512 17.30 61.61 -11.75
CA ALA H 512 15.92 61.55 -12.21
C ALA H 512 15.63 60.31 -13.10
N ILE H 513 16.65 59.79 -13.78
CA ILE H 513 16.48 58.61 -14.63
C ILE H 513 17.22 57.36 -14.15
N GLN H 514 17.61 57.33 -12.87
CA GLN H 514 18.31 56.18 -12.31
C GLN H 514 17.29 55.18 -11.77
N PHE H 515 17.23 54.02 -12.41
CA PHE H 515 16.38 52.92 -11.97
C PHE H 515 17.23 51.66 -12.05
N GLN H 516 18.08 51.50 -11.03
CA GLN H 516 19.21 50.58 -11.11
C GLN H 516 18.80 49.12 -11.23
N ASP H 517 17.68 48.74 -10.63
CA ASP H 517 17.15 47.38 -10.79
C ASP H 517 16.78 47.05 -12.26
N GLN H 518 16.55 48.07 -13.09
CA GLN H 518 16.34 47.86 -14.54
C GLN H 518 17.59 48.15 -15.37
N ALA H 519 18.73 48.29 -14.69
CA ALA H 519 20.02 48.56 -15.35
C ALA H 519 19.95 49.73 -16.33
N GLY H 520 19.48 50.87 -15.81
CA GLY H 520 19.40 52.10 -16.59
C GLY H 520 18.99 53.24 -15.67
N PHE H 521 18.92 54.47 -16.18
CA PHE H 521 19.21 54.80 -17.58
C PHE H 521 20.27 55.88 -17.70
N ASP H 522 20.98 56.09 -16.60
CA ASP H 522 22.04 57.09 -16.49
C ASP H 522 23.38 56.35 -16.59
N THR H 523 23.74 56.00 -17.83
CA THR H 523 24.71 54.96 -18.07
C THR H 523 25.76 55.40 -19.08
N GLN H 524 26.82 56.04 -18.59
CA GLN H 524 27.77 56.74 -19.47
C GLN H 524 29.24 56.29 -19.44
N ARG H 525 29.65 55.57 -18.40
CA ARG H 525 31.01 55.05 -18.32
C ARG H 525 31.05 53.57 -17.92
N ARG H 526 32.14 52.92 -18.30
CA ARG H 526 32.22 51.47 -18.36
C ARG H 526 32.76 50.86 -17.06
N ALA H 527 31.99 49.94 -16.48
CA ALA H 527 32.38 49.25 -15.26
C ALA H 527 33.63 48.39 -15.47
N HIS H 528 34.51 48.41 -14.47
CA HIS H 528 35.76 47.66 -14.45
C HIS H 528 35.71 46.69 -13.27
N ILE H 529 34.86 45.69 -13.42
CA ILE H 529 34.56 44.73 -12.37
C ILE H 529 34.75 43.31 -12.91
N TRP H 530 34.23 43.08 -14.11
CA TRP H 530 34.51 41.88 -14.90
C TRP H 530 33.76 40.65 -14.44
N LYS H 531 33.85 40.33 -13.15
CA LYS H 531 33.13 39.19 -12.58
C LYS H 531 31.63 39.35 -12.76
N ILE H 532 31.00 38.32 -13.32
CA ILE H 532 29.55 38.34 -13.46
C ILE H 532 28.99 37.34 -12.47
N ASP H 533 28.08 37.80 -11.64
CA ASP H 533 27.39 36.94 -10.70
C ASP H 533 26.15 36.40 -11.41
N VAL H 534 25.81 35.15 -11.12
CA VAL H 534 24.65 34.51 -11.73
C VAL H 534 23.67 34.21 -10.61
N ASP H 535 22.63 35.04 -10.51
CA ASP H 535 21.64 34.95 -9.44
C ASP H 535 20.31 35.54 -9.92
N PRO H 536 19.18 35.00 -9.41
CA PRO H 536 17.89 35.54 -9.83
C PRO H 536 17.59 36.93 -9.29
N ALA H 537 18.10 37.27 -8.11
CA ALA H 537 17.68 38.48 -7.39
C ALA H 537 18.81 39.46 -6.97
N ARG H 538 19.96 38.93 -6.58
CA ARG H 538 21.04 39.74 -6.01
C ARG H 538 21.51 40.87 -6.95
N LYS H 539 21.66 42.07 -6.39
CA LYS H 539 22.02 43.25 -7.17
C LYS H 539 23.43 43.76 -6.88
N SER H 540 24.10 44.25 -7.91
CA SER H 540 25.42 44.85 -7.77
C SER H 540 25.37 46.09 -6.90
N LEU H 541 24.33 46.90 -7.11
CA LEU H 541 24.21 48.21 -6.51
C LEU H 541 23.06 48.21 -5.50
N VAL H 542 23.33 48.65 -4.27
CA VAL H 542 22.32 48.66 -3.22
C VAL H 542 22.36 49.94 -2.40
N ALA H 543 21.23 50.26 -1.81
CA ALA H 543 21.09 51.47 -1.01
C ALA H 543 21.76 51.28 0.33
N GLY H 544 22.21 52.37 0.93
CA GLY H 544 22.71 52.31 2.31
C GLY H 544 21.56 52.03 3.25
N SER H 545 21.88 51.64 4.48
CA SER H 545 20.89 51.38 5.52
C SER H 545 20.41 52.70 6.16
N THR H 546 21.13 53.78 5.87
CA THR H 546 20.67 55.13 6.16
C THR H 546 19.56 55.58 5.19
N SER H 547 19.36 54.85 4.09
CA SER H 547 18.29 55.14 3.15
C SER H 547 16.92 54.79 3.74
N LYS H 548 16.02 55.77 3.72
CA LYS H 548 14.65 55.62 4.18
C LYS H 548 13.70 55.55 2.99
N ASP H 549 13.83 56.52 2.09
CA ASP H 549 13.07 56.54 0.85
C ASP H 549 13.88 55.87 -0.26
N PRO H 550 13.22 55.07 -1.12
CA PRO H 550 13.85 54.49 -2.31
C PRO H 550 14.59 55.50 -3.22
N ARG H 551 14.07 56.73 -3.31
CA ARG H 551 14.62 57.73 -4.20
C ARG H 551 15.64 58.67 -3.52
N ASP H 552 15.90 58.48 -2.23
CA ASP H 552 16.78 59.42 -1.50
C ASP H 552 18.28 59.30 -1.85
N GLY H 553 18.67 58.17 -2.45
CA GLY H 553 20.04 57.99 -2.92
C GLY H 553 21.10 58.04 -1.84
N LYS H 554 20.72 57.70 -0.61
CA LYS H 554 21.64 57.73 0.53
C LYS H 554 22.56 56.51 0.59
N ASP H 555 23.86 56.77 0.55
CA ASP H 555 24.90 55.77 0.82
C ASP H 555 24.83 54.51 -0.02
N TRP H 556 24.51 54.68 -1.30
CA TRP H 556 24.54 53.55 -2.22
C TRP H 556 25.98 53.07 -2.37
N HIS H 557 26.15 51.77 -2.56
CA HIS H 557 27.47 51.16 -2.68
C HIS H 557 27.40 49.83 -3.43
N PHE H 558 28.56 49.38 -3.88
CA PHE H 558 28.69 48.05 -4.47
C PHE H 558 28.49 46.99 -3.41
N GLU H 559 27.78 45.92 -3.75
CA GLU H 559 27.79 44.75 -2.88
C GLU H 559 29.02 43.91 -3.19
N ARG H 560 29.43 43.12 -2.20
CA ARG H 560 30.57 42.23 -2.33
C ARG H 560 30.07 40.79 -2.36
N ASN H 561 30.71 39.96 -3.18
CA ASN H 561 30.34 38.54 -3.23
C ASN H 561 31.13 37.76 -2.20
N GLU H 562 30.96 36.44 -2.22
CA GLU H 562 31.57 35.55 -1.22
C GLU H 562 33.10 35.59 -1.23
N GLU H 563 33.69 35.95 -2.37
CA GLU H 563 35.15 36.07 -2.48
C GLU H 563 35.67 37.47 -2.13
N GLY H 564 34.79 38.33 -1.64
CA GLY H 564 35.16 39.70 -1.24
C GLY H 564 35.36 40.65 -2.40
N ARG H 565 34.64 40.43 -3.49
CA ARG H 565 34.84 41.20 -4.71
C ARG H 565 33.58 41.87 -5.20
N ASN H 566 33.76 42.89 -6.02
CA ASN H 566 32.67 43.49 -6.79
C ASN H 566 32.19 42.51 -7.85
N PHE H 567 30.94 42.67 -8.29
CA PHE H 567 30.39 41.82 -9.32
C PHE H 567 29.34 42.56 -10.14
N VAL H 568 29.12 42.08 -11.36
CA VAL H 568 28.11 42.58 -12.27
C VAL H 568 26.92 41.61 -12.23
N ASP H 569 25.74 42.10 -11.85
CA ASP H 569 24.53 41.25 -11.91
C ASP H 569 24.08 41.09 -13.34
N LEU H 570 23.25 40.07 -13.57
CA LEU H 570 22.86 39.69 -14.92
C LEU H 570 21.99 40.70 -15.64
N MET H 571 21.29 41.58 -14.91
CA MET H 571 20.51 42.63 -15.55
C MET H 571 21.44 43.65 -16.20
N TRP H 572 22.50 44.03 -15.48
CA TRP H 572 23.54 44.86 -16.05
C TRP H 572 24.29 44.21 -17.22
N ALA H 573 24.63 42.92 -17.09
CA ALA H 573 25.47 42.27 -18.08
C ALA H 573 24.78 42.03 -19.42
N CYS H 574 23.47 41.79 -19.36
CA CYS H 574 22.70 41.33 -20.53
C CYS H 574 21.65 42.33 -21.06
N ALA H 575 21.01 43.07 -20.16
CA ALA H 575 19.79 43.81 -20.50
C ALA H 575 19.86 45.30 -20.17
N ARG H 576 21.07 45.80 -19.94
CA ARG H 576 21.28 47.20 -19.59
C ARG H 576 20.90 48.15 -20.74
N THR H 577 20.54 49.38 -20.38
CA THR H 577 20.20 50.40 -21.38
C THR H 577 21.18 51.55 -21.28
N THR H 578 21.74 51.91 -22.42
CA THR H 578 22.75 52.96 -22.50
C THR H 578 22.84 53.49 -23.93
N TRP H 579 23.41 54.68 -24.07
CA TRP H 579 23.66 55.30 -25.37
C TRP H 579 25.14 55.68 -25.50
N ALA H 580 25.99 55.01 -24.71
CA ALA H 580 27.44 55.24 -24.71
C ALA H 580 28.23 54.02 -25.18
N ASP H 581 27.54 52.92 -25.45
CA ASP H 581 28.18 51.63 -25.70
C ASP H 581 28.10 51.30 -27.19
N LYS H 582 29.18 51.54 -27.92
CA LYS H 582 29.20 51.25 -29.34
C LYS H 582 28.95 49.77 -29.64
N ASP H 583 29.50 48.87 -28.82
CA ASP H 583 29.30 47.43 -29.00
C ASP H 583 27.81 47.09 -28.96
N GLN H 584 27.10 47.68 -28.00
CA GLN H 584 25.68 47.44 -27.82
C GLN H 584 24.88 47.96 -29.01
N ALA H 585 25.21 49.17 -29.46
CA ALA H 585 24.56 49.76 -30.62
C ALA H 585 24.88 48.98 -31.90
N GLU H 586 26.02 48.30 -31.96
CA GLU H 586 26.37 47.49 -33.13
C GLU H 586 25.87 46.02 -33.05
N ALA H 587 25.31 45.64 -31.91
CA ALA H 587 24.75 44.30 -31.71
C ALA H 587 23.26 44.41 -31.35
N LYS H 588 22.54 45.17 -32.17
CA LYS H 588 21.08 45.29 -32.08
C LYS H 588 20.58 45.78 -30.71
N GLY H 589 21.40 46.54 -30.00
CA GLY H 589 21.01 47.03 -28.68
C GLY H 589 20.94 46.00 -27.57
N CYS H 590 21.55 44.82 -27.80
CA CYS H 590 21.55 43.70 -26.85
C CYS H 590 20.11 43.35 -26.41
N HIS H 591 19.83 43.31 -25.10
CA HIS H 591 18.51 42.85 -24.62
C HIS H 591 17.72 43.91 -23.85
N SER H 592 18.10 45.18 -24.05
CA SER H 592 17.36 46.30 -23.49
C SER H 592 15.93 46.37 -24.04
N PRO H 593 14.93 46.35 -23.15
CA PRO H 593 13.56 46.58 -23.63
C PRO H 593 13.37 47.96 -24.30
N VAL H 594 14.32 48.87 -24.06
CA VAL H 594 14.27 50.22 -24.62
C VAL H 594 14.97 50.35 -25.97
N VAL H 595 16.19 49.81 -26.11
CA VAL H 595 16.98 50.01 -27.34
C VAL H 595 17.26 48.75 -28.18
N SER H 596 16.79 47.59 -27.73
CA SER H 596 17.04 46.37 -28.49
C SER H 596 16.23 46.33 -29.78
N GLU H 597 16.84 45.82 -30.85
CA GLU H 597 16.16 45.65 -32.14
C GLU H 597 15.76 44.19 -32.39
N LEU H 598 15.92 43.34 -31.38
CA LEU H 598 15.61 41.92 -31.51
C LEU H 598 14.14 41.70 -31.26
N LYS H 599 13.66 40.51 -31.59
CA LYS H 599 12.27 40.16 -31.35
C LYS H 599 11.93 40.35 -29.87
N GLU H 600 10.65 40.58 -29.59
CA GLU H 600 10.16 40.93 -28.25
C GLU H 600 10.59 39.93 -27.17
N THR H 601 10.61 38.64 -27.50
CA THR H 601 10.94 37.60 -26.52
C THR H 601 12.39 37.68 -26.03
N LEU H 602 13.25 38.37 -26.78
CA LEU H 602 14.65 38.61 -26.41
C LEU H 602 14.86 39.99 -25.75
N HIS H 603 13.79 40.60 -25.27
CA HIS H 603 13.89 41.82 -24.48
C HIS H 603 13.73 41.37 -23.06
N PHE H 604 14.75 41.57 -22.23
CA PHE H 604 14.71 41.10 -20.86
C PHE H 604 14.33 42.23 -19.92
N LYS H 605 13.27 42.01 -19.15
CA LYS H 605 12.70 43.06 -18.30
C LYS H 605 13.17 43.00 -16.86
N ASP H 606 13.47 41.81 -16.37
CA ASP H 606 14.02 41.67 -15.04
C ASP H 606 15.10 40.58 -14.96
N GLN H 607 15.85 40.62 -13.87
CA GLN H 607 16.96 39.73 -13.64
C GLN H 607 16.52 38.27 -13.55
N LYS H 608 15.34 38.04 -12.97
CA LYS H 608 14.78 36.69 -12.90
C LYS H 608 14.62 36.11 -14.30
N GLN H 609 14.17 36.93 -15.24
CA GLN H 609 14.03 36.49 -16.63
C GLN H 609 15.38 36.16 -17.24
N VAL H 610 16.39 36.97 -16.95
CA VAL H 610 17.73 36.77 -17.52
C VAL H 610 18.34 35.49 -16.93
N TYR H 611 18.20 35.34 -15.62
CA TYR H 611 18.66 34.16 -14.90
C TYR H 611 18.11 32.86 -15.46
N ASN H 612 16.82 32.83 -15.79
CA ASN H 612 16.21 31.61 -16.36
C ASN H 612 16.76 31.32 -17.75
N GLU H 613 17.07 32.37 -18.50
CA GLU H 613 17.74 32.19 -19.78
C GLU H 613 19.11 31.55 -19.60
N VAL H 614 19.87 32.06 -18.62
CA VAL H 614 21.22 31.56 -18.35
C VAL H 614 21.14 30.10 -17.88
N MET H 615 20.22 29.81 -16.97
CA MET H 615 20.02 28.44 -16.46
C MET H 615 19.61 27.46 -17.54
N GLY H 616 18.86 27.93 -18.54
CA GLY H 616 18.48 27.12 -19.68
C GLY H 616 19.69 26.60 -20.46
N TRP H 617 20.79 27.35 -20.38
CA TRP H 617 22.06 26.95 -20.99
C TRP H 617 23.00 26.23 -20.02
N GLN H 618 23.10 26.69 -18.78
CA GLN H 618 24.07 26.16 -17.82
C GLN H 618 23.65 24.83 -17.22
N THR H 619 22.38 24.69 -16.91
CA THR H 619 21.88 23.49 -16.26
C THR H 619 22.16 22.23 -17.09
N PRO H 620 21.84 22.26 -18.41
CA PRO H 620 22.20 21.06 -19.17
C PRO H 620 23.70 20.86 -19.35
N VAL H 621 24.49 21.94 -19.34
CA VAL H 621 25.93 21.80 -19.44
C VAL H 621 26.54 21.26 -18.15
N LYS H 622 26.09 21.76 -17.00
CA LYS H 622 26.60 21.31 -15.72
C LYS H 622 26.14 19.88 -15.40
N ASP H 623 24.93 19.54 -15.83
CA ASP H 623 24.43 18.18 -15.63
C ASP H 623 25.33 17.20 -16.32
N LYS H 624 25.54 17.40 -17.62
CA LYS H 624 26.39 16.51 -18.43
C LYS H 624 27.86 16.57 -18.01
N PHE H 625 28.36 17.74 -17.66
CA PHE H 625 29.73 17.87 -17.16
C PHE H 625 29.94 16.95 -15.96
N THR H 626 29.01 17.02 -15.01
CA THR H 626 29.09 16.24 -13.79
C THR H 626 29.05 14.76 -14.10
N GLN H 627 28.16 14.37 -15.02
CA GLN H 627 28.06 12.96 -15.44
C GLN H 627 29.37 12.44 -16.01
N VAL H 628 30.01 13.26 -16.83
CA VAL H 628 31.24 12.86 -17.49
C VAL H 628 32.41 12.78 -16.51
N LYS H 629 32.50 13.73 -15.59
CA LYS H 629 33.58 13.77 -14.59
C LYS H 629 33.50 12.53 -13.67
N VAL H 630 32.32 12.28 -13.13
CA VAL H 630 32.06 11.06 -12.35
C VAL H 630 32.42 9.81 -13.16
N GLY H 631 32.04 9.80 -14.44
CA GLY H 631 32.28 8.65 -15.31
C GLY H 631 33.74 8.32 -15.48
N ILE H 632 34.51 9.35 -15.84
CA ILE H 632 35.97 9.24 -15.99
C ILE H 632 36.62 8.66 -14.73
N GLN H 633 36.26 9.20 -13.58
CA GLN H 633 36.83 8.77 -12.31
C GLN H 633 36.41 7.35 -12.01
N GLY H 634 35.12 7.05 -12.19
CA GLY H 634 34.59 5.72 -12.00
C GLY H 634 35.29 4.69 -12.85
N LEU H 635 35.56 5.03 -14.11
CA LEU H 635 36.22 4.09 -15.00
C LEU H 635 37.70 3.92 -14.67
N TYR H 636 38.39 5.02 -14.33
CA TYR H 636 39.78 4.91 -13.88
C TYR H 636 39.87 3.92 -12.72
N SER H 637 38.96 4.07 -11.77
CA SER H 637 38.92 3.18 -10.62
C SER H 637 38.66 1.73 -11.04
N LEU H 638 37.65 1.50 -11.86
CA LEU H 638 37.35 0.13 -12.31
C LEU H 638 38.44 -0.50 -13.18
N LEU H 639 39.27 0.30 -13.83
CA LEU H 639 40.40 -0.24 -14.57
C LEU H 639 41.41 -0.93 -13.66
N GLU H 640 41.43 -0.53 -12.39
CA GLU H 640 42.34 -1.10 -11.40
C GLU H 640 41.98 -2.54 -10.97
N VAL H 641 40.78 -3.03 -11.27
CA VAL H 641 40.36 -4.36 -10.80
C VAL H 641 39.77 -5.30 -11.86
N LYS H 642 38.95 -4.77 -12.77
CA LYS H 642 38.27 -5.61 -13.75
C LYS H 642 39.21 -6.08 -14.85
N LYS H 643 39.11 -7.36 -15.20
CA LYS H 643 39.97 -7.99 -16.20
C LYS H 643 39.44 -7.68 -17.59
N LEU H 644 40.31 -7.16 -18.45
CA LEU H 644 39.95 -6.76 -19.82
C LEU H 644 40.99 -7.21 -20.83
N ALA H 645 40.53 -7.48 -22.06
CA ALA H 645 41.44 -7.82 -23.15
C ALA H 645 42.29 -6.61 -23.54
N PRO H 646 43.54 -6.83 -23.97
CA PRO H 646 44.46 -5.71 -24.24
C PRO H 646 43.92 -4.69 -25.24
N SER H 647 43.13 -5.16 -26.21
CA SER H 647 42.55 -4.28 -27.23
C SER H 647 41.36 -3.47 -26.69
N ASP H 648 40.62 -4.05 -25.74
CA ASP H 648 39.50 -3.37 -25.07
C ASP H 648 40.01 -2.29 -24.11
N LYS H 649 40.99 -2.67 -23.29
CA LYS H 649 41.63 -1.74 -22.35
C LYS H 649 42.24 -0.53 -23.05
N THR H 650 42.86 -0.75 -24.21
CA THR H 650 43.36 0.36 -25.04
C THR H 650 42.23 1.34 -25.35
N ARG H 651 41.03 0.82 -25.64
CA ARG H 651 39.89 1.68 -25.93
C ARG H 651 39.45 2.47 -24.70
N VAL H 652 39.29 1.80 -23.58
CA VAL H 652 38.76 2.46 -22.39
C VAL H 652 39.61 3.68 -22.05
N TYR H 653 40.93 3.50 -22.10
CA TYR H 653 41.86 4.60 -21.85
C TYR H 653 41.71 5.71 -22.85
N GLU H 654 41.81 5.37 -24.14
CA GLU H 654 41.61 6.35 -25.21
C GLU H 654 40.40 7.24 -24.94
N LEU H 655 39.30 6.59 -24.61
CA LEU H 655 38.01 7.26 -24.47
C LEU H 655 37.92 8.14 -23.24
N ILE H 656 38.39 7.66 -22.09
CA ILE H 656 38.35 8.50 -20.90
C ILE H 656 39.40 9.62 -20.96
N GLU H 657 40.52 9.36 -21.62
CA GLU H 657 41.54 10.40 -21.83
C GLU H 657 40.99 11.49 -22.74
N LYS H 658 40.17 11.12 -23.73
CA LYS H 658 39.51 12.11 -24.57
C LYS H 658 38.42 12.87 -23.83
N ALA H 659 37.62 12.17 -23.04
CA ALA H 659 36.58 12.83 -22.24
C ALA H 659 37.22 13.84 -21.29
N GLN H 660 38.39 13.48 -20.74
CA GLN H 660 39.11 14.32 -19.80
C GLN H 660 39.59 15.62 -20.45
N ASP H 661 40.05 15.55 -21.70
CA ASP H 661 40.38 16.77 -22.45
C ASP H 661 39.19 17.74 -22.43
N THR H 662 38.00 17.22 -22.67
CA THR H 662 36.77 18.01 -22.71
C THR H 662 36.40 18.61 -21.35
N VAL H 663 36.42 17.77 -20.32
CA VAL H 663 36.20 18.23 -18.94
C VAL H 663 37.18 19.36 -18.54
N ASP H 664 38.45 19.20 -18.88
CA ASP H 664 39.46 20.24 -18.57
C ASP H 664 39.15 21.57 -19.26
N LEU H 665 38.76 21.50 -20.53
CA LEU H 665 38.39 22.70 -21.28
C LEU H 665 37.20 23.41 -20.67
N ILE H 666 36.10 22.68 -20.47
CA ILE H 666 34.88 23.27 -19.93
C ILE H 666 35.16 23.87 -18.55
N GLU H 667 35.85 23.11 -17.69
CA GLU H 667 36.14 23.53 -16.32
C GLU H 667 36.98 24.83 -16.29
N LYS H 668 38.02 24.87 -17.11
CA LYS H 668 38.90 26.03 -17.21
C LYS H 668 38.21 27.24 -17.88
N ASP H 669 37.25 26.96 -18.77
CA ASP H 669 36.42 28.00 -19.34
C ASP H 669 35.55 28.65 -18.27
N GLY H 670 34.87 27.82 -17.48
CA GLY H 670 34.13 28.30 -16.32
C GLY H 670 32.85 29.08 -16.63
N SER H 671 32.41 29.08 -17.88
CA SER H 671 31.19 29.80 -18.28
C SER H 671 29.98 28.88 -18.39
N TRP H 672 30.22 27.56 -18.39
CA TRP H 672 29.17 26.55 -18.45
C TRP H 672 28.23 26.76 -19.61
N GLY H 673 28.81 27.14 -20.75
CA GLY H 673 28.04 27.32 -21.97
C GLY H 673 27.74 28.75 -22.36
N MET H 674 27.91 29.70 -21.44
CA MET H 674 27.63 31.11 -21.77
C MET H 674 28.58 31.68 -22.82
N HIS H 675 29.73 31.05 -23.02
CA HIS H 675 30.70 31.49 -24.02
C HIS H 675 30.51 30.84 -25.38
N GLY H 676 29.55 29.94 -25.51
CA GLY H 676 29.32 29.22 -26.76
C GLY H 676 28.60 27.92 -26.50
N PHE H 677 27.28 27.98 -26.44
CA PHE H 677 26.49 26.81 -26.04
C PHE H 677 26.55 25.68 -27.07
N LYS H 678 26.56 26.03 -28.36
CA LYS H 678 26.60 25.01 -29.40
C LYS H 678 27.84 24.16 -29.27
N TYR H 679 29.01 24.81 -29.21
CA TYR H 679 30.27 24.09 -29.15
C TYR H 679 30.48 23.33 -27.83
N THR H 680 30.17 23.99 -26.71
CA THR H 680 30.24 23.36 -25.41
C THR H 680 29.41 22.09 -25.36
N LYS H 681 28.21 22.15 -25.94
CA LYS H 681 27.31 21.00 -26.04
C LYS H 681 27.83 19.94 -27.01
N GLN H 682 28.47 20.36 -28.10
CA GLN H 682 29.10 19.41 -29.02
C GLN H 682 30.20 18.59 -28.34
N ARG H 683 31.01 19.26 -27.50
CA ARG H 683 32.08 18.58 -26.78
C ARG H 683 31.49 17.64 -25.73
N LEU H 684 30.48 18.10 -25.00
CA LEU H 684 29.88 17.27 -23.96
C LEU H 684 29.07 16.10 -24.51
N ASP H 685 28.40 16.28 -25.65
CA ASP H 685 27.72 15.18 -26.33
C ASP H 685 28.74 14.10 -26.67
N ALA H 686 29.86 14.50 -27.25
CA ALA H 686 30.94 13.59 -27.60
C ALA H 686 31.44 12.82 -26.38
N ALA H 687 31.75 13.55 -25.31
CA ALA H 687 32.31 12.96 -24.08
C ALA H 687 31.35 11.96 -23.45
N VAL H 688 30.06 12.24 -23.52
CA VAL H 688 29.04 11.31 -23.05
C VAL H 688 29.09 10.00 -23.85
N GLU H 689 29.33 10.11 -25.15
CA GLU H 689 29.44 8.91 -25.99
C GLU H 689 30.66 8.10 -25.57
N TYR H 690 31.78 8.78 -25.32
CA TYR H 690 33.02 8.12 -24.92
C TYR H 690 32.81 7.33 -23.62
N ILE H 691 32.15 7.98 -22.66
CA ILE H 691 31.89 7.34 -21.39
C ILE H 691 30.95 6.15 -21.58
N ASN H 692 29.88 6.34 -22.38
CA ASN H 692 28.94 5.26 -22.61
C ASN H 692 29.59 4.09 -23.34
N GLU H 693 30.44 4.39 -24.33
CA GLU H 693 31.18 3.35 -25.04
C GLU H 693 32.14 2.62 -24.08
N ALA H 694 32.80 3.38 -23.21
CA ALA H 694 33.72 2.78 -22.24
C ALA H 694 32.95 1.85 -21.32
N GLN H 695 31.79 2.28 -20.87
CA GLN H 695 30.92 1.45 -20.04
C GLN H 695 30.45 0.19 -20.77
N ARG H 696 30.19 0.28 -22.08
CA ARG H 696 29.81 -0.89 -22.86
C ARG H 696 30.91 -1.94 -22.87
N ILE H 697 32.15 -1.50 -23.03
CA ILE H 697 33.31 -2.40 -22.94
C ILE H 697 33.41 -3.02 -21.55
N MET H 698 33.34 -2.19 -20.51
CA MET H 698 33.42 -2.67 -19.13
C MET H 698 32.37 -3.73 -18.77
N LYS H 699 31.12 -3.48 -19.13
CA LYS H 699 30.02 -4.39 -18.75
C LYS H 699 30.21 -5.76 -19.39
N LYS H 700 30.81 -5.75 -20.58
CA LYS H 700 31.20 -6.96 -21.29
C LYS H 700 32.13 -7.87 -20.45
N SER H 701 32.81 -7.31 -19.45
CA SER H 701 33.61 -8.10 -18.51
C SER H 701 32.72 -8.84 -17.52
N MET I 43 83.26 80.58 -42.13
CA MET I 43 82.84 79.53 -41.15
C MET I 43 81.82 80.07 -40.16
N GLN I 44 80.59 79.59 -40.26
CA GLN I 44 79.52 79.93 -39.31
C GLN I 44 78.66 78.69 -39.02
N MET I 45 77.77 78.82 -38.03
CA MET I 45 76.84 77.74 -37.68
C MET I 45 75.77 77.58 -38.76
N THR I 46 75.05 76.45 -38.73
CA THR I 46 74.02 76.18 -39.73
C THR I 46 72.90 77.18 -39.57
N LYS I 47 72.16 77.37 -40.66
CA LYS I 47 71.07 78.35 -40.71
C LYS I 47 70.00 78.05 -39.65
N GLU I 48 69.66 76.76 -39.51
CA GLU I 48 68.66 76.34 -38.53
C GLU I 48 69.03 76.79 -37.11
N ALA I 49 70.31 76.68 -36.75
CA ALA I 49 70.79 77.14 -35.44
C ALA I 49 70.77 78.66 -35.31
N ARG I 50 71.23 79.34 -36.35
CA ARG I 50 71.30 80.80 -36.33
C ARG I 50 69.90 81.41 -36.27
N GLU I 51 68.95 80.82 -36.98
CA GLU I 51 67.54 81.18 -36.86
C GLU I 51 67.03 81.06 -35.43
N ILE I 52 67.30 79.93 -34.78
CA ILE I 52 66.87 79.72 -33.40
C ILE I 52 67.62 80.65 -32.46
N ILE I 53 68.91 80.83 -32.70
CA ILE I 53 69.70 81.79 -31.94
C ILE I 53 69.09 83.20 -32.01
N ALA I 54 68.68 83.61 -33.21
CA ALA I 54 68.10 84.94 -33.40
C ALA I 54 66.73 85.10 -32.71
N HIS I 55 65.89 84.08 -32.82
CA HIS I 55 64.54 84.07 -32.23
C HIS I 55 64.33 82.84 -31.33
N PRO I 56 64.91 82.85 -30.12
CA PRO I 56 64.87 81.70 -29.22
C PRO I 56 63.59 81.62 -28.38
N LYS I 57 62.92 80.48 -28.41
CA LYS I 57 61.70 80.25 -27.62
C LYS I 57 61.93 79.17 -26.57
N GLY I 58 63.13 79.14 -26.00
CA GLY I 58 63.47 78.18 -24.95
C GLY I 58 62.74 78.52 -23.67
N THR I 59 62.91 77.69 -22.65
CA THR I 59 62.21 77.86 -21.39
C THR I 59 63.13 78.07 -20.20
N LYS I 60 64.44 78.01 -20.44
CA LYS I 60 65.41 78.11 -19.37
C LYS I 60 65.28 79.42 -18.61
N GLU I 61 65.24 80.52 -19.34
CA GLU I 61 65.16 81.85 -18.71
C GLU I 61 63.74 82.20 -18.25
N SER I 62 62.74 81.95 -19.09
CA SER I 62 61.36 82.26 -18.75
C SER I 62 60.79 81.36 -17.64
N ARG I 63 61.03 80.05 -17.75
CA ARG I 63 60.42 79.07 -16.82
C ARG I 63 61.35 78.55 -15.72
N GLY I 64 62.66 78.53 -16.00
CA GLY I 64 63.64 77.93 -15.09
C GLY I 64 63.91 76.46 -15.38
N VAL I 65 63.54 76.02 -16.59
CA VAL I 65 63.62 74.62 -16.99
C VAL I 65 64.21 74.59 -18.38
N ILE I 66 65.22 73.76 -18.59
CA ILE I 66 65.85 73.67 -19.90
C ILE I 66 64.99 72.82 -20.85
N SER I 67 64.91 73.23 -22.11
CA SER I 67 64.16 72.48 -23.12
C SER I 67 64.91 72.48 -24.45
N LEU I 68 64.33 71.88 -25.49
CA LEU I 68 65.06 71.66 -26.74
C LEU I 68 65.81 72.89 -27.29
N GLN I 69 65.11 74.02 -27.43
CA GLN I 69 65.71 75.23 -28.02
C GLN I 69 66.85 75.83 -27.18
N ASP I 70 66.79 75.63 -25.87
CA ASP I 70 67.88 76.04 -25.00
C ASP I 70 69.17 75.26 -25.32
N TYR I 71 69.03 73.99 -25.71
CA TYR I 71 70.19 73.19 -26.12
C TYR I 71 70.86 73.69 -27.41
N ILE I 72 70.05 74.21 -28.34
CA ILE I 72 70.58 74.74 -29.61
C ILE I 72 71.45 75.98 -29.35
N VAL I 73 70.90 76.88 -28.55
CA VAL I 73 71.49 78.19 -28.28
C VAL I 73 72.85 78.08 -27.57
N GLU I 74 72.96 77.17 -26.60
CA GLU I 74 74.19 77.06 -25.77
C GLU I 74 75.42 76.57 -26.54
N GLU I 75 75.23 76.03 -27.74
CA GLU I 75 76.34 75.47 -28.52
C GLU I 75 77.17 76.52 -29.28
N GLN I 76 76.74 77.78 -29.24
CA GLN I 76 77.37 78.83 -30.04
C GLN I 76 78.82 79.07 -29.63
N ALA I 77 79.07 79.23 -28.33
CA ALA I 77 80.42 79.46 -27.83
C ALA I 77 81.41 78.42 -28.36
N MET I 78 81.06 77.16 -28.17
CA MET I 78 81.92 76.04 -28.58
C MET I 78 82.35 76.19 -30.04
N TYR I 79 81.40 76.45 -30.92
CA TYR I 79 81.72 76.61 -32.33
C TYR I 79 82.54 77.86 -32.61
N ASP I 80 82.25 78.96 -31.91
CA ASP I 80 83.07 80.18 -32.02
C ASP I 80 84.53 79.90 -31.64
N TRP I 81 84.70 79.07 -30.61
CA TRP I 81 86.02 78.67 -30.12
C TRP I 81 86.71 77.81 -31.14
N LEU I 82 86.02 76.78 -31.60
CA LEU I 82 86.62 75.85 -32.56
C LEU I 82 87.09 76.57 -33.82
N PHE I 83 86.28 77.49 -34.34
CA PHE I 83 86.63 78.24 -35.55
C PHE I 83 87.97 78.99 -35.39
N LYS I 84 88.23 79.48 -34.18
CA LYS I 84 89.46 80.22 -33.89
C LYS I 84 90.62 79.37 -33.37
N ASN I 85 90.33 78.17 -32.85
CA ASN I 85 91.32 77.40 -32.11
C ASN I 85 91.72 76.03 -32.65
N HIS I 86 90.99 75.51 -33.64
CA HIS I 86 91.30 74.19 -34.15
C HIS I 86 92.50 74.24 -35.10
N PRO I 87 93.40 73.24 -35.02
CA PRO I 87 94.56 73.14 -35.93
C PRO I 87 94.24 73.31 -37.42
N ILE I 88 93.05 72.92 -37.85
CA ILE I 88 92.64 73.16 -39.24
C ILE I 88 92.79 74.64 -39.61
N PHE I 89 92.51 75.52 -38.65
CA PHE I 89 92.63 76.96 -38.89
C PHE I 89 93.96 77.52 -38.38
N THR I 90 94.37 77.17 -37.16
CA THR I 90 95.59 77.73 -36.57
C THR I 90 96.88 77.20 -37.22
N LYS I 91 96.82 76.07 -37.91
CA LYS I 91 98.02 75.45 -38.50
C LYS I 91 97.94 75.08 -39.98
N TYR I 92 96.75 74.86 -40.50
CA TYR I 92 96.57 74.54 -41.93
C TYR I 92 95.85 75.65 -42.68
N GLY I 93 95.68 76.79 -42.01
CA GLY I 93 95.08 77.99 -42.61
C GLY I 93 93.70 77.81 -43.20
N GLY I 94 92.91 76.89 -42.63
CA GLY I 94 91.55 76.63 -43.07
C GLY I 94 91.47 75.92 -44.40
N LYS I 95 92.59 75.38 -44.88
CA LYS I 95 92.61 74.68 -46.15
C LYS I 95 92.53 73.18 -45.89
N THR I 96 91.71 72.51 -46.69
CA THR I 96 91.52 71.07 -46.61
C THR I 96 91.29 70.50 -48.01
N VAL I 97 91.75 69.26 -48.23
CA VAL I 97 91.45 68.57 -49.47
C VAL I 97 90.00 68.07 -49.35
N GLY I 98 89.06 68.95 -49.71
CA GLY I 98 87.64 68.68 -49.56
C GLY I 98 86.99 69.77 -48.72
N LYS I 99 85.73 70.08 -49.03
CA LYS I 99 85.03 71.17 -48.37
C LYS I 99 84.64 70.81 -46.93
N LEU I 100 84.80 71.77 -46.02
CA LEU I 100 84.28 71.64 -44.68
C LEU I 100 82.78 71.90 -44.69
N VAL I 101 82.04 71.15 -43.87
CA VAL I 101 80.59 71.29 -43.77
C VAL I 101 80.19 71.25 -42.29
N VAL I 102 80.00 72.42 -41.69
CA VAL I 102 79.64 72.50 -40.28
C VAL I 102 78.28 71.83 -40.06
N LYS I 103 78.18 71.01 -39.02
CA LYS I 103 76.96 70.27 -38.71
C LYS I 103 76.74 70.26 -37.19
N ASP I 104 75.90 71.18 -36.73
CA ASP I 104 75.67 71.41 -35.30
C ASP I 104 74.30 70.86 -34.86
N ARG I 105 73.92 71.13 -33.61
CA ARG I 105 72.62 70.71 -33.10
C ARG I 105 71.49 71.23 -33.99
N GLY I 106 71.64 72.45 -34.50
CA GLY I 106 70.71 73.02 -35.47
C GLY I 106 70.26 72.04 -36.55
N GLU I 107 71.21 71.37 -37.18
CA GLU I 107 70.86 70.37 -38.21
C GLU I 107 70.62 68.97 -37.64
N GLU I 108 71.35 68.60 -36.59
CA GLU I 108 71.26 67.24 -36.07
C GLU I 108 69.99 67.05 -35.22
N TRP I 109 69.81 67.92 -34.24
CA TRP I 109 68.72 67.79 -33.29
C TRP I 109 67.36 68.27 -33.83
N ILE I 110 67.37 69.11 -34.87
CA ILE I 110 66.14 69.74 -35.38
C ILE I 110 65.70 69.23 -36.74
N GLU I 111 66.62 69.16 -37.70
CA GLU I 111 66.27 68.89 -39.10
C GLU I 111 66.28 67.41 -39.48
N GLU I 112 67.18 66.63 -38.88
CA GLU I 112 67.32 65.21 -39.23
C GLU I 112 66.02 64.43 -39.12
N GLY I 113 65.85 63.43 -39.98
CA GLY I 113 64.63 62.64 -40.00
C GLY I 113 63.40 63.41 -40.44
N ARG I 114 63.62 64.47 -41.21
CA ARG I 114 62.55 65.32 -41.76
C ARG I 114 61.64 65.91 -40.69
N GLY I 115 62.25 66.39 -39.62
CA GLY I 115 61.53 66.98 -38.50
C GLY I 115 60.75 68.24 -38.84
N ASN I 116 61.23 69.01 -39.80
CA ASN I 116 60.49 70.19 -40.25
C ASN I 116 59.22 69.77 -41.00
N ASP I 117 59.34 68.73 -41.81
CA ASP I 117 58.17 68.19 -42.51
C ASP I 117 57.16 67.63 -41.53
N PHE I 118 57.63 66.87 -40.54
CA PHE I 118 56.78 66.30 -39.51
C PHE I 118 56.10 67.40 -38.70
N SER I 119 56.89 68.41 -38.32
CA SER I 119 56.36 69.56 -37.60
C SER I 119 55.24 70.22 -38.38
N LYS I 120 55.42 70.35 -39.69
CA LYS I 120 54.40 70.94 -40.57
C LYS I 120 53.13 70.10 -40.67
N ALA I 121 53.29 68.78 -40.57
CA ALA I 121 52.16 67.86 -40.65
C ALA I 121 51.46 67.61 -39.31
N SER I 122 51.91 68.29 -38.24
CA SER I 122 51.30 68.17 -36.92
C SER I 122 50.51 69.42 -36.58
N LYS I 123 49.52 69.29 -35.72
CA LYS I 123 48.77 70.44 -35.19
C LYS I 123 49.45 71.08 -33.98
N ARG I 124 50.54 70.48 -33.50
CA ARG I 124 51.32 71.05 -32.41
C ARG I 124 51.89 72.40 -32.82
N SER I 125 51.64 73.43 -32.01
CA SER I 125 52.15 74.79 -32.24
C SER I 125 51.74 75.32 -33.62
N GLY I 126 50.50 75.05 -34.00
CA GLY I 126 49.95 75.50 -35.27
C GLY I 126 50.74 75.08 -36.51
N GLY I 127 51.49 73.98 -36.40
CA GLY I 127 52.30 73.49 -37.51
C GLY I 127 53.61 74.23 -37.73
N GLU I 128 53.92 75.17 -36.84
CA GLU I 128 55.05 76.07 -37.04
C GLU I 128 56.20 75.80 -36.07
N GLY I 129 56.15 74.67 -35.37
CA GLY I 129 57.12 74.36 -34.33
C GLY I 129 58.24 73.46 -34.82
N PHE I 130 59.02 72.94 -33.87
CA PHE I 130 60.12 72.03 -34.16
C PHE I 130 59.88 70.60 -33.67
N SER I 131 60.63 69.68 -34.23
CA SER I 131 60.54 68.27 -33.87
C SER I 131 61.93 67.66 -33.86
N SER I 132 62.38 67.23 -32.69
CA SER I 132 63.63 66.49 -32.59
C SER I 132 63.32 65.01 -32.77
N MET I 133 63.55 64.51 -33.98
CA MET I 133 63.10 63.18 -34.36
C MET I 133 64.00 62.10 -33.81
N MET I 134 65.31 62.32 -33.84
CA MET I 134 66.24 61.25 -33.48
C MET I 134 67.37 61.60 -32.52
N TYR I 135 67.75 62.87 -32.42
CA TYR I 135 68.92 63.26 -31.61
C TYR I 135 68.58 64.36 -30.63
N ARG I 136 68.60 63.99 -29.35
CA ARG I 136 68.40 64.92 -28.25
C ARG I 136 68.77 64.20 -26.96
N VAL I 137 69.14 64.98 -25.94
CA VAL I 137 69.45 64.44 -24.63
C VAL I 137 68.30 64.73 -23.68
N ALA I 138 68.32 64.08 -22.53
CA ALA I 138 67.25 64.23 -21.52
C ALA I 138 67.67 65.10 -20.34
N ARG I 139 68.97 65.23 -20.13
CA ARG I 139 69.52 65.97 -19.01
C ARG I 139 70.57 66.91 -19.57
N ASN I 140 71.34 67.57 -18.73
CA ASN I 140 72.34 68.53 -19.19
C ASN I 140 73.31 67.92 -20.19
N SER I 141 73.72 68.74 -21.15
CA SER I 141 74.75 68.35 -22.12
C SER I 141 76.15 68.55 -21.49
N THR I 142 77.17 68.21 -22.26
CA THR I 142 78.55 68.35 -21.82
C THR I 142 79.04 69.79 -21.85
N LEU I 143 78.14 70.76 -22.05
CA LEU I 143 78.52 72.17 -22.04
C LEU I 143 78.19 72.88 -20.72
N GLN I 144 77.53 72.18 -19.80
CA GLN I 144 77.20 72.78 -18.50
C GLN I 144 78.13 72.29 -17.41
N TYR I 145 78.71 73.23 -16.66
CA TYR I 145 79.62 72.92 -15.57
C TYR I 145 79.35 73.82 -14.37
N PRO I 146 79.36 73.25 -13.15
CA PRO I 146 79.72 71.87 -12.85
C PRO I 146 78.55 70.92 -13.08
N ASN I 147 78.84 69.66 -13.36
CA ASN I 147 77.81 68.61 -13.42
C ASN I 147 77.87 67.76 -12.15
N LYS I 148 76.92 66.84 -12.00
CA LYS I 148 76.76 66.08 -10.75
C LYS I 148 77.17 64.62 -10.91
N PHE I 149 77.89 64.32 -11.98
CA PHE I 149 78.36 62.96 -12.21
C PHE I 149 79.43 62.62 -11.18
N ILE I 150 79.33 61.41 -10.62
CA ILE I 150 80.36 60.88 -9.72
C ILE I 150 81.16 59.74 -10.35
N GLY I 151 80.69 59.20 -11.49
CA GLY I 151 81.39 58.15 -12.22
C GLY I 151 80.90 56.77 -11.80
N PRO I 152 81.01 55.78 -12.70
CA PRO I 152 80.40 54.48 -12.42
C PRO I 152 81.12 53.66 -11.34
N GLU I 153 82.39 53.97 -11.10
CA GLU I 153 83.16 53.33 -10.04
C GLU I 153 82.51 53.63 -8.70
N LYS I 154 81.93 54.82 -8.56
CA LYS I 154 81.25 55.21 -7.33
C LYS I 154 79.89 54.54 -7.13
N CYS I 155 79.10 54.39 -8.19
CA CYS I 155 77.86 53.58 -8.10
C CYS I 155 78.27 52.15 -7.77
N GLY I 156 79.37 51.70 -8.38
CA GLY I 156 79.92 50.37 -8.20
C GLY I 156 80.29 50.01 -6.77
N GLU I 157 80.70 51.00 -5.98
CA GLU I 157 81.00 50.78 -4.58
C GLU I 157 79.83 50.15 -3.82
N CYS I 158 78.61 50.57 -4.15
CA CYS I 158 77.40 50.05 -3.51
C CYS I 158 76.63 49.01 -4.34
N HIS I 159 76.91 48.97 -5.65
CA HIS I 159 76.27 48.03 -6.56
C HIS I 159 77.34 47.27 -7.34
N PRO I 160 78.20 46.51 -6.61
CA PRO I 160 79.27 45.74 -7.26
C PRO I 160 78.75 44.75 -8.30
N ALA I 161 77.61 44.14 -8.05
CA ALA I 161 77.03 43.14 -8.94
C ALA I 161 76.74 43.73 -10.33
N GLN I 162 75.96 44.81 -10.39
CA GLN I 162 75.64 45.44 -11.66
C GLN I 162 76.86 46.06 -12.32
N TYR I 163 77.78 46.62 -11.52
CA TYR I 163 79.02 47.13 -12.08
C TYR I 163 79.75 46.06 -12.86
N GLU I 164 79.86 44.86 -12.29
CA GLU I 164 80.59 43.79 -12.96
C GLU I 164 79.99 43.44 -14.32
N THR I 165 78.67 43.24 -14.36
CA THR I 165 78.01 42.88 -15.63
C THR I 165 78.07 44.05 -16.61
N TRP I 166 77.79 45.26 -16.14
CA TRP I 166 77.94 46.46 -16.97
C TRP I 166 79.37 46.64 -17.47
N SER I 167 80.35 46.44 -16.59
CA SER I 167 81.75 46.69 -16.96
C SER I 167 82.22 45.78 -18.10
N ARG I 168 81.61 44.61 -18.25
CA ARG I 168 81.95 43.73 -19.38
C ARG I 168 80.90 43.79 -20.49
N SER I 169 80.45 45.00 -20.82
CA SER I 169 79.58 45.25 -21.96
C SER I 169 80.17 46.35 -22.82
N ARG I 170 79.73 46.41 -24.07
CA ARG I 170 80.19 47.46 -24.98
C ARG I 170 79.57 48.83 -24.68
N HIS I 171 78.57 48.88 -23.82
CA HIS I 171 78.14 50.17 -23.24
C HIS I 171 79.28 50.83 -22.46
N ALA I 172 80.00 50.03 -21.68
CA ALA I 172 81.05 50.52 -20.80
C ALA I 172 82.33 50.95 -21.51
N THR I 173 82.60 50.38 -22.68
CA THR I 173 83.89 50.57 -23.33
C THR I 173 83.77 51.17 -24.74
N THR I 174 82.65 51.82 -25.03
CA THR I 174 82.46 52.44 -26.35
C THR I 174 83.36 53.68 -26.49
N ILE I 175 83.60 54.39 -25.40
CA ILE I 175 84.60 55.45 -25.35
C ILE I 175 85.83 54.95 -24.61
N ARG I 176 86.97 54.96 -25.29
CA ARG I 176 88.21 54.50 -24.68
C ARG I 176 89.41 55.36 -25.07
N PHE I 177 90.38 55.42 -24.16
CA PHE I 177 91.58 56.21 -24.35
C PHE I 177 92.70 55.33 -24.92
N PRO I 178 93.64 55.94 -25.66
CA PRO I 178 94.84 55.19 -26.03
C PRO I 178 95.47 54.56 -24.80
N GLY I 179 95.95 53.33 -24.94
CA GLY I 179 96.38 52.55 -23.78
C GLY I 179 95.30 51.62 -23.25
N GLU I 180 94.07 51.73 -23.76
CA GLU I 180 92.96 50.84 -23.34
C GLU I 180 92.45 49.97 -24.48
N HIS I 181 93.35 49.54 -25.35
CA HIS I 181 93.00 48.75 -26.53
C HIS I 181 93.82 47.45 -26.60
N PRO I 182 93.63 46.55 -25.62
CA PRO I 182 94.42 45.31 -25.59
C PRO I 182 94.10 44.32 -26.72
N GLU I 183 92.95 44.49 -27.38
CA GLU I 183 92.56 43.63 -28.49
C GLU I 183 93.35 43.89 -29.78
N VAL I 184 94.06 45.01 -29.83
CA VAL I 184 95.05 45.25 -30.89
C VAL I 184 96.44 45.43 -30.28
N ASN I 185 96.65 44.87 -29.09
CA ASN I 185 97.90 45.04 -28.33
C ASN I 185 98.32 46.49 -28.13
N ASN I 186 97.34 47.39 -28.15
CA ASN I 186 97.55 48.83 -28.11
C ASN I 186 98.36 49.42 -29.26
N LYS I 187 98.23 48.83 -30.44
CA LYS I 187 98.84 49.34 -31.66
C LYS I 187 97.77 50.03 -32.50
N LEU I 188 97.47 51.27 -32.14
CA LEU I 188 96.46 52.06 -32.84
C LEU I 188 96.87 52.49 -34.24
N ASN I 189 98.18 52.51 -34.53
CA ASN I 189 98.69 52.94 -35.83
C ASN I 189 99.29 51.84 -36.69
N ASP I 190 99.14 50.58 -36.27
CA ASP I 190 99.59 49.44 -37.06
C ASP I 190 98.39 48.65 -37.59
N PRO I 191 98.53 47.99 -38.76
CA PRO I 191 97.42 47.21 -39.31
C PRO I 191 96.85 46.24 -38.28
N VAL I 192 95.53 46.12 -38.23
CA VAL I 192 94.88 45.25 -37.25
C VAL I 192 94.94 43.81 -37.72
N PHE I 193 94.60 43.59 -39.00
CA PHE I 193 94.60 42.25 -39.57
C PHE I 193 95.76 42.07 -40.55
N ASP I 194 95.49 42.00 -41.85
CA ASP I 194 96.55 41.69 -42.82
C ASP I 194 97.44 42.90 -43.08
N LYS I 195 98.73 42.62 -43.30
CA LYS I 195 99.75 43.65 -43.59
C LYS I 195 99.19 44.87 -44.31
N ASP I 196 98.49 44.60 -45.40
CA ASP I 196 98.01 45.63 -46.33
C ASP I 196 96.58 46.14 -46.06
N THR I 197 96.11 45.99 -44.82
CA THR I 197 94.81 46.54 -44.43
C THR I 197 95.00 47.62 -43.38
N ALA I 198 93.93 48.35 -43.10
CA ALA I 198 94.00 49.56 -42.31
C ALA I 198 94.31 49.32 -40.84
N SER I 199 94.87 50.36 -40.23
CA SER I 199 94.96 50.47 -38.78
C SER I 199 93.75 51.27 -38.29
N ILE I 200 93.53 51.28 -36.97
CA ILE I 200 92.40 51.98 -36.37
C ILE I 200 92.46 53.48 -36.65
N LEU I 201 93.57 54.11 -36.28
CA LEU I 201 93.80 55.54 -36.58
C LEU I 201 94.35 55.71 -38.00
N PRO I 202 93.89 56.73 -38.73
CA PRO I 202 94.39 56.91 -40.10
C PRO I 202 95.72 57.69 -40.14
N GLN I 203 96.21 57.94 -41.35
CA GLN I 203 97.44 58.72 -41.58
C GLN I 203 97.48 60.01 -40.78
N GLY I 204 98.65 60.30 -40.20
CA GLY I 204 98.89 61.56 -39.49
C GLY I 204 98.26 61.65 -38.11
N ILE I 205 97.42 60.69 -37.77
CA ILE I 205 96.68 60.71 -36.53
C ILE I 205 97.42 59.85 -35.53
N THR I 206 97.96 60.49 -34.50
CA THR I 206 98.76 59.83 -33.48
C THR I 206 98.04 59.94 -32.13
N PRO I 207 98.17 58.90 -31.28
CA PRO I 207 97.51 58.87 -29.97
C PRO I 207 97.69 60.15 -29.13
N ASP I 208 98.81 60.82 -29.33
CA ASP I 208 99.15 62.07 -28.61
C ASP I 208 98.06 63.15 -28.73
N VAL I 209 97.44 63.26 -29.91
CA VAL I 209 96.42 64.28 -30.19
C VAL I 209 94.98 63.75 -30.21
N VAL I 210 94.81 62.45 -29.97
CA VAL I 210 93.48 61.82 -29.89
C VAL I 210 92.96 61.84 -28.45
N TYR I 211 91.76 62.38 -28.26
CA TYR I 211 91.11 62.34 -26.94
C TYR I 211 90.62 60.94 -26.64
N CYS I 212 89.89 60.35 -27.58
CA CYS I 212 89.34 59.02 -27.40
C CYS I 212 89.12 58.34 -28.73
N THR I 213 88.97 57.03 -28.68
CA THR I 213 88.38 56.28 -29.76
C THR I 213 86.91 56.08 -29.43
N VAL I 214 86.14 55.74 -30.46
CA VAL I 214 84.76 55.35 -30.28
C VAL I 214 84.64 53.98 -30.94
N GLY I 215 83.96 53.06 -30.26
CA GLY I 215 83.59 51.78 -30.87
C GLY I 215 84.41 50.57 -30.46
N HIS I 216 84.34 49.53 -31.28
CA HIS I 216 85.00 48.25 -30.99
C HIS I 216 85.40 47.52 -32.27
N ILE I 217 86.14 46.43 -32.09
CA ILE I 217 86.42 45.46 -33.16
C ILE I 217 85.13 44.90 -33.72
N ARG I 218 84.12 44.79 -32.85
CA ARG I 218 82.78 44.32 -33.21
C ARG I 218 82.32 44.75 -34.60
N THR I 219 82.34 46.06 -34.86
CA THR I 219 81.94 46.59 -36.16
C THR I 219 82.94 47.59 -36.75
N LYS I 220 83.23 48.65 -36.01
CA LYS I 220 84.01 49.75 -36.55
C LYS I 220 84.54 50.66 -35.44
N PHE I 221 85.47 51.54 -35.81
CA PHE I 221 86.05 52.52 -34.90
C PHE I 221 85.98 53.93 -35.51
N GLY I 222 85.90 54.94 -34.64
CA GLY I 222 86.08 56.33 -35.01
C GLY I 222 87.01 56.96 -33.99
N PHE I 223 87.30 58.25 -34.11
CA PHE I 223 88.12 58.92 -33.12
C PHE I 223 87.74 60.38 -32.95
N PHE I 224 88.10 60.93 -31.81
CA PHE I 224 88.01 62.36 -31.57
C PHE I 224 89.41 62.89 -31.27
N ASP I 225 89.78 64.00 -31.91
CA ASP I 225 91.05 64.66 -31.59
C ASP I 225 90.95 65.40 -30.26
N ALA I 226 92.07 65.95 -29.81
CA ALA I 226 92.16 66.57 -28.49
C ALA I 226 91.37 67.87 -28.38
N TRP I 227 90.76 68.29 -29.48
CA TRP I 227 89.89 69.46 -29.52
C TRP I 227 88.42 69.02 -29.52
N LEU I 228 88.20 67.72 -29.31
CA LEU I 228 86.86 67.12 -29.31
C LEU I 228 86.09 67.42 -30.58
N LEU I 229 86.82 67.47 -31.70
CA LEU I 229 86.18 67.50 -33.00
C LEU I 229 86.16 66.08 -33.51
N ARG I 230 85.04 65.70 -34.10
CA ARG I 230 84.89 64.39 -34.69
C ARG I 230 85.94 64.18 -35.77
N GLY I 231 86.65 63.06 -35.69
CA GLY I 231 87.66 62.74 -36.67
C GLY I 231 87.07 62.36 -38.01
N THR I 232 86.87 63.35 -38.86
CA THR I 232 86.31 63.12 -40.21
C THR I 232 87.39 63.18 -41.29
N TYR I 233 88.64 63.03 -40.88
CA TYR I 233 89.77 63.35 -41.75
C TYR I 233 91.03 62.58 -41.36
N HIS I 234 92.04 62.67 -42.23
CA HIS I 234 93.39 62.23 -41.93
C HIS I 234 94.38 63.30 -42.39
N VAL I 235 95.67 63.08 -42.18
CA VAL I 235 96.70 64.03 -42.65
C VAL I 235 97.68 63.33 -43.59
N GLU I 236 97.64 63.71 -44.87
CA GLU I 236 98.49 63.12 -45.88
C GLU I 236 99.86 63.80 -45.89
N GLY I 237 100.91 62.98 -45.94
CA GLY I 237 102.29 63.47 -46.04
C GLY I 237 102.77 64.29 -44.85
N GLY I 238 102.26 64.00 -43.66
CA GLY I 238 102.68 64.72 -42.45
C GLY I 238 101.97 64.23 -41.20
N LEU I 239 102.18 64.94 -40.09
CA LEU I 239 101.57 64.59 -38.81
C LEU I 239 100.73 65.74 -38.29
N LEU I 240 99.56 65.41 -37.72
CA LEU I 240 98.67 66.40 -37.14
C LEU I 240 99.29 67.08 -35.93
N LYS I 241 100.12 66.35 -35.19
CA LYS I 241 100.72 66.91 -33.98
C LYS I 241 101.76 68.01 -34.26
N ASN I 242 102.29 68.05 -35.48
CA ASN I 242 103.26 69.07 -35.89
C ASN I 242 102.62 70.28 -36.55
N GLY I 243 101.58 70.04 -37.35
CA GLY I 243 101.05 71.02 -38.28
C GLY I 243 101.57 70.76 -39.68
N THR I 244 102.21 69.60 -39.87
CA THR I 244 102.75 69.20 -41.16
C THR I 244 101.69 68.49 -41.99
N GLY I 245 102.03 68.17 -43.23
CA GLY I 245 101.12 67.48 -44.12
C GLY I 245 99.94 68.35 -44.49
N GLN I 246 98.96 67.76 -45.15
CA GLN I 246 97.74 68.46 -45.52
C GLN I 246 96.53 67.68 -45.00
N ILE I 247 95.54 68.41 -44.51
CA ILE I 247 94.28 67.81 -44.03
C ILE I 247 93.46 67.27 -45.19
N VAL I 248 93.19 65.96 -45.18
CA VAL I 248 92.43 65.30 -46.24
C VAL I 248 91.14 64.70 -45.69
N ALA I 249 90.04 64.97 -46.39
CA ALA I 249 88.71 64.56 -45.97
C ALA I 249 88.51 63.07 -46.17
N GLY I 250 87.97 62.41 -45.14
CA GLY I 250 87.61 60.98 -45.23
C GLY I 250 88.71 60.04 -44.78
N GLY I 251 88.69 58.82 -45.33
CA GLY I 251 89.58 57.74 -44.89
C GLY I 251 89.78 57.76 -43.39
N ASN I 252 88.67 57.88 -42.66
CA ASN I 252 88.70 58.17 -41.22
C ASN I 252 88.08 57.11 -40.32
N GLN I 253 87.30 56.19 -40.89
CA GLN I 253 86.56 55.18 -40.12
C GLN I 253 87.07 53.76 -40.37
N TRP I 254 87.74 53.18 -39.38
CA TRP I 254 88.19 51.79 -39.49
C TRP I 254 86.98 50.85 -39.50
N GLN I 255 86.94 49.93 -40.46
CA GLN I 255 85.76 49.08 -40.67
C GLN I 255 86.11 47.59 -40.63
N ARG I 256 85.68 46.90 -39.56
CA ARG I 256 86.09 45.51 -39.30
C ARG I 256 85.83 44.57 -40.47
N THR I 257 84.62 44.63 -41.02
CA THR I 257 84.20 43.71 -42.07
C THR I 257 85.01 43.92 -43.35
N TRP I 258 85.23 45.17 -43.72
CA TRP I 258 86.03 45.48 -44.91
C TRP I 258 87.49 45.06 -44.73
N ALA I 259 88.03 45.34 -43.54
CA ALA I 259 89.43 45.01 -43.22
C ALA I 259 89.72 43.50 -43.10
N LEU I 260 88.72 42.72 -42.71
CA LEU I 260 88.90 41.29 -42.40
C LEU I 260 88.21 40.34 -43.38
N ASN I 261 86.92 40.57 -43.60
CA ASN I 261 86.06 39.62 -44.33
C ASN I 261 85.93 39.91 -45.82
N LEU I 262 85.86 41.19 -46.18
CA LEU I 262 85.65 41.61 -47.58
C LEU I 262 86.97 41.83 -48.33
N SER I 263 87.69 40.73 -48.55
CA SER I 263 88.93 40.78 -49.33
C SER I 263 88.59 40.96 -50.82
N PRO I 264 89.62 41.23 -51.66
CA PRO I 264 89.44 41.24 -53.11
C PRO I 264 88.84 39.94 -53.68
N GLU I 265 89.27 38.80 -53.15
CA GLU I 265 88.77 37.49 -53.58
C GLU I 265 87.26 37.34 -53.34
N VAL I 266 86.80 37.79 -52.17
CA VAL I 266 85.38 37.72 -51.80
C VAL I 266 84.58 38.74 -52.61
N ALA I 267 85.12 39.95 -52.74
CA ALA I 267 84.53 40.97 -53.61
C ALA I 267 84.36 40.46 -55.04
N LYS I 268 85.32 39.68 -55.51
CA LYS I 268 85.24 39.09 -56.85
C LYS I 268 84.10 38.08 -56.92
N LYS I 269 84.00 37.24 -55.90
CA LYS I 269 82.90 36.28 -55.81
C LYS I 269 81.54 37.00 -55.90
N ILE I 270 81.36 38.05 -55.10
CA ILE I 270 80.09 38.79 -55.08
C ILE I 270 79.80 39.36 -56.47
N LYS I 271 80.83 39.87 -57.14
CA LYS I 271 80.71 40.44 -58.49
C LYS I 271 80.06 39.47 -59.47
N LYS I 272 80.38 38.19 -59.37
CA LYS I 272 79.75 37.17 -60.23
C LYS I 272 78.24 37.26 -60.13
N TRP I 273 77.74 37.53 -58.92
CA TRP I 273 76.32 37.69 -58.65
C TRP I 273 75.85 39.12 -58.86
N VAL I 274 76.60 40.09 -58.32
CA VAL I 274 76.25 41.50 -58.43
C VAL I 274 77.31 42.20 -59.30
N PRO I 275 76.99 42.44 -60.60
CA PRO I 275 78.03 42.89 -61.54
C PRO I 275 78.63 44.26 -61.25
N ASP I 276 77.87 45.14 -60.59
CA ASP I 276 78.34 46.51 -60.30
C ASP I 276 79.05 46.63 -58.94
N PHE I 277 79.49 45.50 -58.39
CA PHE I 277 80.06 45.46 -57.04
C PHE I 277 81.56 45.82 -57.00
N PRO I 278 81.94 46.83 -56.20
CA PRO I 278 83.34 47.28 -56.16
C PRO I 278 84.35 46.23 -55.68
N VAL I 279 85.37 45.95 -56.51
CA VAL I 279 86.45 45.01 -56.18
C VAL I 279 87.78 45.70 -55.85
N THR I 280 88.14 46.71 -56.64
CA THR I 280 89.38 47.46 -56.44
C THR I 280 89.11 48.73 -55.65
N LEU I 281 90.14 49.23 -54.98
CA LEU I 281 89.98 50.36 -54.06
C LEU I 281 89.31 51.57 -54.70
N GLU I 282 89.61 51.85 -55.98
CA GLU I 282 89.05 53.03 -56.64
C GLU I 282 87.58 52.84 -57.02
N GLU I 283 87.13 51.58 -57.11
CA GLU I 283 85.71 51.31 -57.35
C GLU I 283 84.82 51.69 -56.14
N TYR I 284 85.43 51.84 -54.96
CA TYR I 284 84.71 52.28 -53.75
C TYR I 284 84.45 53.79 -53.71
N GLY I 285 85.20 54.54 -54.52
CA GLY I 285 84.91 55.95 -54.78
C GLY I 285 85.01 56.85 -53.56
N ASP I 286 84.04 57.76 -53.44
CA ASP I 286 83.97 58.72 -52.33
C ASP I 286 83.86 58.01 -50.96
N ASN I 287 83.24 56.83 -50.96
CA ASN I 287 82.99 56.05 -49.75
C ASN I 287 84.26 55.39 -49.21
N GLY I 288 85.23 55.14 -50.08
CA GLY I 288 86.46 54.44 -49.70
C GLY I 288 87.53 55.37 -49.13
N GLY I 289 88.79 54.96 -49.29
CA GLY I 289 89.92 55.75 -48.80
C GLY I 289 91.21 55.43 -49.53
N TYR I 290 92.32 55.47 -48.80
CA TYR I 290 93.64 55.16 -49.35
C TYR I 290 94.09 53.73 -49.04
N VAL I 291 93.46 53.12 -48.03
CA VAL I 291 93.75 51.72 -47.69
C VAL I 291 92.48 50.98 -47.26
N ARG I 292 92.34 49.74 -47.73
CA ARG I 292 91.22 48.88 -47.39
C ARG I 292 91.11 48.76 -45.87
N GLY I 293 89.96 49.17 -45.34
CA GLY I 293 89.71 49.16 -43.91
C GLY I 293 89.39 50.56 -43.40
N LEU I 294 89.96 51.58 -44.04
CA LEU I 294 89.67 52.96 -43.66
C LEU I 294 88.78 53.62 -44.71
N ALA I 295 87.49 53.65 -44.41
CA ALA I 295 86.49 54.25 -45.28
C ALA I 295 86.18 55.65 -44.80
N SER I 296 85.39 56.37 -45.59
CA SER I 296 84.99 57.72 -45.26
C SER I 296 83.60 57.71 -44.66
N TYR I 297 83.43 58.43 -43.56
CA TYR I 297 82.16 58.45 -42.86
C TYR I 297 81.97 59.84 -42.27
N ALA I 298 80.76 60.39 -42.45
CA ALA I 298 80.49 61.82 -42.26
C ALA I 298 81.46 62.67 -43.09
N ALA I 299 81.81 62.14 -44.27
CA ALA I 299 82.81 62.69 -45.14
C ALA I 299 82.85 61.85 -46.41
N LYS I 300 83.15 62.49 -47.54
CA LYS I 300 83.38 61.79 -48.80
C LYS I 300 84.83 62.00 -49.22
N TYR I 301 85.52 60.91 -49.57
CA TYR I 301 86.98 60.91 -49.69
C TYR I 301 87.51 62.05 -50.57
N LYS I 302 88.31 62.92 -49.94
CA LYS I 302 88.91 64.09 -50.59
C LYS I 302 87.92 65.17 -51.02
N LYS I 303 86.62 64.90 -50.92
CA LYS I 303 85.60 65.79 -51.49
C LYS I 303 84.87 66.63 -50.46
N SER I 304 84.47 66.03 -49.33
CA SER I 304 83.89 66.80 -48.23
C SER I 304 84.07 66.12 -46.88
N MET I 305 84.06 66.94 -45.82
CA MET I 305 84.13 66.43 -44.46
C MET I 305 83.24 67.26 -43.55
N SER I 306 82.51 66.58 -42.67
CA SER I 306 81.77 67.26 -41.62
C SER I 306 82.76 67.87 -40.62
N PHE I 307 82.48 69.10 -40.21
CA PHE I 307 83.19 69.76 -39.14
C PHE I 307 82.19 69.79 -38.00
N GLN I 308 82.43 68.99 -36.96
CA GLN I 308 81.42 68.75 -35.94
C GLN I 308 82.05 68.53 -34.57
N ALA I 309 81.58 69.25 -33.57
CA ALA I 309 82.01 69.04 -32.19
C ALA I 309 81.29 67.83 -31.61
N SER I 310 81.81 67.32 -30.50
CA SER I 310 81.19 66.20 -29.80
C SER I 310 79.81 66.60 -29.26
N THR I 311 79.68 67.87 -28.90
CA THR I 311 78.46 68.42 -28.33
C THR I 311 77.24 68.38 -29.26
N SER I 312 77.47 68.10 -30.55
CA SER I 312 76.44 68.25 -31.56
C SER I 312 75.66 66.97 -31.87
N TYR I 313 76.20 65.82 -31.47
CA TYR I 313 75.74 64.56 -32.03
C TYR I 313 76.23 63.36 -31.22
N CYS I 314 77.53 63.21 -31.10
CA CYS I 314 78.09 62.05 -30.40
C CYS I 314 77.76 62.00 -28.92
N GLU I 315 77.64 63.15 -28.27
CA GLU I 315 77.34 63.18 -26.86
C GLU I 315 75.92 62.71 -26.55
N VAL I 316 75.11 62.48 -27.58
CA VAL I 316 73.78 61.91 -27.37
C VAL I 316 73.92 60.42 -27.01
N CYS I 317 74.74 59.69 -27.76
CA CYS I 317 74.77 58.22 -27.68
C CYS I 317 76.10 57.57 -27.26
N HIS I 318 77.22 58.22 -27.55
CA HIS I 318 78.53 57.76 -27.07
C HIS I 318 79.14 58.83 -26.17
N PRO I 319 78.46 59.15 -25.05
CA PRO I 319 78.88 60.31 -24.27
C PRO I 319 80.10 60.14 -23.38
N TRP I 320 80.55 61.27 -22.87
CA TRP I 320 81.48 61.32 -21.75
C TRP I 320 81.11 62.52 -20.91
N LYS I 321 81.72 62.64 -19.74
CA LYS I 321 81.50 63.78 -18.87
C LYS I 321 82.82 64.13 -18.20
N PHE I 322 83.03 65.43 -17.99
CA PHE I 322 84.23 65.93 -17.34
C PHE I 322 83.85 66.44 -15.95
N ASP I 323 84.85 66.53 -15.07
CA ASP I 323 84.65 66.95 -13.67
C ASP I 323 84.89 68.45 -13.42
N PHE I 324 85.07 69.22 -14.49
CA PHE I 324 85.41 70.64 -14.39
C PHE I 324 84.41 71.42 -13.55
N LYS I 325 84.91 72.37 -12.78
CA LYS I 325 84.08 73.15 -11.87
C LYS I 325 83.36 74.29 -12.58
N ASN I 326 83.87 74.70 -13.73
CA ASN I 326 83.23 75.73 -14.54
C ASN I 326 83.68 75.65 -15.98
N GLU I 327 83.06 76.44 -16.85
CA GLU I 327 83.33 76.37 -18.29
C GLU I 327 84.73 76.86 -18.70
N SER I 328 85.35 77.73 -17.90
CA SER I 328 86.71 78.22 -18.19
C SER I 328 87.73 77.09 -18.17
N GLU I 329 87.70 76.30 -17.10
CA GLU I 329 88.62 75.18 -16.92
C GLU I 329 88.58 74.21 -18.11
N PHE I 330 87.36 73.96 -18.58
CA PHE I 330 87.09 73.08 -19.71
C PHE I 330 87.67 73.58 -21.03
N TYR I 331 87.45 74.85 -21.36
CA TYR I 331 88.06 75.44 -22.56
C TYR I 331 89.58 75.57 -22.37
N ALA I 332 90.01 75.90 -21.16
CA ALA I 332 91.44 75.93 -20.81
C ALA I 332 92.16 74.58 -20.96
N ALA I 333 91.41 73.48 -20.86
CA ALA I 333 91.95 72.14 -21.07
C ALA I 333 91.75 71.65 -22.51
N LEU I 334 90.75 72.20 -23.19
CA LEU I 334 90.45 71.81 -24.57
C LEU I 334 91.68 71.94 -25.46
N GLY I 335 92.01 70.87 -26.19
CA GLY I 335 93.24 70.82 -26.99
C GLY I 335 94.35 70.00 -26.36
N ASN I 336 94.25 69.77 -25.05
CA ASN I 336 95.19 68.93 -24.32
C ASN I 336 94.52 67.59 -23.97
N ALA I 337 94.83 66.57 -24.77
CA ALA I 337 94.23 65.24 -24.62
C ALA I 337 94.37 64.70 -23.21
N LYS I 338 95.57 64.79 -22.65
CA LYS I 338 95.87 64.18 -21.36
C LYS I 338 95.18 64.88 -20.18
N GLU I 339 95.02 66.20 -20.28
CA GLU I 339 94.30 66.96 -19.25
C GLU I 339 92.81 66.64 -19.33
N LEU I 340 92.28 66.51 -20.55
CA LEU I 340 90.88 66.09 -20.74
C LEU I 340 90.62 64.71 -20.14
N GLN I 341 91.48 63.75 -20.48
CA GLN I 341 91.38 62.37 -19.99
C GLN I 341 91.44 62.32 -18.47
N LYS I 342 92.46 62.94 -17.90
CA LYS I 342 92.61 63.05 -16.44
C LYS I 342 91.36 63.59 -15.75
N HIS I 343 90.66 64.51 -16.40
CA HIS I 343 89.48 65.14 -15.80
C HIS I 343 88.16 64.51 -16.24
N THR I 344 88.21 63.43 -17.01
CA THR I 344 87.01 62.71 -17.41
C THR I 344 86.50 61.85 -16.25
N ILE I 345 85.27 62.09 -15.81
CA ILE I 345 84.69 61.39 -14.67
C ILE I 345 83.76 60.22 -15.07
N SER I 346 83.26 60.25 -16.31
CA SER I 346 82.46 59.17 -16.85
C SER I 346 82.75 59.02 -18.33
N LYS I 347 82.75 57.78 -18.81
CA LYS I 347 83.05 57.47 -20.21
C LYS I 347 82.01 56.52 -20.77
N GLY I 348 81.53 56.81 -21.97
CA GLY I 348 80.56 55.97 -22.65
C GLY I 348 79.22 55.92 -21.95
N VAL I 349 78.50 54.83 -22.18
CA VAL I 349 77.14 54.67 -21.67
C VAL I 349 77.24 54.04 -20.28
N SER I 350 77.60 54.87 -19.31
CA SER I 350 77.83 54.43 -17.95
C SER I 350 76.54 54.50 -17.15
N CYS I 351 76.61 54.16 -15.87
CA CYS I 351 75.42 54.10 -15.02
C CYS I 351 74.61 55.38 -15.11
N GLU I 352 75.29 56.50 -14.94
CA GLU I 352 74.62 57.78 -14.78
C GLU I 352 74.05 58.33 -16.07
N GLU I 353 74.53 57.82 -17.21
CA GLU I 353 73.94 58.14 -18.49
C GLU I 353 72.50 57.59 -18.61
N CYS I 354 72.26 56.39 -18.09
CA CYS I 354 70.92 55.81 -18.04
C CYS I 354 70.13 56.24 -16.80
N HIS I 355 70.81 56.29 -15.66
CA HIS I 355 70.15 56.47 -14.36
C HIS I 355 70.18 57.89 -13.86
N GLY I 356 70.87 58.78 -14.56
CA GLY I 356 70.97 60.18 -14.14
C GLY I 356 72.15 60.43 -13.21
N ALA I 357 72.74 61.62 -13.33
CA ALA I 357 73.91 62.01 -12.55
C ALA I 357 73.63 61.94 -11.06
N GLY I 358 74.43 61.15 -10.36
CA GLY I 358 74.26 60.92 -8.91
C GLY I 358 73.08 60.03 -8.57
N GLY I 359 72.48 59.39 -9.58
CA GLY I 359 71.27 58.60 -9.40
C GLY I 359 70.33 59.09 -8.31
N HIS I 360 70.11 58.24 -7.31
CA HIS I 360 69.19 58.52 -6.21
C HIS I 360 69.87 59.18 -5.01
N LEU I 361 71.16 59.47 -5.13
CA LEU I 361 71.96 59.94 -4.00
C LEU I 361 71.60 61.38 -3.65
N GLU I 362 71.80 61.73 -2.38
CA GLU I 362 71.50 63.07 -1.91
C GLU I 362 72.45 64.04 -2.61
N GLY I 363 71.89 65.11 -3.15
CA GLY I 363 72.65 66.07 -3.94
C GLY I 363 72.68 65.74 -5.42
N GLY I 364 72.21 64.55 -5.78
CA GLY I 364 72.15 64.13 -7.19
C GLY I 364 71.02 64.78 -7.95
N SER I 365 70.97 64.52 -9.26
CA SER I 365 69.96 65.10 -10.14
C SER I 365 68.61 64.38 -10.11
N GLY I 366 68.55 63.20 -9.52
CA GLY I 366 67.30 62.44 -9.45
C GLY I 366 67.36 61.22 -10.35
N LEU I 367 66.95 60.08 -9.80
CA LEU I 367 67.09 58.80 -10.49
C LEU I 367 66.19 58.71 -11.72
N LEU I 368 66.72 58.10 -12.77
CA LEU I 368 65.95 57.74 -13.94
C LEU I 368 66.06 56.25 -14.25
N ILE I 369 65.02 55.69 -14.86
CA ILE I 369 65.10 54.37 -15.48
C ILE I 369 64.92 54.56 -16.99
N SER I 370 66.05 54.55 -17.71
CA SER I 370 66.08 54.73 -19.16
C SER I 370 65.16 53.78 -19.89
N ASN I 371 64.46 54.29 -20.88
CA ASN I 371 63.68 53.45 -21.76
C ASN I 371 64.41 53.25 -23.08
N CYS I 372 65.68 53.67 -23.12
CA CYS I 372 66.60 53.43 -24.23
C CYS I 372 66.36 54.32 -25.46
N GLU I 373 65.32 55.14 -25.46
CA GLU I 373 64.95 55.82 -26.70
C GLU I 373 65.88 56.96 -27.08
N ARG I 374 66.66 57.43 -26.12
CA ARG I 374 67.70 58.42 -26.38
C ARG I 374 68.68 57.96 -27.47
N CYS I 375 69.12 56.70 -27.41
CA CYS I 375 70.16 56.21 -28.31
C CYS I 375 69.79 55.02 -29.20
N HIS I 376 68.60 54.46 -29.02
CA HIS I 376 68.23 53.29 -29.78
C HIS I 376 66.95 53.43 -30.57
N GLN I 377 66.34 54.62 -30.57
CA GLN I 377 65.05 54.80 -31.25
C GLN I 377 65.22 55.30 -32.69
N ARG I 378 65.73 56.51 -32.85
CA ARG I 378 66.00 57.06 -34.19
C ARG I 378 64.80 57.06 -35.14
N PHE I 379 63.73 57.71 -34.72
CA PHE I 379 62.58 57.93 -35.60
C PHE I 379 62.96 58.79 -36.80
N SER I 380 62.40 58.47 -37.96
CA SER I 380 62.58 59.24 -39.17
C SER I 380 61.23 59.36 -39.87
N TYR I 381 60.78 60.58 -40.13
CA TYR I 381 59.48 60.80 -40.79
C TYR I 381 59.55 60.52 -42.29
N SER I 382 58.59 59.76 -42.80
CA SER I 382 58.55 59.38 -44.20
C SER I 382 57.25 59.87 -44.85
N PRO I 383 57.35 60.93 -45.67
CA PRO I 383 56.21 61.41 -46.46
C PRO I 383 55.53 60.29 -47.25
N ASP I 384 56.32 59.38 -47.82
CA ASP I 384 55.75 58.26 -48.58
C ASP I 384 54.89 57.32 -47.75
N LEU I 385 55.22 57.14 -46.46
CA LEU I 385 54.37 56.33 -45.59
C LEU I 385 53.09 57.07 -45.26
N MET I 386 53.16 58.40 -45.14
CA MET I 386 51.99 59.24 -45.01
C MET I 386 51.07 59.03 -46.23
N ARG I 387 51.67 59.12 -47.42
CA ARG I 387 50.93 58.94 -48.67
C ARG I 387 50.29 57.57 -48.83
N ASN I 388 51.00 56.53 -48.44
CA ASN I 388 50.59 55.16 -48.75
C ASN I 388 49.61 54.53 -47.75
N ASN I 389 49.16 55.30 -46.76
CA ASN I 389 47.95 54.94 -46.04
C ASN I 389 47.09 56.19 -45.78
N PRO I 390 46.07 56.40 -46.63
CA PRO I 390 45.18 57.54 -46.46
C PRO I 390 44.44 57.52 -45.13
N LEU I 391 44.24 56.35 -44.53
CA LEU I 391 43.61 56.26 -43.21
C LEU I 391 44.44 56.94 -42.10
N ASN I 392 45.71 57.27 -42.38
CA ASN I 392 46.57 57.98 -41.45
C ASN I 392 46.41 59.51 -41.40
N ALA I 393 45.49 60.07 -42.19
CA ALA I 393 45.37 61.53 -42.32
C ALA I 393 45.35 62.23 -40.96
N GLY I 394 46.23 63.22 -40.80
CA GLY I 394 46.32 63.99 -39.56
C GLY I 394 47.07 63.30 -38.44
N LYS I 395 47.65 62.14 -38.73
CA LYS I 395 48.34 61.33 -37.73
C LYS I 395 49.76 61.00 -38.24
N PRO I 396 50.65 62.01 -38.28
CA PRO I 396 51.97 61.81 -38.85
C PRO I 396 52.88 60.86 -38.06
N ASP I 397 52.55 60.60 -36.79
CA ASP I 397 53.23 59.56 -36.02
C ASP I 397 53.17 58.19 -36.72
N LEU I 398 52.08 57.91 -37.44
CA LEU I 398 51.95 56.63 -38.15
C LEU I 398 52.73 56.56 -39.46
N ALA I 399 53.33 57.68 -39.87
CA ALA I 399 54.19 57.73 -41.05
C ALA I 399 55.66 57.63 -40.66
N LEU I 400 55.92 57.32 -39.39
CA LEU I 400 57.28 57.25 -38.89
C LEU I 400 58.00 55.99 -39.34
N SER I 401 59.23 56.17 -39.78
CA SER I 401 60.13 55.11 -40.19
C SER I 401 61.35 55.18 -39.27
N SER I 402 62.42 54.50 -39.65
CA SER I 402 63.67 54.53 -38.91
C SER I 402 64.70 55.38 -39.64
N LYS I 403 65.70 55.86 -38.91
CA LYS I 403 66.91 56.39 -39.52
C LYS I 403 67.42 55.38 -40.54
N PHE I 404 67.66 55.84 -41.76
CA PHE I 404 68.36 55.05 -42.75
C PHE I 404 69.71 55.68 -43.03
N LYS I 405 70.75 54.85 -43.01
CA LYS I 405 72.07 55.25 -43.45
C LYS I 405 72.17 54.83 -44.90
N SER I 406 71.86 55.78 -45.78
CA SER I 406 71.67 55.54 -47.22
C SER I 406 70.50 54.59 -47.49
N MET I 407 70.76 53.32 -47.79
CA MET I 407 69.69 52.39 -48.21
C MET I 407 69.40 51.29 -47.17
N GLY I 408 70.09 51.34 -46.03
CA GLY I 408 69.89 50.35 -44.96
C GLY I 408 69.47 51.02 -43.68
N PRO I 409 68.56 50.38 -42.91
CA PRO I 409 68.17 50.94 -41.63
C PRO I 409 69.37 51.17 -40.73
N GLY I 410 69.41 52.32 -40.06
CA GLY I 410 70.54 52.66 -39.23
C GLY I 410 70.64 51.81 -37.97
N CYS I 411 71.86 51.63 -37.50
CA CYS I 411 72.09 51.15 -36.15
C CYS I 411 71.34 52.08 -35.19
N GLY I 412 71.08 51.61 -33.98
CA GLY I 412 70.40 52.43 -32.97
C GLY I 412 69.00 52.84 -33.36
N SER I 413 68.35 52.00 -34.16
CA SER I 413 67.00 52.26 -34.61
C SER I 413 66.07 51.11 -34.23
N GLU I 414 66.49 50.29 -33.26
CA GLU I 414 65.69 49.13 -32.87
C GLU I 414 64.35 49.63 -32.35
N GLY I 415 64.35 50.74 -31.64
CA GLY I 415 63.15 51.33 -31.08
C GLY I 415 62.12 51.78 -32.11
N SER I 416 62.57 52.54 -33.11
CA SER I 416 61.69 52.97 -34.20
C SER I 416 61.17 51.78 -34.99
N GLN I 417 61.94 50.70 -35.07
CA GLN I 417 61.46 49.47 -35.69
C GLN I 417 60.41 48.79 -34.83
N THR I 418 60.71 48.60 -33.54
CA THR I 418 59.82 47.85 -32.65
C THR I 418 58.48 48.56 -32.52
N TYR I 419 58.51 49.88 -32.56
CA TYR I 419 57.31 50.72 -32.47
C TYR I 419 56.18 50.26 -33.39
N PHE I 420 56.53 49.75 -34.57
CA PHE I 420 55.55 49.24 -35.52
C PHE I 420 55.55 47.71 -35.59
N THR I 421 55.47 47.08 -34.43
CA THR I 421 55.39 45.63 -34.32
C THR I 421 54.25 45.25 -33.40
N ALA I 422 53.75 44.03 -33.55
CA ALA I 422 52.78 43.49 -32.61
C ALA I 422 53.37 43.57 -31.20
N HIS I 423 54.65 43.27 -31.07
CA HIS I 423 55.31 43.26 -29.76
C HIS I 423 55.13 44.60 -29.03
N TYR I 424 55.48 45.69 -29.69
CA TYR I 424 55.33 47.00 -29.05
C TYR I 424 53.87 47.25 -28.74
N GLU I 425 53.00 46.97 -29.70
CA GLU I 425 51.56 47.17 -29.52
C GLU I 425 51.03 46.42 -28.28
N LYS I 426 51.64 45.28 -27.94
CA LYS I 426 51.19 44.50 -26.78
C LYS I 426 51.89 44.91 -25.48
N GLY I 427 52.64 46.01 -25.53
CA GLY I 427 53.23 46.59 -24.34
C GLY I 427 54.66 46.20 -24.12
N MET I 428 55.27 45.49 -25.07
CA MET I 428 56.63 45.01 -24.88
C MET I 428 57.62 46.11 -25.25
N ARG I 429 58.65 46.25 -24.42
CA ARG I 429 59.72 47.23 -24.60
C ARG I 429 61.07 46.52 -24.51
N CYS I 430 62.17 47.25 -24.73
CA CYS I 430 63.51 46.63 -24.73
C CYS I 430 63.72 45.78 -23.49
N ALA I 431 63.42 46.36 -22.33
CA ALA I 431 63.64 45.70 -21.04
C ALA I 431 62.71 44.52 -20.75
N THR I 432 61.68 44.32 -21.58
CA THR I 432 60.89 43.10 -21.52
C THR I 432 61.78 41.92 -21.87
N CYS I 433 62.53 42.06 -22.96
CA CYS I 433 63.41 41.01 -23.45
C CYS I 433 64.85 41.13 -22.95
N HIS I 434 65.35 42.35 -22.77
CA HIS I 434 66.78 42.56 -22.49
C HIS I 434 67.09 42.86 -21.04
N ASP I 435 68.14 42.20 -20.53
CA ASP I 435 68.83 42.69 -19.34
C ASP I 435 69.51 43.99 -19.73
N PRO I 436 69.29 45.07 -18.97
CA PRO I 436 69.82 46.37 -19.33
C PRO I 436 71.31 46.59 -19.03
N HIS I 437 71.93 45.69 -18.27
CA HIS I 437 73.33 45.82 -17.88
C HIS I 437 74.25 44.89 -18.68
N ASP I 438 73.88 43.62 -18.78
CA ASP I 438 74.70 42.59 -19.44
C ASP I 438 74.33 42.52 -20.93
N VAL I 439 74.54 43.63 -21.64
CA VAL I 439 74.04 43.80 -23.01
C VAL I 439 74.92 43.22 -24.11
N THR I 440 76.08 42.65 -23.73
CA THR I 440 77.04 42.11 -24.70
C THR I 440 77.15 40.57 -24.61
N GLY I 441 77.27 40.06 -23.39
CA GLY I 441 77.26 38.62 -23.16
C GLY I 441 78.63 37.98 -23.21
N ASN I 442 78.64 36.65 -23.16
CA ASN I 442 79.89 35.91 -23.05
C ASN I 442 80.48 35.58 -24.42
N VAL I 443 80.84 36.63 -25.15
CA VAL I 443 81.44 36.50 -26.47
C VAL I 443 82.97 36.60 -26.35
N THR I 444 83.68 35.98 -27.28
CA THR I 444 85.14 35.93 -27.23
C THR I 444 85.74 36.09 -28.61
N GLY I 445 87.06 36.29 -28.65
CA GLY I 445 87.78 36.43 -29.91
C GLY I 445 87.91 35.12 -30.65
N GLU I 446 88.29 35.22 -31.92
CA GLU I 446 88.57 34.04 -32.75
C GLU I 446 90.06 33.77 -32.69
N LYS I 447 90.44 32.54 -32.35
CA LYS I 447 91.84 32.15 -32.31
C LYS I 447 92.44 31.93 -33.71
N GLY I 448 91.58 31.73 -34.70
CA GLY I 448 92.01 31.48 -36.08
C GLY I 448 92.26 32.71 -36.93
N ILE I 449 91.87 33.89 -36.44
CA ILE I 449 92.05 35.13 -37.19
C ILE I 449 93.53 35.47 -37.32
N LYS I 450 93.99 35.61 -38.56
CA LYS I 450 95.35 36.01 -38.86
C LYS I 450 95.42 37.54 -38.95
N GLY I 451 96.11 38.15 -38.01
CA GLY I 451 96.23 39.60 -37.97
C GLY I 451 97.56 40.08 -37.43
N VAL I 452 97.94 41.29 -37.83
CA VAL I 452 99.18 41.90 -37.39
C VAL I 452 99.05 42.26 -35.92
N SER I 453 98.14 43.19 -35.63
CA SER I 453 98.00 43.72 -34.27
C SER I 453 96.95 42.98 -33.45
N TYR I 454 96.02 42.30 -34.12
CA TYR I 454 94.87 41.68 -33.47
C TYR I 454 95.26 40.70 -32.36
N ASN I 455 94.57 40.81 -31.23
CA ASN I 455 94.77 39.94 -30.09
C ASN I 455 93.42 39.34 -29.71
N SER I 456 93.37 38.02 -29.67
CA SER I 456 92.11 37.28 -29.61
C SER I 456 91.62 36.99 -28.19
N GLU I 457 92.43 37.29 -27.18
CA GLU I 457 92.20 36.74 -25.85
C GLU I 457 91.69 37.75 -24.83
N GLN I 458 91.04 38.81 -25.30
CA GLN I 458 90.57 39.87 -24.40
C GLN I 458 89.05 39.84 -24.20
N GLY I 459 88.48 38.64 -24.16
CA GLY I 459 87.05 38.47 -23.97
C GLY I 459 86.24 39.14 -25.06
N TYR I 460 85.21 39.87 -24.64
CA TYR I 460 84.28 40.51 -25.59
C TYR I 460 84.96 41.56 -26.47
N LEU I 461 86.02 42.19 -25.98
CA LEU I 461 86.73 43.21 -26.77
C LEU I 461 87.30 42.64 -28.05
N SER I 462 87.71 41.36 -28.02
CA SER I 462 88.24 40.69 -29.21
C SER I 462 87.14 40.16 -30.11
N SER I 463 85.89 40.15 -29.64
CA SER I 463 84.86 39.42 -30.36
C SER I 463 84.33 40.19 -31.54
N LEU I 464 83.88 39.46 -32.55
CA LEU I 464 83.22 40.03 -33.72
C LEU I 464 81.70 40.05 -33.55
N TYR I 465 81.21 39.53 -32.41
CA TYR I 465 79.79 39.27 -32.24
C TYR I 465 79.22 39.90 -30.98
N SER I 466 77.90 39.88 -30.89
CA SER I 466 77.16 40.29 -29.71
C SER I 466 76.18 39.19 -29.32
N LYS I 467 75.95 39.07 -28.02
CA LYS I 467 75.10 38.03 -27.47
C LYS I 467 74.47 38.57 -26.19
N PRO I 468 73.59 39.57 -26.31
CA PRO I 468 72.97 40.20 -25.14
C PRO I 468 72.26 39.21 -24.24
N LYS I 469 72.40 39.38 -22.93
CA LYS I 469 71.69 38.57 -21.96
C LYS I 469 70.19 38.90 -22.03
N LEU I 470 69.37 37.88 -22.23
CA LEU I 470 67.94 38.05 -22.35
C LEU I 470 67.18 37.53 -21.14
N LYS I 471 66.15 38.26 -20.76
CA LYS I 471 65.18 37.81 -19.77
C LYS I 471 64.15 36.86 -20.37
N LYS I 472 63.89 37.01 -21.66
CA LYS I 472 62.86 36.24 -22.31
C LYS I 472 63.33 35.77 -23.67
N GLU I 473 63.05 34.51 -23.96
CA GLU I 473 63.31 33.91 -25.26
C GLU I 473 62.00 33.81 -26.02
N CYS I 474 62.10 33.68 -27.35
CA CYS I 474 60.93 33.49 -28.20
C CYS I 474 60.09 32.32 -27.72
N THR I 475 60.76 31.25 -27.30
CA THR I 475 60.11 30.02 -26.90
C THR I 475 59.30 30.17 -25.61
N ASP I 476 59.61 31.16 -24.77
CA ASP I 476 58.85 31.40 -23.55
C ASP I 476 57.43 31.78 -23.86
N CYS I 477 57.25 32.54 -24.94
CA CYS I 477 55.93 33.05 -25.30
C CYS I 477 55.28 32.30 -26.45
N HIS I 478 56.09 31.75 -27.36
CA HIS I 478 55.55 31.14 -28.58
C HIS I 478 55.69 29.61 -28.54
N LYS I 479 54.79 28.99 -27.79
CA LYS I 479 54.91 27.57 -27.44
C LYS I 479 54.63 26.64 -28.60
N GLU I 480 53.59 26.93 -29.36
CA GLU I 480 53.18 26.07 -30.47
C GLU I 480 54.28 26.05 -31.52
N GLN I 481 54.93 27.18 -31.69
CA GLN I 481 55.97 27.34 -32.68
C GLN I 481 57.22 26.62 -32.22
N ALA I 482 57.57 26.82 -30.96
CA ALA I 482 58.68 26.12 -30.33
C ALA I 482 58.49 24.61 -30.41
N TYR I 483 57.27 24.14 -30.18
CA TYR I 483 56.97 22.71 -30.25
C TYR I 483 57.18 22.13 -31.66
N ILE I 484 56.56 22.75 -32.66
CA ILE I 484 56.71 22.26 -34.03
C ILE I 484 58.17 22.33 -34.49
N GLN I 485 58.85 23.41 -34.14
CA GLN I 485 60.25 23.58 -34.52
C GLN I 485 61.19 22.62 -33.78
N SER I 486 60.71 22.02 -32.68
CA SER I 486 61.49 21.01 -31.96
C SER I 486 61.39 19.62 -32.59
N LYS I 487 60.61 19.46 -33.64
CA LYS I 487 60.57 18.19 -34.36
C LYS I 487 61.72 18.17 -35.37
N ALA I 488 62.81 17.50 -34.99
CA ALA I 488 64.05 17.44 -35.78
C ALA I 488 63.81 17.31 -37.29
N ASP I 489 64.22 18.33 -38.01
CA ASP I 489 63.96 18.48 -39.43
C ASP I 489 65.01 19.46 -39.99
N THR I 490 64.81 19.91 -41.21
CA THR I 490 65.66 20.90 -41.85
C THR I 490 66.30 21.93 -40.91
N HIS I 491 65.49 22.75 -40.24
CA HIS I 491 66.05 23.86 -39.47
C HIS I 491 65.93 23.68 -37.95
N SER I 492 65.91 22.45 -37.44
CA SER I 492 65.67 22.25 -36.00
C SER I 492 66.81 22.75 -35.12
N LYS I 493 67.99 22.94 -35.70
CA LYS I 493 69.13 23.50 -34.97
C LYS I 493 69.21 25.03 -35.03
N ASN I 494 68.44 25.65 -35.92
CA ASN I 494 68.36 27.11 -36.00
C ASN I 494 67.71 27.73 -34.77
N SER I 495 68.13 28.94 -34.43
CA SER I 495 67.42 29.75 -33.46
C SER I 495 66.22 30.37 -34.16
N CYS I 496 65.21 30.73 -33.36
CA CYS I 496 64.06 31.49 -33.86
C CYS I 496 64.55 32.78 -34.51
N ALA I 497 65.45 33.49 -33.81
CA ALA I 497 66.02 34.74 -34.27
C ALA I 497 66.72 34.65 -35.63
N SER I 498 67.24 33.47 -35.98
CA SER I 498 67.93 33.30 -37.25
C SER I 498 67.06 33.75 -38.43
N CYS I 499 65.87 33.18 -38.56
CA CYS I 499 64.94 33.59 -39.64
C CYS I 499 64.29 34.96 -39.38
N HIS I 500 63.87 35.17 -38.14
CA HIS I 500 63.02 36.31 -37.79
C HIS I 500 63.77 37.62 -37.54
N MET I 501 65.06 37.55 -37.23
CA MET I 501 65.83 38.75 -36.90
C MET I 501 67.11 38.80 -37.73
N PRO I 502 66.95 38.99 -39.06
CA PRO I 502 68.15 39.09 -39.89
C PRO I 502 68.87 40.40 -39.63
N PHE I 503 70.16 40.42 -39.91
CA PHE I 503 70.97 41.60 -39.69
C PHE I 503 70.82 42.58 -40.86
N MET I 504 69.74 43.36 -40.82
CA MET I 504 69.39 44.28 -41.91
C MET I 504 70.03 45.64 -41.75
N MET I 505 70.54 45.96 -40.57
CA MET I 505 70.91 47.32 -40.24
C MET I 505 72.33 47.69 -40.61
N SER I 506 72.49 48.94 -41.05
CA SER I 506 73.79 49.49 -41.40
C SER I 506 74.28 50.39 -40.31
N CYS I 507 75.45 50.05 -39.78
CA CYS I 507 76.14 50.88 -38.78
C CYS I 507 77.22 51.75 -39.43
N GLU I 508 77.82 51.26 -40.52
CA GLU I 508 78.95 51.93 -41.16
C GLU I 508 78.56 52.88 -42.30
N ASN I 509 77.29 52.89 -42.70
CA ASN I 509 76.84 53.56 -43.91
C ASN I 509 77.81 53.29 -45.07
N PHE I 510 78.13 52.02 -45.26
CA PHE I 510 79.01 51.61 -46.33
C PHE I 510 78.15 51.37 -47.57
N TYR I 511 77.60 52.46 -48.10
CA TYR I 511 76.69 52.44 -49.25
C TYR I 511 77.31 51.91 -50.54
N ALA I 512 78.65 51.91 -50.61
CA ALA I 512 79.35 51.31 -51.73
C ALA I 512 78.93 49.86 -52.00
N ILE I 513 78.65 49.12 -50.93
CA ILE I 513 78.28 47.70 -51.04
C ILE I 513 76.83 47.40 -50.65
N GLN I 514 76.02 48.43 -50.45
CA GLN I 514 74.60 48.25 -50.14
C GLN I 514 73.80 47.89 -51.40
N PHE I 515 73.45 46.62 -51.51
CA PHE I 515 72.56 46.12 -52.58
C PHE I 515 71.35 45.40 -51.97
N GLN I 516 70.35 46.19 -51.57
CA GLN I 516 69.30 45.72 -50.66
C GLN I 516 68.36 44.65 -51.22
N ASP I 517 68.13 44.65 -52.53
CA ASP I 517 67.31 43.59 -53.15
C ASP I 517 67.98 42.21 -53.06
N GLN I 518 69.31 42.19 -52.93
CA GLN I 518 70.08 40.96 -52.75
C GLN I 518 70.38 40.69 -51.27
N ALA I 519 69.78 41.50 -50.38
CA ALA I 519 69.95 41.37 -48.93
C ALA I 519 71.42 41.37 -48.52
N GLY I 520 72.09 42.48 -48.84
CA GLY I 520 73.51 42.66 -48.53
C GLY I 520 73.94 44.06 -48.95
N PHE I 521 75.19 44.44 -48.70
CA PHE I 521 76.16 43.63 -47.97
C PHE I 521 76.74 44.39 -46.78
N ASP I 522 76.14 45.55 -46.47
CA ASP I 522 76.51 46.34 -45.30
C ASP I 522 75.53 45.99 -44.17
N THR I 523 75.80 44.87 -43.52
CA THR I 523 74.84 44.21 -42.65
C THR I 523 75.46 43.92 -41.30
N GLN I 524 75.37 44.87 -40.39
CA GLN I 524 76.09 44.78 -39.11
C GLN I 524 75.24 44.71 -37.84
N ARG I 525 73.97 45.11 -37.90
CA ARG I 525 73.11 45.03 -36.72
C ARG I 525 71.77 44.36 -37.00
N ARG I 526 71.09 43.96 -35.93
CA ARG I 526 70.01 43.00 -36.01
C ARG I 526 68.62 43.65 -36.02
N ALA I 527 67.83 43.32 -37.03
CA ALA I 527 66.49 43.90 -37.18
C ALA I 527 65.57 43.45 -36.07
N HIS I 528 64.79 44.41 -35.56
CA HIS I 528 63.80 44.14 -34.53
C HIS I 528 62.42 44.40 -35.11
N ILE I 529 62.01 43.48 -35.98
CA ILE I 529 60.77 43.58 -36.72
C ILE I 529 59.92 42.31 -36.57
N TRP I 530 60.57 41.15 -36.71
CA TRP I 530 59.99 39.83 -36.38
C TRP I 530 59.02 39.28 -37.43
N LYS I 531 57.98 40.03 -37.76
CA LYS I 531 57.02 39.66 -38.79
C LYS I 531 57.73 39.39 -40.12
N ILE I 532 57.56 38.18 -40.64
CA ILE I 532 58.10 37.82 -41.95
C ILE I 532 56.95 37.81 -42.96
N ASP I 533 57.10 38.63 -43.98
CA ASP I 533 56.15 38.72 -45.08
C ASP I 533 56.50 37.66 -46.13
N VAL I 534 55.49 36.95 -46.62
CA VAL I 534 55.69 35.91 -47.65
C VAL I 534 55.10 36.44 -48.95
N ASP I 535 55.96 36.86 -49.87
CA ASP I 535 55.55 37.54 -51.09
C ASP I 535 56.66 37.45 -52.14
N PRO I 536 56.31 37.14 -53.40
CA PRO I 536 57.36 36.94 -54.41
C PRO I 536 58.24 38.17 -54.69
N ALA I 537 57.70 39.37 -54.46
CA ALA I 537 58.36 40.61 -54.90
C ALA I 537 58.51 41.71 -53.86
N ARG I 538 57.50 41.89 -53.00
CA ARG I 538 57.46 43.03 -52.09
C ARG I 538 58.66 43.11 -51.15
N LYS I 539 59.25 44.29 -51.04
CA LYS I 539 60.48 44.49 -50.29
C LYS I 539 60.25 45.20 -48.97
N SER I 540 61.05 44.85 -47.98
CA SER I 540 61.02 45.52 -46.68
C SER I 540 61.56 46.95 -46.79
N LEU I 541 62.67 47.08 -47.50
CA LEU I 541 63.35 48.36 -47.68
C LEU I 541 63.06 48.92 -49.07
N VAL I 542 62.53 50.15 -49.14
CA VAL I 542 62.28 50.81 -50.42
C VAL I 542 62.81 52.24 -50.46
N ALA I 543 63.15 52.69 -51.67
CA ALA I 543 63.62 54.05 -51.90
C ALA I 543 62.45 55.02 -51.84
N GLY I 544 62.72 56.24 -51.40
CA GLY I 544 61.70 57.28 -51.44
C GLY I 544 61.34 57.64 -52.87
N SER I 545 60.16 58.21 -53.07
CA SER I 545 59.70 58.63 -54.41
C SER I 545 60.62 59.69 -55.01
N THR I 546 61.21 60.53 -54.14
CA THR I 546 62.23 61.50 -54.55
C THR I 546 63.50 60.85 -55.13
N SER I 547 63.67 59.55 -54.94
CA SER I 547 64.77 58.82 -55.56
C SER I 547 64.60 58.82 -57.07
N LYS I 548 65.54 59.44 -57.77
CA LYS I 548 65.54 59.46 -59.23
C LYS I 548 66.48 58.42 -59.82
N ASP I 549 67.21 57.70 -58.95
CA ASP I 549 68.14 56.67 -59.39
C ASP I 549 68.20 55.53 -58.36
N PRO I 550 68.24 54.26 -58.84
CA PRO I 550 68.35 53.07 -57.98
C PRO I 550 69.39 53.12 -56.84
N ARG I 551 70.48 53.88 -57.01
CA ARG I 551 71.53 53.93 -56.00
C ARG I 551 71.87 55.33 -55.50
N ASP I 552 70.95 56.29 -55.64
CA ASP I 552 71.18 57.61 -55.04
C ASP I 552 70.85 57.62 -53.54
N GLY I 553 70.10 56.61 -53.10
CA GLY I 553 69.85 56.38 -51.68
C GLY I 553 69.05 57.50 -51.03
N LYS I 554 67.97 57.93 -51.67
CA LYS I 554 67.22 59.06 -51.16
C LYS I 554 65.88 58.66 -50.51
N ASP I 555 65.70 59.11 -49.27
CA ASP I 555 64.47 58.89 -48.49
C ASP I 555 64.06 57.42 -48.39
N TRP I 556 65.03 56.51 -48.33
CA TRP I 556 64.71 55.11 -48.14
C TRP I 556 63.97 54.91 -46.80
N HIS I 557 63.09 53.92 -46.76
CA HIS I 557 62.30 53.67 -45.57
C HIS I 557 61.79 52.24 -45.55
N PHE I 558 61.23 51.84 -44.42
CA PHE I 558 60.53 50.57 -44.31
C PHE I 558 59.17 50.69 -44.96
N GLU I 559 58.76 49.66 -45.68
CA GLU I 559 57.39 49.55 -46.17
C GLU I 559 56.53 49.04 -45.00
N ARG I 560 55.24 49.40 -45.00
CA ARG I 560 54.29 48.90 -44.02
C ARG I 560 53.36 47.90 -44.69
N ASN I 561 53.08 46.80 -44.00
CA ASN I 561 52.12 45.81 -44.49
C ASN I 561 50.68 46.24 -44.20
N GLU I 562 49.73 45.37 -44.54
CA GLU I 562 48.31 45.68 -44.44
C GLU I 562 47.89 45.98 -43.01
N GLU I 563 48.63 45.44 -42.03
CA GLU I 563 48.34 45.67 -40.62
C GLU I 563 49.07 46.91 -40.05
N GLY I 564 49.76 47.66 -40.91
CA GLY I 564 50.47 48.86 -40.49
C GLY I 564 51.72 48.56 -39.70
N ARG I 565 52.35 47.43 -40.00
CA ARG I 565 53.54 46.99 -39.28
C ARG I 565 54.74 46.81 -40.21
N ASN I 566 55.93 46.96 -39.65
CA ASN I 566 57.16 46.63 -40.38
C ASN I 566 57.16 45.14 -40.68
N PHE I 567 57.98 44.73 -41.65
CA PHE I 567 58.07 43.31 -41.98
C PHE I 567 59.43 42.97 -42.57
N VAL I 568 59.80 41.69 -42.43
CA VAL I 568 61.04 41.16 -43.00
C VAL I 568 60.67 40.34 -44.25
N ASP I 569 61.18 40.75 -45.41
CA ASP I 569 60.90 40.04 -46.65
C ASP I 569 61.75 38.79 -46.73
N LEU I 570 61.35 37.86 -47.59
CA LEU I 570 61.93 36.52 -47.60
C LEU I 570 63.40 36.46 -47.99
N MET I 571 63.89 37.47 -48.70
CA MET I 571 65.31 37.50 -49.08
C MET I 571 66.19 37.79 -47.86
N TRP I 572 65.78 38.75 -47.06
CA TRP I 572 66.43 39.01 -45.77
C TRP I 572 66.29 37.81 -44.84
N ALA I 573 65.10 37.23 -44.77
CA ALA I 573 64.84 36.13 -43.83
C ALA I 573 65.68 34.88 -44.12
N CYS I 574 65.86 34.56 -45.39
CA CYS I 574 66.52 33.30 -45.78
C CYS I 574 67.92 33.45 -46.36
N ALA I 575 68.14 34.46 -47.19
CA ALA I 575 69.33 34.47 -48.04
C ALA I 575 70.25 35.66 -47.84
N ARG I 576 70.06 36.41 -46.77
CA ARG I 576 70.91 37.57 -46.49
C ARG I 576 72.37 37.20 -46.31
N THR I 577 73.25 38.18 -46.53
CA THR I 577 74.70 38.00 -46.40
C THR I 577 75.23 38.98 -45.36
N THR I 578 75.98 38.45 -44.40
CA THR I 578 76.56 39.25 -43.33
C THR I 578 77.78 38.53 -42.75
N TRP I 579 78.56 39.26 -41.95
CA TRP I 579 79.63 38.68 -41.17
C TRP I 579 79.50 39.09 -39.69
N ALA I 580 78.28 39.40 -39.27
CA ALA I 580 77.98 39.78 -37.88
C ALA I 580 77.06 38.78 -37.17
N ASP I 581 76.61 37.74 -37.88
CA ASP I 581 75.57 36.83 -37.42
C ASP I 581 76.19 35.46 -37.10
N LYS I 582 76.51 35.26 -35.82
CA LYS I 582 77.11 34.02 -35.32
C LYS I 582 76.29 32.78 -35.66
N ASP I 583 74.98 32.87 -35.47
CA ASP I 583 74.05 31.77 -35.82
C ASP I 583 74.21 31.40 -37.30
N GLN I 584 74.26 32.41 -38.17
CA GLN I 584 74.45 32.17 -39.61
C GLN I 584 75.80 31.54 -39.87
N ALA I 585 76.85 32.07 -39.26
CA ALA I 585 78.18 31.50 -39.38
C ALA I 585 78.17 30.01 -39.05
N GLU I 586 77.57 29.67 -37.91
CA GLU I 586 77.50 28.30 -37.44
C GLU I 586 76.45 27.44 -38.13
N ALA I 587 75.62 28.04 -38.99
CA ALA I 587 74.65 27.28 -39.75
C ALA I 587 74.94 27.36 -41.24
N LYS I 588 76.21 27.11 -41.57
CA LYS I 588 76.67 26.99 -42.96
C LYS I 588 76.36 28.21 -43.81
N GLY I 589 76.29 29.38 -43.17
CA GLY I 589 75.98 30.62 -43.86
C GLY I 589 74.57 30.74 -44.42
N CYS I 590 73.67 29.86 -43.99
CA CYS I 590 72.29 29.84 -44.51
C CYS I 590 72.29 29.78 -46.06
N HIS I 591 71.54 30.65 -46.72
CA HIS I 591 71.32 30.52 -48.16
C HIS I 591 71.92 31.63 -49.00
N SER I 592 72.85 32.36 -48.40
CA SER I 592 73.58 33.42 -49.07
C SER I 592 74.43 32.82 -50.20
N PRO I 593 74.24 33.30 -51.44
CA PRO I 593 75.12 32.89 -52.53
C PRO I 593 76.60 33.09 -52.19
N VAL I 594 76.89 34.09 -51.37
CA VAL I 594 78.25 34.49 -51.04
C VAL I 594 78.91 33.67 -49.94
N VAL I 595 78.18 33.41 -48.86
CA VAL I 595 78.77 32.76 -47.69
C VAL I 595 78.16 31.39 -47.35
N SER I 596 77.17 30.95 -48.12
CA SER I 596 76.57 29.65 -47.88
C SER I 596 77.60 28.58 -48.20
N GLU I 597 77.64 27.53 -47.39
CA GLU I 597 78.46 26.36 -47.64
C GLU I 597 77.56 25.19 -48.04
N LEU I 598 76.29 25.50 -48.36
CA LEU I 598 75.35 24.50 -48.82
C LEU I 598 75.56 24.30 -50.31
N LYS I 599 74.88 23.28 -50.86
CA LYS I 599 74.95 22.99 -52.28
C LYS I 599 74.38 24.12 -53.12
N GLU I 600 74.78 24.17 -54.38
CA GLU I 600 74.40 25.21 -55.32
C GLU I 600 72.89 25.46 -55.36
N THR I 601 72.11 24.39 -55.33
CA THR I 601 70.65 24.48 -55.43
C THR I 601 69.98 25.11 -54.19
N LEU I 602 70.75 25.35 -53.13
CA LEU I 602 70.24 26.03 -51.94
C LEU I 602 70.93 27.38 -51.72
N HIS I 603 71.41 27.98 -52.81
CA HIS I 603 71.89 29.35 -52.79
C HIS I 603 70.79 30.17 -53.45
N PHE I 604 70.10 30.99 -52.67
CA PHE I 604 68.96 31.74 -53.18
C PHE I 604 69.44 33.10 -53.68
N LYS I 605 69.18 33.39 -54.95
CA LYS I 605 69.71 34.58 -55.62
C LYS I 605 68.71 35.71 -55.76
N ASP I 606 67.42 35.41 -55.57
CA ASP I 606 66.38 36.43 -55.61
C ASP I 606 65.16 35.99 -54.82
N GLN I 607 64.37 36.97 -54.38
CA GLN I 607 63.23 36.75 -53.51
C GLN I 607 62.18 35.80 -54.09
N LYS I 608 62.04 35.80 -55.42
CA LYS I 608 61.07 34.93 -56.09
C LYS I 608 61.45 33.45 -55.92
N GLN I 609 62.74 33.16 -56.03
CA GLN I 609 63.25 31.80 -55.80
C GLN I 609 62.94 31.34 -54.38
N VAL I 610 63.13 32.23 -53.41
CA VAL I 610 62.85 31.94 -52.00
C VAL I 610 61.35 31.72 -51.80
N TYR I 611 60.56 32.62 -52.37
CA TYR I 611 59.09 32.53 -52.28
C TYR I 611 58.61 31.18 -52.82
N ASN I 612 59.24 30.70 -53.89
CA ASN I 612 58.85 29.42 -54.49
C ASN I 612 59.13 28.22 -53.61
N GLU I 613 60.24 28.25 -52.88
CA GLU I 613 60.56 27.18 -51.93
C GLU I 613 59.55 27.17 -50.79
N VAL I 614 59.26 28.37 -50.27
CA VAL I 614 58.26 28.53 -49.20
C VAL I 614 56.90 28.00 -49.67
N MET I 615 56.53 28.32 -50.90
CA MET I 615 55.26 27.86 -51.47
C MET I 615 55.21 26.36 -51.69
N GLY I 616 56.34 25.76 -52.04
CA GLY I 616 56.44 24.30 -52.12
C GLY I 616 56.05 23.65 -50.80
N TRP I 617 56.43 24.27 -49.68
CA TRP I 617 56.06 23.77 -48.36
C TRP I 617 54.66 24.18 -47.94
N GLN I 618 54.33 25.46 -48.10
CA GLN I 618 53.07 25.98 -47.55
C GLN I 618 51.81 25.51 -48.30
N THR I 619 51.91 25.35 -49.61
CA THR I 619 50.72 25.04 -50.41
C THR I 619 50.14 23.66 -50.07
N PRO I 620 50.98 22.62 -50.03
CA PRO I 620 50.42 21.32 -49.61
C PRO I 620 49.85 21.33 -48.18
N VAL I 621 50.45 22.10 -47.28
CA VAL I 621 49.99 22.19 -45.89
C VAL I 621 48.64 22.89 -45.82
N LYS I 622 48.52 24.04 -46.49
CA LYS I 622 47.28 24.80 -46.50
C LYS I 622 46.13 24.02 -47.11
N ASP I 623 46.42 23.26 -48.17
CA ASP I 623 45.40 22.47 -48.85
C ASP I 623 44.81 21.40 -47.92
N LYS I 624 45.67 20.59 -47.31
CA LYS I 624 45.21 19.53 -46.42
C LYS I 624 44.59 20.09 -45.15
N PHE I 625 45.05 21.26 -44.72
CA PHE I 625 44.41 21.99 -43.62
C PHE I 625 42.95 22.32 -43.96
N THR I 626 42.71 22.80 -45.18
CA THR I 626 41.35 23.15 -45.61
C THR I 626 40.44 21.93 -45.70
N GLN I 627 40.92 20.87 -46.34
CA GLN I 627 40.17 19.61 -46.43
C GLN I 627 39.64 19.18 -45.06
N VAL I 628 40.55 19.15 -44.09
CA VAL I 628 40.20 18.74 -42.74
C VAL I 628 39.11 19.65 -42.17
N LYS I 629 39.32 20.96 -42.21
CA LYS I 629 38.34 21.90 -41.64
C LYS I 629 36.96 21.79 -42.30
N VAL I 630 36.96 21.56 -43.61
CA VAL I 630 35.72 21.30 -44.35
C VAL I 630 35.09 19.98 -43.90
N GLY I 631 35.90 18.93 -43.87
CA GLY I 631 35.45 17.61 -43.43
C GLY I 631 34.80 17.64 -42.05
N ILE I 632 35.44 18.34 -41.12
CA ILE I 632 34.92 18.47 -39.75
C ILE I 632 33.54 19.10 -39.75
N GLN I 633 33.36 20.17 -40.52
CA GLN I 633 32.06 20.84 -40.58
C GLN I 633 30.99 19.93 -41.17
N GLY I 634 31.29 19.31 -42.31
CA GLY I 634 30.37 18.37 -42.96
C GLY I 634 29.92 17.26 -42.03
N LEU I 635 30.88 16.70 -41.30
CA LEU I 635 30.59 15.62 -40.36
C LEU I 635 29.65 16.08 -39.24
N TYR I 636 29.96 17.21 -38.61
CA TYR I 636 29.08 17.78 -37.58
C TYR I 636 27.66 17.99 -38.11
N SER I 637 27.53 18.37 -39.38
CA SER I 637 26.24 18.54 -40.04
C SER I 637 25.51 17.21 -40.23
N LEU I 638 26.23 16.20 -40.71
CA LEU I 638 25.62 14.88 -40.90
C LEU I 638 25.28 14.20 -39.58
N LEU I 639 25.95 14.60 -38.49
CA LEU I 639 25.59 14.15 -37.14
C LEU I 639 24.18 14.56 -36.71
N GLU I 640 23.58 15.53 -37.41
CA GLU I 640 22.20 15.95 -37.17
C GLU I 640 21.19 15.17 -38.03
N VAL I 641 21.54 14.95 -39.30
CA VAL I 641 20.63 14.30 -40.25
C VAL I 641 20.58 12.79 -40.01
N LYS I 642 21.75 12.14 -40.06
CA LYS I 642 21.84 10.68 -39.98
C LYS I 642 22.05 10.18 -38.56
N LYS I 643 21.43 9.04 -38.24
CA LYS I 643 21.55 8.41 -36.93
C LYS I 643 22.52 7.22 -37.03
N LEU I 644 23.23 6.95 -35.93
CA LEU I 644 24.24 5.91 -35.91
C LEU I 644 24.11 4.94 -34.74
N ALA I 645 24.81 3.81 -34.87
CA ALA I 645 25.05 2.91 -33.75
C ALA I 645 25.92 3.65 -32.74
N PRO I 646 25.64 3.49 -31.43
CA PRO I 646 26.44 4.14 -30.40
C PRO I 646 27.95 3.99 -30.57
N SER I 647 28.41 2.76 -30.81
CA SER I 647 29.83 2.49 -30.98
C SER I 647 30.39 3.20 -32.22
N ASP I 648 29.57 3.32 -33.26
CA ASP I 648 29.97 4.01 -34.49
C ASP I 648 29.95 5.52 -34.31
N LYS I 649 28.90 6.04 -33.68
CA LYS I 649 28.84 7.46 -33.37
C LYS I 649 30.05 7.87 -32.51
N THR I 650 30.37 7.04 -31.53
CA THR I 650 31.48 7.31 -30.62
C THR I 650 32.79 7.47 -31.40
N ARG I 651 33.02 6.56 -32.33
CA ARG I 651 34.23 6.57 -33.14
C ARG I 651 34.31 7.80 -34.02
N VAL I 652 33.14 8.28 -34.45
CA VAL I 652 33.03 9.44 -35.32
C VAL I 652 33.40 10.73 -34.59
N TYR I 653 32.77 10.96 -33.43
CA TYR I 653 33.13 12.09 -32.56
C TYR I 653 34.62 12.12 -32.27
N GLU I 654 35.15 10.97 -31.86
CA GLU I 654 36.55 10.80 -31.53
C GLU I 654 37.46 11.29 -32.65
N LEU I 655 37.14 10.87 -33.88
CA LEU I 655 37.96 11.20 -35.04
C LEU I 655 37.87 12.69 -35.39
N ILE I 656 36.67 13.27 -35.28
CA ILE I 656 36.49 14.71 -35.47
C ILE I 656 37.37 15.53 -34.51
N GLU I 657 37.40 15.12 -33.24
CA GLU I 657 38.10 15.89 -32.21
C GLU I 657 39.60 15.72 -32.30
N LYS I 658 40.05 14.56 -32.76
CA LYS I 658 41.47 14.36 -33.02
C LYS I 658 41.90 15.20 -34.23
N ALA I 659 41.04 15.30 -35.23
CA ALA I 659 41.28 16.18 -36.38
C ALA I 659 41.28 17.65 -35.95
N GLN I 660 40.32 18.01 -35.10
CA GLN I 660 40.21 19.37 -34.57
C GLN I 660 41.51 19.79 -33.87
N ASP I 661 42.09 18.89 -33.08
CA ASP I 661 43.29 19.20 -32.32
C ASP I 661 44.45 19.53 -33.26
N THR I 662 44.57 18.74 -34.33
CA THR I 662 45.60 18.96 -35.34
C THR I 662 45.42 20.31 -36.01
N VAL I 663 44.19 20.64 -36.37
CA VAL I 663 43.89 21.92 -37.00
C VAL I 663 44.23 23.10 -36.08
N ASP I 664 43.82 23.00 -34.82
CA ASP I 664 44.09 24.05 -33.83
C ASP I 664 45.58 24.32 -33.66
N LEU I 665 46.37 23.26 -33.53
CA LEU I 665 47.81 23.39 -33.36
C LEU I 665 48.43 24.14 -34.54
N ILE I 666 48.13 23.65 -35.73
CA ILE I 666 48.69 24.19 -36.96
C ILE I 666 48.24 25.62 -37.22
N GLU I 667 46.96 25.89 -37.02
CA GLU I 667 46.44 27.25 -37.14
C GLU I 667 47.13 28.17 -36.12
N LYS I 668 47.27 27.69 -34.89
CA LYS I 668 47.92 28.49 -33.85
C LYS I 668 49.41 28.69 -34.13
N ASP I 669 50.07 27.69 -34.69
CA ASP I 669 51.47 27.80 -35.10
C ASP I 669 51.64 28.91 -36.13
N GLY I 670 50.78 28.90 -37.14
CA GLY I 670 50.69 29.99 -38.11
C GLY I 670 51.76 30.03 -39.18
N SER I 671 52.54 28.95 -39.30
CA SER I 671 53.70 28.93 -40.21
C SER I 671 53.48 28.07 -41.44
N TRP I 672 52.37 27.32 -41.46
CA TRP I 672 52.00 26.51 -42.61
C TRP I 672 53.18 25.67 -43.11
N GLY I 673 53.89 25.06 -42.16
CA GLY I 673 54.98 24.13 -42.48
C GLY I 673 56.38 24.68 -42.28
N MET I 674 56.52 26.01 -42.21
CA MET I 674 57.84 26.63 -42.15
C MET I 674 58.61 26.38 -40.87
N HIS I 675 57.90 26.09 -39.77
CA HIS I 675 58.59 25.72 -38.54
C HIS I 675 58.95 24.23 -38.48
N GLY I 676 58.41 23.44 -39.40
CA GLY I 676 58.74 22.01 -39.48
C GLY I 676 57.82 21.27 -40.44
N PHE I 677 58.25 21.15 -41.70
CA PHE I 677 57.38 20.62 -42.76
C PHE I 677 56.99 19.16 -42.53
N LYS I 678 57.98 18.32 -42.26
CA LYS I 678 57.76 16.89 -42.13
C LYS I 678 56.72 16.59 -41.05
N TYR I 679 56.87 17.21 -39.89
CA TYR I 679 55.94 16.98 -38.79
C TYR I 679 54.55 17.52 -39.13
N THR I 680 54.50 18.76 -39.62
CA THR I 680 53.25 19.43 -39.95
C THR I 680 52.48 18.66 -41.02
N LYS I 681 53.18 18.34 -42.10
CA LYS I 681 52.61 17.61 -43.22
C LYS I 681 51.99 16.29 -42.79
N GLN I 682 52.78 15.48 -42.09
CA GLN I 682 52.35 14.14 -41.68
C GLN I 682 51.17 14.18 -40.72
N ARG I 683 51.25 15.07 -39.74
CA ARG I 683 50.16 15.24 -38.80
C ARG I 683 48.86 15.60 -39.53
N LEU I 684 48.97 16.43 -40.56
CA LEU I 684 47.81 16.78 -41.40
C LEU I 684 47.33 15.59 -42.23
N ASP I 685 48.26 14.86 -42.83
CA ASP I 685 47.90 13.64 -43.56
C ASP I 685 47.05 12.74 -42.68
N ALA I 686 47.55 12.49 -41.47
CA ALA I 686 46.86 11.67 -40.49
C ALA I 686 45.43 12.19 -40.24
N ALA I 687 45.30 13.50 -40.04
CA ALA I 687 44.00 14.12 -39.79
C ALA I 687 43.02 13.96 -40.96
N VAL I 688 43.55 13.97 -42.19
CA VAL I 688 42.72 13.71 -43.37
C VAL I 688 42.15 12.30 -43.33
N GLU I 689 42.99 11.33 -43.03
CA GLU I 689 42.56 9.94 -42.96
C GLU I 689 41.61 9.68 -41.77
N TYR I 690 41.76 10.44 -40.68
CA TYR I 690 40.75 10.39 -39.61
C TYR I 690 39.40 10.74 -40.21
N ILE I 691 39.38 11.85 -40.95
CA ILE I 691 38.16 12.35 -41.57
C ILE I 691 37.59 11.35 -42.57
N ASN I 692 38.46 10.77 -43.41
CA ASN I 692 38.02 9.78 -44.38
C ASN I 692 37.31 8.63 -43.70
N GLU I 693 37.88 8.15 -42.60
CA GLU I 693 37.28 7.06 -41.83
C GLU I 693 35.93 7.46 -41.26
N ALA I 694 35.84 8.66 -40.69
CA ALA I 694 34.57 9.17 -40.17
C ALA I 694 33.49 9.20 -41.25
N GLN I 695 33.84 9.63 -42.46
CA GLN I 695 32.91 9.62 -43.60
C GLN I 695 32.65 8.19 -44.03
N ARG I 696 33.68 7.38 -44.00
CA ARG I 696 33.57 5.95 -44.29
C ARG I 696 32.57 5.27 -43.34
N ILE I 697 32.43 5.81 -42.13
CA ILE I 697 31.45 5.30 -41.14
C ILE I 697 30.03 5.84 -41.37
N MET I 698 29.91 7.10 -41.79
CA MET I 698 28.59 7.69 -42.03
C MET I 698 27.82 6.95 -43.12
N LYS I 699 28.53 6.51 -44.15
CA LYS I 699 27.91 5.86 -45.31
C LYS I 699 27.25 4.51 -44.99
N LYS I 700 27.79 3.76 -44.03
CA LYS I 700 27.20 2.46 -43.63
C LYS I 700 25.67 2.48 -43.61
N SER I 701 25.11 3.47 -42.92
CA SER I 701 23.66 3.62 -42.84
C SER I 701 23.13 4.32 -44.08
N MET J 43 -25.89 23.20 -69.27
CA MET J 43 -25.65 23.81 -67.92
C MET J 43 -26.88 24.54 -67.39
N GLN J 44 -27.46 23.99 -66.34
CA GLN J 44 -28.57 24.65 -65.65
C GLN J 44 -28.63 24.22 -64.18
N MET J 45 -29.42 24.95 -63.41
CA MET J 45 -29.61 24.66 -61.99
C MET J 45 -30.38 23.35 -61.84
N THR J 46 -30.26 22.73 -60.67
CA THR J 46 -30.83 21.40 -60.44
C THR J 46 -32.35 21.43 -60.58
N LYS J 47 -32.93 20.26 -60.86
CA LYS J 47 -34.38 20.15 -61.03
C LYS J 47 -35.10 20.78 -59.84
N GLU J 48 -34.78 20.31 -58.64
CA GLU J 48 -35.43 20.75 -57.40
C GLU J 48 -35.33 22.26 -57.20
N ALA J 49 -34.21 22.85 -57.60
CA ALA J 49 -34.04 24.31 -57.57
C ALA J 49 -34.98 24.99 -58.55
N ARG J 50 -35.01 24.49 -59.78
CA ARG J 50 -35.80 25.09 -60.86
C ARG J 50 -37.31 25.06 -60.55
N GLU J 51 -37.79 23.97 -59.95
CA GLU J 51 -39.19 23.83 -59.57
C GLU J 51 -39.64 24.90 -58.57
N ILE J 52 -38.80 25.23 -57.59
CA ILE J 52 -39.10 26.29 -56.62
C ILE J 52 -39.05 27.68 -57.25
N ILE J 53 -38.07 27.91 -58.11
CA ILE J 53 -37.99 29.20 -58.82
C ILE J 53 -39.18 29.33 -59.78
N ALA J 54 -39.67 28.19 -60.26
CA ALA J 54 -40.88 28.17 -61.08
C ALA J 54 -42.10 28.63 -60.27
N HIS J 55 -42.31 28.01 -59.11
CA HIS J 55 -43.49 28.28 -58.27
C HIS J 55 -43.11 28.55 -56.81
N PRO J 56 -42.52 29.73 -56.54
CA PRO J 56 -41.99 30.01 -55.21
C PRO J 56 -43.08 30.34 -54.21
N LYS J 57 -43.06 29.68 -53.05
CA LYS J 57 -43.98 30.00 -51.96
C LYS J 57 -43.22 30.65 -50.80
N GLY J 58 -42.32 31.59 -51.13
CA GLY J 58 -41.48 32.27 -50.15
C GLY J 58 -42.16 33.47 -49.50
N THR J 59 -41.49 34.11 -48.55
CA THR J 59 -42.10 35.16 -47.72
C THR J 59 -41.51 36.58 -47.83
N LYS J 60 -40.40 36.73 -48.54
CA LYS J 60 -39.77 38.05 -48.67
C LYS J 60 -40.71 39.07 -49.29
N GLU J 61 -41.39 38.68 -50.37
CA GLU J 61 -42.30 39.58 -51.08
C GLU J 61 -43.62 39.76 -50.34
N SER J 62 -44.25 38.66 -49.94
CA SER J 62 -45.57 38.71 -49.29
C SER J 62 -45.54 39.30 -47.88
N ARG J 63 -44.52 38.94 -47.09
CA ARG J 63 -44.49 39.28 -45.66
C ARG J 63 -43.38 40.27 -45.25
N GLY J 64 -42.34 40.40 -46.08
CA GLY J 64 -41.20 41.26 -45.75
C GLY J 64 -40.17 40.55 -44.88
N VAL J 65 -40.19 39.22 -44.91
CA VAL J 65 -39.29 38.41 -44.09
C VAL J 65 -38.76 37.26 -44.93
N ILE J 66 -37.44 37.11 -44.95
CA ILE J 66 -36.81 36.07 -45.77
C ILE J 66 -36.88 34.70 -45.09
N SER J 67 -37.37 33.70 -45.82
CA SER J 67 -37.49 32.34 -45.33
C SER J 67 -36.86 31.36 -46.32
N LEU J 68 -36.97 30.06 -46.05
CA LEU J 68 -36.17 29.06 -46.76
C LEU J 68 -36.21 29.18 -48.28
N GLN J 69 -37.41 29.31 -48.83
CA GLN J 69 -37.59 29.27 -50.28
C GLN J 69 -37.03 30.51 -50.99
N ASP J 70 -36.96 31.63 -50.28
CA ASP J 70 -36.38 32.84 -50.82
C ASP J 70 -34.88 32.68 -51.05
N TYR J 71 -34.22 31.88 -50.22
CA TYR J 71 -32.80 31.60 -50.38
C TYR J 71 -32.53 30.74 -51.62
N ILE J 72 -33.38 29.76 -51.88
CA ILE J 72 -33.23 28.89 -53.05
C ILE J 72 -33.32 29.72 -54.34
N VAL J 73 -34.19 30.73 -54.31
CA VAL J 73 -34.46 31.59 -55.48
C VAL J 73 -33.34 32.58 -55.76
N GLU J 74 -32.86 33.25 -54.73
CA GLU J 74 -31.89 34.34 -54.88
C GLU J 74 -30.55 33.88 -55.45
N GLU J 75 -30.32 32.57 -55.46
CA GLU J 75 -29.06 32.03 -55.92
C GLU J 75 -28.91 32.12 -57.43
N GLN J 76 -30.04 32.09 -58.13
CA GLN J 76 -30.06 31.96 -59.59
C GLN J 76 -29.00 32.77 -60.32
N ALA J 77 -28.92 34.07 -60.03
CA ALA J 77 -27.99 34.96 -60.72
C ALA J 77 -26.53 34.49 -60.62
N MET J 78 -26.17 33.88 -59.50
CA MET J 78 -24.80 33.39 -59.27
C MET J 78 -24.44 32.23 -60.20
N TYR J 79 -25.34 31.25 -60.33
CA TYR J 79 -25.08 30.13 -61.22
C TYR J 79 -25.16 30.55 -62.68
N ASP J 80 -26.07 31.49 -62.96
CA ASP J 80 -26.18 32.09 -64.27
C ASP J 80 -24.81 32.64 -64.68
N TRP J 81 -24.27 33.52 -63.84
CA TRP J 81 -22.96 34.16 -64.04
C TRP J 81 -21.82 33.16 -64.19
N LEU J 82 -21.81 32.13 -63.37
CA LEU J 82 -20.75 31.12 -63.39
C LEU J 82 -20.80 30.23 -64.64
N PHE J 83 -21.98 30.10 -65.24
CA PHE J 83 -22.12 29.37 -66.50
C PHE J 83 -21.57 30.17 -67.68
N LYS J 84 -21.56 31.50 -67.55
CA LYS J 84 -21.00 32.39 -68.57
C LYS J 84 -19.51 32.71 -68.35
N ASN J 85 -19.04 32.71 -67.10
CA ASN J 85 -17.73 33.30 -66.77
C ASN J 85 -16.69 32.39 -66.12
N HIS J 86 -17.08 31.25 -65.58
CA HIS J 86 -16.09 30.41 -64.93
C HIS J 86 -15.10 29.88 -65.99
N PRO J 87 -13.78 29.96 -65.69
CA PRO J 87 -12.73 29.48 -66.60
C PRO J 87 -13.00 28.14 -67.27
N ILE J 88 -13.56 27.17 -66.54
CA ILE J 88 -13.98 25.90 -67.13
C ILE J 88 -14.76 26.09 -68.45
N PHE J 89 -15.52 27.17 -68.55
CA PHE J 89 -16.25 27.52 -69.77
C PHE J 89 -15.50 28.52 -70.67
N THR J 90 -14.85 29.50 -70.06
CA THR J 90 -14.19 30.58 -70.82
C THR J 90 -12.71 30.28 -71.18
N LYS J 91 -12.24 29.07 -70.88
CA LYS J 91 -10.87 28.68 -71.19
C LYS J 91 -10.71 27.22 -71.63
N TYR J 92 -11.58 26.34 -71.14
CA TYR J 92 -11.53 24.91 -71.51
C TYR J 92 -12.81 24.44 -72.22
N GLY J 93 -13.66 25.39 -72.61
CA GLY J 93 -14.85 25.11 -73.43
C GLY J 93 -15.78 24.01 -72.91
N GLY J 94 -15.96 23.95 -71.60
CA GLY J 94 -16.85 22.96 -71.00
C GLY J 94 -16.31 21.54 -70.88
N LYS J 95 -15.15 21.26 -71.50
CA LYS J 95 -14.61 19.90 -71.51
C LYS J 95 -13.79 19.60 -70.26
N THR J 96 -14.14 18.52 -69.59
CA THR J 96 -13.47 18.08 -68.37
C THR J 96 -13.27 16.56 -68.44
N VAL J 97 -12.37 16.04 -67.62
CA VAL J 97 -12.20 14.60 -67.49
C VAL J 97 -13.04 14.12 -66.30
N GLY J 98 -14.31 13.84 -66.58
CA GLY J 98 -15.31 13.51 -65.58
C GLY J 98 -16.54 14.37 -65.82
N LYS J 99 -17.70 13.85 -65.44
CA LYS J 99 -18.98 14.56 -65.61
C LYS J 99 -19.08 15.75 -64.65
N LEU J 100 -19.48 16.91 -65.17
CA LEU J 100 -19.85 18.06 -64.35
C LEU J 100 -21.25 17.84 -63.78
N VAL J 101 -21.37 17.85 -62.46
CA VAL J 101 -22.64 17.63 -61.78
C VAL J 101 -22.98 18.87 -60.95
N VAL J 102 -23.98 19.62 -61.37
CA VAL J 102 -24.37 20.83 -60.66
C VAL J 102 -25.04 20.45 -59.34
N LYS J 103 -24.81 21.26 -58.29
CA LYS J 103 -25.42 21.00 -56.99
C LYS J 103 -25.57 22.29 -56.18
N ASP J 104 -26.69 22.98 -56.42
CA ASP J 104 -26.99 24.28 -55.81
C ASP J 104 -27.83 24.09 -54.52
N ARG J 105 -28.34 25.19 -53.97
CA ARG J 105 -29.19 25.14 -52.77
C ARG J 105 -30.42 24.25 -52.91
N GLY J 106 -30.99 24.21 -54.11
CA GLY J 106 -32.13 23.36 -54.40
C GLY J 106 -31.94 21.90 -54.01
N GLU J 107 -30.71 21.40 -54.10
CA GLU J 107 -30.42 20.04 -53.64
C GLU J 107 -29.86 20.00 -52.22
N GLU J 108 -28.95 20.92 -51.90
CA GLU J 108 -28.27 20.89 -50.61
C GLU J 108 -29.22 21.25 -49.46
N TRP J 109 -29.89 22.39 -49.59
CA TRP J 109 -30.76 22.89 -48.53
C TRP J 109 -32.15 22.22 -48.49
N ILE J 110 -32.49 21.43 -49.51
CA ILE J 110 -33.85 20.86 -49.63
C ILE J 110 -33.90 19.34 -49.65
N GLU J 111 -33.18 18.72 -50.59
CA GLU J 111 -33.28 17.28 -50.83
C GLU J 111 -32.40 16.45 -49.89
N GLU J 112 -31.28 17.02 -49.41
CA GLU J 112 -30.36 16.26 -48.55
C GLU J 112 -31.02 15.75 -47.27
N GLY J 113 -30.46 14.68 -46.72
CA GLY J 113 -31.01 14.05 -45.53
C GLY J 113 -32.39 13.44 -45.73
N ARG J 114 -32.69 13.10 -46.99
CA ARG J 114 -34.02 12.66 -47.39
C ARG J 114 -35.11 13.63 -46.91
N GLY J 115 -34.83 14.92 -47.06
CA GLY J 115 -35.76 15.99 -46.68
C GLY J 115 -37.15 15.85 -47.28
N ASN J 116 -37.21 15.46 -48.55
CA ASN J 116 -38.49 15.28 -49.24
C ASN J 116 -39.29 14.13 -48.61
N ASP J 117 -38.59 13.05 -48.27
CA ASP J 117 -39.25 11.91 -47.64
C ASP J 117 -39.74 12.27 -46.21
N PHE J 118 -38.96 13.06 -45.49
CA PHE J 118 -39.38 13.57 -44.18
C PHE J 118 -40.66 14.36 -44.32
N SER J 119 -40.69 15.26 -45.30
CA SER J 119 -41.85 16.10 -45.58
C SER J 119 -43.09 15.25 -45.83
N LYS J 120 -42.96 14.26 -46.71
CA LYS J 120 -44.08 13.35 -47.02
C LYS J 120 -44.57 12.60 -45.79
N ALA J 121 -43.64 12.22 -44.92
CA ALA J 121 -43.97 11.55 -43.67
C ALA J 121 -44.61 12.48 -42.62
N SER J 122 -44.66 13.79 -42.90
CA SER J 122 -45.14 14.77 -41.94
C SER J 122 -46.47 15.37 -42.32
N LYS J 123 -47.25 15.75 -41.32
CA LYS J 123 -48.51 16.44 -41.50
C LYS J 123 -48.33 17.94 -41.77
N ARG J 124 -47.12 18.46 -41.57
CA ARG J 124 -46.85 19.85 -41.91
C ARG J 124 -47.12 20.10 -43.39
N SER J 125 -47.91 21.14 -43.66
CA SER J 125 -48.27 21.53 -45.03
C SER J 125 -48.87 20.37 -45.82
N GLY J 126 -49.63 19.52 -45.13
CA GLY J 126 -50.30 18.38 -45.74
C GLY J 126 -49.39 17.30 -46.30
N GLY J 127 -48.12 17.32 -45.90
CA GLY J 127 -47.11 16.44 -46.51
C GLY J 127 -46.56 16.92 -47.85
N GLU J 128 -46.89 18.15 -48.25
CA GLU J 128 -46.49 18.69 -49.55
C GLU J 128 -45.43 19.79 -49.42
N GLY J 129 -44.82 19.88 -48.24
CA GLY J 129 -43.87 20.94 -47.95
C GLY J 129 -42.43 20.54 -48.17
N PHE J 130 -41.53 21.44 -47.78
CA PHE J 130 -40.11 21.20 -47.84
C PHE J 130 -39.53 21.16 -46.43
N SER J 131 -38.57 20.26 -46.23
CA SER J 131 -37.83 20.18 -44.98
C SER J 131 -36.34 20.30 -45.27
N SER J 132 -35.72 21.32 -44.69
CA SER J 132 -34.27 21.50 -44.78
C SER J 132 -33.62 20.80 -43.61
N MET J 133 -33.01 19.66 -43.87
CA MET J 133 -32.61 18.76 -42.81
C MET J 133 -31.26 19.13 -42.19
N MET J 134 -30.35 19.66 -43.00
CA MET J 134 -28.97 19.86 -42.54
C MET J 134 -28.28 21.18 -42.97
N TYR J 135 -28.65 21.77 -44.10
CA TYR J 135 -27.93 22.92 -44.62
C TYR J 135 -28.88 24.09 -44.84
N ARG J 136 -28.67 25.15 -44.06
CA ARG J 136 -29.44 26.39 -44.18
C ARG J 136 -28.81 27.47 -43.30
N VAL J 137 -29.06 28.73 -43.63
CA VAL J 137 -28.59 29.85 -42.82
C VAL J 137 -29.73 30.45 -42.00
N ALA J 138 -29.37 31.32 -41.05
CA ALA J 138 -30.34 31.96 -40.15
C ALA J 138 -30.55 33.44 -40.45
N ARG J 139 -29.52 34.07 -41.00
CA ARG J 139 -29.56 35.48 -41.35
C ARG J 139 -29.24 35.56 -42.84
N ASN J 140 -28.99 36.75 -43.37
CA ASN J 140 -28.72 36.86 -44.79
C ASN J 140 -27.54 36.01 -45.25
N SER J 141 -27.65 35.51 -46.48
CA SER J 141 -26.57 34.79 -47.11
C SER J 141 -25.56 35.77 -47.67
N THR J 142 -24.45 35.23 -48.16
CA THR J 142 -23.39 36.03 -48.76
C THR J 142 -23.80 36.72 -50.07
N LEU J 143 -25.00 36.46 -50.57
CA LEU J 143 -25.50 37.08 -51.80
C LEU J 143 -26.21 38.41 -51.60
N GLN J 144 -26.38 38.83 -50.33
CA GLN J 144 -27.04 40.11 -50.02
C GLN J 144 -26.02 41.19 -49.71
N TYR J 145 -26.11 42.30 -50.45
CA TYR J 145 -25.29 43.47 -50.17
C TYR J 145 -26.16 44.73 -50.17
N PRO J 146 -25.87 45.68 -49.24
CA PRO J 146 -24.80 45.60 -48.25
C PRO J 146 -25.18 44.72 -47.05
N ASN J 147 -24.20 44.47 -46.19
CA ASN J 147 -24.43 43.76 -44.94
C ASN J 147 -23.90 44.58 -43.78
N LYS J 148 -24.23 44.18 -42.56
CA LYS J 148 -23.86 44.95 -41.37
C LYS J 148 -22.67 44.35 -40.60
N PHE J 149 -21.90 43.48 -41.24
CA PHE J 149 -20.71 42.92 -40.61
C PHE J 149 -19.67 44.01 -40.44
N ILE J 150 -19.06 44.06 -39.25
CA ILE J 150 -17.95 44.97 -38.98
C ILE J 150 -16.62 44.24 -38.77
N GLY J 151 -16.68 42.92 -38.61
CA GLY J 151 -15.47 42.11 -38.51
C GLY J 151 -15.09 41.82 -37.07
N PRO J 152 -14.46 40.66 -36.84
CA PRO J 152 -14.14 40.24 -35.47
C PRO J 152 -13.20 41.20 -34.75
N GLU J 153 -12.26 41.77 -35.49
CA GLU J 153 -11.32 42.74 -34.95
C GLU J 153 -12.07 43.88 -34.26
N LYS J 154 -13.23 44.24 -34.77
CA LYS J 154 -14.00 45.33 -34.18
C LYS J 154 -14.76 44.94 -32.91
N CYS J 155 -15.32 43.73 -32.86
CA CYS J 155 -15.84 43.22 -31.57
C CYS J 155 -14.70 43.13 -30.57
N GLY J 156 -13.51 42.73 -31.05
CA GLY J 156 -12.35 42.56 -30.21
C GLY J 156 -11.85 43.84 -29.54
N GLU J 157 -12.17 44.99 -30.11
CA GLU J 157 -11.79 46.27 -29.51
C GLU J 157 -12.42 46.44 -28.14
N CYS J 158 -13.65 45.94 -27.98
CA CYS J 158 -14.39 46.01 -26.73
C CYS J 158 -14.38 44.72 -25.93
N HIS J 159 -14.14 43.60 -26.63
CA HIS J 159 -14.11 42.29 -26.01
C HIS J 159 -12.76 41.64 -26.29
N PRO J 160 -11.66 42.26 -25.82
CA PRO J 160 -10.33 41.72 -26.06
C PRO J 160 -10.11 40.30 -25.51
N ALA J 161 -10.75 39.98 -24.39
CA ALA J 161 -10.61 38.66 -23.77
C ALA J 161 -11.11 37.57 -24.71
N GLN J 162 -12.36 37.66 -25.12
CA GLN J 162 -12.96 36.64 -25.97
C GLN J 162 -12.30 36.60 -27.34
N TYR J 163 -11.88 37.77 -27.83
CA TYR J 163 -11.16 37.79 -29.09
C TYR J 163 -9.91 36.93 -29.02
N GLU J 164 -9.17 37.00 -27.90
CA GLU J 164 -7.96 36.19 -27.77
C GLU J 164 -8.24 34.69 -27.83
N THR J 165 -9.18 34.20 -27.04
CA THR J 165 -9.46 32.75 -27.01
C THR J 165 -10.03 32.28 -28.34
N TRP J 166 -10.98 33.02 -28.87
CA TRP J 166 -11.53 32.72 -30.20
C TRP J 166 -10.45 32.67 -31.29
N SER J 167 -9.55 33.66 -31.27
CA SER J 167 -8.55 33.80 -32.34
C SER J 167 -7.50 32.69 -32.35
N ARG J 168 -7.35 31.96 -31.24
CA ARG J 168 -6.51 30.76 -31.24
C ARG J 168 -7.36 29.47 -31.32
N SER J 169 -8.40 29.51 -32.15
CA SER J 169 -9.23 28.36 -32.40
C SER J 169 -9.36 28.14 -33.90
N ARG J 170 -9.68 26.90 -34.27
CA ARG J 170 -9.90 26.55 -35.68
C ARG J 170 -11.18 27.14 -36.26
N HIS J 171 -12.09 27.61 -35.40
CA HIS J 171 -13.23 28.43 -35.85
C HIS J 171 -12.72 29.67 -36.57
N ALA J 172 -11.71 30.31 -35.99
CA ALA J 172 -11.19 31.57 -36.49
C ALA J 172 -10.36 31.44 -37.77
N THR J 173 -9.72 30.29 -37.97
CA THR J 173 -8.76 30.11 -39.06
C THR J 173 -9.14 29.01 -40.05
N THR J 174 -10.37 28.52 -40.00
CA THR J 174 -10.83 27.51 -40.96
C THR J 174 -10.80 28.03 -42.39
N ILE J 175 -10.98 29.34 -42.55
CA ILE J 175 -10.82 30.00 -43.85
C ILE J 175 -9.56 30.85 -43.82
N ARG J 176 -8.62 30.58 -44.72
CA ARG J 176 -7.40 31.36 -44.79
C ARG J 176 -6.97 31.67 -46.21
N PHE J 177 -6.32 32.81 -46.38
CA PHE J 177 -5.79 33.22 -47.68
C PHE J 177 -4.36 32.72 -47.85
N PRO J 178 -3.92 32.59 -49.12
CA PRO J 178 -2.50 32.34 -49.39
C PRO J 178 -1.57 33.30 -48.66
N GLY J 179 -0.55 32.76 -48.00
CA GLY J 179 0.36 33.56 -47.18
C GLY J 179 0.05 33.55 -45.70
N GLU J 180 -1.02 32.84 -45.31
CA GLU J 180 -1.37 32.66 -43.90
C GLU J 180 -1.29 31.19 -43.49
N HIS J 181 -0.25 30.50 -43.96
CA HIS J 181 -0.04 29.09 -43.64
C HIS J 181 1.39 28.83 -43.18
N PRO J 182 1.78 29.44 -42.05
CA PRO J 182 3.14 29.20 -41.56
C PRO J 182 3.44 27.73 -41.21
N GLU J 183 2.40 26.93 -41.00
CA GLU J 183 2.56 25.50 -40.67
C GLU J 183 3.09 24.64 -41.83
N VAL J 184 3.05 25.17 -43.05
CA VAL J 184 3.72 24.52 -44.19
C VAL J 184 4.74 25.47 -44.84
N ASN J 185 5.23 26.43 -44.04
CA ASN J 185 6.10 27.51 -44.51
C ASN J 185 5.55 28.22 -45.75
N ASN J 186 4.22 28.31 -45.83
CA ASN J 186 3.51 28.91 -46.98
C ASN J 186 3.85 28.28 -48.34
N LYS J 187 4.20 27.01 -48.31
CA LYS J 187 4.48 26.23 -49.51
C LYS J 187 3.27 25.35 -49.77
N LEU J 188 2.27 25.93 -50.44
CA LEU J 188 1.02 25.22 -50.73
C LEU J 188 1.14 24.29 -51.94
N ASN J 189 2.28 24.30 -52.62
CA ASN J 189 2.51 23.43 -53.78
C ASN J 189 3.57 22.34 -53.55
N ASP J 190 4.24 22.37 -52.40
CA ASP J 190 5.26 21.37 -52.11
C ASP J 190 4.73 20.30 -51.16
N PRO J 191 5.18 19.03 -51.34
CA PRO J 191 4.82 17.99 -50.39
C PRO J 191 4.87 18.49 -48.95
N VAL J 192 3.85 18.15 -48.15
CA VAL J 192 3.82 18.53 -46.74
C VAL J 192 4.73 17.63 -45.92
N PHE J 193 4.48 16.33 -45.98
CA PHE J 193 5.23 15.34 -45.20
C PHE J 193 6.30 14.67 -46.09
N ASP J 194 6.22 13.35 -46.27
CA ASP J 194 7.19 12.64 -47.14
C ASP J 194 7.22 13.22 -48.55
N LYS J 195 8.35 13.03 -49.23
CA LYS J 195 8.60 13.62 -50.56
C LYS J 195 7.66 13.09 -51.64
N ASP J 196 7.25 11.83 -51.52
CA ASP J 196 6.35 11.21 -52.50
C ASP J 196 4.86 11.43 -52.20
N THR J 197 4.54 12.20 -51.17
CA THR J 197 3.14 12.46 -50.79
C THR J 197 2.73 13.89 -51.13
N ALA J 198 1.44 14.19 -50.99
CA ALA J 198 0.83 15.37 -51.62
C ALA J 198 1.11 16.73 -50.97
N SER J 199 0.87 17.77 -51.75
CA SER J 199 0.85 19.14 -51.25
C SER J 199 -0.61 19.55 -51.05
N ILE J 200 -0.81 20.71 -50.41
CA ILE J 200 -2.17 21.17 -50.05
C ILE J 200 -2.99 21.47 -51.30
N LEU J 201 -2.44 22.29 -52.19
CA LEU J 201 -3.07 22.53 -53.48
C LEU J 201 -2.69 21.43 -54.45
N PRO J 202 -3.62 21.00 -55.29
CA PRO J 202 -3.30 19.95 -56.25
C PRO J 202 -2.58 20.47 -57.48
N GLN J 203 -2.26 19.54 -58.38
CA GLN J 203 -1.54 19.81 -59.62
C GLN J 203 -2.23 20.87 -60.48
N GLY J 204 -1.49 21.90 -60.84
CA GLY J 204 -2.01 22.93 -61.74
C GLY J 204 -2.84 24.01 -61.08
N ILE J 205 -2.84 24.04 -59.76
CA ILE J 205 -3.57 25.04 -58.99
C ILE J 205 -2.56 25.85 -58.17
N THR J 206 -2.49 27.15 -58.44
CA THR J 206 -1.48 28.02 -57.86
C THR J 206 -2.13 29.06 -56.95
N PRO J 207 -1.38 29.53 -55.92
CA PRO J 207 -1.84 30.52 -54.95
C PRO J 207 -2.60 31.72 -55.52
N ASP J 208 -2.14 32.27 -56.64
CA ASP J 208 -2.72 33.49 -57.19
C ASP J 208 -4.14 33.30 -57.79
N VAL J 209 -4.53 32.06 -58.07
CA VAL J 209 -5.89 31.77 -58.56
C VAL J 209 -6.80 31.14 -57.50
N VAL J 210 -6.32 31.09 -56.25
CA VAL J 210 -7.06 30.54 -55.14
C VAL J 210 -7.51 31.69 -54.23
N TYR J 211 -8.80 31.73 -53.92
CA TYR J 211 -9.32 32.74 -53.01
C TYR J 211 -8.89 32.42 -51.58
N CYS J 212 -9.04 31.17 -51.19
CA CYS J 212 -8.79 30.78 -49.81
C CYS J 212 -8.65 29.28 -49.72
N THR J 213 -8.00 28.83 -48.65
CA THR J 213 -8.08 27.44 -48.27
C THR J 213 -9.17 27.27 -47.21
N VAL J 214 -9.54 26.02 -47.01
CA VAL J 214 -10.48 25.63 -45.98
C VAL J 214 -9.81 24.50 -45.24
N GLY J 215 -9.79 24.58 -43.91
CA GLY J 215 -9.31 23.48 -43.11
C GLY J 215 -7.99 23.73 -42.44
N HIS J 216 -7.39 22.65 -41.94
CA HIS J 216 -6.17 22.71 -41.16
C HIS J 216 -5.39 21.41 -41.37
N ILE J 217 -4.15 21.40 -40.91
CA ILE J 217 -3.37 20.15 -40.83
C ILE J 217 -4.14 19.09 -40.05
N ARG J 218 -4.79 19.52 -38.96
CA ARG J 218 -5.65 18.67 -38.13
C ARG J 218 -6.28 17.48 -38.88
N THR J 219 -7.02 17.74 -39.96
CA THR J 219 -7.63 16.65 -40.71
C THR J 219 -7.39 16.69 -42.21
N LYS J 220 -7.74 17.81 -42.83
CA LYS J 220 -7.76 17.89 -44.27
C LYS J 220 -7.86 19.33 -44.72
N PHE J 221 -7.54 19.57 -45.99
CA PHE J 221 -7.69 20.88 -46.59
C PHE J 221 -8.58 20.78 -47.83
N GLY J 222 -9.02 21.94 -48.29
CA GLY J 222 -9.72 22.09 -49.54
C GLY J 222 -9.46 23.52 -49.98
N PHE J 223 -9.94 23.89 -51.16
CA PHE J 223 -9.70 25.23 -51.67
C PHE J 223 -10.89 25.74 -52.47
N PHE J 224 -11.02 27.05 -52.52
CA PHE J 224 -11.94 27.72 -53.42
C PHE J 224 -11.11 28.51 -54.42
N ASP J 225 -11.49 28.47 -55.69
CA ASP J 225 -10.79 29.25 -56.69
C ASP J 225 -11.23 30.71 -56.61
N ALA J 226 -10.61 31.57 -57.41
CA ALA J 226 -10.89 33.00 -57.38
C ALA J 226 -12.29 33.37 -57.88
N TRP J 227 -13.03 32.40 -58.43
CA TRP J 227 -14.41 32.61 -58.87
C TRP J 227 -15.40 32.09 -57.82
N LEU J 228 -14.86 31.69 -56.67
CA LEU J 228 -15.62 31.15 -55.55
C LEU J 228 -16.35 29.87 -55.92
N LEU J 229 -15.75 29.07 -56.80
CA LEU J 229 -16.23 27.73 -57.04
C LEU J 229 -15.45 26.77 -56.16
N ARG J 230 -16.17 25.77 -55.69
CA ARG J 230 -15.58 24.71 -54.91
C ARG J 230 -14.53 23.95 -55.73
N GLY J 231 -13.31 23.90 -55.20
CA GLY J 231 -12.19 23.21 -55.84
C GLY J 231 -12.36 21.70 -55.84
N THR J 232 -13.18 21.23 -56.78
CA THR J 232 -13.45 19.80 -56.97
C THR J 232 -12.59 19.17 -58.08
N TYR J 233 -11.44 19.77 -58.36
CA TYR J 233 -10.69 19.42 -59.57
C TYR J 233 -9.22 19.82 -59.48
N HIS J 234 -8.43 19.27 -60.40
CA HIS J 234 -7.05 19.72 -60.62
C HIS J 234 -6.79 19.83 -62.12
N VAL J 235 -5.56 20.19 -62.49
CA VAL J 235 -5.20 20.39 -63.89
C VAL J 235 -3.97 19.57 -64.27
N GLU J 236 -4.15 18.61 -65.18
CA GLU J 236 -3.05 17.82 -65.73
C GLU J 236 -2.28 18.63 -66.77
N GLY J 237 -0.96 18.69 -66.61
CA GLY J 237 -0.07 19.30 -67.59
C GLY J 237 -0.45 20.69 -68.03
N GLY J 238 -0.44 21.63 -67.09
CA GLY J 238 -0.82 23.01 -67.35
C GLY J 238 -1.25 23.71 -66.08
N LEU J 239 -1.56 25.01 -66.19
CA LEU J 239 -2.06 25.80 -65.08
C LEU J 239 -3.46 26.31 -65.35
N LEU J 240 -4.27 26.35 -64.31
CA LEU J 240 -5.57 27.02 -64.36
C LEU J 240 -5.38 28.50 -64.67
N LYS J 241 -4.33 29.08 -64.09
CA LYS J 241 -3.95 30.49 -64.28
C LYS J 241 -3.94 30.97 -65.73
N ASN J 242 -3.61 30.07 -66.67
CA ASN J 242 -3.50 30.45 -68.09
C ASN J 242 -4.32 29.56 -69.04
N GLY J 243 -5.30 28.84 -68.51
CA GLY J 243 -6.18 28.02 -69.34
C GLY J 243 -5.49 26.86 -70.05
N THR J 244 -4.29 26.52 -69.59
CA THR J 244 -3.51 25.48 -70.23
C THR J 244 -3.75 24.18 -69.50
N GLY J 245 -3.53 23.06 -70.19
CA GLY J 245 -3.74 21.75 -69.61
C GLY J 245 -5.19 21.30 -69.73
N GLN J 246 -5.58 20.40 -68.83
CA GLN J 246 -6.83 19.66 -68.94
C GLN J 246 -7.51 19.58 -67.56
N ILE J 247 -8.76 20.03 -67.47
CA ILE J 247 -9.52 19.97 -66.21
C ILE J 247 -9.88 18.52 -65.90
N VAL J 248 -9.41 18.04 -64.74
CA VAL J 248 -9.65 16.66 -64.33
C VAL J 248 -10.41 16.59 -63.00
N ALA J 249 -11.34 15.66 -62.92
CA ALA J 249 -12.19 15.51 -61.73
C ALA J 249 -11.42 14.82 -60.61
N GLY J 250 -11.52 15.37 -59.40
CA GLY J 250 -11.00 14.71 -58.20
C GLY J 250 -9.59 15.11 -57.82
N GLY J 251 -8.93 14.25 -57.05
CA GLY J 251 -7.59 14.53 -56.49
C GLY J 251 -7.46 15.96 -55.99
N ASN J 252 -8.51 16.43 -55.31
CA ASN J 252 -8.70 17.85 -55.00
C ASN J 252 -8.57 18.19 -53.51
N GLN J 253 -8.56 17.17 -52.66
CA GLN J 253 -8.63 17.36 -51.21
C GLN J 253 -7.44 16.74 -50.53
N TRP J 254 -6.62 17.59 -49.91
CA TRP J 254 -5.49 17.12 -49.16
C TRP J 254 -5.97 16.42 -47.88
N GLN J 255 -5.37 15.26 -47.57
CA GLN J 255 -5.79 14.47 -46.42
C GLN J 255 -4.61 14.11 -45.54
N ARG J 256 -4.63 14.60 -44.30
CA ARG J 256 -3.51 14.43 -43.39
C ARG J 256 -3.22 12.96 -43.12
N THR J 257 -4.27 12.20 -42.83
CA THR J 257 -4.06 10.83 -42.36
C THR J 257 -3.44 9.98 -43.48
N TRP J 258 -3.94 10.14 -44.70
CA TRP J 258 -3.43 9.39 -45.86
C TRP J 258 -2.01 9.81 -46.19
N ALA J 259 -1.75 11.12 -46.14
CA ALA J 259 -0.44 11.67 -46.46
C ALA J 259 0.64 11.31 -45.43
N LEU J 260 0.22 11.16 -44.17
CA LEU J 260 1.16 11.00 -43.06
C LEU J 260 1.16 9.61 -42.47
N ASN J 261 -0.01 9.14 -42.06
CA ASN J 261 -0.12 7.93 -41.23
C ASN J 261 -0.34 6.66 -42.02
N LEU J 262 -1.09 6.77 -43.12
CA LEU J 262 -1.42 5.61 -43.95
C LEU J 262 -0.43 5.44 -45.08
N SER J 263 0.74 4.92 -44.73
CA SER J 263 1.73 4.52 -45.72
C SER J 263 1.31 3.18 -46.30
N PRO J 264 1.82 2.83 -47.49
CA PRO J 264 1.63 1.47 -48.01
C PRO J 264 2.04 0.41 -46.98
N GLU J 265 3.12 0.68 -46.23
CA GLU J 265 3.60 -0.22 -45.18
C GLU J 265 2.51 -0.52 -44.15
N VAL J 266 1.86 0.53 -43.66
CA VAL J 266 0.76 0.39 -42.71
C VAL J 266 -0.48 -0.19 -43.38
N ALA J 267 -0.75 0.22 -44.63
CA ALA J 267 -1.85 -0.36 -45.39
C ALA J 267 -1.73 -1.88 -45.50
N LYS J 268 -0.50 -2.35 -45.69
CA LYS J 268 -0.22 -3.79 -45.75
C LYS J 268 -0.44 -4.46 -44.40
N LYS J 269 -0.11 -3.77 -43.31
CA LYS J 269 -0.37 -4.30 -41.97
C LYS J 269 -1.88 -4.53 -41.76
N ILE J 270 -2.68 -3.58 -42.25
CA ILE J 270 -4.13 -3.64 -42.14
C ILE J 270 -4.70 -4.75 -43.03
N LYS J 271 -4.11 -4.90 -44.21
CA LYS J 271 -4.60 -5.88 -45.19
C LYS J 271 -4.57 -7.32 -44.68
N LYS J 272 -3.63 -7.63 -43.79
CA LYS J 272 -3.60 -8.93 -43.11
C LYS J 272 -4.92 -9.25 -42.43
N TRP J 273 -5.50 -8.21 -41.83
CA TRP J 273 -6.74 -8.31 -41.06
C TRP J 273 -7.95 -8.11 -41.97
N VAL J 274 -7.92 -7.06 -42.78
CA VAL J 274 -9.01 -6.73 -43.70
C VAL J 274 -8.52 -6.96 -45.14
N PRO J 275 -8.81 -8.15 -45.71
CA PRO J 275 -8.28 -8.55 -47.01
C PRO J 275 -8.58 -7.60 -48.18
N ASP J 276 -9.70 -6.89 -48.13
CA ASP J 276 -10.09 -6.00 -49.22
C ASP J 276 -9.50 -4.59 -49.07
N PHE J 277 -8.63 -4.40 -48.07
CA PHE J 277 -8.06 -3.08 -47.80
C PHE J 277 -7.05 -2.66 -48.88
N PRO J 278 -7.26 -1.47 -49.47
CA PRO J 278 -6.41 -1.01 -50.57
C PRO J 278 -5.00 -0.58 -50.10
N VAL J 279 -3.97 -1.05 -50.79
CA VAL J 279 -2.58 -0.77 -50.44
C VAL J 279 -1.89 0.12 -51.47
N THR J 280 -1.93 -0.29 -52.74
CA THR J 280 -1.33 0.52 -53.80
C THR J 280 -2.24 1.70 -54.11
N LEU J 281 -1.69 2.69 -54.79
CA LEU J 281 -2.45 3.89 -55.14
C LEU J 281 -3.66 3.57 -56.00
N GLU J 282 -3.49 2.67 -56.98
CA GLU J 282 -4.55 2.37 -57.95
C GLU J 282 -5.76 1.73 -57.27
N GLU J 283 -5.51 0.95 -56.22
CA GLU J 283 -6.57 0.25 -55.48
C GLU J 283 -7.50 1.17 -54.68
N TYR J 284 -7.16 2.45 -54.56
CA TYR J 284 -8.04 3.45 -53.95
C TYR J 284 -9.08 3.95 -54.95
N GLY J 285 -8.87 3.64 -56.23
CA GLY J 285 -9.89 3.85 -57.26
C GLY J 285 -10.39 5.28 -57.34
N ASP J 286 -11.71 5.41 -57.51
CA ASP J 286 -12.39 6.71 -57.62
C ASP J 286 -12.09 7.66 -56.47
N ASN J 287 -11.96 7.09 -55.28
CA ASN J 287 -11.73 7.86 -54.06
C ASN J 287 -10.31 8.42 -54.04
N GLY J 288 -9.38 7.72 -54.67
CA GLY J 288 -7.98 8.14 -54.72
C GLY J 288 -7.74 9.25 -55.71
N GLY J 289 -6.51 9.32 -56.22
CA GLY J 289 -6.12 10.34 -57.17
C GLY J 289 -4.80 9.98 -57.85
N TYR J 290 -3.92 10.98 -58.00
CA TYR J 290 -2.64 10.79 -58.67
C TYR J 290 -1.45 10.71 -57.70
N VAL J 291 -1.63 11.18 -56.47
CA VAL J 291 -0.58 11.15 -55.45
C VAL J 291 -1.19 10.88 -54.07
N ARG J 292 -0.52 10.04 -53.27
CA ARG J 292 -1.00 9.72 -51.93
C ARG J 292 -1.08 10.98 -51.06
N GLY J 293 -2.29 11.34 -50.67
CA GLY J 293 -2.54 12.53 -49.86
C GLY J 293 -3.54 13.49 -50.50
N LEU J 294 -3.79 13.32 -51.80
CA LEU J 294 -4.83 14.08 -52.49
C LEU J 294 -5.92 13.16 -52.98
N ALA J 295 -6.93 12.97 -52.13
CA ALA J 295 -8.09 12.15 -52.46
C ALA J 295 -9.11 12.97 -53.23
N SER J 296 -10.08 12.27 -53.80
CA SER J 296 -11.19 12.89 -54.49
C SER J 296 -12.37 13.01 -53.52
N TYR J 297 -12.89 14.23 -53.36
CA TYR J 297 -14.02 14.51 -52.47
C TYR J 297 -14.99 15.43 -53.19
N ALA J 298 -16.28 15.15 -53.08
CA ALA J 298 -17.32 15.78 -53.90
C ALA J 298 -16.95 15.62 -55.38
N ALA J 299 -16.46 14.42 -55.70
CA ALA J 299 -15.88 14.11 -56.98
C ALA J 299 -15.37 12.69 -56.91
N LYS J 300 -15.34 12.02 -58.06
CA LYS J 300 -14.65 10.74 -58.21
C LYS J 300 -13.53 10.94 -59.23
N TYR J 301 -12.40 10.27 -58.99
CA TYR J 301 -11.21 10.51 -59.80
C TYR J 301 -11.44 10.18 -61.28
N LYS J 302 -11.38 11.21 -62.11
CA LYS J 302 -11.55 11.12 -63.57
C LYS J 302 -12.93 10.65 -64.06
N LYS J 303 -13.95 10.74 -63.20
CA LYS J 303 -15.30 10.25 -63.57
C LYS J 303 -16.44 11.24 -63.34
N SER J 304 -16.43 11.96 -62.22
CA SER J 304 -17.42 13.02 -61.97
C SER J 304 -16.93 14.03 -60.93
N MET J 305 -17.48 15.23 -60.98
CA MET J 305 -17.12 16.30 -60.04
C MET J 305 -18.30 17.27 -59.84
N SER J 306 -18.48 17.71 -58.60
CA SER J 306 -19.52 18.69 -58.30
C SER J 306 -19.14 20.07 -58.82
N PHE J 307 -20.07 20.71 -59.52
CA PHE J 307 -19.95 22.12 -59.87
C PHE J 307 -20.82 22.87 -58.85
N GLN J 308 -20.17 23.61 -57.95
CA GLN J 308 -20.86 24.22 -56.82
C GLN J 308 -20.20 25.52 -56.33
N ALA J 309 -21.00 26.59 -56.28
CA ALA J 309 -20.55 27.85 -55.71
C ALA J 309 -20.53 27.80 -54.18
N SER J 310 -19.72 28.65 -53.57
CA SER J 310 -19.65 28.78 -52.12
C SER J 310 -21.03 28.99 -51.48
N THR J 311 -21.86 29.77 -52.17
CA THR J 311 -23.19 30.17 -51.70
C THR J 311 -24.19 29.02 -51.46
N SER J 312 -23.93 27.86 -52.07
CA SER J 312 -24.86 26.74 -52.02
C SER J 312 -24.64 25.81 -50.84
N TYR J 313 -23.51 25.96 -50.15
CA TYR J 313 -23.10 24.93 -49.22
C TYR J 313 -22.05 25.44 -48.22
N CYS J 314 -20.82 25.64 -48.64
CA CYS J 314 -19.76 26.02 -47.70
C CYS J 314 -20.08 27.28 -46.90
N GLU J 315 -20.88 28.18 -47.45
CA GLU J 315 -21.18 29.43 -46.74
C GLU J 315 -22.04 29.20 -45.51
N VAL J 316 -22.64 28.01 -45.40
CA VAL J 316 -23.38 27.66 -44.20
C VAL J 316 -22.44 27.49 -43.01
N CYS J 317 -21.37 26.71 -43.18
CA CYS J 317 -20.50 26.30 -42.06
C CYS J 317 -19.03 26.76 -42.11
N HIS J 318 -18.51 27.09 -43.28
CA HIS J 318 -17.19 27.68 -43.40
C HIS J 318 -17.33 29.01 -44.12
N PRO J 319 -18.08 29.95 -43.53
CA PRO J 319 -18.41 31.15 -44.28
C PRO J 319 -17.32 32.19 -44.36
N TRP J 320 -17.60 33.24 -45.12
CA TRP J 320 -16.87 34.49 -45.08
C TRP J 320 -17.88 35.57 -45.44
N LYS J 321 -17.50 36.84 -45.27
CA LYS J 321 -18.36 37.95 -45.68
C LYS J 321 -17.52 39.05 -46.31
N PHE J 322 -18.06 39.69 -47.35
CA PHE J 322 -17.39 40.80 -48.01
C PHE J 322 -18.01 42.14 -47.62
N ASP J 323 -17.25 43.21 -47.81
CA ASP J 323 -17.68 44.55 -47.39
C ASP J 323 -18.33 45.40 -48.51
N PHE J 324 -18.69 44.75 -49.62
CA PHE J 324 -19.20 45.48 -50.79
C PHE J 324 -20.53 46.20 -50.52
N LYS J 325 -20.64 47.41 -51.07
CA LYS J 325 -21.83 48.26 -50.91
C LYS J 325 -23.03 47.77 -51.72
N ASN J 326 -22.79 46.96 -52.74
CA ASN J 326 -23.85 46.38 -53.57
C ASN J 326 -23.34 45.20 -54.41
N GLU J 327 -24.28 44.45 -54.97
CA GLU J 327 -23.94 43.25 -55.75
C GLU J 327 -23.06 43.50 -56.99
N SER J 328 -23.12 44.70 -57.57
CA SER J 328 -22.26 45.01 -58.72
C SER J 328 -20.80 44.95 -58.31
N GLU J 329 -20.45 45.71 -57.28
CA GLU J 329 -19.10 45.71 -56.73
C GLU J 329 -18.59 44.30 -56.51
N PHE J 330 -19.46 43.43 -56.01
CA PHE J 330 -19.13 42.03 -55.75
C PHE J 330 -18.84 41.27 -57.04
N TYR J 331 -19.68 41.46 -58.06
CA TYR J 331 -19.50 40.73 -59.31
C TYR J 331 -18.27 41.17 -60.12
N ALA J 332 -17.95 42.47 -60.06
CA ALA J 332 -16.72 42.98 -60.68
C ALA J 332 -15.47 42.35 -60.09
N ALA J 333 -15.43 42.25 -58.76
CA ALA J 333 -14.28 41.66 -58.06
C ALA J 333 -14.23 40.14 -58.17
N LEU J 334 -15.35 39.52 -58.56
CA LEU J 334 -15.42 38.07 -58.69
C LEU J 334 -14.51 37.59 -59.84
N GLY J 335 -13.70 36.58 -59.57
CA GLY J 335 -12.64 36.16 -60.49
C GLY J 335 -11.27 36.73 -60.15
N ASN J 336 -11.24 37.72 -59.25
CA ASN J 336 -9.98 38.35 -58.82
C ASN J 336 -9.72 38.09 -57.33
N ALA J 337 -8.97 37.02 -57.05
CA ALA J 337 -8.71 36.59 -55.68
C ALA J 337 -8.25 37.73 -54.77
N LYS J 338 -7.32 38.54 -55.27
CA LYS J 338 -6.72 39.61 -54.47
C LYS J 338 -7.67 40.76 -54.15
N GLU J 339 -8.67 40.99 -54.99
CA GLU J 339 -9.69 42.00 -54.71
C GLU J 339 -10.70 41.46 -53.69
N LEU J 340 -11.17 40.24 -53.93
CA LEU J 340 -12.05 39.56 -52.98
C LEU J 340 -11.44 39.51 -51.59
N GLN J 341 -10.16 39.13 -51.53
CA GLN J 341 -9.42 39.10 -50.27
C GLN J 341 -9.34 40.46 -49.60
N LYS J 342 -9.05 41.50 -50.37
CA LYS J 342 -8.98 42.87 -49.83
C LYS J 342 -10.31 43.31 -49.24
N HIS J 343 -11.41 42.86 -49.85
CA HIS J 343 -12.76 43.27 -49.45
C HIS J 343 -13.44 42.30 -48.46
N THR J 344 -12.71 41.30 -47.99
CA THR J 344 -13.23 40.34 -47.01
C THR J 344 -13.20 40.95 -45.61
N ILE J 345 -14.38 41.15 -45.03
CA ILE J 345 -14.51 41.77 -43.70
C ILE J 345 -14.63 40.73 -42.57
N SER J 346 -14.89 39.48 -42.92
CA SER J 346 -14.96 38.39 -41.94
C SER J 346 -14.61 37.05 -42.61
N LYS J 347 -13.78 36.27 -41.92
CA LYS J 347 -13.41 34.93 -42.40
C LYS J 347 -13.77 33.86 -41.39
N GLY J 348 -14.17 32.71 -41.91
CA GLY J 348 -14.52 31.57 -41.07
C GLY J 348 -15.60 31.90 -40.06
N VAL J 349 -15.59 31.15 -38.96
CA VAL J 349 -16.64 31.24 -37.97
C VAL J 349 -16.25 32.34 -36.98
N SER J 350 -16.51 33.57 -37.38
CA SER J 350 -16.16 34.72 -36.58
C SER J 350 -17.26 35.02 -35.58
N CYS J 351 -17.03 36.03 -34.73
CA CYS J 351 -18.01 36.46 -33.74
C CYS J 351 -19.40 36.60 -34.34
N GLU J 352 -19.47 37.30 -35.46
CA GLU J 352 -20.75 37.71 -36.03
C GLU J 352 -21.48 36.57 -36.74
N GLU J 353 -20.76 35.50 -37.08
CA GLU J 353 -21.42 34.30 -37.60
C GLU J 353 -22.28 33.66 -36.50
N CYS J 354 -21.75 33.61 -35.28
CA CYS J 354 -22.52 33.09 -34.14
C CYS J 354 -23.47 34.11 -33.53
N HIS J 355 -23.00 35.36 -33.45
CA HIS J 355 -23.69 36.40 -32.68
C HIS J 355 -24.51 37.39 -33.50
N GLY J 356 -24.48 37.26 -34.83
CA GLY J 356 -25.19 38.20 -35.70
C GLY J 356 -24.35 39.40 -36.09
N ALA J 357 -24.58 39.90 -37.30
CA ALA J 357 -23.80 41.00 -37.84
C ALA J 357 -24.00 42.24 -36.99
N GLY J 358 -22.89 42.86 -36.59
CA GLY J 358 -22.92 44.00 -35.68
C GLY J 358 -23.39 43.67 -34.28
N GLY J 359 -23.53 42.38 -33.97
CA GLY J 359 -24.03 41.92 -32.67
C GLY J 359 -25.14 42.78 -32.10
N HIS J 360 -24.91 43.31 -30.90
CA HIS J 360 -25.88 44.17 -30.18
C HIS J 360 -25.70 45.65 -30.50
N LEU J 361 -24.79 46.00 -31.41
CA LEU J 361 -24.47 47.40 -31.65
C LEU J 361 -25.58 48.16 -32.36
N GLU J 362 -25.63 49.47 -32.13
CA GLU J 362 -26.62 50.31 -32.78
C GLU J 362 -26.35 50.31 -34.26
N GLY J 363 -27.38 49.97 -35.04
CA GLY J 363 -27.26 49.84 -36.48
C GLY J 363 -27.08 48.40 -36.91
N GLY J 364 -26.67 47.53 -35.99
CA GLY J 364 -26.52 46.11 -36.27
C GLY J 364 -27.86 45.41 -36.46
N SER J 365 -27.79 44.09 -36.66
CA SER J 365 -28.98 43.29 -37.00
C SER J 365 -29.66 42.62 -35.82
N GLY J 366 -29.17 42.84 -34.60
CA GLY J 366 -29.73 42.19 -33.41
C GLY J 366 -28.87 41.02 -32.97
N LEU J 367 -28.56 40.99 -31.68
CA LEU J 367 -27.65 40.00 -31.11
C LEU J 367 -28.25 38.59 -31.08
N LEU J 368 -27.41 37.60 -31.34
CA LEU J 368 -27.80 36.19 -31.25
C LEU J 368 -26.83 35.41 -30.37
N ILE J 369 -27.33 34.33 -29.79
CA ILE J 369 -26.52 33.38 -29.01
C ILE J 369 -26.75 32.04 -29.70
N SER J 370 -25.73 31.53 -30.35
CA SER J 370 -25.87 30.38 -31.24
C SER J 370 -26.08 29.11 -30.41
N ASN J 371 -26.98 28.27 -30.88
CA ASN J 371 -27.12 26.92 -30.33
C ASN J 371 -26.36 25.90 -31.19
N CYS J 372 -25.51 26.39 -32.09
CA CYS J 372 -24.57 25.57 -32.86
C CYS J 372 -25.22 24.69 -33.94
N GLU J 373 -26.54 24.72 -34.09
CA GLU J 373 -27.22 23.76 -34.97
C GLU J 373 -27.10 24.13 -36.45
N ARG J 374 -26.62 25.32 -36.74
CA ARG J 374 -26.33 25.72 -38.11
C ARG J 374 -25.24 24.83 -38.72
N CYS J 375 -24.22 24.50 -37.94
CA CYS J 375 -23.04 23.83 -38.46
C CYS J 375 -22.70 22.50 -37.82
N HIS J 376 -23.33 22.18 -36.70
CA HIS J 376 -22.98 20.96 -35.94
C HIS J 376 -24.14 20.00 -35.75
N GLN J 377 -25.28 20.23 -36.41
CA GLN J 377 -26.44 19.34 -36.25
C GLN J 377 -26.50 18.26 -37.33
N ARG J 378 -26.71 18.65 -38.58
CA ARG J 378 -26.80 17.72 -39.71
C ARG J 378 -27.72 16.53 -39.50
N PHE J 379 -29.02 16.77 -39.38
CA PHE J 379 -30.00 15.68 -39.31
C PHE J 379 -30.16 14.98 -40.66
N SER J 380 -30.47 13.70 -40.64
CA SER J 380 -30.78 12.95 -41.85
C SER J 380 -31.93 11.99 -41.57
N TYR J 381 -33.02 12.11 -42.33
CA TYR J 381 -34.20 11.25 -42.14
C TYR J 381 -33.96 9.84 -42.63
N SER J 382 -34.25 8.86 -41.77
CA SER J 382 -34.03 7.45 -42.08
C SER J 382 -35.33 6.64 -42.11
N PRO J 383 -35.87 6.39 -43.32
CA PRO J 383 -37.09 5.58 -43.46
C PRO J 383 -37.01 4.22 -42.78
N ASP J 384 -35.80 3.67 -42.66
CA ASP J 384 -35.61 2.41 -41.95
C ASP J 384 -35.89 2.52 -40.46
N LEU J 385 -35.52 3.65 -39.86
CA LEU J 385 -35.84 3.89 -38.45
C LEU J 385 -37.34 4.05 -38.27
N MET J 386 -37.99 4.69 -39.24
CA MET J 386 -39.44 4.81 -39.27
C MET J 386 -40.09 3.43 -39.38
N ARG J 387 -39.79 2.72 -40.47
CA ARG J 387 -40.34 1.39 -40.76
C ARG J 387 -40.22 0.42 -39.58
N ASN J 388 -39.03 0.35 -38.99
CA ASN J 388 -38.73 -0.63 -37.95
C ASN J 388 -39.51 -0.43 -36.66
N ASN J 389 -39.98 0.78 -36.40
CA ASN J 389 -40.74 1.05 -35.18
C ASN J 389 -42.12 1.64 -35.48
N PRO J 390 -43.16 0.78 -35.50
CA PRO J 390 -44.52 1.28 -35.80
C PRO J 390 -45.02 2.30 -34.78
N LEU J 391 -44.50 2.25 -33.55
CA LEU J 391 -44.77 3.26 -32.52
C LEU J 391 -44.34 4.70 -32.91
N ASN J 392 -43.49 4.84 -33.92
CA ASN J 392 -43.06 6.15 -34.41
C ASN J 392 -43.97 6.74 -35.50
N ALA J 393 -45.02 6.03 -35.90
CA ALA J 393 -45.89 6.49 -36.99
C ALA J 393 -46.47 7.86 -36.68
N GLY J 394 -46.43 8.76 -37.66
CA GLY J 394 -46.83 10.15 -37.46
C GLY J 394 -45.78 11.03 -36.79
N LYS J 395 -44.62 10.45 -36.43
CA LYS J 395 -43.59 11.18 -35.71
C LYS J 395 -42.24 10.99 -36.43
N PRO J 396 -42.11 11.60 -37.63
CA PRO J 396 -40.88 11.50 -38.41
C PRO J 396 -39.63 11.92 -37.65
N ASP J 397 -39.75 12.90 -36.74
CA ASP J 397 -38.61 13.33 -35.91
C ASP J 397 -37.95 12.16 -35.19
N LEU J 398 -38.72 11.17 -34.74
CA LEU J 398 -38.15 10.02 -34.05
C LEU J 398 -37.42 9.03 -34.96
N ALA J 399 -37.46 9.26 -36.28
CA ALA J 399 -36.69 8.44 -37.23
C ALA J 399 -35.57 9.26 -37.85
N LEU J 400 -35.15 10.31 -37.14
CA LEU J 400 -34.01 11.11 -37.57
C LEU J 400 -32.70 10.46 -37.14
N SER J 401 -31.71 10.59 -38.01
CA SER J 401 -30.36 10.12 -37.77
C SER J 401 -29.43 11.26 -38.17
N SER J 402 -28.14 10.98 -38.24
CA SER J 402 -27.16 11.98 -38.61
C SER J 402 -26.82 11.86 -40.09
N LYS J 403 -26.28 12.94 -40.65
CA LYS J 403 -25.62 12.87 -41.94
C LYS J 403 -24.56 11.77 -41.87
N PHE J 404 -24.60 10.84 -42.83
CA PHE J 404 -23.52 9.86 -43.00
C PHE J 404 -22.72 10.17 -44.24
N LYS J 405 -21.39 10.14 -44.13
CA LYS J 405 -20.53 10.22 -45.30
C LYS J 405 -20.23 8.79 -45.71
N SER J 406 -20.96 8.33 -46.71
CA SER J 406 -21.01 6.92 -47.08
C SER J 406 -21.42 6.09 -45.87
N MET J 407 -20.48 5.40 -45.23
CA MET J 407 -20.81 4.44 -44.18
C MET J 407 -20.47 4.91 -42.77
N GLY J 408 -19.94 6.13 -42.66
CA GLY J 408 -19.59 6.71 -41.37
C GLY J 408 -20.34 8.00 -41.14
N PRO J 409 -20.77 8.24 -39.88
CA PRO J 409 -21.44 9.49 -39.58
C PRO J 409 -20.52 10.66 -39.86
N GLY J 410 -21.05 11.67 -40.53
CA GLY J 410 -20.22 12.78 -40.99
C GLY J 410 -19.71 13.62 -39.84
N CYS J 411 -18.69 14.41 -40.13
CA CYS J 411 -18.29 15.48 -39.24
C CYS J 411 -19.45 16.44 -39.10
N GLY J 412 -19.44 17.21 -38.01
CA GLY J 412 -20.45 18.25 -37.81
C GLY J 412 -21.85 17.72 -37.59
N SER J 413 -21.95 16.51 -37.05
CA SER J 413 -23.24 15.93 -36.75
C SER J 413 -23.36 15.64 -35.26
N GLU J 414 -22.60 16.38 -34.45
CA GLU J 414 -22.65 16.16 -33.01
C GLU J 414 -24.06 16.43 -32.49
N GLY J 415 -24.72 17.43 -33.07
CA GLY J 415 -26.08 17.80 -32.68
C GLY J 415 -27.12 16.72 -32.90
N SER J 416 -27.15 16.16 -34.11
CA SER J 416 -28.11 15.10 -34.45
C SER J 416 -27.81 13.81 -33.68
N GLN J 417 -26.53 13.58 -33.38
CA GLN J 417 -26.16 12.50 -32.48
C GLN J 417 -26.73 12.74 -31.08
N THR J 418 -26.39 13.88 -30.48
CA THR J 418 -26.75 14.16 -29.09
C THR J 418 -28.26 14.24 -28.90
N TYR J 419 -28.97 14.68 -29.94
CA TYR J 419 -30.43 14.78 -29.91
C TYR J 419 -31.09 13.47 -29.47
N PHE J 420 -30.46 12.34 -29.75
CA PHE J 420 -30.94 11.04 -29.28
C PHE J 420 -30.10 10.47 -28.13
N THR J 421 -29.74 11.34 -27.18
CA THR J 421 -29.05 10.91 -25.98
C THR J 421 -29.80 11.32 -24.73
N ALA J 422 -29.52 10.62 -23.62
CA ALA J 422 -30.05 10.98 -22.32
C ALA J 422 -29.64 12.39 -21.94
N HIS J 423 -28.41 12.78 -22.28
CA HIS J 423 -27.90 14.10 -21.95
C HIS J 423 -28.81 15.18 -22.51
N TYR J 424 -29.15 15.05 -23.79
CA TYR J 424 -30.03 16.02 -24.44
C TYR J 424 -31.42 16.00 -23.80
N GLU J 425 -31.95 14.80 -23.57
CA GLU J 425 -33.23 14.66 -22.90
C GLU J 425 -33.24 15.36 -21.53
N LYS J 426 -32.09 15.40 -20.88
CA LYS J 426 -31.99 16.04 -19.58
C LYS J 426 -31.72 17.54 -19.66
N GLY J 427 -31.71 18.09 -20.87
CA GLY J 427 -31.57 19.53 -21.08
C GLY J 427 -30.19 19.98 -21.49
N MET J 428 -29.24 19.06 -21.58
CA MET J 428 -27.86 19.42 -21.88
C MET J 428 -27.66 19.74 -23.37
N ARG J 429 -26.88 20.79 -23.62
CA ARG J 429 -26.61 21.28 -24.96
C ARG J 429 -25.10 21.48 -25.10
N CYS J 430 -24.64 21.91 -26.27
CA CYS J 430 -23.19 22.04 -26.52
C CYS J 430 -22.56 22.89 -25.45
N ALA J 431 -23.16 24.04 -25.20
CA ALA J 431 -22.60 25.04 -24.31
C ALA J 431 -22.69 24.67 -22.83
N THR J 432 -23.37 23.57 -22.52
CA THR J 432 -23.36 23.03 -21.18
C THR J 432 -21.96 22.53 -20.85
N CYS J 433 -21.39 21.74 -21.77
CA CYS J 433 -20.08 21.14 -21.60
C CYS J 433 -18.96 22.03 -22.16
N HIS J 434 -19.24 22.72 -23.26
CA HIS J 434 -18.21 23.44 -24.01
C HIS J 434 -18.17 24.93 -23.77
N ASP J 435 -16.97 25.47 -23.66
CA ASP J 435 -16.77 26.90 -23.85
C ASP J 435 -16.89 27.15 -25.35
N PRO J 436 -17.71 28.14 -25.75
CA PRO J 436 -17.95 28.36 -27.17
C PRO J 436 -16.84 29.10 -27.90
N HIS J 437 -15.90 29.69 -27.16
CA HIS J 437 -14.86 30.51 -27.75
C HIS J 437 -13.54 29.75 -27.92
N ASP J 438 -13.10 29.08 -26.84
CA ASP J 438 -11.83 28.36 -26.82
C ASP J 438 -12.04 26.91 -27.23
N VAL J 439 -12.47 26.73 -28.48
CA VAL J 439 -12.93 25.42 -28.95
C VAL J 439 -11.80 24.45 -29.35
N THR J 440 -10.57 24.97 -29.46
CA THR J 440 -9.45 24.16 -29.93
C THR J 440 -8.49 23.76 -28.83
N GLY J 441 -8.21 24.68 -27.92
CA GLY J 441 -7.37 24.38 -26.76
C GLY J 441 -5.89 24.49 -27.06
N ASN J 442 -5.09 24.12 -26.07
CA ASN J 442 -3.65 24.31 -26.15
C ASN J 442 -2.93 23.11 -26.74
N VAL J 443 -3.20 22.84 -28.01
CA VAL J 443 -2.58 21.72 -28.72
C VAL J 443 -1.39 22.24 -29.54
N THR J 444 -0.43 21.35 -29.81
CA THR J 444 0.82 21.75 -30.49
C THR J 444 1.21 20.79 -31.61
N GLY J 445 2.22 21.20 -32.38
CA GLY J 445 2.72 20.38 -33.46
C GLY J 445 3.54 19.20 -32.98
N GLU J 446 3.89 18.33 -33.91
CA GLU J 446 4.72 17.16 -33.64
C GLU J 446 6.15 17.42 -34.11
N LYS J 447 7.06 17.51 -33.14
CA LYS J 447 8.49 17.70 -33.45
C LYS J 447 9.05 16.43 -34.08
N GLY J 448 8.52 15.28 -33.66
CA GLY J 448 8.91 13.99 -34.21
C GLY J 448 8.74 13.84 -35.72
N ILE J 449 7.91 14.67 -36.34
CA ILE J 449 7.71 14.61 -37.79
C ILE J 449 8.73 15.45 -38.54
N LYS J 450 9.38 14.84 -39.52
CA LYS J 450 10.26 15.53 -40.43
C LYS J 450 9.65 15.43 -41.81
N GLY J 451 9.38 16.58 -42.43
CA GLY J 451 8.74 16.63 -43.74
C GLY J 451 9.22 17.80 -44.58
N VAL J 452 8.91 17.77 -45.87
CA VAL J 452 9.42 18.76 -46.82
C VAL J 452 9.01 20.15 -46.35
N SER J 453 7.71 20.35 -46.19
CA SER J 453 7.17 21.67 -45.88
C SER J 453 6.64 21.82 -44.44
N TYR J 454 6.26 20.71 -43.82
CA TYR J 454 5.65 20.75 -42.48
C TYR J 454 6.52 21.48 -41.46
N ASN J 455 5.92 22.50 -40.84
CA ASN J 455 6.53 23.25 -39.74
C ASN J 455 5.73 23.00 -38.47
N SER J 456 6.39 22.47 -37.44
CA SER J 456 5.71 22.00 -36.24
C SER J 456 5.66 22.99 -35.07
N GLU J 457 6.05 24.25 -35.31
CA GLU J 457 6.21 25.25 -34.25
C GLU J 457 5.17 26.37 -34.29
N GLN J 458 4.02 26.11 -34.90
CA GLN J 458 2.98 27.13 -35.07
C GLN J 458 1.76 26.87 -34.18
N GLY J 459 1.99 26.30 -33.01
CA GLY J 459 0.92 26.03 -32.04
C GLY J 459 -0.16 25.13 -32.62
N TYR J 460 -1.42 25.48 -32.38
CA TYR J 460 -2.53 24.63 -32.80
C TYR J 460 -2.59 24.43 -34.32
N LEU J 461 -2.13 25.41 -35.10
CA LEU J 461 -2.07 25.27 -36.56
C LEU J 461 -1.25 24.06 -37.03
N SER J 462 -0.26 23.68 -36.22
CA SER J 462 0.60 22.55 -36.55
C SER J 462 0.08 21.22 -35.99
N SER J 463 -0.94 21.28 -35.14
CA SER J 463 -1.35 20.11 -34.36
C SER J 463 -2.22 19.14 -35.13
N LEU J 464 -2.13 17.87 -34.75
CA LEU J 464 -2.95 16.82 -35.34
C LEU J 464 -4.21 16.55 -34.52
N TYR J 465 -4.40 17.29 -33.43
CA TYR J 465 -5.43 17.00 -32.44
C TYR J 465 -6.28 18.22 -32.06
N SER J 466 -7.32 17.96 -31.28
CA SER J 466 -8.19 19.00 -30.75
C SER J 466 -8.39 18.75 -29.27
N LYS J 467 -8.46 19.83 -28.49
CA LYS J 467 -8.56 19.73 -27.04
C LYS J 467 -9.48 20.86 -26.54
N PRO J 468 -10.77 20.80 -26.93
CA PRO J 468 -11.67 21.92 -26.62
C PRO J 468 -11.77 22.20 -25.13
N LYS J 469 -11.81 23.48 -24.79
CA LYS J 469 -11.99 23.92 -23.41
C LYS J 469 -13.40 23.54 -22.97
N LEU J 470 -13.48 22.84 -21.84
CA LEU J 470 -14.76 22.40 -21.29
C LEU J 470 -15.10 23.16 -20.02
N LYS J 471 -16.40 23.43 -19.83
CA LYS J 471 -16.91 23.92 -18.57
C LYS J 471 -17.20 22.76 -17.62
N LYS J 472 -17.49 21.60 -18.18
CA LYS J 472 -17.91 20.44 -17.41
C LYS J 472 -17.17 19.21 -17.87
N GLU J 473 -16.64 18.45 -16.92
CA GLU J 473 -16.06 17.14 -17.21
C GLU J 473 -17.04 16.07 -16.75
N CYS J 474 -16.88 14.86 -17.27
CA CYS J 474 -17.72 13.72 -16.90
C CYS J 474 -17.80 13.55 -15.41
N THR J 475 -16.66 13.73 -14.75
CA THR J 475 -16.51 13.48 -13.32
C THR J 475 -17.23 14.50 -12.45
N ASP J 476 -17.64 15.63 -13.03
CA ASP J 476 -18.43 16.63 -12.32
C ASP J 476 -19.84 16.14 -11.99
N CYS J 477 -20.45 15.42 -12.93
CA CYS J 477 -21.80 14.92 -12.76
C CYS J 477 -21.84 13.45 -12.34
N HIS J 478 -20.87 12.67 -12.78
CA HIS J 478 -20.85 11.23 -12.55
C HIS J 478 -19.86 10.85 -11.46
N LYS J 479 -20.25 11.07 -10.21
CA LYS J 479 -19.32 10.93 -9.09
C LYS J 479 -19.01 9.49 -8.71
N GLU J 480 -19.98 8.59 -8.86
CA GLU J 480 -19.79 7.19 -8.48
C GLU J 480 -18.84 6.52 -9.45
N GLN J 481 -19.10 6.75 -10.73
CA GLN J 481 -18.25 6.24 -11.80
C GLN J 481 -16.82 6.76 -11.64
N ALA J 482 -16.69 8.08 -11.42
CA ALA J 482 -15.39 8.71 -11.20
C ALA J 482 -14.66 8.12 -10.02
N TYR J 483 -15.40 7.84 -8.95
CA TYR J 483 -14.81 7.30 -7.73
C TYR J 483 -14.14 5.94 -7.97
N ILE J 484 -14.86 5.05 -8.64
CA ILE J 484 -14.38 3.71 -8.89
C ILE J 484 -13.23 3.75 -9.89
N GLN J 485 -13.40 4.54 -10.94
CA GLN J 485 -12.41 4.64 -12.00
C GLN J 485 -11.09 5.26 -11.52
N SER J 486 -11.11 5.95 -10.38
CA SER J 486 -9.92 6.54 -9.80
C SER J 486 -9.10 5.52 -9.03
N LYS J 487 -9.65 4.33 -8.81
CA LYS J 487 -8.93 3.30 -8.09
C LYS J 487 -7.95 2.64 -9.05
N ALA J 488 -6.68 2.67 -8.68
CA ALA J 488 -5.59 2.17 -9.53
C ALA J 488 -5.90 0.80 -10.12
N ASP J 489 -6.01 0.75 -11.45
CA ASP J 489 -6.37 -0.48 -12.17
C ASP J 489 -6.08 -0.33 -13.67
N THR J 490 -6.45 -1.35 -14.43
CA THR J 490 -6.23 -1.42 -15.89
C THR J 490 -6.39 -0.13 -16.67
N HIS J 491 -7.54 0.52 -16.53
CA HIS J 491 -7.84 1.70 -17.33
C HIS J 491 -7.92 2.98 -16.50
N SER J 492 -7.36 2.97 -15.29
CA SER J 492 -7.51 4.11 -14.38
C SER J 492 -6.83 5.39 -14.89
N LYS J 493 -5.82 5.25 -15.75
CA LYS J 493 -5.13 6.40 -16.35
C LYS J 493 -5.88 6.98 -17.54
N ASN J 494 -6.83 6.22 -18.07
CA ASN J 494 -7.57 6.66 -19.24
C ASN J 494 -8.63 7.69 -18.86
N SER J 495 -8.99 8.53 -19.81
CA SER J 495 -10.08 9.47 -19.63
C SER J 495 -11.41 8.74 -19.79
N CYS J 496 -12.47 9.33 -19.27
CA CYS J 496 -13.82 8.83 -19.46
C CYS J 496 -14.16 8.84 -20.94
N ALA J 497 -13.74 9.90 -21.62
CA ALA J 497 -14.03 10.07 -23.03
C ALA J 497 -13.39 8.99 -23.91
N SER J 498 -12.34 8.35 -23.39
CA SER J 498 -11.59 7.38 -24.18
C SER J 498 -12.46 6.19 -24.60
N CYS J 499 -13.21 5.61 -23.67
CA CYS J 499 -14.15 4.53 -24.03
C CYS J 499 -15.45 5.07 -24.62
N HIS J 500 -15.93 6.18 -24.06
CA HIS J 500 -17.31 6.63 -24.25
C HIS J 500 -17.49 7.53 -25.47
N MET J 501 -16.41 8.12 -25.94
CA MET J 501 -16.46 9.04 -27.07
C MET J 501 -15.42 8.69 -28.14
N PRO J 502 -15.51 7.48 -28.72
CA PRO J 502 -14.57 7.09 -29.75
C PRO J 502 -14.72 7.95 -31.00
N PHE J 503 -13.66 8.06 -31.78
CA PHE J 503 -13.69 8.84 -33.01
C PHE J 503 -14.32 8.03 -34.13
N MET J 504 -15.66 8.08 -34.22
CA MET J 504 -16.44 7.29 -35.18
C MET J 504 -16.66 8.01 -36.50
N MET J 505 -16.50 9.32 -36.48
CA MET J 505 -17.04 10.15 -37.56
C MET J 505 -16.02 10.37 -38.66
N SER J 506 -16.54 10.40 -39.89
CA SER J 506 -15.74 10.62 -41.08
C SER J 506 -15.88 12.05 -41.54
N CYS J 507 -14.77 12.78 -41.52
CA CYS J 507 -14.69 14.13 -42.05
C CYS J 507 -14.39 14.07 -43.55
N GLU J 508 -13.61 13.07 -43.96
CA GLU J 508 -13.06 12.99 -45.32
C GLU J 508 -13.94 12.28 -46.35
N ASN J 509 -14.89 11.47 -45.92
CA ASN J 509 -15.62 10.57 -46.82
C ASN J 509 -14.60 9.73 -47.60
N PHE J 510 -13.67 9.15 -46.86
CA PHE J 510 -12.64 8.31 -47.42
C PHE J 510 -13.20 6.88 -47.36
N TYR J 511 -14.22 6.65 -48.18
CA TYR J 511 -14.97 5.39 -48.19
C TYR J 511 -14.13 4.19 -48.63
N ALA J 512 -13.04 4.45 -49.36
CA ALA J 512 -12.09 3.40 -49.71
C ALA J 512 -11.59 2.63 -48.48
N ILE J 513 -11.44 3.32 -47.35
CA ILE J 513 -10.95 2.67 -46.13
C ILE J 513 -12.02 2.44 -45.05
N GLN J 514 -13.30 2.67 -45.36
CA GLN J 514 -14.37 2.44 -44.38
C GLN J 514 -14.72 0.96 -44.26
N PHE J 515 -14.41 0.40 -43.09
CA PHE J 515 -14.74 -0.97 -42.76
C PHE J 515 -15.32 -0.96 -41.36
N GLN J 516 -16.58 -0.54 -41.27
CA GLN J 516 -17.16 -0.07 -40.02
C GLN J 516 -17.40 -1.17 -39.00
N ASP J 517 -17.54 -2.40 -39.47
CA ASP J 517 -17.64 -3.57 -38.59
C ASP J 517 -16.33 -3.79 -37.82
N GLN J 518 -15.22 -3.34 -38.40
CA GLN J 518 -13.91 -3.44 -37.76
C GLN J 518 -13.53 -2.16 -37.01
N ALA J 519 -14.44 -1.18 -37.02
CA ALA J 519 -14.26 0.10 -36.30
C ALA J 519 -13.06 0.89 -36.84
N GLY J 520 -13.04 1.07 -38.16
CA GLY J 520 -12.01 1.84 -38.82
C GLY J 520 -12.34 1.95 -40.30
N PHE J 521 -11.57 2.72 -41.08
CA PHE J 521 -10.37 3.42 -40.62
C PHE J 521 -10.39 4.91 -40.97
N ASP J 522 -11.56 5.39 -41.40
CA ASP J 522 -11.79 6.79 -41.69
C ASP J 522 -12.39 7.46 -40.45
N THR J 523 -11.52 7.83 -39.51
CA THR J 523 -11.92 8.12 -38.14
C THR J 523 -11.28 9.40 -37.61
N GLN J 524 -11.91 10.53 -37.91
CA GLN J 524 -11.33 11.85 -37.66
C GLN J 524 -12.03 12.74 -36.63
N ARG J 525 -13.29 12.44 -36.29
CA ARG J 525 -14.03 13.26 -35.34
C ARG J 525 -14.75 12.43 -34.29
N ARG J 526 -15.02 13.08 -33.18
CA ARG J 526 -15.41 12.42 -31.94
C ARG J 526 -16.92 12.29 -31.80
N ALA J 527 -17.40 11.06 -31.64
CA ALA J 527 -18.83 10.79 -31.48
C ALA J 527 -19.34 11.30 -30.14
N HIS J 528 -20.56 11.86 -30.16
CA HIS J 528 -21.23 12.38 -28.98
C HIS J 528 -22.51 11.56 -28.74
N ILE J 529 -22.31 10.33 -28.26
CA ILE J 529 -23.37 9.37 -28.05
C ILE J 529 -23.35 8.82 -26.64
N TRP J 530 -22.13 8.59 -26.13
CA TRP J 530 -21.87 8.26 -24.73
C TRP J 530 -22.31 6.86 -24.32
N LYS J 531 -23.59 6.53 -24.51
CA LYS J 531 -24.10 5.21 -24.19
C LYS J 531 -23.32 4.12 -24.94
N ILE J 532 -22.77 3.18 -24.18
CA ILE J 532 -22.11 2.02 -24.76
C ILE J 532 -23.01 0.80 -24.62
N ASP J 533 -23.38 0.19 -25.73
CA ASP J 533 -24.15 -1.05 -25.72
C ASP J 533 -23.22 -2.24 -25.48
N VAL J 534 -23.67 -3.21 -24.69
CA VAL J 534 -22.90 -4.43 -24.47
C VAL J 534 -23.60 -5.60 -25.15
N ASP J 535 -23.10 -5.97 -26.33
CA ASP J 535 -23.71 -7.01 -27.17
C ASP J 535 -22.65 -7.72 -28.01
N PRO J 536 -22.81 -9.04 -28.24
CA PRO J 536 -21.83 -9.75 -29.08
C PRO J 536 -21.82 -9.34 -30.55
N ALA J 537 -22.90 -8.77 -31.07
CA ALA J 537 -22.99 -8.50 -32.52
C ALA J 537 -23.73 -7.22 -32.97
N ARG J 538 -24.54 -6.61 -32.11
CA ARG J 538 -25.30 -5.42 -32.52
C ARG J 538 -24.35 -4.25 -32.83
N LYS J 539 -24.57 -3.58 -33.97
CA LYS J 539 -23.69 -2.52 -34.42
C LYS J 539 -24.32 -1.13 -34.34
N SER J 540 -23.50 -0.13 -34.03
CA SER J 540 -23.93 1.27 -33.99
C SER J 540 -24.33 1.71 -35.39
N LEU J 541 -23.53 1.32 -36.38
CA LEU J 541 -23.69 1.76 -37.75
C LEU J 541 -24.19 0.60 -38.61
N VAL J 542 -25.29 0.83 -39.33
CA VAL J 542 -25.83 -0.17 -40.27
C VAL J 542 -26.20 0.45 -41.60
N ALA J 543 -26.17 -0.39 -42.63
CA ALA J 543 -26.59 -0.01 -43.97
C ALA J 543 -28.10 0.11 -43.99
N GLY J 544 -28.61 0.87 -44.95
CA GLY J 544 -30.05 0.95 -45.17
C GLY J 544 -30.55 -0.26 -45.93
N SER J 545 -31.87 -0.46 -45.90
CA SER J 545 -32.49 -1.59 -46.61
C SER J 545 -32.35 -1.47 -48.14
N THR J 546 -32.04 -0.26 -48.64
CA THR J 546 -31.79 -0.04 -50.07
C THR J 546 -30.41 -0.51 -50.54
N SER J 547 -29.55 -0.89 -49.60
CA SER J 547 -28.20 -1.36 -49.93
C SER J 547 -28.24 -2.77 -50.52
N LYS J 548 -27.57 -2.95 -51.67
CA LYS J 548 -27.55 -4.24 -52.38
C LYS J 548 -26.34 -5.11 -52.01
N ASP J 549 -25.20 -4.48 -51.74
CA ASP J 549 -24.01 -5.19 -51.30
C ASP J 549 -23.35 -4.40 -50.16
N PRO J 550 -22.53 -5.07 -49.34
CA PRO J 550 -21.97 -4.49 -48.11
C PRO J 550 -21.37 -3.08 -48.22
N ARG J 551 -20.77 -2.75 -49.37
CA ARG J 551 -20.00 -1.52 -49.50
C ARG J 551 -20.53 -0.50 -50.51
N ASP J 552 -21.81 -0.55 -50.86
CA ASP J 552 -22.39 0.49 -51.73
C ASP J 552 -22.70 1.78 -50.97
N GLY J 553 -22.70 1.70 -49.63
CA GLY J 553 -22.86 2.88 -48.77
C GLY J 553 -24.21 3.58 -48.88
N LYS J 554 -25.26 2.82 -49.20
CA LYS J 554 -26.60 3.39 -49.36
C LYS J 554 -27.30 3.50 -48.01
N ASP J 555 -27.79 4.71 -47.70
CA ASP J 555 -28.71 4.95 -46.57
C ASP J 555 -28.21 4.42 -45.23
N TRP J 556 -26.91 4.55 -44.98
CA TRP J 556 -26.37 4.14 -43.69
C TRP J 556 -26.91 5.07 -42.59
N HIS J 557 -27.09 4.53 -41.40
CA HIS J 557 -27.69 5.28 -40.30
C HIS J 557 -27.32 4.68 -38.96
N PHE J 558 -27.59 5.41 -37.88
CA PHE J 558 -27.39 4.91 -36.53
C PHE J 558 -28.51 3.93 -36.17
N GLU J 559 -28.19 2.93 -35.37
CA GLU J 559 -29.20 2.07 -34.76
C GLU J 559 -29.66 2.66 -33.44
N ARG J 560 -30.91 2.37 -33.07
CA ARG J 560 -31.47 2.82 -31.82
C ARG J 560 -31.63 1.64 -30.87
N ASN J 561 -31.28 1.84 -29.60
CA ASN J 561 -31.43 0.79 -28.60
C ASN J 561 -32.86 0.76 -28.09
N GLU J 562 -33.14 -0.08 -27.10
CA GLU J 562 -34.50 -0.28 -26.61
C GLU J 562 -35.10 0.99 -25.97
N GLU J 563 -34.23 1.92 -25.57
CA GLU J 563 -34.65 3.21 -25.00
C GLU J 563 -34.76 4.34 -26.02
N GLY J 564 -34.62 4.01 -27.31
CA GLY J 564 -34.77 4.99 -28.38
C GLY J 564 -33.54 5.88 -28.56
N ARG J 565 -32.38 5.40 -28.12
CA ARG J 565 -31.16 6.20 -28.17
C ARG J 565 -30.06 5.60 -29.03
N ASN J 566 -29.24 6.48 -29.60
CA ASN J 566 -27.99 6.08 -30.20
C ASN J 566 -27.11 5.41 -29.15
N PHE J 567 -26.22 4.53 -29.60
CA PHE J 567 -25.32 3.82 -28.71
C PHE J 567 -24.02 3.53 -29.44
N VAL J 568 -23.00 3.18 -28.66
CA VAL J 568 -21.67 2.86 -29.18
C VAL J 568 -21.43 1.38 -28.99
N ASP J 569 -21.20 0.64 -30.07
CA ASP J 569 -20.90 -0.78 -29.94
C ASP J 569 -19.49 -0.97 -29.38
N LEU J 570 -19.24 -2.15 -28.82
CA LEU J 570 -17.97 -2.44 -28.15
C LEU J 570 -16.75 -2.44 -29.06
N MET J 571 -16.95 -2.61 -30.37
CA MET J 571 -15.85 -2.52 -31.31
C MET J 571 -15.33 -1.08 -31.32
N TRP J 572 -16.24 -0.12 -31.51
CA TRP J 572 -15.87 1.30 -31.44
C TRP J 572 -15.32 1.71 -30.06
N ALA J 573 -15.95 1.22 -28.99
CA ALA J 573 -15.58 1.63 -27.62
C ALA J 573 -14.19 1.17 -27.21
N CYS J 574 -13.78 0.01 -27.69
CA CYS J 574 -12.56 -0.65 -27.22
C CYS J 574 -11.46 -0.73 -28.26
N ALA J 575 -11.81 -1.10 -29.48
CA ALA J 575 -10.82 -1.56 -30.45
C ALA J 575 -10.83 -0.76 -31.74
N ARG J 576 -11.28 0.49 -31.66
CA ARG J 576 -11.28 1.38 -32.82
C ARG J 576 -9.86 1.77 -33.25
N THR J 577 -9.70 2.08 -34.52
CA THR J 577 -8.43 2.49 -35.09
C THR J 577 -8.56 3.91 -35.58
N THR J 578 -7.63 4.77 -35.18
CA THR J 578 -7.67 6.17 -35.56
C THR J 578 -6.31 6.83 -35.35
N TRP J 579 -6.11 7.96 -36.01
CA TRP J 579 -4.90 8.77 -35.80
C TRP J 579 -5.27 10.21 -35.40
N ALA J 580 -6.48 10.37 -34.87
CA ALA J 580 -6.98 11.68 -34.43
C ALA J 580 -7.26 11.73 -32.92
N ASP J 581 -6.96 10.64 -32.22
CA ASP J 581 -7.29 10.49 -30.80
C ASP J 581 -6.00 10.54 -29.98
N LYS J 582 -5.73 11.72 -29.41
CA LYS J 582 -4.55 11.90 -28.59
C LYS J 582 -4.56 10.93 -27.39
N ASP J 583 -5.73 10.73 -26.78
CA ASP J 583 -5.84 9.82 -25.63
C ASP J 583 -5.43 8.40 -26.02
N GLN J 584 -5.91 7.93 -27.17
CA GLN J 584 -5.60 6.58 -27.66
C GLN J 584 -4.11 6.42 -27.94
N ALA J 585 -3.52 7.40 -28.62
CA ALA J 585 -2.09 7.41 -28.91
C ALA J 585 -1.26 7.35 -27.63
N GLU J 586 -1.66 8.11 -26.61
CA GLU J 586 -0.93 8.14 -25.35
C GLU J 586 -1.22 6.94 -24.44
N ALA J 587 -2.17 6.09 -24.82
CA ALA J 587 -2.47 4.87 -24.08
C ALA J 587 -2.27 3.64 -24.95
N LYS J 588 -1.10 3.60 -25.60
CA LYS J 588 -0.61 2.43 -26.35
C LYS J 588 -1.51 1.97 -27.49
N GLY J 589 -2.27 2.88 -28.08
CA GLY J 589 -3.16 2.56 -29.19
C GLY J 589 -4.41 1.77 -28.82
N CYS J 590 -4.75 1.73 -27.52
CA CYS J 590 -5.87 0.91 -27.02
C CYS J 590 -5.78 -0.53 -27.56
N HIS J 591 -6.80 -1.03 -28.24
CA HIS J 591 -6.85 -2.44 -28.65
C HIS J 591 -6.99 -2.65 -30.15
N SER J 592 -6.75 -1.60 -30.92
CA SER J 592 -6.75 -1.70 -32.37
C SER J 592 -5.66 -2.67 -32.82
N PRO J 593 -6.04 -3.70 -33.58
CA PRO J 593 -4.98 -4.57 -34.11
C PRO J 593 -3.94 -3.81 -34.94
N VAL J 594 -4.34 -2.65 -35.47
CA VAL J 594 -3.46 -1.84 -36.34
C VAL J 594 -2.48 -0.93 -35.60
N VAL J 595 -2.91 -0.29 -34.52
CA VAL J 595 -2.04 0.68 -33.84
C VAL J 595 -1.73 0.33 -32.38
N SER J 596 -2.35 -0.70 -31.84
CA SER J 596 -2.08 -1.07 -30.46
C SER J 596 -0.63 -1.48 -30.29
N GLU J 597 0.01 -1.00 -29.24
CA GLU J 597 1.36 -1.42 -28.87
C GLU J 597 1.28 -2.48 -27.77
N LEU J 598 0.08 -2.95 -27.46
CA LEU J 598 -0.09 -4.00 -26.46
C LEU J 598 0.22 -5.34 -27.11
N LYS J 599 0.40 -6.34 -26.26
CA LYS J 599 0.55 -7.72 -26.71
C LYS J 599 -0.67 -8.12 -27.56
N GLU J 600 -0.47 -9.08 -28.46
CA GLU J 600 -1.49 -9.46 -29.45
C GLU J 600 -2.74 -10.13 -28.87
N THR J 601 -2.64 -10.68 -27.66
CA THR J 601 -3.82 -11.21 -26.98
C THR J 601 -4.81 -10.10 -26.57
N LEU J 602 -4.37 -8.84 -26.61
CA LEU J 602 -5.23 -7.67 -26.35
C LEU J 602 -5.50 -6.85 -27.61
N HIS J 603 -5.33 -7.47 -28.77
CA HIS J 603 -5.71 -6.87 -30.05
C HIS J 603 -7.06 -7.48 -30.42
N PHE J 604 -8.13 -6.73 -30.20
CA PHE J 604 -9.47 -7.26 -30.42
C PHE J 604 -9.83 -7.15 -31.90
N LYS J 605 -10.13 -8.30 -32.51
CA LYS J 605 -10.32 -8.40 -33.95
C LYS J 605 -11.79 -8.36 -34.36
N ASP J 606 -12.69 -8.57 -33.41
CA ASP J 606 -14.13 -8.49 -33.67
C ASP J 606 -14.90 -8.28 -32.39
N GLN J 607 -16.17 -7.90 -32.53
CA GLN J 607 -17.00 -7.51 -31.39
C GLN J 607 -17.20 -8.65 -30.40
N LYS J 608 -17.39 -9.86 -30.90
CA LYS J 608 -17.60 -11.04 -30.05
C LYS J 608 -16.44 -11.24 -29.07
N GLN J 609 -15.23 -10.94 -29.54
CA GLN J 609 -14.03 -11.08 -28.72
C GLN J 609 -14.05 -10.03 -27.61
N VAL J 610 -14.43 -8.81 -27.97
CA VAL J 610 -14.52 -7.74 -26.98
C VAL J 610 -15.60 -8.11 -25.98
N TYR J 611 -16.76 -8.48 -26.50
CA TYR J 611 -17.90 -8.91 -25.67
C TYR J 611 -17.52 -9.97 -24.63
N ASN J 612 -16.72 -10.95 -25.03
CA ASN J 612 -16.29 -12.01 -24.10
C ASN J 612 -15.35 -11.47 -23.04
N GLU J 613 -14.50 -10.50 -23.39
CA GLU J 613 -13.64 -9.85 -22.39
C GLU J 613 -14.49 -9.09 -21.36
N VAL J 614 -15.51 -8.38 -21.84
CA VAL J 614 -16.43 -7.64 -20.97
C VAL J 614 -17.18 -8.60 -20.04
N MET J 615 -17.70 -9.69 -20.59
CA MET J 615 -18.45 -10.68 -19.80
C MET J 615 -17.57 -11.33 -18.74
N GLY J 616 -16.27 -11.48 -19.03
CA GLY J 616 -15.33 -11.99 -18.04
C GLY J 616 -15.32 -11.13 -16.79
N TRP J 617 -15.44 -9.82 -16.99
CA TRP J 617 -15.48 -8.87 -15.89
C TRP J 617 -16.87 -8.73 -15.30
N GLN J 618 -17.88 -8.59 -16.15
CA GLN J 618 -19.25 -8.32 -15.68
C GLN J 618 -19.92 -9.50 -14.97
N THR J 619 -19.84 -10.69 -15.53
CA THR J 619 -20.58 -11.84 -14.98
C THR J 619 -20.31 -12.07 -13.51
N PRO J 620 -19.03 -12.16 -13.11
CA PRO J 620 -18.76 -12.37 -11.68
C PRO J 620 -19.20 -11.22 -10.79
N VAL J 621 -19.20 -10.00 -11.33
CA VAL J 621 -19.68 -8.85 -10.58
C VAL J 621 -21.18 -8.94 -10.37
N LYS J 622 -21.91 -9.14 -11.45
CA LYS J 622 -23.35 -9.35 -11.38
C LYS J 622 -23.71 -10.52 -10.46
N ASP J 623 -23.00 -11.63 -10.59
CA ASP J 623 -23.26 -12.82 -9.77
C ASP J 623 -23.23 -12.48 -8.28
N LYS J 624 -22.15 -11.85 -7.83
CA LYS J 624 -21.99 -11.53 -6.42
C LYS J 624 -22.87 -10.38 -5.97
N PHE J 625 -23.17 -9.46 -6.90
CA PHE J 625 -24.08 -8.37 -6.63
C PHE J 625 -25.46 -8.93 -6.29
N THR J 626 -25.93 -9.82 -7.15
CA THR J 626 -27.20 -10.50 -6.92
C THR J 626 -27.22 -11.25 -5.58
N GLN J 627 -26.17 -12.00 -5.29
CA GLN J 627 -26.11 -12.76 -4.04
C GLN J 627 -26.24 -11.84 -2.85
N VAL J 628 -25.59 -10.69 -2.92
CA VAL J 628 -25.59 -9.73 -1.83
C VAL J 628 -26.96 -9.07 -1.67
N LYS J 629 -27.59 -8.68 -2.77
CA LYS J 629 -28.93 -8.08 -2.71
C LYS J 629 -29.93 -9.00 -2.03
N VAL J 630 -29.89 -10.28 -2.38
CA VAL J 630 -30.79 -11.27 -1.84
C VAL J 630 -30.49 -11.48 -0.37
N GLY J 631 -29.20 -11.57 -0.04
CA GLY J 631 -28.76 -11.75 1.33
C GLY J 631 -29.27 -10.68 2.27
N ILE J 632 -29.20 -9.43 1.80
CA ILE J 632 -29.65 -8.26 2.57
C ILE J 632 -31.15 -8.34 2.86
N GLN J 633 -31.92 -8.45 1.79
CA GLN J 633 -33.38 -8.49 1.91
C GLN J 633 -33.83 -9.72 2.69
N GLY J 634 -33.15 -10.84 2.50
CA GLY J 634 -33.47 -12.06 3.22
C GLY J 634 -33.25 -11.91 4.70
N LEU J 635 -32.12 -11.30 5.07
CA LEU J 635 -31.76 -11.10 6.47
C LEU J 635 -32.71 -10.11 7.15
N TYR J 636 -33.09 -9.05 6.43
CA TYR J 636 -34.09 -8.10 6.94
C TYR J 636 -35.40 -8.80 7.29
N SER J 637 -35.90 -9.60 6.36
CA SER J 637 -37.07 -10.44 6.59
C SER J 637 -36.94 -11.30 7.84
N LEU J 638 -35.83 -12.02 7.98
CA LEU J 638 -35.62 -12.91 9.13
C LEU J 638 -35.42 -12.19 10.45
N LEU J 639 -34.97 -10.93 10.39
CA LEU J 639 -34.79 -10.13 11.59
C LEU J 639 -36.10 -9.81 12.30
N GLU J 640 -37.20 -9.79 11.56
CA GLU J 640 -38.51 -9.50 12.13
C GLU J 640 -39.29 -10.75 12.57
N VAL J 641 -38.64 -11.92 12.60
CA VAL J 641 -39.23 -13.13 13.19
C VAL J 641 -38.31 -13.92 14.15
N LYS J 642 -37.00 -13.78 14.00
CA LYS J 642 -36.04 -14.56 14.79
C LYS J 642 -35.48 -13.77 15.97
N LYS J 643 -35.51 -14.38 17.14
CA LYS J 643 -34.91 -13.78 18.34
C LYS J 643 -33.41 -13.90 18.26
N LEU J 644 -32.73 -12.86 18.72
CA LEU J 644 -31.27 -12.83 18.82
C LEU J 644 -30.87 -12.00 20.03
N ALA J 645 -29.71 -12.30 20.60
CA ALA J 645 -29.17 -11.46 21.66
C ALA J 645 -28.99 -10.05 21.10
N PRO J 646 -29.10 -9.02 21.95
CA PRO J 646 -28.91 -7.65 21.47
C PRO J 646 -27.63 -7.48 20.65
N SER J 647 -26.49 -7.93 21.19
CA SER J 647 -25.19 -7.85 20.52
C SER J 647 -25.17 -8.52 19.16
N ASP J 648 -25.80 -9.69 19.06
CA ASP J 648 -25.92 -10.41 17.79
C ASP J 648 -26.80 -9.65 16.80
N LYS J 649 -27.87 -9.05 17.30
CA LYS J 649 -28.81 -8.29 16.47
C LYS J 649 -28.15 -7.03 15.92
N THR J 650 -27.40 -6.35 16.78
CA THR J 650 -26.61 -5.17 16.40
C THR J 650 -25.67 -5.50 15.24
N ARG J 651 -24.88 -6.53 15.44
CA ARG J 651 -23.87 -6.97 14.48
C ARG J 651 -24.50 -7.30 13.12
N VAL J 652 -25.69 -7.87 13.13
CA VAL J 652 -26.37 -8.26 11.88
C VAL J 652 -26.90 -7.04 11.11
N TYR J 653 -27.45 -6.05 11.82
CA TYR J 653 -27.86 -4.79 11.17
C TYR J 653 -26.64 -4.09 10.57
N GLU J 654 -25.61 -3.99 11.42
CA GLU J 654 -24.32 -3.45 11.05
C GLU J 654 -23.76 -4.04 9.74
N LEU J 655 -23.84 -5.36 9.61
CA LEU J 655 -23.29 -6.06 8.45
C LEU J 655 -24.08 -5.80 7.18
N ILE J 656 -25.40 -5.89 7.30
CA ILE J 656 -26.27 -5.74 6.13
C ILE J 656 -26.34 -4.29 5.64
N GLU J 657 -26.19 -3.33 6.56
CA GLU J 657 -26.10 -1.91 6.17
C GLU J 657 -24.80 -1.63 5.40
N LYS J 658 -23.70 -2.23 5.82
CA LYS J 658 -22.44 -2.12 5.08
C LYS J 658 -22.50 -2.78 3.71
N ALA J 659 -23.17 -3.92 3.65
CA ALA J 659 -23.38 -4.61 2.39
C ALA J 659 -24.29 -3.79 1.49
N GLN J 660 -25.23 -3.08 2.10
CA GLN J 660 -26.11 -2.15 1.38
C GLN J 660 -25.32 -1.01 0.76
N ASP J 661 -24.39 -0.43 1.53
CA ASP J 661 -23.55 0.67 1.02
C ASP J 661 -22.82 0.26 -0.25
N THR J 662 -22.23 -0.93 -0.21
CA THR J 662 -21.52 -1.49 -1.37
C THR J 662 -22.44 -1.69 -2.56
N VAL J 663 -23.61 -2.27 -2.31
CA VAL J 663 -24.62 -2.51 -3.33
C VAL J 663 -25.09 -1.21 -3.98
N ASP J 664 -25.39 -0.22 -3.15
CA ASP J 664 -25.80 1.09 -3.67
C ASP J 664 -24.74 1.65 -4.60
N LEU J 665 -23.48 1.63 -4.15
CA LEU J 665 -22.37 2.15 -4.94
C LEU J 665 -22.31 1.48 -6.30
N ILE J 666 -22.30 0.15 -6.32
CA ILE J 666 -22.19 -0.61 -7.58
C ILE J 666 -23.39 -0.36 -8.48
N GLU J 667 -24.58 -0.27 -7.89
CA GLU J 667 -25.79 -0.05 -8.67
C GLU J 667 -25.81 1.33 -9.33
N LYS J 668 -25.42 2.38 -8.58
CA LYS J 668 -25.31 3.73 -9.16
C LYS J 668 -24.24 3.78 -10.23
N ASP J 669 -23.11 3.11 -9.99
CA ASP J 669 -22.03 3.10 -10.98
C ASP J 669 -22.50 2.53 -12.30
N GLY J 670 -23.14 1.37 -12.24
CA GLY J 670 -23.81 0.79 -13.39
C GLY J 670 -22.91 0.24 -14.50
N SER J 671 -21.64 0.02 -14.19
CA SER J 671 -20.69 -0.55 -15.17
C SER J 671 -20.34 -2.01 -14.88
N TRP J 672 -20.76 -2.53 -13.74
CA TRP J 672 -20.57 -3.94 -13.39
C TRP J 672 -19.11 -4.36 -13.54
N GLY J 673 -18.21 -3.53 -13.04
CA GLY J 673 -16.77 -3.82 -13.05
C GLY J 673 -15.94 -3.10 -14.11
N MET J 674 -16.58 -2.68 -15.20
CA MET J 674 -15.87 -2.05 -16.32
C MET J 674 -15.17 -0.73 -16.00
N HIS J 675 -15.52 -0.10 -14.88
CA HIS J 675 -14.84 1.13 -14.46
C HIS J 675 -13.72 0.86 -13.48
N GLY J 676 -13.57 -0.40 -13.08
CA GLY J 676 -12.59 -0.76 -12.06
C GLY J 676 -12.90 -2.13 -11.49
N PHE J 677 -12.63 -3.16 -12.27
CA PHE J 677 -12.93 -4.53 -11.87
C PHE J 677 -12.36 -4.92 -10.52
N LYS J 678 -11.09 -4.60 -10.30
CA LYS J 678 -10.40 -5.03 -9.10
C LYS J 678 -11.07 -4.47 -7.85
N TYR J 679 -11.31 -3.16 -7.84
CA TYR J 679 -11.95 -2.52 -6.69
C TYR J 679 -13.40 -2.99 -6.52
N THR J 680 -14.09 -3.17 -7.64
CA THR J 680 -15.48 -3.60 -7.64
C THR J 680 -15.61 -5.00 -7.05
N LYS J 681 -14.85 -5.95 -7.62
CA LYS J 681 -14.86 -7.33 -7.17
C LYS J 681 -14.45 -7.43 -5.72
N GLN J 682 -13.47 -6.64 -5.31
CA GLN J 682 -13.10 -6.62 -3.90
C GLN J 682 -14.24 -6.15 -2.99
N ARG J 683 -14.85 -4.99 -3.29
CA ARG J 683 -16.02 -4.53 -2.52
C ARG J 683 -17.03 -5.65 -2.37
N LEU J 684 -17.36 -6.31 -3.48
CA LEU J 684 -18.41 -7.31 -3.48
C LEU J 684 -18.02 -8.57 -2.72
N ASP J 685 -16.76 -8.99 -2.83
CA ASP J 685 -16.26 -10.16 -2.10
C ASP J 685 -16.50 -9.95 -0.61
N ALA J 686 -16.04 -8.80 -0.13
CA ALA J 686 -16.23 -8.38 1.25
C ALA J 686 -17.72 -8.35 1.65
N ALA J 687 -18.58 -7.82 0.77
CA ALA J 687 -20.01 -7.76 1.05
C ALA J 687 -20.62 -9.16 1.20
N VAL J 688 -20.12 -10.11 0.42
CA VAL J 688 -20.53 -11.50 0.53
C VAL J 688 -20.06 -12.07 1.87
N GLU J 689 -18.87 -11.66 2.31
CA GLU J 689 -18.37 -11.98 3.64
C GLU J 689 -19.28 -11.41 4.74
N TYR J 690 -19.77 -10.19 4.55
CA TYR J 690 -20.70 -9.60 5.53
C TYR J 690 -21.97 -10.44 5.64
N ILE J 691 -22.54 -10.80 4.49
CA ILE J 691 -23.76 -11.59 4.48
C ILE J 691 -23.57 -12.92 5.22
N ASN J 692 -22.44 -13.58 4.96
CA ASN J 692 -22.18 -14.90 5.54
C ASN J 692 -21.86 -14.85 7.03
N GLU J 693 -21.17 -13.80 7.47
CA GLU J 693 -21.00 -13.57 8.92
C GLU J 693 -22.39 -13.42 9.57
N ALA J 694 -23.27 -12.67 8.91
CA ALA J 694 -24.62 -12.44 9.40
C ALA J 694 -25.49 -13.71 9.40
N GLN J 695 -25.30 -14.58 8.40
CA GLN J 695 -25.98 -15.88 8.38
C GLN J 695 -25.48 -16.80 9.49
N ARG J 696 -24.18 -16.81 9.72
CA ARG J 696 -23.61 -17.55 10.83
C ARG J 696 -24.25 -17.14 12.16
N ILE J 697 -24.54 -15.84 12.30
CA ILE J 697 -25.14 -15.32 13.53
C ILE J 697 -26.61 -15.74 13.65
N MET J 698 -27.33 -15.75 12.52
CA MET J 698 -28.71 -16.21 12.49
C MET J 698 -28.82 -17.70 12.81
N LYS J 699 -27.72 -18.42 12.59
CA LYS J 699 -27.69 -19.88 12.72
C LYS J 699 -27.81 -20.36 14.18
N LYS J 700 -27.45 -19.49 15.12
CA LYS J 700 -27.52 -19.83 16.55
C LYS J 700 -28.96 -20.01 17.06
N SER J 701 -29.94 -19.51 16.29
CA SER J 701 -31.35 -19.73 16.57
C SER J 701 -31.94 -20.79 15.62
N MET K 43 -36.04 -54.30 70.02
CA MET K 43 -36.80 -54.41 68.73
C MET K 43 -38.03 -53.51 68.74
N GLN K 44 -38.00 -52.46 67.93
CA GLN K 44 -39.09 -51.48 67.87
C GLN K 44 -39.38 -51.04 66.44
N MET K 45 -40.53 -50.41 66.27
CA MET K 45 -40.85 -49.72 65.02
C MET K 45 -40.02 -48.42 64.95
N THR K 46 -39.97 -47.82 63.76
CA THR K 46 -39.09 -46.68 63.49
C THR K 46 -39.49 -45.42 64.26
N LYS K 47 -38.66 -44.38 64.16
CA LYS K 47 -38.94 -43.07 64.75
C LYS K 47 -40.26 -42.50 64.28
N GLU K 48 -40.42 -42.42 62.97
CA GLU K 48 -41.56 -41.75 62.35
C GLU K 48 -42.86 -42.50 62.65
N ALA K 49 -42.80 -43.83 62.67
CA ALA K 49 -43.95 -44.64 63.02
C ALA K 49 -44.42 -44.30 64.44
N ARG K 50 -43.54 -44.51 65.41
CA ARG K 50 -43.87 -44.26 66.82
C ARG K 50 -44.32 -42.84 67.10
N GLU K 51 -43.76 -41.87 66.37
CA GLU K 51 -44.17 -40.47 66.50
C GLU K 51 -45.61 -40.29 66.03
N ILE K 52 -45.93 -40.85 64.87
CA ILE K 52 -47.29 -40.78 64.32
C ILE K 52 -48.27 -41.53 65.24
N ILE K 53 -47.86 -42.72 65.69
CA ILE K 53 -48.67 -43.52 66.60
C ILE K 53 -48.98 -42.74 67.90
N ALA K 54 -47.98 -42.05 68.44
CA ALA K 54 -48.15 -41.26 69.67
C ALA K 54 -49.03 -40.03 69.47
N HIS K 55 -49.01 -39.46 68.26
CA HIS K 55 -49.81 -38.28 67.92
C HIS K 55 -50.49 -38.47 66.56
N PRO K 56 -51.48 -39.39 66.49
CA PRO K 56 -52.09 -39.73 65.20
C PRO K 56 -53.19 -38.74 64.81
N LYS K 57 -53.02 -38.09 63.66
CA LYS K 57 -54.06 -37.20 63.14
C LYS K 57 -54.66 -37.74 61.84
N GLY K 58 -54.91 -39.04 61.83
CA GLY K 58 -55.63 -39.67 60.72
C GLY K 58 -57.07 -39.21 60.70
N THR K 59 -57.88 -39.83 59.84
CA THR K 59 -59.28 -39.44 59.66
C THR K 59 -60.28 -40.58 59.88
N LYS K 60 -59.78 -41.79 60.14
CA LYS K 60 -60.65 -42.96 60.26
C LYS K 60 -61.64 -42.80 61.42
N GLU K 61 -61.14 -42.42 62.60
CA GLU K 61 -62.00 -42.22 63.77
C GLU K 61 -62.83 -40.96 63.62
N SER K 62 -62.17 -39.84 63.30
CA SER K 62 -62.84 -38.54 63.22
C SER K 62 -63.87 -38.44 62.10
N ARG K 63 -63.57 -39.04 60.96
CA ARG K 63 -64.37 -38.84 59.73
C ARG K 63 -65.01 -40.11 59.15
N GLY K 64 -64.55 -41.29 59.57
CA GLY K 64 -64.98 -42.55 58.98
C GLY K 64 -64.30 -42.85 57.64
N VAL K 65 -63.23 -42.12 57.33
CA VAL K 65 -62.49 -42.27 56.08
C VAL K 65 -61.03 -42.52 56.40
N ILE K 66 -60.46 -43.54 55.75
CA ILE K 66 -59.07 -43.89 55.98
C ILE K 66 -58.12 -43.03 55.14
N SER K 67 -57.18 -42.36 55.80
CA SER K 67 -56.19 -41.51 55.13
C SER K 67 -54.78 -41.97 55.53
N LEU K 68 -53.76 -41.26 55.04
CA LEU K 68 -52.37 -41.72 55.17
C LEU K 68 -51.97 -42.17 56.58
N GLN K 69 -52.24 -41.32 57.58
CA GLN K 69 -51.76 -41.56 58.94
C GLN K 69 -52.36 -42.82 59.57
N ASP K 70 -53.57 -43.17 59.15
CA ASP K 70 -54.21 -44.39 59.63
C ASP K 70 -53.48 -45.66 59.18
N TYR K 71 -52.92 -45.63 57.97
CA TYR K 71 -52.16 -46.77 57.45
C TYR K 71 -50.90 -47.05 58.27
N ILE K 72 -50.29 -45.97 58.79
CA ILE K 72 -49.09 -46.08 59.60
C ILE K 72 -49.47 -46.69 60.95
N VAL K 73 -50.54 -46.16 61.53
CA VAL K 73 -51.07 -46.61 62.82
C VAL K 73 -51.40 -48.10 62.85
N GLU K 74 -52.15 -48.55 61.85
CA GLU K 74 -52.67 -49.93 61.84
C GLU K 74 -51.57 -51.01 61.79
N GLU K 75 -50.34 -50.62 61.46
CA GLU K 75 -49.27 -51.60 61.30
C GLU K 75 -48.64 -52.09 62.62
N GLN K 76 -48.99 -51.46 63.74
CA GLN K 76 -48.48 -51.84 65.07
C GLN K 76 -48.53 -53.34 65.38
N ALA K 77 -49.71 -53.93 65.23
CA ALA K 77 -49.94 -55.33 65.58
C ALA K 77 -49.02 -56.30 64.82
N MET K 78 -48.71 -55.98 63.56
CA MET K 78 -47.93 -56.90 62.72
C MET K 78 -46.47 -56.97 63.16
N TYR K 79 -45.91 -55.83 63.58
CA TYR K 79 -44.50 -55.82 64.00
C TYR K 79 -44.33 -56.43 65.39
N ASP K 80 -45.24 -56.11 66.31
CA ASP K 80 -45.28 -56.76 67.63
C ASP K 80 -45.34 -58.28 67.48
N TRP K 81 -46.10 -58.76 66.49
CA TRP K 81 -46.18 -60.19 66.19
C TRP K 81 -44.87 -60.72 65.60
N LEU K 82 -44.28 -60.00 64.66
CA LEU K 82 -43.03 -60.43 64.03
C LEU K 82 -41.86 -60.50 65.00
N PHE K 83 -41.85 -59.60 65.99
CA PHE K 83 -40.80 -59.59 67.01
C PHE K 83 -40.88 -60.81 67.93
N LYS K 84 -42.09 -61.29 68.20
CA LYS K 84 -42.28 -62.49 69.04
C LYS K 84 -42.19 -63.81 68.26
N ASN K 85 -42.57 -63.80 66.98
CA ASN K 85 -42.83 -65.04 66.24
C ASN K 85 -41.91 -65.39 65.06
N HIS K 86 -41.05 -64.47 64.64
CA HIS K 86 -40.20 -64.75 63.47
C HIS K 86 -38.97 -65.58 63.87
N PRO K 87 -38.62 -66.60 63.06
CA PRO K 87 -37.47 -67.50 63.29
C PRO K 87 -36.17 -66.85 63.75
N ILE K 88 -35.91 -65.63 63.27
CA ILE K 88 -34.74 -64.85 63.68
C ILE K 88 -34.74 -64.55 65.18
N PHE K 89 -35.91 -64.45 65.80
CA PHE K 89 -36.02 -64.25 67.25
C PHE K 89 -36.28 -65.54 68.03
N THR K 90 -37.09 -66.42 67.47
CA THR K 90 -37.49 -67.66 68.14
C THR K 90 -36.41 -68.74 68.02
N LYS K 91 -35.95 -68.99 66.78
CA LYS K 91 -34.99 -70.07 66.51
C LYS K 91 -33.51 -69.64 66.56
N TYR K 92 -33.24 -68.35 66.40
CA TYR K 92 -31.85 -67.84 66.40
C TYR K 92 -31.55 -66.84 67.52
N GLY K 93 -32.49 -66.68 68.45
CA GLY K 93 -32.32 -65.80 69.62
C GLY K 93 -32.02 -64.34 69.31
N GLY K 94 -32.36 -63.90 68.10
CA GLY K 94 -32.07 -62.53 67.66
C GLY K 94 -30.64 -62.32 67.15
N LYS K 95 -29.95 -63.40 66.80
CA LYS K 95 -28.54 -63.31 66.40
C LYS K 95 -28.35 -63.45 64.88
N THR K 96 -27.81 -62.38 64.29
CA THR K 96 -27.60 -62.28 62.84
C THR K 96 -26.19 -61.80 62.50
N VAL K 97 -25.69 -62.19 61.33
CA VAL K 97 -24.41 -61.67 60.80
C VAL K 97 -24.70 -60.39 60.03
N GLY K 98 -25.02 -59.33 60.78
CA GLY K 98 -25.45 -58.06 60.21
C GLY K 98 -26.59 -57.51 61.06
N LYS K 99 -26.52 -56.24 61.40
CA LYS K 99 -27.54 -55.62 62.24
C LYS K 99 -28.89 -55.58 61.54
N LEU K 100 -29.97 -55.62 62.33
CA LEU K 100 -31.32 -55.48 61.81
C LEU K 100 -31.71 -54.02 61.80
N VAL K 101 -32.26 -53.56 60.68
CA VAL K 101 -32.82 -52.22 60.57
C VAL K 101 -34.31 -52.34 60.21
N VAL K 102 -35.16 -52.03 61.19
CA VAL K 102 -36.60 -52.02 60.98
C VAL K 102 -36.94 -50.89 60.00
N LYS K 103 -37.67 -51.25 58.94
CA LYS K 103 -38.07 -50.30 57.90
C LYS K 103 -39.56 -50.46 57.62
N ASP K 104 -40.37 -49.69 58.35
CA ASP K 104 -41.82 -49.79 58.28
C ASP K 104 -42.44 -48.65 57.48
N ARG K 105 -43.78 -48.60 57.43
CA ARG K 105 -44.49 -47.54 56.74
C ARG K 105 -44.09 -46.16 57.23
N GLY K 106 -43.80 -46.05 58.53
CA GLY K 106 -43.26 -44.82 59.11
C GLY K 106 -42.17 -44.21 58.25
N GLU K 107 -41.16 -45.01 57.90
CA GLU K 107 -40.06 -44.53 57.05
C GLU K 107 -40.37 -44.62 55.56
N GLU K 108 -40.94 -45.74 55.11
CA GLU K 108 -41.15 -45.97 53.67
C GLU K 108 -42.23 -45.07 53.05
N TRP K 109 -43.33 -44.85 53.78
CA TRP K 109 -44.48 -44.10 53.25
C TRP K 109 -44.45 -42.59 53.56
N ILE K 110 -43.56 -42.16 54.46
CA ILE K 110 -43.53 -40.76 54.92
C ILE K 110 -42.26 -40.01 54.54
N GLU K 111 -41.11 -40.63 54.80
CA GLU K 111 -39.82 -39.94 54.74
C GLU K 111 -39.04 -40.16 53.44
N GLU K 112 -39.29 -41.28 52.76
CA GLU K 112 -38.64 -41.56 51.48
C GLU K 112 -38.92 -40.46 50.46
N GLY K 113 -37.99 -40.27 49.53
CA GLY K 113 -38.04 -39.19 48.55
C GLY K 113 -37.99 -37.80 49.17
N ARG K 114 -37.31 -37.70 50.32
CA ARG K 114 -37.21 -36.46 51.10
C ARG K 114 -38.58 -35.85 51.39
N GLY K 115 -39.54 -36.70 51.71
CA GLY K 115 -40.91 -36.27 52.00
C GLY K 115 -40.97 -35.18 53.05
N ASN K 116 -40.17 -35.31 54.11
CA ASN K 116 -40.14 -34.30 55.16
C ASN K 116 -39.60 -32.97 54.68
N ASP K 117 -38.61 -33.00 53.79
CA ASP K 117 -38.06 -31.78 53.17
C ASP K 117 -39.09 -31.10 52.26
N PHE K 118 -39.82 -31.91 51.48
CA PHE K 118 -40.90 -31.39 50.63
C PHE K 118 -41.95 -30.70 51.49
N SER K 119 -42.30 -31.33 52.61
CA SER K 119 -43.29 -30.77 53.53
C SER K 119 -42.86 -29.42 54.10
N LYS K 120 -41.57 -29.26 54.41
CA LYS K 120 -41.03 -28.00 54.93
C LYS K 120 -41.07 -26.90 53.87
N ALA K 121 -40.83 -27.28 52.62
CA ALA K 121 -40.82 -26.35 51.47
C ALA K 121 -42.21 -25.94 51.00
N SER K 122 -43.25 -26.64 51.46
CA SER K 122 -44.63 -26.40 51.05
C SER K 122 -45.39 -25.59 52.10
N LYS K 123 -46.38 -24.83 51.63
CA LYS K 123 -47.30 -24.11 52.51
C LYS K 123 -48.44 -25.00 53.04
N ARG K 124 -48.55 -26.23 52.53
CA ARG K 124 -49.54 -27.18 53.04
C ARG K 124 -49.33 -27.44 54.52
N SER K 125 -50.38 -27.23 55.31
CA SER K 125 -50.34 -27.43 56.77
C SER K 125 -49.18 -26.69 57.45
N GLY K 126 -48.98 -25.44 57.06
CA GLY K 126 -47.92 -24.57 57.61
C GLY K 126 -46.50 -25.11 57.52
N GLY K 127 -46.25 -25.99 56.56
CA GLY K 127 -44.95 -26.65 56.44
C GLY K 127 -44.71 -27.76 57.44
N GLU K 128 -45.70 -28.04 58.29
CA GLU K 128 -45.53 -28.99 59.39
C GLU K 128 -46.34 -30.28 59.15
N GLY K 129 -46.45 -30.70 57.88
CA GLY K 129 -47.24 -31.86 57.51
C GLY K 129 -46.39 -33.01 57.02
N PHE K 130 -47.05 -34.06 56.53
CA PHE K 130 -46.39 -35.23 55.96
C PHE K 130 -46.61 -35.27 54.45
N SER K 131 -45.68 -35.89 53.73
CA SER K 131 -45.74 -36.02 52.27
C SER K 131 -45.29 -37.40 51.83
N SER K 132 -46.23 -38.21 51.35
CA SER K 132 -45.91 -39.54 50.82
C SER K 132 -45.50 -39.43 49.34
N MET K 133 -44.20 -39.53 49.08
CA MET K 133 -43.63 -39.22 47.77
C MET K 133 -43.73 -40.37 46.78
N MET K 134 -43.46 -41.59 47.26
CA MET K 134 -43.36 -42.78 46.41
C MET K 134 -44.33 -43.90 46.75
N TYR K 135 -44.56 -44.13 48.04
CA TYR K 135 -45.10 -45.39 48.50
C TYR K 135 -46.36 -45.17 49.31
N ARG K 136 -47.50 -45.52 48.71
CA ARG K 136 -48.79 -45.49 49.39
C ARG K 136 -49.82 -46.30 48.59
N VAL K 137 -50.96 -46.58 49.23
CA VAL K 137 -52.06 -47.30 48.58
C VAL K 137 -53.28 -46.40 48.49
N ALA K 138 -54.19 -46.78 47.60
CA ALA K 138 -55.44 -46.05 47.36
C ALA K 138 -56.62 -46.66 48.11
N ARG K 139 -56.59 -47.98 48.30
CA ARG K 139 -57.65 -48.70 48.99
C ARG K 139 -57.09 -49.44 50.20
N ASN K 140 -57.93 -50.21 50.88
CA ASN K 140 -57.51 -50.90 52.10
C ASN K 140 -56.27 -51.75 51.88
N SER K 141 -55.43 -51.81 52.91
CA SER K 141 -54.20 -52.60 52.87
C SER K 141 -54.48 -54.06 53.23
N THR K 142 -53.44 -54.89 53.22
CA THR K 142 -53.57 -56.32 53.53
C THR K 142 -53.63 -56.61 55.04
N LEU K 143 -53.80 -55.59 55.86
CA LEU K 143 -54.06 -55.76 57.29
C LEU K 143 -55.53 -55.67 57.63
N GLN K 144 -56.38 -55.45 56.62
CA GLN K 144 -57.82 -55.30 56.83
C GLN K 144 -58.59 -56.54 56.38
N TYR K 145 -59.34 -57.12 57.31
CA TYR K 145 -60.15 -58.30 57.04
C TYR K 145 -61.53 -58.16 57.68
N PRO K 146 -62.58 -58.54 56.95
CA PRO K 146 -62.55 -59.14 55.61
C PRO K 146 -62.40 -58.09 54.51
N ASN K 147 -61.84 -58.48 53.37
CA ASN K 147 -61.82 -57.64 52.17
C ASN K 147 -62.78 -58.16 51.09
N LYS K 148 -63.00 -57.34 50.06
CA LYS K 148 -64.01 -57.61 49.03
C LYS K 148 -63.41 -58.14 47.70
N PHE K 149 -62.17 -58.60 47.73
CA PHE K 149 -61.57 -59.18 46.53
C PHE K 149 -62.28 -60.48 46.18
N ILE K 150 -62.49 -60.71 44.89
CA ILE K 150 -63.05 -61.96 44.38
C ILE K 150 -62.02 -62.77 43.57
N GLY K 151 -60.91 -62.13 43.19
CA GLY K 151 -59.86 -62.80 42.44
C GLY K 151 -60.06 -62.61 40.95
N PRO K 152 -58.95 -62.62 40.18
CA PRO K 152 -59.02 -62.26 38.76
C PRO K 152 -59.71 -63.29 37.86
N GLU K 153 -59.87 -64.51 38.33
CA GLU K 153 -60.58 -65.53 37.57
C GLU K 153 -62.08 -65.25 37.56
N LYS K 154 -62.57 -64.55 38.59
CA LYS K 154 -63.97 -64.17 38.65
C LYS K 154 -64.31 -63.00 37.72
N CYS K 155 -63.38 -62.06 37.54
CA CYS K 155 -63.53 -61.01 36.51
C CYS K 155 -63.42 -61.67 35.14
N GLY K 156 -62.54 -62.67 35.03
CA GLY K 156 -62.33 -63.40 33.78
C GLY K 156 -63.54 -64.15 33.25
N GLU K 157 -64.42 -64.57 34.15
CA GLU K 157 -65.66 -65.22 33.75
C GLU K 157 -66.47 -64.33 32.82
N CYS K 158 -66.59 -63.06 33.17
CA CYS K 158 -67.35 -62.09 32.36
C CYS K 158 -66.48 -61.32 31.38
N HIS K 159 -65.18 -61.23 31.67
CA HIS K 159 -64.26 -60.55 30.78
C HIS K 159 -63.13 -61.49 30.33
N PRO K 160 -63.49 -62.58 29.63
CA PRO K 160 -62.47 -63.54 29.19
C PRO K 160 -61.38 -62.95 28.28
N ALA K 161 -61.73 -61.96 27.45
CA ALA K 161 -60.74 -61.37 26.55
C ALA K 161 -59.62 -60.67 27.32
N GLN K 162 -59.99 -59.76 28.21
CA GLN K 162 -59.00 -59.02 29.02
C GLN K 162 -58.26 -59.95 29.98
N TYR K 163 -58.94 -60.96 30.53
CA TYR K 163 -58.24 -61.93 31.36
C TYR K 163 -57.08 -62.55 30.59
N GLU K 164 -57.31 -62.94 29.34
CA GLU K 164 -56.26 -63.62 28.57
C GLU K 164 -55.01 -62.75 28.42
N THR K 165 -55.18 -61.53 27.93
CA THR K 165 -54.04 -60.64 27.67
C THR K 165 -53.31 -60.27 28.95
N TRP K 166 -54.06 -59.88 29.97
CA TRP K 166 -53.51 -59.67 31.31
C TRP K 166 -52.79 -60.92 31.83
N SER K 167 -53.39 -62.09 31.67
CA SER K 167 -52.83 -63.31 32.24
C SER K 167 -51.49 -63.68 31.62
N ARG K 168 -51.23 -63.24 30.39
CA ARG K 168 -49.91 -63.43 29.79
C ARG K 168 -49.04 -62.17 29.88
N SER K 169 -49.00 -61.59 31.08
CA SER K 169 -48.21 -60.40 31.34
C SER K 169 -47.54 -60.50 32.70
N ARG K 170 -46.45 -59.76 32.87
CA ARG K 170 -45.69 -59.80 34.11
C ARG K 170 -46.38 -59.09 35.26
N HIS K 171 -47.46 -58.36 35.00
CA HIS K 171 -48.36 -57.89 36.07
C HIS K 171 -48.97 -59.09 36.79
N ALA K 172 -49.28 -60.12 36.01
CA ALA K 172 -50.02 -61.28 36.47
C ALA K 172 -49.16 -62.27 37.26
N THR K 173 -47.88 -62.38 36.90
CA THR K 173 -46.99 -63.38 37.50
C THR K 173 -45.79 -62.78 38.26
N THR K 174 -45.91 -61.53 38.73
CA THR K 174 -44.83 -60.91 39.53
C THR K 174 -44.76 -61.53 40.93
N ILE K 175 -45.88 -62.09 41.39
CA ILE K 175 -45.93 -62.86 42.63
C ILE K 175 -46.30 -64.29 42.30
N ARG K 176 -45.45 -65.23 42.70
CA ARG K 176 -45.66 -66.63 42.40
C ARG K 176 -45.23 -67.53 43.54
N PHE K 177 -46.00 -68.60 43.72
CA PHE K 177 -45.70 -69.63 44.69
C PHE K 177 -44.75 -70.66 44.07
N PRO K 178 -43.94 -71.34 44.92
CA PRO K 178 -43.09 -72.43 44.44
C PRO K 178 -43.93 -73.48 43.73
N GLY K 179 -43.46 -73.96 42.59
CA GLY K 179 -44.26 -74.82 41.74
C GLY K 179 -44.77 -74.10 40.51
N GLU K 180 -44.57 -72.78 40.44
CA GLU K 180 -44.99 -71.98 39.29
C GLU K 180 -43.81 -71.31 38.59
N HIS K 181 -42.70 -72.05 38.44
CA HIS K 181 -41.50 -71.53 37.80
C HIS K 181 -40.98 -72.50 36.74
N PRO K 182 -41.80 -72.82 35.74
CA PRO K 182 -41.35 -73.76 34.71
C PRO K 182 -40.13 -73.29 33.90
N GLU K 183 -39.82 -71.99 33.96
CA GLU K 183 -38.68 -71.42 33.24
C GLU K 183 -37.33 -71.82 33.84
N VAL K 184 -37.36 -72.38 35.05
CA VAL K 184 -36.19 -73.01 35.65
C VAL K 184 -36.53 -74.44 36.08
N ASN K 185 -37.46 -75.08 35.37
CA ASN K 185 -37.96 -76.41 35.73
C ASN K 185 -38.30 -76.55 37.21
N ASN K 186 -38.81 -75.47 37.81
CA ASN K 186 -39.19 -75.44 39.23
C ASN K 186 -38.07 -75.81 40.22
N LYS K 187 -36.83 -75.66 39.79
CA LYS K 187 -35.66 -75.89 40.64
C LYS K 187 -35.18 -74.55 41.17
N LEU K 188 -35.68 -74.18 42.34
CA LEU K 188 -35.38 -72.87 42.93
C LEU K 188 -34.05 -72.80 43.68
N ASN K 189 -33.46 -73.96 43.98
CA ASN K 189 -32.20 -74.02 44.73
C ASN K 189 -31.03 -74.53 43.89
N ASP K 190 -31.26 -74.75 42.60
CA ASP K 190 -30.19 -75.09 41.66
C ASP K 190 -29.83 -73.87 40.82
N PRO K 191 -28.56 -73.77 40.39
CA PRO K 191 -28.13 -72.63 39.57
C PRO K 191 -29.07 -72.40 38.40
N VAL K 192 -29.43 -71.16 38.11
CA VAL K 192 -30.25 -70.88 36.93
C VAL K 192 -29.43 -71.08 35.67
N PHE K 193 -28.30 -70.38 35.56
CA PHE K 193 -27.45 -70.46 34.38
C PHE K 193 -26.30 -71.45 34.62
N ASP K 194 -25.09 -71.19 34.11
CA ASP K 194 -24.00 -72.16 34.26
C ASP K 194 -23.63 -72.36 35.74
N LYS K 195 -23.11 -73.54 36.08
CA LYS K 195 -23.16 -74.06 37.45
C LYS K 195 -22.41 -73.26 38.54
N ASP K 196 -21.50 -72.38 38.13
CA ASP K 196 -20.80 -71.50 39.07
C ASP K 196 -21.60 -70.25 39.46
N THR K 197 -22.75 -70.04 38.82
CA THR K 197 -23.63 -68.90 39.12
C THR K 197 -24.79 -69.26 40.04
N ALA K 198 -25.48 -68.23 40.54
CA ALA K 198 -26.47 -68.39 41.59
C ALA K 198 -27.77 -69.07 41.16
N SER K 199 -28.51 -69.51 42.17
CA SER K 199 -29.86 -70.06 42.04
C SER K 199 -30.82 -68.98 42.52
N ILE K 200 -32.09 -69.09 42.14
CA ILE K 200 -33.09 -68.07 42.51
C ILE K 200 -33.14 -67.89 44.03
N LEU K 201 -33.23 -69.00 44.76
CA LEU K 201 -33.20 -68.96 46.22
C LEU K 201 -31.76 -69.05 46.73
N PRO K 202 -31.44 -68.27 47.78
CA PRO K 202 -30.10 -68.36 48.37
C PRO K 202 -29.91 -69.60 49.25
N GLN K 203 -28.68 -69.84 49.67
CA GLN K 203 -28.36 -70.99 50.53
C GLN K 203 -29.16 -70.94 51.83
N GLY K 204 -29.69 -72.08 52.24
CA GLY K 204 -30.45 -72.21 53.48
C GLY K 204 -31.94 -71.94 53.36
N ILE K 205 -32.37 -71.45 52.20
CA ILE K 205 -33.76 -71.08 51.97
C ILE K 205 -34.41 -72.12 51.05
N THR K 206 -35.40 -72.82 51.58
CA THR K 206 -36.07 -73.91 50.87
C THR K 206 -37.52 -73.54 50.50
N PRO K 207 -38.03 -74.05 49.36
CA PRO K 207 -39.39 -73.76 48.89
C PRO K 207 -40.49 -73.87 49.95
N ASP K 208 -40.38 -74.84 50.86
CA ASP K 208 -41.42 -75.04 51.89
C ASP K 208 -41.50 -73.95 52.99
N VAL K 209 -40.47 -73.10 53.11
CA VAL K 209 -40.54 -71.93 54.01
C VAL K 209 -40.65 -70.59 53.26
N VAL K 210 -40.79 -70.67 51.94
CA VAL K 210 -40.98 -69.49 51.08
C VAL K 210 -42.46 -69.34 50.71
N TYR K 211 -43.09 -68.26 51.15
CA TYR K 211 -44.46 -67.95 50.72
C TYR K 211 -44.52 -67.77 49.21
N CYS K 212 -43.66 -66.90 48.70
CA CYS K 212 -43.67 -66.55 47.28
C CYS K 212 -42.33 -65.98 46.83
N THR K 213 -42.01 -66.18 45.56
CA THR K 213 -40.97 -65.38 44.94
C THR K 213 -41.61 -64.10 44.43
N VAL K 214 -40.76 -63.11 44.16
CA VAL K 214 -41.14 -61.91 43.43
C VAL K 214 -40.24 -61.86 42.22
N GLY K 215 -40.78 -61.45 41.07
CA GLY K 215 -39.95 -61.19 39.89
C GLY K 215 -40.02 -62.22 38.78
N HIS K 216 -39.07 -62.11 37.86
CA HIS K 216 -39.01 -62.93 36.65
C HIS K 216 -37.56 -63.03 36.19
N ILE K 217 -37.32 -63.88 35.19
CA ILE K 217 -36.02 -63.97 34.53
C ILE K 217 -35.62 -62.61 33.96
N ARG K 218 -36.59 -61.93 33.36
CA ARG K 218 -36.45 -60.56 32.85
C ARG K 218 -35.31 -59.74 33.49
N THR K 219 -35.40 -59.51 34.80
CA THR K 219 -34.38 -58.73 35.50
C THR K 219 -33.81 -59.43 36.74
N LYS K 220 -34.67 -59.73 37.71
CA LYS K 220 -34.23 -60.23 39.00
C LYS K 220 -35.34 -60.98 39.75
N PHE K 221 -34.98 -61.62 40.85
CA PHE K 221 -35.94 -62.25 41.77
C PHE K 221 -35.75 -61.76 43.20
N GLY K 222 -36.75 -62.05 44.02
CA GLY K 222 -36.70 -61.83 45.47
C GLY K 222 -37.62 -62.87 46.08
N PHE K 223 -37.71 -62.88 47.41
CA PHE K 223 -38.59 -63.84 48.08
C PHE K 223 -39.15 -63.32 49.40
N PHE K 224 -40.26 -63.91 49.81
CA PHE K 224 -40.80 -63.70 51.15
C PHE K 224 -40.92 -65.05 51.85
N ASP K 225 -40.53 -65.08 53.12
CA ASP K 225 -40.60 -66.31 53.91
C ASP K 225 -42.02 -66.50 54.43
N ALA K 226 -42.28 -67.69 55.00
CA ALA K 226 -43.62 -68.08 55.46
C ALA K 226 -44.27 -67.14 56.49
N TRP K 227 -43.50 -66.18 56.98
CA TRP K 227 -43.97 -65.23 57.98
C TRP K 227 -44.25 -63.86 57.33
N LEU K 228 -44.15 -63.83 55.99
CA LEU K 228 -44.34 -62.62 55.17
C LEU K 228 -43.32 -61.54 55.48
N LEU K 229 -42.10 -61.97 55.78
CA LEU K 229 -40.99 -61.05 55.97
C LEU K 229 -40.20 -61.05 54.67
N ARG K 230 -39.72 -59.88 54.30
CA ARG K 230 -38.94 -59.71 53.08
C ARG K 230 -37.65 -60.51 53.15
N GLY K 231 -37.29 -61.15 52.04
CA GLY K 231 -36.10 -61.98 51.98
C GLY K 231 -34.80 -61.21 51.88
N THR K 232 -34.45 -60.50 52.95
CA THR K 232 -33.22 -59.68 53.01
C THR K 232 -32.00 -60.45 53.55
N TYR K 233 -32.10 -61.78 53.59
CA TYR K 233 -31.09 -62.61 54.25
C TYR K 233 -30.91 -63.98 53.59
N HIS K 234 -29.90 -64.71 54.07
CA HIS K 234 -29.75 -66.13 53.78
C HIS K 234 -29.27 -66.85 55.04
N VAL K 235 -29.20 -68.18 54.98
CA VAL K 235 -28.77 -68.97 56.12
C VAL K 235 -27.54 -69.79 55.75
N GLU K 236 -26.44 -69.54 56.46
CA GLU K 236 -25.16 -70.19 56.17
C GLU K 236 -24.92 -71.39 57.09
N GLY K 237 -24.56 -72.52 56.50
CA GLY K 237 -24.27 -73.75 57.23
C GLY K 237 -25.48 -74.36 57.93
N GLY K 238 -26.62 -74.39 57.24
CA GLY K 238 -27.86 -74.91 57.82
C GLY K 238 -29.08 -74.57 56.99
N LEU K 239 -30.27 -74.78 57.56
CA LEU K 239 -31.54 -74.52 56.87
C LEU K 239 -32.51 -73.73 57.76
N LEU K 240 -33.34 -72.90 57.15
CA LEU K 240 -34.27 -72.03 57.89
C LEU K 240 -35.35 -72.84 58.62
N LYS K 241 -35.94 -73.81 57.93
CA LYS K 241 -36.98 -74.66 58.52
C LYS K 241 -36.52 -75.36 59.81
N ASN K 242 -35.24 -75.72 59.87
CA ASN K 242 -34.67 -76.44 61.02
C ASN K 242 -34.11 -75.55 62.15
N GLY K 243 -33.97 -74.25 61.89
CA GLY K 243 -33.36 -73.33 62.85
C GLY K 243 -31.86 -73.51 62.97
N THR K 244 -31.26 -74.15 61.96
CA THR K 244 -29.84 -74.50 61.96
C THR K 244 -29.05 -73.55 61.07
N GLY K 245 -27.74 -73.49 61.31
CA GLY K 245 -26.85 -72.56 60.62
C GLY K 245 -26.91 -71.20 61.27
N GLN K 246 -26.60 -70.16 60.50
CA GLN K 246 -26.56 -68.80 61.02
C GLN K 246 -27.20 -67.82 60.05
N ILE K 247 -27.98 -66.87 60.57
CA ILE K 247 -28.64 -65.87 59.74
C ILE K 247 -27.60 -64.86 59.28
N VAL K 248 -27.45 -64.74 57.97
CA VAL K 248 -26.43 -63.86 57.36
C VAL K 248 -27.09 -62.85 56.42
N ALA K 249 -26.76 -61.57 56.64
CA ALA K 249 -27.38 -60.47 55.91
C ALA K 249 -26.89 -60.40 54.47
N GLY K 250 -27.82 -60.10 53.55
CA GLY K 250 -27.48 -59.89 52.15
C GLY K 250 -27.48 -61.19 51.35
N GLY K 251 -26.74 -61.17 50.24
CA GLY K 251 -26.67 -62.30 49.31
C GLY K 251 -28.02 -62.94 49.05
N ASN K 252 -29.00 -62.09 48.75
CA ASN K 252 -30.42 -62.45 48.82
C ASN K 252 -31.25 -62.19 47.56
N GLN K 253 -30.68 -61.48 46.59
CA GLN K 253 -31.40 -61.07 45.40
C GLN K 253 -30.77 -61.66 44.16
N TRP K 254 -31.44 -62.63 43.55
CA TRP K 254 -30.99 -63.18 42.29
C TRP K 254 -31.03 -62.08 41.22
N GLN K 255 -29.97 -61.98 40.42
CA GLN K 255 -29.88 -60.98 39.37
C GLN K 255 -29.49 -61.60 38.04
N ARG K 256 -30.38 -61.50 37.07
CA ARG K 256 -30.19 -62.12 35.76
C ARG K 256 -28.89 -61.68 35.10
N THR K 257 -28.68 -60.37 35.03
CA THR K 257 -27.58 -59.82 34.26
C THR K 257 -26.23 -60.22 34.85
N TRP K 258 -26.09 -60.11 36.17
CA TRP K 258 -24.84 -60.53 36.82
C TRP K 258 -24.57 -62.02 36.59
N ALA K 259 -25.58 -62.85 36.82
CA ALA K 259 -25.45 -64.31 36.66
C ALA K 259 -25.24 -64.75 35.22
N LEU K 260 -25.76 -63.98 34.25
CA LEU K 260 -25.76 -64.40 32.84
C LEU K 260 -24.83 -63.61 31.93
N ASN K 261 -24.89 -62.29 32.03
CA ASN K 261 -24.23 -61.41 31.08
C ASN K 261 -22.88 -60.90 31.57
N LEU K 262 -22.78 -60.62 32.87
CA LEU K 262 -21.54 -60.12 33.46
C LEU K 262 -20.60 -61.23 33.93
N SER K 263 -20.08 -62.00 32.98
CA SER K 263 -19.05 -63.00 33.26
C SER K 263 -17.73 -62.29 33.56
N PRO K 264 -16.87 -62.87 34.41
CA PRO K 264 -15.56 -62.28 34.70
C PRO K 264 -14.82 -61.80 33.43
N GLU K 265 -14.91 -62.58 32.37
CA GLU K 265 -14.34 -62.22 31.06
C GLU K 265 -14.88 -60.89 30.53
N VAL K 266 -16.21 -60.73 30.57
CA VAL K 266 -16.86 -59.49 30.15
C VAL K 266 -16.42 -58.34 31.06
N ALA K 267 -16.39 -58.59 32.38
CA ALA K 267 -16.02 -57.57 33.37
C ALA K 267 -14.60 -57.02 33.22
N LYS K 268 -13.70 -57.81 32.62
CA LYS K 268 -12.33 -57.34 32.35
C LYS K 268 -12.27 -56.51 31.08
N LYS K 269 -13.20 -56.74 30.14
CA LYS K 269 -13.35 -55.86 28.98
C LYS K 269 -13.85 -54.48 29.41
N ILE K 270 -14.79 -54.45 30.34
CA ILE K 270 -15.26 -53.19 30.91
C ILE K 270 -14.12 -52.52 31.67
N LYS K 271 -13.33 -53.30 32.39
CA LYS K 271 -12.21 -52.79 33.19
C LYS K 271 -11.17 -52.05 32.34
N LYS K 272 -10.93 -52.54 31.12
CA LYS K 272 -10.05 -51.87 30.14
C LYS K 272 -10.36 -50.38 30.07
N TRP K 273 -11.65 -50.11 29.87
CA TRP K 273 -12.17 -48.76 29.66
C TRP K 273 -12.50 -48.07 30.99
N VAL K 274 -13.05 -48.82 31.94
CA VAL K 274 -13.40 -48.30 33.26
C VAL K 274 -12.55 -48.99 34.34
N PRO K 275 -11.36 -48.42 34.65
CA PRO K 275 -10.41 -48.97 35.64
C PRO K 275 -11.00 -49.47 36.96
N ASP K 276 -11.84 -48.67 37.58
CA ASP K 276 -12.42 -49.01 38.89
C ASP K 276 -13.45 -50.15 38.88
N PHE K 277 -13.67 -50.78 37.72
CA PHE K 277 -14.72 -51.77 37.60
C PHE K 277 -14.37 -53.09 38.30
N PRO K 278 -15.31 -53.64 39.10
CA PRO K 278 -15.05 -54.87 39.84
C PRO K 278 -15.09 -56.13 38.96
N VAL K 279 -14.23 -57.09 39.27
CA VAL K 279 -14.15 -58.36 38.52
C VAL K 279 -14.35 -59.53 39.48
N THR K 280 -13.38 -59.78 40.36
CA THR K 280 -13.50 -60.86 41.33
C THR K 280 -14.66 -60.57 42.28
N LEU K 281 -15.29 -61.62 42.78
CA LEU K 281 -16.43 -61.52 43.69
C LEU K 281 -16.20 -60.60 44.89
N GLU K 282 -14.97 -60.54 45.39
CA GLU K 282 -14.62 -59.66 46.51
C GLU K 282 -14.70 -58.18 46.15
N GLU K 283 -14.34 -57.84 44.91
CA GLU K 283 -14.37 -56.44 44.45
C GLU K 283 -15.77 -55.83 44.48
N TYR K 284 -16.79 -56.68 44.35
CA TYR K 284 -18.18 -56.21 44.40
C TYR K 284 -18.59 -55.74 45.80
N GLY K 285 -17.77 -56.02 46.80
CA GLY K 285 -17.88 -55.38 48.10
C GLY K 285 -19.16 -55.72 48.83
N ASP K 286 -19.74 -54.72 49.49
CA ASP K 286 -20.99 -54.88 50.24
C ASP K 286 -22.19 -55.21 49.35
N ASN K 287 -22.05 -54.98 48.06
CA ASN K 287 -23.11 -55.21 47.08
C ASN K 287 -23.28 -56.70 46.76
N GLY K 288 -22.20 -57.46 46.82
CA GLY K 288 -22.19 -58.86 46.36
C GLY K 288 -22.63 -59.87 47.40
N GLY K 289 -21.98 -61.03 47.40
CA GLY K 289 -22.28 -62.09 48.34
C GLY K 289 -21.27 -63.23 48.32
N TYR K 290 -21.78 -64.45 48.16
CA TYR K 290 -20.95 -65.66 48.17
C TYR K 290 -20.88 -66.36 46.82
N VAL K 291 -21.81 -66.04 45.92
CA VAL K 291 -21.80 -66.60 44.58
C VAL K 291 -22.22 -65.53 43.59
N ARG K 292 -21.70 -65.61 42.36
CA ARG K 292 -22.08 -64.69 41.30
C ARG K 292 -23.54 -64.92 40.94
N GLY K 293 -24.35 -63.88 41.08
CA GLY K 293 -25.76 -63.92 40.75
C GLY K 293 -26.66 -63.58 41.92
N LEU K 294 -26.13 -63.68 43.13
CA LEU K 294 -26.91 -63.35 44.33
C LEU K 294 -26.32 -62.15 45.06
N ALA K 295 -26.90 -60.98 44.79
CA ALA K 295 -26.42 -59.73 45.34
C ALA K 295 -27.20 -59.34 46.59
N SER K 296 -26.70 -58.34 47.30
CA SER K 296 -27.36 -57.85 48.49
C SER K 296 -28.17 -56.60 48.14
N TYR K 297 -29.46 -56.64 48.46
CA TYR K 297 -30.40 -55.55 48.19
C TYR K 297 -31.31 -55.39 49.40
N ALA K 298 -31.48 -54.14 49.85
CA ALA K 298 -32.07 -53.84 51.16
C ALA K 298 -31.21 -54.48 52.25
N ALA K 299 -29.93 -54.61 51.95
CA ALA K 299 -29.00 -55.33 52.79
C ALA K 299 -27.59 -55.16 52.24
N LYS K 300 -26.62 -55.09 53.13
CA LYS K 300 -25.20 -55.07 52.78
C LYS K 300 -24.57 -56.35 53.32
N TYR K 301 -23.83 -57.05 52.46
CA TYR K 301 -23.35 -58.41 52.73
C TYR K 301 -22.61 -58.55 54.07
N LYS K 302 -23.18 -59.38 54.96
CA LYS K 302 -22.64 -59.65 56.29
C LYS K 302 -22.63 -58.46 57.26
N LYS K 303 -23.20 -57.33 56.86
CA LYS K 303 -23.10 -56.10 57.65
C LYS K 303 -24.43 -55.50 58.09
N SER K 304 -25.44 -55.56 57.22
CA SER K 304 -26.79 -55.11 57.58
C SER K 304 -27.88 -55.66 56.68
N MET K 305 -29.09 -55.67 57.21
CA MET K 305 -30.27 -56.15 56.48
C MET K 305 -31.47 -55.40 57.00
N SER K 306 -32.44 -55.19 56.11
CA SER K 306 -33.71 -54.58 56.51
C SER K 306 -34.61 -55.66 57.07
N PHE K 307 -35.30 -55.33 58.16
CA PHE K 307 -36.33 -56.20 58.72
C PHE K 307 -37.66 -55.58 58.31
N GLN K 308 -38.31 -56.18 57.31
CA GLN K 308 -39.48 -55.57 56.68
C GLN K 308 -40.57 -56.56 56.32
N ALA K 309 -41.75 -56.34 56.88
CA ALA K 309 -42.95 -57.09 56.49
C ALA K 309 -43.38 -56.65 55.10
N SER K 310 -44.12 -57.52 54.43
CA SER K 310 -44.75 -57.19 53.15
C SER K 310 -45.64 -55.95 53.24
N THR K 311 -46.24 -55.74 54.41
CA THR K 311 -47.22 -54.68 54.60
C THR K 311 -46.62 -53.27 54.56
N SER K 312 -45.31 -53.16 54.77
CA SER K 312 -44.66 -51.86 54.85
C SER K 312 -44.37 -51.24 53.49
N TYR K 313 -44.25 -52.07 52.46
CA TYR K 313 -43.60 -51.63 51.24
C TYR K 313 -44.06 -52.42 50.01
N CYS K 314 -43.80 -53.72 50.00
CA CYS K 314 -44.14 -54.55 48.84
C CYS K 314 -45.63 -54.66 48.49
N GLU K 315 -46.52 -54.52 49.47
CA GLU K 315 -47.96 -54.63 49.18
C GLU K 315 -48.45 -53.43 48.38
N VAL K 316 -47.59 -52.43 48.21
CA VAL K 316 -47.94 -51.29 47.37
C VAL K 316 -47.86 -51.69 45.89
N CYS K 317 -46.75 -52.30 45.47
CA CYS K 317 -46.51 -52.55 44.04
C CYS K 317 -46.41 -54.00 43.57
N HIS K 318 -46.08 -54.92 44.48
CA HIS K 318 -46.13 -56.36 44.19
C HIS K 318 -47.06 -57.00 45.21
N PRO K 319 -48.37 -56.75 45.10
CA PRO K 319 -49.28 -57.16 46.15
C PRO K 319 -49.84 -58.57 46.02
N TRP K 320 -50.51 -58.98 47.08
CA TRP K 320 -51.34 -60.19 47.12
C TRP K 320 -52.45 -59.90 48.13
N LYS K 321 -53.49 -60.71 48.12
CA LYS K 321 -54.57 -60.57 49.12
C LYS K 321 -55.00 -61.95 49.60
N PHE K 322 -55.54 -62.01 50.82
CA PHE K 322 -56.04 -63.25 51.39
C PHE K 322 -57.54 -63.17 51.61
N ASP K 323 -58.19 -64.34 51.68
CA ASP K 323 -59.65 -64.43 51.81
C ASP K 323 -60.15 -64.57 53.26
N PHE K 324 -59.30 -64.28 54.23
CA PHE K 324 -59.64 -64.48 55.64
C PHE K 324 -60.80 -63.60 56.08
N LYS K 325 -61.69 -64.16 56.91
CA LYS K 325 -62.88 -63.45 57.38
C LYS K 325 -62.58 -62.40 58.43
N ASN K 326 -61.40 -62.47 59.03
CA ASN K 326 -60.98 -61.56 60.10
C ASN K 326 -59.48 -61.70 60.33
N GLU K 327 -58.93 -60.79 61.12
CA GLU K 327 -57.48 -60.76 61.37
C GLU K 327 -56.97 -61.99 62.13
N SER K 328 -57.74 -62.49 63.09
CA SER K 328 -57.34 -63.67 63.86
C SER K 328 -56.97 -64.84 62.95
N GLU K 329 -57.84 -65.13 61.98
CA GLU K 329 -57.59 -66.18 60.99
C GLU K 329 -56.27 -65.94 60.24
N PHE K 330 -55.95 -64.67 60.02
CA PHE K 330 -54.74 -64.28 59.29
C PHE K 330 -53.45 -64.59 60.05
N TYR K 331 -53.41 -64.20 61.33
CA TYR K 331 -52.25 -64.47 62.18
C TYR K 331 -52.11 -65.96 62.51
N ALA K 332 -53.24 -66.65 62.61
CA ALA K 332 -53.24 -68.11 62.83
C ALA K 332 -52.52 -68.87 61.71
N ALA K 333 -52.71 -68.44 60.47
CA ALA K 333 -52.04 -69.04 59.31
C ALA K 333 -50.64 -68.43 59.09
N LEU K 334 -50.35 -67.32 59.77
CA LEU K 334 -49.08 -66.61 59.60
C LEU K 334 -47.91 -67.44 60.16
N GLY K 335 -47.04 -67.89 59.25
CA GLY K 335 -45.94 -68.78 59.61
C GLY K 335 -45.92 -70.07 58.79
N ASN K 336 -47.06 -70.41 58.19
CA ASN K 336 -47.15 -71.58 57.33
C ASN K 336 -47.42 -71.19 55.88
N ALA K 337 -46.44 -71.45 55.01
CA ALA K 337 -46.54 -71.10 53.59
C ALA K 337 -47.63 -71.89 52.84
N LYS K 338 -48.06 -73.02 53.38
CA LYS K 338 -49.15 -73.79 52.78
C LYS K 338 -50.50 -73.13 53.01
N GLU K 339 -50.78 -72.76 54.26
CA GLU K 339 -52.07 -72.14 54.59
C GLU K 339 -52.20 -70.79 53.89
N LEU K 340 -51.13 -69.99 53.92
CA LEU K 340 -51.15 -68.66 53.30
C LEU K 340 -51.46 -68.74 51.82
N GLN K 341 -50.80 -69.66 51.12
CA GLN K 341 -50.98 -69.86 49.69
C GLN K 341 -52.39 -70.30 49.30
N LYS K 342 -53.00 -71.17 50.11
CA LYS K 342 -54.34 -71.67 49.81
C LYS K 342 -55.43 -70.63 50.08
N HIS K 343 -55.20 -69.74 51.03
CA HIS K 343 -56.13 -68.64 51.30
C HIS K 343 -55.82 -67.37 50.48
N THR K 344 -54.93 -67.49 49.49
CA THR K 344 -54.56 -66.37 48.62
C THR K 344 -55.52 -66.26 47.43
N ILE K 345 -56.28 -65.17 47.38
CA ILE K 345 -57.30 -64.93 46.36
C ILE K 345 -56.83 -64.01 45.22
N SER K 346 -55.84 -63.15 45.50
CA SER K 346 -55.24 -62.28 44.47
C SER K 346 -53.73 -62.31 44.61
N LYS K 347 -53.05 -62.59 43.50
CA LYS K 347 -51.60 -62.54 43.44
C LYS K 347 -51.17 -61.49 42.43
N GLY K 348 -50.30 -60.58 42.84
CA GLY K 348 -49.70 -59.61 41.95
C GLY K 348 -50.64 -58.50 41.51
N VAL K 349 -50.35 -57.96 40.34
CA VAL K 349 -51.09 -56.80 39.82
C VAL K 349 -52.27 -57.33 39.02
N SER K 350 -53.33 -57.67 39.74
CA SER K 350 -54.50 -58.30 39.16
C SER K 350 -55.54 -57.24 38.87
N CYS K 351 -56.57 -57.65 38.13
CA CYS K 351 -57.70 -56.78 37.81
C CYS K 351 -58.04 -55.85 38.96
N GLU K 352 -58.21 -56.42 40.16
CA GLU K 352 -58.71 -55.67 41.30
C GLU K 352 -57.68 -54.76 41.96
N GLU K 353 -56.40 -55.00 41.74
CA GLU K 353 -55.39 -54.06 42.24
C GLU K 353 -55.47 -52.73 41.46
N CYS K 354 -55.76 -52.80 40.16
CA CYS K 354 -55.99 -51.61 39.32
C CYS K 354 -57.42 -51.08 39.42
N HIS K 355 -58.40 -51.98 39.36
CA HIS K 355 -59.80 -51.61 39.23
C HIS K 355 -60.61 -51.58 40.51
N GLY K 356 -60.01 -51.94 41.63
CA GLY K 356 -60.72 -51.97 42.90
C GLY K 356 -61.32 -53.34 43.21
N ALA K 357 -61.51 -53.58 44.50
CA ALA K 357 -62.01 -54.87 44.98
C ALA K 357 -63.48 -55.05 44.62
N GLY K 358 -63.76 -56.10 43.86
CA GLY K 358 -65.10 -56.35 43.35
C GLY K 358 -65.39 -55.54 42.09
N GLY K 359 -64.46 -54.69 41.68
CA GLY K 359 -64.67 -53.80 40.54
C GLY K 359 -65.98 -53.05 40.70
N HIS K 360 -66.83 -53.20 39.70
CA HIS K 360 -68.12 -52.49 39.63
C HIS K 360 -69.30 -53.29 40.22
N LEU K 361 -69.01 -54.48 40.74
CA LEU K 361 -70.06 -55.43 41.11
C LEU K 361 -70.74 -55.06 42.40
N GLU K 362 -72.00 -55.48 42.52
CA GLU K 362 -72.82 -55.16 43.68
C GLU K 362 -72.17 -55.79 44.90
N GLY K 363 -71.94 -54.97 45.93
CA GLY K 363 -71.23 -55.40 47.13
C GLY K 363 -69.74 -55.08 47.10
N GLY K 364 -69.21 -54.78 45.91
CA GLY K 364 -67.81 -54.42 45.77
C GLY K 364 -67.51 -53.05 46.35
N SER K 365 -66.26 -52.63 46.24
CA SER K 365 -65.79 -51.38 46.84
C SER K 365 -65.89 -50.18 45.90
N GLY K 366 -66.18 -50.43 44.62
CA GLY K 366 -66.32 -49.36 43.65
C GLY K 366 -65.23 -49.43 42.59
N LEU K 367 -65.63 -49.29 41.33
CA LEU K 367 -64.71 -49.43 40.20
C LEU K 367 -63.71 -48.27 40.13
N LEU K 368 -62.48 -48.61 39.76
CA LEU K 368 -61.43 -47.62 39.55
C LEU K 368 -60.77 -47.86 38.20
N ILE K 369 -60.23 -46.78 37.63
CA ILE K 369 -59.42 -46.85 36.45
C ILE K 369 -58.07 -46.27 36.84
N SER K 370 -57.06 -47.14 36.90
CA SER K 370 -55.74 -46.76 37.40
C SER K 370 -55.06 -45.76 36.47
N ASN K 371 -54.36 -44.79 37.05
CA ASN K 371 -53.43 -43.93 36.32
C ASN K 371 -51.99 -44.38 36.51
N CYS K 372 -51.82 -45.53 37.18
CA CYS K 372 -50.53 -46.21 37.33
C CYS K 372 -49.59 -45.59 38.37
N GLU K 373 -49.99 -44.49 39.02
CA GLU K 373 -49.05 -43.74 39.86
C GLU K 373 -48.77 -44.37 41.25
N ARG K 374 -49.55 -45.40 41.59
CA ARG K 374 -49.29 -46.20 42.78
C ARG K 374 -47.91 -46.86 42.68
N CYS K 375 -47.61 -47.41 41.52
CA CYS K 375 -46.42 -48.24 41.33
C CYS K 375 -45.43 -47.73 40.27
N HIS K 376 -45.81 -46.73 39.50
CA HIS K 376 -44.96 -46.26 38.40
C HIS K 376 -44.55 -44.79 38.47
N GLN K 377 -45.02 -44.07 39.49
CA GLN K 377 -44.65 -42.67 39.65
C GLN K 377 -43.27 -42.56 40.31
N ARG K 378 -43.20 -42.79 41.63
CA ARG K 378 -41.95 -42.72 42.41
C ARG K 378 -41.29 -41.33 42.43
N PHE K 379 -42.04 -40.32 42.86
CA PHE K 379 -41.48 -38.98 43.00
C PHE K 379 -40.42 -38.93 44.10
N SER K 380 -39.46 -38.02 43.94
CA SER K 380 -38.41 -37.83 44.93
C SER K 380 -37.98 -36.37 44.93
N TYR K 381 -38.16 -35.69 46.05
CA TYR K 381 -37.87 -34.26 46.14
C TYR K 381 -36.36 -34.02 46.14
N SER K 382 -35.93 -33.06 45.32
CA SER K 382 -34.51 -32.75 45.17
C SER K 382 -34.23 -31.30 45.57
N PRO K 383 -33.68 -31.09 46.77
CA PRO K 383 -33.36 -29.73 47.23
C PRO K 383 -32.41 -28.97 46.29
N ASP K 384 -31.58 -29.71 45.55
CA ASP K 384 -30.68 -29.09 44.60
C ASP K 384 -31.42 -28.35 43.49
N LEU K 385 -32.42 -29.00 42.88
CA LEU K 385 -33.23 -28.39 41.83
C LEU K 385 -33.97 -27.14 42.33
N MET K 386 -34.39 -27.18 43.59
CA MET K 386 -35.04 -26.03 44.22
C MET K 386 -34.04 -24.87 44.40
N ARG K 387 -32.86 -25.20 44.93
CA ARG K 387 -31.81 -24.22 45.21
C ARG K 387 -31.22 -23.60 43.94
N ASN K 388 -31.17 -24.38 42.86
CA ASN K 388 -30.58 -23.95 41.60
C ASN K 388 -31.49 -23.06 40.75
N ASN K 389 -32.80 -23.14 41.00
CA ASN K 389 -33.77 -22.33 40.26
C ASN K 389 -34.65 -21.54 41.24
N PRO K 390 -34.24 -20.29 41.57
CA PRO K 390 -35.02 -19.42 42.47
C PRO K 390 -36.43 -19.08 41.98
N LEU K 391 -36.69 -19.27 40.70
CA LEU K 391 -38.05 -19.16 40.16
C LEU K 391 -38.98 -20.19 40.80
N ASN K 392 -38.46 -21.38 41.07
CA ASN K 392 -39.23 -22.46 41.72
C ASN K 392 -39.52 -22.21 43.20
N ALA K 393 -39.07 -21.09 43.76
CA ALA K 393 -39.30 -20.80 45.18
C ALA K 393 -40.81 -20.74 45.47
N GLY K 394 -41.23 -21.46 46.50
CA GLY K 394 -42.65 -21.62 46.85
C GLY K 394 -43.34 -22.77 46.13
N LYS K 395 -42.65 -23.39 45.18
CA LYS K 395 -43.24 -24.39 44.28
C LYS K 395 -42.38 -25.66 44.27
N PRO K 396 -42.35 -26.38 45.41
CA PRO K 396 -41.48 -27.56 45.51
C PRO K 396 -41.80 -28.66 44.48
N ASP K 397 -43.04 -28.71 43.99
CA ASP K 397 -43.40 -29.61 42.90
C ASP K 397 -42.47 -29.47 41.70
N LEU K 398 -42.01 -28.25 41.42
CA LEU K 398 -41.08 -28.02 40.33
C LEU K 398 -39.67 -28.54 40.59
N ALA K 399 -39.34 -28.83 41.85
CA ALA K 399 -38.07 -29.47 42.20
C ALA K 399 -38.21 -30.99 42.40
N LEU K 400 -39.23 -31.58 41.80
CA LEU K 400 -39.41 -33.03 41.88
C LEU K 400 -38.53 -33.74 40.89
N SER K 401 -37.98 -34.87 41.33
CA SER K 401 -37.19 -35.77 40.50
C SER K 401 -37.79 -37.16 40.63
N SER K 402 -37.03 -38.16 40.19
CA SER K 402 -37.44 -39.55 40.33
C SER K 402 -36.72 -40.18 41.50
N LYS K 403 -37.30 -41.24 42.05
CA LYS K 403 -36.57 -42.13 42.96
C LYS K 403 -35.31 -42.58 42.23
N PHE K 404 -34.17 -42.45 42.90
CA PHE K 404 -32.92 -42.99 42.38
C PHE K 404 -32.50 -44.18 43.21
N LYS K 405 -32.05 -45.24 42.53
CA LYS K 405 -31.42 -46.36 43.20
C LYS K 405 -29.92 -46.13 43.13
N SER K 406 -29.41 -45.54 44.20
CA SER K 406 -28.07 -44.96 44.26
C SER K 406 -27.87 -43.90 43.18
N MET K 407 -27.27 -44.26 42.04
CA MET K 407 -26.90 -43.28 41.01
C MET K 407 -27.67 -43.42 39.69
N GLY K 408 -28.65 -44.32 39.66
CA GLY K 408 -29.54 -44.46 38.49
C GLY K 408 -30.98 -44.19 38.88
N PRO K 409 -31.80 -43.69 37.94
CA PRO K 409 -33.21 -43.57 38.26
C PRO K 409 -33.82 -44.95 38.49
N GLY K 410 -34.64 -45.08 39.52
CA GLY K 410 -35.18 -46.39 39.91
C GLY K 410 -36.15 -46.95 38.90
N CYS K 411 -36.31 -48.27 38.91
CA CYS K 411 -37.40 -48.90 38.19
C CYS K 411 -38.69 -48.30 38.71
N GLY K 412 -39.74 -48.33 37.90
CA GLY K 412 -41.05 -47.85 38.34
C GLY K 412 -41.12 -46.37 38.62
N SER K 413 -40.30 -45.59 37.92
CA SER K 413 -40.32 -44.15 38.04
C SER K 413 -40.62 -43.50 36.69
N GLU K 414 -41.38 -44.20 35.85
CA GLU K 414 -41.75 -43.66 34.54
C GLU K 414 -42.66 -42.46 34.70
N GLY K 415 -43.56 -42.52 35.67
CA GLY K 415 -44.48 -41.42 35.95
C GLY K 415 -43.78 -40.12 36.34
N SER K 416 -42.85 -40.21 37.31
CA SER K 416 -42.09 -39.04 37.75
C SER K 416 -41.22 -38.50 36.62
N GLN K 417 -40.74 -39.39 35.76
CA GLN K 417 -39.98 -39.01 34.58
C GLN K 417 -40.86 -38.24 33.58
N THR K 418 -41.99 -38.85 33.22
CA THR K 418 -42.89 -38.26 32.23
C THR K 418 -43.47 -36.95 32.69
N TYR K 419 -43.62 -36.76 34.00
CA TYR K 419 -44.18 -35.53 34.53
C TYR K 419 -43.46 -34.28 34.02
N PHE K 420 -42.14 -34.40 33.79
CA PHE K 420 -41.35 -33.28 33.25
C PHE K 420 -40.99 -33.47 31.78
N THR K 421 -41.99 -33.79 30.97
CA THR K 421 -41.80 -33.94 29.54
C THR K 421 -42.90 -33.19 28.78
N ALA K 422 -42.60 -32.82 27.55
CA ALA K 422 -43.57 -32.18 26.69
C ALA K 422 -44.81 -33.06 26.58
N HIS K 423 -44.61 -34.37 26.47
CA HIS K 423 -45.72 -35.30 26.32
C HIS K 423 -46.74 -35.11 27.45
N TYR K 424 -46.28 -35.15 28.69
CA TYR K 424 -47.18 -34.97 29.81
C TYR K 424 -47.90 -33.61 29.76
N GLU K 425 -47.15 -32.57 29.40
CA GLU K 425 -47.72 -31.23 29.30
C GLU K 425 -48.85 -31.17 28.27
N LYS K 426 -48.75 -31.96 27.22
CA LYS K 426 -49.79 -32.02 26.19
C LYS K 426 -50.93 -33.01 26.53
N GLY K 427 -51.01 -33.44 27.78
CA GLY K 427 -52.10 -34.30 28.25
C GLY K 427 -51.87 -35.79 28.08
N MET K 428 -50.68 -36.18 27.61
CA MET K 428 -50.38 -37.60 27.37
C MET K 428 -50.07 -38.31 28.68
N ARG K 429 -50.63 -39.51 28.83
CA ARG K 429 -50.42 -40.32 30.02
C ARG K 429 -49.96 -41.72 29.58
N CYS K 430 -49.71 -42.62 30.53
CA CYS K 430 -49.27 -43.99 30.19
C CYS K 430 -50.23 -44.63 29.20
N ALA K 431 -51.53 -44.53 29.49
CA ALA K 431 -52.57 -45.18 28.69
C ALA K 431 -52.82 -44.52 27.33
N THR K 432 -52.25 -43.35 27.09
CA THR K 432 -52.28 -42.75 25.76
C THR K 432 -51.53 -43.66 24.78
N CYS K 433 -50.40 -44.16 25.25
CA CYS K 433 -49.50 -45.01 24.46
C CYS K 433 -49.72 -46.49 24.72
N HIS K 434 -50.04 -46.85 25.95
CA HIS K 434 -50.02 -48.26 26.39
C HIS K 434 -51.40 -48.88 26.49
N ASP K 435 -51.54 -50.12 26.00
CA ASP K 435 -52.62 -50.99 26.44
C ASP K 435 -52.30 -51.39 27.88
N PRO K 436 -53.29 -51.26 28.81
CA PRO K 436 -53.03 -51.53 30.23
C PRO K 436 -53.09 -53.01 30.62
N HIS K 437 -53.52 -53.87 29.70
CA HIS K 437 -53.63 -55.29 29.98
C HIS K 437 -52.47 -56.07 29.38
N ASP K 438 -52.23 -55.87 28.09
CA ASP K 438 -51.20 -56.59 27.36
C ASP K 438 -49.81 -55.92 27.50
N VAL K 439 -49.33 -55.78 28.73
CA VAL K 439 -48.13 -54.97 29.02
C VAL K 439 -46.77 -55.63 28.77
N THR K 440 -46.76 -56.94 28.51
CA THR K 440 -45.50 -57.65 28.29
C THR K 440 -45.26 -57.97 26.82
N GLY K 441 -46.31 -58.36 26.10
CA GLY K 441 -46.22 -58.61 24.67
C GLY K 441 -45.72 -60.00 24.34
N ASN K 442 -45.49 -60.23 23.04
CA ASN K 442 -45.14 -61.55 22.53
C ASN K 442 -43.64 -61.83 22.57
N VAL K 443 -43.06 -61.73 23.77
CA VAL K 443 -41.65 -61.97 23.97
C VAL K 443 -41.43 -63.43 24.36
N THR K 444 -40.33 -64.01 23.89
CA THR K 444 -40.02 -65.43 24.11
C THR K 444 -38.68 -65.60 24.82
N GLY K 445 -38.37 -66.85 25.18
CA GLY K 445 -37.06 -67.19 25.73
C GLY K 445 -36.02 -67.32 24.63
N GLU K 446 -34.75 -67.34 25.03
CA GLU K 446 -33.64 -67.55 24.10
C GLU K 446 -33.27 -69.03 24.12
N LYS K 447 -33.25 -69.65 22.95
CA LYS K 447 -32.88 -71.06 22.84
C LYS K 447 -31.37 -71.24 22.91
N GLY K 448 -30.64 -70.27 22.37
CA GLY K 448 -29.18 -70.25 22.48
C GLY K 448 -28.66 -70.36 23.91
N ILE K 449 -29.37 -69.72 24.85
CA ILE K 449 -28.93 -69.70 26.26
C ILE K 449 -28.93 -71.10 26.86
N LYS K 450 -27.93 -71.38 27.68
CA LYS K 450 -27.80 -72.66 28.37
C LYS K 450 -27.52 -72.47 29.85
N GLY K 451 -28.07 -73.37 30.65
CA GLY K 451 -27.88 -73.35 32.08
C GLY K 451 -28.29 -74.66 32.69
N VAL K 452 -28.14 -74.74 34.00
CA VAL K 452 -28.52 -75.93 34.76
C VAL K 452 -30.03 -76.08 34.74
N SER K 453 -30.73 -74.99 35.06
CA SER K 453 -32.18 -75.02 35.22
C SER K 453 -32.96 -74.31 34.10
N TYR K 454 -32.37 -73.30 33.47
CA TYR K 454 -33.10 -72.44 32.54
C TYR K 454 -33.79 -73.20 31.40
N ASN K 455 -35.12 -73.21 31.46
CA ASN K 455 -35.95 -73.70 30.37
C ASN K 455 -36.36 -72.51 29.49
N SER K 456 -36.03 -72.58 28.21
CA SER K 456 -36.31 -71.49 27.26
C SER K 456 -37.75 -71.43 26.74
N GLU K 457 -38.55 -72.43 27.05
CA GLU K 457 -39.80 -72.65 26.31
C GLU K 457 -41.09 -72.20 26.99
N GLN K 458 -40.99 -71.32 28.00
CA GLN K 458 -42.17 -70.88 28.74
C GLN K 458 -42.69 -69.50 28.33
N GLY K 459 -42.63 -69.19 27.04
CA GLY K 459 -43.10 -67.91 26.52
C GLY K 459 -42.46 -66.73 27.25
N TYR K 460 -43.29 -65.78 27.66
CA TYR K 460 -42.78 -64.54 28.26
C TYR K 460 -42.04 -64.79 29.57
N LEU K 461 -42.39 -65.87 30.28
CA LEU K 461 -41.74 -66.20 31.55
C LEU K 461 -40.26 -66.48 31.37
N SER K 462 -39.87 -66.92 30.19
CA SER K 462 -38.49 -67.25 29.86
C SER K 462 -37.69 -66.09 29.26
N SER K 463 -38.37 -64.99 28.92
CA SER K 463 -37.75 -63.89 28.16
C SER K 463 -36.97 -62.90 29.03
N LEU K 464 -35.89 -62.37 28.46
CA LEU K 464 -35.09 -61.35 29.11
C LEU K 464 -35.58 -59.93 28.76
N TYR K 465 -36.66 -59.86 27.98
CA TYR K 465 -37.11 -58.61 27.39
C TYR K 465 -38.59 -58.33 27.66
N SER K 466 -38.97 -57.07 27.46
CA SER K 466 -40.37 -56.67 27.44
C SER K 466 -40.71 -55.99 26.11
N LYS K 467 -41.93 -56.23 25.63
CA LYS K 467 -42.41 -55.64 24.37
C LYS K 467 -43.88 -55.25 24.57
N PRO K 468 -44.14 -54.23 25.40
CA PRO K 468 -45.54 -53.88 25.73
C PRO K 468 -46.38 -53.51 24.50
N LYS K 469 -47.63 -53.92 24.49
CA LYS K 469 -48.54 -53.59 23.40
C LYS K 469 -48.88 -52.11 23.49
N LEU K 470 -48.69 -51.40 22.39
CA LEU K 470 -48.92 -49.96 22.33
C LEU K 470 -50.11 -49.59 21.47
N LYS K 471 -50.89 -48.62 21.95
CA LYS K 471 -51.94 -47.99 21.16
C LYS K 471 -51.37 -46.98 20.17
N LYS K 472 -50.29 -46.31 20.56
CA LYS K 472 -49.68 -45.27 19.73
C LYS K 472 -48.20 -45.52 19.52
N GLU K 473 -47.75 -45.34 18.28
CA GLU K 473 -46.34 -45.35 17.93
C GLU K 473 -45.84 -43.90 17.80
N CYS K 474 -44.54 -43.71 17.98
CA CYS K 474 -43.94 -42.40 17.72
C CYS K 474 -44.42 -41.89 16.37
N THR K 475 -44.42 -42.78 15.38
CA THR K 475 -44.72 -42.45 13.99
C THR K 475 -46.16 -42.03 13.70
N ASP K 476 -47.07 -42.28 14.63
CA ASP K 476 -48.46 -41.84 14.47
C ASP K 476 -48.58 -40.33 14.63
N CYS K 477 -47.85 -39.78 15.60
CA CYS K 477 -47.90 -38.35 15.89
C CYS K 477 -46.77 -37.54 15.27
N HIS K 478 -45.63 -38.18 15.02
CA HIS K 478 -44.46 -37.48 14.50
C HIS K 478 -44.22 -37.87 13.04
N LYS K 479 -45.04 -37.31 12.16
CA LYS K 479 -45.08 -37.76 10.76
C LYS K 479 -43.91 -37.26 9.90
N GLU K 480 -43.37 -36.08 10.19
CA GLU K 480 -42.21 -35.58 9.45
C GLU K 480 -40.95 -36.36 9.82
N GLN K 481 -40.78 -36.63 11.11
CA GLN K 481 -39.65 -37.42 11.58
C GLN K 481 -39.69 -38.84 11.03
N ALA K 482 -40.89 -39.44 11.01
CA ALA K 482 -41.09 -40.78 10.45
C ALA K 482 -40.70 -40.84 8.98
N TYR K 483 -41.14 -39.84 8.23
CA TYR K 483 -40.91 -39.76 6.79
C TYR K 483 -39.43 -39.69 6.43
N ILE K 484 -38.71 -38.82 7.13
CA ILE K 484 -37.29 -38.66 6.89
C ILE K 484 -36.54 -39.91 7.34
N GLN K 485 -36.98 -40.48 8.45
CA GLN K 485 -36.31 -41.66 9.01
C GLN K 485 -36.59 -42.90 8.18
N SER K 486 -37.66 -42.87 7.38
CA SER K 486 -38.01 -44.00 6.50
C SER K 486 -37.08 -44.13 5.31
N LYS K 487 -36.25 -43.11 5.06
CA LYS K 487 -35.31 -43.15 3.96
C LYS K 487 -34.09 -43.99 4.36
N ALA K 488 -33.85 -45.04 3.58
CA ALA K 488 -32.73 -45.97 3.82
C ALA K 488 -31.40 -45.24 3.98
N ASP K 489 -30.83 -45.36 5.18
CA ASP K 489 -29.69 -44.56 5.60
C ASP K 489 -29.06 -45.27 6.78
N THR K 490 -28.07 -44.65 7.42
CA THR K 490 -27.37 -45.20 8.57
C THR K 490 -28.26 -45.88 9.63
N HIS K 491 -29.34 -45.21 10.04
CA HIS K 491 -30.19 -45.76 11.10
C HIS K 491 -31.63 -46.05 10.68
N SER K 492 -31.90 -46.21 9.38
CA SER K 492 -33.27 -46.50 8.96
C SER K 492 -33.84 -47.79 9.59
N LYS K 493 -32.95 -48.71 9.98
CA LYS K 493 -33.31 -49.92 10.73
C LYS K 493 -33.80 -49.65 12.16
N ASN K 494 -33.24 -48.65 12.81
CA ASN K 494 -33.57 -48.35 14.21
C ASN K 494 -35.04 -48.03 14.44
N SER K 495 -35.53 -48.39 15.62
CA SER K 495 -36.80 -47.89 16.12
C SER K 495 -36.55 -46.50 16.68
N CYS K 496 -37.57 -45.66 16.68
CA CYS K 496 -37.44 -44.31 17.25
C CYS K 496 -37.02 -44.41 18.70
N ALA K 497 -37.56 -45.40 19.41
CA ALA K 497 -37.29 -45.58 20.84
C ALA K 497 -35.85 -45.99 21.11
N SER K 498 -35.17 -46.51 20.09
CA SER K 498 -33.77 -46.90 20.19
C SER K 498 -32.89 -45.73 20.62
N CYS K 499 -33.03 -44.59 19.96
CA CYS K 499 -32.29 -43.38 20.34
C CYS K 499 -32.92 -42.63 21.51
N HIS K 500 -34.25 -42.63 21.57
CA HIS K 500 -35.01 -41.73 22.43
C HIS K 500 -35.40 -42.30 23.78
N MET K 501 -35.31 -43.62 23.93
CA MET K 501 -35.71 -44.26 25.17
C MET K 501 -34.69 -45.33 25.55
N PRO K 502 -33.47 -44.89 25.92
CA PRO K 502 -32.44 -45.82 26.33
C PRO K 502 -32.71 -46.35 27.73
N PHE K 503 -32.16 -47.50 28.05
CA PHE K 503 -32.42 -48.14 29.34
C PHE K 503 -31.54 -47.57 30.45
N MET K 504 -31.89 -46.38 30.94
CA MET K 504 -31.12 -45.71 31.96
C MET K 504 -31.41 -46.19 33.37
N MET K 505 -32.52 -46.91 33.54
CA MET K 505 -33.04 -47.15 34.87
C MET K 505 -32.45 -48.40 35.52
N SER K 506 -32.32 -48.31 36.83
CA SER K 506 -31.76 -49.37 37.65
C SER K 506 -32.90 -50.02 38.44
N CYS K 507 -33.07 -51.32 38.23
CA CYS K 507 -34.05 -52.12 38.98
C CYS K 507 -33.42 -52.74 40.22
N GLU K 508 -32.14 -53.10 40.11
CA GLU K 508 -31.46 -53.95 41.08
C GLU K 508 -30.71 -53.19 42.16
N ASN K 509 -30.48 -51.89 41.94
CA ASN K 509 -29.57 -51.06 42.74
C ASN K 509 -28.17 -51.64 42.81
N PHE K 510 -27.66 -52.05 41.66
CA PHE K 510 -26.35 -52.69 41.53
C PHE K 510 -25.29 -51.61 41.40
N TYR K 511 -25.11 -50.86 42.48
CA TYR K 511 -24.25 -49.67 42.49
C TYR K 511 -22.79 -49.98 42.23
N ALA K 512 -22.35 -51.19 42.54
CA ALA K 512 -20.98 -51.59 42.24
C ALA K 512 -20.61 -51.38 40.76
N ILE K 513 -21.62 -51.44 39.88
CA ILE K 513 -21.38 -51.29 38.44
C ILE K 513 -22.05 -50.06 37.80
N GLN K 514 -22.55 -49.13 38.62
CA GLN K 514 -23.09 -47.88 38.12
C GLN K 514 -21.97 -46.87 37.81
N PHE K 515 -21.71 -46.65 36.53
CA PHE K 515 -20.74 -45.66 36.07
C PHE K 515 -21.43 -44.74 35.08
N GLN K 516 -22.16 -43.78 35.61
CA GLN K 516 -23.21 -43.08 34.85
C GLN K 516 -22.68 -42.14 33.77
N ASP K 517 -21.51 -41.55 33.98
CA ASP K 517 -20.86 -40.77 32.94
C ASP K 517 -20.44 -41.63 31.74
N GLN K 518 -20.39 -42.96 31.93
CA GLN K 518 -20.07 -43.90 30.86
C GLN K 518 -21.32 -44.64 30.33
N ALA K 519 -22.51 -44.18 30.74
CA ALA K 519 -23.79 -44.77 30.31
C ALA K 519 -23.88 -46.29 30.54
N GLY K 520 -23.56 -46.70 31.76
CA GLY K 520 -23.67 -48.11 32.18
C GLY K 520 -23.43 -48.24 33.68
N PHE K 521 -23.59 -49.44 34.26
CA PHE K 521 -23.93 -50.67 33.55
C PHE K 521 -25.09 -51.42 34.21
N ASP K 522 -25.71 -50.79 35.20
CA ASP K 522 -26.90 -51.32 35.86
C ASP K 522 -28.12 -50.70 35.18
N THR K 523 -28.41 -51.23 33.99
CA THR K 523 -29.29 -50.60 33.02
C THR K 523 -30.40 -51.54 32.54
N GLN K 524 -31.49 -51.60 33.30
CA GLN K 524 -32.49 -52.66 33.12
C GLN K 524 -33.91 -52.23 32.69
N ARG K 525 -34.29 -50.97 32.95
CA ARG K 525 -35.61 -50.45 32.56
C ARG K 525 -35.49 -49.15 31.76
N ARG K 526 -36.55 -48.87 31.00
CA ARG K 526 -36.52 -47.91 29.90
C ARG K 526 -36.94 -46.49 30.26
N ALA K 527 -36.07 -45.53 29.92
CA ALA K 527 -36.32 -44.13 30.25
C ALA K 527 -37.50 -43.59 29.46
N HIS K 528 -38.31 -42.80 30.16
CA HIS K 528 -39.49 -42.14 29.59
C HIS K 528 -39.31 -40.62 29.72
N ILE K 529 -38.37 -40.11 28.93
CA ILE K 529 -37.99 -38.69 28.89
C ILE K 529 -38.09 -38.13 27.47
N TRP K 530 -37.52 -38.85 26.50
CA TRP K 530 -37.68 -38.59 25.05
C TRP K 530 -36.81 -37.47 24.48
N LYS K 531 -36.84 -36.31 25.12
CA LYS K 531 -36.01 -35.16 24.70
C LYS K 531 -34.53 -35.52 24.74
N ILE K 532 -33.86 -35.40 23.61
CA ILE K 532 -32.41 -35.59 23.58
C ILE K 532 -31.68 -34.24 23.55
N ASP K 533 -30.88 -34.00 24.57
CA ASP K 533 -30.05 -32.79 24.64
C ASP K 533 -28.80 -33.02 23.80
N VAL K 534 -28.34 -31.97 23.11
CA VAL K 534 -27.12 -32.04 22.31
C VAL K 534 -26.07 -31.10 22.90
N ASP K 535 -25.13 -31.67 23.64
CA ASP K 535 -24.16 -30.93 24.44
C ASP K 535 -22.92 -31.80 24.67
N PRO K 536 -21.72 -31.22 24.59
CA PRO K 536 -20.51 -32.03 24.70
C PRO K 536 -20.24 -32.61 26.10
N ALA K 537 -20.86 -32.04 27.13
CA ALA K 537 -20.49 -32.37 28.52
C ALA K 537 -21.64 -32.57 29.51
N ARG K 538 -22.73 -31.82 29.37
CA ARG K 538 -23.82 -31.83 30.36
C ARG K 538 -24.50 -33.21 30.47
N LYS K 539 -24.72 -33.64 31.71
CA LYS K 539 -25.22 -34.99 32.00
C LYS K 539 -26.68 -35.00 32.48
N SER K 540 -27.43 -36.03 32.04
CA SER K 540 -28.79 -36.26 32.51
C SER K 540 -28.81 -36.51 34.03
N LEU K 541 -27.91 -37.37 34.49
CA LEU K 541 -27.86 -37.77 35.90
C LEU K 541 -26.69 -37.07 36.57
N VAL K 542 -26.94 -36.53 37.76
CA VAL K 542 -25.90 -35.85 38.52
C VAL K 542 -26.01 -36.17 40.00
N ALA K 543 -24.89 -36.05 40.72
CA ALA K 543 -24.85 -36.28 42.14
C ALA K 543 -25.40 -35.08 42.90
N GLY K 544 -25.94 -35.31 44.09
CA GLY K 544 -26.39 -34.22 44.94
C GLY K 544 -25.22 -33.36 45.41
N SER K 545 -25.52 -32.15 45.86
CA SER K 545 -24.49 -31.25 46.38
C SER K 545 -23.94 -31.75 47.72
N THR K 546 -24.70 -32.59 48.40
CA THR K 546 -24.25 -33.28 49.61
C THR K 546 -23.25 -34.38 49.31
N SER K 547 -23.23 -34.89 48.07
CA SER K 547 -22.27 -35.89 47.66
C SER K 547 -20.84 -35.34 47.84
N LYS K 548 -19.99 -36.14 48.49
CA LYS K 548 -18.60 -35.74 48.77
C LYS K 548 -17.56 -36.57 47.99
N ASP K 549 -17.97 -37.73 47.50
CA ASP K 549 -17.16 -38.52 46.56
C ASP K 549 -17.90 -38.61 45.24
N PRO K 550 -17.17 -38.95 44.15
CA PRO K 550 -17.86 -39.20 42.89
C PRO K 550 -18.82 -40.40 42.94
N ARG K 551 -18.58 -41.30 43.90
CA ARG K 551 -19.21 -42.60 43.91
C ARG K 551 -20.00 -42.94 45.17
N ASP K 552 -20.12 -42.00 46.10
CA ASP K 552 -20.89 -42.25 47.33
C ASP K 552 -22.40 -42.36 47.07
N GLY K 553 -22.83 -41.90 45.89
CA GLY K 553 -24.21 -42.05 45.44
C GLY K 553 -25.22 -41.35 46.33
N LYS K 554 -24.91 -40.12 46.73
CA LYS K 554 -25.80 -39.34 47.59
C LYS K 554 -26.63 -38.34 46.79
N ASP K 555 -27.95 -38.41 46.97
CA ASP K 555 -28.91 -37.43 46.44
C ASP K 555 -28.79 -37.18 44.93
N TRP K 556 -28.57 -38.25 44.18
CA TRP K 556 -28.58 -38.16 42.73
C TRP K 556 -29.97 -37.78 42.22
N HIS K 557 -30.02 -37.00 41.15
CA HIS K 557 -31.27 -36.55 40.57
C HIS K 557 -31.12 -36.30 39.08
N PHE K 558 -32.26 -36.15 38.39
CA PHE K 558 -32.26 -35.74 36.99
C PHE K 558 -31.92 -34.26 36.92
N GLU K 559 -31.28 -33.88 35.81
CA GLU K 559 -31.05 -32.49 35.46
C GLU K 559 -32.19 -31.93 34.61
N ARG K 560 -32.56 -30.68 34.86
CA ARG K 560 -33.56 -30.01 34.04
C ARG K 560 -32.87 -29.11 33.03
N ASN K 561 -33.32 -29.16 31.77
CA ASN K 561 -32.84 -28.25 30.73
C ASN K 561 -33.50 -26.86 30.84
N GLU K 562 -33.26 -26.01 29.85
CA GLU K 562 -33.75 -24.63 29.90
C GLU K 562 -35.28 -24.54 29.86
N GLU K 563 -35.94 -25.54 29.28
CA GLU K 563 -37.41 -25.60 29.24
C GLU K 563 -38.01 -26.24 30.50
N GLY K 564 -37.18 -26.57 31.48
CA GLY K 564 -37.66 -27.14 32.73
C GLY K 564 -38.06 -28.61 32.60
N ARG K 565 -37.33 -29.35 31.78
CA ARG K 565 -37.68 -30.74 31.48
C ARG K 565 -36.51 -31.69 31.70
N ASN K 566 -36.83 -32.95 31.96
CA ASN K 566 -35.83 -34.00 31.89
C ASN K 566 -35.31 -34.13 30.47
N PHE K 567 -34.12 -34.70 30.32
CA PHE K 567 -33.51 -34.86 29.01
C PHE K 567 -32.52 -36.03 29.00
N VAL K 568 -32.28 -36.55 27.80
CA VAL K 568 -31.37 -37.65 27.57
C VAL K 568 -30.09 -37.11 26.93
N ASP K 569 -28.95 -37.30 27.60
CA ASP K 569 -27.67 -36.85 27.05
C ASP K 569 -27.16 -37.84 26.00
N LEU K 570 -26.23 -37.38 25.17
CA LEU K 570 -25.79 -38.14 24.00
C LEU K 570 -25.09 -39.47 24.33
N MET K 571 -24.47 -39.55 25.50
CA MET K 571 -23.83 -40.78 25.93
C MET K 571 -24.88 -41.86 26.14
N TRP K 572 -25.95 -41.53 26.85
CA TRP K 572 -27.08 -42.43 27.02
C TRP K 572 -27.79 -42.75 25.69
N ALA K 573 -27.93 -41.73 24.84
CA ALA K 573 -28.67 -41.87 23.58
C ALA K 573 -27.99 -42.78 22.56
N CYS K 574 -26.67 -42.76 22.52
CA CYS K 574 -25.91 -43.42 21.45
C CYS K 574 -25.03 -44.58 21.88
N ALA K 575 -24.43 -44.49 23.07
CA ALA K 575 -23.33 -45.38 23.45
C ALA K 575 -23.54 -46.14 24.76
N ARG K 576 -24.78 -46.15 25.25
CA ARG K 576 -25.12 -46.85 26.50
C ARG K 576 -24.88 -48.37 26.43
N THR K 577 -24.65 -48.96 27.59
CA THR K 577 -24.39 -50.40 27.71
C THR K 577 -25.52 -51.04 28.49
N THR K 578 -26.16 -52.04 27.88
CA THR K 578 -27.29 -52.74 28.50
C THR K 578 -27.48 -54.12 27.90
N TRP K 579 -28.10 -55.01 28.68
CA TRP K 579 -28.51 -56.33 28.22
C TRP K 579 -30.03 -56.51 28.36
N ALA K 580 -30.73 -55.38 28.50
CA ALA K 580 -32.18 -55.36 28.66
C ALA K 580 -32.90 -54.86 27.40
N ASP K 581 -32.14 -54.55 26.34
CA ASP K 581 -32.66 -53.79 25.21
C ASP K 581 -32.61 -54.59 23.92
N LYS K 582 -33.76 -55.13 23.51
CA LYS K 582 -33.86 -55.95 22.30
C LYS K 582 -33.41 -55.21 21.04
N ASP K 583 -33.86 -53.97 20.86
CA ASP K 583 -33.50 -53.19 19.67
C ASP K 583 -31.98 -53.01 19.54
N GLN K 584 -31.32 -52.82 20.68
CA GLN K 584 -29.87 -52.66 20.72
C GLN K 584 -29.18 -53.97 20.36
N ALA K 585 -29.70 -55.08 20.89
CA ALA K 585 -29.17 -56.42 20.59
C ALA K 585 -29.24 -56.74 19.10
N GLU K 586 -30.29 -56.28 18.43
CA GLU K 586 -30.49 -56.53 17.01
C GLU K 586 -29.82 -55.51 16.10
N ALA K 587 -29.14 -54.52 16.69
CA ALA K 587 -28.42 -53.53 15.91
C ALA K 587 -26.97 -53.41 16.37
N LYS K 588 -26.35 -54.58 16.53
CA LYS K 588 -24.90 -54.67 16.73
C LYS K 588 -24.40 -53.92 17.96
N GLY K 589 -25.24 -53.83 18.98
CA GLY K 589 -24.86 -53.21 20.24
C GLY K 589 -24.89 -51.69 20.28
N CYS K 590 -25.34 -51.07 19.18
CA CYS K 590 -25.24 -49.61 19.00
C CYS K 590 -23.75 -49.22 19.06
N HIS K 591 -23.36 -48.27 19.93
CA HIS K 591 -21.97 -47.76 19.95
C HIS K 591 -21.25 -47.95 21.28
N SER K 592 -21.84 -48.77 22.16
CA SER K 592 -21.22 -49.17 23.42
C SER K 592 -19.83 -49.78 23.21
N PRO K 593 -18.81 -49.22 23.89
CA PRO K 593 -17.49 -49.86 23.93
C PRO K 593 -17.53 -51.33 24.34
N VAL K 594 -18.52 -51.70 25.14
CA VAL K 594 -18.61 -53.01 25.75
C VAL K 594 -19.36 -54.04 24.89
N VAL K 595 -20.48 -53.64 24.29
CA VAL K 595 -21.31 -54.58 23.51
C VAL K 595 -21.36 -54.32 22.00
N SER K 596 -20.74 -53.25 21.52
CA SER K 596 -20.81 -52.93 20.09
C SER K 596 -19.99 -53.92 19.26
N GLU K 597 -20.62 -54.39 18.19
CA GLU K 597 -20.01 -55.29 17.22
C GLU K 597 -19.60 -54.51 15.97
N LEU K 598 -19.73 -53.18 16.04
CA LEU K 598 -19.30 -52.30 14.97
C LEU K 598 -17.78 -52.10 15.01
N LYS K 599 -17.22 -51.65 13.89
CA LYS K 599 -15.79 -51.32 13.84
C LYS K 599 -15.38 -50.41 15.00
N GLU K 600 -14.09 -50.33 15.27
CA GLU K 600 -13.58 -49.63 16.46
C GLU K 600 -13.88 -48.13 16.44
N THR K 601 -13.84 -47.51 15.26
CA THR K 601 -14.10 -46.07 15.15
C THR K 601 -15.50 -45.69 15.65
N LEU K 602 -16.45 -46.61 15.54
CA LEU K 602 -17.83 -46.37 15.98
C LEU K 602 -18.09 -46.76 17.45
N HIS K 603 -17.04 -46.97 18.24
CA HIS K 603 -17.18 -47.18 19.68
C HIS K 603 -16.97 -45.84 20.39
N PHE K 604 -18.03 -45.27 20.94
CA PHE K 604 -17.94 -43.94 21.54
C PHE K 604 -17.60 -44.04 23.02
N LYS K 605 -16.46 -43.48 23.41
CA LYS K 605 -15.95 -43.60 24.79
C LYS K 605 -16.43 -42.48 25.71
N ASP K 606 -16.95 -41.39 25.14
CA ASP K 606 -17.38 -40.25 25.94
C ASP K 606 -18.32 -39.33 25.16
N GLN K 607 -19.07 -38.53 25.89
CA GLN K 607 -20.07 -37.65 25.30
C GLN K 607 -19.43 -36.72 24.27
N LYS K 608 -18.34 -36.06 24.66
CA LYS K 608 -17.58 -35.20 23.77
C LYS K 608 -17.42 -35.82 22.37
N GLN K 609 -16.99 -37.08 22.31
CA GLN K 609 -16.82 -37.78 21.03
C GLN K 609 -18.14 -37.95 20.27
N VAL K 610 -19.20 -38.29 21.00
CA VAL K 610 -20.52 -38.46 20.40
C VAL K 610 -20.95 -37.12 19.82
N TYR K 611 -20.90 -36.10 20.67
CA TYR K 611 -21.21 -34.72 20.30
C TYR K 611 -20.54 -34.30 19.00
N ASN K 612 -19.25 -34.60 18.86
CA ASN K 612 -18.53 -34.26 17.64
C ASN K 612 -19.04 -34.99 16.39
N GLU K 613 -19.58 -36.19 16.56
CA GLU K 613 -20.24 -36.89 15.44
C GLU K 613 -21.55 -36.21 15.06
N VAL K 614 -22.30 -35.77 16.07
CA VAL K 614 -23.57 -35.09 15.84
C VAL K 614 -23.34 -33.79 15.07
N MET K 615 -22.36 -33.00 15.55
CA MET K 615 -21.98 -31.76 14.86
C MET K 615 -21.58 -32.05 13.42
N GLY K 616 -20.90 -33.18 13.20
CA GLY K 616 -20.52 -33.62 11.87
C GLY K 616 -21.68 -33.67 10.89
N TRP K 617 -22.86 -34.02 11.40
CA TRP K 617 -24.07 -34.04 10.58
C TRP K 617 -24.85 -32.72 10.67
N GLN K 618 -25.00 -32.20 11.88
CA GLN K 618 -25.89 -31.06 12.12
C GLN K 618 -25.37 -29.74 11.55
N THR K 619 -24.06 -29.53 11.61
CA THR K 619 -23.49 -28.26 11.14
C THR K 619 -23.70 -28.02 9.64
N PRO K 620 -23.31 -28.98 8.77
CA PRO K 620 -23.54 -28.73 7.34
C PRO K 620 -25.02 -28.57 6.95
N VAL K 621 -25.91 -29.24 7.68
CA VAL K 621 -27.35 -29.13 7.44
C VAL K 621 -27.85 -27.73 7.81
N LYS K 622 -27.52 -27.29 9.02
CA LYS K 622 -27.92 -25.97 9.51
C LYS K 622 -27.45 -24.82 8.61
N ASP K 623 -26.20 -24.91 8.14
CA ASP K 623 -25.65 -23.98 7.15
C ASP K 623 -26.52 -23.85 5.90
N LYS K 624 -26.75 -24.96 5.22
CA LYS K 624 -27.55 -24.96 3.98
C LYS K 624 -29.01 -24.54 4.20
N PHE K 625 -29.58 -24.93 5.34
CA PHE K 625 -30.92 -24.49 5.74
C PHE K 625 -30.97 -22.95 5.84
N THR K 626 -30.00 -22.39 6.54
CA THR K 626 -29.93 -20.94 6.70
C THR K 626 -29.80 -20.23 5.36
N GLN K 627 -28.88 -20.69 4.52
CA GLN K 627 -28.75 -20.18 3.15
C GLN K 627 -30.05 -20.18 2.37
N VAL K 628 -30.82 -21.27 2.49
CA VAL K 628 -32.04 -21.43 1.71
C VAL K 628 -33.14 -20.54 2.27
N LYS K 629 -33.22 -20.43 3.59
CA LYS K 629 -34.16 -19.51 4.26
C LYS K 629 -33.97 -18.07 3.80
N VAL K 630 -32.74 -17.58 3.94
CA VAL K 630 -32.38 -16.23 3.54
C VAL K 630 -32.70 -16.00 2.07
N GLY K 631 -32.31 -16.96 1.23
CA GLY K 631 -32.55 -16.89 -0.20
C GLY K 631 -34.02 -16.76 -0.55
N ILE K 632 -34.86 -17.58 0.08
CA ILE K 632 -36.30 -17.54 -0.18
C ILE K 632 -36.84 -16.15 0.13
N GLN K 633 -36.58 -15.68 1.34
CA GLN K 633 -37.08 -14.38 1.79
C GLN K 633 -36.53 -13.27 0.90
N GLY K 634 -35.22 -13.29 0.70
CA GLY K 634 -34.56 -12.34 -0.18
C GLY K 634 -35.19 -12.25 -1.55
N LEU K 635 -35.56 -13.38 -2.12
CA LEU K 635 -36.17 -13.40 -3.45
C LEU K 635 -37.63 -12.91 -3.46
N TYR K 636 -38.40 -13.22 -2.42
CA TYR K 636 -39.76 -12.68 -2.32
C TYR K 636 -39.68 -11.15 -2.33
N SER K 637 -38.77 -10.62 -1.53
CA SER K 637 -38.60 -9.18 -1.40
C SER K 637 -38.21 -8.54 -2.75
N LEU K 638 -37.16 -9.06 -3.38
CA LEU K 638 -36.77 -8.61 -4.72
C LEU K 638 -37.91 -8.66 -5.74
N LEU K 639 -38.80 -9.64 -5.59
CA LEU K 639 -39.96 -9.74 -6.48
C LEU K 639 -40.93 -8.57 -6.31
N GLU K 640 -40.94 -7.95 -5.14
CA GLU K 640 -41.76 -6.75 -4.92
C GLU K 640 -41.33 -5.56 -5.79
N VAL K 641 -40.09 -5.56 -6.28
CA VAL K 641 -39.53 -4.38 -6.98
C VAL K 641 -38.98 -4.62 -8.39
N LYS K 642 -38.26 -5.71 -8.59
CA LYS K 642 -37.61 -5.95 -9.90
C LYS K 642 -38.63 -6.45 -10.90
N LYS K 643 -38.62 -5.85 -12.08
CA LYS K 643 -39.50 -6.27 -13.17
C LYS K 643 -38.88 -7.45 -13.89
N LEU K 644 -39.68 -8.47 -14.14
CA LEU K 644 -39.25 -9.64 -14.89
C LEU K 644 -40.31 -9.96 -15.92
N ALA K 645 -39.92 -10.64 -16.99
CA ALA K 645 -40.88 -11.17 -17.93
C ALA K 645 -41.75 -12.20 -17.19
N PRO K 646 -43.05 -12.27 -17.51
CA PRO K 646 -43.97 -13.20 -16.83
C PRO K 646 -43.44 -14.63 -16.78
N SER K 647 -42.96 -15.13 -17.92
CA SER K 647 -42.39 -16.47 -18.00
C SER K 647 -41.26 -16.68 -16.99
N ASP K 648 -40.44 -15.65 -16.80
CA ASP K 648 -39.34 -15.70 -15.84
C ASP K 648 -39.81 -15.46 -14.41
N LYS K 649 -40.81 -14.60 -14.27
CA LYS K 649 -41.46 -14.37 -12.97
C LYS K 649 -42.04 -15.69 -12.47
N THR K 650 -42.86 -16.32 -13.31
CA THR K 650 -43.41 -17.66 -13.06
C THR K 650 -42.39 -18.62 -12.48
N ARG K 651 -41.24 -18.69 -13.14
CA ARG K 651 -40.19 -19.62 -12.79
C ARG K 651 -39.58 -19.35 -11.41
N VAL K 652 -39.41 -18.08 -11.06
CA VAL K 652 -38.80 -17.74 -9.78
C VAL K 652 -39.72 -18.20 -8.65
N TYR K 653 -41.00 -17.86 -8.77
CA TYR K 653 -42.02 -18.33 -7.83
C TYR K 653 -41.97 -19.85 -7.65
N GLU K 654 -42.06 -20.59 -8.76
CA GLU K 654 -41.96 -22.05 -8.74
C GLU K 654 -40.79 -22.52 -7.90
N LEU K 655 -39.64 -21.90 -8.14
CA LEU K 655 -38.42 -22.35 -7.50
C LEU K 655 -38.43 -22.07 -6.00
N ILE K 656 -38.77 -20.86 -5.58
CA ILE K 656 -38.76 -20.55 -4.14
C ILE K 656 -39.88 -21.24 -3.38
N GLU K 657 -40.99 -21.54 -4.05
CA GLU K 657 -42.07 -22.32 -3.42
C GLU K 657 -41.60 -23.76 -3.15
N LYS K 658 -40.88 -24.35 -4.11
CA LYS K 658 -40.33 -25.69 -3.95
C LYS K 658 -39.26 -25.72 -2.86
N ALA K 659 -38.45 -24.68 -2.77
CA ALA K 659 -37.46 -24.55 -1.71
C ALA K 659 -38.09 -24.40 -0.32
N GLN K 660 -39.22 -23.70 -0.27
CA GLN K 660 -39.95 -23.51 0.98
C GLN K 660 -40.49 -24.85 1.50
N ASP K 661 -40.93 -25.73 0.60
CA ASP K 661 -41.37 -27.07 0.99
C ASP K 661 -40.28 -27.80 1.76
N THR K 662 -39.06 -27.71 1.26
CA THR K 662 -37.91 -28.36 1.87
C THR K 662 -37.64 -27.76 3.23
N VAL K 663 -37.58 -26.43 3.27
CA VAL K 663 -37.40 -25.68 4.51
C VAL K 663 -38.45 -26.03 5.57
N ASP K 664 -39.71 -26.11 5.17
CA ASP K 664 -40.80 -26.47 6.10
C ASP K 664 -40.56 -27.86 6.68
N LEU K 665 -40.24 -28.82 5.81
CA LEU K 665 -40.00 -30.19 6.25
C LEU K 665 -38.88 -30.26 7.28
N ILE K 666 -37.72 -29.67 6.95
CA ILE K 666 -36.54 -29.78 7.82
C ILE K 666 -36.81 -29.11 9.16
N GLU K 667 -37.44 -27.94 9.13
CA GLU K 667 -37.76 -27.22 10.35
C GLU K 667 -38.76 -28.00 11.20
N LYS K 668 -39.76 -28.60 10.57
CA LYS K 668 -40.76 -29.40 11.29
C LYS K 668 -40.13 -30.65 11.90
N ASP K 669 -39.24 -31.30 11.14
CA ASP K 669 -38.49 -32.47 11.61
C ASP K 669 -37.69 -32.15 12.88
N GLY K 670 -36.88 -31.10 12.82
CA GLY K 670 -36.18 -30.58 13.99
C GLY K 670 -34.93 -31.34 14.45
N SER K 671 -34.49 -32.32 13.66
CA SER K 671 -33.33 -33.14 14.02
C SER K 671 -32.03 -32.70 13.33
N TRP K 672 -32.17 -31.89 12.26
CA TRP K 672 -31.01 -31.33 11.55
C TRP K 672 -30.10 -32.45 11.04
N GLY K 673 -30.71 -33.43 10.38
CA GLY K 673 -29.96 -34.51 9.74
C GLY K 673 -29.84 -35.78 10.57
N MET K 674 -30.10 -35.68 11.88
CA MET K 674 -29.99 -36.86 12.76
C MET K 674 -31.00 -37.97 12.46
N HIS K 675 -32.10 -37.64 11.78
CA HIS K 675 -33.10 -38.66 11.40
C HIS K 675 -32.87 -39.21 9.99
N GLY K 676 -31.84 -38.75 9.31
CA GLY K 676 -31.57 -39.17 7.94
C GLY K 676 -30.74 -38.14 7.21
N PHE K 677 -29.46 -38.10 7.54
CA PHE K 677 -28.53 -37.11 6.98
C PHE K 677 -28.46 -37.15 5.46
N LYS K 678 -28.46 -38.34 4.88
CA LYS K 678 -28.37 -38.49 3.42
C LYS K 678 -29.52 -37.77 2.73
N TYR K 679 -30.74 -38.06 3.16
CA TYR K 679 -31.92 -37.48 2.53
C TYR K 679 -32.06 -35.99 2.84
N THR K 680 -31.72 -35.60 4.06
CA THR K 680 -31.80 -34.19 4.46
C THR K 680 -30.86 -33.36 3.60
N LYS K 681 -29.62 -33.82 3.49
CA LYS K 681 -28.60 -33.18 2.65
C LYS K 681 -29.01 -33.09 1.18
N GLN K 682 -29.55 -34.16 0.60
CA GLN K 682 -29.94 -34.11 -0.81
C GLN K 682 -31.17 -33.24 -1.05
N ARG K 683 -32.03 -33.08 -0.04
CA ARG K 683 -33.12 -32.09 -0.10
C ARG K 683 -32.57 -30.66 -0.13
N LEU K 684 -31.65 -30.37 0.79
CA LEU K 684 -31.03 -29.05 0.86
C LEU K 684 -30.15 -28.72 -0.35
N ASP K 685 -29.44 -29.73 -0.88
CA ASP K 685 -28.69 -29.56 -2.14
C ASP K 685 -29.61 -29.13 -3.27
N ALA K 686 -30.76 -29.78 -3.37
CA ALA K 686 -31.76 -29.42 -4.38
C ALA K 686 -32.27 -27.99 -4.16
N ALA K 687 -32.50 -27.64 -2.90
CA ALA K 687 -33.02 -26.32 -2.55
C ALA K 687 -32.02 -25.24 -2.91
N VAL K 688 -30.78 -25.43 -2.48
CA VAL K 688 -29.68 -24.54 -2.86
C VAL K 688 -29.63 -24.32 -4.37
N GLU K 689 -29.79 -25.39 -5.15
CA GLU K 689 -29.82 -25.27 -6.61
C GLU K 689 -31.02 -24.45 -7.08
N TYR K 690 -32.17 -24.60 -6.43
CA TYR K 690 -33.36 -23.84 -6.82
C TYR K 690 -33.11 -22.35 -6.62
N ILE K 691 -32.55 -22.01 -5.47
CA ILE K 691 -32.25 -20.64 -5.12
C ILE K 691 -31.24 -20.02 -6.08
N ASN K 692 -30.15 -20.72 -6.36
CA ASN K 692 -29.16 -20.21 -7.31
C ASN K 692 -29.73 -20.07 -8.73
N GLU K 693 -30.61 -20.98 -9.14
CA GLU K 693 -31.27 -20.85 -10.45
C GLU K 693 -32.17 -19.63 -10.46
N ALA K 694 -32.83 -19.36 -9.33
CA ALA K 694 -33.71 -18.20 -9.20
C ALA K 694 -32.88 -16.92 -9.20
N GLN K 695 -31.72 -16.95 -8.55
CA GLN K 695 -30.78 -15.83 -8.61
C GLN K 695 -30.30 -15.58 -10.04
N ARG K 696 -29.92 -16.63 -10.76
CA ARG K 696 -29.52 -16.49 -12.16
C ARG K 696 -30.57 -15.72 -12.97
N ILE K 697 -31.84 -16.03 -12.74
CA ILE K 697 -32.94 -15.41 -13.49
C ILE K 697 -33.13 -13.93 -13.10
N MET K 698 -33.02 -13.64 -11.81
CA MET K 698 -33.06 -12.26 -11.29
C MET K 698 -31.98 -11.38 -11.90
N LYS K 699 -30.85 -12.00 -12.22
CA LYS K 699 -29.68 -11.30 -12.78
C LYS K 699 -29.98 -10.52 -14.06
N LYS K 700 -31.04 -10.89 -14.77
CA LYS K 700 -31.44 -10.18 -15.99
C LYS K 700 -31.99 -8.77 -15.76
N SER K 701 -32.32 -8.44 -14.51
CA SER K 701 -32.78 -7.08 -14.16
C SER K 701 -31.65 -6.06 -14.25
N MET L 43 -91.35 -80.28 33.39
CA MET L 43 -90.65 -78.99 33.04
C MET L 43 -89.53 -78.69 34.02
N GLN L 44 -88.37 -78.28 33.50
CA GLN L 44 -87.22 -77.94 34.33
C GLN L 44 -86.24 -76.99 33.65
N MET L 45 -85.36 -76.41 34.46
CA MET L 45 -84.31 -75.53 33.97
C MET L 45 -83.24 -76.34 33.24
N THR L 46 -82.46 -75.65 32.42
CA THR L 46 -81.45 -76.31 31.60
C THR L 46 -80.48 -77.07 32.48
N LYS L 47 -79.80 -78.04 31.90
CA LYS L 47 -78.84 -78.85 32.64
C LYS L 47 -77.71 -77.98 33.17
N GLU L 48 -77.23 -77.07 32.34
CA GLU L 48 -76.11 -76.20 32.70
C GLU L 48 -76.46 -75.33 33.90
N ALA L 49 -77.71 -74.86 33.99
CA ALA L 49 -78.16 -74.14 35.18
C ALA L 49 -78.22 -75.10 36.36
N ARG L 50 -78.73 -76.31 36.10
CA ARG L 50 -78.85 -77.33 37.15
C ARG L 50 -77.50 -77.78 37.69
N GLU L 51 -76.56 -78.10 36.81
CA GLU L 51 -75.19 -78.43 37.22
C GLU L 51 -74.61 -77.35 38.15
N ILE L 52 -74.89 -76.08 37.85
CA ILE L 52 -74.36 -74.93 38.60
C ILE L 52 -75.10 -74.71 39.94
N ILE L 53 -76.42 -74.79 39.93
CA ILE L 53 -77.21 -74.68 41.17
C ILE L 53 -76.81 -75.77 42.18
N ALA L 54 -76.56 -76.98 41.68
CA ALA L 54 -76.13 -78.11 42.52
C ALA L 54 -74.77 -77.89 43.18
N HIS L 55 -73.79 -77.38 42.42
CA HIS L 55 -72.44 -77.11 42.93
C HIS L 55 -71.99 -75.67 42.64
N PRO L 56 -72.63 -74.69 43.30
CA PRO L 56 -72.31 -73.28 43.04
C PRO L 56 -70.96 -72.84 43.61
N LYS L 57 -70.14 -72.17 42.81
CA LYS L 57 -68.92 -71.55 43.33
C LYS L 57 -68.88 -70.02 43.08
N GLY L 58 -70.03 -69.37 43.29
CA GLY L 58 -70.11 -67.91 43.25
C GLY L 58 -69.54 -67.27 44.51
N THR L 59 -69.66 -65.94 44.61
CA THR L 59 -68.95 -65.19 45.65
C THR L 59 -69.82 -64.37 46.60
N LYS L 60 -71.14 -64.35 46.37
CA LYS L 60 -72.04 -63.56 47.19
C LYS L 60 -72.03 -64.01 48.65
N GLU L 61 -71.99 -65.32 48.89
CA GLU L 61 -72.02 -65.85 50.25
C GLU L 61 -70.64 -65.75 50.88
N SER L 62 -69.63 -66.25 50.17
CA SER L 62 -68.26 -66.27 50.70
C SER L 62 -67.64 -64.88 50.84
N ARG L 63 -67.97 -63.96 49.92
CA ARG L 63 -67.30 -62.65 49.86
C ARG L 63 -68.18 -61.41 50.06
N GLY L 64 -69.48 -61.52 49.88
CA GLY L 64 -70.39 -60.36 49.91
C GLY L 64 -70.45 -59.59 48.60
N VAL L 65 -69.98 -60.22 47.51
CA VAL L 65 -69.93 -59.59 46.19
C VAL L 65 -70.51 -60.56 45.15
N ILE L 66 -71.49 -60.07 44.39
CA ILE L 66 -72.14 -60.89 43.37
C ILE L 66 -71.23 -61.08 42.14
N SER L 67 -71.19 -62.30 41.63
CA SER L 67 -70.39 -62.66 40.45
C SER L 67 -71.20 -63.60 39.57
N LEU L 68 -70.63 -64.03 38.43
CA LEU L 68 -71.41 -64.71 37.39
C LEU L 68 -72.32 -65.83 37.89
N GLN L 69 -71.77 -66.70 38.75
CA GLN L 69 -72.50 -67.91 39.14
C GLN L 69 -73.67 -67.61 40.08
N ASP L 70 -73.57 -66.51 40.83
CA ASP L 70 -74.68 -66.04 41.66
C ASP L 70 -75.89 -65.68 40.80
N TYR L 71 -75.65 -65.08 39.63
CA TYR L 71 -76.73 -64.72 38.70
C TYR L 71 -77.46 -65.96 38.16
N ILE L 72 -76.72 -67.02 37.86
CA ILE L 72 -77.31 -68.26 37.37
C ILE L 72 -78.25 -68.83 38.45
N VAL L 73 -77.73 -68.92 39.68
CA VAL L 73 -78.45 -69.47 40.82
C VAL L 73 -79.75 -68.74 41.15
N GLU L 74 -79.73 -67.40 41.09
CA GLU L 74 -80.87 -66.61 41.55
C GLU L 74 -82.13 -66.73 40.69
N GLU L 75 -82.02 -67.35 39.52
CA GLU L 75 -83.14 -67.44 38.58
C GLU L 75 -84.12 -68.58 38.90
N GLN L 76 -83.78 -69.41 39.88
CA GLN L 76 -84.54 -70.63 40.14
C GLN L 76 -86.02 -70.39 40.49
N ALA L 77 -86.27 -69.43 41.37
CA ALA L 77 -87.64 -69.12 41.80
C ALA L 77 -88.52 -68.65 40.66
N MET L 78 -87.95 -67.87 39.76
CA MET L 78 -88.69 -67.33 38.62
C MET L 78 -89.20 -68.46 37.73
N TYR L 79 -88.33 -69.40 37.38
CA TYR L 79 -88.71 -70.49 36.50
C TYR L 79 -89.65 -71.46 37.19
N ASP L 80 -89.47 -71.68 38.49
CA ASP L 80 -90.45 -72.47 39.23
C ASP L 80 -91.82 -71.77 39.21
N TRP L 81 -91.83 -70.45 39.40
CA TRP L 81 -93.08 -69.69 39.36
C TRP L 81 -93.76 -69.76 37.99
N LEU L 82 -92.98 -69.57 36.92
CA LEU L 82 -93.51 -69.66 35.58
C LEU L 82 -94.09 -71.04 35.27
N PHE L 83 -93.35 -72.09 35.62
CA PHE L 83 -93.81 -73.49 35.41
C PHE L 83 -95.14 -73.80 36.08
N LYS L 84 -95.51 -73.04 37.10
CA LYS L 84 -96.81 -73.22 37.77
C LYS L 84 -97.88 -72.20 37.36
N ASN L 85 -97.47 -70.98 37.01
CA ASN L 85 -98.43 -69.89 36.83
C ASN L 85 -98.64 -69.37 35.40
N HIS L 86 -97.74 -69.70 34.48
CA HIS L 86 -97.91 -69.20 33.13
C HIS L 86 -99.15 -69.84 32.46
N PRO L 87 -99.99 -69.03 31.79
CA PRO L 87 -101.23 -69.49 31.14
C PRO L 87 -101.08 -70.72 30.24
N ILE L 88 -99.91 -70.88 29.62
CA ILE L 88 -99.60 -72.08 28.85
C ILE L 88 -99.88 -73.34 29.67
N PHE L 89 -99.60 -73.29 30.96
CA PHE L 89 -99.84 -74.40 31.88
C PHE L 89 -101.20 -74.32 32.59
N THR L 90 -101.58 -73.13 33.04
CA THR L 90 -102.82 -72.98 33.82
C THR L 90 -104.08 -72.89 32.96
N LYS L 91 -103.93 -72.66 31.66
CA LYS L 91 -105.08 -72.46 30.77
C LYS L 91 -105.07 -73.33 29.51
N TYR L 92 -103.89 -73.76 29.06
CA TYR L 92 -103.78 -74.60 27.88
C TYR L 92 -103.22 -75.99 28.24
N GLY L 93 -103.16 -76.30 29.53
CA GLY L 93 -102.77 -77.63 30.00
C GLY L 93 -101.36 -78.07 29.62
N GLY L 94 -100.47 -77.11 29.40
CA GLY L 94 -99.10 -77.41 28.99
C GLY L 94 -98.97 -77.85 27.54
N LYS L 95 -100.04 -77.76 26.76
CA LYS L 95 -100.05 -78.25 25.39
C LYS L 95 -99.78 -77.12 24.42
N THR L 96 -98.81 -77.32 23.53
CA THR L 96 -98.48 -76.35 22.49
C THR L 96 -98.28 -77.06 21.15
N VAL L 97 -98.59 -76.37 20.07
CA VAL L 97 -98.22 -76.85 18.75
C VAL L 97 -96.76 -76.46 18.54
N GLY L 98 -95.87 -77.38 18.91
CA GLY L 98 -94.44 -77.13 18.94
C GLY L 98 -93.86 -77.43 20.30
N LYS L 99 -92.66 -77.99 20.33
CA LYS L 99 -91.97 -78.31 21.57
C LYS L 99 -91.62 -77.03 22.35
N LEU L 100 -91.79 -77.07 23.67
CA LEU L 100 -91.29 -76.01 24.55
C LEU L 100 -89.85 -76.29 24.92
N VAL L 101 -88.96 -75.33 24.67
CA VAL L 101 -87.54 -75.49 24.99
C VAL L 101 -87.12 -74.39 25.96
N VAL L 102 -86.89 -74.78 27.21
CA VAL L 102 -86.47 -73.86 28.25
C VAL L 102 -85.06 -73.37 27.95
N LYS L 103 -84.89 -72.06 27.98
CA LYS L 103 -83.62 -71.41 27.63
C LYS L 103 -83.33 -70.32 28.67
N ASP L 104 -82.55 -70.66 29.69
CA ASP L 104 -82.34 -69.75 30.83
C ASP L 104 -80.90 -69.23 30.88
N ARG L 105 -80.55 -68.52 31.94
CA ARG L 105 -79.20 -67.99 32.11
C ARG L 105 -78.15 -69.08 32.03
N GLY L 106 -78.50 -70.28 32.47
CA GLY L 106 -77.62 -71.44 32.39
C GLY L 106 -77.02 -71.61 31.01
N GLU L 107 -77.87 -71.55 29.98
CA GLU L 107 -77.41 -71.65 28.61
C GLU L 107 -77.02 -70.29 28.03
N GLU L 108 -77.84 -69.27 28.26
CA GLU L 108 -77.58 -67.98 27.65
C GLU L 108 -76.27 -67.34 28.12
N TRP L 109 -76.08 -67.25 29.44
CA TRP L 109 -74.93 -66.53 30.00
C TRP L 109 -73.65 -67.37 30.10
N ILE L 110 -73.78 -68.70 29.93
CA ILE L 110 -72.66 -69.63 30.12
C ILE L 110 -72.28 -70.36 28.84
N GLU L 111 -73.26 -70.95 28.15
CA GLU L 111 -73.01 -71.85 27.02
C GLU L 111 -72.86 -71.12 25.69
N GLU L 112 -73.55 -69.98 25.54
CA GLU L 112 -73.56 -69.25 24.25
C GLU L 112 -72.18 -68.82 23.81
N GLY L 113 -72.00 -68.75 22.49
CA GLY L 113 -70.72 -68.41 21.89
C GLY L 113 -69.60 -69.40 22.18
N ARG L 114 -69.96 -70.66 22.42
CA ARG L 114 -69.01 -71.72 22.78
C ARG L 114 -68.13 -71.33 23.98
N GLY L 115 -68.76 -70.78 25.00
CA GLY L 115 -68.06 -70.41 26.24
C GLY L 115 -67.40 -71.58 26.92
N ASN L 116 -68.03 -72.75 26.88
CA ASN L 116 -67.43 -73.95 27.46
C ASN L 116 -66.16 -74.33 26.70
N ASP L 117 -66.19 -74.29 25.38
CA ASP L 117 -65.00 -74.56 24.57
C ASP L 117 -63.88 -73.53 24.80
N PHE L 118 -64.25 -72.27 25.00
CA PHE L 118 -63.26 -71.23 25.30
C PHE L 118 -62.65 -71.54 26.65
N SER L 119 -63.50 -71.81 27.64
CA SER L 119 -63.02 -72.13 28.97
C SER L 119 -61.94 -73.20 28.95
N LYS L 120 -62.16 -74.28 28.18
CA LYS L 120 -61.23 -75.42 28.12
C LYS L 120 -59.97 -75.16 27.28
N ALA L 121 -59.95 -74.07 26.52
CA ALA L 121 -58.74 -73.67 25.79
C ALA L 121 -57.86 -72.71 26.60
N SER L 122 -58.32 -72.32 27.79
CA SER L 122 -57.68 -71.30 28.61
C SER L 122 -57.09 -71.87 29.89
N LYS L 123 -55.96 -71.30 30.33
CA LYS L 123 -55.32 -71.71 31.59
C LYS L 123 -56.13 -71.26 32.82
N ARG L 124 -57.06 -70.33 32.62
CA ARG L 124 -57.89 -69.83 33.73
C ARG L 124 -58.61 -70.97 34.44
N SER L 125 -58.42 -71.04 35.76
CA SER L 125 -59.03 -72.08 36.59
C SER L 125 -58.72 -73.47 36.05
N GLY L 126 -57.50 -73.67 35.58
CA GLY L 126 -57.05 -74.94 35.01
C GLY L 126 -57.87 -75.47 33.84
N GLY L 127 -58.48 -74.56 33.08
CA GLY L 127 -59.34 -74.95 31.96
C GLY L 127 -60.67 -75.57 32.36
N GLU L 128 -61.07 -75.40 33.62
CA GLU L 128 -62.29 -76.01 34.14
C GLU L 128 -63.33 -74.98 34.51
N GLY L 129 -63.11 -73.73 34.10
CA GLY L 129 -63.98 -72.62 34.50
C GLY L 129 -65.12 -72.36 33.55
N PHE L 130 -65.73 -71.18 33.70
CA PHE L 130 -66.83 -70.74 32.87
C PHE L 130 -66.48 -69.42 32.18
N SER L 131 -66.98 -69.25 30.96
CA SER L 131 -66.76 -68.03 30.20
C SER L 131 -68.06 -67.48 29.65
N SER L 132 -68.49 -66.34 30.20
CA SER L 132 -69.64 -65.63 29.65
C SER L 132 -69.20 -64.79 28.46
N MET L 133 -69.45 -65.32 27.26
CA MET L 133 -69.00 -64.71 26.01
C MET L 133 -69.83 -63.51 25.57
N MET L 134 -71.14 -63.58 25.78
CA MET L 134 -72.07 -62.63 25.17
C MET L 134 -73.00 -61.93 26.12
N TYR L 135 -73.56 -62.67 27.06
CA TYR L 135 -74.70 -62.18 27.83
C TYR L 135 -74.38 -62.21 29.31
N ARG L 136 -74.26 -61.02 29.88
CA ARG L 136 -74.14 -60.81 31.32
C ARG L 136 -74.40 -59.36 31.68
N VAL L 137 -74.65 -59.14 32.96
CA VAL L 137 -74.86 -57.79 33.47
C VAL L 137 -73.67 -57.41 34.33
N ALA L 138 -73.51 -56.11 34.54
CA ALA L 138 -72.46 -55.56 35.40
C ALA L 138 -72.97 -55.36 36.84
N ARG L 139 -74.28 -55.14 36.96
CA ARG L 139 -74.91 -54.77 38.22
C ARG L 139 -76.08 -55.71 38.48
N ASN L 140 -76.89 -55.45 39.49
CA ASN L 140 -77.98 -56.38 39.85
C ASN L 140 -78.96 -56.62 38.72
N SER L 141 -79.49 -57.84 38.67
CA SER L 141 -80.52 -58.19 37.71
C SER L 141 -81.90 -57.70 38.18
N THR L 142 -82.89 -57.84 37.30
CA THR L 142 -84.28 -57.48 37.59
C THR L 142 -84.95 -58.35 38.67
N LEU L 143 -84.21 -59.33 39.20
CA LEU L 143 -84.73 -60.20 40.27
C LEU L 143 -84.43 -59.71 41.69
N GLN L 144 -83.51 -58.75 41.84
CA GLN L 144 -83.18 -58.24 43.17
C GLN L 144 -84.05 -57.03 43.51
N TYR L 145 -84.76 -57.11 44.63
CA TYR L 145 -85.55 -56.00 45.13
C TYR L 145 -85.19 -55.73 46.59
N PRO L 146 -85.19 -54.46 47.00
CA PRO L 146 -85.41 -53.29 46.15
C PRO L 146 -84.15 -52.93 45.34
N ASN L 147 -84.31 -51.98 44.43
CA ASN L 147 -83.20 -51.47 43.62
C ASN L 147 -83.14 -49.96 43.81
N LYS L 148 -82.03 -49.36 43.40
CA LYS L 148 -81.80 -47.92 43.61
C LYS L 148 -82.12 -47.06 42.39
N PHE L 149 -82.91 -47.57 41.45
CA PHE L 149 -83.25 -46.84 40.23
C PHE L 149 -84.25 -45.74 40.55
N ILE L 150 -84.03 -44.55 39.98
CA ILE L 150 -84.94 -43.41 40.14
C ILE L 150 -85.65 -43.02 38.85
N GLY L 151 -85.19 -43.58 37.72
CA GLY L 151 -85.78 -43.29 36.42
C GLY L 151 -85.10 -42.14 35.70
N PRO L 152 -85.13 -42.17 34.36
CA PRO L 152 -84.43 -41.15 33.56
C PRO L 152 -84.99 -39.75 33.75
N GLU L 153 -86.29 -39.66 34.03
CA GLU L 153 -86.94 -38.37 34.24
C GLU L 153 -86.31 -37.60 35.42
N LYS L 154 -85.76 -38.34 36.38
CA LYS L 154 -85.10 -37.74 37.56
C LYS L 154 -83.66 -37.30 37.29
N CYS L 155 -82.92 -38.07 36.49
CA CYS L 155 -81.64 -37.61 35.97
C CYS L 155 -81.87 -36.36 35.14
N GLY L 156 -82.97 -36.35 34.38
CA GLY L 156 -83.31 -35.23 33.50
C GLY L 156 -83.65 -33.91 34.18
N GLU L 157 -84.06 -33.96 35.45
CA GLU L 157 -84.31 -32.76 36.23
C GLU L 157 -83.06 -31.89 36.34
N CYS L 158 -81.91 -32.53 36.59
CA CYS L 158 -80.63 -31.82 36.66
C CYS L 158 -79.86 -31.83 35.34
N HIS L 159 -80.21 -32.75 34.44
CA HIS L 159 -79.53 -32.88 33.14
C HIS L 159 -80.52 -32.80 31.99
N PRO L 160 -81.25 -31.68 31.89
CA PRO L 160 -82.23 -31.54 30.82
C PRO L 160 -81.64 -31.69 29.42
N ALA L 161 -80.40 -31.25 29.22
CA ALA L 161 -79.76 -31.34 27.91
C ALA L 161 -79.59 -32.78 27.46
N GLN L 162 -78.96 -33.61 28.27
CA GLN L 162 -78.74 -35.00 27.90
C GLN L 162 -80.06 -35.77 27.82
N TYR L 163 -81.03 -35.43 28.67
CA TYR L 163 -82.34 -36.07 28.58
C TYR L 163 -82.98 -35.85 27.22
N GLU L 164 -82.93 -34.62 26.71
CA GLU L 164 -83.54 -34.32 25.42
C GLU L 164 -82.95 -35.19 24.31
N THR L 165 -81.63 -35.29 24.24
CA THR L 165 -81.00 -36.02 23.15
C THR L 165 -81.23 -37.52 23.31
N TRP L 166 -81.05 -38.03 24.52
CA TRP L 166 -81.33 -39.42 24.82
C TRP L 166 -82.77 -39.79 24.47
N SER L 167 -83.71 -38.93 24.86
CA SER L 167 -85.14 -39.25 24.75
C SER L 167 -85.65 -39.29 23.32
N ARG L 168 -84.90 -38.70 22.38
CA ARG L 168 -85.22 -38.85 20.96
C ARG L 168 -84.23 -39.83 20.30
N SER L 169 -83.97 -40.94 20.99
CA SER L 169 -83.15 -42.03 20.46
C SER L 169 -83.82 -43.36 20.73
N ARG L 170 -83.40 -44.38 19.99
CA ARG L 170 -84.01 -45.70 20.10
C ARG L 170 -83.58 -46.46 21.36
N HIS L 171 -82.47 -46.05 21.97
CA HIS L 171 -82.13 -46.50 23.33
C HIS L 171 -83.29 -46.25 24.30
N ALA L 172 -83.95 -45.12 24.14
CA ALA L 172 -84.98 -44.68 25.07
C ALA L 172 -86.35 -45.32 24.82
N THR L 173 -86.60 -45.77 23.59
CA THR L 173 -87.93 -46.29 23.25
C THR L 173 -87.93 -47.73 22.76
N THR L 174 -86.83 -48.46 22.96
CA THR L 174 -86.78 -49.88 22.59
C THR L 174 -87.81 -50.71 23.40
N ILE L 175 -88.06 -50.31 24.65
CA ILE L 175 -89.12 -50.92 25.46
C ILE L 175 -90.30 -49.95 25.55
N ARG L 176 -91.46 -50.36 25.06
CA ARG L 176 -92.64 -49.51 25.09
C ARG L 176 -93.90 -50.28 25.45
N PHE L 177 -94.83 -49.60 26.10
CA PHE L 177 -96.12 -50.15 26.46
C PHE L 177 -97.16 -49.84 25.38
N PRO L 178 -98.21 -50.67 25.30
CA PRO L 178 -99.35 -50.32 24.44
C PRO L 178 -99.85 -48.94 24.80
N GLY L 179 -100.24 -48.18 23.78
CA GLY L 179 -100.54 -46.77 23.94
C GLY L 179 -99.39 -45.86 23.54
N GLU L 180 -98.19 -46.43 23.33
CA GLU L 180 -97.00 -45.61 22.99
C GLU L 180 -96.45 -45.90 21.58
N HIS L 181 -97.35 -46.23 20.65
CA HIS L 181 -96.95 -46.53 19.26
C HIS L 181 -97.68 -45.65 18.27
N PRO L 182 -97.41 -44.32 18.30
CA PRO L 182 -98.08 -43.40 17.39
C PRO L 182 -97.74 -43.62 15.91
N GLU L 183 -96.63 -44.28 15.63
CA GLU L 183 -96.19 -44.59 14.27
C GLU L 183 -97.06 -45.62 13.55
N VAL L 184 -97.97 -46.26 14.29
CA VAL L 184 -98.99 -47.10 13.70
C VAL L 184 -100.37 -46.74 14.28
N ASN L 185 -100.52 -45.50 14.73
CA ASN L 185 -101.76 -45.01 15.32
C ASN L 185 -102.26 -45.92 16.42
N ASN L 186 -101.31 -46.46 17.19
CA ASN L 186 -101.61 -47.37 18.30
C ASN L 186 -102.53 -48.54 17.93
N LYS L 187 -102.37 -49.04 16.71
CA LYS L 187 -103.12 -50.19 16.23
C LYS L 187 -102.15 -51.36 16.13
N LEU L 188 -101.95 -52.05 17.25
CA LEU L 188 -100.99 -53.14 17.29
C LEU L 188 -101.50 -54.44 16.69
N ASN L 189 -102.80 -54.54 16.43
CA ASN L 189 -103.39 -55.76 15.85
C ASN L 189 -103.90 -55.57 14.42
N ASP L 190 -103.62 -54.42 13.81
CA ASP L 190 -103.95 -54.18 12.41
C ASP L 190 -102.69 -54.15 11.57
N PRO L 191 -102.80 -54.51 10.27
CA PRO L 191 -101.62 -54.46 9.39
C PRO L 191 -100.93 -53.11 9.40
N VAL L 192 -99.60 -53.13 9.48
CA VAL L 192 -98.82 -51.93 9.44
C VAL L 192 -98.82 -51.37 8.01
N PHE L 193 -98.40 -52.19 7.07
CA PHE L 193 -98.25 -51.75 5.69
C PHE L 193 -99.41 -52.27 4.84
N ASP L 194 -99.17 -53.09 3.82
CA ASP L 194 -100.28 -53.56 2.99
C ASP L 194 -101.26 -54.39 3.82
N LYS L 195 -102.52 -54.37 3.42
CA LYS L 195 -103.59 -55.02 4.20
C LYS L 195 -103.46 -56.55 4.24
N ASP L 196 -102.67 -57.13 3.33
CA ASP L 196 -102.38 -58.57 3.34
C ASP L 196 -101.06 -58.92 4.03
N THR L 197 -100.47 -57.96 4.75
CA THR L 197 -99.24 -58.20 5.52
C THR L 197 -99.51 -58.02 7.02
N ALA L 198 -98.47 -58.24 7.83
CA ALA L 198 -98.67 -58.48 9.26
C ALA L 198 -98.88 -57.23 10.11
N SER L 199 -99.59 -57.47 11.21
CA SER L 199 -99.68 -56.54 12.31
C SER L 199 -98.48 -56.78 13.20
N ILE L 200 -98.22 -55.86 14.13
CA ILE L 200 -97.09 -55.98 15.05
C ILE L 200 -97.30 -57.10 16.06
N LEU L 201 -98.50 -57.21 16.60
CA LEU L 201 -98.82 -58.30 17.52
C LEU L 201 -99.35 -59.50 16.74
N PRO L 202 -98.89 -60.72 17.10
CA PRO L 202 -99.42 -61.86 16.37
C PRO L 202 -100.88 -62.15 16.66
N GLN L 203 -101.42 -63.06 15.86
CA GLN L 203 -102.75 -63.61 15.99
C GLN L 203 -103.01 -64.03 17.43
N GLY L 204 -104.16 -63.60 17.97
CA GLY L 204 -104.59 -64.00 19.31
C GLY L 204 -103.91 -63.30 20.49
N ILE L 205 -103.05 -62.32 20.21
CA ILE L 205 -102.35 -61.60 21.25
C ILE L 205 -102.87 -60.17 21.27
N THR L 206 -103.50 -59.79 22.37
CA THR L 206 -104.13 -58.49 22.51
C THR L 206 -103.28 -57.64 23.46
N PRO L 207 -103.35 -56.29 23.33
CA PRO L 207 -102.56 -55.40 24.17
C PRO L 207 -102.77 -55.58 25.67
N ASP L 208 -103.98 -55.92 26.08
CA ASP L 208 -104.29 -56.11 27.50
C ASP L 208 -103.53 -57.27 28.18
N VAL L 209 -102.96 -58.20 27.40
CA VAL L 209 -102.09 -59.25 27.98
C VAL L 209 -100.61 -59.08 27.59
N VAL L 210 -100.27 -57.96 26.97
CA VAL L 210 -98.88 -57.65 26.62
C VAL L 210 -98.32 -56.65 27.64
N TYR L 211 -97.21 -57.02 28.27
CA TYR L 211 -96.50 -56.08 29.13
C TYR L 211 -95.87 -54.97 28.30
N CYS L 212 -95.13 -55.36 27.26
CA CYS L 212 -94.44 -54.40 26.39
C CYS L 212 -94.12 -54.97 25.02
N THR L 213 -93.86 -54.04 24.08
CA THR L 213 -93.21 -54.37 22.84
C THR L 213 -91.72 -54.11 22.99
N VAL L 214 -90.95 -54.77 22.14
CA VAL L 214 -89.53 -54.49 22.00
C VAL L 214 -89.33 -54.07 20.55
N GLY L 215 -88.51 -53.06 20.33
CA GLY L 215 -88.10 -52.67 18.98
C GLY L 215 -88.80 -51.46 18.40
N HIS L 216 -88.67 -51.33 17.07
CA HIS L 216 -89.14 -50.16 16.34
C HIS L 216 -89.48 -50.59 14.92
N ILE L 217 -90.16 -49.69 14.20
CA ILE L 217 -90.38 -49.84 12.78
C ILE L 217 -89.05 -50.04 12.05
N ARG L 218 -88.01 -49.41 12.57
CA ARG L 218 -86.66 -49.50 12.01
C ARG L 218 -86.33 -50.88 11.45
N THR L 219 -86.42 -51.92 12.28
CA THR L 219 -86.15 -53.28 11.81
C THR L 219 -87.27 -54.27 12.14
N LYS L 220 -87.57 -54.41 13.42
CA LYS L 220 -88.49 -55.45 13.85
C LYS L 220 -89.09 -55.14 15.20
N PHE L 221 -90.15 -55.86 15.56
CA PHE L 221 -90.71 -55.81 16.90
C PHE L 221 -90.73 -57.22 17.47
N GLY L 222 -90.88 -57.28 18.79
CA GLY L 222 -91.15 -58.51 19.53
C GLY L 222 -92.05 -58.08 20.67
N PHE L 223 -92.52 -59.03 21.47
CA PHE L 223 -93.37 -58.68 22.60
C PHE L 223 -93.09 -59.54 23.80
N PHE L 224 -93.49 -59.03 24.96
CA PHE L 224 -93.50 -59.80 26.19
C PHE L 224 -94.92 -59.84 26.71
N ASP L 225 -95.33 -61.02 27.17
CA ASP L 225 -96.66 -61.16 27.74
C ASP L 225 -96.63 -60.66 29.18
N ALA L 226 -97.82 -60.56 29.79
CA ALA L 226 -97.96 -60.02 31.14
C ALA L 226 -97.24 -60.83 32.22
N TRP L 227 -96.76 -62.02 31.86
CA TRP L 227 -96.04 -62.90 32.77
C TRP L 227 -94.52 -62.74 32.56
N LEU L 228 -94.16 -61.73 31.77
CA LEU L 228 -92.76 -61.46 31.40
C LEU L 228 -92.08 -62.64 30.74
N LEU L 229 -92.86 -63.38 29.95
CA LEU L 229 -92.31 -64.41 29.12
C LEU L 229 -92.13 -63.84 27.72
N ARG L 230 -90.99 -64.15 27.13
CA ARG L 230 -90.70 -63.75 25.78
C ARG L 230 -91.74 -64.30 24.80
N GLY L 231 -92.28 -63.41 23.97
CA GLY L 231 -93.30 -63.79 23.01
C GLY L 231 -92.74 -64.58 21.85
N THR L 232 -92.67 -65.90 22.03
CA THR L 232 -92.17 -66.81 21.00
C THR L 232 -93.29 -67.59 20.30
N TYR L 233 -94.53 -67.18 20.52
CA TYR L 233 -95.71 -67.95 20.13
C TYR L 233 -96.84 -67.03 19.70
N HIS L 234 -97.86 -67.62 19.08
CA HIS L 234 -99.14 -66.97 18.86
C HIS L 234 -100.29 -67.89 19.28
N VAL L 235 -101.52 -67.42 19.14
CA VAL L 235 -102.69 -68.22 19.47
C VAL L 235 -103.56 -68.38 18.24
N GLU L 236 -103.77 -69.63 17.84
CA GLU L 236 -104.58 -69.98 16.68
C GLU L 236 -105.97 -70.35 17.19
N GLY L 237 -106.99 -69.69 16.66
CA GLY L 237 -108.39 -70.05 16.94
C GLY L 237 -108.91 -69.58 18.28
N GLY L 238 -108.50 -68.40 18.71
CA GLY L 238 -108.91 -67.86 19.99
C GLY L 238 -107.96 -66.80 20.51
N LEU L 239 -108.05 -66.53 21.81
CA LEU L 239 -107.30 -65.45 22.46
C LEU L 239 -106.63 -65.89 23.76
N LEU L 240 -105.39 -65.44 23.96
CA LEU L 240 -104.63 -65.73 25.17
C LEU L 240 -105.33 -65.21 26.44
N LYS L 241 -105.94 -64.03 26.34
CA LYS L 241 -106.68 -63.45 27.48
C LYS L 241 -107.82 -64.36 27.96
N ASN L 242 -108.55 -64.98 27.04
CA ASN L 242 -109.65 -65.89 27.37
C ASN L 242 -109.25 -67.35 27.56
N GLY L 243 -107.99 -67.68 27.31
CA GLY L 243 -107.52 -69.06 27.41
C GLY L 243 -108.09 -69.99 26.35
N THR L 244 -108.55 -69.41 25.24
CA THR L 244 -109.17 -70.16 24.16
C THR L 244 -108.16 -70.40 23.03
N GLY L 245 -108.53 -71.26 22.09
CA GLY L 245 -107.65 -71.57 20.95
C GLY L 245 -106.48 -72.46 21.32
N GLN L 246 -105.44 -72.40 20.50
CA GLN L 246 -104.22 -73.20 20.68
C GLN L 246 -102.97 -72.33 20.69
N ILE L 247 -102.02 -72.64 21.58
CA ILE L 247 -100.71 -72.00 21.58
C ILE L 247 -99.90 -72.63 20.46
N VAL L 248 -99.43 -71.78 19.53
CA VAL L 248 -98.63 -72.23 18.39
C VAL L 248 -97.25 -71.55 18.41
N ALA L 249 -96.20 -72.34 18.26
CA ALA L 249 -94.85 -71.81 18.20
C ALA L 249 -94.62 -70.93 16.97
N GLY L 250 -93.84 -69.87 17.16
CA GLY L 250 -93.42 -69.00 16.07
C GLY L 250 -94.45 -67.99 15.63
N GLY L 251 -94.27 -67.46 14.41
CA GLY L 251 -95.15 -66.41 13.88
C GLY L 251 -95.26 -65.22 14.82
N ASN L 252 -94.13 -64.87 15.43
CA ASN L 252 -94.12 -64.06 16.63
C ASN L 252 -93.31 -62.76 16.54
N GLN L 253 -92.44 -62.66 15.54
CA GLN L 253 -91.58 -61.48 15.36
C GLN L 253 -92.00 -60.72 14.10
N TRP L 254 -92.49 -59.49 14.28
CA TRP L 254 -92.86 -58.62 13.17
C TRP L 254 -91.59 -58.09 12.53
N GLN L 255 -91.52 -58.13 11.20
CA GLN L 255 -90.29 -57.81 10.48
C GLN L 255 -90.56 -56.81 9.39
N ARG L 256 -89.95 -55.63 9.51
CA ARG L 256 -90.23 -54.52 8.60
C ARG L 256 -89.89 -54.82 7.15
N THR L 257 -88.70 -55.38 6.92
CA THR L 257 -88.24 -55.57 5.54
C THR L 257 -89.10 -56.61 4.82
N TRP L 258 -89.45 -57.68 5.52
CA TRP L 258 -90.32 -58.70 4.95
C TRP L 258 -91.71 -58.15 4.64
N ALA L 259 -92.24 -57.32 5.54
CA ALA L 259 -93.61 -56.81 5.42
C ALA L 259 -93.75 -55.64 4.47
N LEU L 260 -92.66 -54.89 4.28
CA LEU L 260 -92.66 -53.69 3.43
C LEU L 260 -91.95 -53.89 2.10
N ASN L 261 -90.69 -54.32 2.15
CA ASN L 261 -89.80 -54.32 0.99
C ASN L 261 -89.76 -55.64 0.23
N LEU L 262 -89.85 -56.76 0.94
CA LEU L 262 -89.76 -58.08 0.32
C LEU L 262 -91.13 -58.63 -0.10
N SER L 263 -91.83 -57.90 -0.95
CA SER L 263 -93.05 -58.40 -1.55
C SER L 263 -92.72 -59.58 -2.45
N PRO L 264 -93.73 -60.40 -2.79
CA PRO L 264 -93.51 -61.48 -3.76
C PRO L 264 -92.87 -61.01 -5.09
N GLU L 265 -93.28 -59.84 -5.59
CA GLU L 265 -92.69 -59.27 -6.81
C GLU L 265 -91.18 -59.09 -6.69
N VAL L 266 -90.74 -58.55 -5.55
CA VAL L 266 -89.31 -58.35 -5.27
C VAL L 266 -88.64 -59.70 -5.06
N ALA L 267 -89.30 -60.62 -4.38
CA ALA L 267 -88.76 -61.95 -4.18
C ALA L 267 -88.47 -62.61 -5.54
N LYS L 268 -89.41 -62.52 -6.47
CA LYS L 268 -89.25 -63.12 -7.81
C LYS L 268 -88.11 -62.50 -8.62
N LYS L 269 -87.84 -61.22 -8.40
CA LYS L 269 -86.69 -60.57 -9.04
C LYS L 269 -85.38 -61.15 -8.49
N ILE L 270 -85.32 -61.35 -7.19
CA ILE L 270 -84.14 -61.93 -6.56
C ILE L 270 -83.91 -63.35 -7.06
N LYS L 271 -85.00 -64.12 -7.17
CA LYS L 271 -84.97 -65.52 -7.62
C LYS L 271 -84.31 -65.72 -9.00
N LYS L 272 -84.46 -64.74 -9.88
CA LYS L 272 -83.80 -64.79 -11.20
C LYS L 272 -82.29 -64.86 -11.05
N TRP L 273 -81.76 -64.21 -10.03
CA TRP L 273 -80.36 -64.25 -9.72
C TRP L 273 -80.03 -65.43 -8.78
N VAL L 274 -80.89 -65.66 -7.80
CA VAL L 274 -80.66 -66.67 -6.77
C VAL L 274 -81.85 -67.64 -6.81
N PRO L 275 -81.76 -68.68 -7.66
CA PRO L 275 -82.92 -69.55 -7.95
C PRO L 275 -83.58 -70.18 -6.72
N ASP L 276 -82.81 -70.42 -5.67
CA ASP L 276 -83.36 -71.00 -4.44
C ASP L 276 -84.02 -70.01 -3.48
N PHE L 277 -84.11 -68.72 -3.87
CA PHE L 277 -84.70 -67.71 -3.00
C PHE L 277 -86.21 -67.91 -2.87
N PRO L 278 -86.76 -67.82 -1.65
CA PRO L 278 -88.19 -68.09 -1.43
C PRO L 278 -89.13 -66.94 -1.80
N VAL L 279 -90.25 -67.29 -2.43
CA VAL L 279 -91.19 -66.32 -3.00
C VAL L 279 -92.55 -66.35 -2.30
N THR L 280 -93.14 -67.55 -2.17
CA THR L 280 -94.41 -67.72 -1.48
C THR L 280 -94.17 -67.91 0.01
N LEU L 281 -95.22 -67.75 0.80
CA LEU L 281 -95.13 -67.90 2.25
C LEU L 281 -94.63 -69.27 2.67
N GLU L 282 -95.20 -70.34 2.10
CA GLU L 282 -94.75 -71.70 2.38
C GLU L 282 -93.23 -71.87 2.26
N GLU L 283 -92.64 -71.25 1.24
CA GLU L 283 -91.21 -71.41 0.96
C GLU L 283 -90.28 -70.82 2.02
N TYR L 284 -90.81 -69.96 2.89
CA TYR L 284 -90.02 -69.45 4.02
C TYR L 284 -89.87 -70.52 5.13
N GLY L 285 -90.76 -71.51 5.13
CA GLY L 285 -90.60 -72.71 5.95
C GLY L 285 -90.69 -72.48 7.45
N ASP L 286 -89.83 -73.14 8.19
CA ASP L 286 -89.69 -72.94 9.64
C ASP L 286 -89.57 -71.48 10.03
N ASN L 287 -88.84 -70.71 9.23
CA ASN L 287 -88.58 -69.29 9.49
C ASN L 287 -89.87 -68.47 9.39
N GLY L 288 -90.87 -68.97 8.68
CA GLY L 288 -92.04 -68.17 8.35
C GLY L 288 -93.19 -68.24 9.34
N GLY L 289 -94.41 -68.14 8.80
CA GLY L 289 -95.61 -68.18 9.63
C GLY L 289 -96.88 -68.23 8.81
N TYR L 290 -97.91 -67.56 9.32
CA TYR L 290 -99.24 -67.56 8.69
C TYR L 290 -99.51 -66.29 7.90
N VAL L 291 -98.59 -65.34 7.96
CA VAL L 291 -98.76 -64.08 7.23
C VAL L 291 -97.41 -63.42 6.98
N ARG L 292 -97.26 -62.83 5.79
CA ARG L 292 -96.03 -62.12 5.46
C ARG L 292 -95.85 -60.96 6.44
N GLY L 293 -94.74 -61.00 7.14
CA GLY L 293 -94.36 -59.93 8.06
C GLY L 293 -94.18 -60.40 9.48
N LEU L 294 -94.70 -61.58 9.81
CA LEU L 294 -94.53 -62.16 11.14
C LEU L 294 -93.75 -63.46 11.02
N ALA L 295 -92.45 -63.37 11.22
CA ALA L 295 -91.57 -64.52 11.11
C ALA L 295 -91.44 -65.21 12.45
N SER L 296 -90.77 -66.35 12.43
CA SER L 296 -90.54 -67.16 13.62
C SER L 296 -89.11 -66.91 14.09
N TYR L 297 -88.99 -66.40 15.31
CA TYR L 297 -87.69 -66.05 15.88
C TYR L 297 -87.61 -66.61 17.30
N ALA L 298 -86.52 -67.31 17.59
CA ALA L 298 -86.36 -68.12 18.80
C ALA L 298 -87.49 -69.16 18.83
N ALA L 299 -87.82 -69.66 17.65
CA ALA L 299 -88.92 -70.57 17.43
C ALA L 299 -88.85 -71.00 15.99
N LYS L 300 -89.38 -72.19 15.70
CA LYS L 300 -89.63 -72.63 14.34
C LYS L 300 -91.13 -72.87 14.22
N TYR L 301 -91.72 -72.31 13.16
CA TYR L 301 -93.17 -72.31 12.99
C TYR L 301 -93.78 -73.70 13.21
N LYS L 302 -94.60 -73.82 14.26
CA LYS L 302 -95.32 -75.05 14.61
C LYS L 302 -94.44 -76.23 15.07
N LYS L 303 -93.15 -76.00 15.29
CA LYS L 303 -92.23 -77.08 15.63
C LYS L 303 -91.53 -76.91 16.98
N SER L 304 -91.09 -75.70 17.29
CA SER L 304 -90.47 -75.45 18.58
C SER L 304 -90.51 -73.97 18.96
N MET L 305 -90.32 -73.70 20.24
CA MET L 305 -90.37 -72.34 20.74
C MET L 305 -89.62 -72.29 22.04
N SER L 306 -88.78 -71.28 22.18
CA SER L 306 -88.10 -71.06 23.43
C SER L 306 -89.11 -70.68 24.49
N PHE L 307 -88.94 -71.27 25.67
CA PHE L 307 -89.65 -70.86 26.87
C PHE L 307 -88.63 -70.10 27.71
N GLN L 308 -88.78 -68.78 27.76
CA GLN L 308 -87.75 -67.92 28.34
C GLN L 308 -88.33 -66.69 29.02
N ALA L 309 -87.95 -66.52 30.28
CA ALA L 309 -88.29 -65.32 31.04
C ALA L 309 -87.45 -64.15 30.55
N SER L 310 -87.95 -62.94 30.73
CA SER L 310 -87.19 -61.72 30.44
C SER L 310 -85.85 -61.71 31.15
N THR L 311 -85.83 -62.30 32.35
CA THR L 311 -84.66 -62.30 33.21
C THR L 311 -83.46 -63.07 32.65
N SER L 312 -83.67 -63.98 31.71
CA SER L 312 -82.61 -64.87 31.25
C SER L 312 -81.67 -64.28 30.19
N TYR L 313 -82.09 -63.18 29.58
CA TYR L 313 -81.52 -62.80 28.30
C TYR L 313 -81.88 -61.36 27.92
N CYS L 314 -83.16 -61.05 27.84
CA CYS L 314 -83.58 -59.75 27.32
C CYS L 314 -83.22 -58.61 28.28
N GLU L 315 -83.10 -58.88 29.57
CA GLU L 315 -82.76 -57.82 30.52
C GLU L 315 -81.31 -57.37 30.40
N VAL L 316 -80.49 -58.17 29.73
CA VAL L 316 -79.11 -57.79 29.51
C VAL L 316 -79.06 -56.53 28.66
N CYS L 317 -79.84 -56.50 27.57
CA CYS L 317 -79.71 -55.45 26.54
C CYS L 317 -80.94 -54.61 26.25
N HIS L 318 -82.14 -55.15 26.46
CA HIS L 318 -83.38 -54.38 26.33
C HIS L 318 -84.05 -54.35 27.70
N PRO L 319 -83.38 -53.75 28.70
CA PRO L 319 -83.87 -53.90 30.08
C PRO L 319 -85.06 -53.05 30.49
N TRP L 320 -85.60 -53.39 31.66
CA TRP L 320 -86.50 -52.51 32.38
C TRP L 320 -86.26 -52.70 33.86
N LYS L 321 -86.82 -51.82 34.68
CA LYS L 321 -86.70 -51.92 36.13
C LYS L 321 -88.01 -51.55 36.79
N PHE L 322 -88.32 -52.25 37.88
CA PHE L 322 -89.54 -52.04 38.64
C PHE L 322 -89.18 -51.42 40.00
N ASP L 323 -90.12 -50.63 40.53
CA ASP L 323 -89.91 -49.94 41.81
C ASP L 323 -90.32 -50.76 43.05
N PHE L 324 -90.67 -52.03 42.86
CA PHE L 324 -91.12 -52.89 43.96
C PHE L 324 -90.13 -52.90 45.12
N LYS L 325 -90.68 -52.88 46.34
CA LYS L 325 -89.88 -52.85 47.56
C LYS L 325 -89.35 -54.22 47.94
N ASN L 326 -90.06 -55.27 47.54
CA ASN L 326 -89.56 -56.65 47.70
C ASN L 326 -90.06 -57.60 46.60
N GLU L 327 -89.47 -58.80 46.57
CA GLU L 327 -89.81 -59.81 45.58
C GLU L 327 -91.28 -60.28 45.67
N SER L 328 -91.85 -60.29 46.87
CA SER L 328 -93.25 -60.67 47.05
C SER L 328 -94.21 -59.75 46.30
N GLU L 329 -93.96 -58.44 46.38
CA GLU L 329 -94.78 -57.47 45.65
C GLU L 329 -94.63 -57.66 44.14
N PHE L 330 -93.45 -58.09 43.72
CA PHE L 330 -93.15 -58.38 42.32
C PHE L 330 -93.93 -59.60 41.80
N TYR L 331 -93.73 -60.73 42.45
CA TYR L 331 -94.44 -61.95 42.07
C TYR L 331 -95.97 -61.78 42.16
N ALA L 332 -96.42 -60.94 43.09
CA ALA L 332 -97.83 -60.61 43.24
C ALA L 332 -98.41 -59.80 42.07
N ALA L 333 -97.57 -59.04 41.37
CA ALA L 333 -98.02 -58.23 40.22
C ALA L 333 -97.87 -58.98 38.89
N LEU L 334 -97.01 -59.99 38.89
CA LEU L 334 -96.68 -60.77 37.70
C LEU L 334 -97.94 -61.41 37.11
N GLY L 335 -98.13 -61.27 35.80
CA GLY L 335 -99.34 -61.75 35.14
C GLY L 335 -100.38 -60.66 34.99
N ASN L 336 -100.08 -59.48 35.53
CA ASN L 336 -100.96 -58.32 35.40
C ASN L 336 -100.20 -57.21 34.72
N ALA L 337 -100.44 -57.04 33.42
CA ALA L 337 -99.69 -56.09 32.62
C ALA L 337 -99.77 -54.66 33.16
N LYS L 338 -100.97 -54.21 33.49
CA LYS L 338 -101.14 -52.82 33.95
C LYS L 338 -100.48 -52.55 35.29
N GLU L 339 -100.44 -53.56 36.17
CA GLU L 339 -99.76 -53.41 37.47
C GLU L 339 -98.24 -53.39 37.33
N LEU L 340 -97.70 -54.16 36.40
CA LEU L 340 -96.27 -54.15 36.12
C LEU L 340 -95.88 -52.83 35.44
N GLN L 341 -96.71 -52.40 34.49
CA GLN L 341 -96.49 -51.14 33.80
C GLN L 341 -96.50 -49.97 34.79
N LYS L 342 -97.53 -49.93 35.65
CA LYS L 342 -97.66 -48.93 36.70
C LYS L 342 -96.42 -48.85 37.60
N HIS L 343 -95.82 -50.00 37.91
CA HIS L 343 -94.64 -50.04 38.80
C HIS L 343 -93.29 -50.03 38.06
N THR L 344 -93.30 -49.71 36.77
CA THR L 344 -92.08 -49.65 35.97
C THR L 344 -91.41 -48.29 36.13
N ILE L 345 -90.21 -48.29 36.70
CA ILE L 345 -89.49 -47.04 36.98
C ILE L 345 -88.44 -46.68 35.91
N SER L 346 -88.00 -47.66 35.14
CA SER L 346 -87.10 -47.42 34.00
C SER L 346 -87.39 -48.40 32.87
N LYS L 347 -87.42 -47.88 31.64
CA LYS L 347 -87.66 -48.67 30.44
C LYS L 347 -86.53 -48.50 29.44
N GLY L 348 -86.12 -49.61 28.84
CA GLY L 348 -85.10 -49.59 27.80
C GLY L 348 -83.73 -49.20 28.32
N VAL L 349 -82.90 -48.66 27.43
CA VAL L 349 -81.52 -48.35 27.72
C VAL L 349 -81.47 -46.92 28.25
N SER L 350 -81.87 -46.76 29.51
CA SER L 350 -82.04 -45.44 30.13
C SER L 350 -80.76 -45.01 30.81
N CYS L 351 -80.73 -43.78 31.31
CA CYS L 351 -79.50 -43.20 31.88
C CYS L 351 -78.83 -44.17 32.83
N GLU L 352 -79.61 -44.73 33.75
CA GLU L 352 -79.09 -45.57 34.81
C GLU L 352 -78.67 -46.97 34.36
N GLU L 353 -79.07 -47.39 33.16
CA GLU L 353 -78.58 -48.65 32.61
C GLU L 353 -77.11 -48.54 32.20
N CYS L 354 -76.70 -47.37 31.69
CA CYS L 354 -75.30 -47.12 31.35
C CYS L 354 -74.52 -46.55 32.52
N HIS L 355 -75.17 -45.67 33.29
CA HIS L 355 -74.51 -44.86 34.31
C HIS L 355 -74.60 -45.40 35.73
N GLY L 356 -75.40 -46.45 35.94
CA GLY L 356 -75.60 -47.02 37.27
C GLY L 356 -76.84 -46.46 37.94
N ALA L 357 -77.45 -47.26 38.81
CA ALA L 357 -78.67 -46.88 39.50
C ALA L 357 -78.41 -45.70 40.42
N GLY L 358 -79.14 -44.61 40.21
CA GLY L 358 -78.93 -43.39 40.96
C GLY L 358 -77.65 -42.64 40.61
N GLY L 359 -76.95 -43.10 39.57
CA GLY L 359 -75.67 -42.54 39.16
C GLY L 359 -74.73 -42.18 40.29
N HIS L 360 -74.46 -40.88 40.42
CA HIS L 360 -73.47 -40.36 41.37
C HIS L 360 -74.12 -39.81 42.64
N LEU L 361 -75.44 -39.93 42.74
CA LEU L 361 -76.17 -39.33 43.84
C LEU L 361 -75.95 -40.09 45.12
N GLU L 362 -76.20 -39.42 46.24
CA GLU L 362 -76.04 -40.05 47.54
C GLU L 362 -77.11 -41.14 47.69
N GLY L 363 -76.70 -42.31 48.17
CA GLY L 363 -77.59 -43.46 48.26
C GLY L 363 -77.60 -44.32 47.00
N GLY L 364 -77.07 -43.81 45.89
CA GLY L 364 -77.02 -44.56 44.65
C GLY L 364 -76.01 -45.68 44.69
N SER L 365 -75.92 -46.43 43.59
CA SER L 365 -75.06 -47.62 43.53
C SER L 365 -73.64 -47.29 43.05
N GLY L 366 -73.38 -46.05 42.69
CA GLY L 366 -72.05 -45.63 42.25
C GLY L 366 -72.05 -45.44 40.74
N LEU L 367 -71.50 -44.30 40.31
CA LEU L 367 -71.56 -43.87 38.91
C LEU L 367 -70.69 -44.73 38.01
N LEU L 368 -71.23 -45.06 36.83
CA LEU L 368 -70.49 -45.77 35.78
C LEU L 368 -70.46 -44.95 34.48
N ILE L 369 -69.42 -45.19 33.70
CA ILE L 369 -69.36 -44.75 32.32
C ILE L 369 -69.23 -46.01 31.46
N SER L 370 -70.31 -46.31 30.74
CA SER L 370 -70.44 -47.53 29.97
C SER L 370 -69.44 -47.56 28.83
N ASN L 371 -68.78 -48.71 28.63
CA ASN L 371 -67.97 -48.93 27.43
C ASN L 371 -68.75 -49.72 26.35
N CYS L 372 -70.05 -49.91 26.58
CA CYS L 372 -70.99 -50.46 25.59
C CYS L 372 -70.93 -51.98 25.43
N GLU L 373 -69.99 -52.65 26.08
CA GLU L 373 -69.78 -54.08 25.79
C GLU L 373 -70.88 -54.97 26.36
N ARG L 374 -71.68 -54.45 27.28
CA ARG L 374 -72.81 -55.20 27.82
C ARG L 374 -73.76 -55.63 26.69
N CYS L 375 -73.99 -54.72 25.73
CA CYS L 375 -75.02 -54.92 24.70
C CYS L 375 -74.55 -54.84 23.25
N HIS L 376 -73.29 -54.50 23.01
CA HIS L 376 -72.81 -54.25 21.65
C HIS L 376 -71.55 -55.03 21.28
N GLN L 377 -71.09 -55.90 22.18
CA GLN L 377 -69.87 -56.66 21.92
C GLN L 377 -70.15 -58.04 21.31
N ARG L 378 -70.80 -58.92 22.07
CA ARG L 378 -71.21 -60.24 21.56
C ARG L 378 -70.06 -61.07 20.96
N PHE L 379 -69.06 -61.34 21.77
CA PHE L 379 -67.97 -62.22 21.39
C PHE L 379 -68.47 -63.65 21.19
N SER L 380 -67.76 -64.39 20.35
CA SER L 380 -68.11 -65.79 20.04
C SER L 380 -66.84 -66.55 19.69
N TYR L 381 -66.50 -67.55 20.49
CA TYR L 381 -65.27 -68.31 20.28
C TYR L 381 -65.36 -69.20 19.05
N SER L 382 -64.36 -69.12 18.18
CA SER L 382 -64.33 -69.93 16.96
C SER L 382 -63.17 -70.91 16.98
N PRO L 383 -63.45 -72.20 17.26
CA PRO L 383 -62.44 -73.24 17.17
C PRO L 383 -61.71 -73.29 15.83
N ASP L 384 -62.41 -72.94 14.75
CA ASP L 384 -61.79 -72.91 13.44
C ASP L 384 -60.67 -71.87 13.35
N LEU L 385 -60.88 -70.70 13.95
CA LEU L 385 -59.84 -69.67 13.96
C LEU L 385 -58.66 -70.08 14.83
N MET L 386 -58.94 -70.81 15.90
CA MET L 386 -57.88 -71.36 16.75
C MET L 386 -57.07 -72.39 15.96
N ARG L 387 -57.77 -73.34 15.36
CA ARG L 387 -57.16 -74.42 14.58
C ARG L 387 -56.35 -73.90 13.38
N ASN L 388 -56.90 -72.94 12.67
CA ASN L 388 -56.30 -72.46 11.42
C ASN L 388 -54.98 -71.70 11.57
N ASN L 389 -54.65 -71.30 12.80
CA ASN L 389 -53.43 -70.54 13.04
C ASN L 389 -52.76 -70.93 14.37
N PRO L 390 -51.80 -71.87 14.31
CA PRO L 390 -51.06 -72.26 15.53
C PRO L 390 -50.23 -71.13 16.20
N LEU L 391 -50.18 -69.94 15.58
CA LEU L 391 -49.78 -68.71 16.26
C LEU L 391 -50.60 -68.49 17.54
N ASN L 392 -51.89 -68.79 17.44
CA ASN L 392 -52.86 -68.51 18.51
C ASN L 392 -52.88 -69.53 19.65
N ALA L 393 -52.08 -70.59 19.54
CA ALA L 393 -52.07 -71.65 20.57
C ALA L 393 -51.85 -71.08 21.97
N GLY L 394 -52.77 -71.36 22.87
CA GLY L 394 -52.73 -70.84 24.24
C GLY L 394 -53.39 -69.47 24.42
N LYS L 395 -53.77 -68.84 23.31
CA LYS L 395 -54.40 -67.52 23.34
C LYS L 395 -55.78 -67.59 22.68
N PRO L 396 -56.77 -68.18 23.38
CA PRO L 396 -58.11 -68.31 22.78
C PRO L 396 -58.77 -66.97 22.46
N ASP L 397 -58.33 -65.90 23.12
CA ASP L 397 -58.79 -64.55 22.80
C ASP L 397 -58.58 -64.21 21.32
N LEU L 398 -57.47 -64.66 20.74
CA LEU L 398 -57.17 -64.41 19.32
C LEU L 398 -58.03 -65.22 18.34
N ALA L 399 -58.86 -66.13 18.85
CA ALA L 399 -59.78 -66.90 18.02
C ALA L 399 -61.24 -66.50 18.29
N LEU L 400 -61.43 -65.34 18.91
CA LEU L 400 -62.77 -64.77 19.07
C LEU L 400 -63.29 -64.24 17.75
N SER L 401 -64.57 -64.49 17.50
CA SER L 401 -65.31 -63.90 16.40
C SER L 401 -66.52 -63.19 17.01
N SER L 402 -67.53 -62.89 16.20
CA SER L 402 -68.74 -62.27 16.67
C SER L 402 -69.89 -63.27 16.69
N LYS L 403 -70.89 -63.00 17.51
CA LYS L 403 -72.16 -63.69 17.43
C LYS L 403 -72.66 -63.65 15.99
N PHE L 404 -73.06 -64.82 15.50
CA PHE L 404 -73.73 -64.93 14.21
C PHE L 404 -75.15 -65.39 14.43
N LYS L 405 -76.07 -64.74 13.72
CA LYS L 405 -77.43 -65.22 13.61
C LYS L 405 -77.46 -66.01 12.32
N SER L 406 -77.32 -67.32 12.46
CA SER L 406 -77.10 -68.25 11.36
C SER L 406 -75.84 -67.86 10.58
N MET L 407 -75.98 -67.32 9.37
CA MET L 407 -74.83 -67.11 8.50
C MET L 407 -74.40 -65.64 8.42
N GLY L 408 -75.09 -64.77 9.14
CA GLY L 408 -74.76 -63.35 9.18
C GLY L 408 -74.31 -62.95 10.57
N PRO L 409 -73.39 -61.97 10.66
CA PRO L 409 -73.05 -61.46 11.98
C PRO L 409 -74.26 -60.80 12.65
N GLY L 410 -74.36 -60.96 13.95
CA GLY L 410 -75.54 -60.53 14.68
C GLY L 410 -75.50 -59.04 14.97
N CYS L 411 -76.68 -58.46 15.10
CA CYS L 411 -76.81 -57.12 15.65
C CYS L 411 -76.14 -57.09 17.02
N GLY L 412 -75.69 -55.92 17.44
CA GLY L 412 -75.03 -55.79 18.74
C GLY L 412 -73.70 -56.50 18.83
N SER L 413 -73.05 -56.67 17.69
CA SER L 413 -71.72 -57.27 17.66
C SER L 413 -70.65 -56.27 17.18
N GLU L 414 -70.99 -54.99 17.13
CA GLU L 414 -70.03 -53.96 16.70
C GLU L 414 -68.73 -54.08 17.47
N GLY L 415 -68.83 -54.29 18.78
CA GLY L 415 -67.67 -54.39 19.66
C GLY L 415 -66.72 -55.53 19.35
N SER L 416 -67.25 -56.73 19.11
CA SER L 416 -66.40 -57.87 18.81
C SER L 416 -65.82 -57.74 17.41
N GLN L 417 -66.56 -57.09 16.50
CA GLN L 417 -66.02 -56.79 15.18
C GLN L 417 -64.85 -55.81 15.27
N THR L 418 -65.03 -54.72 16.02
CA THR L 418 -64.01 -53.66 16.07
C THR L 418 -62.74 -54.15 16.77
N TYR L 419 -62.90 -55.04 17.75
CA TYR L 419 -61.78 -55.60 18.50
C TYR L 419 -60.66 -56.10 17.58
N PHE L 420 -61.01 -56.61 16.40
CA PHE L 420 -60.03 -57.08 15.44
C PHE L 420 -59.90 -56.10 14.26
N THR L 421 -59.74 -54.82 14.61
CA THR L 421 -59.50 -53.78 13.61
C THR L 421 -58.35 -52.90 14.05
N ALA L 422 -57.71 -52.25 13.08
CA ALA L 422 -56.65 -51.30 13.39
C ALA L 422 -57.14 -50.20 14.32
N HIS L 423 -58.36 -49.71 14.11
CA HIS L 423 -58.92 -48.68 14.98
C HIS L 423 -58.85 -49.06 16.44
N TYR L 424 -59.32 -50.26 16.77
CA TYR L 424 -59.29 -50.69 18.16
C TYR L 424 -57.86 -50.81 18.64
N GLU L 425 -56.99 -51.35 17.81
CA GLU L 425 -55.58 -51.49 18.16
C GLU L 425 -54.93 -50.14 18.46
N LYS L 426 -55.40 -49.09 17.79
CA LYS L 426 -54.93 -47.73 18.04
C LYS L 426 -55.70 -47.00 19.14
N GLY L 427 -56.46 -47.75 19.93
CA GLY L 427 -57.08 -47.22 21.14
C GLY L 427 -58.44 -46.60 20.94
N MET L 428 -59.01 -46.77 19.75
CA MET L 428 -60.31 -46.20 19.45
C MET L 428 -61.42 -47.10 19.96
N ARG L 429 -62.46 -46.48 20.52
CA ARG L 429 -63.60 -47.19 21.09
C ARG L 429 -64.87 -46.53 20.57
N CYS L 430 -66.04 -47.03 20.97
CA CYS L 430 -67.31 -46.49 20.48
C CYS L 430 -67.37 -44.99 20.70
N ALA L 431 -67.12 -44.60 21.94
CA ALA L 431 -67.20 -43.21 22.35
C ALA L 431 -66.19 -42.29 21.64
N THR L 432 -65.13 -42.85 21.07
CA THR L 432 -64.23 -42.07 20.20
C THR L 432 -65.01 -41.43 19.05
N CYS L 433 -65.82 -42.24 18.37
CA CYS L 433 -66.56 -41.81 17.21
C CYS L 433 -67.98 -41.35 17.54
N HIS L 434 -68.62 -42.01 18.51
CA HIS L 434 -70.04 -41.78 18.78
C HIS L 434 -70.32 -40.87 19.96
N ASP L 435 -71.32 -40.01 19.80
CA ASP L 435 -72.03 -39.44 20.95
C ASP L 435 -72.86 -40.55 21.58
N PRO L 436 -72.78 -40.73 22.91
CA PRO L 436 -73.48 -41.87 23.53
C PRO L 436 -74.96 -41.60 23.85
N HIS L 437 -75.40 -40.35 23.71
CA HIS L 437 -76.79 -39.99 23.99
C HIS L 437 -77.62 -39.89 22.72
N ASP L 438 -77.12 -39.17 21.72
CA ASP L 438 -77.84 -38.90 20.48
C ASP L 438 -77.52 -40.00 19.43
N VAL L 439 -77.91 -41.24 19.74
CA VAL L 439 -77.46 -42.42 18.98
C VAL L 439 -78.29 -42.71 17.73
N THR L 440 -79.39 -41.99 17.55
CA THR L 440 -80.32 -42.24 16.47
C THR L 440 -80.29 -41.14 15.42
N GLY L 441 -80.18 -39.89 15.87
CA GLY L 441 -80.08 -38.74 14.96
C GLY L 441 -81.42 -38.26 14.40
N ASN L 442 -81.34 -37.31 13.49
CA ASN L 442 -82.53 -36.64 12.99
C ASN L 442 -83.16 -37.34 11.78
N VAL L 443 -83.52 -38.60 11.97
CA VAL L 443 -84.10 -39.41 10.90
C VAL L 443 -85.62 -39.32 10.96
N THR L 444 -86.25 -39.51 9.81
CA THR L 444 -87.69 -39.32 9.68
C THR L 444 -88.31 -40.47 8.87
N GLY L 445 -89.63 -40.46 8.75
CA GLY L 445 -90.37 -41.53 8.08
C GLY L 445 -90.40 -41.41 6.56
N GLU L 446 -91.13 -42.32 5.91
CA GLU L 446 -91.26 -42.35 4.46
C GLU L 446 -92.66 -41.91 4.04
N LYS L 447 -92.74 -40.75 3.41
CA LYS L 447 -94.03 -40.15 3.11
C LYS L 447 -94.66 -40.78 1.87
N GLY L 448 -93.87 -41.57 1.14
CA GLY L 448 -94.40 -42.35 0.02
C GLY L 448 -95.28 -43.50 0.48
N ILE L 449 -94.94 -44.12 1.61
CA ILE L 449 -95.63 -45.33 2.06
C ILE L 449 -97.11 -45.11 2.33
N LYS L 450 -97.94 -46.00 1.79
CA LYS L 450 -99.37 -46.04 2.05
C LYS L 450 -99.69 -47.31 2.83
N GLY L 451 -99.62 -47.22 4.15
CA GLY L 451 -99.92 -48.36 5.02
C GLY L 451 -101.35 -48.30 5.53
N VAL L 452 -101.83 -49.44 6.01
CA VAL L 452 -103.12 -49.47 6.70
C VAL L 452 -103.02 -48.74 8.05
N SER L 453 -101.92 -48.99 8.79
CA SER L 453 -101.74 -48.39 10.12
C SER L 453 -100.57 -47.39 10.20
N TYR L 454 -99.53 -47.61 9.41
CA TYR L 454 -98.32 -46.81 9.47
C TYR L 454 -98.57 -45.34 9.13
N ASN L 455 -97.93 -44.44 9.88
CA ASN L 455 -97.77 -43.07 9.42
C ASN L 455 -96.34 -42.60 9.60
N SER L 456 -95.95 -41.67 8.73
CA SER L 456 -94.57 -41.25 8.57
C SER L 456 -94.19 -40.02 9.39
N GLU L 457 -95.07 -39.56 10.27
CA GLU L 457 -94.94 -38.24 10.88
C GLU L 457 -94.51 -38.22 12.34
N GLN L 458 -93.97 -39.33 12.84
CA GLN L 458 -93.57 -39.44 14.25
C GLN L 458 -92.05 -39.41 14.44
N GLY L 459 -91.36 -38.61 13.64
CA GLY L 459 -89.92 -38.45 13.75
C GLY L 459 -89.20 -39.77 13.61
N TYR L 460 -88.24 -40.02 14.49
CA TYR L 460 -87.42 -41.22 14.39
C TYR L 460 -88.26 -42.49 14.51
N LEU L 461 -89.34 -42.44 15.28
CA LEU L 461 -90.19 -43.61 15.47
C LEU L 461 -90.72 -44.14 14.14
N SER L 462 -91.00 -43.23 13.21
CA SER L 462 -91.48 -43.60 11.90
C SER L 462 -90.40 -44.04 10.91
N SER L 463 -89.13 -43.90 11.30
CA SER L 463 -88.01 -44.04 10.35
C SER L 463 -87.52 -45.47 10.14
N LEU L 464 -87.07 -45.73 8.93
CA LEU L 464 -86.49 -47.02 8.56
C LEU L 464 -84.97 -47.06 8.72
N TYR L 465 -84.39 -45.94 9.15
CA TYR L 465 -82.94 -45.78 9.16
C TYR L 465 -82.44 -45.25 10.49
N SER L 466 -81.11 -45.25 10.62
CA SER L 466 -80.41 -44.70 11.76
C SER L 466 -79.30 -43.80 11.25
N LYS L 467 -79.07 -42.70 11.97
CA LYS L 467 -78.03 -41.76 11.63
C LYS L 467 -77.41 -41.21 12.91
N PRO L 468 -76.64 -42.05 13.62
CA PRO L 468 -76.06 -41.69 14.92
C PRO L 468 -75.19 -40.45 14.87
N LYS L 469 -75.29 -39.61 15.90
CA LYS L 469 -74.46 -38.42 15.97
C LYS L 469 -73.02 -38.81 16.25
N LEU L 470 -72.11 -38.29 15.42
CA LEU L 470 -70.68 -38.58 15.54
C LEU L 470 -69.85 -37.39 15.98
N LYS L 471 -68.84 -37.68 16.79
CA LYS L 471 -67.81 -36.73 17.17
C LYS L 471 -66.71 -36.68 16.12
N LYS L 472 -66.46 -37.80 15.45
CA LYS L 472 -65.41 -37.88 14.45
C LYS L 472 -65.96 -38.47 13.14
N GLU L 473 -65.57 -37.86 12.02
CA GLU L 473 -65.85 -38.39 10.67
C GLU L 473 -64.57 -39.02 10.18
N CYS L 474 -64.69 -39.95 9.23
CA CYS L 474 -63.53 -40.57 8.59
C CYS L 474 -62.53 -39.52 8.13
N THR L 475 -63.05 -38.49 7.47
CA THR L 475 -62.24 -37.43 6.87
C THR L 475 -61.45 -36.55 7.86
N ASP L 476 -61.82 -36.61 9.14
CA ASP L 476 -61.04 -35.93 10.19
C ASP L 476 -59.67 -36.59 10.36
N CYS L 477 -59.61 -37.91 10.19
CA CYS L 477 -58.37 -38.65 10.40
C CYS L 477 -57.66 -39.08 9.13
N HIS L 478 -58.39 -39.10 8.01
CA HIS L 478 -57.88 -39.68 6.77
C HIS L 478 -57.90 -38.60 5.68
N LYS L 479 -56.95 -37.67 5.79
CA LYS L 479 -56.95 -36.44 4.98
C LYS L 479 -56.66 -36.73 3.52
N GLU L 480 -55.61 -37.52 3.27
CA GLU L 480 -55.18 -37.80 1.90
C GLU L 480 -56.30 -38.52 1.16
N GLN L 481 -56.93 -39.45 1.86
CA GLN L 481 -58.09 -40.15 1.33
C GLN L 481 -59.22 -39.18 1.04
N ALA L 482 -59.54 -38.33 2.01
CA ALA L 482 -60.59 -37.34 1.82
C ALA L 482 -60.26 -36.43 0.64
N TYR L 483 -58.99 -36.09 0.50
CA TYR L 483 -58.56 -35.21 -0.58
C TYR L 483 -58.84 -35.82 -1.93
N ILE L 484 -58.29 -37.01 -2.18
CA ILE L 484 -58.49 -37.66 -3.46
C ILE L 484 -59.98 -37.88 -3.73
N GLN L 485 -60.73 -38.23 -2.70
CA GLN L 485 -62.16 -38.49 -2.84
C GLN L 485 -62.95 -37.25 -3.24
N SER L 486 -62.48 -36.09 -2.78
CA SER L 486 -63.11 -34.81 -3.10
C SER L 486 -62.93 -34.41 -4.57
N LYS L 487 -61.96 -35.01 -5.25
CA LYS L 487 -61.77 -34.77 -6.68
C LYS L 487 -62.91 -35.45 -7.43
N ALA L 488 -63.90 -34.65 -7.83
CA ALA L 488 -65.16 -35.10 -8.45
C ALA L 488 -65.19 -36.61 -8.79
N ASP L 489 -65.57 -36.98 -10.01
CA ASP L 489 -65.48 -38.37 -10.44
C ASP L 489 -66.65 -39.24 -9.94
N THR L 490 -66.58 -40.51 -10.32
CA THR L 490 -67.59 -41.54 -10.03
C THR L 490 -68.23 -41.56 -8.63
N HIS L 491 -67.48 -41.80 -7.57
CA HIS L 491 -68.12 -41.92 -6.25
C HIS L 491 -67.93 -40.68 -5.37
N SER L 492 -67.85 -39.49 -5.96
CA SER L 492 -67.53 -38.29 -5.18
C SER L 492 -68.63 -37.94 -4.19
N LYS L 493 -69.85 -38.32 -4.51
CA LYS L 493 -70.99 -38.10 -3.62
C LYS L 493 -71.14 -39.18 -2.54
N ASN L 494 -70.44 -40.30 -2.68
CA ASN L 494 -70.49 -41.36 -1.68
C ASN L 494 -69.87 -40.92 -0.38
N SER L 495 -70.50 -41.28 0.73
CA SER L 495 -69.84 -41.23 2.03
C SER L 495 -68.73 -42.29 2.06
N CYS L 496 -67.74 -42.08 2.92
CA CYS L 496 -66.70 -43.06 3.16
C CYS L 496 -67.31 -44.33 3.73
N ALA L 497 -68.32 -44.16 4.58
CA ALA L 497 -69.00 -45.27 5.22
C ALA L 497 -69.71 -46.15 4.19
N SER L 498 -70.13 -45.58 3.06
CA SER L 498 -70.86 -46.31 2.04
C SER L 498 -70.13 -47.55 1.53
N CYS L 499 -68.83 -47.45 1.26
CA CYS L 499 -68.03 -48.61 0.84
C CYS L 499 -67.50 -49.38 2.03
N HIS L 500 -67.05 -48.65 3.04
CA HIS L 500 -66.31 -49.25 4.15
C HIS L 500 -67.16 -49.85 5.24
N MET L 501 -68.45 -49.50 5.29
CA MET L 501 -69.33 -49.95 6.37
C MET L 501 -70.66 -50.46 5.84
N PRO L 502 -70.62 -51.57 5.07
CA PRO L 502 -71.86 -52.16 4.58
C PRO L 502 -72.69 -52.79 5.68
N PHE L 503 -73.99 -52.93 5.43
CA PHE L 503 -74.91 -53.51 6.38
C PHE L 503 -74.86 -55.04 6.26
N MET L 504 -73.82 -55.63 6.85
CA MET L 504 -73.62 -57.07 6.80
C MET L 504 -74.45 -57.81 7.84
N MET L 505 -74.95 -57.09 8.84
CA MET L 505 -75.44 -57.72 10.05
C MET L 505 -76.91 -58.13 10.02
N SER L 506 -77.17 -59.33 10.54
CA SER L 506 -78.52 -59.82 10.72
C SER L 506 -79.02 -59.42 12.08
N CYS L 507 -80.15 -58.72 12.10
CA CYS L 507 -80.86 -58.45 13.35
C CYS L 507 -81.95 -59.48 13.58
N GLU L 508 -82.54 -59.95 12.48
CA GLU L 508 -83.73 -60.79 12.51
C GLU L 508 -83.49 -62.30 12.46
N ASN L 509 -82.28 -62.74 12.16
CA ASN L 509 -82.04 -64.15 11.87
C ASN L 509 -83.07 -64.65 10.86
N PHE L 510 -83.24 -63.90 9.79
CA PHE L 510 -84.11 -64.29 8.68
C PHE L 510 -83.27 -65.14 7.73
N TYR L 511 -82.86 -66.29 8.23
CA TYR L 511 -81.95 -67.21 7.52
C TYR L 511 -82.53 -67.72 6.21
N ALA L 512 -83.86 -67.77 6.10
CA ALA L 512 -84.51 -68.12 4.85
C ALA L 512 -84.07 -67.23 3.67
N ILE L 513 -83.56 -66.03 3.95
CA ILE L 513 -83.13 -65.14 2.88
C ILE L 513 -81.64 -64.77 2.95
N GLN L 514 -80.87 -65.51 3.73
CA GLN L 514 -79.44 -65.28 3.86
C GLN L 514 -78.67 -66.02 2.76
N PHE L 515 -78.11 -65.26 1.83
CA PHE L 515 -77.28 -65.82 0.74
C PHE L 515 -75.98 -65.04 0.66
N GLN L 516 -75.07 -65.36 1.57
CA GLN L 516 -73.98 -64.47 1.94
C GLN L 516 -72.92 -64.28 0.85
N ASP L 517 -72.80 -65.21 -0.10
CA ASP L 517 -71.92 -65.01 -1.25
C ASP L 517 -72.50 -63.97 -2.22
N GLN L 518 -73.80 -63.70 -2.14
CA GLN L 518 -74.41 -62.60 -2.89
C GLN L 518 -74.58 -61.31 -2.08
N ALA L 519 -74.01 -61.25 -0.89
CA ALA L 519 -74.10 -60.06 -0.03
C ALA L 519 -75.54 -59.59 0.20
N GLY L 520 -76.41 -60.56 0.50
CA GLY L 520 -77.79 -60.30 0.91
C GLY L 520 -78.37 -61.54 1.59
N PHE L 521 -79.62 -61.50 2.04
CA PHE L 521 -80.50 -60.34 1.91
C PHE L 521 -81.11 -59.97 3.27
N ASP L 522 -80.45 -60.42 4.34
CA ASP L 522 -80.86 -60.18 5.72
C ASP L 522 -79.86 -59.20 6.31
N THR L 523 -80.02 -57.94 5.96
CA THR L 523 -78.96 -56.96 6.08
C THR L 523 -79.51 -55.71 6.74
N GLN L 524 -79.47 -55.70 8.06
CA GLN L 524 -80.15 -54.64 8.82
C GLN L 524 -79.27 -53.77 9.73
N ARG L 525 -78.04 -54.18 10.00
CA ARG L 525 -77.16 -53.36 10.80
C ARG L 525 -75.78 -53.25 10.18
N ARG L 526 -75.04 -52.21 10.59
CA ARG L 526 -73.85 -51.76 9.88
C ARG L 526 -72.56 -52.36 10.44
N ALA L 527 -71.85 -53.11 9.60
CA ALA L 527 -70.57 -53.70 9.95
C ALA L 527 -69.57 -52.64 10.40
N HIS L 528 -68.78 -52.98 11.42
CA HIS L 528 -67.77 -52.09 11.96
C HIS L 528 -66.40 -52.76 11.85
N ILE L 529 -65.90 -52.80 10.62
CA ILE L 529 -64.71 -53.56 10.24
C ILE L 529 -63.73 -52.70 9.45
N TRP L 530 -64.26 -51.95 8.48
CA TRP L 530 -63.53 -50.89 7.77
C TRP L 530 -62.54 -51.37 6.71
N LYS L 531 -61.61 -52.23 7.11
CA LYS L 531 -60.65 -52.80 6.17
C LYS L 531 -61.35 -53.54 5.03
N ILE L 532 -61.06 -53.15 3.81
CA ILE L 532 -61.63 -53.80 2.64
C ILE L 532 -60.56 -54.68 2.00
N ASP L 533 -60.85 -55.97 1.90
CA ASP L 533 -59.95 -56.92 1.25
C ASP L 533 -60.24 -56.91 -0.26
N VAL L 534 -59.18 -56.93 -1.06
CA VAL L 534 -59.31 -56.97 -2.51
C VAL L 534 -58.83 -58.33 -2.99
N ASP L 535 -59.79 -59.20 -3.31
CA ASP L 535 -59.52 -60.57 -3.72
C ASP L 535 -60.65 -61.06 -4.61
N PRO L 536 -60.36 -61.99 -5.54
CA PRO L 536 -61.47 -62.44 -6.38
C PRO L 536 -62.44 -63.43 -5.70
N ALA L 537 -62.01 -64.10 -4.63
CA ALA L 537 -62.82 -65.19 -4.05
C ALA L 537 -62.97 -65.24 -2.52
N ARG L 538 -61.96 -64.78 -1.79
CA ARG L 538 -61.97 -64.88 -0.33
C ARG L 538 -63.16 -64.11 0.27
N LYS L 539 -63.85 -64.73 1.23
CA LYS L 539 -65.08 -64.19 1.80
C LYS L 539 -64.87 -63.74 3.25
N SER L 540 -65.54 -62.66 3.65
CA SER L 540 -65.53 -62.21 5.05
C SER L 540 -66.18 -63.24 5.98
N LEU L 541 -67.30 -63.79 5.52
CA LEU L 541 -68.11 -64.72 6.29
C LEU L 541 -67.96 -66.14 5.76
N VAL L 542 -67.52 -67.06 6.63
CA VAL L 542 -67.32 -68.46 6.25
C VAL L 542 -68.00 -69.40 7.25
N ALA L 543 -68.52 -70.50 6.72
CA ALA L 543 -69.10 -71.58 7.52
C ALA L 543 -68.04 -72.25 8.36
N GLY L 544 -68.43 -72.77 9.52
CA GLY L 544 -67.52 -73.54 10.36
C GLY L 544 -67.20 -74.90 9.74
N SER L 545 -66.13 -75.54 10.21
CA SER L 545 -65.72 -76.84 9.70
C SER L 545 -66.70 -77.96 10.10
N THR L 546 -67.45 -77.73 11.18
CA THR L 546 -68.54 -78.60 11.58
C THR L 546 -69.73 -78.58 10.61
N SER L 547 -69.76 -77.58 9.71
CA SER L 547 -70.87 -77.40 8.76
C SER L 547 -70.95 -78.54 7.73
N LYS L 548 -72.15 -79.05 7.52
CA LYS L 548 -72.38 -80.15 6.57
C LYS L 548 -73.09 -79.70 5.30
N ASP L 549 -73.55 -78.45 5.26
CA ASP L 549 -74.26 -77.92 4.11
C ASP L 549 -74.09 -76.39 4.07
N PRO L 550 -74.06 -75.80 2.87
CA PRO L 550 -73.96 -74.34 2.79
C PRO L 550 -75.10 -73.60 3.48
N ARG L 551 -76.27 -74.24 3.57
CA ARG L 551 -77.42 -73.60 4.17
C ARG L 551 -77.78 -74.06 5.58
N ASP L 552 -76.89 -74.80 6.26
CA ASP L 552 -77.17 -75.23 7.64
C ASP L 552 -76.77 -74.22 8.72
N GLY L 553 -76.07 -73.16 8.32
CA GLY L 553 -75.72 -72.05 9.23
C GLY L 553 -74.99 -72.45 10.49
N LYS L 554 -74.06 -73.39 10.35
CA LYS L 554 -73.35 -73.97 11.50
C LYS L 554 -71.97 -73.33 11.73
N ASP L 555 -71.77 -72.81 12.95
CA ASP L 555 -70.52 -72.20 13.38
C ASP L 555 -69.93 -71.19 12.39
N TRP L 556 -70.78 -70.37 11.78
CA TRP L 556 -70.28 -69.31 10.91
C TRP L 556 -69.47 -68.29 11.71
N HIS L 557 -68.50 -67.68 11.05
CA HIS L 557 -67.62 -66.73 11.71
C HIS L 557 -66.93 -65.86 10.68
N PHE L 558 -66.21 -64.85 11.18
CA PHE L 558 -65.44 -63.95 10.33
C PHE L 558 -64.13 -64.61 9.98
N GLU L 559 -63.71 -64.52 8.73
CA GLU L 559 -62.35 -64.90 8.38
C GLU L 559 -61.39 -63.80 8.87
N ARG L 560 -60.13 -64.16 9.08
CA ARG L 560 -59.11 -63.22 9.51
C ARG L 560 -58.07 -63.11 8.41
N ASN L 561 -57.57 -61.90 8.17
CA ASN L 561 -56.57 -61.69 7.12
C ASN L 561 -55.15 -61.85 7.66
N GLU L 562 -54.17 -61.55 6.80
CA GLU L 562 -52.76 -61.74 7.13
C GLU L 562 -52.28 -60.90 8.31
N GLU L 563 -53.01 -59.83 8.64
CA GLU L 563 -52.66 -59.00 9.78
C GLU L 563 -53.53 -59.29 11.00
N GLY L 564 -54.28 -60.40 10.96
CA GLY L 564 -55.10 -60.81 12.09
C GLY L 564 -56.36 -59.99 12.33
N ARG L 565 -56.87 -59.38 11.27
CA ARG L 565 -58.05 -58.52 11.37
C ARG L 565 -59.21 -59.02 10.53
N ASN L 566 -60.41 -58.59 10.93
CA ASN L 566 -61.61 -58.77 10.14
C ASN L 566 -61.49 -57.95 8.85
N PHE L 567 -62.18 -58.38 7.80
CA PHE L 567 -62.19 -57.64 6.56
C PHE L 567 -63.56 -57.72 5.89
N VAL L 568 -63.81 -56.75 5.02
CA VAL L 568 -65.01 -56.68 4.21
C VAL L 568 -64.59 -57.10 2.80
N ASP L 569 -65.30 -58.08 2.23
CA ASP L 569 -64.99 -58.51 0.86
C ASP L 569 -65.70 -57.59 -0.11
N LEU L 570 -65.24 -57.63 -1.36
CA LEU L 570 -65.70 -56.70 -2.39
C LEU L 570 -67.17 -56.88 -2.77
N MET L 571 -67.73 -58.06 -2.54
CA MET L 571 -69.15 -58.25 -2.79
C MET L 571 -69.95 -57.44 -1.77
N TRP L 572 -69.57 -57.51 -0.50
CA TRP L 572 -70.24 -56.70 0.52
C TRP L 572 -70.02 -55.20 0.31
N ALA L 573 -68.78 -54.83 -0.04
CA ALA L 573 -68.42 -53.43 -0.13
C ALA L 573 -69.09 -52.69 -1.27
N CYS L 574 -69.35 -53.40 -2.38
CA CYS L 574 -69.78 -52.76 -3.62
C CYS L 574 -71.17 -53.13 -4.09
N ALA L 575 -71.59 -54.37 -3.86
CA ALA L 575 -72.78 -54.91 -4.55
C ALA L 575 -73.85 -55.44 -3.60
N ARG L 576 -73.72 -55.16 -2.31
CA ARG L 576 -74.62 -55.68 -1.30
C ARG L 576 -76.05 -55.20 -1.49
N THR L 577 -76.99 -56.03 -1.05
CA THR L 577 -78.40 -55.70 -1.08
C THR L 577 -78.91 -55.53 0.34
N THR L 578 -79.61 -54.42 0.57
CA THR L 578 -80.18 -54.10 1.87
C THR L 578 -81.28 -53.08 1.70
N TRP L 579 -82.12 -52.97 2.72
CA TRP L 579 -83.12 -51.92 2.76
C TRP L 579 -82.98 -51.10 4.06
N ALA L 580 -81.77 -51.11 4.62
CA ALA L 580 -81.48 -50.40 5.88
C ALA L 580 -80.49 -49.24 5.73
N ASP L 581 -79.97 -49.04 4.52
CA ASP L 581 -78.79 -48.21 4.28
C ASP L 581 -79.23 -46.94 3.54
N LYS L 582 -79.40 -45.84 4.27
CA LYS L 582 -79.87 -44.58 3.71
C LYS L 582 -78.99 -44.13 2.54
N ASP L 583 -77.68 -44.18 2.74
CA ASP L 583 -76.70 -43.80 1.71
C ASP L 583 -76.85 -44.60 0.42
N GLN L 584 -77.09 -45.90 0.56
CA GLN L 584 -77.26 -46.77 -0.60
C GLN L 584 -78.50 -46.39 -1.38
N ALA L 585 -79.59 -46.11 -0.65
CA ALA L 585 -80.84 -45.74 -1.28
C ALA L 585 -80.75 -44.39 -2.00
N GLU L 586 -79.85 -43.52 -1.55
CA GLU L 586 -79.68 -42.19 -2.16
C GLU L 586 -78.61 -42.15 -3.23
N ALA L 587 -77.79 -43.21 -3.29
CA ALA L 587 -76.83 -43.39 -4.38
C ALA L 587 -77.28 -44.54 -5.29
N LYS L 588 -78.55 -44.52 -5.68
CA LYS L 588 -79.04 -45.36 -6.77
C LYS L 588 -78.94 -46.86 -6.50
N GLY L 589 -78.93 -47.25 -5.22
CA GLY L 589 -78.82 -48.65 -4.84
C GLY L 589 -77.44 -49.27 -5.00
N CYS L 590 -76.42 -48.46 -5.26
CA CYS L 590 -75.06 -48.96 -5.51
C CYS L 590 -75.11 -50.02 -6.63
N HIS L 591 -74.47 -51.17 -6.44
CA HIS L 591 -74.32 -52.16 -7.51
C HIS L 591 -75.07 -53.49 -7.30
N SER L 592 -75.97 -53.51 -6.31
CA SER L 592 -76.86 -54.65 -6.09
C SER L 592 -77.75 -54.92 -7.30
N PRO L 593 -77.65 -56.14 -7.86
CA PRO L 593 -78.57 -56.54 -8.93
C PRO L 593 -80.06 -56.34 -8.58
N VAL L 594 -80.39 -56.32 -7.29
CA VAL L 594 -81.78 -56.23 -6.85
C VAL L 594 -82.30 -54.79 -6.65
N VAL L 595 -81.49 -53.91 -6.07
CA VAL L 595 -81.96 -52.54 -5.76
C VAL L 595 -81.26 -51.42 -6.54
N SER L 596 -80.26 -51.77 -7.34
CA SER L 596 -79.56 -50.76 -8.14
C SER L 596 -80.49 -50.17 -9.19
N GLU L 597 -80.47 -48.83 -9.28
CA GLU L 597 -81.17 -48.10 -10.32
C GLU L 597 -80.21 -47.71 -11.43
N LEU L 598 -78.99 -48.21 -11.37
CA LEU L 598 -78.00 -47.95 -12.40
C LEU L 598 -78.29 -48.82 -13.59
N LYS L 599 -77.74 -48.45 -14.73
CA LYS L 599 -77.78 -49.30 -15.92
C LYS L 599 -77.25 -50.69 -15.56
N GLU L 600 -77.78 -51.70 -16.22
CA GLU L 600 -77.56 -53.11 -15.87
C GLU L 600 -76.09 -53.53 -15.94
N THR L 601 -75.29 -52.83 -16.74
CA THR L 601 -73.85 -53.09 -16.78
C THR L 601 -73.16 -52.82 -15.44
N LEU L 602 -73.75 -51.97 -14.60
CA LEU L 602 -73.20 -51.68 -13.28
C LEU L 602 -73.86 -52.50 -12.15
N HIS L 603 -74.60 -53.55 -12.52
CA HIS L 603 -75.12 -54.51 -11.56
C HIS L 603 -74.11 -55.65 -11.44
N PHE L 604 -73.39 -55.73 -10.33
CA PHE L 604 -72.37 -56.76 -10.14
C PHE L 604 -72.96 -58.03 -9.48
N LYS L 605 -72.82 -59.17 -10.14
CA LYS L 605 -73.47 -60.41 -9.71
C LYS L 605 -72.57 -61.36 -8.90
N ASP L 606 -71.27 -61.12 -8.90
CA ASP L 606 -70.36 -61.91 -8.06
C ASP L 606 -69.05 -61.18 -7.77
N GLN L 607 -68.33 -61.68 -6.78
CA GLN L 607 -67.13 -61.03 -6.29
C GLN L 607 -66.01 -60.93 -7.34
N LYS L 608 -65.89 -61.97 -8.18
CA LYS L 608 -64.87 -62.02 -9.23
C LYS L 608 -65.07 -60.89 -10.24
N GLN L 609 -66.32 -60.59 -10.56
CA GLN L 609 -66.66 -59.47 -11.42
C GLN L 609 -66.26 -58.15 -10.77
N VAL L 610 -66.59 -57.99 -9.49
CA VAL L 610 -66.24 -56.77 -8.78
C VAL L 610 -64.72 -56.65 -8.76
N TYR L 611 -64.05 -57.75 -8.44
CA TYR L 611 -62.60 -57.77 -8.41
C TYR L 611 -61.99 -57.32 -9.74
N ASN L 612 -62.57 -57.76 -10.85
CA ASN L 612 -62.08 -57.35 -12.18
C ASN L 612 -62.25 -55.86 -12.43
N GLU L 613 -63.34 -55.28 -11.93
CA GLU L 613 -63.55 -53.84 -12.02
C GLU L 613 -62.50 -53.09 -11.21
N VAL L 614 -62.25 -53.56 -9.99
CA VAL L 614 -61.24 -52.95 -9.14
C VAL L 614 -59.84 -53.02 -9.77
N MET L 615 -59.50 -54.17 -10.33
CA MET L 615 -58.19 -54.38 -10.98
C MET L 615 -58.05 -53.53 -12.23
N GLY L 616 -59.17 -53.25 -12.88
CA GLY L 616 -59.19 -52.33 -14.02
C GLY L 616 -58.78 -50.92 -13.64
N TRP L 617 -58.95 -50.57 -12.37
CA TRP L 617 -58.50 -49.27 -11.86
C TRP L 617 -57.14 -49.35 -11.17
N GLN L 618 -56.94 -50.35 -10.31
CA GLN L 618 -55.70 -50.45 -9.54
C GLN L 618 -54.48 -50.87 -10.36
N THR L 619 -54.69 -51.65 -11.41
CA THR L 619 -53.56 -52.17 -12.19
C THR L 619 -52.83 -51.04 -12.94
N PRO L 620 -53.55 -50.23 -13.73
CA PRO L 620 -52.86 -49.09 -14.35
C PRO L 620 -52.14 -48.20 -13.31
N VAL L 621 -52.83 -47.87 -12.23
CA VAL L 621 -52.29 -47.00 -11.19
C VAL L 621 -51.03 -47.58 -10.57
N LYS L 622 -51.08 -48.87 -10.23
CA LYS L 622 -49.93 -49.55 -9.63
C LYS L 622 -48.71 -49.61 -10.57
N ASP L 623 -48.96 -49.76 -11.86
CA ASP L 623 -47.88 -49.80 -12.86
C ASP L 623 -47.14 -48.45 -12.89
N LYS L 624 -47.89 -47.40 -13.18
CA LYS L 624 -47.33 -46.06 -13.28
C LYS L 624 -46.69 -45.59 -11.98
N PHE L 625 -47.29 -45.95 -10.84
CA PHE L 625 -46.68 -45.69 -9.54
C PHE L 625 -45.29 -46.34 -9.44
N THR L 626 -45.18 -47.59 -9.91
CA THR L 626 -43.91 -48.33 -9.87
C THR L 626 -42.88 -47.74 -10.86
N GLN L 627 -43.33 -47.41 -12.07
CA GLN L 627 -42.50 -46.70 -13.05
C GLN L 627 -41.84 -45.47 -12.47
N VAL L 628 -42.66 -44.60 -11.88
CA VAL L 628 -42.17 -43.35 -11.30
C VAL L 628 -41.12 -43.63 -10.22
N LYS L 629 -41.43 -44.54 -9.31
CA LYS L 629 -40.51 -44.89 -8.22
C LYS L 629 -39.19 -45.48 -8.73
N VAL L 630 -39.28 -46.29 -9.77
CA VAL L 630 -38.09 -46.82 -10.46
C VAL L 630 -37.28 -45.66 -11.07
N GLY L 631 -37.96 -44.77 -11.78
CA GLY L 631 -37.31 -43.60 -12.37
C GLY L 631 -36.61 -42.70 -11.38
N ILE L 632 -37.25 -42.45 -10.24
CA ILE L 632 -36.69 -41.60 -9.18
C ILE L 632 -35.39 -42.17 -8.61
N GLN L 633 -35.33 -43.49 -8.43
CA GLN L 633 -34.14 -44.13 -7.88
C GLN L 633 -33.01 -44.13 -8.90
N GLY L 634 -33.36 -44.28 -10.18
CA GLY L 634 -32.38 -44.22 -11.27
C GLY L 634 -31.74 -42.85 -11.42
N LEU L 635 -32.57 -41.81 -11.43
CA LEU L 635 -32.07 -40.44 -11.58
C LEU L 635 -31.23 -39.98 -10.38
N TYR L 636 -31.55 -40.45 -9.18
CA TYR L 636 -30.71 -40.16 -8.00
C TYR L 636 -29.31 -40.77 -8.11
N SER L 637 -29.18 -41.87 -8.85
CA SER L 637 -27.86 -42.49 -9.10
C SER L 637 -27.05 -41.72 -10.14
N LEU L 638 -27.69 -41.38 -11.26
CA LEU L 638 -27.03 -40.60 -12.32
C LEU L 638 -26.56 -39.22 -11.84
N LEU L 639 -27.29 -38.62 -10.90
CA LEU L 639 -26.94 -37.31 -10.37
C LEU L 639 -25.57 -37.28 -9.66
N GLU L 640 -25.15 -38.41 -9.11
CA GLU L 640 -23.85 -38.50 -8.44
C GLU L 640 -22.72 -38.92 -9.39
N VAL L 641 -23.03 -39.13 -10.67
CA VAL L 641 -22.05 -39.58 -11.66
C VAL L 641 -21.89 -38.60 -12.84
N LYS L 642 -23.00 -38.19 -13.45
CA LYS L 642 -22.95 -37.34 -14.66
C LYS L 642 -23.20 -35.86 -14.38
N LYS L 643 -22.29 -35.02 -14.87
CA LYS L 643 -22.33 -33.58 -14.60
C LYS L 643 -23.34 -32.87 -15.50
N LEU L 644 -23.98 -31.85 -14.93
CA LEU L 644 -25.01 -31.08 -15.62
C LEU L 644 -24.79 -29.58 -15.46
N ALA L 645 -25.18 -28.82 -16.48
CA ALA L 645 -25.22 -27.37 -16.36
C ALA L 645 -26.18 -27.03 -15.22
N PRO L 646 -25.83 -26.03 -14.38
CA PRO L 646 -26.61 -25.74 -13.16
C PRO L 646 -28.13 -25.60 -13.39
N SER L 647 -28.53 -25.04 -14.53
CA SER L 647 -29.95 -24.85 -14.84
C SER L 647 -30.66 -26.17 -15.17
N ASP L 648 -29.96 -27.06 -15.87
CA ASP L 648 -30.51 -28.38 -16.19
C ASP L 648 -30.59 -29.24 -14.95
N LYS L 649 -29.56 -29.16 -14.12
CA LYS L 649 -29.48 -29.88 -12.85
C LYS L 649 -30.62 -29.46 -11.93
N THR L 650 -30.83 -28.15 -11.84
CA THR L 650 -31.95 -27.59 -11.10
C THR L 650 -33.27 -28.21 -11.56
N ARG L 651 -33.47 -28.24 -12.87
CA ARG L 651 -34.68 -28.78 -13.46
C ARG L 651 -34.87 -30.27 -13.12
N VAL L 652 -33.80 -31.05 -13.18
CA VAL L 652 -33.85 -32.46 -12.82
C VAL L 652 -34.24 -32.63 -11.34
N TYR L 653 -33.54 -31.93 -10.45
CA TYR L 653 -33.88 -31.97 -9.02
C TYR L 653 -35.37 -31.67 -8.77
N GLU L 654 -35.86 -30.63 -9.45
CA GLU L 654 -37.24 -30.19 -9.30
C GLU L 654 -38.25 -31.26 -9.72
N LEU L 655 -38.02 -31.84 -10.89
CA LEU L 655 -38.90 -32.84 -11.45
C LEU L 655 -38.94 -34.11 -10.59
N ILE L 656 -37.78 -34.52 -10.08
CA ILE L 656 -37.69 -35.65 -9.15
C ILE L 656 -38.56 -35.43 -7.92
N GLU L 657 -38.53 -34.21 -7.37
CA GLU L 657 -39.25 -33.89 -6.15
C GLU L 657 -40.76 -33.74 -6.40
N LYS L 658 -41.15 -33.32 -7.60
CA LYS L 658 -42.57 -33.24 -7.94
C LYS L 658 -43.15 -34.65 -8.09
N ALA L 659 -42.39 -35.53 -8.75
CA ALA L 659 -42.75 -36.94 -8.86
C ALA L 659 -42.81 -37.60 -7.49
N GLN L 660 -41.82 -37.30 -6.65
CA GLN L 660 -41.79 -37.82 -5.29
C GLN L 660 -43.03 -37.40 -4.48
N ASP L 661 -43.47 -36.16 -4.67
CA ASP L 661 -44.67 -35.66 -3.97
C ASP L 661 -45.91 -36.40 -4.44
N THR L 662 -45.99 -36.65 -5.74
CA THR L 662 -47.12 -37.38 -6.31
C THR L 662 -47.16 -38.81 -5.78
N VAL L 663 -46.00 -39.47 -5.82
CA VAL L 663 -45.80 -40.81 -5.26
C VAL L 663 -46.17 -40.91 -3.78
N ASP L 664 -45.78 -39.91 -2.99
CA ASP L 664 -46.05 -39.92 -1.55
C ASP L 664 -47.54 -39.79 -1.26
N LEU L 665 -48.24 -38.98 -2.05
CA LEU L 665 -49.68 -38.82 -1.91
C LEU L 665 -50.43 -40.12 -2.18
N ILE L 666 -50.01 -40.83 -3.22
CA ILE L 666 -50.67 -42.06 -3.64
C ILE L 666 -50.38 -43.19 -2.69
N GLU L 667 -49.13 -43.30 -2.22
CA GLU L 667 -48.77 -44.30 -1.23
C GLU L 667 -49.50 -44.06 0.09
N LYS L 668 -49.70 -42.79 0.43
CA LYS L 668 -50.39 -42.44 1.68
C LYS L 668 -51.89 -42.75 1.56
N ASP L 669 -52.50 -42.37 0.44
CA ASP L 669 -53.90 -42.67 0.18
C ASP L 669 -54.21 -44.17 0.34
N GLY L 670 -53.42 -44.98 -0.34
CA GLY L 670 -53.45 -46.43 -0.17
C GLY L 670 -54.57 -47.13 -0.91
N SER L 671 -55.29 -46.39 -1.75
CA SER L 671 -56.43 -46.96 -2.48
C SER L 671 -56.09 -47.37 -3.92
N TRP L 672 -54.93 -46.90 -4.41
CA TRP L 672 -54.49 -47.18 -5.79
C TRP L 672 -55.54 -46.89 -6.84
N GLY L 673 -56.27 -45.79 -6.66
CA GLY L 673 -57.25 -45.32 -7.64
C GLY L 673 -58.70 -45.50 -7.24
N MET L 674 -58.97 -46.31 -6.23
CA MET L 674 -60.35 -46.59 -5.79
C MET L 674 -61.05 -45.36 -5.21
N HIS L 675 -60.29 -44.43 -4.64
CA HIS L 675 -60.86 -43.21 -4.08
C HIS L 675 -61.07 -42.10 -5.10
N GLY L 676 -60.58 -42.29 -6.32
CA GLY L 676 -60.73 -41.31 -7.38
C GLY L 676 -59.75 -41.62 -8.50
N PHE L 677 -60.22 -42.41 -9.46
CA PHE L 677 -59.34 -42.95 -10.48
C PHE L 677 -58.80 -41.87 -11.40
N LYS L 678 -59.71 -41.08 -11.97
CA LYS L 678 -59.34 -40.03 -12.92
C LYS L 678 -58.24 -39.12 -12.38
N TYR L 679 -58.40 -38.64 -11.15
CA TYR L 679 -57.38 -37.78 -10.55
C TYR L 679 -56.09 -38.56 -10.29
N THR L 680 -56.19 -39.69 -9.60
CA THR L 680 -55.02 -40.51 -9.29
C THR L 680 -54.22 -40.83 -10.54
N LYS L 681 -54.90 -41.27 -11.59
CA LYS L 681 -54.25 -41.72 -12.82
C LYS L 681 -53.52 -40.59 -13.54
N GLN L 682 -54.23 -39.51 -13.83
CA GLN L 682 -53.64 -38.35 -14.50
C GLN L 682 -52.50 -37.74 -13.71
N ARG L 683 -52.62 -37.67 -12.39
CA ARG L 683 -51.53 -37.14 -11.60
C ARG L 683 -50.29 -38.02 -11.78
N LEU L 684 -50.48 -39.33 -11.76
CA LEU L 684 -49.37 -40.28 -12.03
C LEU L 684 -48.84 -40.19 -13.46
N ASP L 685 -49.72 -39.97 -14.42
CA ASP L 685 -49.29 -39.75 -15.81
C ASP L 685 -48.27 -38.62 -15.83
N ALA L 686 -48.67 -37.47 -15.30
CA ALA L 686 -47.80 -36.28 -15.22
C ALA L 686 -46.46 -36.63 -14.60
N ALA L 687 -46.50 -37.34 -13.48
CA ALA L 687 -45.30 -37.77 -12.77
C ALA L 687 -44.38 -38.64 -13.63
N VAL L 688 -44.99 -39.55 -14.41
CA VAL L 688 -44.23 -40.30 -15.40
C VAL L 688 -43.55 -39.31 -16.37
N GLU L 689 -44.33 -38.39 -16.93
CA GLU L 689 -43.78 -37.36 -17.82
C GLU L 689 -42.71 -36.49 -17.17
N TYR L 690 -42.82 -36.20 -15.87
CA TYR L 690 -41.76 -35.49 -15.15
C TYR L 690 -40.46 -36.29 -15.20
N ILE L 691 -40.54 -37.58 -14.88
CA ILE L 691 -39.36 -38.45 -14.92
C ILE L 691 -38.80 -38.55 -16.34
N ASN L 692 -39.69 -38.70 -17.32
CA ASN L 692 -39.27 -38.77 -18.73
C ASN L 692 -38.46 -37.54 -19.15
N GLU L 693 -38.96 -36.36 -18.85
CA GLU L 693 -38.24 -35.12 -19.19
C GLU L 693 -36.88 -35.08 -18.49
N ALA L 694 -36.86 -35.45 -17.21
CA ALA L 694 -35.62 -35.50 -16.44
C ALA L 694 -34.62 -36.52 -17.01
N GLN L 695 -35.14 -37.58 -17.61
CA GLN L 695 -34.29 -38.57 -18.28
C GLN L 695 -33.68 -37.99 -19.56
N ARG L 696 -34.48 -37.25 -20.31
CA ARG L 696 -34.00 -36.56 -21.51
C ARG L 696 -32.85 -35.59 -21.19
N ILE L 697 -32.97 -34.85 -20.09
CA ILE L 697 -31.95 -33.88 -19.70
C ILE L 697 -30.63 -34.56 -19.29
N MET L 698 -30.72 -35.69 -18.59
CA MET L 698 -29.54 -36.51 -18.26
C MET L 698 -28.88 -37.09 -19.51
N LYS L 699 -29.70 -37.37 -20.53
CA LYS L 699 -29.25 -38.01 -21.77
C LYS L 699 -28.37 -37.09 -22.62
N LYS L 700 -28.60 -35.78 -22.54
CA LYS L 700 -27.77 -34.80 -23.23
C LYS L 700 -26.55 -34.48 -22.37
CU CU1 M . 61.52 -31.95 3.84
S SX N . 62.02 -35.04 5.57
O SX N . 62.41 -35.05 6.98
O6 BU3 O . 38.72 -39.40 10.39
C3 BU3 O . 39.76 -39.11 9.45
C4 BU3 O . 39.42 -37.81 8.72
C2 BU3 O . 40.02 -40.31 8.52
O5 BU3 O . 39.77 -39.95 7.15
C1 BU3 O . 39.16 -41.53 8.84
O6 BU3 P . 73.92 -29.14 14.83
C3 BU3 P . 73.82 -27.73 14.57
C4 BU3 P . 74.74 -26.94 15.49
C2 BU3 P . 72.34 -27.34 14.64
O5 BU3 P . 72.18 -25.98 15.09
C1 BU3 P . 71.53 -28.24 15.56
C ACT Q . 46.74 -33.39 11.89
O ACT Q . 47.67 -33.75 12.64
OXT ACT Q . 46.16 -32.28 12.01
CH3 ACT Q . 46.32 -34.34 10.80
CHA HEM R . 35.27 -47.38 -4.37
CHB HEM R . 40.04 -47.03 -3.47
CHC HEM R . 40.80 -50.82 -6.45
CHD HEM R . 36.17 -50.56 -7.88
C1A HEM R . 36.48 -47.03 -3.84
C2A HEM R . 36.64 -46.04 -2.86
C3A HEM R . 37.98 -45.95 -2.63
C4A HEM R . 38.66 -46.85 -3.48
CMA HEM R . 38.64 -45.02 -1.64
CAA HEM R . 35.52 -45.25 -2.21
CBA HEM R . 34.94 -46.02 -1.00
CGA HEM R . 33.65 -46.75 -1.29
O1A HEM R . 32.81 -46.33 -2.13
O2A HEM R . 33.39 -47.82 -0.67
C1B HEM R . 40.76 -48.06 -4.16
C2B HEM R . 42.13 -48.40 -4.06
C3B HEM R . 42.34 -49.46 -4.92
C4B HEM R . 41.04 -49.80 -5.51
CMB HEM R . 43.13 -47.67 -3.18
CAB HEM R . 43.46 -50.36 -5.15
CBB HEM R . 44.19 -50.78 -3.95
C1C HEM R . 39.59 -51.07 -7.13
C2C HEM R . 39.42 -51.99 -8.17
C3C HEM R . 38.10 -51.93 -8.60
C4C HEM R . 37.47 -50.94 -7.80
CMC HEM R . 40.50 -52.90 -8.71
CAC HEM R . 37.36 -52.74 -9.60
CBC HEM R . 37.81 -54.07 -10.06
C1D HEM R . 35.58 -49.68 -7.00
C2D HEM R . 34.13 -49.41 -7.04
C3D HEM R . 33.88 -48.53 -6.04
C4D HEM R . 35.18 -48.27 -5.43
CMD HEM R . 33.11 -50.01 -7.98
CAD HEM R . 32.53 -47.93 -5.70
CBD HEM R . 31.67 -48.72 -4.70
CGD HEM R . 30.34 -48.01 -4.43
O1D HEM R . 29.66 -48.36 -3.43
O2D HEM R . 29.90 -47.07 -5.15
NA HEM R . 37.70 -47.48 -4.23
NB HEM R . 40.24 -48.92 -5.01
NC HEM R . 38.40 -50.43 -6.95
ND HEM R . 36.16 -48.97 -6.02
FE HEM R . 38.01 -48.93 -5.57
CHA HEM S . 60.40 -33.63 1.76
CHB HEM S . 63.98 -36.90 1.84
CHC HEM S . 62.09 -38.92 5.81
CHD HEM S . 58.15 -36.11 5.23
C1A HEM S . 61.54 -34.31 1.49
C2A HEM S . 62.37 -34.07 0.36
C3A HEM S . 63.36 -35.00 0.41
C4A HEM S . 63.14 -35.83 1.53
CMA HEM S . 64.51 -35.19 -0.55
CAA HEM S . 62.22 -32.96 -0.67
CBA HEM S . 61.00 -33.15 -1.58
CGA HEM S . 61.01 -32.22 -2.77
O1A HEM S . 59.95 -32.09 -3.45
O2A HEM S . 62.04 -31.59 -3.12
C1B HEM S . 63.85 -37.79 2.92
C2B HEM S . 64.74 -38.84 3.27
C3B HEM S . 64.22 -39.44 4.40
C4B HEM S . 62.99 -38.70 4.75
CMB HEM S . 65.98 -39.20 2.48
CAB HEM S . 64.70 -40.57 5.22
CBB HEM S . 65.99 -41.24 5.07
C1C HEM S . 60.84 -38.30 6.02
C2C HEM S . 59.92 -38.63 7.05
C3C HEM S . 58.79 -37.84 6.88
C4C HEM S . 59.02 -37.02 5.74
CMC HEM S . 60.17 -39.66 8.13
CAC HEM S . 57.55 -37.71 7.70
CBC HEM S . 57.45 -38.10 9.12
C1D HEM S . 58.50 -35.23 4.21
C2D HEM S . 57.56 -34.19 3.79
C3D HEM S . 58.19 -33.48 2.83
C4D HEM S . 59.51 -34.11 2.69
CMD HEM S . 56.16 -33.99 4.34
CAD HEM S . 57.72 -32.28 2.02
CBD HEM S . 56.21 -31.96 2.03
CGD HEM S . 55.74 -31.17 3.21
O1D HEM S . 56.54 -30.47 3.88
O2D HEM S . 54.52 -31.22 3.55
NA HEM S . 62.00 -35.39 2.17
NB HEM S . 62.92 -37.77 3.84
NC HEM S . 60.24 -37.31 5.27
ND HEM S . 59.66 -35.14 3.55
FE HEM S . 61.13 -36.31 3.70
CHA HEM T . 39.27 -40.75 -1.80
CHB HEM T . 41.19 -43.72 -5.16
CHC HEM T . 45.60 -42.13 -3.93
CHD HEM T . 43.67 -40.20 0.10
C1A HEM T . 39.42 -41.60 -2.86
C2A HEM T . 38.37 -42.06 -3.68
C3A HEM T . 38.91 -42.90 -4.61
C4A HEM T . 40.30 -42.98 -4.36
CMA HEM T . 38.18 -43.63 -5.71
CAA HEM T . 36.93 -41.62 -3.51
CBA HEM T . 36.86 -40.19 -4.09
CGA HEM T . 35.63 -39.44 -3.69
O1A HEM T . 35.69 -38.31 -3.14
O2A HEM T . 34.50 -39.95 -3.93
C1B HEM T . 42.59 -43.55 -5.22
C2B HEM T . 43.50 -44.07 -6.18
C3B HEM T . 44.76 -43.62 -5.82
C4B HEM T . 44.59 -42.77 -4.65
CMB HEM T . 43.12 -44.96 -7.32
CAB HEM T . 46.08 -43.72 -6.45
CBB HEM T . 46.17 -43.89 -7.91
C1C HEM T . 45.46 -41.49 -2.70
C2C HEM T . 46.53 -41.04 -1.90
C3C HEM T . 45.99 -40.51 -0.74
C4C HEM T . 44.58 -40.63 -0.84
CMC HEM T . 47.98 -41.14 -2.28
CAC HEM T . 46.66 -39.81 0.38
CBC HEM T . 47.92 -39.09 0.19
C1D HEM T . 42.30 -40.19 -0.15
C2D HEM T . 41.36 -39.51 0.76
C3D HEM T . 40.15 -39.65 0.22
C4D HEM T . 40.35 -40.40 -1.02
CMD HEM T . 41.68 -38.78 2.04
CAD HEM T . 38.84 -39.13 0.79
CBD HEM T . 38.17 -38.07 -0.09
CGD HEM T . 38.60 -36.68 0.22
O1D HEM T . 38.97 -36.32 1.36
O2D HEM T . 38.59 -35.84 -0.70
NA HEM T . 40.59 -42.16 -3.28
NB HEM T . 43.32 -42.84 -4.41
NC HEM T . 44.31 -41.24 -2.00
ND HEM T . 41.65 -40.71 -1.19
FE HEM T . 42.41 -41.69 -2.63
CHA HEM U . 53.67 -33.75 -0.12
CHB HEM U . 48.98 -33.37 1.16
CHC HEM U . 49.17 -37.80 3.12
CHD HEM U . 53.99 -37.89 2.33
C1A HEM U . 52.39 -33.33 0.01
C2A HEM U . 51.90 -32.13 -0.55
C3A HEM U . 50.59 -32.03 -0.17
C4A HEM U . 50.27 -33.15 0.64
CMA HEM U . 49.62 -30.93 -0.52
CAA HEM U . 52.70 -31.16 -1.38
CBA HEM U . 52.99 -31.77 -2.77
CGA HEM U . 53.99 -30.94 -3.55
O1A HEM U . 54.78 -30.13 -3.00
O2A HEM U . 54.03 -31.04 -4.80
C1B HEM U . 48.54 -34.54 1.82
C2B HEM U . 47.22 -34.82 2.27
C3B HEM U . 47.25 -36.09 2.82
C4B HEM U . 48.64 -36.56 2.69
CMB HEM U . 46.05 -33.89 2.13
CAB HEM U . 46.20 -36.95 3.37
CBB HEM U . 44.78 -36.82 2.98
C1C HEM U . 50.52 -38.22 3.06
C2C HEM U . 50.98 -39.47 3.51
C3C HEM U . 52.36 -39.50 3.30
C4C HEM U . 52.73 -38.26 2.70
CMC HEM U . 50.12 -40.54 4.12
CAC HEM U . 53.34 -40.58 3.53
CBC HEM U . 53.00 -42.01 3.69
C1D HEM U . 54.24 -36.75 1.61
C2D HEM U . 55.59 -36.47 1.11
C3D HEM U . 55.51 -35.33 0.43
C4D HEM U . 54.10 -34.92 0.50
CMD HEM U . 56.86 -37.27 1.31
CAD HEM U . 56.66 -34.65 -0.28
CBD HEM U . 56.88 -35.34 -1.63
CGD HEM U . 57.99 -34.70 -2.43
O1D HEM U . 57.96 -33.47 -2.72
O2D HEM U . 58.93 -35.40 -2.83
NA HEM U . 51.39 -33.94 0.72
NB HEM U . 49.27 -35.59 2.10
NC HEM U . 51.60 -37.52 2.57
ND HEM U . 53.36 -35.79 1.22
FE HEM U . 51.52 -35.70 1.61
CHA HEM V . 49.51 -25.54 0.72
CHB HEM V . 49.73 -29.64 3.36
CHC HEM V . 45.78 -28.29 5.81
CHD HEM V . 45.29 -24.47 2.84
C1A HEM V . 49.93 -26.73 1.26
C2A HEM V . 51.12 -27.41 0.92
C3A HEM V . 51.15 -28.55 1.66
C4A HEM V . 50.00 -28.59 2.46
CMA HEM V . 52.24 -29.59 1.66
CAA HEM V . 52.14 -26.97 -0.09
CBA HEM V . 53.12 -25.95 0.47
CGA HEM V . 54.19 -25.70 -0.57
O1A HEM V . 55.23 -26.40 -0.58
O2A HEM V . 54.06 -24.79 -1.42
C1B HEM V . 48.70 -29.68 4.30
C2B HEM V . 48.49 -30.66 5.30
C3B HEM V . 47.34 -30.27 5.99
C4B HEM V . 46.90 -29.01 5.41
CMB HEM V . 49.36 -31.86 5.49
CAB HEM V . 46.70 -30.74 7.20
CBB HEM V . 47.62 -31.17 8.28
C1C HEM V . 45.30 -27.12 5.20
C2C HEM V . 44.12 -26.45 5.58
C3C HEM V . 43.96 -25.38 4.72
C4C HEM V . 45.06 -25.38 3.83
CMC HEM V . 43.20 -26.88 6.70
CAC HEM V . 42.95 -24.30 4.72
CBC HEM V . 42.19 -23.91 5.92
C1D HEM V . 46.45 -24.49 2.06
C2D HEM V . 46.70 -23.42 1.08
C3D HEM V . 47.87 -23.70 0.50
C4D HEM V . 48.32 -24.96 1.12
CMD HEM V . 45.84 -22.21 0.78
CAD HEM V . 48.54 -22.91 -0.59
CBD HEM V . 48.05 -23.39 -1.95
CGD HEM V . 48.59 -22.56 -3.11
O1D HEM V . 47.79 -22.02 -3.89
O2D HEM V . 49.80 -22.37 -3.31
NA HEM V . 49.24 -27.47 2.19
NB HEM V . 47.75 -28.81 4.45
NC HEM V . 45.83 -26.46 4.13
ND HEM V . 47.43 -25.39 2.04
FE HEM V . 47.58 -26.95 3.13
CHA HEM W . 39.74 -18.40 11.77
CHB HEM W . 42.66 -17.15 8.10
CHC HEM W . 40.57 -20.55 5.35
CHD HEM W . 37.05 -20.91 8.68
C1A HEM W . 40.74 -17.83 11.03
C2A HEM W . 41.68 -16.89 11.52
C3A HEM W . 42.48 -16.54 10.48
C4A HEM W . 42.05 -17.25 9.34
CMA HEM W . 43.63 -15.57 10.53
CAA HEM W . 41.76 -16.38 12.94
CBA HEM W . 42.63 -17.36 13.75
CGA HEM W . 42.61 -17.03 15.21
O1A HEM W . 43.36 -17.66 16.00
O2A HEM W . 41.85 -16.14 15.65
C1B HEM W . 42.43 -17.98 6.99
C2B HEM W . 43.19 -18.04 5.82
C3B HEM W . 42.63 -18.98 5.01
C4B HEM W . 41.49 -19.57 5.74
CMB HEM W . 44.39 -17.23 5.44
CAB HEM W . 43.34 -19.32 3.78
CBB HEM W . 43.52 -20.74 3.43
C1C HEM W . 39.39 -20.95 6.02
C2C HEM W . 38.40 -21.82 5.51
C3C HEM W . 37.39 -21.91 6.45
C4C HEM W . 37.76 -21.07 7.53
CMC HEM W . 38.45 -22.52 4.17
CAC HEM W . 36.14 -22.72 6.47
CBC HEM W . 35.89 -23.86 5.57
C1D HEM W . 37.56 -20.25 9.77
C2D HEM W . 36.85 -20.32 11.05
C3D HEM W . 37.60 -19.62 11.92
C4D HEM W . 38.77 -19.16 11.17
CMD HEM W . 35.54 -21.01 11.35
CAD HEM W . 37.28 -19.41 13.37
CBD HEM W . 36.36 -18.21 13.61
CGD HEM W . 36.13 -18.15 15.11
O1D HEM W . 35.15 -18.76 15.62
O2D HEM W . 36.91 -17.50 15.84
NA HEM W . 40.96 -18.01 9.70
NB HEM W . 41.50 -18.87 6.86
NC HEM W . 38.93 -20.50 7.24
ND HEM W . 38.70 -19.56 9.88
FE HEM W . 39.96 -19.24 8.52
CHA HEM X . 43.95 -10.90 10.16
CHB HEM X . 41.67 -13.41 6.66
CHC HEM X . 44.50 -11.21 3.38
CHD HEM X . 47.29 -9.51 6.96
C1A HEM X . 43.07 -11.70 9.48
C2A HEM X . 42.03 -12.45 10.08
C3A HEM X . 41.42 -13.16 9.10
C4A HEM X . 42.08 -12.87 7.89
CMA HEM X . 40.23 -14.08 9.24
CAA HEM X . 41.68 -12.45 11.55
CBA HEM X . 40.91 -11.19 11.95
CGA HEM X . 40.59 -11.26 13.44
O1A HEM X . 41.47 -11.49 14.30
O2A HEM X . 39.40 -11.10 13.79
C1B HEM X . 42.19 -13.04 5.40
C2B HEM X . 41.69 -13.39 4.12
C3B HEM X . 42.50 -12.76 3.19
C4B HEM X . 43.48 -11.98 3.93
CMB HEM X . 40.52 -14.29 3.91
CAB HEM X . 42.43 -12.61 1.74
CBB HEM X . 41.07 -12.50 1.17
C1C HEM X . 45.54 -10.57 4.08
C2C HEM X . 46.67 -9.95 3.47
C3C HEM X . 47.48 -9.48 4.52
C4C HEM X . 46.82 -9.81 5.73
CMC HEM X . 46.89 -9.85 1.98
CAC HEM X . 48.73 -8.68 4.52
CBC HEM X . 49.13 -7.82 3.39
C1D HEM X . 46.55 -9.76 8.09
C2D HEM X . 47.01 -9.24 9.38
C3D HEM X . 46.08 -9.61 10.26
C4D HEM X . 45.05 -10.35 9.51
CMD HEM X . 48.26 -8.45 9.69
CAD HEM X . 46.14 -9.32 11.73
CBD HEM X . 45.09 -8.31 12.16
CGD HEM X . 45.27 -8.08 13.64
O1D HEM X . 45.63 -6.95 14.05
O2D HEM X . 45.07 -9.00 14.46
NA HEM X . 43.11 -12.01 8.16
NB HEM X . 43.19 -12.25 5.17
NC HEM X . 45.70 -10.50 5.43
ND HEM X . 45.38 -10.41 8.22
FE HEM X . 44.39 -11.25 6.84
CHA HEM Y . 53.68 -2.19 -0.45
CHB HEM Y . 53.46 -3.26 4.31
CHC HEM Y . 53.07 -7.96 3.16
CHD HEM Y . 54.15 -6.87 -1.44
C1A HEM Y . 53.61 -2.08 0.90
C2A HEM Y . 53.69 -0.87 1.61
C3A HEM Y . 53.63 -1.17 2.93
C4A HEM Y . 53.53 -2.58 3.08
CMA HEM Y . 53.65 -0.16 4.05
CAA HEM Y . 53.78 0.52 1.00
CBA HEM Y . 52.38 1.12 0.86
CGA HEM Y . 52.50 2.55 0.37
O1A HEM Y . 52.84 2.79 -0.79
O2A HEM Y . 52.24 3.50 1.13
C1B HEM Y . 53.29 -4.66 4.50
C2B HEM Y . 53.05 -5.38 5.72
C3B HEM Y . 52.95 -6.72 5.37
C4B HEM Y . 53.09 -6.80 3.93
CMB HEM Y . 52.97 -4.74 7.07
CAB HEM Y . 52.60 -7.95 6.11
CBB HEM Y . 51.63 -7.85 7.23
C1C HEM Y . 53.36 -8.08 1.79
C2C HEM Y . 53.55 -9.30 1.10
C3C HEM Y . 53.87 -8.98 -0.23
C4C HEM Y . 53.88 -7.58 -0.31
CMC HEM Y . 53.39 -10.67 1.69
CAC HEM Y . 54.07 -9.83 -1.42
CBC HEM Y . 53.44 -11.17 -1.53
C1D HEM Y . 54.08 -5.50 -1.49
C2D HEM Y . 54.23 -4.81 -2.77
C3D HEM Y . 54.10 -3.51 -2.50
C4D HEM Y . 53.85 -3.41 -1.06
CMD HEM Y . 54.49 -5.43 -4.13
CAD HEM Y . 54.17 -2.39 -3.50
CBD HEM Y . 52.74 -2.08 -3.94
CGD HEM Y . 52.81 -1.08 -5.08
O1D HEM Y . 52.55 -1.42 -6.25
O2D HEM Y . 53.15 0.10 -4.85
NA HEM Y . 53.58 -3.10 1.80
NB HEM Y . 53.29 -5.56 3.56
NC HEM Y . 53.62 -7.07 0.91
ND HEM Y . 53.85 -4.64 -0.50
FE HEM Y . 53.59 -5.04 1.34
S SO2 Z . 62.59 -34.73 4.70
O1 SO2 Z . 64.02 -34.48 5.12
O2 SO2 Z . 61.85 -34.51 5.99
CU CU1 AA . 18.16 -45.99 -16.77
S SX BA . 20.31 -48.55 -16.99
O SX BA . 21.37 -48.32 -17.97
O6 BU3 CA . 34.61 -40.57 0.97
C3 BU3 CA . 33.64 -41.39 0.29
C4 BU3 CA . 32.30 -40.68 0.27
C2 BU3 CA . 33.55 -42.78 0.95
O5 BU3 CA . 32.49 -42.82 1.91
C1 BU3 CA . 34.85 -43.19 1.63
O6 BU3 DA . 21.91 -47.37 -32.98
C3 BU3 DA . 21.25 -46.14 -33.27
C4 BU3 DA . 21.52 -45.76 -34.73
C2 BU3 DA . 21.66 -45.06 -32.25
O5 BU3 DA . 21.68 -43.75 -32.84
C1 BU3 DA . 23.03 -45.31 -31.62
O6 BU3 EA . 27.27 6.12 -15.52
C3 BU3 EA . 27.37 7.55 -15.40
C4 BU3 EA . 28.43 8.06 -16.35
C2 BU3 EA . 27.68 7.93 -13.95
O5 BU3 EA . 26.87 7.16 -13.04
C1 BU3 EA . 27.44 9.41 -13.71
C ACT FA . 31.12 -39.39 -8.33
O ACT FA . 31.44 -39.92 -9.42
OXT ACT FA . 31.18 -38.14 -8.15
CH3 ACT FA . 30.63 -40.28 -7.23
CHA HEM GA . 26.60 -49.04 13.30
CHB HEM GA . 25.54 -50.84 8.88
CHC HEM GA . 24.03 -54.95 10.99
CHD HEM GA . 24.51 -52.86 15.36
C1A HEM GA . 26.48 -49.21 11.94
C2A HEM GA . 26.92 -48.26 11.00
C3A HEM GA . 26.61 -48.76 9.77
C4A HEM GA . 25.98 -50.02 9.94
CMA HEM GA . 26.91 -48.10 8.43
CAA HEM GA . 27.60 -46.94 11.32
CBA HEM GA . 29.13 -47.09 11.47
CGA HEM GA . 29.66 -47.16 12.90
O1A HEM GA . 29.04 -46.63 13.87
O2A HEM GA . 30.75 -47.75 13.13
C1B HEM GA . 25.05 -52.15 8.99
C2B HEM GA . 24.73 -53.06 7.93
C3B HEM GA . 24.27 -54.22 8.55
C4B HEM GA . 24.38 -54.02 9.99
CMB HEM GA . 24.84 -52.75 6.47
CAB HEM GA . 23.95 -55.56 8.06
CBB HEM GA . 24.74 -56.08 6.93
C1C HEM GA . 24.02 -54.73 12.38
C2C HEM GA . 23.52 -55.64 13.33
C3C HEM GA . 23.65 -55.06 14.59
C4C HEM GA . 24.22 -53.77 14.38
CMC HEM GA . 22.97 -57.02 13.02
CAC HEM GA . 23.37 -55.58 15.94
CBC HEM GA . 23.29 -57.02 16.27
C1D HEM GA . 25.14 -51.65 15.10
C2D HEM GA . 25.55 -50.76 16.20
C3D HEM GA . 26.14 -49.71 15.63
C4D HEM GA . 26.09 -49.97 14.18
CMD HEM GA . 25.37 -50.95 17.69
CAD HEM GA . 26.71 -48.51 16.35
CBD HEM GA . 28.22 -48.61 16.60
CGD HEM GA . 28.73 -47.40 17.36
O1D HEM GA . 29.96 -47.25 17.51
O2D HEM GA . 27.96 -46.54 17.85
NA HEM GA . 25.89 -50.25 11.30
NB HEM GA . 24.81 -52.79 10.10
NC HEM GA . 24.40 -53.59 13.05
ND HEM GA . 25.48 -51.14 13.91
FE HEM GA . 25.17 -51.88 12.18
CHA HEM HA . 17.34 -47.37 -14.37
CHB HEM HA . 17.33 -51.91 -16.19
CHC HEM HA . 22.19 -52.02 -15.98
CHD HEM HA . 22.09 -47.84 -13.52
C1A HEM HA . 16.94 -48.55 -14.92
C2A HEM HA . 15.60 -48.96 -15.11
C3A HEM HA . 15.63 -50.22 -15.62
C4A HEM HA . 16.97 -50.62 -15.74
CMA HEM HA . 14.47 -51.10 -16.02
CAA HEM HA . 14.37 -48.12 -14.86
CBA HEM HA . 14.19 -47.82 -13.37
CGA HEM HA . 12.82 -47.27 -13.05
O1A HEM HA . 12.60 -46.91 -11.87
O2A HEM HA . 11.92 -47.17 -13.91
C1B HEM HA . 18.64 -52.42 -16.34
C2B HEM HA . 19.03 -53.68 -16.88
C3B HEM HA . 20.42 -53.72 -16.83
C4B HEM HA . 20.86 -52.44 -16.24
CMB HEM HA . 18.10 -54.74 -17.39
CAB HEM HA . 21.38 -54.75 -17.26
CBB HEM HA . 21.04 -55.93 -18.04
C1C HEM HA . 22.59 -50.86 -15.29
C2C HEM HA . 23.93 -50.53 -14.97
C3C HEM HA . 23.91 -49.33 -14.25
C4C HEM HA . 22.55 -48.96 -14.14
CMC HEM HA . 25.14 -51.35 -15.34
CAC HEM HA . 25.00 -48.51 -13.70
CBC HEM HA . 26.43 -48.69 -14.05
C1D HEM HA . 20.76 -47.43 -13.58
C2D HEM HA . 20.40 -46.15 -12.98
C3D HEM HA . 19.08 -46.00 -13.21
C4D HEM HA . 18.66 -47.18 -13.96
CMD HEM HA . 21.36 -45.25 -12.25
CAD HEM HA . 18.17 -44.85 -12.80
CBD HEM HA . 18.66 -43.98 -11.63
CGD HEM HA . 19.48 -42.79 -12.08
O1D HEM HA . 19.49 -42.42 -13.27
O2D HEM HA . 20.16 -42.16 -11.25
NA HEM HA . 17.75 -49.60 -15.26
NB HEM HA . 19.75 -51.79 -16.03
NC HEM HA . 21.78 -49.87 -14.78
ND HEM HA . 19.71 -48.01 -14.18
FE HEM HA . 19.72 -49.70 -15.03
CHA HEM IA . 24.92 -44.58 6.68
CHB HEM IA . 22.47 -48.66 7.76
CHC HEM IA . 21.26 -49.02 3.05
CHD HEM IA . 24.70 -45.75 2.01
C1A HEM IA . 24.29 -45.58 7.35
C2A HEM IA . 24.19 -45.65 8.76
C3A HEM IA . 23.51 -46.80 9.04
C4A HEM IA . 23.20 -47.47 7.83
CMA HEM IA . 23.14 -47.30 10.41
CAA HEM IA . 24.71 -44.59 9.70
CBA HEM IA . 23.67 -43.46 9.66
CGA HEM IA . 24.17 -42.11 10.14
O1A HEM IA . 24.01 -41.09 9.41
O2A HEM IA . 24.71 -41.99 11.25
C1B HEM IA . 21.83 -49.16 6.59
C2B HEM IA . 20.87 -50.19 6.49
C3B HEM IA . 20.53 -50.28 5.14
C4B HEM IA . 21.27 -49.26 4.43
CMB HEM IA . 20.36 -51.01 7.65
CAB HEM IA . 19.53 -51.08 4.43
CBB HEM IA . 18.31 -51.47 5.15
C1C HEM IA . 22.13 -48.17 2.33
C2C HEM IA . 22.22 -48.11 0.93
C3C HEM IA . 23.21 -47.18 0.63
C4C HEM IA . 23.73 -46.69 1.86
CMC HEM IA . 21.36 -48.91 -0.03
CAC HEM IA . 23.67 -46.65 -0.67
CBC HEM IA . 22.80 -46.67 -1.85
C1D HEM IA . 24.99 -45.17 3.24
C2D HEM IA . 25.86 -43.99 3.31
C3D HEM IA . 25.90 -43.65 4.61
C4D HEM IA . 25.06 -44.63 5.31
CMD HEM IA . 26.56 -43.29 2.17
CAD HEM IA . 26.69 -42.53 5.23
CBD HEM IA . 25.86 -41.47 5.92
CGD HEM IA . 25.49 -40.37 4.97
O1D HEM IA . 26.10 -40.19 3.89
O2D HEM IA . 24.53 -39.64 5.25
NA HEM IA . 23.70 -46.68 6.81
NB HEM IA . 21.99 -48.71 5.38
NC HEM IA . 23.07 -47.31 2.85
ND HEM IA . 24.53 -45.52 4.45
FE HEM IA . 23.41 -46.96 4.87
CHA HEM JA . 18.45 -44.71 -7.97
CHB HEM JA . 21.17 -42.03 -4.91
CHC HEM JA . 24.41 -45.64 -4.63
CHD HEM JA . 21.90 -48.08 -8.03
C1A HEM JA . 18.89 -43.72 -7.12
C2A HEM JA . 18.17 -42.55 -6.84
C3A HEM JA . 18.93 -41.81 -5.98
C4A HEM JA . 20.15 -42.50 -5.74
CMA HEM JA . 18.57 -40.47 -5.39
CAA HEM JA . 16.79 -42.22 -7.39
CBA HEM JA . 15.71 -43.09 -6.71
CGA HEM JA . 14.37 -42.94 -7.39
O1A HEM JA . 14.27 -42.70 -8.62
O2A HEM JA . 13.32 -43.08 -6.72
C1B HEM JA . 22.32 -42.74 -4.50
C2B HEM JA . 23.32 -42.31 -3.58
C3B HEM JA . 24.26 -43.33 -3.48
C4B HEM JA . 23.79 -44.40 -4.37
CMB HEM JA . 23.30 -41.00 -2.86
CAB HEM JA . 25.43 -43.49 -2.62
CBB HEM JA . 25.55 -42.74 -1.35
C1C HEM JA . 23.99 -46.63 -5.53
C2C HEM JA . 24.64 -47.86 -5.73
C3C HEM JA . 23.93 -48.57 -6.70
C4C HEM JA . 22.84 -47.75 -7.09
CMC HEM JA . 25.88 -48.33 -5.02
CAC HEM JA . 24.15 -49.92 -7.25
CBC HEM JA . 25.05 -50.95 -6.67
C1D HEM JA . 20.77 -47.31 -8.25
C2D HEM JA . 19.75 -47.78 -9.18
C3D HEM JA . 18.79 -46.85 -9.17
C4D HEM JA . 19.24 -45.83 -8.21
CMD HEM JA . 19.74 -49.04 -10.02
CAD HEM JA . 17.51 -46.91 -9.96
CBD HEM JA . 16.55 -47.81 -9.21
CGD HEM JA . 15.26 -47.95 -9.98
O1D HEM JA . 14.59 -46.94 -10.25
O2D HEM JA . 14.87 -49.08 -10.34
NA HEM JA . 20.10 -43.68 -6.47
NB HEM JA . 22.68 -43.92 -4.89
NC HEM JA . 22.90 -46.61 -6.37
ND HEM JA . 20.43 -46.14 -7.69
FE HEM JA . 21.44 -45.13 -6.44
CHA HEM KA . 17.70 -35.53 -7.64
CHB HEM KA . 21.43 -38.71 -7.84
CHC HEM KA . 24.40 -35.25 -6.21
CHD HEM KA . 20.63 -32.25 -5.63
C1A HEM KA . 18.45 -36.65 -7.87
C2A HEM KA . 17.98 -37.84 -8.45
C3A HEM KA . 19.02 -38.72 -8.50
C4A HEM KA . 20.15 -38.10 -7.94
CMA HEM KA . 18.98 -40.12 -9.06
CAA HEM KA . 16.56 -38.08 -8.93
CBA HEM KA . 16.22 -37.39 -10.26
CGA HEM KA . 14.87 -37.87 -10.73
O1A HEM KA . 14.75 -38.95 -11.34
O2A HEM KA . 13.83 -37.20 -10.49
C1B HEM KA . 22.63 -38.09 -7.42
C2B HEM KA . 23.94 -38.65 -7.40
C3B HEM KA . 24.77 -37.65 -6.92
C4B HEM KA . 23.95 -36.48 -6.69
CMB HEM KA . 24.29 -40.06 -7.81
CAB HEM KA . 26.22 -37.50 -6.82
CBB HEM KA . 26.99 -38.03 -7.95
C1C HEM KA . 23.61 -34.12 -5.90
C2C HEM KA . 24.12 -32.93 -5.32
C3C HEM KA . 23.04 -32.07 -5.15
C4C HEM KA . 21.89 -32.75 -5.63
CMC HEM KA . 25.58 -32.67 -4.99
CAC HEM KA . 22.98 -30.67 -4.66
CBC HEM KA . 24.15 -29.78 -4.64
C1D HEM KA . 19.56 -32.96 -6.16
C2D HEM KA . 18.24 -32.32 -6.23
C3D HEM KA . 17.41 -33.22 -6.78
C4D HEM KA . 18.24 -34.41 -7.05
CMD HEM KA . 17.86 -30.93 -5.76
CAD HEM KA . 15.94 -32.99 -7.04
CBD HEM KA . 15.16 -33.32 -5.76
CGD HEM KA . 13.67 -33.08 -5.90
O1D HEM KA . 13.06 -32.42 -5.04
O2D HEM KA . 13.03 -33.53 -6.86
NA HEM KA . 19.77 -36.83 -7.55
NB HEM KA . 22.75 -36.87 -7.01
NC HEM KA . 22.26 -33.98 -6.05
ND HEM KA . 19.52 -34.21 -6.67
FE HEM KA . 20.96 -35.42 -6.82
CHA HEM LA . 28.10 -22.84 -7.42
CHB HEM LA . 23.36 -23.71 -8.34
CHC HEM LA . 23.21 -26.35 -4.25
CHD HEM LA . 27.43 -24.37 -2.89
C1A HEM LA . 26.87 -22.92 -8.04
C2A HEM LA . 26.58 -22.42 -9.33
C3A HEM LA . 25.27 -22.66 -9.56
C4A HEM LA . 24.71 -23.29 -8.42
CMA HEM LA . 24.52 -22.32 -10.82
CAA HEM LA . 27.59 -21.78 -10.27
CBA HEM LA . 28.46 -22.90 -10.85
CGA HEM LA . 29.53 -22.39 -11.80
O1A HEM LA . 30.01 -23.20 -12.61
O2A HEM LA . 29.94 -21.20 -11.78
C1B HEM LA . 22.83 -24.57 -7.35
C2B HEM LA . 21.57 -25.24 -7.33
C3B HEM LA . 21.53 -25.99 -6.16
C4B HEM LA . 22.82 -25.80 -5.49
CMB HEM LA . 20.51 -25.08 -8.39
CAB HEM LA . 20.57 -26.96 -5.65
CBB HEM LA . 19.80 -27.80 -6.58
C1C HEM LA . 24.35 -26.01 -3.49
C2C HEM LA . 24.60 -26.41 -2.16
C3C HEM LA . 25.80 -25.84 -1.76
C4C HEM LA . 26.27 -25.08 -2.85
CMC HEM LA . 23.72 -27.31 -1.33
CAC HEM LA . 26.55 -25.98 -0.48
CBC HEM LA . 26.30 -27.02 0.53
C1D HEM LA . 27.92 -23.82 -4.06
C2D HEM LA . 29.30 -23.32 -4.11
C3D HEM LA . 29.49 -22.89 -5.36
C4D HEM LA . 28.24 -23.18 -6.08
CMD HEM LA . 30.29 -23.26 -2.97
CAD HEM LA . 30.77 -22.29 -5.93
CBD HEM LA . 30.74 -20.77 -5.93
CGD HEM LA . 32.12 -20.26 -5.58
O1D HEM LA . 32.41 -19.98 -4.39
O2D HEM LA . 32.99 -20.15 -6.49
NA HEM LA . 25.73 -23.40 -7.49
NB HEM LA . 23.44 -24.96 -6.27
NC HEM LA . 25.37 -25.18 -3.87
ND HEM LA . 27.34 -23.72 -5.26
FE HEM LA . 25.57 -24.26 -5.72
CHA HEM MA . 22.48 -18.52 -12.24
CHB HEM MA . 21.19 -20.35 -7.91
CHC HEM MA . 16.54 -20.19 -9.30
CHD HEM MA . 18.00 -19.37 -13.88
C1A HEM MA . 22.52 -18.96 -10.96
C2A HEM MA . 23.68 -19.10 -10.16
C3A HEM MA . 23.31 -19.62 -8.97
C4A HEM MA . 21.91 -19.83 -9.00
CMA HEM MA . 24.22 -19.92 -7.80
CAA HEM MA . 25.09 -18.71 -10.59
CBA HEM MA . 25.30 -17.20 -10.51
CGA HEM MA . 26.67 -16.86 -11.05
O1A HEM MA . 26.95 -17.03 -12.25
O2A HEM MA . 27.53 -16.38 -10.29
C1B HEM MA . 19.79 -20.45 -7.81
C2B HEM MA . 19.00 -20.74 -6.67
C3B HEM MA . 17.67 -20.70 -7.09
C4B HEM MA . 17.67 -20.32 -8.48
CMB HEM MA . 19.57 -21.08 -5.32
CAB HEM MA . 16.40 -20.79 -6.37
CBB HEM MA . 16.36 -20.23 -4.99
C1C HEM MA . 16.53 -19.99 -10.71
C2C HEM MA . 15.38 -20.06 -11.52
C3C HEM MA . 15.80 -19.83 -12.83
C4C HEM MA . 17.21 -19.63 -12.81
CMC HEM MA . 13.98 -20.29 -11.01
CAC HEM MA . 15.04 -19.71 -14.09
CBC HEM MA . 13.58 -19.47 -14.12
C1D HEM MA . 19.35 -19.05 -13.75
C2D HEM MA . 20.12 -18.58 -14.90
C3D HEM MA . 21.36 -18.34 -14.45
C4D HEM MA . 21.34 -18.66 -13.02
CMD HEM MA . 19.68 -18.39 -16.33
CAD HEM MA . 22.53 -17.86 -15.30
CBD HEM MA . 22.82 -16.37 -15.13
CGD HEM MA . 24.01 -15.97 -15.97
O1D HEM MA . 23.93 -14.99 -16.76
O2D HEM MA . 25.10 -16.60 -15.90
NA HEM MA . 21.47 -19.46 -10.26
NB HEM MA . 18.94 -20.23 -8.78
NC HEM MA . 17.61 -19.79 -11.52
ND HEM MA . 20.11 -19.09 -12.64
FE HEM MA . 19.59 -19.62 -10.91
CHA HEM NA . 6.76 -17.10 -17.60
CHB HEM NA . 11.27 -17.07 -19.55
CHC HEM NA . 12.18 -21.25 -17.25
CHD HEM NA . 7.48 -21.65 -16.12
C1A HEM NA . 7.90 -16.72 -18.26
C2A HEM NA . 8.05 -15.52 -19.01
C3A HEM NA . 9.29 -15.55 -19.55
C4A HEM NA . 9.94 -16.75 -19.18
CMA HEM NA . 9.91 -14.47 -20.41
CAA HEM NA . 7.03 -14.42 -19.18
CBA HEM NA . 7.38 -13.19 -18.35
CGA HEM NA . 6.52 -12.02 -18.75
O1A HEM NA . 5.31 -12.01 -18.50
O2A HEM NA . 7.04 -11.04 -19.33
C1B HEM NA . 12.02 -18.19 -19.10
C2B HEM NA . 13.41 -18.49 -19.29
C3B HEM NA . 13.64 -19.70 -18.63
C4B HEM NA . 12.38 -20.08 -18.00
CMB HEM NA . 14.38 -17.67 -20.09
CAB HEM NA . 14.85 -20.48 -18.35
CBB HEM NA . 16.16 -19.80 -18.27
C1C HEM NA . 10.96 -21.74 -16.76
C2C HEM NA . 10.78 -23.03 -16.22
C3C HEM NA . 9.42 -23.16 -15.91
C4C HEM NA . 8.80 -21.93 -16.26
CMC HEM NA . 11.88 -24.06 -16.03
CAC HEM NA . 8.69 -24.26 -15.25
CBC HEM NA . 9.37 -25.28 -14.43
C1D HEM NA . 6.95 -20.40 -16.43
C2D HEM NA . 5.56 -20.09 -16.07
C3D HEM NA . 5.36 -18.82 -16.47
C4D HEM NA . 6.63 -18.37 -17.06
CMD HEM NA . 4.54 -20.98 -15.40
CAD HEM NA . 4.07 -18.04 -16.34
CBD HEM NA . 4.16 -17.10 -15.12
CGD HEM NA . 4.10 -17.87 -13.81
O1D HEM NA . 3.02 -18.38 -13.40
O2D HEM NA . 5.12 -18.01 -13.11
NA HEM NA . 9.03 -17.46 -18.41
NB HEM NA . 11.55 -19.15 -18.35
NC HEM NA . 9.73 -21.13 -16.81
ND HEM NA . 7.55 -19.35 -17.01
FE HEM NA . 9.34 -19.26 -17.63
CU CU1 OA . 22.09 -42.40 32.83
S SX PA . 22.19 -45.62 32.21
O SX PA . 20.92 -46.08 31.69
O6 BU3 QA . 28.95 -42.75 8.70
C3 BU3 QA . 28.94 -42.56 10.11
C4 BU3 QA . 28.70 -41.08 10.39
C2 BU3 QA . 30.23 -43.08 10.73
O5 BU3 QA . 31.12 -42.00 11.05
C1 BU3 QA . 30.97 -44.06 9.81
O6 BU3 RA . 6.48 -46.79 39.61
C3 BU3 RA . 6.70 -47.13 38.22
C4 BU3 RA . 8.14 -47.59 38.06
C2 BU3 RA . 6.35 -45.95 37.30
O5 BU3 RA . 7.19 -45.95 36.14
C1 BU3 RA . 6.45 -44.59 37.97
C ACT SA . 21.26 -40.37 15.63
O ACT SA . 21.43 -39.13 15.72
OXT ACT SA . 22.15 -41.20 15.93
CH3 ACT SA . 19.91 -40.86 15.18
CHA HEM TA . 45.70 -43.41 11.92
CHB HEM TA . 42.96 -45.21 15.54
CHC HEM TA . 46.80 -47.87 16.97
CHD HEM TA . 49.63 -45.40 13.88
C1A HEM TA . 44.65 -43.72 12.73
C2A HEM TA . 43.33 -43.23 12.55
C3A HEM TA . 42.58 -43.73 13.57
C4A HEM TA . 43.40 -44.52 14.40
CMA HEM TA . 41.10 -43.48 13.78
CAA HEM TA . 42.90 -42.32 11.40
CBA HEM TA . 42.50 -43.12 10.14
CGA HEM TA . 43.56 -43.19 9.07
O1A HEM TA . 44.45 -42.30 8.93
O2A HEM TA . 43.57 -44.18 8.29
C1B HEM TA . 43.71 -46.16 16.29
C2B HEM TA . 43.27 -47.02 17.33
C3B HEM TA . 44.37 -47.75 17.74
C4B HEM TA . 45.49 -47.37 16.89
CMB HEM TA . 41.86 -47.05 17.85
CAB HEM TA . 44.53 -48.90 18.62
CBB HEM TA . 43.45 -49.90 18.52
C1C HEM TA . 47.92 -47.40 16.26
C2C HEM TA . 49.24 -47.83 16.48
C3C HEM TA . 50.06 -47.11 15.61
C4C HEM TA . 49.21 -46.26 14.86
CMC HEM TA . 49.67 -48.87 17.49
CAC HEM TA . 51.52 -47.23 15.38
CBC HEM TA . 52.32 -48.40 15.76
C1D HEM TA . 48.73 -44.68 13.11
C2D HEM TA . 49.20 -43.90 11.97
C3D HEM TA . 48.11 -43.35 11.40
C4D HEM TA . 46.98 -43.82 12.21
CMD HEM TA . 50.62 -43.72 11.49
CAD HEM TA . 48.09 -42.40 10.20
CBD HEM TA . 47.89 -43.11 8.86
CGD HEM TA . 47.78 -42.11 7.73
O1D HEM TA . 47.33 -42.49 6.61
O2D HEM TA . 48.11 -40.90 7.85
NA HEM TA . 44.69 -44.47 13.86
NB HEM TA . 44.98 -46.45 16.13
NC HEM TA . 47.94 -46.44 15.29
ND HEM TA . 47.39 -44.61 13.22
FE HEM TA . 46.29 -45.43 14.53
CHA HEM UA . 25.06 -42.80 32.65
CHB HEM UA . 25.10 -47.05 35.03
CHC HEM UA . 23.47 -49.29 31.05
CHD HEM UA . 24.06 -45.15 28.55
C1A HEM UA . 25.16 -43.76 33.62
C2A HEM UA . 25.64 -43.53 34.92
C3A HEM UA . 25.64 -44.72 35.57
C4A HEM UA . 25.18 -45.71 34.68
CMA HEM UA . 26.06 -45.01 36.99
CAA HEM UA . 26.02 -42.18 35.50
CBA HEM UA . 27.32 -41.67 34.87
CGA HEM UA . 27.84 -40.45 35.59
O1A HEM UA . 28.77 -39.78 35.09
O2A HEM UA . 27.33 -40.08 36.67
C1B HEM UA . 24.65 -48.11 34.21
C2B HEM UA . 24.50 -49.48 34.57
C3B HEM UA . 24.02 -50.13 33.44
C4B HEM UA . 23.89 -49.11 32.38
CMB HEM UA . 24.81 -50.06 35.91
CAB HEM UA . 23.67 -51.54 33.19
CBB HEM UA . 23.60 -52.60 34.21
C1C HEM UA . 23.47 -48.34 30.01
C2C HEM UA . 23.10 -48.60 28.67
C3C HEM UA . 23.26 -47.43 27.94
C4C HEM UA . 23.75 -46.45 28.85
CMC HEM UA . 22.61 -49.94 28.16
CAC HEM UA . 22.99 -47.13 26.51
CBC HEM UA . 22.22 -48.01 25.60
C1D HEM UA . 24.39 -44.22 29.52
C2D HEM UA . 24.61 -42.81 29.15
C3D HEM UA . 24.87 -42.15 30.29
C4D HEM UA . 24.80 -43.16 31.34
CMD HEM UA . 24.54 -42.26 27.74
CAD HEM UA . 25.17 -40.68 30.52
CBD HEM UA . 25.57 -39.85 29.30
CGD HEM UA . 24.41 -39.31 28.48
O1D HEM UA . 23.23 -39.24 28.90
O2D HEM UA . 24.65 -38.95 27.30
NA HEM UA . 24.92 -45.08 33.48
NB HEM UA . 24.27 -48.01 32.97
NC HEM UA . 23.85 -47.02 30.08
ND HEM UA . 24.51 -44.37 30.85
FE HEM UA . 24.38 -46.01 31.81
CHA HEM VA . 38.93 -39.98 15.14
CHB HEM VA . 42.33 -42.16 17.84
CHC HEM VA . 38.97 -42.93 21.28
CHD HEM VA . 35.54 -41.72 18.06
C1A HEM VA . 40.11 -40.43 15.61
C2A HEM VA . 41.35 -40.19 15.01
C3A HEM VA . 42.30 -40.80 15.77
C4A HEM VA . 41.64 -41.46 16.84
CMA HEM VA . 43.78 -40.82 15.54
CAA HEM VA . 41.57 -39.33 13.78
CBA HEM VA . 41.59 -37.88 14.31
CGA HEM VA . 41.37 -36.82 13.26
O1A HEM VA . 40.41 -36.01 13.36
O2A HEM VA . 42.15 -36.73 12.29
C1B HEM VA . 41.78 -42.55 19.08
C2B HEM VA . 42.47 -43.05 20.22
C3B HEM VA . 41.50 -43.28 21.18
C4B HEM VA . 40.22 -42.85 20.64
CMB HEM VA . 43.95 -43.29 20.27
CAB HEM VA . 41.55 -43.63 22.60
CBB HEM VA . 42.63 -43.01 23.39
C1C HEM VA . 37.72 -42.68 20.69
C2C HEM VA . 36.47 -42.95 21.28
C3C HEM VA . 35.49 -42.62 20.35
C4C HEM VA . 36.16 -42.15 19.19
CMC HEM VA . 36.28 -43.50 22.69
CAC HEM VA . 34.03 -42.58 20.46
CBC HEM VA . 33.41 -42.38 21.78
C1D HEM VA . 36.24 -41.13 17.02
C2D HEM VA . 35.51 -40.49 15.93
C3D HEM VA . 36.45 -39.98 15.12
C4D HEM VA . 37.73 -40.32 15.74
CMD HEM VA . 34.01 -40.40 15.74
CAD HEM VA . 36.20 -39.25 13.82
CBD HEM VA . 36.74 -37.82 13.77
CGD HEM VA . 35.74 -36.83 14.26
O1D HEM VA . 34.52 -36.94 13.99
O2D HEM VA . 36.13 -35.85 14.92
NA HEM VA . 40.30 -41.20 16.70
NB HEM VA . 40.52 -42.49 19.43
NC HEM VA . 37.48 -42.22 19.42
ND HEM VA . 37.56 -41.01 16.88
FE HEM VA . 38.90 -41.69 18.02
CHA HEM WA . 29.06 -39.82 27.80
CHB HEM WA . 29.63 -38.08 23.27
CHC HEM WA . 29.94 -42.64 21.63
CHD HEM WA . 28.83 -44.30 26.06
C1A HEM WA . 29.24 -38.99 26.74
C2A HEM WA . 29.32 -37.60 26.84
C3A HEM WA . 29.46 -37.12 25.56
C4A HEM WA . 29.47 -38.21 24.67
CMA HEM WA . 29.60 -35.68 25.15
CAA HEM WA . 29.25 -36.81 28.14
CBA HEM WA . 30.56 -36.96 28.92
CGA HEM WA . 30.48 -36.36 30.31
O1A HEM WA . 29.38 -36.25 30.90
O2A HEM WA . 31.52 -35.98 30.90
C1B HEM WA . 29.79 -39.14 22.35
C2B HEM WA . 30.06 -39.06 20.95
C3B HEM WA . 30.15 -40.36 20.47
C4B HEM WA . 29.94 -41.24 21.63
CMB HEM WA . 30.21 -37.77 20.19
CAB HEM WA . 30.49 -40.89 19.13
CBB HEM WA . 31.24 -40.07 18.15
C1C HEM WA . 29.68 -43.50 22.71
C2C HEM WA . 29.73 -44.92 22.66
C3C HEM WA . 29.41 -45.39 23.93
C4C HEM WA . 29.16 -44.26 24.74
CMC HEM WA . 30.06 -45.74 21.44
CAC HEM WA . 29.37 -46.77 24.47
CBC HEM WA . 30.15 -47.88 23.88
C1D HEM WA . 28.81 -43.17 26.85
C2D HEM WA . 28.59 -43.29 28.29
C3D HEM WA . 28.66 -42.06 28.79
C4D HEM WA . 28.93 -41.18 27.64
CMD HEM WA . 28.33 -44.54 29.09
CAD HEM WA . 28.49 -41.69 30.25
CBD HEM WA . 29.80 -42.01 31.00
CGD HEM WA . 29.79 -41.49 32.42
O1D HEM WA . 29.44 -40.31 32.64
O2D HEM WA . 30.14 -42.23 33.37
NA HEM WA . 29.32 -39.35 25.43
NB HEM WA . 29.75 -40.41 22.62
NC HEM WA . 29.35 -43.14 23.99
ND HEM WA . 29.01 -41.89 26.50
FE HEM WA . 29.35 -41.22 24.75
CHA HEM XA . 26.21 -31.36 25.33
CHB HEM XA . 25.82 -35.85 23.46
CHC HEM XA . 24.67 -33.90 19.16
CHD HEM XA . 25.54 -29.48 20.95
C1A HEM XA . 26.16 -32.72 25.19
C2A HEM XA . 26.31 -33.62 26.25
C3A HEM XA . 26.21 -34.86 25.72
C4A HEM XA . 25.98 -34.75 24.33
CMA HEM XA . 26.29 -36.14 26.51
CAA HEM XA . 26.56 -33.25 27.70
CBA HEM XA . 25.27 -32.96 28.45
CGA HEM XA . 25.57 -32.80 29.92
O1A HEM XA . 25.38 -33.74 30.72
O2A HEM XA . 26.01 -31.73 30.36
C1B HEM XA . 25.45 -35.80 22.09
C2B HEM XA . 25.14 -36.87 21.21
C3B HEM XA . 24.83 -36.30 19.98
C4B HEM XA . 24.91 -34.86 20.16
CMB HEM XA . 25.21 -38.33 21.58
CAB HEM XA . 24.31 -36.84 18.74
CBB HEM XA . 23.41 -38.01 18.81
C1C HEM XA . 24.82 -32.52 19.28
C2C HEM XA . 24.65 -31.62 18.21
C3C HEM XA . 24.92 -30.34 18.72
C4C HEM XA . 25.24 -30.50 20.09
CMC HEM XA . 24.26 -32.01 16.80
CAC HEM XA . 24.82 -29.01 18.09
CBC HEM XA . 23.99 -28.77 16.91
C1D HEM XA . 25.78 -29.69 22.30
C2D HEM XA . 26.00 -28.54 23.19
C3D HEM XA . 26.18 -29.05 24.41
C4D HEM XA . 26.07 -30.52 24.26
CMD HEM XA . 26.00 -27.07 22.85
CAD HEM XA . 26.43 -28.23 25.66
CBD HEM XA . 27.91 -27.88 25.79
CGD HEM XA . 28.25 -27.16 27.08
O1D HEM XA . 29.20 -26.36 27.09
O2D HEM XA . 27.60 -27.33 28.15
NA HEM XA . 25.98 -33.41 24.04
NB HEM XA . 25.29 -34.72 21.39
NC HEM XA . 25.21 -31.82 20.38
ND HEM XA . 25.84 -30.86 22.98
FE HEM XA . 25.59 -32.61 22.27
CHA HEM YA . 17.64 -24.89 12.94
CHB HEM YA . 19.00 -23.71 17.49
CHC HEM YA . 23.53 -25.16 16.39
CHD HEM YA . 22.31 -25.13 11.69
C1A HEM YA . 17.62 -24.53 14.26
C2A HEM YA . 16.46 -24.19 14.98
C3A HEM YA . 16.84 -23.86 16.25
C4A HEM YA . 18.26 -23.96 16.33
CMA HEM YA . 15.92 -23.45 17.37
CAA HEM YA . 15.04 -24.23 14.44
CBA HEM YA . 14.51 -25.65 14.53
CGA HEM YA . 13.17 -25.80 13.84
O1A HEM YA . 12.54 -26.88 13.92
O2A HEM YA . 12.68 -24.87 13.19
C1B HEM YA . 20.37 -24.03 17.69
C2B HEM YA . 21.11 -24.03 18.89
C3B HEM YA . 22.39 -24.44 18.57
C4B HEM YA . 22.42 -24.74 17.15
CMB HEM YA . 20.57 -23.62 20.23
CAB HEM YA . 23.57 -24.74 19.37
CBB HEM YA . 23.38 -25.27 20.73
C1C HEM YA . 23.61 -25.25 14.99
C2C HEM YA . 24.78 -25.46 14.25
C3C HEM YA . 24.44 -25.45 12.90
C4C HEM YA . 23.05 -25.21 12.82
CMC HEM YA . 26.17 -25.67 14.84
CAC HEM YA . 25.30 -25.67 11.70
CBC HEM YA . 26.65 -26.27 11.75
C1D HEM YA . 20.92 -25.08 11.71
C2D HEM YA . 20.16 -25.27 10.47
C3D HEM YA . 18.87 -25.21 10.80
C4D HEM YA . 18.84 -25.01 12.26
CMD HEM YA . 20.72 -25.47 9.08
CAD HEM YA . 17.70 -25.34 9.85
CBD HEM YA . 17.35 -24.01 9.19
CGD HEM YA . 15.96 -24.16 8.62
O1D HEM YA . 15.79 -24.37 7.40
O2D HEM YA . 14.98 -24.08 9.40
NA HEM YA . 18.70 -24.34 15.07
NB HEM YA . 21.21 -24.44 16.77
NC HEM YA . 22.58 -25.07 14.09
ND HEM YA . 20.09 -24.94 12.75
FE HEM YA . 20.59 -24.70 14.56
CHA HEM ZA . 14.07 -19.39 18.74
CHB HEM ZA . 18.92 -19.60 18.06
CHC HEM ZA . 19.57 -17.71 22.50
CHD HEM ZA . 14.87 -18.47 23.39
C1A HEM ZA . 15.31 -19.54 18.17
C2A HEM ZA . 15.54 -20.02 16.87
C3A HEM ZA . 16.89 -20.09 16.69
C4A HEM ZA . 17.52 -19.67 17.89
CMA HEM ZA . 17.61 -20.52 15.44
CAA HEM ZA . 14.46 -20.36 15.87
CBA HEM ZA . 13.87 -19.08 15.29
CGA HEM ZA . 12.84 -19.41 14.24
O1A HEM ZA . 11.87 -20.17 14.48
O2A HEM ZA . 12.95 -18.89 13.11
C1B HEM ZA . 19.61 -19.06 19.17
C2B HEM ZA . 21.00 -18.79 19.29
C3B HEM ZA . 21.17 -18.26 20.57
C4B HEM ZA . 19.86 -18.18 21.19
CMB HEM ZA . 22.02 -19.07 18.23
CAB HEM ZA . 22.30 -17.65 21.26
CBB HEM ZA . 23.21 -16.81 20.47
C1C HEM ZA . 18.32 -17.79 23.15
C2C HEM ZA . 18.07 -17.46 24.51
C3C HEM ZA . 16.73 -17.70 24.75
C4C HEM ZA . 16.17 -18.16 23.55
CMC HEM ZA . 19.10 -16.94 25.49
CAC HEM ZA . 15.91 -17.46 25.95
CBC HEM ZA . 16.34 -16.54 27.03
C1D HEM ZA . 14.31 -18.75 22.16
C2D HEM ZA . 12.85 -18.88 22.02
C3D HEM ZA . 12.62 -19.12 20.73
C4D HEM ZA . 13.94 -19.13 20.09
CMD HEM ZA . 11.79 -18.78 23.10
CAD HEM ZA . 11.26 -19.36 20.10
CBD HEM ZA . 10.79 -18.15 19.29
CGD HEM ZA . 9.40 -18.36 18.72
O1D HEM ZA . 8.52 -17.48 18.86
O2D HEM ZA . 9.12 -19.41 18.10
NA HEM ZA . 16.51 -19.38 18.80
NB HEM ZA . 19.07 -18.68 20.29
NC HEM ZA . 17.14 -18.23 22.62
ND HEM ZA . 14.92 -18.91 20.99
FE HEM ZA . 16.80 -18.81 20.68
CHA HEM AB . 15.32 -12.12 33.76
CHB HEM AB . 11.93 -14.40 31.09
CHC HEM AB . 15.03 -18.09 30.43
CHD HEM AB . 17.96 -16.19 33.79
C1A HEM AB . 14.18 -12.40 33.08
C2A HEM AB . 13.06 -11.55 32.99
C3A HEM AB . 12.12 -12.20 32.26
C4A HEM AB . 12.64 -13.47 31.87
CMA HEM AB . 10.75 -11.68 31.89
CAA HEM AB . 12.92 -10.17 33.62
CBA HEM AB . 13.42 -9.07 32.68
CGA HEM AB . 13.14 -7.72 33.30
O1A HEM AB . 13.80 -7.34 34.30
O2A HEM AB . 12.28 -6.96 32.81
C1B HEM AB . 12.43 -15.64 30.60
C2B HEM AB . 11.82 -16.52 29.65
C3B HEM AB . 12.72 -17.57 29.48
C4B HEM AB . 13.88 -17.28 30.30
CMB HEM AB . 10.47 -16.31 29.04
CAB HEM AB . 12.71 -18.74 28.58
CBB HEM AB . 11.99 -18.65 27.28
C1C HEM AB . 16.10 -17.92 31.32
C2C HEM AB . 17.15 -18.85 31.54
C3C HEM AB . 17.99 -18.32 32.52
C4C HEM AB . 17.44 -17.06 32.88
CMC HEM AB . 17.31 -20.18 30.84
CAC HEM AB . 19.27 -18.83 33.08
CBC HEM AB . 20.12 -19.84 32.40
C1D HEM AB . 17.43 -14.92 34.00
C2D HEM AB . 18.15 -13.97 34.85
C3D HEM AB . 17.42 -12.84 34.84
C4D HEM AB . 16.28 -13.10 33.96
CMD HEM AB . 19.44 -14.18 35.61
CAD HEM AB . 17.77 -11.57 35.57
CBD HEM AB . 18.80 -10.83 34.72
CGD HEM AB . 18.97 -9.41 35.20
O1D HEM AB . 19.08 -8.49 34.36
O2D HEM AB . 19.01 -9.15 36.42
NA HEM AB . 13.89 -13.57 32.43
NB HEM AB . 13.59 -16.16 30.88
NC HEM AB . 16.29 -16.86 32.18
ND HEM AB . 16.32 -14.36 33.49
FE HEM AB . 15.08 -15.17 32.33
CU CU1 BB . -58.13 27.14 -18.23
S SO2 CB . -58.68 30.05 -19.56
O1 SO2 CB . -58.48 31.05 -18.45
O2 SO2 CB . -60.19 29.89 -19.52
O6 BU3 DB . -36.50 32.76 -19.57
C3 BU3 DB . -35.23 33.42 -19.37
C4 BU3 DB . -35.28 34.22 -18.08
C2 BU3 DB . -34.89 34.30 -20.57
O5 BU3 DB . -35.64 35.53 -20.54
C1 BU3 DB . -35.14 33.59 -21.90
O6 BU3 EB . -69.98 34.40 -9.03
C3 BU3 EB . -70.05 33.16 -8.31
C4 BU3 EB . -71.21 33.22 -7.31
C2 BU3 EB . -68.69 32.83 -7.67
O5 BU3 EB . -68.78 32.37 -6.31
C1 BU3 EB . -67.71 34.01 -7.69
C ACT FB . -42.98 32.71 -13.58
O ACT FB . -42.50 31.94 -12.72
OXT ACT FB . -43.85 33.56 -13.29
CH3 ACT FB . -42.54 32.61 -15.02
CHA HEM GB . -31.59 28.94 -34.78
CHB HEM GB . -36.32 29.93 -34.02
CHC HEM GB . -36.95 30.22 -38.84
CHD HEM GB . -32.44 28.56 -39.53
C1A HEM GB . -32.78 29.22 -34.18
C2A HEM GB . -32.97 29.32 -32.80
C3A HEM GB . -34.30 29.60 -32.59
C4A HEM GB . -34.95 29.65 -33.85
CMA HEM GB . -34.96 29.80 -31.24
CAA HEM GB . -31.89 29.19 -31.77
CBA HEM GB . -31.21 30.55 -31.58
CGA HEM GB . -29.86 30.70 -32.26
O1A HEM GB . -29.14 29.72 -32.55
O2A HEM GB . -29.45 31.86 -32.51
C1B HEM GB . -36.99 30.14 -35.24
C2B HEM GB . -38.34 30.56 -35.48
C3B HEM GB . -38.50 30.61 -36.87
C4B HEM GB . -37.21 30.27 -37.46
CMB HEM GB . -39.35 30.84 -34.40
CAB HEM GB . -39.52 31.10 -37.78
CBB HEM GB . -40.22 32.32 -37.38
C1C HEM GB . -35.77 29.77 -39.45
C2C HEM GB . -35.60 29.62 -40.85
C3C HEM GB . -34.31 29.14 -41.06
C4C HEM GB . -33.70 29.00 -39.78
CMC HEM GB . -36.63 29.93 -41.90
CAC HEM GB . -33.60 28.86 -42.34
CBC HEM GB . -34.06 29.32 -43.67
C1D HEM GB . -31.88 28.57 -38.25
C2D HEM GB . -30.47 28.22 -38.07
C3D HEM GB . -30.22 28.33 -36.75
C4D HEM GB . -31.49 28.76 -36.15
CMD HEM GB . -29.47 27.82 -39.13
CAD HEM GB . -28.90 28.06 -36.05
CBD HEM GB . -28.05 29.31 -35.85
CGD HEM GB . -26.71 28.95 -35.23
O1D HEM GB . -25.91 29.87 -34.92
O2D HEM GB . -26.37 27.77 -35.02
NA HEM GB . -33.97 29.40 -34.81
NB HEM GB . -36.45 30.00 -36.43
NC HEM GB . -34.61 29.36 -38.84
ND HEM GB . -32.46 28.88 -37.07
FE HEM GB . -34.26 29.39 -36.77
CHA HEM HB . -57.23 26.56 -20.86
CHB HEM HB . -60.51 29.16 -23.36
CHC HEM HB . -58.28 33.27 -22.11
CHD HEM HB . -54.61 30.58 -20.33
C1A HEM HB . -58.34 26.93 -21.58
C2A HEM HB . -59.24 26.03 -22.17
C3A HEM HB . -60.14 26.78 -22.87
C4A HEM HB . -59.79 28.13 -22.72
CMA HEM HB . -61.33 26.29 -23.65
CAA HEM HB . -59.25 24.52 -22.01
CBA HEM HB . -58.07 23.89 -22.78
CGA HEM HB . -58.12 22.38 -22.78
O1A HEM HB . -57.09 21.76 -23.11
O2A HEM HB . -59.14 21.72 -22.48
C1B HEM HB . -60.26 30.54 -23.29
C2B HEM HB . -61.05 31.58 -23.84
C3B HEM HB . -60.43 32.77 -23.49
C4B HEM HB . -59.23 32.41 -22.68
CMB HEM HB . -62.32 31.36 -24.65
CAB HEM HB . -60.77 34.18 -23.74
CBB HEM HB . -62.06 34.63 -24.29
C1C HEM HB . -57.06 32.89 -21.49
C2C HEM HB . -56.08 33.79 -21.01
C3C HEM HB . -55.02 33.03 -20.50
C4C HEM HB . -55.37 31.67 -20.69
CMC HEM HB . -56.21 35.30 -21.05
CAC HEM HB . -53.76 33.43 -19.83
CBC HEM HB . -53.51 34.75 -19.23
C1D HEM HB . -55.08 29.27 -20.37
C2D HEM HB . -54.24 28.19 -19.83
C3D HEM HB . -54.97 27.05 -19.96
C4D HEM HB . -56.25 27.47 -20.57
CMD HEM HB . -52.87 28.35 -19.24
CAD HEM HB . -54.63 25.63 -19.57
CBD HEM HB . -53.14 25.30 -19.37
CGD HEM HB . -52.63 25.63 -17.98
O1D HEM HB . -53.41 25.72 -16.99
O2D HEM HB . -51.41 25.83 -17.82
NA HEM HB . -58.66 28.20 -21.97
NB HEM HB . -59.28 31.10 -22.64
NC HEM HB . -56.58 31.62 -21.27
ND HEM HB . -56.26 28.81 -20.79
FE HEM HB . -57.64 29.85 -21.60
CHA HEM IB . -35.84 26.97 -28.18
CHB HEM IB . -37.74 26.43 -32.64
CHC HEM IB . -42.19 26.87 -30.74
CHD HEM IB . -40.16 28.25 -26.53
C1A HEM IB . -36.00 26.73 -29.51
C2A HEM IB . -34.96 26.37 -30.38
C3A HEM IB . -35.50 26.23 -31.62
C4A HEM IB . -36.88 26.52 -31.54
CMA HEM IB . -34.77 25.83 -32.87
CAA HEM IB . -33.52 26.12 -29.96
CBA HEM IB . -33.47 24.66 -29.51
CGA HEM IB . -32.36 24.33 -28.54
O1A HEM IB . -32.61 24.05 -27.34
O2A HEM IB . -31.17 24.28 -28.94
C1B HEM IB . -39.16 26.45 -32.59
C2B HEM IB . -40.07 26.17 -33.63
C3B HEM IB . -41.32 26.33 -33.09
C4B HEM IB . -41.17 26.64 -31.67
CMB HEM IB . -39.72 25.83 -35.06
CAB HEM IB . -42.64 26.02 -33.58
CBB HEM IB . -42.72 24.72 -34.27
C1C HEM IB . -42.03 27.32 -29.42
C2C HEM IB . -43.07 27.70 -28.56
C3C HEM IB . -42.48 28.11 -27.35
C4C HEM IB . -41.09 27.97 -27.49
CMC HEM IB . -44.54 27.66 -28.90
CAC HEM IB . -43.11 28.50 -26.08
CBC HEM IB . -44.46 28.01 -25.74
C1D HEM IB . -38.81 27.98 -26.68
C2D HEM IB . -37.88 28.13 -25.55
C3D HEM IB . -36.67 27.75 -26.00
C4D HEM IB . -36.90 27.37 -27.41
CMD HEM IB . -38.17 28.61 -24.13
CAD HEM IB . -35.37 27.76 -25.23
CBD HEM IB . -34.75 26.38 -25.04
CGD HEM IB . -35.30 25.71 -23.82
O1D HEM IB . -35.56 26.36 -22.78
O2D HEM IB . -35.50 24.47 -23.85
NA HEM IB . -37.15 26.84 -30.23
NB HEM IB . -39.88 26.70 -31.52
NC HEM IB . -40.85 27.52 -28.74
ND HEM IB . -38.18 27.52 -27.77
FE HEM IB . -38.95 27.17 -29.47
CHA HEM JB . -50.60 24.74 -22.09
CHB HEM JB . -45.88 25.05 -20.88
CHC HEM JB . -45.65 29.47 -22.87
CHD HEM JB . -50.47 29.33 -23.53
C1A HEM JB . -49.35 24.45 -21.67
C2A HEM JB . -48.96 23.21 -21.12
C3A HEM JB . -47.65 23.32 -20.76
C4A HEM JB . -47.20 24.62 -21.08
CMA HEM JB . -46.79 22.24 -20.14
CAA HEM JB . -49.87 22.00 -20.95
CBA HEM JB . -50.16 21.37 -22.32
CGA HEM JB . -51.22 20.31 -22.23
O1A HEM JB . -52.08 20.32 -21.33
O2A HEM JB . -51.26 19.38 -23.06
C1B HEM JB . -45.31 26.27 -21.31
C2B HEM JB . -43.95 26.68 -21.21
C3B HEM JB . -43.87 27.94 -21.78
C4B HEM JB . -45.24 28.28 -22.23
CMB HEM JB . -42.84 25.87 -20.60
CAB HEM JB . -42.74 28.84 -22.03
CBB HEM JB . -41.36 28.33 -22.08
C1C HEM JB . -46.96 29.79 -23.24
C2C HEM JB . -47.31 30.99 -23.89
C3C HEM JB . -48.68 30.95 -24.09
C4C HEM JB . -49.17 29.74 -23.53
CMC HEM JB . -46.34 32.08 -24.29
CAC HEM JB . -49.59 31.92 -24.76
CBC HEM JB . -49.12 32.99 -25.65
C1D HEM JB . -50.84 28.05 -23.18
C2D HEM JB . -52.24 27.62 -23.33
C3D HEM JB . -52.29 26.34 -22.95
C4D HEM JB . -50.92 25.99 -22.56
CMD HEM JB . -53.42 28.42 -23.83
CAD HEM JB . -53.54 25.50 -22.95
CBD HEM JB . -53.76 24.97 -24.36
CGD HEM JB . -54.95 24.05 -24.45
O1D HEM JB . -54.98 23.03 -23.73
O2D HEM JB . -55.90 24.31 -25.22
NA HEM JB . -48.28 25.29 -21.63
NB HEM JB . -45.94 27.24 -21.91
NC HEM JB . -48.11 29.07 -23.05
ND HEM JB . -50.09 27.05 -22.70
FE HEM JB . -48.22 27.13 -22.34
CHA HEM KB . -46.90 19.56 -15.25
CHB HEM KB . -46.72 24.23 -16.60
CHC HEM KB . -42.72 24.81 -13.87
CHD HEM KB . -42.64 20.03 -13.03
C1A HEM KB . -47.21 20.77 -15.79
C2A HEM KB . -48.37 21.02 -16.56
C3A HEM KB . -48.30 22.33 -16.94
C4A HEM KB . -47.09 22.90 -16.41
CMA HEM KB . -49.33 23.06 -17.76
CAA HEM KB . -49.46 20.02 -16.90
CBA HEM KB . -50.56 19.90 -15.84
CGA HEM KB . -51.72 19.06 -16.36
O1A HEM KB . -52.68 19.59 -16.97
O2A HEM KB . -51.74 17.82 -16.18
C1B HEM KB . -45.62 24.89 -15.98
C2B HEM KB . -45.26 26.27 -16.04
C3B HEM KB . -44.11 26.41 -15.27
C4B HEM KB . -43.80 25.10 -14.71
CMB HEM KB . -46.01 27.31 -16.81
CAB HEM KB . -43.36 27.56 -14.80
CBB HEM KB . -44.13 28.76 -14.42
C1C HEM KB . -42.33 23.54 -13.41
C2C HEM KB . -41.18 23.27 -12.64
C3C HEM KB . -41.15 21.89 -12.42
C4C HEM KB . -42.29 21.35 -13.04
CMC HEM KB . -40.18 24.31 -12.18
CAC HEM KB . -40.22 21.10 -11.61
CBC HEM KB . -39.46 21.70 -10.50
C1D HEM KB . -43.83 19.56 -13.58
C2D HEM KB . -44.21 18.15 -13.42
C3D HEM KB . -45.38 18.00 -14.03
C4D HEM KB . -45.73 19.35 -14.55
CMD HEM KB . -43.45 17.04 -12.73
CAD HEM KB . -46.15 16.71 -14.16
CBD HEM KB . -45.65 15.94 -15.39
CGD HEM KB . -46.35 14.61 -15.62
O1D HEM KB . -45.69 13.60 -15.89
O2D HEM KB . -47.60 14.48 -15.55
NA HEM KB . -46.45 21.90 -15.72
NB HEM KB . -44.73 24.33 -15.21
NC HEM KB . -42.97 22.35 -13.64
ND HEM KB . -44.77 20.25 -14.25
FE HEM KB . -44.75 22.10 -14.69
CHA HEM LB . -37.01 22.20 -2.51
CHB HEM LB . -40.15 18.79 -4.07
CHC HEM LB . -38.01 18.96 -8.41
CHD HEM LB . -34.26 21.29 -6.39
C1A HEM LB . -38.08 21.34 -2.60
C2A HEM LB . -39.03 21.12 -1.58
C3A HEM LB . -39.88 20.15 -2.03
C4A HEM LB . -39.47 19.76 -3.31
CMA HEM LB . -41.09 19.60 -1.28
CAA HEM LB . -39.10 21.83 -0.24
CBA HEM LB . -39.82 23.16 -0.45
CGA HEM LB . -39.75 24.04 0.78
O1A HEM LB . -40.38 25.12 0.79
O2A HEM LB . -39.07 23.70 1.78
C1B HEM LB . -39.94 18.52 -5.43
C2B HEM LB . -40.75 17.75 -6.32
C3B HEM LB . -40.13 17.81 -7.56
C4B HEM LB . -38.95 18.65 -7.42
CMB HEM LB . -42.01 17.02 -5.92
CAB HEM LB . -40.52 17.35 -8.89
CBB HEM LB . -41.96 17.35 -9.21
C1C HEM LB . -36.77 19.58 -8.24
C2C HEM LB . -35.77 19.69 -9.22
C3C HEM LB . -34.67 20.35 -8.66
C4C HEM LB . -35.03 20.63 -7.31
CMC HEM LB . -35.87 19.17 -10.65
CAC HEM LB . -33.37 20.75 -9.27
CBC HEM LB . -33.10 20.75 -10.72
C1D HEM LB . -34.77 21.73 -5.18
C2D HEM LB . -33.99 22.67 -4.37
C3D HEM LB . -34.76 22.93 -3.30
C4D HEM LB . -36.00 22.18 -3.47
CMD HEM LB . -32.61 23.21 -4.66
CAD HEM LB . -34.36 23.85 -2.15
CBD HEM LB . -33.51 23.11 -1.13
CGD HEM LB . -32.76 24.16 -0.32
O1D HEM LB . -31.55 24.42 -0.57
O2D HEM LB . -33.37 24.79 0.58
NA HEM LB . -38.34 20.47 -3.62
NB HEM LB . -38.96 18.98 -6.16
NC HEM LB . -36.28 20.14 -7.09
ND HEM LB . -35.96 21.47 -4.62
FE HEM LB . -37.31 20.33 -5.31
CHA HEM MB . -41.64 16.37 1.94
CHB HEM MB . -39.39 15.14 -2.19
CHC HEM MB . -42.64 11.60 -2.80
CHD HEM MB . -45.29 13.37 0.89
C1A HEM MB . -40.74 16.29 0.92
C2A HEM MB . -39.61 17.14 0.77
C3A HEM MB . -38.99 16.80 -0.38
C4A HEM MB . -39.75 15.74 -0.98
CMA HEM MB . -37.74 17.41 -0.96
CAA HEM MB . -39.17 18.23 1.73
CBA HEM MB . -38.48 17.63 2.94
CGA HEM MB . -38.11 18.72 3.90
O1A HEM MB . -38.92 19.62 4.19
O2A HEM MB . -36.98 18.73 4.40
C1B HEM MB . -40.02 14.01 -2.77
C2B HEM MB . -39.59 13.25 -3.88
C3B HEM MB . -40.52 12.26 -4.06
C4B HEM MB . -41.51 12.40 -2.99
CMB HEM MB . -38.35 13.56 -4.69
CAB HEM MB . -40.57 11.09 -4.92
CBB HEM MB . -39.30 10.39 -5.19
C1C HEM MB . -43.67 11.80 -1.86
C2C HEM MB . -44.87 11.05 -1.81
C3C HEM MB . -45.63 11.55 -0.75
C4C HEM MB . -44.89 12.62 -0.17
CMC HEM MB . -45.20 9.90 -2.73
CAC HEM MB . -46.93 11.11 -0.19
CBC HEM MB . -47.49 9.76 -0.42
C1D HEM MB . -44.45 14.32 1.46
C2D HEM MB . -44.82 15.00 2.69
C3D HEM MB . -43.82 15.82 2.99
C4D HEM MB . -42.81 15.63 1.94
CMD HEM MB . -46.08 14.86 3.51
CAD HEM MB . -43.76 16.76 4.19
CBD HEM MB . -42.84 16.25 5.30
CGD HEM MB . -42.87 17.21 6.46
O1D HEM MB . -43.04 16.76 7.63
O2D HEM MB . -42.72 18.44 6.29
NA HEM MB . -40.84 15.50 -0.18
NB HEM MB . -41.11 13.44 -2.35
NC HEM MB . -43.75 12.76 -0.88
ND HEM MB . -43.24 14.73 1.04
FE HEM MB . -42.28 14.15 -0.50
CHA HEM NB . -52.52 3.52 1.23
CHB HEM NB . -51.97 7.73 3.69
CHC HEM NB . -51.33 10.02 -0.56
CHD HEM NB . -52.72 6.01 -2.89
C1A HEM NB . -52.37 4.44 2.24
C2A HEM NB . -52.50 4.17 3.61
C3A HEM NB . -52.36 5.34 4.29
C4A HEM NB . -52.15 6.38 3.34
CMA HEM NB . -52.41 5.50 5.79
CAA HEM NB . -52.74 2.81 4.24
CBA HEM NB . -51.42 2.18 4.66
CGA HEM NB . -51.67 0.83 5.27
O1A HEM NB . -51.72 -0.18 4.54
O2A HEM NB . -51.82 0.70 6.50
C1B HEM NB . -51.71 8.81 2.79
C2B HEM NB . -51.36 10.16 3.09
C3B HEM NB . -51.17 10.80 1.88
C4B HEM NB . -51.38 9.81 0.83
CMB HEM NB . -51.25 10.71 4.48
CAB HEM NB . -50.72 12.15 1.52
CBB HEM NB . -49.79 12.88 2.40
C1C HEM NB . -51.69 9.13 -1.58
C2C HEM NB . -51.81 9.46 -2.96
C3C HEM NB . -52.22 8.32 -3.62
C4C HEM NB . -52.35 7.29 -2.65
CMC HEM NB . -51.53 10.80 -3.58
CAC HEM NB . -52.42 8.05 -5.07
CBC HEM NB . -51.80 8.87 -6.13
C1D HEM NB . -52.74 5.04 -1.91
C2D HEM NB . -52.99 3.64 -2.29
C3D HEM NB . -52.94 2.95 -1.15
C4D HEM NB . -52.63 3.92 -0.09
CMD HEM NB . -53.28 3.09 -3.67
CAD HEM NB . -53.13 1.46 -0.99
CBD HEM NB . -51.78 0.77 -0.88
CGD HEM NB . -51.94 -0.73 -0.76
O1D HEM NB . -52.57 -1.37 -1.63
O2D HEM NB . -51.45 -1.33 0.22
NA HEM NB . -52.22 5.80 2.09
NB HEM NB . -51.69 8.72 1.48
NC HEM NB . -52.07 7.82 -1.44
ND HEM NB . -52.53 5.16 -0.59
FE HEM NB . -52.15 6.76 0.36
CU CU1 OB . -16.93 52.22 -5.93
S SX PB . -16.70 53.88 -8.89
O SX PB . -15.45 53.40 -9.43
O6 BU3 QB . -25.22 36.17 -19.64
C3 BU3 QB . -25.82 36.71 -20.82
C4 BU3 QB . -27.34 36.57 -20.73
C2 BU3 QB . -25.27 36.02 -22.06
O5 BU3 QB . -26.19 36.19 -23.15
C1 BU3 QB . -25.05 34.53 -21.83
O6 BU3 RB . -2.10 56.41 -6.03
C3 BU3 RB . -0.92 56.95 -5.45
C4 BU3 RB . -0.93 56.73 -3.94
C2 BU3 RB . -0.78 58.42 -5.80
O5 BU3 RB . -2.01 59.11 -5.48
C1 BU3 RB . -0.47 58.59 -7.29
C ACT SB . -17.27 38.27 -15.94
O ACT SB . -16.29 38.97 -16.29
OXT ACT SB . -17.15 37.26 -15.21
CH3 ACT SB . -18.63 38.70 -16.41
CHA HEM TB . -41.35 39.41 -21.08
CHB HEM TB . -38.33 43.10 -20.04
CHC HEM TB . -41.90 46.24 -21.10
CHD HEM TB . -45.02 42.52 -21.36
C1A HEM TB . -40.24 40.13 -20.77
C2A HEM TB . -38.96 39.59 -20.56
C3A HEM TB . -38.14 40.62 -20.25
C4A HEM TB . -38.88 41.82 -20.28
CMA HEM TB . -36.66 40.50 -19.96
CAA HEM TB . -38.60 38.11 -20.65
CBA HEM TB . -38.18 37.66 -22.06
CGA HEM TB . -39.30 37.01 -22.85
O1A HEM TB . -40.23 36.36 -22.29
O2A HEM TB . -39.32 37.12 -24.10
C1B HEM TB . -38.98 44.35 -20.26
C2B HEM TB . -38.41 45.67 -20.21
C3B HEM TB . -39.44 46.56 -20.48
C4B HEM TB . -40.63 45.75 -20.77
CMB HEM TB . -36.98 45.97 -19.85
CAB HEM TB . -39.46 47.98 -20.72
CBB HEM TB . -38.29 48.56 -21.40
C1C HEM TB . -43.08 45.49 -21.25
C2C HEM TB . -44.37 46.03 -21.45
C3C HEM TB . -45.28 44.97 -21.52
C4C HEM TB . -44.51 43.78 -21.34
CMC HEM TB . -44.69 47.50 -21.58
CAC HEM TB . -46.73 44.96 -21.78
CBC HEM TB . -47.47 46.08 -22.38
C1D HEM TB . -44.21 41.40 -21.33
C2D HEM TB . -44.80 40.07 -21.51
C3D HEM TB . -43.79 39.20 -21.46
C4D HEM TB . -42.59 40.01 -21.23
CMD HEM TB . -46.26 39.75 -21.72
CAD HEM TB . -43.88 37.69 -21.55
CBD HEM TB . -43.60 37.13 -22.94
CGD HEM TB . -43.77 35.63 -22.95
O1D HEM TB . -43.43 35.00 -23.98
O2D HEM TB . -44.23 34.99 -21.98
NA HEM TB . -40.19 41.49 -20.58
NB HEM TB . -40.23 44.52 -20.58
NC HEM TB . -43.22 44.13 -21.17
ND HEM TB . -42.89 41.32 -21.16
FE HEM TB . -41.68 42.76 -20.88
CHA HEM UB . -19.70 52.53 -6.44
CHB HEM UB . -19.48 57.16 -7.99
CHC HEM UB . -17.82 55.61 -12.29
CHD HEM UB . -18.89 51.05 -10.96
C1A HEM UB . -19.71 53.89 -6.49
C2A HEM UB . -20.17 54.72 -5.44
C3A HEM UB . -20.10 56.00 -5.90
C4A HEM UB . -19.62 55.99 -7.22
CMA HEM UB . -20.47 57.25 -5.14
CAA HEM UB . -20.61 54.24 -4.07
CBA HEM UB . -21.96 53.52 -4.13
CGA HEM UB . -22.50 53.25 -2.76
O1A HEM UB . -23.45 52.44 -2.59
O2A HEM UB . -22.03 53.84 -1.78
C1B HEM UB . -18.99 57.25 -9.32
C2B HEM UB . -18.72 58.41 -10.08
C3B HEM UB . -18.23 57.97 -11.32
C4B HEM UB . -18.21 56.50 -11.26
CMB HEM UB . -18.93 59.82 -9.62
CAB HEM UB . -17.77 58.68 -12.52
CBB HEM UB . -17.49 60.12 -12.62
C1C HEM UB . -17.95 54.21 -12.30
C2C HEM UB . -17.69 53.38 -13.42
C3C HEM UB . -18.01 52.07 -13.05
C4C HEM UB . -18.48 52.13 -11.72
CMC HEM UB . -17.16 53.86 -14.75
CAC HEM UB . -17.89 50.80 -13.80
CBC HEM UB . -17.10 50.63 -15.04
C1D HEM UB . -19.20 51.15 -9.61
C2D HEM UB . -19.51 49.93 -8.84
C3D HEM UB . -19.74 50.32 -7.57
C4D HEM UB . -19.54 51.79 -7.59
CMD HEM UB . -19.57 48.53 -9.41
CAD HEM UB . -20.08 49.53 -6.32
CBD HEM UB . -20.65 48.11 -6.53
CGD HEM UB . -19.57 47.05 -6.67
O1D HEM UB . -18.41 47.22 -6.24
O2D HEM UB . -19.87 45.97 -7.24
NA HEM UB . -19.43 54.68 -7.58
NB HEM UB . -18.64 56.22 -10.06
NC HEM UB . -18.43 53.42 -11.30
ND HEM UB . -19.21 52.24 -8.82
FE HEM UB . -18.93 54.03 -9.37
CHA HEM VB . -34.76 38.97 -16.33
CHB HEM VB . -37.84 42.77 -16.15
CHC HEM VB . -34.17 45.43 -14.33
CHD HEM VB . -31.04 41.95 -15.63
C1A HEM VB . -35.89 39.74 -16.35
C2A HEM VB . -37.18 39.25 -16.57
C3A HEM VB . -38.04 40.31 -16.52
C4A HEM VB . -37.28 41.49 -16.30
CMA HEM VB . -39.53 40.26 -16.69
CAA HEM VB . -37.52 37.78 -16.75
CBA HEM VB . -37.44 37.17 -15.34
CGA HEM VB . -37.44 35.66 -15.33
O1A HEM VB . -36.53 35.04 -14.72
O2A HEM VB . -38.36 35.02 -15.91
C1B HEM VB . -37.17 43.89 -15.58
C2B HEM VB . -37.71 45.14 -15.16
C3B HEM VB . -36.65 45.88 -14.65
C4B HEM VB . -35.45 45.06 -14.73
CMB HEM VB . -39.15 45.56 -15.28
CAB HEM VB . -36.61 47.18 -14.00
CBB HEM VB . -37.80 47.65 -13.25
C1C HEM VB . -32.97 44.71 -14.55
C2C HEM VB . -31.68 45.22 -14.33
C3C HEM VB . -30.79 44.22 -14.72
C4C HEM VB . -31.54 43.12 -15.18
CMC HEM VB . -31.37 46.59 -13.74
CAC HEM VB . -29.32 44.20 -14.58
CBC HEM VB . -28.69 45.00 -13.52
C1D HEM VB . -31.86 40.86 -15.89
C2D HEM VB . -31.27 39.55 -16.14
C3D HEM VB . -32.29 38.70 -16.32
C4D HEM VB . -33.50 39.51 -16.16
CMD HEM VB . -29.79 39.21 -16.19
CAD HEM VB . -32.16 37.23 -16.66
CBD HEM VB . -32.81 36.25 -15.68
CGD HEM VB . -31.82 35.90 -14.61
O1D HEM VB . -30.63 35.66 -14.91
O2D HEM VB . -32.20 35.86 -13.41
NA HEM VB . -35.94 41.10 -16.20
NB HEM VB . -35.88 43.96 -15.29
NC HEM VB . -32.85 43.45 -15.08
ND HEM VB . -33.20 40.80 -15.92
FE HEM VB . -34.41 42.22 -15.65
CHA HEM WB . -24.16 47.30 -7.55
CHB HEM WB . -25.18 42.90 -9.38
CHC HEM WB . -25.16 44.73 -13.87
CHD HEM WB . -23.76 49.02 -12.03
C1A HEM WB . -24.48 45.99 -7.68
C2A HEM WB . -24.73 45.12 -6.59
C3A HEM WB . -25.00 43.90 -7.13
C4A HEM WB . -24.93 43.99 -8.53
CMA HEM WB . -25.31 42.65 -6.34
CAA HEM WB . -24.67 45.50 -5.13
CBA HEM WB . -25.91 46.33 -4.72
CGA HEM WB . -25.76 46.95 -3.35
O1A HEM WB . -24.64 47.16 -2.86
O2A HEM WB . -26.78 47.29 -2.69
C1B HEM WB . -25.31 42.94 -10.79
C2B HEM WB . -25.68 41.87 -11.65
C3B HEM WB . -25.66 42.37 -12.96
C4B HEM WB . -25.29 43.80 -12.83
CMB HEM WB . -25.97 40.48 -11.19
CAB HEM WB . -26.02 41.78 -14.25
CBB HEM WB . -26.90 40.60 -14.35
C1C HEM WB . -24.79 46.09 -13.74
C2C HEM WB . -24.78 47.01 -14.79
C3C HEM WB . -24.39 48.25 -14.27
C4C HEM WB . -24.15 48.06 -12.90
CMC HEM WB . -25.15 46.71 -16.22
CAC HEM WB . -24.26 49.56 -14.93
CBC HEM WB . -24.90 49.90 -16.21
C1D HEM WB . -23.77 48.84 -10.66
C2D HEM WB . -23.47 49.97 -9.79
C3D HEM WB . -23.58 49.50 -8.54
C4D HEM WB . -23.96 48.10 -8.67
CMD HEM WB . -23.09 51.40 -10.15
CAD HEM WB . -23.35 50.31 -7.29
CBD HEM WB . -24.64 51.05 -6.99
CGD HEM WB . -24.53 51.84 -5.73
O1D HEM WB . -24.21 51.27 -4.65
O2D HEM WB . -24.77 53.08 -5.76
NA HEM WB . -24.61 45.29 -8.84
NB HEM WB . -25.12 43.98 -11.55
NC HEM WB . -24.42 46.77 -12.60
ND HEM WB . -24.04 47.74 -9.96
FE HEM WB . -24.52 46.04 -10.66
CHA HEM XB . -22.05 39.57 -2.88
CHB HEM XB . -21.52 41.17 -7.46
CHC HEM XB . -20.68 36.62 -8.91
CHD HEM XB . -21.79 35.00 -4.46
C1A HEM XB . -21.92 40.38 -3.97
C2A HEM XB . -21.97 41.79 -3.94
C3A HEM XB . -21.83 42.21 -5.22
C4A HEM XB . -21.70 41.09 -6.07
CMA HEM XB . -21.79 43.65 -5.67
CAA HEM XB . -22.15 42.67 -2.72
CBA HEM XB . -20.85 42.89 -1.94
CGA HEM XB . -21.08 43.88 -0.83
O1A HEM XB . -20.91 45.10 -1.03
O2A HEM XB . -21.46 43.48 0.30
C1B HEM XB . -21.22 40.10 -8.33
C2B HEM XB . -20.89 40.17 -9.70
C3B HEM XB . -20.66 38.86 -10.12
C4B HEM XB . -20.82 38.00 -8.95
CMB HEM XB . -20.86 41.45 -10.49
CAB HEM XB . -20.18 38.30 -11.38
CBB HEM XB . -19.26 39.10 -12.21
C1C HEM XB . -20.93 35.77 -7.81
C2C HEM XB . -20.88 34.36 -7.86
C3C HEM XB . -21.19 33.89 -6.59
C4C HEM XB . -21.45 35.03 -5.78
CMC HEM XB . -20.51 33.55 -9.09
CAC HEM XB . -21.23 32.51 -6.07
CBC HEM XB . -20.55 31.40 -6.76
C1D HEM XB . -21.92 36.16 -3.72
C2D HEM XB . -22.15 36.07 -2.27
C3D HEM XB . -22.22 37.33 -1.82
C4D HEM XB . -22.02 38.19 -3.00
CMD HEM XB . -22.29 34.84 -1.42
CAD HEM XB . -22.46 37.73 -0.39
CBD HEM XB . -23.97 37.67 -0.12
CGD HEM XB . -24.30 37.99 1.33
O1D HEM XB . -25.29 37.47 1.87
O2D HEM XB . -23.60 38.77 2.00
NA HEM XB . -21.78 39.96 -5.26
NB HEM XB . -21.15 38.84 -8.00
NC HEM XB . -21.30 36.13 -6.55
ND HEM XB . -21.85 37.44 -4.11
FE HEM XB . -21.54 38.08 -5.86
CHA HEM YB . -14.63 25.45 -6.43
CHB HEM YB . -15.86 28.01 -2.45
CHC HEM YB . -20.29 28.63 -4.36
CHD HEM YB . -19.32 24.96 -7.41
C1A HEM YB . -14.57 26.16 -5.25
C2A HEM YB . -13.38 26.36 -4.49
C3A HEM YB . -13.75 27.06 -3.38
C4A HEM YB . -15.15 27.28 -3.42
CMA HEM YB . -12.84 27.54 -2.28
CAA HEM YB . -11.98 25.89 -4.86
CBA HEM YB . -11.31 26.83 -5.89
CGA HEM YB . -10.02 26.28 -6.47
O1A HEM YB . -9.39 26.91 -7.34
O2A HEM YB . -9.54 25.19 -6.08
C1B HEM YB . -17.17 28.51 -2.57
C2B HEM YB . -17.85 29.47 -1.76
C3B HEM YB . -19.11 29.64 -2.31
C4B HEM YB . -19.18 28.80 -3.51
CMB HEM YB . -17.27 30.13 -0.54
CAB HEM YB . -20.19 30.56 -2.02
CBB HEM YB . -19.86 31.91 -1.50
C1C HEM YB . -20.44 27.64 -5.35
C2C HEM YB . -21.64 27.33 -6.02
C3C HEM YB . -21.38 26.26 -6.90
C4C HEM YB . -20.01 25.93 -6.72
CMC HEM YB . -22.96 28.03 -5.84
CAC HEM YB . -22.26 25.57 -7.88
CBC HEM YB . -23.58 26.06 -8.33
C1D HEM YB . -17.95 24.87 -7.37
C2D HEM YB . -17.24 24.03 -8.35
C3D HEM YB . -15.94 24.17 -8.08
C4D HEM YB . -15.85 25.12 -6.97
CMD HEM YB . -17.87 23.17 -9.43
CAD HEM YB . -14.81 23.51 -8.84
CBD HEM YB . -14.41 22.13 -8.34
CGD HEM YB . -13.45 21.59 -9.39
O1D HEM YB . -13.70 20.52 -9.99
O2D HEM YB . -12.41 22.23 -9.67
NA HEM YB . -15.62 26.68 -4.56
NB HEM YB . -18.02 28.20 -3.51
NC HEM YB . -19.49 26.75 -5.79
ND HEM YB . -17.07 25.49 -6.57
FE HEM YB . -17.51 26.70 -5.18
CHA HEM ZB . -11.10 25.68 1.46
CHB HEM ZB . -15.96 25.66 0.93
CHC HEM ZB . -16.36 27.77 5.28
CHD HEM ZB . -11.55 28.45 5.39
C1A HEM ZB . -12.36 25.46 0.98
C2A HEM ZB . -12.66 24.84 -0.25
C3A HEM ZB . -14.02 24.85 -0.39
C4A HEM ZB . -14.58 25.49 0.75
CMA HEM ZB . -14.81 24.29 -1.54
CAA HEM ZB . -11.66 24.27 -1.23
CBA HEM ZB . -11.22 22.86 -0.81
CGA HEM ZB . -10.17 22.32 -1.76
O1A HEM ZB . -9.18 23.01 -2.09
O2A HEM ZB . -10.26 21.17 -2.24
C1B HEM ZB . -16.59 26.20 2.07
C2B HEM ZB . -17.98 26.24 2.38
C3B HEM ZB . -18.08 26.85 3.62
C4B HEM ZB . -16.72 27.15 4.07
CMB HEM ZB . -19.07 25.74 1.47
CAB HEM ZB . -19.19 27.08 4.54
CBB HEM ZB . -20.26 26.06 4.57
C1C HEM ZB . -15.07 28.16 5.68
C2C HEM ZB . -14.78 28.90 6.85
C3C HEM ZB . -13.41 29.10 6.89
C4C HEM ZB . -12.87 28.50 5.72
CMC HEM ZB . -15.81 29.34 7.85
CAC HEM ZB . -12.56 29.76 7.91
CBC HEM ZB . -13.03 30.10 9.27
C1D HEM ZB . -11.09 27.70 4.32
C2D HEM ZB . -9.64 27.54 4.10
C3D HEM ZB . -9.51 26.77 3.02
C4D HEM ZB . -10.88 26.46 2.58
CMD HEM ZB . -8.51 28.13 4.91
CAD HEM ZB . -8.19 26.35 2.39
CBD HEM ZB . -7.81 24.91 2.74
CGD HEM ZB . -6.49 24.55 2.10
O1D HEM ZB . -5.57 24.06 2.78
O2D HEM ZB . -6.30 24.73 0.87
NA HEM ZB . -13.53 25.90 1.55
NB HEM ZB . -15.98 26.73 3.09
NC HEM ZB . -13.89 27.97 5.01
ND HEM ZB . -11.79 27.04 3.39
FE HEM ZB . -13.68 26.90 3.25
CHA HEM AC . -11.82 31.79 16.99
CHB HEM AC . -8.46 31.00 13.53
CHC HEM AC . -11.34 33.31 10.36
CHD HEM AC . -14.15 34.81 14.02
C1A HEM AC . -10.72 31.35 16.33
C2A HEM AC . -9.66 30.61 16.89
C3A HEM AC . -8.73 30.42 15.93
C4A HEM AC . -9.18 31.02 14.73
CMA HEM AC . -7.43 29.65 16.11
CAA HEM AC . -9.58 30.13 18.32
CBA HEM AC . -10.02 28.67 18.42
CGA HEM AC . -9.68 28.15 19.80
O1A HEM AC . -9.87 28.85 20.82
O2A HEM AC . -9.22 26.99 19.93
C1B HEM AC . -8.91 31.52 12.28
C2B HEM AC . -8.30 31.37 10.99
C3B HEM AC . -9.13 32.03 10.09
C4B HEM AC . -10.27 32.55 10.87
CMB HEM AC . -7.01 30.65 10.72
CAB HEM AC . -9.11 32.15 8.63
CBB HEM AC . -8.47 31.10 7.82
C1C HEM AC . -12.36 33.95 11.10
C2C HEM AC . -13.30 34.86 10.56
C3C HEM AC . -14.09 35.30 11.61
C4C HEM AC . -13.62 34.66 12.78
CMC HEM AC . -13.42 35.25 9.10
CAC HEM AC . -15.28 36.18 11.59
CBC HEM AC . -16.08 36.43 10.39
C1D HEM AC . -13.70 34.05 15.09
C2D HEM AC . -14.42 34.11 16.37
C3D HEM AC . -13.79 33.27 17.19
C4D HEM AC . -12.69 32.69 16.41
CMD HEM AC . -15.62 34.96 16.69
CAD HEM AC . -14.15 33.00 18.64
CBD HEM AC . -15.18 31.87 18.72
CGD HEM AC . -15.73 31.84 20.12
O1D HEM AC . -16.68 32.59 20.45
O2D HEM AC . -15.24 31.05 20.97
NA HEM AC . -10.39 31.64 15.03
NB HEM AC . -10.01 32.19 12.09
NC HEM AC . -12.56 33.90 12.45
ND HEM AC . -12.68 33.19 15.16
FE HEM AC . -11.47 32.75 13.79
CU CU1 BC . 66.72 38.04 11.03
S SX CC . 68.81 40.75 11.23
O SX CC . 70.13 40.28 10.86
O6 BU3 DC . 62.51 47.16 -9.44
C3 BU3 DC . 62.87 48.21 -10.34
C4 BU3 DC . 64.38 48.16 -10.60
C2 BU3 DC . 62.37 49.56 -9.81
O5 BU3 DC . 63.42 50.49 -9.47
C1 BU3 DC . 61.53 49.35 -8.56
O6 BU3 EC . 81.30 32.35 16.17
C3 BU3 EC . 80.47 31.20 16.03
C4 BU3 EC . 81.13 30.01 16.72
C2 BU3 EC . 80.15 30.96 14.54
O5 BU3 EC . 80.10 29.55 14.22
C1 BU3 EC . 81.13 31.63 13.58
O6 BU3 FC . 59.73 43.22 -12.80
C3 BU3 FC . 58.40 43.61 -12.41
C4 BU3 FC . 58.43 44.12 -10.98
C2 BU3 FC . 57.41 42.44 -12.55
O5 BU3 FC . 57.93 41.40 -13.41
C1 BU3 FC . 56.08 42.90 -13.14
C ACT GC . 67.59 41.66 -5.24
O ACT GC . 68.63 41.70 -4.56
OXT ACT GC . 67.47 40.86 -6.20
CH3 ACT GC . 66.46 42.57 -4.89
CHA HEM HC . 50.64 58.86 -6.03
CHB HEM HC . 53.60 57.60 -2.34
CHC HEM HC . 51.95 61.44 0.16
CHD HEM HC . 48.59 62.22 -3.23
C1A HEM HC . 51.59 58.24 -5.27
C2A HEM HC . 52.35 57.15 -5.70
C3A HEM HC . 53.18 56.79 -4.67
C4A HEM HC . 52.92 57.65 -3.57
CMA HEM HC . 54.18 55.66 -4.70
CAA HEM HC . 52.25 56.52 -7.08
CBA HEM HC . 53.20 57.23 -8.06
CGA HEM HC . 52.54 58.19 -9.05
O1A HEM HC . 51.36 58.05 -9.43
O2A HEM HC . 53.22 59.13 -9.51
C1B HEM HC . 53.49 58.54 -1.27
C2B HEM HC . 54.24 58.61 -0.07
C3B HEM HC . 53.75 59.70 0.63
C4B HEM HC . 52.70 60.31 -0.18
CMB HEM HC . 55.33 57.64 0.31
CAB HEM HC . 54.14 60.41 1.85
CBB HEM HC . 55.56 60.41 2.22
C1C HEM HC . 50.87 61.98 -0.55
C2C HEM HC . 50.07 63.06 -0.11
C3C HEM HC . 49.10 63.29 -1.09
C4C HEM HC . 49.33 62.34 -2.11
CMC HEM HC . 50.24 63.83 1.18
CAC HEM HC . 48.05 64.33 -1.15
CBC HEM HC . 48.05 65.56 -0.33
C1D HEM HC . 48.93 61.34 -4.26
C2D HEM HC . 48.19 61.35 -5.52
C3D HEM HC . 48.77 60.43 -6.31
C4D HEM HC . 49.86 59.87 -5.52
CMD HEM HC . 47.02 62.23 -5.88
CAD HEM HC . 48.34 60.06 -7.71
CBD HEM HC . 49.09 60.81 -8.80
CGD HEM HC . 48.62 60.35 -10.17
O1D HEM HC . 49.28 60.66 -11.18
O2D HEM HC . 47.58 59.66 -10.31
NA HEM HC . 51.92 58.52 -3.98
NB HEM HC . 52.66 59.54 -1.22
NC HEM HC . 50.37 61.56 -1.75
ND HEM HC . 49.93 60.43 -4.29
FE HEM HC . 51.15 60.02 -2.92
CHA HEM IC . 64.63 40.11 11.25
CHB HEM IC . 66.85 42.68 14.74
CHC HEM IC . 69.97 44.47 11.52
CHD HEM IC . 67.23 42.51 7.98
C1A HEM IC . 65.01 40.60 12.46
C2A HEM IC . 64.34 40.34 13.67
C3A HEM IC . 64.98 41.08 14.63
C4A HEM IC . 66.03 41.81 14.02
CMA HEM IC . 64.68 41.15 16.09
CAA HEM IC . 63.18 39.39 13.87
CBA HEM IC . 61.88 39.93 13.28
CGA HEM IC . 60.62 39.23 13.73
O1A HEM IC . 59.57 39.40 13.08
O2A HEM IC . 60.56 38.49 14.74
C1B HEM IC . 67.94 43.43 14.26
C2B HEM IC . 68.86 44.22 15.01
C3B HEM IC . 69.77 44.73 14.10
C4B HEM IC . 69.38 44.22 12.77
CMB HEM IC . 68.78 44.42 16.51
CAB HEM IC . 70.95 45.60 14.28
CBB HEM IC . 71.55 45.93 15.59
C1C HEM IC . 69.49 44.07 10.24
C2C HEM IC . 70.06 44.44 9.01
C3C HEM IC . 69.27 43.88 7.99
C4C HEM IC . 68.21 43.21 8.63
CMC HEM IC . 71.30 45.27 8.84
CAC HEM IC . 69.41 43.89 6.51
CBC HEM IC . 70.65 44.25 5.80
C1D HEM IC . 66.32 41.71 8.64
C2D HEM IC . 65.36 40.90 7.86
C3D HEM IC . 64.64 40.22 8.77
C4D HEM IC . 65.17 40.63 10.08
CMD HEM IC . 65.26 40.87 6.37
CAD HEM IC . 63.50 39.20 8.59
CBD HEM IC . 62.75 39.23 7.25
CGD HEM IC . 63.41 38.39 6.17
O1D HEM IC . 64.24 37.50 6.44
O2D HEM IC . 63.12 38.63 4.98
NA HEM IC . 65.99 41.52 12.67
NB HEM IC . 68.32 43.48 13.02
NC HEM IC . 68.37 43.33 9.97
ND HEM IC . 66.17 41.51 9.95
FE HEM IC . 67.15 42.38 11.33
CHA HEM JC . 53.60 51.40 -4.65
CHB HEM JC . 51.94 54.23 -1.04
CHC HEM JC . 54.81 51.82 2.05
CHD HEM JC . 57.11 49.76 -1.75
C1A HEM JC . 52.87 52.30 -3.94
C2A HEM JC . 51.78 53.04 -4.42
C3A HEM JC . 51.33 53.83 -3.40
C4A HEM JC . 52.16 53.59 -2.28
CMA HEM JC . 50.17 54.80 -3.42
CAA HEM JC . 51.20 52.91 -5.82
CBA HEM JC . 50.26 51.70 -5.76
CGA HEM JC . 50.01 51.07 -7.12
O1A HEM JC . 50.31 49.88 -7.34
O2A HEM JC . 49.48 51.75 -8.01
C1B HEM JC . 52.51 53.83 0.18
C2B HEM JC . 52.16 54.29 1.48
C3B HEM JC . 52.97 53.60 2.36
C4B HEM JC . 53.82 52.70 1.58
CMB HEM JC . 51.10 55.32 1.77
CAB HEM JC . 52.99 53.58 3.82
CBB HEM JC . 51.73 53.82 4.56
C1C HEM JC . 55.71 51.05 1.27
C2C HEM JC . 56.76 50.27 1.79
C3C HEM JC . 57.43 49.70 0.71
C4C HEM JC . 56.79 50.13 -0.48
CMC HEM JC . 57.06 50.12 3.27
CAC HEM JC . 58.53 48.73 0.68
CBC HEM JC . 58.74 47.84 1.84
C1D HEM JC . 56.28 50.05 -2.84
C2D HEM JC . 56.52 49.47 -4.17
C3D HEM JC . 55.54 49.92 -4.96
C4D HEM JC . 54.69 50.76 -4.11
CMD HEM JC . 57.63 48.55 -4.61
CAD HEM JC . 55.36 49.61 -6.43
CBD HEM JC . 54.04 48.86 -6.67
CGD HEM JC . 54.23 47.37 -6.77
O1D HEM JC . 55.31 46.85 -7.08
O2D HEM JC . 53.24 46.64 -6.54
NA HEM JC . 53.10 52.65 -2.64
NB HEM JC . 53.47 52.95 0.35
NC HEM JC . 55.77 50.94 -0.10
ND HEM JC . 55.18 50.82 -2.85
FE HEM JC . 54.42 51.80 -1.42
CHA HEM KC . 60.10 41.70 6.33
CHB HEM KC . 59.02 42.08 1.59
CHC HEM KC . 61.72 46.09 1.29
CHD HEM KC . 63.17 45.37 5.91
C1A HEM KC . 59.56 41.52 5.10
C2A HEM KC . 58.65 40.49 4.77
C3A HEM KC . 58.37 40.60 3.45
C4A HEM KC . 59.10 41.68 2.93
CMA HEM KC . 57.42 39.72 2.66
CAA HEM KC . 58.10 39.47 5.75
CBA HEM KC . 57.05 40.14 6.66
CGA HEM KC . 56.68 39.24 7.82
O1A HEM KC . 57.49 38.38 8.25
O2A HEM KC . 55.57 39.34 8.38
C1B HEM KC . 59.62 43.22 1.00
C2B HEM KC . 59.46 43.72 -0.32
C3B HEM KC . 60.24 44.87 -0.42
C4B HEM KC . 60.85 45.06 0.90
CMB HEM KC . 58.62 43.07 -1.39
CAB HEM KC . 60.41 45.84 -1.52
CBB HEM KC . 59.47 45.96 -2.65
C1C HEM KC . 62.34 46.24 2.55
C2C HEM KC . 63.18 47.32 2.89
C3C HEM KC . 63.60 47.11 4.19
C4C HEM KC . 63.02 45.91 4.66
CMC HEM KC . 63.54 48.46 1.98
CAC HEM KC . 64.43 47.95 5.07
CBC HEM KC . 64.61 49.40 4.82
C1D HEM KC . 62.42 44.30 6.34
C2D HEM KC . 62.54 43.85 7.72
C3D HEM KC . 61.67 42.84 7.85
C4D HEM KC . 61.05 42.68 6.54
CMD HEM KC . 63.42 44.39 8.82
CAD HEM KC . 61.45 42.06 9.12
CBD HEM KC . 60.50 42.84 10.01
CGD HEM KC . 60.16 42.05 11.24
O1D HEM KC . 59.78 40.86 11.12
O2D HEM KC . 60.25 42.56 12.37
NA HEM KC . 59.84 42.21 3.97
NB HEM KC . 60.41 44.05 1.61
NC HEM KC . 62.27 45.41 3.65
ND HEM KC . 61.53 43.57 5.66
FE HEM KC . 61.03 43.77 3.84
CHA HEM LC . 57.48 34.33 1.23
CHB HEM LC . 60.67 37.97 0.71
CHC HEM LC . 60.82 37.13 -4.06
CHD HEM LC . 57.28 33.85 -3.59
C1A HEM LC . 58.35 35.34 1.49
C2A HEM LC . 58.67 35.82 2.77
C3A HEM LC . 59.55 36.84 2.60
C4A HEM LC . 59.79 37.01 1.24
CMA HEM LC . 60.18 37.63 3.72
CAA HEM LC . 58.11 35.31 4.08
CBA HEM LC . 58.88 34.11 4.60
CGA HEM LC . 58.37 33.80 5.98
O1A HEM LC . 58.95 34.27 6.97
O2A HEM LC . 57.35 33.10 6.11
C1B HEM LC . 61.05 38.11 -0.63
C2B HEM LC . 62.04 38.99 -1.16
C3B HEM LC . 62.07 38.75 -2.52
C4B HEM LC . 61.11 37.69 -2.80
CMB HEM LC . 62.83 39.98 -0.34
CAB HEM LC . 62.94 39.20 -3.59
CBB HEM LC . 64.36 39.38 -3.28
C1C HEM LC . 59.84 36.17 -4.35
C2C HEM LC . 59.54 35.71 -5.64
C3C HEM LC . 58.51 34.77 -5.51
C4C HEM LC . 58.23 34.67 -4.14
CMC HEM LC . 60.23 36.19 -6.89
CAC HEM LC . 57.87 33.92 -6.53
CBC HEM LC . 58.53 33.62 -7.81
C1D HEM LC . 57.11 33.74 -2.21
C2D HEM LC . 56.16 32.76 -1.68
C3D HEM LC . 56.21 32.89 -0.36
C4D HEM LC . 57.19 33.94 -0.07
CMD HEM LC . 55.28 31.78 -2.43
CAD HEM LC . 55.41 32.08 0.63
CBD HEM LC . 54.05 32.72 0.80
CGD HEM LC . 53.23 32.03 1.85
O1D HEM LC . 51.98 32.13 1.79
O2D HEM LC . 53.75 31.36 2.77
NA HEM LC . 59.01 36.08 0.56
NB HEM LC . 60.59 37.43 -1.63
NC HEM LC . 59.01 35.53 -3.47
ND HEM LC . 57.70 34.44 -1.22
FE HEM LC . 59.00 35.79 -1.40
CHA HEM MC . 61.51 27.95 -13.31
CHB HEM MC . 59.31 26.63 -9.17
CHC HEM MC . 56.68 30.71 -9.35
CHD HEM MC . 58.12 31.33 -13.95
C1A HEM MC . 61.19 27.29 -12.16
C2A HEM MC . 61.83 26.14 -11.68
C3A HEM MC . 61.22 25.77 -10.53
C4A HEM MC . 60.16 26.69 -10.28
CMA HEM MC . 61.59 24.60 -9.64
CAA HEM MC . 63.02 25.45 -12.33
CBA HEM MC . 64.30 26.13 -11.86
CGA HEM MC . 65.52 25.72 -12.64
O1A HEM MC . 66.63 26.15 -12.30
O2A HEM MC . 65.44 24.94 -13.62
C1B HEM MC . 58.39 27.62 -8.76
C2B HEM MC . 57.68 27.70 -7.53
C3B HEM MC . 56.94 28.88 -7.60
C4B HEM MC . 57.23 29.52 -8.88
CMB HEM MC . 57.75 26.68 -6.44
CAB HEM MC . 56.10 29.59 -6.65
CBB HEM MC . 56.46 29.55 -5.23
C1C HEM MC . 56.81 31.23 -10.65
C2C HEM MC . 56.05 32.32 -11.17
C3C HEM MC . 56.45 32.49 -12.51
C4C HEM MC . 57.45 31.50 -12.77
CMC HEM MC . 55.03 33.11 -10.38
CAC HEM MC . 56.06 33.51 -13.51
CBC HEM MC . 55.40 34.79 -13.19
C1D HEM MC . 59.17 30.45 -14.07
C2D HEM MC . 59.99 30.47 -15.29
C3D HEM MC . 60.94 29.55 -15.11
C4D HEM MC . 60.71 28.97 -13.79
CMD HEM MC . 59.80 31.37 -16.49
CAD HEM MC . 62.04 29.20 -16.08
CBD HEM MC . 61.61 28.14 -17.10
CGD HEM MC . 62.67 28.13 -18.17
O1D HEM MC . 62.44 28.59 -19.32
O2D HEM MC . 63.81 27.68 -17.89
NA HEM MC . 60.14 27.59 -11.32
NB HEM MC . 58.06 28.69 -9.43
NC HEM MC . 57.61 30.75 -11.65
ND HEM MC . 59.64 29.52 -13.22
FE HEM MC . 58.93 29.14 -11.50
CHA HEM NC . 60.55 20.15 -9.80
CHB HEM NC . 56.89 23.38 -9.88
CHC HEM NC . 54.84 21.07 -6.13
CHD HEM NC . 58.92 18.49 -5.55
C1A HEM NC . 59.70 21.17 -10.15
C2A HEM NC . 59.90 22.03 -11.25
C3A HEM NC . 58.89 22.92 -11.26
C4A HEM NC . 58.05 22.65 -10.15
CMA HEM NC . 58.67 24.02 -12.28
CAA HEM NC . 61.05 21.94 -12.23
CBA HEM NC . 60.75 20.88 -13.29
CGA HEM NC . 61.92 20.74 -14.22
O1A HEM NC . 63.11 20.78 -13.81
O2A HEM NC . 61.73 20.57 -15.43
C1B HEM NC . 55.92 23.07 -8.91
C2B HEM NC . 54.63 23.63 -8.73
C3B HEM NC . 54.08 22.98 -7.64
C4B HEM NC . 55.02 21.95 -7.19
CMB HEM NC . 54.07 24.77 -9.54
CAB HEM NC . 52.75 22.99 -7.07
CBB HEM NC . 51.62 23.12 -8.03
C1C HEM NC . 55.80 20.17 -5.61
C2C HEM NC . 55.67 19.41 -4.43
C3C HEM NC . 56.84 18.67 -4.27
C4C HEM NC . 57.69 19.01 -5.34
CMC HEM NC . 54.45 19.38 -3.54
CAC HEM NC . 57.21 17.65 -3.26
CBC HEM NC . 56.22 16.93 -2.44
C1D HEM NC . 59.64 18.75 -6.72
C2D HEM NC . 60.90 18.02 -6.99
C3D HEM NC . 61.34 18.47 -8.16
C4D HEM NC . 60.35 19.47 -8.61
CMD HEM NC . 61.58 16.96 -6.14
CAD HEM NC . 62.61 18.03 -8.87
CBD HEM NC . 62.32 17.10 -10.05
CGD HEM NC . 63.63 16.64 -10.65
O1D HEM NC . 63.91 15.42 -10.71
O2D HEM NC . 64.46 17.47 -11.06
NA HEM NC . 58.60 21.60 -9.47
NB HEM NC . 56.03 22.13 -7.99
NC HEM NC . 57.05 19.94 -6.11
ND HEM NC . 59.37 19.62 -7.70
FE HEM NC . 57.87 20.77 -7.83
CHA HEM OC . 53.81 10.99 2.57
CHB HEM OC . 58.15 11.48 0.36
CHC HEM OC . 57.89 16.30 1.03
CHD HEM OC . 54.13 15.58 4.05
C1A HEM OC . 54.96 10.74 1.87
C2A HEM OC . 55.39 9.45 1.47
C3A HEM OC . 56.61 9.60 0.86
C4A HEM OC . 56.96 10.98 0.90
CMA HEM OC . 57.44 8.50 0.26
CAA HEM OC . 54.64 8.14 1.67
CBA HEM OC . 53.62 7.92 0.56
CGA HEM OC . 52.99 6.56 0.68
O1A HEM OC . 51.79 6.45 1.00
O2A HEM OC . 53.65 5.53 0.46
C1B HEM OC . 58.51 12.86 0.26
C2B HEM OC . 59.59 13.43 -0.45
C3B HEM OC . 59.52 14.80 -0.25
C4B HEM OC . 58.33 15.05 0.57
CMB HEM OC . 60.62 12.65 -1.21
CAB HEM OC . 60.29 15.93 -0.80
CBB HEM OC . 60.91 15.82 -2.14
C1C HEM OC . 56.84 16.54 1.96
C2C HEM OC . 56.55 17.77 2.58
C3C HEM OC . 55.48 17.55 3.45
C4C HEM OC . 55.12 16.19 3.36
CMC HEM OC . 57.26 19.08 2.32
CAC HEM OC . 54.71 18.51 4.27
CBC HEM OC . 54.63 19.94 3.94
C1D HEM OC . 53.76 14.26 3.83
C2D HEM OC . 52.54 13.73 4.45
C3D HEM OC . 52.46 12.45 4.04
C4D HEM OC . 53.60 12.23 3.15
CMD HEM OC . 51.57 14.42 5.38
CAD HEM OC . 51.37 11.47 4.42
CBD HEM OC . 50.26 11.51 3.36
CGD HEM OC . 49.17 10.51 3.68
O1D HEM OC . 48.10 10.89 4.19
O2D HEM OC . 49.32 9.29 3.42
NA HEM OC . 55.95 11.63 1.57
NB HEM OC . 57.86 13.86 0.80
NC HEM OC . 55.98 15.60 2.51
ND HEM OC . 54.36 13.35 3.05
FE HEM OC . 55.94 13.57 2.04
CU CU1 PC . -68.19 -14.06 38.26
S SX QC . -70.44 -15.39 40.29
O SX QC . -71.57 -15.71 39.45
O6 BU3 RC . -67.18 -36.71 30.90
C3 BU3 RC . -66.94 -37.75 31.85
C4 BU3 RC . -68.25 -38.44 32.17
C2 BU3 RC . -66.30 -37.17 33.12
O5 BU3 RC . -65.15 -36.37 32.81
C1 BU3 RC . -65.90 -38.29 34.07
O6 BU3 SC . -81.79 -5.10 36.92
C3 BU3 SC . -81.24 -4.25 35.91
C4 BU3 SC . -82.30 -3.23 35.48
C2 BU3 SC . -80.70 -5.09 34.75
O5 BU3 SC . -80.91 -4.44 33.49
C1 BU3 SC . -81.31 -6.49 34.67
O6 BU3 TC . -54.34 -30.55 -11.68
C3 BU3 TC . -54.86 -30.22 -10.39
C4 BU3 TC . -53.97 -30.86 -9.34
C2 BU3 TC . -56.31 -30.69 -10.34
O5 BU3 TC . -57.05 -29.86 -11.25
C1 BU3 TC . -56.97 -30.61 -8.96
C ACT UC . -69.79 -28.51 29.13
O ACT UC . -70.85 -28.17 29.69
OXT ACT UC . -69.43 -28.07 28.01
CH3 ACT UC . -68.90 -29.49 29.84
CHA HEM VC . -55.07 -42.15 42.60
CHB HEM VC . -57.75 -38.34 44.02
CHC HEM VC . -56.45 -39.27 48.62
CHD HEM VC . -53.26 -42.60 47.06
C1A HEM VC . -55.92 -41.10 42.61
C2A HEM VC . -56.58 -40.61 41.47
C3A HEM VC . -57.32 -39.54 41.88
C4A HEM VC . -57.12 -39.35 43.26
CMA HEM VC . -58.22 -38.68 41.02
CAA HEM VC . -56.47 -41.20 40.06
CBA HEM VC . -57.50 -42.31 39.81
CGA HEM VC . -56.99 -43.74 39.98
O1A HEM VC . -55.80 -44.09 39.80
O2A HEM VC . -57.83 -44.61 40.31
C1B HEM VC . -57.70 -38.20 45.42
C2B HEM VC . -58.44 -37.32 46.26
C3B HEM VC . -58.06 -37.59 47.56
C4B HEM VC . -57.10 -38.69 47.53
CMB HEM VC . -59.42 -36.29 45.77
CAB HEM VC . -58.55 -37.12 48.84
CBB HEM VC . -60.01 -36.85 48.94
C1C HEM VC . -55.45 -40.27 48.60
C2C HEM VC . -54.76 -40.74 49.73
C3C HEM VC . -53.84 -41.70 49.30
C4C HEM VC . -53.97 -41.77 47.89
CMC HEM VC . -55.00 -40.31 51.16
CAC HEM VC . -52.91 -42.53 50.09
CBC HEM VC . -53.01 -42.71 51.56
C1D HEM VC . -53.56 -42.71 45.71
C2D HEM VC . -52.87 -43.72 44.88
C3D HEM VC . -53.39 -43.60 43.65
C4D HEM VC . -54.37 -42.53 43.73
CMD HEM VC . -51.81 -44.70 45.31
CAD HEM VC . -52.99 -44.40 42.43
CBD HEM VC . -53.86 -45.65 42.22
CGD HEM VC . -53.37 -46.42 41.02
O1D HEM VC . -54.07 -47.36 40.57
O2D HEM VC . -52.28 -46.14 40.46
NA HEM VC . -56.22 -40.32 43.68
NB HEM VC . -56.97 -38.92 46.25
NC HEM VC . -54.92 -40.89 47.49
ND HEM VC . -54.44 -42.02 44.97
FE HEM VC . -55.57 -40.62 45.53
CHA HEM WC . -66.46 -15.47 40.01
CHB HEM WC . -68.79 -14.47 44.18
CHC HEM WC . -72.19 -17.77 43.08
CHD HEM WC . -69.38 -19.27 39.39
C1A HEM WC . -66.84 -14.89 41.19
C2A HEM WC . -66.12 -13.89 41.86
C3A HEM WC . -66.78 -13.63 43.02
C4A HEM WC . -67.89 -14.48 43.10
CMA HEM WC . -66.42 -12.62 44.08
CAA HEM WC . -64.87 -13.21 41.33
CBA HEM WC . -63.65 -14.11 41.47
CGA HEM WC . -62.37 -13.35 41.16
O1A HEM WC . -61.33 -13.97 40.85
O2A HEM WC . -62.32 -12.11 41.20
C1B HEM WC . -69.97 -15.24 44.32
C2B HEM WC . -70.95 -15.14 45.35
C3B HEM WC . -71.93 -16.08 45.05
C4B HEM WC . -71.53 -16.74 43.79
CMB HEM WC . -70.88 -14.21 46.54
CAB HEM WC . -73.19 -16.44 45.73
CBB HEM WC . -73.80 -15.67 46.83
C1C HEM WC . -71.72 -18.48 41.95
C2C HEM WC . -72.37 -19.56 41.32
C3C HEM WC . -71.56 -19.99 40.26
C4C HEM WC . -70.40 -19.18 40.27
CMC HEM WC . -73.71 -20.11 41.73
CAC HEM WC . -71.77 -21.04 39.23
CBC HEM WC . -73.08 -21.58 38.86
C1D HEM WC . -68.37 -18.32 39.31
C2D HEM WC . -67.39 -18.40 38.23
C3D HEM WC . -66.57 -17.35 38.38
C4D HEM WC . -67.08 -16.62 39.55
CMD HEM WC . -67.33 -19.48 37.18
CAD HEM WC . -65.38 -16.92 37.54
CBD HEM WC . -64.69 -17.99 36.70
CGD HEM WC . -65.24 -18.17 35.30
O1D HEM WC . -65.97 -17.33 34.72
O2D HEM WC . -64.94 -19.24 34.73
NA HEM WC . -67.88 -15.26 41.97
NB HEM WC . -70.40 -16.14 43.49
NC HEM WC . -70.53 -18.28 41.28
ND HEM WC . -68.16 -17.24 40.07
FE HEM WC . -69.17 -16.73 41.60
CHA HEM XC . -57.21 -35.80 37.91
CHB HEM XC . -55.78 -35.25 42.54
CHC HEM XC . -58.21 -31.07 42.68
CHD HEM XC . -60.45 -32.26 38.52
C1A HEM XC . -56.57 -35.95 39.10
C2A HEM XC . -55.60 -36.92 39.36
C3A HEM XC . -55.21 -36.77 40.66
C4A HEM XC . -55.96 -35.71 41.22
CMA HEM XC . -54.17 -37.59 41.39
CAA HEM XC . -55.08 -37.90 38.35
CBA HEM XC . -54.08 -37.09 37.51
CGA HEM XC . -53.66 -37.79 36.25
O1A HEM XC . -53.82 -37.23 35.14
O2A HEM XC . -53.13 -38.94 36.30
C1B HEM XC . -56.25 -34.02 43.05
C2B HEM XC . -55.90 -33.39 44.28
C3B HEM XC . -56.60 -32.19 44.32
C4B HEM XC . -57.34 -32.10 43.07
CMB HEM XC . -54.97 -33.97 45.31
CAB HEM XC . -56.59 -31.08 45.26
CBB HEM XC . -55.36 -30.79 46.02
C1C HEM XC . -59.06 -31.05 41.55
C2C HEM XC . -60.00 -30.03 41.32
C3C HEM XC . -60.66 -30.38 40.14
C4C HEM XC . -60.11 -31.60 39.66
CMC HEM XC . -60.22 -28.83 42.21
CAC HEM XC . -61.67 -29.62 39.40
CBC HEM XC . -61.79 -28.16 39.55
C1D HEM XC . -59.69 -33.33 38.03
C2D HEM XC . -59.92 -33.89 36.69
C3D HEM XC . -59.00 -34.85 36.53
C4D HEM XC . -58.22 -34.88 37.75
CMD HEM XC . -60.95 -33.48 35.66
CAD HEM XC . -58.83 -35.76 35.33
CBD HEM XC . -57.49 -35.54 34.62
CGD HEM XC . -57.60 -34.49 33.55
O1D HEM XC . -58.68 -34.30 32.95
O2D HEM XC . -56.60 -33.80 33.27
NA HEM XC . -56.79 -35.23 40.22
NB HEM XC . -57.07 -33.21 42.45
NC HEM XC . -59.17 -31.97 40.54
ND HEM XC . -58.67 -33.96 38.62
FE HEM XC . -57.96 -33.63 40.35
CHA HEM YC . -62.32 -20.60 37.95
CHB HEM YC . -61.46 -24.46 35.07
CHC HEM YC . -64.52 -27.14 37.76
CHD HEM YC . -65.73 -23.13 40.26
C1A HEM YC . -61.80 -21.43 37.00
C2A HEM YC . -60.81 -21.06 36.07
C3A HEM YC . -60.58 -22.14 35.27
C4A HEM YC . -61.44 -23.20 35.68
CMA HEM YC . -59.61 -22.23 34.13
CAA HEM YC . -60.14 -19.69 36.02
CBA HEM YC . -59.16 -19.56 37.20
CGA HEM YC . -58.57 -18.16 37.33
O1A HEM YC . -59.12 -17.17 36.82
O2A HEM YC . -57.51 -17.98 37.97
C1B HEM YC . -62.19 -25.61 35.50
C2B HEM YC . -62.14 -26.93 34.99
C3B HEM YC . -63.00 -27.71 35.75
C4B HEM YC . -63.58 -26.81 36.75
CMB HEM YC . -61.29 -27.37 33.82
CAB HEM YC . -63.31 -29.15 35.70
CBB HEM YC . -62.44 -30.10 35.01
C1C HEM YC . -65.11 -26.26 38.69
C2C HEM YC . -66.02 -26.66 39.69
C3C HEM YC . -66.38 -25.51 40.41
C4C HEM YC . -65.68 -24.42 39.83
CMC HEM YC . -66.52 -28.07 39.92
CAC HEM YC . -67.27 -25.38 41.58
CBC HEM YC . -67.74 -26.52 42.43
C1D HEM YC . -64.87 -22.14 39.78
C2D HEM YC . -64.88 -20.80 40.38
C3D HEM YC . -63.93 -20.09 39.75
C4D HEM YC . -63.33 -21.01 38.78
CMD HEM YC . -65.77 -20.26 41.48
CAD HEM YC . -63.57 -18.65 40.02
CBD HEM YC . -62.52 -18.62 41.13
CGD HEM YC . -62.15 -17.21 41.50
O1D HEM YC . -61.60 -16.49 40.63
O2D HEM YC . -62.37 -16.76 42.65
NA HEM YC . -62.19 -22.71 36.75
NB HEM YC . -63.03 -25.65 36.50
NC HEM YC . -64.92 -24.89 38.82
ND HEM YC . -63.93 -22.23 38.82
FE HEM YC . -63.52 -23.76 37.78
CHA HEM ZC . -59.07 -19.62 29.19
CHB HEM ZC . -62.63 -22.18 31.38
CHC HEM ZC . -62.87 -25.08 27.47
CHD HEM ZC . -58.94 -22.86 25.62
C1A HEM ZC . -60.03 -20.04 30.07
C2A HEM ZC . -60.35 -19.38 31.28
C3A HEM ZC . -61.33 -20.10 31.88
C4A HEM ZC . -61.64 -21.23 31.07
CMA HEM ZC . -61.99 -19.78 33.18
CAA HEM ZC . -59.70 -18.11 31.81
CBA HEM ZC . -60.37 -16.83 31.32
CGA HEM ZC . -59.73 -15.64 31.99
O1A HEM ZC . -60.29 -15.09 32.95
O2A HEM ZC . -58.61 -15.21 31.60
C1B HEM ZC . -63.07 -23.23 30.54
C2B HEM ZC . -64.16 -24.12 30.76
C3B HEM ZC . -64.21 -24.95 29.65
C4B HEM ZC . -63.17 -24.52 28.72
CMB HEM ZC . -65.03 -24.14 32.00
CAB HEM ZC . -65.19 -25.96 29.24
CBB HEM ZC . -66.60 -25.74 29.64
C1C HEM ZC . -61.80 -24.73 26.62
C2C HEM ZC . -61.47 -25.40 25.42
C3C HEM ZC . -60.34 -24.77 24.89
C4C HEM ZC . -59.99 -23.72 25.78
CMC HEM ZC . -62.25 -26.57 24.85
CAC HEM ZC . -59.60 -24.99 23.63
CBC HEM ZC . -60.21 -25.71 22.49
C1D HEM ZC . -58.72 -21.79 26.48
C2D HEM ZC . -57.65 -20.81 26.18
C3D HEM ZC . -57.70 -19.90 27.16
C4D HEM ZC . -58.78 -20.34 28.05
CMD HEM ZC . -56.69 -20.79 25.01
CAD HEM ZC . -56.79 -18.71 27.29
CBD HEM ZC . -55.48 -19.21 27.94
CGD HEM ZC . -54.48 -18.11 28.24
O1D HEM ZC . -53.30 -18.24 27.87
O2D HEM ZC . -54.81 -17.08 28.87
NA HEM ZC . -60.80 -21.17 29.97
NB HEM ZC . -62.58 -23.54 29.36
NC HEM ZC . -60.87 -23.74 26.82
ND HEM ZC . -59.36 -21.48 27.61
FE HEM ZC . -60.82 -22.40 28.42
CHA HEM AD . -63.03 -25.73 14.50
CHB HEM AD . -60.60 -21.92 16.38
CHC HEM AD . -58.31 -25.00 19.35
CHD HEM AD . -59.93 -28.72 16.68
C1A HEM AD . -62.64 -24.46 14.80
C2A HEM AD . -63.18 -23.29 14.24
C3A HEM AD . -62.49 -22.24 14.77
C4A HEM AD . -61.49 -22.73 15.64
CMA HEM AD . -62.73 -20.78 14.47
CAA HEM AD . -64.33 -23.23 13.26
CBA HEM AD . -65.65 -23.28 14.06
CGA HEM AD . -66.87 -23.33 13.17
O1A HEM AD . -68.00 -23.22 13.65
O2A HEM AD . -66.75 -23.48 11.93
C1B HEM AD . -59.75 -22.36 17.43
C2B HEM AD . -59.02 -21.57 18.38
C3B HEM AD . -58.37 -22.46 19.21
C4B HEM AD . -58.76 -23.80 18.79
CMB HEM AD . -58.97 -20.06 18.38
CAB HEM AD . -57.56 -22.28 20.42
CBB HEM AD . -57.78 -21.11 21.29
C1C HEM AD . -58.54 -26.31 18.86
C2C HEM AD . -57.95 -27.49 19.39
C3C HEM AD . -58.42 -28.56 18.62
C4C HEM AD . -59.26 -28.00 17.62
CMC HEM AD . -57.02 -27.56 20.58
CAC HEM AD . -58.17 -30.01 18.76
CBC HEM AD . -57.61 -30.65 19.98
C1D HEM AD . -60.93 -28.16 15.91
C2D HEM AD . -61.81 -29.01 15.10
C3D HEM AD . -62.67 -28.18 14.49
C4D HEM AD . -62.34 -26.83 14.95
CMD HEM AD . -61.76 -30.51 14.95
CAD HEM AD . -63.78 -28.56 13.55
CBD HEM AD . -63.27 -28.62 12.11
CGD HEM AD . -64.38 -29.18 11.27
O1D HEM AD . -64.55 -30.42 11.13
O2D HEM AD . -65.17 -28.39 10.71
NA HEM AD . -61.59 -24.11 15.61
NB HEM AD . -59.52 -23.60 17.77
NC HEM AD . -59.29 -26.67 17.78
ND HEM AD . -61.28 -26.87 15.78
FE HEM AD . -60.48 -25.39 16.66
CHA HEM BD . -61.23 -17.95 11.20
CHB HEM BD . -57.88 -20.51 13.68
CHC HEM BD . -55.50 -16.36 14.60
CHD HEM BD . -59.30 -13.86 12.91
C1A HEM BD . -60.51 -18.97 11.74
C2A HEM BD . -60.83 -20.34 11.61
C3A HEM BD . -59.89 -21.05 12.31
C4A HEM BD . -58.99 -20.13 12.91
CMA HEM BD . -59.84 -22.55 12.44
CAA HEM BD . -62.00 -20.90 10.83
CBA HEM BD . -61.71 -20.97 9.34
CGA HEM BD . -62.94 -21.43 8.60
O1A HEM BD . -64.08 -20.98 8.87
O2A HEM BD . -62.85 -22.28 7.68
C1B HEM BD . -56.85 -19.66 14.16
C2B HEM BD . -55.60 -20.00 14.77
C3B HEM BD . -54.94 -18.80 15.02
C4B HEM BD . -55.78 -17.73 14.52
CMB HEM BD . -55.13 -21.39 15.09
CAB HEM BD . -53.60 -18.49 15.51
CBB HEM BD . -52.50 -19.44 15.22
C1C HEM BD . -56.35 -15.29 14.23
C2C HEM BD . -56.07 -13.93 14.44
C3C HEM BD . -57.16 -13.21 13.96
C4C HEM BD . -58.11 -14.15 13.49
CMC HEM BD . -54.79 -13.39 15.04
CAC HEM BD . -57.40 -11.75 13.86
CBC HEM BD . -56.33 -10.74 14.00
C1D HEM BD . -60.09 -14.81 12.29
C2D HEM BD . -61.27 -14.41 11.51
C3D HEM BD . -61.81 -15.55 11.04
C4D HEM BD . -60.94 -16.64 11.51
CMD HEM BD . -61.82 -13.02 11.28
CAD HEM BD . -63.06 -15.67 10.19
CBD HEM BD . -62.77 -15.97 8.73
CGD HEM BD . -64.06 -15.90 7.94
O1D HEM BD . -64.20 -15.06 7.04
O2D HEM BD . -65.00 -16.70 8.20
NA HEM BD . -59.42 -18.86 12.56
NB HEM BD . -56.84 -18.35 14.08
NC HEM BD . -57.60 -15.39 13.69
ND HEM BD . -59.93 -16.15 12.27
FE HEM BD . -58.55 -17.14 13.10
CHA HEM CD . -53.24 -3.24 13.12
CHB HEM CD . -57.70 -4.82 11.83
CHC HEM CD . -57.75 -7.61 15.80
CHD HEM CD . -53.82 -5.28 17.46
C1A HEM CD . -54.40 -3.48 12.43
C2A HEM CD . -54.74 -2.88 11.19
C3A HEM CD . -55.99 -3.33 10.85
C4A HEM CD . -56.44 -4.19 11.86
CMA HEM CD . -56.75 -2.96 9.59
CAA HEM CD . -53.88 -1.93 10.40
CBA HEM CD . -52.93 -2.72 9.51
CGA HEM CD . -52.42 -1.78 8.47
O1A HEM CD . -51.20 -1.50 8.42
O2A HEM CD . -53.23 -1.27 7.66
C1B HEM CD . -58.17 -5.78 12.76
C2B HEM CD . -59.33 -6.59 12.67
C3B HEM CD . -59.35 -7.38 13.80
C4B HEM CD . -58.14 -7.06 14.57
CMB HEM CD . -60.33 -6.53 11.54
CAB HEM CD . -60.23 -8.49 14.23
CBB HEM CD . -60.82 -9.35 13.18
C1C HEM CD . -56.69 -7.18 16.62
C2C HEM CD . -56.49 -7.60 17.95
C3C HEM CD . -55.38 -6.93 18.44
C4C HEM CD . -54.90 -6.11 17.40
CMC HEM CD . -57.36 -8.61 18.68
CAC HEM CD . -54.71 -7.05 19.76
CBC HEM CD . -54.98 -8.13 20.71
C1D HEM CD . -53.38 -4.57 16.36
C2D HEM CD . -52.10 -3.84 16.41
C3D HEM CD . -51.93 -3.29 15.21
C4D HEM CD . -53.10 -3.69 14.41
CMD HEM CD . -51.15 -3.74 17.59
CAD HEM CD . -50.77 -2.42 14.78
CBD HEM CD . -49.67 -3.27 14.13
CGD HEM CD . -48.63 -2.37 13.52
O1D HEM CD . -48.08 -1.48 14.22
O2D HEM CD . -48.32 -2.48 12.31
NA HEM CD . -55.47 -4.22 12.84
NB HEM CD . -57.56 -6.13 13.86
NC HEM CD . -55.73 -6.24 16.34
ND HEM CD . -53.94 -4.45 15.15
FE HEM CD . -55.57 -5.20 14.57
CU CU1 DD . 31.92 62.23 -15.23
S SO2 ED . 32.79 64.67 -13.32
O1 SO2 ED . 32.99 64.09 -11.93
O2 SO2 ED . 31.70 65.68 -13.06
O6 BU3 FD . 54.06 51.92 -9.74
C3 BU3 FD . 53.14 52.88 -10.29
C4 BU3 FD . 52.42 52.26 -11.48
C2 BU3 FD . 53.86 54.19 -10.66
O5 BU3 FD . 54.22 54.18 -12.05
C1 BU3 FD . 55.12 54.43 -9.83
O6 BU3 GD . 19.58 64.12 -3.80
C3 BU3 GD . 18.97 63.45 -4.92
C4 BU3 GD . 17.47 63.28 -4.65
C2 BU3 GD . 19.72 62.15 -5.22
O5 BU3 GD . 18.85 61.01 -5.35
C1 BU3 GD . 20.80 61.83 -4.19
C ACT HD . 43.88 52.28 -8.68
O ACT HD . 43.74 51.04 -8.63
OXT ACT HD . 43.15 53.06 -8.05
CH3 ACT HD . 44.98 52.85 -9.55
CHA HEM ID . 62.66 60.08 -21.84
CHB HEM ID . 58.69 62.56 -20.47
CHC HEM ID . 60.72 66.61 -22.25
CHD HEM ID . 64.28 63.95 -24.24
C1A HEM ID . 61.47 60.42 -21.28
C2A HEM ID . 60.65 59.52 -20.57
C3A HEM ID . 59.54 60.22 -20.21
C4A HEM ID . 59.65 61.55 -20.69
CMA HEM ID . 58.38 59.67 -19.41
CAA HEM ID . 60.99 58.06 -20.29
CBA HEM ID . 61.83 57.93 -19.01
CGA HEM ID . 63.34 57.78 -19.22
O1A HEM ID . 63.85 57.18 -20.18
O2A HEM ID . 64.11 58.27 -18.37
C1B HEM ID . 58.83 63.95 -20.78
C2B HEM ID . 57.97 65.04 -20.43
C3B HEM ID . 58.55 66.19 -20.95
C4B HEM ID . 59.80 65.77 -21.59
CMB HEM ID . 56.67 64.93 -19.66
CAB HEM ID . 58.23 67.61 -20.81
CBB HEM ID . 57.66 68.05 -19.52
C1C HEM ID . 61.87 66.23 -22.96
C2C HEM ID . 62.68 67.11 -23.70
C3C HEM ID . 63.70 66.36 -24.28
C4C HEM ID . 63.49 65.01 -23.90
CMC HEM ID . 62.47 68.61 -23.83
CAC HEM ID . 64.85 66.80 -25.12
CBC HEM ID . 65.27 68.21 -25.26
C1D HEM ID . 64.08 62.68 -23.69
C2D HEM ID . 65.05 61.60 -23.97
C3D HEM ID . 64.61 60.52 -23.28
C4D HEM ID . 63.37 60.96 -22.60
CMD HEM ID . 66.30 61.63 -24.81
CAD HEM ID . 65.24 59.14 -23.26
CBD HEM ID . 66.25 58.95 -22.13
CGD HEM ID . 66.87 57.56 -22.15
O1D HEM ID . 67.51 57.17 -21.16
O2D HEM ID . 66.78 56.79 -23.14
NA HEM ID . 60.85 61.63 -21.37
NB HEM ID . 59.82 64.48 -21.43
NC HEM ID . 62.38 64.97 -23.13
ND HEM ID . 63.10 62.25 -22.88
FE HEM ID . 61.62 63.24 -22.24
CHA HEM JD . 33.98 63.40 -16.94
CHB HEM JD . 33.27 68.04 -15.62
CHC HEM JD . 35.49 67.17 -11.39
CHD HEM JD . 36.94 62.85 -13.17
C1A HEM JD . 33.56 64.69 -16.90
C2A HEM JD . 32.88 65.33 -17.94
C3A HEM JD . 32.69 66.63 -17.55
C4A HEM JD . 33.27 66.80 -16.29
CMA HEM JD . 31.99 67.71 -18.32
CAA HEM JD . 32.42 64.67 -19.21
CBA HEM JD . 33.61 64.43 -20.14
CGA HEM JD . 33.13 64.00 -21.52
O1A HEM JD . 33.91 63.40 -22.28
O2A HEM JD . 31.97 64.23 -21.91
C1B HEM JD . 33.78 68.30 -14.32
C2B HEM JD . 33.67 69.50 -13.57
C3B HEM JD . 34.30 69.26 -12.36
C4B HEM JD . 34.77 67.87 -12.39
CMB HEM JD . 33.02 70.78 -14.04
CAB HEM JD . 34.49 70.13 -11.19
CBB HEM JD . 33.75 71.38 -10.96
C1C HEM JD . 36.09 65.88 -11.50
C2C HEM JD . 36.88 65.26 -10.53
C3C HEM JD . 37.30 64.03 -11.03
C4C HEM JD . 36.76 63.91 -12.34
CMC HEM JD . 37.20 65.84 -9.18
CAC HEM JD . 38.12 62.95 -10.41
CBC HEM JD . 38.40 62.87 -8.96
C1D HEM JD . 36.21 62.70 -14.35
C2D HEM JD . 36.30 61.46 -15.11
C3D HEM JD . 35.48 61.60 -16.17
C4D HEM JD . 34.88 62.93 -16.01
CMD HEM JD . 37.18 60.29 -14.76
CAD HEM JD . 35.15 60.66 -17.32
CBD HEM JD . 36.17 59.56 -17.60
CGD HEM JD . 35.97 58.35 -16.71
O1D HEM JD . 34.93 58.17 -16.05
O2D HEM JD . 36.89 57.53 -16.63
NA HEM JD . 33.83 65.61 -15.92
NB HEM JD . 34.41 67.44 -13.55
NC HEM JD . 36.04 65.03 -12.59
ND HEM JD . 35.33 63.55 -14.91
FE HEM JD . 34.91 65.29 -14.30
CHA HEM KD . 55.32 56.84 -20.62
CHB HEM KD . 55.91 61.09 -22.91
CHC HEM KD . 51.39 62.33 -21.63
CHD HEM KD . 51.30 58.55 -18.54
C1A HEM KD . 55.82 57.84 -21.40
C2A HEM KD . 56.98 57.75 -22.19
C3A HEM KD . 57.13 58.94 -22.81
C4A HEM KD . 56.07 59.80 -22.41
CMA HEM KD . 58.23 59.34 -23.77
CAA HEM KD . 57.86 56.51 -22.33
CBA HEM KD . 57.18 55.58 -23.35
CGA HEM KD . 57.60 54.13 -23.24
O1A HEM KD . 56.76 53.23 -23.01
O2A HEM KD . 58.80 53.79 -23.40
C1B HEM KD . 54.72 61.85 -22.85
C2B HEM KD . 54.41 63.06 -23.54
C3B HEM KD . 53.12 63.41 -23.17
C4B HEM KD . 52.64 62.38 -22.26
CMB HEM KD . 55.37 63.76 -24.47
CAB HEM KD . 52.22 64.49 -23.61
CBB HEM KD . 52.38 65.09 -24.95
C1C HEM KD . 50.98 61.42 -20.65
C2C HEM KD . 49.77 61.51 -19.93
C3C HEM KD . 49.75 60.44 -19.04
C4C HEM KD . 50.95 59.70 -19.22
CMC HEM KD . 48.73 62.60 -20.13
CAC HEM KD . 48.70 59.99 -18.13
CBC HEM KD . 47.29 60.31 -18.43
C1D HEM KD . 52.39 57.79 -18.91
C2D HEM KD . 52.62 56.46 -18.33
C3D HEM KD . 53.73 55.97 -18.92
C4D HEM KD . 54.17 57.00 -19.87
CMD HEM KD . 51.79 55.76 -17.28
CAD HEM KD . 54.40 54.64 -18.65
CBD HEM KD . 54.44 53.68 -19.83
CGD HEM KD . 53.23 52.79 -19.84
O1D HEM KD . 52.73 52.40 -18.77
O2D HEM KD . 52.72 52.42 -20.92
NA HEM KD . 55.27 59.08 -21.55
NB HEM KD . 53.66 61.57 -22.15
NC HEM KD . 51.67 60.32 -20.17
ND HEM KD . 53.35 58.08 -19.82
FE HEM KD . 53.49 59.66 -20.86
CHA HEM LD . 39.57 59.94 -19.39
CHB HEM LD . 42.96 56.45 -18.82
CHC HEM LD . 45.34 59.27 -15.65
CHD HEM LD . 41.64 62.47 -15.83
C1A HEM LD . 40.31 58.80 -19.53
C2A HEM LD . 40.04 57.77 -20.47
C3A HEM LD . 40.98 56.80 -20.29
C4A HEM LD . 41.85 57.22 -19.25
CMA HEM LD . 41.09 55.51 -21.07
CAA HEM LD . 38.89 57.77 -21.46
CBA HEM LD . 39.15 58.77 -22.60
CGA HEM LD . 37.92 58.97 -23.47
O1A HEM LD . 36.77 58.69 -23.05
O2A HEM LD . 38.05 59.41 -24.63
C1B HEM LD . 43.98 56.85 -17.91
C2B HEM LD . 45.17 56.16 -17.57
C3B HEM LD . 45.87 56.95 -16.67
C4B HEM LD . 45.05 58.17 -16.49
CMB HEM LD . 45.54 54.81 -18.14
CAB HEM LD . 47.19 56.81 -16.02
CBB HEM LD . 48.24 55.95 -16.60
C1C HEM LD . 44.52 60.40 -15.44
C2C HEM LD . 44.89 61.50 -14.64
C3C HEM LD . 43.84 62.42 -14.68
C4C HEM LD . 42.83 61.88 -15.52
CMC HEM LD . 46.20 61.63 -13.89
CAC HEM LD . 43.76 63.77 -14.07
CBC HEM LD . 44.93 64.53 -13.61
C1D HEM LD . 40.81 61.99 -16.83
C2D HEM LD . 39.63 62.76 -17.24
C3D HEM LD . 39.05 62.07 -18.23
C4D HEM LD . 39.88 60.89 -18.43
CMD HEM LD . 39.11 64.08 -16.68
CAD HEM LD . 37.79 62.47 -18.97
CBD HEM LD . 38.20 63.34 -20.17
CGD HEM LD . 36.97 63.76 -20.94
O1D HEM LD . 36.24 62.90 -21.46
O2D HEM LD . 36.67 64.98 -21.05
NA HEM LD . 41.41 58.44 -18.80
NB HEM LD . 44.00 57.98 -17.25
NC HEM LD . 43.27 60.68 -15.95
ND HEM LD . 40.93 60.87 -17.56
FE HEM LD . 42.31 59.56 -17.42
CHA HEM MD . 37.78 51.01 -21.30
CHB HEM MD . 39.87 53.46 -17.61
CHC HEM MD . 41.92 49.32 -16.09
CHD HEM MD . 40.24 47.03 -20.04
C1A HEM MD . 38.13 52.00 -20.41
C2A HEM MD . 37.63 53.33 -20.42
C3A HEM MD . 38.23 54.00 -19.40
C4A HEM MD . 39.10 53.10 -18.73
CMA HEM MD . 38.01 55.43 -19.03
CAA HEM MD . 36.65 53.90 -21.41
CBA HEM MD . 35.22 53.43 -21.16
CGA HEM MD . 34.32 54.21 -22.09
O1A HEM MD . 33.87 55.31 -21.70
O2A HEM MD . 34.03 53.77 -23.23
C1B HEM MD . 40.64 52.59 -16.80
C2B HEM MD . 41.32 52.89 -15.59
C3B HEM MD . 41.92 51.70 -15.17
C4B HEM MD . 41.54 50.67 -16.13
CMB HEM MD . 41.39 54.25 -14.97
CAB HEM MD . 42.64 51.33 -13.95
CBB HEM MD . 42.31 52.03 -12.69
C1C HEM MD . 41.64 48.33 -17.06
C2C HEM MD . 42.12 47.01 -17.00
C3C HEM MD . 41.66 46.35 -18.12
C4C HEM MD . 40.89 47.29 -18.86
CMC HEM MD . 42.97 46.46 -15.88
CAC HEM MD . 41.79 44.93 -18.52
CBC HEM MD . 42.08 43.87 -17.54
C1D HEM MD . 39.43 47.99 -20.65
C2D HEM MD . 38.68 47.62 -21.85
C3D HEM MD . 38.00 48.72 -22.20
C4D HEM MD . 38.33 49.75 -21.22
CMD HEM MD . 38.65 46.29 -22.58
CAD HEM MD . 37.09 48.82 -23.39
CBD HEM MD . 37.91 49.19 -24.63
CGD HEM MD . 37.04 49.22 -25.86
O1D HEM MD . 37.49 48.76 -26.95
O2D HEM MD . 35.88 49.70 -25.84
NA HEM MD . 39.02 51.89 -19.39
NB HEM MD . 40.82 51.32 -17.01
NC HEM MD . 40.91 48.47 -18.20
ND HEM MD . 39.19 49.27 -20.30
FE HEM MD . 39.92 50.20 -18.83
CHA HEM ND . 40.21 36.67 -13.78
CHB HEM ND . 37.46 38.54 -17.39
CHC HEM ND . 41.45 40.66 -19.19
CHD HEM ND . 44.19 37.83 -16.34
C1A HEM ND . 39.14 37.06 -14.55
C2A HEM ND . 37.79 36.76 -14.28
C3A HEM ND . 37.05 37.27 -15.30
C4A HEM ND . 37.91 37.88 -16.23
CMA HEM ND . 35.54 37.22 -15.43
CAA HEM ND . 37.28 36.02 -13.06
CBA HEM ND . 37.19 37.01 -11.89
CGA HEM ND . 36.81 36.34 -10.59
O1A HEM ND . 36.53 37.07 -9.61
O2A HEM ND . 36.79 35.09 -10.45
C1B HEM ND . 38.24 39.36 -18.23
C2B HEM ND . 37.81 40.24 -19.27
C3B HEM ND . 38.96 40.83 -19.77
C4B HEM ND . 40.09 40.33 -19.01
CMB HEM ND . 36.37 40.40 -19.70
CAB HEM ND . 39.16 41.88 -20.75
CBB HEM ND . 38.15 42.94 -20.89
C1C HEM ND . 42.56 40.04 -18.58
C2C HEM ND . 43.91 40.24 -18.95
C3C HEM ND . 44.70 39.42 -18.15
C4C HEM ND . 43.81 38.72 -17.30
CMC HEM ND . 44.39 41.19 -20.03
CAC HEM ND . 46.17 39.27 -18.05
CBC HEM ND . 47.14 40.27 -18.57
C1D HEM ND . 43.28 37.33 -15.42
C2D HEM ND . 43.76 36.58 -14.25
C3D HEM ND . 42.67 36.26 -13.54
C4D HEM ND . 41.52 36.84 -14.24
CMD HEM ND . 45.19 36.22 -13.93
CAD HEM ND . 42.66 35.49 -12.25
CBD HEM ND . 42.69 33.99 -12.50
CGD HEM ND . 42.23 33.34 -11.22
O1D HEM ND . 43.01 33.19 -10.25
O2D HEM ND . 41.04 32.96 -11.14
NA HEM ND . 39.20 37.71 -15.76
NB HEM ND . 39.55 39.50 -18.17
NC HEM ND . 42.54 39.09 -17.59
ND HEM ND . 41.94 37.46 -15.37
FE HEM ND . 40.85 38.38 -16.64
CHA HEM OD . 32.57 34.17 -17.04
CHB HEM OD . 36.24 35.60 -19.91
CHC HEM OD . 32.94 36.60 -23.38
CHD HEM OD . 29.37 36.03 -20.14
C1A HEM OD . 33.82 34.41 -17.54
C2A HEM OD . 35.04 34.16 -16.86
C3A HEM OD . 36.04 34.58 -17.67
C4A HEM OD . 35.48 35.11 -18.85
CMA HEM OD . 37.52 34.49 -17.38
CAA HEM OD . 35.17 33.54 -15.49
CBA HEM OD . 35.01 32.02 -15.55
CGA HEM OD . 35.14 31.43 -14.18
O1A HEM OD . 34.44 31.86 -13.23
O2A HEM OD . 35.96 30.51 -13.96
C1B HEM OD . 35.73 35.97 -21.19
C2B HEM OD . 36.46 36.29 -22.37
C3B HEM OD . 35.51 36.57 -23.35
C4B HEM OD . 34.19 36.40 -22.75
CMB HEM OD . 37.96 36.30 -22.46
CAB HEM OD . 35.59 36.82 -24.78
CBB HEM OD . 36.62 36.11 -25.55
C1C HEM OD . 31.67 36.55 -22.79
C2C HEM OD . 30.45 36.87 -23.44
C3C HEM OD . 29.42 36.70 -22.51
C4C HEM OD . 30.03 36.31 -21.30
CMC HEM OD . 30.33 37.28 -24.89
CAC HEM OD . 27.95 36.84 -22.63
CBC HEM OD . 27.23 36.84 -23.93
C1D HEM OD . 30.01 35.44 -19.07
C2D HEM OD . 29.22 34.95 -17.91
C3D HEM OD . 30.11 34.43 -17.04
C4D HEM OD . 31.43 34.59 -17.69
CMD HEM OD . 27.73 35.03 -17.69
CAD HEM OD . 29.77 33.84 -15.69
CBD HEM OD . 29.74 32.30 -15.72
CGD HEM OD . 29.46 31.76 -14.33
O1D HEM OD . 28.58 30.89 -14.16
O2D HEM OD . 30.12 32.17 -13.36
NA HEM OD . 34.10 35.02 -18.72
NB HEM OD . 34.46 36.08 -21.51
NC HEM OD . 31.37 36.24 -21.48
ND HEM OD . 31.32 35.21 -18.88
FE HEM OD . 32.74 35.61 -20.06
CHA HEM PD . 20.76 36.32 -28.62
CHB HEM PD . 20.97 35.67 -23.78
CHC HEM PD . 24.20 39.31 -23.48
CHD HEM PD . 23.18 40.46 -28.09
C1A HEM PD . 20.60 35.80 -27.36
C2A HEM PD . 19.76 34.72 -27.04
C3A HEM PD . 19.80 34.56 -25.69
C4A HEM PD . 20.67 35.54 -25.15
CMA HEM PD . 19.08 33.51 -24.89
CAA HEM PD . 18.93 33.92 -28.03
CBA HEM PD . 19.75 32.88 -28.80
CGA HEM PD . 18.82 31.86 -29.41
O1A HEM PD . 18.77 31.71 -30.65
O2A HEM PD . 18.07 31.18 -28.68
C1B HEM PD . 21.91 36.55 -23.19
C2B HEM PD . 22.37 36.59 -21.84
C3B HEM PD . 23.29 37.63 -21.76
C4B HEM PD . 23.41 38.20 -23.10
CMB HEM PD . 21.91 35.67 -20.74
CAB HEM PD . 24.17 38.08 -20.68
CBB HEM PD . 24.61 37.14 -19.63
C1C HEM PD . 24.18 39.97 -24.74
C2C HEM PD . 24.86 41.19 -25.03
C3C HEM PD . 24.54 41.52 -26.35
C4C HEM PD . 23.69 40.50 -26.83
CMC HEM PD . 25.75 41.96 -24.09
CAC HEM PD . 25.05 42.60 -27.21
CBC HEM PD . 26.34 43.26 -26.97
C1D HEM PD . 22.46 39.37 -28.57
C2D HEM PD . 22.12 39.30 -29.98
C3D HEM PD . 21.45 38.16 -30.13
C4D HEM PD . 21.40 37.52 -28.81
CMD HEM PD . 22.41 40.29 -31.08
CAD HEM PD . 20.87 37.65 -31.43
CBD HEM PD . 21.93 36.90 -32.23
CGD HEM PD . 21.21 36.22 -33.37
O1D HEM PD . 21.46 36.55 -34.56
O2D HEM PD . 20.36 35.33 -33.13
NA HEM PD . 21.10 36.32 -26.21
NB HEM PD . 22.55 37.51 -23.80
NC HEM PD . 23.46 39.62 -25.85
ND HEM PD . 22.02 38.30 -27.89
FE HEM PD . 22.25 37.94 -26.06
CU CU1 QD . 76.47 52.08 -35.60
S SX RD . 76.51 55.28 -34.99
O SX RD . 75.57 56.11 -35.70
O6 BU3 SD . 60.32 52.41 -20.05
C3 BU3 SD . 59.56 52.75 -18.88
C4 BU3 SD . 58.58 53.88 -19.22
C2 BU3 SD . 60.51 53.13 -17.74
O5 BU3 SD . 60.79 54.53 -17.69
C1 BU3 SD . 61.82 52.38 -17.90
O6 BU3 TD . 75.51 59.76 -50.32
C3 BU3 TD . 75.34 58.52 -51.02
C4 BU3 TD . 75.21 58.80 -52.53
C2 BU3 TD . 74.14 57.76 -50.45
O5 BU3 TD . 73.61 56.83 -51.41
C1 BU3 TD . 73.01 58.69 -49.99
C ACT UD . 61.28 52.59 -28.28
O ACT UD . 61.62 53.36 -29.20
OXT ACT UD . 60.50 51.62 -28.48
CH3 ACT UD . 61.84 52.83 -26.90
CHA HEM VD . 68.91 51.27 -5.29
CHB HEM VD . 71.29 53.00 -9.16
CHC HEM VD . 74.73 54.82 -6.21
CHD HEM VD . 72.79 52.19 -2.55
C1A HEM VD . 69.24 51.65 -6.56
C2A HEM VD . 68.42 51.42 -7.69
C3A HEM VD . 69.10 51.91 -8.77
C4A HEM VD . 70.34 52.40 -8.31
CMA HEM VD . 68.65 51.92 -10.21
CAA HEM VD . 67.04 50.79 -7.64
CBA HEM VD . 65.98 51.84 -7.24
CGA HEM VD . 65.53 51.81 -5.79
O1A HEM VD . 65.54 50.75 -5.10
O2A HEM VD . 65.13 52.87 -5.28
C1B HEM VD . 72.44 53.70 -8.75
C2B HEM VD . 73.27 54.48 -9.57
C3B HEM VD . 74.26 55.00 -8.79
C4B HEM VD . 74.00 54.58 -7.40
CMB HEM VD . 73.15 54.70 -11.05
CAB HEM VD . 75.16 55.96 -9.42
CBB HEM VD . 75.44 57.23 -8.72
C1C HEM VD . 74.50 54.22 -4.93
C2C HEM VD . 75.36 54.35 -3.79
C3C HEM VD . 74.80 53.61 -2.74
C4C HEM VD . 73.62 52.99 -3.25
CMC HEM VD . 76.62 55.16 -3.72
CAC HEM VD . 75.24 53.41 -1.33
CBC HEM VD . 76.27 54.22 -0.64
C1D HEM VD . 71.55 51.75 -3.05
C2D HEM VD . 70.59 51.06 -2.19
C3D HEM VD . 69.50 50.82 -2.95
C4D HEM VD . 69.83 51.38 -4.27
CMD HEM VD . 70.72 50.67 -0.74
CAD HEM VD . 68.26 50.08 -2.53
CBD HEM VD . 67.19 50.96 -1.86
CGD HEM VD . 65.94 50.13 -1.63
O1D HEM VD . 64.87 50.70 -1.33
O2D HEM VD . 65.96 48.88 -1.71
NA HEM VD . 70.41 52.21 -6.94
NB HEM VD . 72.94 53.83 -7.53
NC HEM VD . 73.49 53.37 -4.55
ND HEM VD . 71.06 51.92 -4.28
FE HEM VD . 71.90 52.76 -5.74
CHA HEM WD . 77.70 51.92 -33.07
CHB HEM WD . 80.64 55.78 -33.57
CHC HEM WD . 76.87 58.77 -32.93
CHD HEM WD . 74.17 54.90 -31.64
C1A HEM WD . 78.78 52.70 -33.31
C2A HEM WD . 80.09 52.23 -33.57
C3A HEM WD . 80.88 53.33 -33.70
C4A HEM WD . 80.09 54.47 -33.51
CMA HEM WD . 82.36 53.39 -33.99
CAA HEM WD . 80.49 50.78 -33.71
CBA HEM WD . 80.55 50.15 -32.31
CGA HEM WD . 81.10 48.75 -32.27
O1A HEM WD . 80.79 48.03 -31.29
O2A HEM WD . 81.85 48.28 -33.15
C1B HEM WD . 79.94 56.99 -33.47
C2B HEM WD . 80.46 58.30 -33.66
C3B HEM WD . 79.41 59.18 -33.48
C4B HEM WD . 78.20 58.36 -33.20
CMB HEM WD . 81.91 58.61 -33.98
CAB HEM WD . 79.34 60.65 -33.58
CBB HEM WD . 80.38 61.48 -34.21
C1C HEM WD . 75.78 57.96 -32.52
C2C HEM WD . 74.50 58.42 -32.17
C3C HEM WD . 73.72 57.32 -31.79
C4C HEM WD . 74.55 56.19 -31.90
CMC HEM WD . 74.07 59.87 -32.21
CAC HEM WD . 72.30 57.22 -31.37
CBC HEM WD . 71.31 58.31 -31.47
C1D HEM WD . 74.96 53.81 -31.95
C2D HEM WD . 74.43 52.44 -31.77
C3D HEM WD . 75.41 51.60 -32.17
C4D HEM WD . 76.51 52.48 -32.60
CMD HEM WD . 73.06 52.10 -31.24
CAD HEM WD . 75.45 50.08 -32.24
CBD HEM WD . 74.44 49.35 -31.34
CGD HEM WD . 73.09 49.19 -32.00
O1D HEM WD . 72.95 49.20 -33.24
O2D HEM WD . 72.07 49.04 -31.28
NA HEM WD . 78.81 54.07 -33.26
NB HEM WD . 78.66 57.13 -33.24
NC HEM WD . 75.77 56.59 -32.35
ND HEM WD . 76.20 53.78 -32.45
FE HEM WD . 77.30 55.28 -32.81
CHA HEM XD . 68.10 48.74 -12.96
CHB HEM XD . 72.50 49.85 -11.08
CHC HEM XD . 74.06 50.81 -15.57
CHD HEM XD . 69.47 50.69 -17.16
C1A HEM XD . 69.16 48.88 -12.12
C2A HEM XD . 69.16 48.50 -10.76
C3A HEM XD . 70.39 48.82 -10.25
C4A HEM XD . 71.16 49.43 -11.27
CMA HEM XD . 70.86 48.57 -8.84
CAA HEM XD . 68.02 47.80 -10.08
CBA HEM XD . 68.18 46.32 -10.45
CGA HEM XD . 66.91 45.50 -10.32
O1A HEM XD . 66.46 44.88 -11.32
O2A HEM XD . 66.30 45.41 -9.23
C1B HEM XD . 73.41 50.19 -12.11
C2B HEM XD . 74.81 50.39 -12.03
C3B HEM XD . 75.25 50.68 -13.32
C4B HEM XD . 74.07 50.59 -14.19
CMB HEM XD . 75.65 50.35 -10.78
CAB HEM XD . 76.57 50.89 -13.90
CBB HEM XD . 77.76 50.28 -13.28
C1C HEM XD . 72.92 50.89 -16.39
C2C HEM XD . 72.96 51.29 -17.74
C3C HEM XD . 71.65 51.27 -18.19
C4C HEM XD . 70.82 50.85 -17.13
CMC HEM XD . 74.23 51.66 -18.50
CAC HEM XD . 71.13 51.51 -19.55
CBC HEM XD . 72.01 51.30 -20.70
C1D HEM XD . 68.78 50.12 -16.11
C2D HEM XD . 67.37 49.77 -16.27
C3D HEM XD . 66.98 49.20 -15.12
C4D HEM XD . 68.17 49.22 -14.26
CMD HEM XD . 66.51 49.98 -17.50
CAD HEM XD . 65.60 48.68 -14.76
CBD HEM XD . 65.56 47.18 -14.53
CGD HEM XD . 65.25 46.42 -15.80
O1D HEM XD . 64.55 46.91 -16.71
O2D HEM XD . 65.72 45.29 -15.94
NA HEM XD . 70.36 49.45 -12.40
NB HEM XD . 73.10 50.32 -13.38
NC HEM XD . 71.62 50.65 -16.06
ND HEM XD . 69.21 49.77 -14.89
FE HEM XD . 70.95 50.02 -14.20
CHA HEM YD . 74.67 48.91 -27.63
CHB HEM YD . 70.64 47.69 -25.13
CHC HEM YD . 70.25 52.26 -23.56
CHD HEM YD . 73.95 53.52 -26.46
C1A HEM YD . 73.66 48.20 -27.04
C2A HEM YD . 73.51 46.80 -27.15
C3A HEM YD . 72.39 46.47 -26.46
C4A HEM YD . 71.81 47.65 -25.92
CMA HEM YD . 71.83 45.08 -26.30
CAA HEM YD . 74.45 45.88 -27.90
CBA HEM YD . 75.80 45.74 -27.15
CGA HEM YD . 76.81 44.94 -27.95
O1A HEM YD . 76.73 44.87 -29.19
O2A HEM YD . 77.77 44.35 -27.38
C1B HEM YD . 70.10 48.80 -24.42
C2B HEM YD . 69.02 48.84 -23.50
C3B HEM YD . 68.89 50.14 -23.04
C4B HEM YD . 69.97 50.90 -23.70
CMB HEM YD . 68.15 47.66 -23.13
CAB HEM YD . 67.98 50.73 -22.04
CBB HEM YD . 67.27 49.92 -21.03
C1C HEM YD . 71.25 53.01 -24.21
C2C HEM YD . 71.53 54.37 -23.99
C3C HEM YD . 72.60 54.73 -24.82
C4C HEM YD . 72.95 53.58 -25.55
CMC HEM YD . 70.80 55.26 -23.01
CAC HEM YD . 73.32 56.01 -24.96
CBC HEM YD . 73.29 57.12 -23.97
C1D HEM YD . 74.40 52.32 -26.98
C2D HEM YD . 75.59 52.31 -27.84
C3D HEM YD . 75.79 51.04 -28.16
C4D HEM YD . 74.74 50.27 -27.49
CMD HEM YD . 76.43 53.47 -28.30
CAD HEM YD . 76.91 50.55 -29.02
CBD HEM YD . 78.08 50.34 -28.08
CGD HEM YD . 79.29 49.89 -28.85
O1D HEM YD . 79.23 48.84 -29.54
O2D HEM YD . 80.33 50.58 -28.81
NA HEM YD . 72.62 48.70 -26.32
NB HEM YD . 70.58 50.02 -24.46
NC HEM YD . 72.14 52.56 -25.17
ND HEM YD . 73.92 51.08 -26.82
FE HEM YD . 72.42 50.59 -25.77
CHA HEM ZD . 69.62 41.44 -29.93
CHB HEM ZD . 68.68 46.10 -28.83
CHC HEM ZD . 64.04 44.96 -28.02
CHD HEM ZD . 65.12 40.24 -28.59
C1A HEM ZD . 69.74 42.78 -29.75
C2A HEM ZD . 70.91 43.51 -30.00
C3A HEM ZD . 70.63 44.81 -29.68
C4A HEM ZD . 69.29 44.90 -29.22
CMA HEM ZD . 71.60 45.97 -29.82
CAA HEM ZD . 72.23 42.95 -30.51
CBA HEM ZD . 72.24 42.76 -32.04
CGA HEM ZD . 73.63 42.36 -32.51
O1A HEM ZD . 74.53 43.23 -32.70
O2A HEM ZD . 73.91 41.17 -32.74
C1B HEM ZD . 67.32 46.28 -28.51
C2B HEM ZD . 66.65 47.50 -28.23
C3B HEM ZD . 65.33 47.18 -27.98
C4B HEM ZD . 65.20 45.73 -28.16
CMB HEM ZD . 67.31 48.85 -28.19
CAB HEM ZD . 64.15 48.02 -27.77
CBB HEM ZD . 64.11 49.37 -28.38
C1C HEM ZD . 63.94 43.54 -28.09
C2C HEM ZD . 62.75 42.82 -27.86
C3C HEM ZD . 63.05 41.47 -28.01
C4C HEM ZD . 64.42 41.39 -28.35
CMC HEM ZD . 61.42 43.45 -27.49
CAC HEM ZD . 62.16 40.27 -27.93
CBC HEM ZD . 60.70 40.38 -28.07
C1D HEM ZD . 66.45 40.25 -29.02
C2D HEM ZD . 67.11 39.00 -29.40
C3D HEM ZD . 68.34 39.32 -29.77
C4D HEM ZD . 68.43 40.78 -29.63
CMD HEM ZD . 66.54 37.60 -29.39
CAD HEM ZD . 69.40 38.36 -30.23
CBD HEM ZD . 70.13 37.80 -29.00
CGD HEM ZD . 71.14 36.73 -29.38
O1D HEM ZD . 71.28 35.73 -28.66
O2D HEM ZD . 71.84 36.85 -30.40
NA HEM ZD . 68.77 43.62 -29.26
NB HEM ZD . 66.41 45.34 -28.45
NC HEM ZD . 64.93 42.64 -28.37
ND HEM ZD . 67.28 41.29 -29.16
FE HEM ZD . 66.91 43.12 -28.83
CHA HEM AE . 53.74 38.25 -32.20
CHB HEM AE . 58.07 36.29 -33.28
CHC HEM AE . 59.42 36.97 -28.64
CHD HEM AE . 54.75 37.74 -27.49
C1A HEM AE . 54.81 37.74 -32.87
C2A HEM AE . 54.84 37.57 -34.27
C3A HEM AE . 56.04 37.01 -34.57
C4A HEM AE . 56.76 36.81 -33.36
CMA HEM AE . 56.52 36.66 -35.96
CAA HEM AE . 53.74 37.97 -35.23
CBA HEM AE . 53.77 39.49 -35.42
CGA HEM AE . 52.66 39.99 -36.33
O1A HEM AE . 52.71 41.16 -36.76
O2A HEM AE . 51.70 39.27 -36.66
C1B HEM AE . 58.92 36.31 -32.14
C2B HEM AE . 60.32 36.03 -32.06
C3B HEM AE . 60.69 36.23 -30.74
C4B HEM AE . 59.51 36.68 -30.01
CMB HEM AE . 61.17 35.58 -33.22
CAB HEM AE . 61.99 36.21 -30.07
CBB HEM AE . 63.18 36.58 -30.86
C1C HEM AE . 58.25 37.22 -27.90
C2C HEM AE . 58.16 37.30 -26.50
C3C HEM AE . 56.82 37.50 -26.16
C4C HEM AE . 56.10 37.53 -27.38
CMC HEM AE . 59.35 37.19 -25.57
CAC HEM AE . 56.16 37.73 -24.85
CBC HEM AE . 56.88 38.11 -23.62
C1D HEM AE . 54.15 37.98 -28.72
C2D HEM AE . 52.75 38.46 -28.80
C3D HEM AE . 52.48 38.60 -30.10
C4D HEM AE . 53.70 38.24 -30.82
CMD HEM AE . 51.80 38.72 -27.66
CAD HEM AE . 51.18 39.08 -30.70
CBD HEM AE . 50.11 38.00 -30.85
CGD HEM AE . 48.78 38.71 -31.03
O1D HEM AE . 47.80 38.43 -30.31
O2D HEM AE . 48.66 39.63 -31.88
NA HEM AE . 55.95 37.25 -32.33
NB HEM AE . 58.58 36.66 -30.92
NC HEM AE . 56.97 37.33 -28.39
ND HEM AE . 54.66 37.86 -29.96
FE HEM AE . 56.42 37.30 -30.40
CHA HEM BE . 55.96 32.97 -38.64
CHB HEM BE . 57.64 32.22 -34.10
CHC HEM BE . 61.40 29.73 -35.94
CHD HEM BE . 60.16 31.32 -40.39
C1A HEM BE . 56.07 32.91 -37.28
C2A HEM BE . 55.13 33.45 -36.38
C3A HEM BE . 55.62 33.25 -35.12
C4A HEM BE . 56.87 32.60 -35.22
CMA HEM BE . 54.96 33.64 -33.82
CAA HEM BE . 53.84 34.13 -36.77
CBA HEM BE . 52.80 33.13 -37.24
CGA HEM BE . 51.47 33.82 -37.38
O1A HEM BE . 51.35 34.86 -38.07
O2A HEM BE . 50.47 33.34 -36.81
C1B HEM BE . 58.82 31.43 -34.11
C2B HEM BE . 59.51 30.87 -33.01
C3B HEM BE . 60.58 30.16 -33.53
C4B HEM BE . 60.51 30.28 -34.99
CMB HEM BE . 59.11 31.06 -31.57
CAB HEM BE . 61.57 29.29 -32.92
CBB HEM BE . 61.15 28.51 -31.72
C1C HEM BE . 61.40 29.98 -37.34
C2C HEM BE . 62.39 29.53 -38.23
C3C HEM BE . 62.05 30.00 -39.51
C4C HEM BE . 60.85 30.73 -39.38
CMC HEM BE . 63.59 28.70 -37.85
CAC HEM BE . 62.71 29.78 -40.82
CBC HEM BE . 63.86 28.87 -41.04
C1D HEM BE . 58.90 31.86 -40.22
C2D HEM BE . 58.12 32.32 -41.38
C3D HEM BE . 56.95 32.78 -40.90
C4D HEM BE . 57.02 32.57 -39.45
CMD HEM BE . 58.52 32.31 -42.83
CAD HEM BE . 55.82 33.37 -41.70
CBD HEM BE . 54.70 32.34 -41.86
CGD HEM BE . 53.54 32.91 -42.64
O1D HEM BE . 53.03 32.27 -43.58
O2D HEM BE . 53.07 34.03 -42.35
NA HEM BE . 57.14 32.44 -36.57
NB HEM BE . 59.47 31.04 -35.19
NC HEM BE . 60.49 30.72 -38.07
ND HEM BE . 58.20 32.03 -39.09
FE HEM BE . 58.77 31.60 -37.33
CHA HEM CE . 67.99 23.79 -45.80
CHB HEM CE . 64.54 27.02 -47.04
CHC HEM CE . 66.26 30.05 -43.66
CHD HEM CE . 70.10 27.14 -43.04
C1A HEM CE . 66.90 24.37 -46.37
C2A HEM CE . 66.12 23.79 -47.38
C3A HEM CE . 65.16 24.71 -47.73
C4A HEM CE . 65.36 25.88 -46.94
CMA HEM CE . 64.08 24.54 -48.76
CAA HEM CE . 66.30 22.41 -47.99
CBA HEM CE . 65.55 21.32 -47.21
CGA HEM CE . 65.58 19.99 -47.94
O1A HEM CE . 66.64 19.34 -48.03
O2A HEM CE . 64.54 19.52 -48.44
C1B HEM CE . 64.62 28.19 -46.23
C2B HEM CE . 63.72 29.30 -46.18
C3B HEM CE . 64.22 30.16 -45.22
C4B HEM CE . 65.42 29.53 -44.67
CMB HEM CE . 62.49 29.47 -47.05
CAB HEM CE . 63.70 31.41 -44.65
CBB HEM CE . 62.25 31.71 -44.66
C1C HEM CE . 67.49 29.52 -43.22
C2C HEM CE . 68.36 30.18 -42.33
C3C HEM CE . 69.47 29.35 -42.16
C4C HEM CE . 69.25 28.20 -42.95
CMC HEM CE . 68.11 31.53 -41.69
CAC HEM CE . 70.64 29.48 -41.28
CBC HEM CE . 70.58 30.30 -40.04
C1D HEM CE . 69.77 25.99 -43.75
C2D HEM CE . 70.65 24.82 -43.69
C3D HEM CE . 70.06 23.87 -44.45
C4D HEM CE . 68.82 24.50 -44.96
CMD HEM CE . 71.94 24.72 -42.92
CAD HEM CE . 70.54 22.47 -44.77
CBD HEM CE . 71.19 21.69 -43.63
CGD HEM CE . 70.17 21.30 -42.60
O1D HEM CE . 69.93 22.05 -41.61
O2D HEM CE . 69.57 20.21 -42.73
NA HEM CE . 66.47 25.65 -46.14
NB HEM CE . 65.54 28.42 -45.33
NC HEM CE . 68.08 28.34 -43.58
ND HEM CE . 68.70 25.76 -44.52
FE HEM CE . 67.28 26.94 -44.90
CU CU1 DE . -15.30 17.42 -42.00
S SX EE . -17.03 19.18 -43.77
O SX EE . -18.16 18.72 -44.50
O6 BU3 FE . -28.92 28.10 -27.17
C3 BU3 FE . -30.08 28.60 -26.48
C4 BU3 FE . -31.30 27.74 -26.77
C2 BU3 FE . -30.33 30.04 -26.89
O5 BU3 FE . -30.59 30.12 -28.28
C1 BU3 FE . -29.14 30.92 -26.55
O6 BU3 GE . -20.33 6.97 -53.37
C3 BU3 GE . -19.48 6.06 -52.66
C4 BU3 GE . -19.19 4.85 -53.56
C2 BU3 GE . -20.12 5.69 -51.31
O5 BU3 GE . -19.84 4.33 -50.92
C1 BU3 GE . -21.64 5.91 -51.27
C ACT HE . -28.34 20.20 -31.23
O ACT HE . -28.32 19.53 -30.18
OXT ACT HE . -28.80 19.74 -32.30
CH3 ACT HE . -27.79 21.59 -31.24
CHA HEM IE . -21.93 42.55 -24.07
CHB HEM IE . -21.06 40.31 -28.28
CHC HEM IE . -19.21 44.43 -30.12
CHD HEM IE . -19.52 46.43 -25.66
C1A HEM IE . -21.88 41.64 -25.07
C2A HEM IE . -22.43 40.33 -24.97
C3A HEM IE . -22.16 39.70 -26.16
C4A HEM IE . -21.47 40.62 -26.99
CMA HEM IE . -22.54 38.30 -26.54
CAA HEM IE . -23.15 39.77 -23.77
CBA HEM IE . -24.66 40.06 -23.85
CGA HEM IE . -25.13 41.31 -23.12
O1A HEM IE . -24.62 41.66 -22.03
O2A HEM IE . -26.05 42.01 -23.60
C1B HEM IE . -20.50 41.20 -29.22
C2B HEM IE . -20.23 40.93 -30.57
C3B HEM IE . -19.69 42.04 -31.13
C4B HEM IE . -19.66 43.10 -30.08
CMB HEM IE . -20.45 39.65 -31.32
CAB HEM IE . -19.48 42.01 -32.58
CBB HEM IE . -19.96 43.14 -33.38
C1C HEM IE . -19.12 45.35 -29.03
C2C HEM IE . -18.52 46.64 -29.09
C3C HEM IE . -18.60 47.23 -27.82
C4C HEM IE . -19.24 46.27 -26.98
CMC HEM IE . -17.92 47.29 -30.32
CAC HEM IE . -18.20 48.58 -27.34
CBC HEM IE . -17.90 49.72 -28.23
C1D HEM IE . -20.22 45.49 -24.91
C2D HEM IE . -20.61 45.78 -23.52
C3D HEM IE . -21.29 44.72 -23.09
C4D HEM IE . -21.31 43.78 -24.23
CMD HEM IE . -20.33 47.02 -22.69
CAD HEM IE . -21.88 44.51 -21.71
CBD HEM IE . -23.35 44.90 -21.58
CGD HEM IE . -23.84 44.67 -20.17
O1D HEM IE . -25.05 44.85 -19.89
O2D HEM IE . -23.07 44.30 -19.24
NA HEM IE . -21.28 41.78 -26.28
NB HEM IE . -20.14 42.45 -29.03
NC HEM IE . -19.50 45.17 -27.73
ND HEM IE . -20.65 44.29 -25.29
FE HEM IE . -20.42 43.46 -26.97
CHA HEM JE . -14.29 20.10 -41.17
CHB HEM JE . -14.05 21.76 -45.76
CHC HEM JE . -18.87 22.31 -45.84
CHD HEM JE . -18.94 21.42 -41.05
C1A HEM JE . -13.84 20.45 -42.41
C2A HEM JE . -12.49 20.44 -42.82
C3A HEM JE . -12.45 20.92 -44.10
C4A HEM JE . -13.76 21.24 -44.50
CMA HEM JE . -11.25 21.08 -45.00
CAA HEM JE . -11.31 19.96 -42.00
CBA HEM JE . -11.04 20.90 -40.82
CGA HEM JE . -9.73 20.56 -40.17
O1A HEM JE . -9.37 21.17 -39.15
O2A HEM JE . -9.00 19.67 -40.63
C1B HEM JE . -15.33 22.07 -46.28
C2B HEM JE . -15.65 22.48 -47.60
C3B HEM JE . -17.04 22.64 -47.63
C4B HEM JE . -17.54 22.29 -46.29
CMB HEM JE . -14.67 22.71 -48.72
CAB HEM JE . -17.95 23.00 -48.70
CBB HEM JE . -17.61 22.85 -50.11
C1C HEM JE . -19.31 22.11 -44.51
C2C HEM JE . -20.65 22.24 -44.07
C3C HEM JE . -20.68 21.99 -42.70
C4C HEM JE . -19.34 21.72 -42.31
CMC HEM JE . -21.82 22.58 -44.97
CAC HEM JE . -21.81 21.93 -41.74
CBC HEM JE . -23.21 21.78 -42.16
C1D HEM JE . -17.65 20.99 -40.74
C2D HEM JE . -17.33 20.55 -39.40
C3D HEM JE . -16.04 20.16 -39.41
C4D HEM JE . -15.59 20.38 -40.80
CMD HEM JE . -18.29 20.52 -38.24
CAD HEM JE . -15.18 19.59 -38.29
CBD HEM JE . -15.64 19.86 -36.85
CGD HEM JE . -16.64 18.85 -36.31
O1D HEM JE . -16.68 17.67 -36.70
O2D HEM JE . -17.46 19.23 -35.44
NA HEM JE . -14.59 20.97 -43.42
NB HEM JE . -16.46 21.98 -45.62
NC HEM JE . -18.56 21.80 -43.40
ND HEM JE . -16.59 20.87 -41.56
FE HEM JE . -16.53 21.36 -43.39
CHA HEM KE . -20.95 34.54 -25.20
CHB HEM KE . -18.10 37.82 -27.43
CHC HEM KE . -17.17 34.52 -30.90
CHD HEM KE . -20.84 31.81 -29.19
C1A HEM KE . -20.20 35.65 -25.48
C2A HEM KE . -20.01 36.72 -24.59
C3A HEM KE . -19.22 37.64 -25.21
C4A HEM KE . -18.93 37.16 -26.51
CMA HEM KE . -18.73 38.96 -24.64
CAA HEM KE . -20.57 36.77 -23.18
CBA HEM KE . -19.63 35.87 -22.34
CGA HEM KE . -20.23 35.46 -21.03
O1A HEM KE . -20.26 34.24 -20.70
O2A HEM KE . -20.70 36.30 -20.25
C1B HEM KE . -17.50 37.26 -28.58
C2B HEM KE . -16.46 37.79 -29.41
C3B HEM KE . -16.20 36.85 -30.39
C4B HEM KE . -17.08 35.71 -30.13
CMB HEM KE . -15.81 39.14 -29.22
CAB HEM KE . -15.20 36.80 -31.46
CBB HEM KE . -13.94 37.56 -31.33
C1C HEM KE . -18.12 33.50 -30.74
C2C HEM KE . -18.27 32.41 -31.63
C3C HEM KE . -19.33 31.64 -31.16
C4C HEM KE . -19.82 32.26 -29.98
CMC HEM KE . -17.41 32.17 -32.85
CAC HEM KE . -19.82 30.36 -31.68
CBC HEM KE . -19.02 29.53 -32.60
C1D HEM KE . -21.12 32.37 -27.94
C2D HEM KE . -22.06 31.71 -27.02
C3D HEM KE . -22.08 32.45 -25.90
C4D HEM KE . -21.14 33.56 -26.15
CMD HEM KE . -22.86 30.45 -27.24
CAD HEM KE . -22.92 32.22 -24.66
CBD HEM KE . -22.12 31.98 -23.38
CGD HEM KE . -21.89 30.51 -23.14
O1D HEM KE . -22.76 29.66 -23.44
O2D HEM KE . -20.81 30.15 -22.63
NA HEM KE . -19.55 35.93 -26.64
NB HEM KE . -17.77 36.08 -29.09
NC HEM KE . -19.09 33.38 -29.77
ND HEM KE . -20.60 33.47 -27.38
FE HEM KE . -19.34 34.65 -28.16
CHA HEM LE . -15.23 23.13 -35.05
CHB HEM LE . -17.86 23.90 -31.00
CHC HEM LE . -20.85 26.76 -33.52
CHD HEM LE . -18.46 25.63 -37.63
C1A HEM LE . -15.66 23.14 -33.75
C2A HEM LE . -15.01 22.50 -32.68
C3A HEM LE . -15.75 22.73 -31.56
C4A HEM LE . -16.88 23.49 -31.93
CMA HEM LE . -15.48 22.25 -30.16
CAA HEM LE . -13.70 21.74 -32.79
CBA HEM LE . -12.54 22.74 -32.98
CGA HEM LE . -11.21 22.08 -33.29
O1A HEM LE . -11.15 20.93 -33.78
O2A HEM LE . -10.16 22.71 -33.07
C1B HEM LE . -18.94 24.77 -31.25
C2B HEM LE . -19.88 25.29 -30.30
C3B HEM LE . -20.75 26.11 -31.01
C4B HEM LE . -20.29 26.08 -32.42
CMB HEM LE . -19.90 24.96 -28.83
CAB HEM LE . -21.88 26.96 -30.56
CBB HEM LE . -22.07 27.38 -29.17
C1C HEM LE . -20.42 26.71 -34.87
C2C HEM LE . -21.01 27.47 -35.91
C3C HEM LE . -20.34 27.16 -37.09
C4C HEM LE . -19.35 26.20 -36.75
CMC HEM LE . -22.16 28.44 -35.75
CAC HEM LE . -20.52 27.70 -38.46
CBC HEM LE . -21.26 28.94 -38.78
C1D HEM LE . -17.39 24.85 -37.19
C2D HEM LE . -16.40 24.38 -38.15
C3D HEM LE . -15.51 23.68 -37.44
C4D HEM LE . -15.96 23.75 -36.04
CMD HEM LE . -16.35 24.59 -39.65
CAD HEM LE . -14.28 23.01 -37.99
CBD HEM LE . -13.26 24.13 -38.18
CGD HEM LE . -11.95 23.59 -38.68
O1D HEM LE . -11.40 22.63 -38.08
O2D HEM LE . -11.43 24.11 -39.69
NA HEM LE . -16.80 23.71 -33.29
NB HEM LE . -19.25 25.29 -32.41
NC HEM LE . -19.42 25.97 -35.43
ND HEM LE . -17.09 24.45 -35.94
FE HEM LE . -18.05 24.82 -34.35
CHA HEM ME . -15.11 17.23 -27.95
CHB HEM ME . -18.58 19.55 -30.50
CHC HEM ME . -21.73 18.66 -26.91
CHD HEM ME . -18.17 16.77 -24.21
C1A HEM ME . -15.79 17.88 -28.94
C2A HEM ME . -15.26 18.20 -30.20
C3A HEM ME . -16.23 18.85 -30.90
C4A HEM ME . -17.38 18.95 -30.08
CMA HEM ME . -16.11 19.36 -32.31
CAA HEM ME . -13.86 17.89 -30.68
CBA HEM ME . -13.65 16.43 -31.10
CGA HEM ME . -12.26 16.31 -31.66
O1A HEM ME . -12.02 16.67 -32.84
O2A HEM ME . -11.34 15.86 -30.96
C1B HEM ME . -19.81 19.55 -29.80
C2B HEM ME . -21.07 20.03 -30.23
C3B HEM ME . -21.97 19.78 -29.20
C4B HEM ME . -21.22 19.09 -28.14
CMB HEM ME . -21.32 20.70 -31.55
CAB HEM ME . -23.42 19.94 -29.09
CBB HEM ME . -24.25 19.88 -30.30
C1C HEM ME . -21.02 18.07 -25.85
C2C HEM ME . -21.60 17.70 -24.61
C3C HEM ME . -20.58 17.17 -23.83
C4C HEM ME . -19.39 17.20 -24.61
CMC HEM ME . -23.06 17.88 -24.25
CAC HEM ME . -20.61 16.55 -22.48
CBC HEM ME . -21.86 15.98 -21.95
C1D HEM ME . -17.07 16.75 -25.07
C2D HEM ME . -15.81 16.16 -24.63
C3D HEM ME . -14.96 16.28 -25.65
C4D HEM ME . -15.70 16.95 -26.73
CMD HEM ME . -15.49 15.53 -23.29
CAD HEM ME . -13.52 15.79 -25.64
CBD HEM ME . -12.60 16.85 -25.02
CGD HEM ME . -11.15 16.42 -24.99
O1D HEM ME . -10.41 16.88 -24.08
O2D HEM ME . -10.64 15.66 -25.83
NA HEM ME . -17.07 18.35 -28.88
NB HEM ME . -20.00 19.04 -28.61
NC HEM ME . -19.68 17.77 -25.80
ND HEM ME . -16.97 17.22 -26.34
FE HEM ME . -18.33 18.05 -27.37
CHA HEM NE . -26.22 9.80 -18.48
CHB HEM NE . -21.54 9.33 -19.83
CHC HEM NE . -20.95 14.09 -18.98
CHD HEM NE . -25.21 14.15 -16.64
C1A HEM NE . -25.05 9.31 -18.97
C2A HEM NE . -24.87 8.01 -19.52
C3A HEM NE . -23.56 7.91 -19.88
C4A HEM NE . -22.90 9.11 -19.55
CMA HEM NE . -22.89 6.71 -20.52
CAA HEM NE . -25.96 6.98 -19.67
CBA HEM NE . -26.70 7.21 -20.99
CGA HEM NE . -27.90 6.31 -21.09
O1A HEM NE . -28.61 6.34 -22.11
O2A HEM NE . -28.18 5.53 -20.15
C1B HEM NE . -20.89 10.59 -19.78
C2B HEM NE . -19.60 10.94 -20.28
C3B HEM NE . -19.43 12.28 -20.04
C4B HEM NE . -20.67 12.77 -19.41
CMB HEM NE . -18.63 9.96 -20.91
CAB HEM NE . -18.35 13.21 -20.38
CBB HEM NE . -17.41 12.91 -21.49
C1C HEM NE . -22.07 14.52 -18.24
C2C HEM NE . -22.21 15.81 -17.66
C3C HEM NE . -23.42 15.84 -16.98
C4C HEM NE . -24.01 14.54 -17.13
CMC HEM NE . -21.21 16.92 -17.80
CAC HEM NE . -24.10 16.94 -16.25
CBC HEM NE . -23.74 18.36 -16.38
C1D HEM NE . -25.80 12.95 -17.01
C2D HEM NE . -27.20 12.68 -16.67
C3D HEM NE . -27.48 11.48 -17.19
C4D HEM NE . -26.27 11.03 -17.86
CMD HEM NE . -28.14 13.56 -15.88
CAD HEM NE . -28.80 10.75 -17.10
CBD HEM NE . -28.80 9.87 -15.85
CGD HEM NE . -30.12 9.13 -15.79
O1D HEM NE . -31.21 9.74 -15.82
O2D HEM NE . -30.11 7.87 -15.70
NA HEM NE . -23.84 9.94 -18.98
NB HEM NE . -21.40 11.70 -19.32
NC HEM NE . -23.17 13.79 -17.86
ND HEM NE . -25.29 11.93 -17.72
FE HEM NE . -23.54 11.82 -18.43
CHA HEM OE . -21.18 2.80 -18.57
CHB HEM OE . -19.50 7.09 -16.95
CHC HEM OE . -14.95 5.57 -17.72
CHD HEM OE . -16.77 1.78 -20.22
C1A HEM OE . -21.11 4.05 -18.01
C2A HEM OE . -22.21 4.79 -17.55
C3A HEM OE . -21.74 5.98 -17.10
C4A HEM OE . -20.33 6.01 -17.32
CMA HEM OE . -22.55 7.11 -16.49
CAA HEM OE . -23.66 4.32 -17.54
CBA HEM OE . -23.98 3.51 -16.28
CGA HEM OE . -25.35 2.88 -16.36
O1A HEM OE . -25.73 2.31 -17.40
O2A HEM OE . -26.11 2.91 -15.37
C1B HEM OE . -18.09 7.13 -16.94
C2B HEM OE . -17.23 8.10 -16.38
C3B HEM OE . -15.92 7.67 -16.60
C4B HEM OE . -16.02 6.38 -17.28
CMB HEM OE . -17.70 9.37 -15.69
CAB HEM OE . -14.63 8.19 -16.16
CBB HEM OE . -14.55 8.93 -14.88
C1C HEM OE . -15.06 4.40 -18.51
C2C HEM OE . -13.96 3.67 -19.04
C3C HEM OE . -14.49 2.60 -19.77
C4C HEM OE . -15.89 2.67 -19.68
CMC HEM OE . -12.50 4.03 -18.85
CAC HEM OE . -13.81 1.49 -20.49
CBC HEM OE . -12.38 1.18 -20.30
C1D HEM OE . -18.13 1.78 -19.92
C2D HEM OE . -19.00 0.67 -20.35
C3D HEM OE . -20.22 0.95 -19.88
C4D HEM OE . -20.08 2.23 -19.15
CMD HEM OE . -18.63 -0.54 -21.17
CAD HEM OE . -21.48 0.12 -20.08
CBD HEM OE . -21.92 -0.58 -18.79
CGD HEM OE . -23.09 -1.50 -19.08
O1D HEM OE . -23.02 -2.71 -18.76
O2D HEM OE . -24.11 -1.09 -19.65
NA HEM OE . -19.98 4.81 -17.90
NB HEM OE . -17.30 6.20 -17.43
NC HEM OE . -16.20 3.76 -18.94
ND HEM OE . -18.82 2.69 -19.21
FE HEM OE . -18.14 4.28 -18.42
CHA HEM PE . -5.82 -3.52 -20.83
CHB HEM PE . -10.40 -4.58 -22.24
CHC HEM PE . -10.95 0.02 -23.71
CHD HEM PE . -6.16 0.67 -23.22
C1A HEM PE . -7.00 -4.17 -21.03
C2A HEM PE . -7.27 -5.52 -20.68
C3A HEM PE . -8.53 -5.79 -21.09
C4A HEM PE . -9.08 -4.64 -21.71
CMA HEM PE . -9.24 -7.11 -20.92
CAA HEM PE . -6.31 -6.47 -19.99
CBA HEM PE . -6.47 -6.45 -18.47
CGA HEM PE . -5.46 -7.39 -17.85
O1A HEM PE . -4.50 -6.94 -17.19
O2A HEM PE . -5.60 -8.63 -17.99
C1B HEM PE . -11.06 -3.43 -22.75
C2B HEM PE . -12.43 -3.27 -23.11
C3B HEM PE . -12.58 -1.95 -23.52
C4B HEM PE . -11.28 -1.31 -23.38
CMB HEM PE . -13.47 -4.36 -23.05
CAB HEM PE . -13.77 -1.17 -23.93
CBB HEM PE . -15.11 -1.58 -23.45
C1C HEM PE . -9.66 0.60 -23.73
C2C HEM PE . -9.34 1.87 -24.28
C3C HEM PE . -7.97 2.04 -24.15
C4C HEM PE . -7.45 0.88 -23.54
CMC HEM PE . -10.33 2.84 -24.87
CAC HEM PE . -7.10 3.20 -24.47
CBC HEM PE . -7.63 4.57 -24.67
C1D HEM PE . -5.74 -0.44 -22.51
C2D HEM PE . -4.35 -0.51 -22.02
C3D HEM PE . -4.27 -1.66 -21.35
C4D HEM PE . -5.59 -2.28 -21.41
CMD HEM PE . -3.23 0.48 -22.22
CAD HEM PE . -3.03 -2.17 -20.68
CBD HEM PE . -3.02 -1.60 -19.26
CGD HEM PE . -2.05 -2.40 -18.43
O1D HEM PE . -0.95 -1.89 -18.08
O2D HEM PE . -2.32 -3.58 -18.11
NA HEM PE . -8.09 -3.67 -21.69
NB HEM PE . -10.50 -2.26 -22.94
NC HEM PE . -8.48 0.03 -23.33
ND HEM PE . -6.44 -1.51 -22.11
FE HEM PE . -8.25 -1.86 -22.49
CU CU1 QE . -37.28 -52.90 39.83
S SX RE . -38.49 -52.85 42.83
O SX RE . -38.18 -51.64 43.52
O6 BU3 SE . -57.60 -39.78 35.07
C3 BU3 SE . -56.96 -41.01 35.44
C4 BU3 SE . -56.06 -41.48 34.28
C2 BU3 SE . -57.97 -42.08 35.86
O5 BU3 SE . -58.28 -42.98 34.79
C1 BU3 SE . -59.27 -41.49 36.40
O6 BU3 TE . -24.74 -47.08 50.07
C3 BU3 TE . -24.00 -47.31 48.86
C4 BU3 TE . -22.57 -46.81 49.05
C2 BU3 TE . -24.74 -46.68 47.67
O5 BU3 TE . -23.83 -46.02 46.79
C1 BU3 TE . -25.82 -45.68 48.08
C ACT UE . -47.42 -39.80 36.41
O ACT UE . -47.44 -40.78 37.20
OXT ACT UE . -47.62 -39.92 35.19
CH3 ACT UE . -47.14 -38.43 36.96
CHA HEM VE . -67.72 -53.43 32.26
CHB HEM VE . -63.97 -54.48 35.21
CHC HEM VE . -66.43 -58.31 36.92
CHD HEM VE . -69.77 -57.64 33.46
C1A HEM VE . -66.55 -53.36 32.94
C2A HEM VE . -65.60 -52.33 32.80
C3A HEM VE . -64.55 -52.64 33.62
C4A HEM VE . -64.83 -53.87 34.27
CMA HEM VE . -63.30 -51.81 33.81
CAA HEM VE . -65.77 -51.11 31.92
CBA HEM VE . -66.61 -50.07 32.68
CGA HEM VE . -68.06 -49.93 32.22
O1A HEM VE . -68.44 -50.27 31.08
O2A HEM VE . -68.89 -49.43 33.04
C1B HEM VE . -64.25 -55.62 36.02
C2B HEM VE . -63.49 -56.17 37.09
C3B HEM VE . -64.19 -57.27 37.56
C4B HEM VE . -65.43 -57.34 36.78
CMB HEM VE . -62.16 -55.67 37.57
CAB HEM VE . -63.97 -58.15 38.70
CBB HEM VE . -63.34 -57.59 39.91
C1C HEM VE . -67.56 -58.46 36.10
C2C HEM VE . -68.46 -59.55 36.20
C3C HEM VE . -69.42 -59.37 35.21
C4C HEM VE . -69.09 -58.17 34.51
CMC HEM VE . -68.37 -60.67 37.21
CAC HEM VE . -70.62 -60.20 34.90
CBC HEM VE . -71.13 -61.29 35.77
C1D HEM VE . -69.44 -56.41 32.89
C2D HEM VE . -70.30 -55.81 31.87
C3D HEM VE . -69.74 -54.64 31.54
C4D HEM VE . -68.55 -54.52 32.37
CMD HEM VE . -71.57 -56.37 31.27
CAD HEM VE . -70.25 -53.66 30.50
CBD HEM VE . -71.17 -52.60 31.11
CGD HEM VE . -71.68 -51.66 30.05
O1D HEM VE . -72.34 -50.66 30.42
O2D HEM VE . -71.48 -51.86 28.82
NA HEM VE . -66.06 -54.30 33.81
NB HEM VE . -65.33 -56.36 35.94
NC HEM VE . -67.95 -57.68 35.05
ND HEM VE . -68.40 -55.61 33.16
FE HEM VE . -67.01 -55.93 34.40
CHA HEM WE . -39.42 -54.80 39.38
CHB HEM WE . -39.07 -57.03 43.69
CHC HEM WE . -41.12 -53.20 45.87
CHD HEM WE . -42.12 -51.38 41.45
C1A HEM WE . -39.11 -55.67 40.37
C2A HEM WE . -38.50 -56.92 40.17
C3A HEM WE . -38.42 -57.53 41.38
C4A HEM WE . -38.99 -56.67 42.34
CMA HEM WE . -37.85 -58.89 41.68
CAA HEM WE . -38.01 -57.44 38.85
CBA HEM WE . -39.21 -57.97 38.08
CGA HEM WE . -38.79 -58.63 36.79
O1A HEM WE . -39.63 -58.78 35.89
O2A HEM WE . -37.62 -59.03 36.62
C1B HEM WE . -39.57 -56.23 44.75
C2B HEM WE . -39.55 -56.53 46.14
C3B HEM WE . -40.12 -55.45 46.78
C4B HEM WE . -40.49 -54.46 45.73
CMB HEM WE . -39.00 -57.79 46.76
CAB HEM WE . -40.36 -55.18 48.21
CBB HEM WE . -39.85 -55.99 49.32
C1C HEM WE . -41.58 -52.35 44.83
C2C HEM WE . -42.27 -51.13 45.02
C3C HEM WE . -42.57 -50.61 43.76
C4C HEM WE . -42.06 -51.53 42.81
CMC HEM WE . -42.63 -50.52 46.35
CAC HEM WE . -43.26 -49.35 43.36
CBC HEM WE . -43.60 -48.26 44.29
C1D HEM WE . -41.44 -52.20 40.56
C2D HEM WE . -41.44 -51.91 39.13
C3D HEM WE . -40.68 -52.86 38.55
C4D HEM WE . -40.22 -53.71 39.65
CMD HEM WE . -42.16 -50.76 38.48
CAD HEM WE . -40.32 -53.07 37.09
CBD HEM WE . -41.29 -52.46 36.08
CGD HEM WE . -40.96 -51.02 35.76
O1D HEM WE . -39.83 -50.53 35.98
O2D HEM WE . -41.85 -50.27 35.29
NA HEM WE . -39.43 -55.55 41.68
NB HEM WE . -40.10 -55.05 44.62
NC HEM WE . -41.46 -52.54 43.47
ND HEM WE . -40.69 -53.27 40.83
FE HEM WE . -40.42 -54.07 42.54
CHA HEM XE . -60.04 -51.04 31.12
CHB HEM XE . -61.09 -55.58 32.59
CHC HEM XE . -56.73 -55.82 34.70
CHD HEM XE . -56.13 -51.05 33.96
C1A HEM XE . -60.64 -52.25 31.28
C2A HEM XE . -61.82 -52.65 30.64
C3A HEM XE . -62.11 -53.92 31.05
C4A HEM XE . -61.12 -54.31 31.98
CMA HEM XE . -63.28 -54.77 30.61
CAA HEM XE . -62.58 -51.81 29.63
CBA HEM XE . -61.84 -52.03 28.30
CGA HEM XE . -62.14 -50.98 27.27
O1A HEM XE . -61.20 -50.33 26.76
O2A HEM XE . -63.32 -50.75 26.94
C1B HEM XE . -59.99 -56.15 33.27
C2B HEM XE . -59.82 -57.50 33.71
C3B HEM XE . -58.58 -57.56 34.32
C4B HEM XE . -57.98 -56.23 34.21
CMB HEM XE . -60.85 -58.58 33.53
CAB HEM XE . -57.81 -58.68 34.89
CBB HEM XE . -58.06 -60.06 34.45
C1C HEM XE . -56.18 -54.52 34.69
C2C HEM XE . -54.94 -54.16 35.28
C3C HEM XE . -54.78 -52.79 35.08
C4C HEM XE . -55.92 -52.32 34.38
CMC HEM XE . -54.01 -55.13 35.98
CAC HEM XE . -53.63 -51.92 35.41
CBC HEM XE . -52.28 -52.48 35.62
C1D HEM XE . -57.17 -50.71 33.10
C2D HEM XE . -57.24 -49.36 32.50
C3D HEM XE . -58.32 -49.36 31.70
C4D HEM XE . -58.89 -50.71 31.81
CMD HEM XE . -56.31 -48.19 32.72
CAD HEM XE . -58.83 -48.20 30.88
CBD HEM XE . -58.78 -48.45 29.37
CGD HEM XE . -57.49 -47.95 28.76
O1D HEM XE . -57.00 -46.86 29.12
O2D HEM XE . -56.92 -48.62 27.88
NA HEM XE . -60.23 -53.25 32.11
NB HEM XE . -58.90 -55.52 33.62
NC HEM XE . -56.74 -53.37 34.17
ND HEM XE . -58.18 -51.48 32.66
FE HEM XE . -58.51 -53.29 33.11
CHA HEM YE . -44.63 -53.69 34.99
CHB HEM YE . -47.61 -50.64 32.62
CHC HEM YE . -50.22 -49.98 36.66
CHD HEM YE . -46.94 -52.70 39.07
C1A HEM YE . -45.25 -52.97 34.02
C2A HEM YE . -44.88 -52.97 32.66
C3A HEM YE . -45.71 -52.11 32.01
C4A HEM YE . -46.61 -51.56 32.96
CMA HEM YE . -45.68 -51.80 30.53
CAA HEM YE . -43.75 -53.81 32.08
CBA HEM YE . -44.17 -55.29 32.04
CGA HEM YE . -43.03 -56.15 31.58
O1A HEM YE . -41.84 -55.82 31.82
O2A HEM YE . -43.24 -57.21 30.94
C1B HEM YE . -48.65 -50.16 33.45
C2B HEM YE . -49.75 -49.33 33.09
C3B HEM YE . -50.51 -49.13 34.23
C4B HEM YE . -49.83 -49.88 35.31
CMB HEM YE . -49.99 -48.78 31.70
CAB HEM YE . -51.77 -48.39 34.43
CBB HEM YE . -52.63 -47.95 33.30
C1C HEM YE . -49.54 -50.70 37.68
C2C HEM YE . -49.98 -50.82 39.02
C3C HEM YE . -49.04 -51.59 39.72
C4C HEM YE . -48.03 -51.94 38.79
CMC HEM YE . -51.25 -50.21 39.59
CAC HEM YE . -49.02 -52.09 41.11
CBC HEM YE . -50.22 -52.12 41.98
C1D HEM YE . -46.07 -53.15 38.11
C2D HEM YE . -45.01 -54.08 38.48
C3D HEM YE . -44.35 -54.36 37.35
C4D HEM YE . -45.05 -53.62 36.29
CMD HEM YE . -44.68 -54.60 39.86
CAD HEM YE . -43.17 -55.28 37.24
CBD HEM YE . -43.70 -56.72 37.40
CGD HEM YE . -42.65 -57.75 37.06
O1D HEM YE . -41.94 -57.62 36.03
O2D HEM YE . -42.49 -58.73 37.83
NA HEM YE . -46.29 -52.10 34.19
NB HEM YE . -48.78 -50.41 34.73
NC HEM YE . -48.34 -51.39 37.60
ND HEM YE . -46.07 -52.90 36.80
FE HEM YE . -47.28 -51.78 35.86
CHA HEM ZE . -41.99 -49.23 27.19
CHB HEM ZE . -44.23 -48.00 31.34
CHC HEM ZE . -45.79 -43.89 29.25
CHD HEM ZE . -44.10 -45.48 24.98
C1A HEM ZE . -42.42 -49.22 28.49
C2A HEM ZE . -42.07 -50.19 29.46
C3A HEM ZE . -42.71 -49.84 30.60
C4A HEM ZE . -43.46 -48.66 30.36
CMA HEM ZE . -42.65 -50.58 31.92
CAA HEM ZE . -41.17 -51.40 29.22
CBA HEM ZE . -39.67 -51.09 29.17
CGA HEM ZE . -38.89 -52.39 29.20
O1A HEM ZE . -38.69 -52.99 30.29
O2A HEM ZE . -38.43 -52.89 28.14
C1B HEM ZE . -44.87 -46.75 31.23
C2B HEM ZE . -45.52 -45.99 32.23
C3B HEM ZE . -45.97 -44.81 31.64
C4B HEM ZE . -45.54 -44.87 30.24
CMB HEM ZE . -45.69 -46.43 33.66
CAB HEM ZE . -46.60 -43.60 32.17
CBB HEM ZE . -46.32 -43.18 33.57
C1C HEM ZE . -45.48 -43.98 27.88
C2C HEM ZE . -45.83 -43.02 26.92
C3C HEM ZE . -45.35 -43.47 25.69
C4C HEM ZE . -44.70 -44.71 25.93
CMC HEM ZE . -46.58 -41.73 27.23
CAC HEM ZE . -45.37 -42.84 24.36
CBC HEM ZE . -45.64 -41.40 24.19
C1D HEM ZE . -43.38 -46.63 25.31
C2D HEM ZE . -42.62 -47.32 24.28
C3D HEM ZE . -42.02 -48.37 24.88
C4D HEM ZE . -42.42 -48.29 26.30
CMD HEM ZE . -42.50 -46.98 22.82
CAD HEM ZE . -41.14 -49.39 24.20
CBD HEM ZE . -42.06 -50.41 23.52
CGD HEM ZE . -41.32 -51.55 22.86
O1D HEM ZE . -41.60 -51.83 21.67
O2D HEM ZE . -40.45 -52.21 23.47
NA HEM ZE . -43.27 -48.31 29.05
NB HEM ZE . -44.94 -46.03 30.14
NC HEM ZE . -44.82 -45.00 27.24
ND HEM ZE . -43.24 -47.23 26.51
FE HEM ZE . -44.01 -46.70 28.14
CHA HEM AF . -42.80 -33.85 21.59
CHB HEM AF . -40.33 -38.03 20.73
CHC HEM AF . -44.57 -40.42 20.79
CHD HEM AF . -46.94 -36.17 20.53
C1A HEM AF . -41.79 -34.77 21.43
C2A HEM AF . -40.41 -34.49 21.48
C3A HEM AF . -39.74 -35.66 21.23
C4A HEM AF . -40.69 -36.69 20.99
CMA HEM AF . -38.24 -35.85 21.20
CAA HEM AF . -39.81 -33.14 21.79
CBA HEM AF . -39.67 -33.00 23.31
CGA HEM AF . -39.29 -31.60 23.72
O1A HEM AF . -39.18 -31.31 24.92
O2A HEM AF . -39.09 -30.72 22.86
C1B HEM AF . -41.22 -39.15 20.71
C2B HEM AF . -40.92 -40.55 20.68
C3B HEM AF . -42.15 -41.22 20.66
C4B HEM AF . -43.18 -40.19 20.78
CMB HEM AF . -39.53 -41.14 20.60
CAB HEM AF . -42.59 -42.58 20.85
CBB HEM AF . -42.05 -43.20 22.08
C1C HEM AF . -45.61 -39.46 20.70
C2C HEM AF . -46.97 -39.76 20.53
C3C HEM AF . -47.67 -38.55 20.44
C4C HEM AF . -46.69 -37.52 20.55
CMC HEM AF . -47.57 -41.16 20.47
CAC HEM AF . -49.12 -38.26 20.34
CBC HEM AF . -50.17 -39.23 20.69
C1D HEM AF . -45.95 -35.24 20.83
C2D HEM AF . -46.33 -33.84 21.04
C3D HEM AF . -45.19 -33.18 21.33
C4D HEM AF . -44.13 -34.20 21.35
CMD HEM AF . -47.71 -33.24 20.92
CAD HEM AF . -45.06 -31.71 21.65
CBD HEM AF . -44.49 -30.84 20.54
CGD HEM AF . -44.54 -29.41 21.06
O1D HEM AF . -45.29 -28.57 20.51
O2D HEM AF . -43.86 -29.05 22.05
NA HEM AF . -41.95 -36.09 21.09
NB HEM AF . -42.52 -39.06 20.76
NC HEM AF . -45.47 -38.10 20.68
ND HEM AF . -44.63 -35.42 21.02
FE HEM AF . -43.68 -37.04 20.89
CHA HEM BF . -35.07 -35.14 18.03
CHB HEM BF . -38.87 -38.02 16.89
CHC HEM BF . -35.72 -41.39 15.38
CHD HEM BF . -32.07 -38.92 17.51
C1A HEM BF . -36.33 -35.60 17.78
C2A HEM BF . -37.52 -34.86 17.97
C3A HEM BF . -38.57 -35.67 17.66
C4A HEM BF . -38.06 -36.94 17.30
CMA HEM BF . -40.04 -35.31 17.68
CAA HEM BF . -37.60 -33.41 18.41
CBA HEM BF . -37.31 -32.49 17.22
CGA HEM BF . -37.37 -31.04 17.66
O1A HEM BF . -36.83 -30.65 18.71
O2A HEM BF . -37.97 -30.20 16.95
C1B HEM BF . -38.42 -39.22 16.30
C2B HEM BF . -39.18 -40.24 15.65
C3B HEM BF . -38.28 -41.20 15.22
C4B HEM BF . -36.94 -40.73 15.60
CMB HEM BF . -40.69 -40.24 15.51
CAB HEM BF . -38.46 -42.41 14.41
CBB HEM BF . -39.56 -42.49 13.42
C1C HEM BF . -34.44 -41.03 15.86
C2C HEM BF . -33.26 -41.80 15.73
C3C HEM BF . -32.22 -41.10 16.34
C4C HEM BF . -32.77 -39.91 16.86
CMC HEM BF . -33.17 -43.13 15.02
CAC HEM BF . -30.78 -41.45 16.44
CBC HEM BF . -30.15 -42.59 15.74
C1D HEM BF . -32.64 -37.68 17.77
C2D HEM BF . -31.82 -36.55 18.25
C3D HEM BF . -32.64 -35.50 18.38
C4D HEM BF . -33.97 -35.98 17.97
CMD HEM BF . -30.34 -36.54 18.54
CAD HEM BF . -32.25 -34.11 18.85
CBD HEM BF . -32.13 -33.11 17.70
CGD HEM BF . -31.66 -31.75 18.21
O1D HEM BF . -30.70 -31.18 17.66
O2D HEM BF . -32.23 -31.20 19.17
NA HEM BF . -36.67 -36.86 17.43
NB HEM BF . -37.16 -39.60 16.23
NC HEM BF . -34.09 -39.90 16.58
ND HEM BF . -33.94 -37.29 17.64
FE HEM BF . -35.39 -38.33 17.02
CHA HEM CF . -23.70 -46.05 12.49
CHB HEM CF . -23.85 -41.96 15.18
CHC HEM CF . -27.29 -43.96 17.93
CHD HEM CF . -26.67 -48.25 15.67
C1A HEM CF . -23.48 -44.78 12.94
C2A HEM CF . -22.57 -43.84 12.40
C3A HEM CF . -22.62 -42.72 13.18
C4A HEM CF . -23.57 -42.93 14.21
CMA HEM CF . -21.83 -41.45 12.98
CAA HEM CF . -21.68 -44.05 11.20
CBA HEM CF . -22.29 -43.52 9.90
CGA HEM CF . -21.32 -43.80 8.79
O1A HEM CF . -21.15 -44.98 8.40
O2A HEM CF . -20.66 -42.88 8.26
C1B HEM CF . -24.84 -42.06 16.20
C2B HEM CF . -25.27 -41.05 17.11
C3B HEM CF . -26.26 -41.62 17.90
C4B HEM CF . -26.42 -42.99 17.42
CMB HEM CF . -24.73 -39.64 17.21
CAB HEM CF . -27.12 -41.06 18.95
CBB HEM CF . -27.36 -39.61 19.08
C1C HEM CF . -27.40 -45.31 17.56
C2C HEM CF . -28.23 -46.22 18.23
C3C HEM CF . -28.06 -47.45 17.64
C4C HEM CF . -27.12 -47.31 16.56
CMC HEM CF . -29.15 -45.96 19.39
CAC HEM CF . -28.92 -48.55 18.09
CBC HEM CF . -29.37 -49.59 17.19
C1D HEM CF . -25.80 -47.94 14.62
C2D HEM CF . -25.45 -48.94 13.61
C3D HEM CF . -24.64 -48.33 12.73
C4D HEM CF . -24.50 -46.95 13.18
CMD HEM CF . -25.88 -50.39 13.54
CAD HEM CF . -24.02 -48.98 11.52
CBD HEM CF . -25.12 -49.34 10.51
CGD HEM CF . -24.54 -49.23 9.12
O1D HEM CF . -24.37 -50.26 8.43
O2D HEM CF . -24.23 -48.10 8.67
NA HEM CF . -24.04 -44.24 14.07
NB HEM CF . -25.54 -43.12 16.46
NC HEM CF . -26.72 -46.01 16.58
ND HEM CF . -25.20 -46.75 14.32
FE HEM CF . -25.34 -45.12 15.28
CU CU1 DF . -81.11 -57.12 16.39
S SX EF . -81.38 -58.71 19.21
O SX EF . -80.66 -59.91 19.57
O6 BU3 FF . -62.70 -47.20 29.61
C3 BU3 FF . -64.13 -47.30 29.51
C4 BU3 FF . -64.64 -46.39 28.39
C2 BU3 FF . -64.79 -47.01 30.87
O5 BU3 FF . -65.87 -46.08 30.78
C1 BU3 FF . -63.80 -46.48 31.91
O6 BU3 GF . -81.41 -71.97 12.72
C3 BU3 GF . -81.39 -72.33 11.32
C4 BU3 GF . -81.57 -73.84 11.18
C2 BU3 GF . -80.10 -71.80 10.69
O5 BU3 GF . -79.91 -72.34 9.37
C1 BU3 GF . -78.87 -72.09 11.55
C ACT HF . -65.92 -53.25 22.61
O ACT HF . -64.99 -52.88 21.85
OXT ACT HF . -66.31 -54.44 22.66
CH3 ACT HF . -66.60 -52.24 23.48
CHA HEM IF . -72.47 -34.69 36.70
CHB HEM IF . -75.05 -38.63 35.41
CHC HEM IF . -78.58 -37.18 38.44
CHD HEM IF . -76.24 -32.97 39.15
C1A HEM IF . -72.85 -35.88 36.14
C2A HEM IF . -72.04 -36.67 35.31
C3A HEM IF . -72.77 -37.76 34.94
C4A HEM IF . -74.05 -37.65 35.55
CMA HEM IF . -72.32 -38.89 34.05
CAA HEM IF . -70.62 -36.33 34.89
CBA HEM IF . -69.58 -36.87 35.89
CGA HEM IF . -69.07 -35.81 36.84
O1A HEM IF . -68.99 -34.59 36.53
O2A HEM IF . -68.70 -36.16 37.99
C1B HEM IF . -76.27 -38.67 36.13
C2B HEM IF . -77.25 -39.71 36.15
C3B HEM IF . -78.26 -39.29 36.99
C4B HEM IF . -77.86 -37.99 37.54
CMB HEM IF . -77.16 -40.98 35.35
CAB HEM IF . -79.44 -39.96 37.52
CBB HEM IF . -79.36 -41.43 37.74
C1C HEM IF . -78.26 -35.89 38.89
C2C HEM IF . -79.08 -35.08 39.71
C3C HEM IF . -78.42 -33.87 39.92
C4C HEM IF . -77.18 -33.95 39.21
CMC HEM IF . -80.43 -35.46 40.27
CAC HEM IF . -78.82 -32.70 40.73
CBC HEM IF . -79.89 -32.71 41.75
C1D HEM IF . -75.00 -33.16 38.53
C2D HEM IF . -73.96 -32.14 38.62
C3D HEM IF . -72.91 -32.61 37.95
C4D HEM IF . -73.33 -33.94 37.45
CMD HEM IF . -74.01 -30.80 39.32
CAD HEM IF . -71.58 -31.92 37.72
CBD HEM IF . -70.52 -32.27 38.78
CGD HEM IF . -69.21 -31.55 38.51
O1D HEM IF . -68.17 -31.98 39.03
O2D HEM IF . -69.16 -30.52 37.77
NA HEM IF . -74.07 -36.47 36.26
NB HEM IF . -76.72 -37.75 36.94
NC HEM IF . -77.14 -35.16 38.58
ND HEM IF . -74.59 -34.22 37.82
FE HEM IF . -75.55 -35.81 37.41
CHA HEM JF . -82.28 -54.96 17.99
CHB HEM JF . -85.65 -57.61 20.31
CHC HEM JF . -82.21 -59.47 23.17
CHD HEM JF . -79.04 -56.27 21.29
C1A HEM JF . -83.45 -55.56 18.34
C2A HEM JF . -84.70 -55.27 17.76
C3A HEM JF . -85.63 -56.02 18.43
C4A HEM JF . -84.97 -56.75 19.42
CMA HEM JF . -87.11 -56.07 18.19
CAA HEM JF . -84.94 -54.34 16.60
CBA HEM JF . -84.76 -52.87 17.01
CGA HEM JF . -85.29 -51.90 16.00
O1A HEM JF . -84.97 -50.70 16.12
O2A HEM JF . -86.04 -52.22 15.04
C1B HEM JF . -85.08 -58.40 21.33
C2B HEM JF . -85.74 -59.34 22.15
C3B HEM JF . -84.78 -59.89 22.98
C4B HEM JF . -83.48 -59.26 22.62
CMB HEM JF . -87.23 -59.61 22.09
CAB HEM JF . -84.88 -60.92 24.03
CBB HEM JF . -86.07 -61.75 24.29
C1C HEM JF . -81.02 -58.76 22.89
C2C HEM JF . -79.77 -58.94 23.54
C3C HEM JF . -78.87 -58.01 23.00
C4C HEM JF . -79.58 -57.27 22.04
CMC HEM JF . -79.48 -59.95 24.62
CAC HEM JF . -77.43 -57.77 23.24
CBC HEM JF . -76.51 -58.74 23.88
C1D HEM JF . -79.73 -55.68 20.25
C2D HEM JF . -79.04 -54.69 19.42
C3D HEM JF . -79.93 -54.32 18.49
C4D HEM JF . -81.15 -55.11 18.77
CMD HEM JF . -77.63 -54.21 19.62
CAD HEM JF . -79.79 -53.32 17.36
CBD HEM JF . -78.66 -52.28 17.49
CGD HEM JF . -77.33 -52.74 16.92
O1D HEM JF . -77.26 -53.69 16.10
O2D HEM JF . -76.27 -52.15 17.26
NA HEM JF . -83.63 -56.43 19.37
NB HEM JF . -83.81 -58.45 21.65
NC HEM JF . -80.84 -57.74 21.98
ND HEM JF . -80.96 -55.92 19.82
FE HEM JF . -82.25 -57.07 20.63
CHA HEM KF . -71.66 -38.87 29.69
CHB HEM KF . -76.01 -37.81 31.62
CHC HEM KF . -77.89 -41.54 29.16
CHD HEM KF . -73.41 -43.15 28.25
C1A HEM KF . -72.68 -38.24 30.34
C2A HEM KF . -72.56 -37.00 31.00
C3A HEM KF . -73.78 -36.72 31.53
C4A HEM KF . -74.65 -37.79 31.24
CMA HEM KF . -74.12 -35.47 32.31
CAA HEM KF . -71.31 -36.15 31.00
CBA HEM KF . -71.37 -35.36 29.68
CGA HEM KF . -70.03 -34.83 29.19
O1A HEM KF . -69.51 -35.25 28.12
O2A HEM KF . -69.45 -33.95 29.86
C1B HEM KF . -76.99 -38.69 31.11
C2B HEM KF . -78.41 -38.60 31.25
C3B HEM KF . -78.96 -39.67 30.55
C4B HEM KF . -77.82 -40.38 29.95
CMB HEM KF . -79.13 -37.55 32.05
CAB HEM KF . -80.34 -40.06 30.26
CBB HEM KF . -81.43 -39.06 30.29
C1C HEM KF . -76.82 -42.34 28.71
C2C HEM KF . -76.96 -43.60 28.06
C3C HEM KF . -75.67 -44.07 27.82
C4C HEM KF . -74.76 -43.10 28.31
CMC HEM KF . -78.29 -44.25 27.75
CAC HEM KF . -75.23 -45.28 27.09
CBC HEM KF . -76.13 -45.96 26.15
C1D HEM KF . -72.60 -42.06 28.57
C2D HEM KF . -71.16 -42.07 28.26
C3D HEM KF . -70.67 -40.87 28.63
C4D HEM KF . -71.82 -40.14 29.17
CMD HEM KF . -70.38 -43.19 27.63
CAD HEM KF . -69.23 -40.40 28.56
CBD HEM KF . -68.96 -39.13 27.72
CGD HEM KF . -68.63 -39.51 26.31
O1D HEM KF . -67.88 -40.48 26.07
O2D HEM KF . -69.11 -38.84 25.36
NA HEM KF . -73.94 -38.72 30.52
NB HEM KF . -76.78 -39.73 30.36
NC HEM KF . -75.48 -42.09 28.85
ND HEM KF . -72.95 -40.88 29.12
FE HEM KF . -74.67 -40.37 29.69
CHA HEM LF . -78.77 -49.09 19.55
CHB HEM LF . -74.51 -46.89 20.54
CHC HEM LF . -74.55 -48.86 24.98
CHD HEM LF . -78.51 -51.41 23.77
C1A HEM LF . -77.66 -48.30 19.48
C2A HEM LF . -77.37 -47.45 18.41
C3A HEM LF . -76.17 -46.86 18.68
C4A HEM LF . -75.71 -47.33 19.93
CMA HEM LF . -75.43 -45.86 17.83
CAA HEM LF . -78.25 -47.28 17.18
CBA HEM LF . -79.53 -46.50 17.54
CGA HEM LF . -80.53 -46.48 16.40
O1A HEM LF . -80.54 -47.38 15.54
O2A HEM LF . -81.38 -45.57 16.30
C1B HEM LF . -74.09 -47.18 21.86
C2B HEM LF . -72.94 -46.65 22.55
C3B HEM LF . -72.94 -47.22 23.82
C4B HEM LF . -74.13 -48.09 23.89
CMB HEM LF . -71.95 -45.69 21.96
CAB HEM LF . -72.07 -47.00 24.99
CBB HEM LF . -71.30 -45.74 25.16
C1C HEM LF . -75.66 -49.72 25.03
C2C HEM LF . -76.03 -50.46 26.17
C3C HEM LF . -77.16 -51.19 25.83
C4C HEM LF . -77.47 -50.90 24.48
CMC HEM LF . -75.33 -50.44 27.51
CAC HEM LF . -78.00 -52.06 26.65
CBC HEM LF . -78.07 -51.94 28.13
C1D HEM LF . -78.87 -50.95 22.51
C2D HEM LF . -80.09 -51.44 21.85
C3D HEM LF . -80.17 -50.80 20.69
C4D HEM LF . -79.00 -49.91 20.63
CMD HEM LF . -81.06 -52.46 22.38
CAD HEM LF . -81.26 -50.97 19.65
CBD HEM LF . -82.56 -50.39 20.20
CGD HEM LF . -83.64 -50.38 19.17
O1D HEM LF . -83.36 -50.05 18.00
O2D HEM LF . -84.83 -50.70 19.48
NA HEM LF . -76.65 -48.22 20.39
NB HEM LF . -74.69 -47.97 22.70
NC HEM LF . -76.55 -50.01 24.03
ND HEM LF . -78.23 -50.04 21.75
FE HEM LF . -76.64 -49.10 22.17
CHA HEM MF . -73.08 -46.26 12.86
CHB HEM MF . -72.52 -48.71 17.04
CHC HEM MF . -67.76 -47.75 16.99
CHD HEM MF . -68.40 -44.97 13.06
C1A HEM MF . -73.31 -47.02 13.95
C2A HEM MF . -74.56 -47.63 14.27
C3A HEM MF . -74.38 -48.31 15.44
C4A HEM MF . -73.05 -48.13 15.88
CMA HEM MF . -75.44 -49.10 16.16
CAA HEM MF . -75.84 -47.53 13.46
CBA HEM MF . -75.87 -48.48 12.27
CGA HEM MF . -77.23 -48.38 11.62
O1A HEM MF . -78.15 -49.14 11.98
O2A HEM MF . -77.45 -47.52 10.74
C1B HEM MF . -71.18 -48.71 17.45
C2B HEM MF . -70.61 -49.40 18.56
C3B HEM MF . -69.25 -49.11 18.54
C4B HEM MF . -69.00 -48.27 17.38
CMB HEM MF . -71.37 -50.22 19.54
CAB HEM MF . -68.15 -49.62 19.35
CBB HEM MF . -68.24 -51.02 19.85
C1C HEM MF . -67.53 -46.89 15.90
C2C HEM MF . -66.27 -46.34 15.60
C3C HEM MF . -66.44 -45.52 14.49
C4C HEM MF . -67.81 -45.61 14.11
CMC HEM MF . -64.99 -46.60 16.39
CAC HEM MF . -65.44 -44.77 13.72
CBC HEM MF . -64.00 -45.06 13.79
C1D HEM MF . -69.75 -45.13 12.73
C2D HEM MF . -70.28 -44.51 11.51
C3D HEM MF . -71.57 -44.87 11.45
C4D HEM MF . -71.82 -45.72 12.62
CMD HEM MF . -69.55 -43.63 10.52
CAD HEM MF . -72.54 -44.43 10.36
CBD HEM MF . -73.02 -43.00 10.60
CGD HEM MF . -74.03 -42.54 9.58
O1D HEM MF . -74.13 -41.32 9.31
O2D HEM MF . -74.77 -43.34 8.99
NA HEM MF . -72.41 -47.33 14.95
NB HEM MF . -70.19 -48.11 16.86
NC HEM MF . -68.46 -46.40 15.00
ND HEM MF . -70.70 -45.85 13.35
FE HEM MF . -70.48 -46.86 14.95
CHA HEM NF . -56.96 -47.31 9.73
CHB HEM NF . -61.12 -46.39 7.35
CHC HEM NF . -62.37 -43.32 10.90
CHD HEM NF . -57.78 -43.39 12.49
C1A HEM NF . -57.99 -47.39 8.85
C2A HEM NF . -58.07 -48.27 7.75
C3A HEM NF . -59.22 -47.98 7.10
C4A HEM NF . -59.87 -46.91 7.75
CMA HEM NF . -59.76 -48.68 5.87
CAA HEM NF . -57.04 -49.33 7.41
CBA HEM NF . -57.26 -50.54 8.33
CGA HEM NF . -56.24 -51.63 8.10
O1A HEM NF . -56.39 -52.76 8.63
O2A HEM NF . -55.22 -51.44 7.41
C1B HEM NF . -61.92 -45.49 8.08
C2B HEM NF . -63.28 -45.12 7.85
C3B HEM NF . -63.62 -44.23 8.87
C4B HEM NF . -62.47 -44.13 9.75
CMB HEM NF . -64.12 -45.59 6.69
CAB HEM NF . -64.88 -43.62 9.26
CBB HEM NF . -66.12 -44.40 9.03
C1C HEM NF . -61.20 -43.03 11.63
C2C HEM NF . -61.10 -42.06 12.64
C3C HEM NF . -59.79 -42.07 13.11
C4C HEM NF . -59.09 -43.03 12.35
CMC HEM NF . -62.24 -41.21 13.13
CAC HEM NF . -59.16 -41.29 14.21
CBC HEM NF . -59.92 -40.61 15.27
C1D HEM NF . -57.24 -44.50 11.85
C2D HEM NF . -55.92 -44.99 12.23
C3D HEM NF . -55.70 -46.08 11.48
C4D HEM NF . -56.89 -46.27 10.65
CMD HEM NF . -54.97 -44.40 13.25
CAD HEM NF . -54.45 -46.91 11.50
CBD HEM NF . -53.45 -46.32 10.52
CGD HEM NF . -52.16 -47.10 10.65
O1D HEM NF . -51.22 -46.60 11.31
O2D HEM NF . -52.05 -48.21 10.10
NA HEM NF . -59.06 -46.54 8.81
NB HEM NF . -61.57 -44.87 9.17
NC HEM NF . -59.96 -43.58 11.46
ND HEM NF . -57.79 -45.29 10.91
FE HEM NF . -59.48 -45.10 10.12
CHA HEM OF . -58.91 -48.32 1.34
CHB HEM OF . -60.39 -44.35 3.81
CHC HEM OF . -63.96 -43.71 0.59
CHD HEM OF . -63.03 -48.15 -1.20
C1A HEM OF . -58.98 -47.28 2.24
C2A HEM OF . -58.08 -47.06 3.28
C3A HEM OF . -58.51 -45.95 3.96
C4A HEM OF . -59.69 -45.48 3.35
CMA HEM OF . -57.88 -45.29 5.17
CAA HEM OF . -56.85 -47.90 3.59
CBA HEM OF . -55.69 -47.60 2.62
CGA HEM OF . -54.49 -48.43 3.03
O1A HEM OF . -54.53 -49.68 2.98
O2A HEM OF . -53.43 -47.89 3.41
C1B HEM OF . -61.48 -43.72 3.17
C2B HEM OF . -62.09 -42.47 3.46
C3B HEM OF . -63.11 -42.30 2.54
C4B HEM OF . -63.08 -43.46 1.65
CMB HEM OF . -61.68 -41.55 4.58
CAB HEM OF . -63.99 -41.19 2.21
CBB HEM OF . -63.43 -39.83 2.34
C1C HEM OF . -64.04 -44.90 -0.17
C2C HEM OF . -65.01 -45.17 -1.15
C3C HEM OF . -64.76 -46.44 -1.67
C4C HEM OF . -63.62 -46.93 -0.98
CMC HEM OF . -66.12 -44.22 -1.57
CAC HEM OF . -65.43 -47.19 -2.76
CBC HEM OF . -66.36 -46.57 -3.72
C1D HEM OF . -61.80 -48.49 -0.65
C2D HEM OF . -61.09 -49.71 -1.07
C3D HEM OF . -59.96 -49.76 -0.39
C4D HEM OF . -59.95 -48.57 0.47
CMD HEM OF . -61.53 -50.75 -2.09
CAD HEM OF . -58.93 -50.86 -0.48
CBD HEM OF . -57.77 -50.45 -1.37
CGD HEM OF . -56.66 -51.47 -1.30
O1D HEM OF . -56.09 -51.83 -2.36
O2D HEM OF . -56.30 -51.96 -0.21
NA HEM OF . -59.99 -46.36 2.32
NB HEM OF . -62.12 -44.20 2.15
NC HEM OF . -63.23 -46.00 -0.07
ND HEM OF . -61.09 -47.84 0.29
FE HEM OF . -61.55 -46.20 1.14
CHA HEM PF . -70.33 -46.16 -10.66
CHB HEM PF . -67.25 -49.63 -9.07
CHC HEM PF . -69.07 -49.09 -4.59
CHD HEM PF . -72.53 -46.19 -6.36
C1A HEM PF . -69.34 -47.11 -10.60
C2A HEM PF . -68.56 -47.55 -11.70
C3A HEM PF . -67.72 -48.52 -11.25
C4A HEM PF . -67.95 -48.70 -9.86
CMA HEM PF . -66.69 -49.29 -12.05
CAA HEM PF . -68.65 -47.05 -13.12
CBA HEM PF . -67.83 -45.79 -13.36
CGA HEM PF . -67.68 -45.64 -14.85
O1A HEM PF . -68.63 -45.21 -15.52
O2A HEM PF . -66.60 -45.94 -15.42
C1B HEM PF . -67.39 -49.84 -7.67
C2B HEM PF . -66.63 -50.66 -6.80
C3B HEM PF . -67.15 -50.49 -5.52
C4B HEM PF . -68.25 -49.53 -5.64
CMB HEM PF . -65.47 -51.53 -7.23
CAB HEM PF . -66.75 -50.97 -4.20
CBB HEM PF . -65.34 -51.28 -3.91
C1C HEM PF . -70.20 -48.26 -4.70
C2C HEM PF . -71.11 -47.99 -3.64
C3C HEM PF . -72.12 -47.18 -4.16
C4C HEM PF . -71.80 -46.95 -5.52
CMC HEM PF . -70.96 -48.50 -2.23
CAC HEM PF . -73.24 -46.49 -3.50
CBC HEM PF . -73.19 -46.11 -2.07
C1D HEM PF . -72.14 -45.96 -7.67
C2D HEM PF . -72.91 -45.02 -8.50
C3D HEM PF . -72.30 -45.00 -9.68
C4D HEM PF . -71.16 -45.93 -9.58
CMD HEM PF . -74.13 -44.22 -8.10
CAD HEM PF . -72.73 -44.17 -10.87
CBD HEM PF . -71.83 -42.92 -11.04
CGD HEM PF . -72.06 -41.90 -9.95
O1D HEM PF . -73.07 -41.16 -9.93
O2D HEM PF . -71.20 -41.77 -9.03
NA HEM PF . -69.00 -47.85 -9.52
NB HEM PF . -68.28 -49.24 -6.91
NC HEM PF . -70.69 -47.64 -5.83
ND HEM PF . -71.11 -46.49 -8.36
FE HEM PF . -69.84 -47.73 -7.72
S SO2 QF . -82.51 -59.07 18.30
O1 SO2 QF . -81.66 -58.87 19.54
O2 SO2 QF . -83.62 -59.92 18.89
#